data_4TQV
#
_entry.id   4TQV
#
_cell.length_a   115.245
_cell.length_b   151.187
_cell.length_c   162.406
_cell.angle_alpha   68.66
_cell.angle_beta   81.76
_cell.angle_gamma   90.10
#
_symmetry.space_group_name_H-M   'P 1'
#
loop_
_entity.id
_entity.type
_entity.pdbx_description
1 polymer AlgM1
2 polymer AlgM2
3 polymer AlgS
#
loop_
_entity_poly.entity_id
_entity_poly.type
_entity_poly.pdbx_seq_one_letter_code
_entity_poly.pdbx_strand_id
1 'polypeptide(L)'
;MERLWKDIKRDWLLYAMLLPTIIWFLIFLYKPMIGLQMAFKQYSAWKGIAGSPWIGFDHFVTLFQSEQFIRAIKNTLTLS
GLSLLFGFPMPILLALMINEVYSKGYRKAVQTIVYLPHFISIVIVAGLVVTFLSPSTGVVNNMLSWIGLDRVYFLTQPEW
FRPIYISSNIWKEAGFDSIVYLAAIMSINPALYESAQVDGATRWQMITRITLPCIVPTIAVLLVIRLGHILEVGFEYIIL
LYQPTTYETADVISTYIYRLGLQGARYDIATAAGIFNAVVALVIVLFANHMSRRITKTGVF
;
A,E,I,M
2 'polypeptide(L)'
;MLATPFYSRSDRIFGIVNAVLLGIFALCALYPIIYIFSMSISSGAAVTQGRVFLLPVDIDFSAYGRVLHDKLFWTSYANT
IFYTVFGVVTSLIFIVPGAYALSKPRIRGRRVFGFIIAFTMWFNAGMIPFFLNMRDLGLLDNRFGILIGFACNAFNIILM
RNYFESISASFEEAARMDGANDLQILWKVYIPLAKPALATITLLCAISRWNGYFWAMVLLRAEEKIPLQVYLKKTIVDLN
VNEEFAGALLTNSYSMETVVGAIIVMSIIPVIIVYPVVQKYFTKGVMLGGVKELEHHHHHHHHHH
;
B,F,J,N
3 'polypeptide(L)'
;MVASVSIQNVVKRYDKTTVVHGVSLDIEPGEFVVLVGPSGCGKSTTLRMVAGLEEISGGTIRIDGRVINDLAPKDRDVAM
VFQNYALYPHLNVRDNISFGLRLKRTKKSVIDAAVKTAADILGLQPLLERKPSDLSGGQRQRVAMGRAIVRDPKVFLFDQ
PLSNLDAKLRTQMRAEIKRLHQRLGTTVIYVTHDQVEAMTLADRIVVMRDGLIEQIGKPMDLFLHPANTFVASFIGSPPM
NLMPARIAVDSTQHVELNGGNRISLLPRAGTHLAPGQEVVFGIRPEDVTLDGVEGSERAQIKATVDIVEPLGSESILHAT
VGDHSLVVKVGGLNEVHPGDPVTLHVDLTRVHLFDAQSQASIY
;
C,D,G,H,K,L,O,P
#
# COMPACT_ATOMS: atom_id res chain seq x y z
N GLU A 2 84.74 -2.31 -36.16
CA GLU A 2 83.86 -2.87 -37.20
C GLU A 2 82.55 -3.38 -36.60
N ARG A 3 82.18 -4.61 -36.93
CA ARG A 3 81.10 -5.30 -36.22
C ARG A 3 81.42 -5.42 -34.75
N LEU A 4 82.57 -6.01 -34.45
CA LEU A 4 82.99 -6.34 -33.09
C LEU A 4 82.78 -5.18 -32.12
N TRP A 5 83.52 -4.10 -32.35
CA TRP A 5 83.49 -2.90 -31.52
C TRP A 5 82.05 -2.43 -31.25
N LYS A 6 81.19 -2.56 -32.25
CA LYS A 6 79.79 -2.19 -32.11
C LYS A 6 79.03 -2.99 -31.05
N ASP A 7 79.18 -4.32 -31.07
CA ASP A 7 78.54 -5.15 -30.06
C ASP A 7 79.16 -4.94 -28.67
N ILE A 8 80.49 -4.86 -28.62
CA ILE A 8 81.22 -4.77 -27.37
C ILE A 8 80.71 -3.62 -26.49
N LYS A 9 80.22 -2.56 -27.12
CA LYS A 9 79.56 -1.48 -26.38
C LYS A 9 78.15 -1.88 -25.96
N ARG A 10 77.44 -2.60 -26.83
CA ARG A 10 76.09 -3.03 -26.55
C ARG A 10 76.08 -4.01 -25.38
N ASP A 11 76.95 -5.01 -25.49
CA ASP A 11 77.01 -6.12 -24.53
C ASP A 11 78.00 -5.91 -23.39
N TRP A 12 78.57 -4.71 -23.29
CA TRP A 12 79.65 -4.42 -22.34
C TRP A 12 79.37 -4.94 -20.92
N LEU A 13 78.14 -4.75 -20.46
CA LEU A 13 77.72 -5.14 -19.13
C LEU A 13 77.63 -6.66 -19.07
N LEU A 14 77.13 -7.23 -20.16
CA LEU A 14 77.06 -8.68 -20.32
C LEU A 14 78.47 -9.23 -20.54
N TYR A 15 79.31 -8.46 -21.24
CA TYR A 15 80.69 -8.85 -21.50
C TYR A 15 81.50 -8.79 -20.21
N ALA A 16 81.05 -7.98 -19.28
CA ALA A 16 81.69 -7.84 -17.98
C ALA A 16 81.62 -9.13 -17.17
N MET A 17 80.42 -9.70 -17.07
CA MET A 17 80.16 -10.90 -16.28
C MET A 17 81.06 -12.08 -16.65
N LEU A 18 81.35 -12.20 -17.94
CA LEU A 18 82.13 -13.32 -18.45
C LEU A 18 83.58 -13.29 -17.97
N LEU A 19 84.10 -12.09 -17.73
CA LEU A 19 85.53 -11.91 -17.42
C LEU A 19 86.00 -12.58 -16.12
N PRO A 20 85.34 -12.31 -14.97
CA PRO A 20 85.84 -12.95 -13.75
C PRO A 20 85.85 -14.46 -13.83
N THR A 21 84.82 -15.03 -14.47
CA THR A 21 84.78 -16.46 -14.72
C THR A 21 85.94 -16.90 -15.60
N ILE A 22 86.28 -16.08 -16.59
CA ILE A 22 87.43 -16.34 -17.45
C ILE A 22 88.73 -16.11 -16.70
N ILE A 23 88.75 -15.10 -15.84
CA ILE A 23 89.91 -14.83 -14.99
C ILE A 23 90.19 -16.04 -14.10
N TRP A 24 89.14 -16.52 -13.45
CA TRP A 24 89.23 -17.64 -12.52
C TRP A 24 89.82 -18.88 -13.19
N PHE A 25 89.22 -19.32 -14.28
CA PHE A 25 89.67 -20.51 -15.00
C PHE A 25 91.13 -20.38 -15.45
N LEU A 26 91.52 -19.18 -15.85
CA LEU A 26 92.90 -18.93 -16.22
C LEU A 26 93.83 -19.14 -15.03
N ILE A 27 93.48 -18.53 -13.90
CA ILE A 27 94.31 -18.55 -12.70
C ILE A 27 94.40 -19.91 -12.01
N PHE A 28 93.25 -20.50 -11.70
CA PHE A 28 93.25 -21.71 -10.89
C PHE A 28 93.31 -23.00 -11.69
N LEU A 29 93.11 -22.92 -13.01
CA LEU A 29 93.10 -24.10 -13.84
C LEU A 29 94.20 -24.05 -14.91
N TYR A 30 94.15 -23.05 -15.79
CA TYR A 30 95.10 -22.97 -16.89
C TYR A 30 96.49 -22.50 -16.46
N LYS A 31 96.55 -21.64 -15.44
CA LYS A 31 97.84 -21.20 -14.90
C LYS A 31 98.63 -22.35 -14.25
N PRO A 32 97.94 -23.25 -13.50
CA PRO A 32 98.68 -24.43 -13.04
C PRO A 32 99.18 -25.32 -14.18
N MET A 33 98.57 -25.19 -15.36
CA MET A 33 98.97 -25.98 -16.51
C MET A 33 100.37 -25.58 -16.95
N ILE A 34 100.74 -24.34 -16.63
CA ILE A 34 102.10 -23.88 -16.89
C ILE A 34 103.08 -24.72 -16.07
N GLY A 35 102.67 -25.08 -14.85
CA GLY A 35 103.54 -25.84 -13.96
C GLY A 35 103.78 -27.27 -14.42
N LEU A 36 103.17 -27.63 -15.55
CA LEU A 36 103.35 -28.94 -16.18
C LEU A 36 104.79 -29.14 -16.65
N GLN A 37 105.54 -28.04 -16.73
CA GLN A 37 106.93 -28.10 -17.12
C GLN A 37 107.76 -28.73 -16.01
N MET A 38 107.11 -29.08 -14.91
CA MET A 38 107.78 -29.73 -13.79
C MET A 38 108.39 -31.08 -14.19
N ALA A 39 108.18 -31.50 -15.44
CA ALA A 39 108.82 -32.70 -15.96
C ALA A 39 110.35 -32.62 -15.83
N PHE A 40 110.85 -31.42 -15.53
CA PHE A 40 112.25 -31.23 -15.19
C PHE A 40 112.24 -30.72 -13.75
N LYS A 41 112.57 -31.61 -12.81
CA LYS A 41 113.18 -31.27 -11.52
C LYS A 41 114.23 -30.15 -11.47
N GLN A 42 114.20 -29.43 -10.35
CA GLN A 42 115.16 -28.41 -9.97
C GLN A 42 114.90 -27.99 -8.52
N PRO A 53 118.20 -25.45 -15.35
CA PRO A 53 117.81 -26.63 -14.58
C PRO A 53 116.65 -27.33 -15.24
N TRP A 54 116.85 -27.74 -16.49
CA TRP A 54 115.87 -28.56 -17.18
C TRP A 54 116.43 -29.84 -17.81
N ILE A 55 116.11 -30.96 -17.19
CA ILE A 55 115.57 -32.19 -17.80
C ILE A 55 115.82 -33.35 -16.84
N GLY A 56 114.95 -34.36 -16.80
CA GLY A 56 113.70 -34.43 -17.55
C GLY A 56 113.59 -35.54 -18.58
N PHE A 57 112.36 -36.00 -18.79
CA PHE A 57 112.07 -37.13 -19.69
C PHE A 57 112.74 -38.42 -19.24
N ASP A 58 113.62 -38.30 -18.24
CA ASP A 58 114.38 -39.41 -17.69
C ASP A 58 113.60 -40.08 -16.58
N HIS A 59 113.24 -39.30 -15.55
CA HIS A 59 112.41 -39.81 -14.46
C HIS A 59 111.15 -40.51 -15.00
N PHE A 60 110.73 -40.10 -16.19
CA PHE A 60 109.72 -40.82 -16.97
C PHE A 60 110.11 -42.29 -17.14
N VAL A 61 111.33 -42.52 -17.60
CA VAL A 61 111.84 -43.88 -17.77
C VAL A 61 112.16 -44.49 -16.40
N THR A 62 112.33 -43.63 -15.39
CA THR A 62 112.45 -44.08 -14.01
C THR A 62 111.06 -44.40 -13.47
N LEU A 63 110.09 -43.55 -13.79
CA LEU A 63 108.70 -43.82 -13.45
C LEU A 63 108.21 -45.03 -14.23
N PHE A 64 108.76 -45.22 -15.44
CA PHE A 64 108.53 -46.43 -16.21
C PHE A 64 108.90 -47.66 -15.39
N GLN A 65 110.09 -47.65 -14.78
CA GLN A 65 110.52 -48.80 -14.01
C GLN A 65 110.37 -48.57 -12.51
N SER A 66 109.33 -49.17 -11.94
CA SER A 66 109.18 -49.32 -10.51
C SER A 66 108.32 -50.55 -10.28
N GLU A 67 108.64 -51.36 -9.28
CA GLU A 67 107.80 -52.53 -9.02
C GLU A 67 106.55 -52.13 -8.26
N GLN A 68 106.61 -51.02 -7.53
CA GLN A 68 105.44 -50.54 -6.82
C GLN A 68 104.50 -49.79 -7.76
N PHE A 69 105.07 -49.07 -8.73
CA PHE A 69 104.27 -48.29 -9.66
C PHE A 69 103.54 -49.15 -10.68
N ILE A 70 104.32 -49.92 -11.45
CA ILE A 70 103.77 -50.73 -12.53
C ILE A 70 102.60 -51.61 -12.09
N ARG A 71 102.52 -51.90 -10.80
CA ARG A 71 101.37 -52.63 -10.26
C ARG A 71 100.19 -51.69 -10.01
N ALA A 72 100.48 -50.43 -9.67
CA ALA A 72 99.43 -49.44 -9.42
C ALA A 72 98.59 -49.20 -10.68
N ILE A 73 99.27 -48.95 -11.80
CA ILE A 73 98.60 -48.85 -13.09
C ILE A 73 97.92 -50.17 -13.42
N LYS A 74 98.60 -51.28 -13.11
CA LYS A 74 98.03 -52.61 -13.26
C LYS A 74 96.79 -52.75 -12.38
N ASN A 75 96.81 -52.10 -11.22
CA ASN A 75 95.65 -52.06 -10.34
C ASN A 75 94.63 -51.03 -10.81
N THR A 76 95.12 -49.92 -11.36
CA THR A 76 94.26 -48.83 -11.84
C THR A 76 93.24 -49.33 -12.86
N LEU A 77 93.72 -49.79 -14.01
CA LEU A 77 92.83 -50.27 -15.06
C LEU A 77 92.06 -51.52 -14.63
N THR A 78 92.61 -52.25 -13.66
CA THR A 78 91.90 -53.38 -13.05
C THR A 78 90.67 -52.89 -12.30
N LEU A 79 90.87 -51.93 -11.41
CA LEU A 79 89.77 -51.34 -10.66
C LEU A 79 88.79 -50.65 -11.60
N SER A 80 89.31 -50.10 -12.69
CA SER A 80 88.48 -49.46 -13.70
C SER A 80 87.53 -50.45 -14.36
N GLY A 81 87.99 -51.69 -14.52
CA GLY A 81 87.16 -52.74 -15.10
C GLY A 81 85.96 -53.07 -14.24
N LEU A 82 86.21 -53.42 -12.98
CA LEU A 82 85.15 -53.79 -12.04
C LEU A 82 84.15 -52.67 -11.82
N SER A 83 84.66 -51.43 -11.73
CA SER A 83 83.80 -50.26 -11.58
C SER A 83 82.84 -50.14 -12.75
N LEU A 84 83.35 -50.37 -13.97
CA LEU A 84 82.53 -50.37 -15.17
C LEU A 84 81.55 -51.54 -15.18
N LEU A 85 82.06 -52.72 -14.84
CA LEU A 85 81.24 -53.94 -14.77
C LEU A 85 80.11 -53.80 -13.76
N PHE A 86 80.44 -53.72 -12.48
CA PHE A 86 79.43 -53.71 -11.43
C PHE A 86 78.82 -52.33 -11.15
N GLY A 87 79.68 -51.31 -11.08
CA GLY A 87 79.24 -50.00 -10.64
C GLY A 87 78.33 -49.25 -11.59
N PHE A 88 78.72 -49.15 -12.85
CA PHE A 88 77.99 -48.34 -13.84
C PHE A 88 76.58 -48.86 -14.20
N PRO A 89 76.42 -50.16 -14.50
CA PRO A 89 75.08 -50.62 -14.91
C PRO A 89 74.06 -50.64 -13.78
N MET A 90 74.52 -50.60 -12.53
CA MET A 90 73.63 -50.75 -11.38
C MET A 90 72.58 -49.64 -11.26
N PRO A 91 72.98 -48.35 -11.39
CA PRO A 91 71.94 -47.32 -11.32
C PRO A 91 70.93 -47.41 -12.44
N ILE A 92 71.34 -47.90 -13.61
CA ILE A 92 70.42 -48.18 -14.70
C ILE A 92 69.41 -49.24 -14.24
N LEU A 93 69.94 -50.29 -13.64
CA LEU A 93 69.11 -51.37 -13.10
C LEU A 93 68.14 -50.79 -12.07
N LEU A 94 68.69 -50.06 -11.10
CA LEU A 94 67.90 -49.37 -10.08
C LEU A 94 66.82 -48.48 -10.70
N ALA A 95 67.16 -47.79 -11.79
CA ALA A 95 66.21 -46.93 -12.48
C ALA A 95 65.02 -47.75 -12.98
N LEU A 96 65.32 -48.87 -13.64
CA LEU A 96 64.28 -49.75 -14.16
C LEU A 96 63.45 -50.34 -13.03
N MET A 97 64.11 -50.75 -11.95
CA MET A 97 63.45 -51.39 -10.83
C MET A 97 62.50 -50.42 -10.14
N ILE A 98 62.85 -49.14 -10.14
CA ILE A 98 61.98 -48.12 -9.55
C ILE A 98 60.82 -47.77 -10.46
N ASN A 99 61.07 -47.67 -11.76
CA ASN A 99 60.04 -47.34 -12.74
C ASN A 99 58.89 -48.35 -12.79
N GLU A 100 59.16 -49.58 -12.38
CA GLU A 100 58.16 -50.64 -12.40
C GLU A 100 57.34 -50.70 -11.12
N VAL A 101 57.60 -49.76 -10.22
CA VAL A 101 56.92 -49.77 -8.92
C VAL A 101 55.64 -48.94 -8.93
N TYR A 102 54.53 -49.62 -8.68
CA TYR A 102 53.23 -49.00 -8.44
C TYR A 102 53.19 -48.55 -6.98
N SER A 103 52.00 -48.24 -6.47
CA SER A 103 51.78 -47.96 -5.04
C SER A 103 52.22 -46.56 -4.62
N LYS A 104 52.74 -45.79 -5.56
CA LYS A 104 53.13 -44.41 -5.32
C LYS A 104 54.13 -44.29 -4.17
N GLY A 105 53.69 -43.73 -3.04
CA GLY A 105 54.54 -43.43 -1.90
C GLY A 105 55.54 -44.50 -1.50
N TYR A 106 55.18 -45.76 -1.66
CA TYR A 106 56.13 -46.87 -1.50
C TYR A 106 57.37 -46.66 -2.37
N ARG A 107 57.16 -46.32 -3.63
CA ARG A 107 58.26 -45.99 -4.53
C ARG A 107 59.02 -44.78 -4.02
N LYS A 108 58.28 -43.77 -3.56
CA LYS A 108 58.89 -42.59 -2.95
C LYS A 108 59.77 -42.99 -1.77
N ALA A 109 59.26 -43.88 -0.93
CA ALA A 109 59.99 -44.36 0.24
C ALA A 109 61.30 -45.02 -0.16
N VAL A 110 61.24 -45.83 -1.21
CA VAL A 110 62.45 -46.50 -1.70
C VAL A 110 63.46 -45.46 -2.18
N GLN A 111 62.97 -44.45 -2.90
CA GLN A 111 63.85 -43.43 -3.46
C GLN A 111 64.58 -42.64 -2.37
N THR A 112 63.86 -42.19 -1.35
CA THR A 112 64.48 -41.46 -0.24
C THR A 112 65.56 -42.28 0.46
N ILE A 113 65.26 -43.56 0.70
CA ILE A 113 66.21 -44.46 1.34
C ILE A 113 67.47 -44.70 0.52
N VAL A 114 67.28 -45.01 -0.76
CA VAL A 114 68.36 -45.39 -1.66
C VAL A 114 69.21 -44.19 -2.07
N TYR A 115 68.57 -43.04 -2.27
CA TYR A 115 69.29 -41.83 -2.66
C TYR A 115 70.15 -41.30 -1.52
N LEU A 116 69.65 -41.45 -0.29
CA LEU A 116 70.26 -40.83 0.89
C LEU A 116 71.76 -41.07 1.08
N PRO A 117 72.26 -42.31 0.93
CA PRO A 117 73.70 -42.54 1.15
C PRO A 117 74.62 -41.65 0.32
N HIS A 118 74.14 -41.11 -0.79
CA HIS A 118 74.94 -40.19 -1.60
C HIS A 118 75.40 -38.98 -0.81
N PHE A 119 74.55 -38.54 0.09
CA PHE A 119 74.82 -37.34 0.87
C PHE A 119 75.73 -37.63 2.06
N ILE A 120 75.89 -38.91 2.38
CA ILE A 120 76.84 -39.31 3.40
C ILE A 120 78.25 -39.10 2.85
N SER A 121 79.09 -38.39 3.62
CA SER A 121 80.45 -38.11 3.19
C SER A 121 81.26 -39.37 2.95
N ILE A 122 82.24 -39.27 2.05
CA ILE A 122 83.09 -40.41 1.71
C ILE A 122 83.94 -40.83 2.90
N VAL A 123 84.36 -39.85 3.70
CA VAL A 123 85.20 -40.16 4.86
C VAL A 123 84.35 -40.81 5.94
N ILE A 124 83.05 -40.50 5.95
CA ILE A 124 82.13 -41.14 6.87
C ILE A 124 81.86 -42.57 6.39
N VAL A 125 81.67 -42.71 5.09
CA VAL A 125 81.53 -44.03 4.45
C VAL A 125 82.69 -44.94 4.82
N ALA A 126 83.91 -44.42 4.71
CA ALA A 126 85.11 -45.14 5.09
C ALA A 126 85.04 -45.56 6.55
N GLY A 127 84.65 -44.63 7.41
CA GLY A 127 84.46 -44.90 8.82
C GLY A 127 83.42 -45.97 9.09
N LEU A 128 82.33 -45.93 8.34
CA LEU A 128 81.30 -46.95 8.41
C LEU A 128 81.88 -48.32 8.05
N VAL A 129 82.83 -48.33 7.12
CA VAL A 129 83.45 -49.57 6.69
C VAL A 129 84.38 -50.13 7.77
N VAL A 130 85.25 -49.27 8.31
CA VAL A 130 86.23 -49.72 9.29
C VAL A 130 85.57 -50.17 10.60
N THR A 131 84.46 -49.53 10.96
CA THR A 131 83.76 -49.91 12.19
C THR A 131 82.91 -51.16 12.00
N PHE A 132 82.49 -51.42 10.77
CA PHE A 132 81.69 -52.60 10.46
C PHE A 132 82.55 -53.84 10.32
N LEU A 133 83.74 -53.65 9.74
CA LEU A 133 84.60 -54.78 9.38
C LEU A 133 85.69 -55.06 10.42
N SER A 134 85.70 -54.30 11.50
CA SER A 134 86.67 -54.51 12.57
C SER A 134 86.45 -55.87 13.25
N PRO A 135 87.55 -56.62 13.48
CA PRO A 135 87.47 -57.94 14.11
C PRO A 135 87.09 -57.87 15.59
N SER A 136 86.28 -58.81 16.04
CA SER A 136 85.88 -58.93 17.46
C SER A 136 85.03 -57.75 17.94
N THR A 137 84.85 -56.75 17.08
CA THR A 137 84.07 -55.57 17.40
C THR A 137 82.98 -55.34 16.37
N GLY A 138 83.39 -55.16 15.12
CA GLY A 138 82.50 -54.90 14.01
C GLY A 138 81.35 -55.88 13.88
N VAL A 139 80.17 -55.33 13.59
CA VAL A 139 78.93 -56.09 13.55
C VAL A 139 78.98 -57.19 12.49
N VAL A 140 79.63 -56.90 11.36
CA VAL A 140 79.73 -57.86 10.27
C VAL A 140 80.38 -59.16 10.73
N ASN A 141 81.57 -59.07 11.31
CA ASN A 141 82.24 -60.24 11.86
C ASN A 141 81.41 -60.95 12.92
N ASN A 142 80.76 -60.17 13.78
CA ASN A 142 79.86 -60.71 14.78
C ASN A 142 78.72 -61.55 14.19
N MET A 143 78.11 -61.06 13.12
CA MET A 143 77.03 -61.78 12.46
C MET A 143 77.53 -63.09 11.85
N LEU A 144 78.81 -63.11 11.46
CA LEU A 144 79.42 -64.33 10.93
C LEU A 144 79.65 -65.35 12.04
N SER A 145 80.03 -64.86 13.23
CA SER A 145 80.26 -65.72 14.38
C SER A 145 78.96 -66.36 14.86
N TRP A 146 77.85 -65.69 14.60
CA TRP A 146 76.52 -66.19 14.94
C TRP A 146 76.22 -67.48 14.20
N ILE A 147 76.49 -67.49 12.91
CA ILE A 147 76.20 -68.63 12.05
C ILE A 147 77.42 -69.55 11.91
N GLY A 148 78.51 -69.19 12.60
CA GLY A 148 79.71 -70.00 12.59
C GLY A 148 80.58 -69.88 11.36
N LEU A 149 80.73 -68.65 10.88
CA LEU A 149 81.63 -68.36 9.77
C LEU A 149 82.99 -67.90 10.29
N ASP A 150 83.16 -68.01 11.60
CA ASP A 150 84.35 -67.52 12.32
C ASP A 150 84.46 -66.01 12.20
N ARG A 151 85.66 -65.52 11.90
CA ARG A 151 85.90 -64.09 11.82
C ARG A 151 86.99 -63.78 10.80
N VAL A 152 86.91 -62.60 10.21
CA VAL A 152 87.91 -62.14 9.24
C VAL A 152 88.33 -60.69 9.49
N TYR A 153 89.63 -60.42 9.40
CA TYR A 153 90.11 -59.05 9.46
C TYR A 153 90.19 -58.55 8.03
N PHE A 154 89.26 -57.66 7.68
CA PHE A 154 88.97 -57.34 6.30
C PHE A 154 89.96 -56.34 5.70
N LEU A 155 90.29 -55.30 6.47
CA LEU A 155 91.10 -54.21 5.94
C LEU A 155 92.55 -54.61 5.74
N THR A 156 93.00 -55.63 6.45
CA THR A 156 94.37 -56.13 6.27
C THR A 156 94.50 -57.07 5.07
N GLN A 157 93.43 -57.80 4.75
CA GLN A 157 93.46 -58.75 3.65
C GLN A 157 93.35 -58.06 2.29
N PRO A 158 94.36 -58.27 1.43
CA PRO A 158 94.38 -57.72 0.07
C PRO A 158 93.31 -58.37 -0.82
N GLU A 159 92.90 -59.57 -0.45
CA GLU A 159 91.89 -60.32 -1.19
C GLU A 159 90.54 -59.60 -1.16
N TRP A 160 90.23 -58.99 -0.02
CA TRP A 160 88.91 -58.41 0.19
C TRP A 160 88.79 -56.94 -0.21
N PHE A 161 89.91 -56.29 -0.52
CA PHE A 161 89.92 -54.85 -0.69
C PHE A 161 88.92 -54.35 -1.73
N ARG A 162 89.05 -54.82 -2.96
CA ARG A 162 88.20 -54.35 -4.06
C ARG A 162 86.71 -54.69 -3.86
N PRO A 163 86.39 -55.94 -3.47
CA PRO A 163 84.97 -56.23 -3.19
C PRO A 163 84.36 -55.32 -2.14
N ILE A 164 85.11 -55.03 -1.08
CA ILE A 164 84.66 -54.10 -0.04
C ILE A 164 84.42 -52.71 -0.63
N TYR A 165 85.24 -52.30 -1.58
CA TYR A 165 85.16 -50.95 -2.15
C TYR A 165 83.91 -50.79 -3.03
N ILE A 166 83.88 -51.53 -4.14
CA ILE A 166 82.79 -51.40 -5.12
C ILE A 166 81.42 -51.67 -4.51
N SER A 167 81.36 -52.48 -3.47
CA SER A 167 80.09 -52.74 -2.79
C SER A 167 79.67 -51.55 -1.94
N SER A 168 80.64 -50.89 -1.33
CA SER A 168 80.36 -49.68 -0.56
C SER A 168 80.06 -48.50 -1.48
N ASN A 169 80.68 -48.49 -2.66
CA ASN A 169 80.45 -47.43 -3.63
C ASN A 169 79.03 -47.47 -4.20
N ILE A 170 78.55 -48.66 -4.54
CA ILE A 170 77.19 -48.82 -5.06
C ILE A 170 76.15 -48.64 -3.96
N TRP A 171 76.55 -48.80 -2.71
CA TRP A 171 75.65 -48.49 -1.62
C TRP A 171 75.42 -46.99 -1.58
N LYS A 172 76.51 -46.24 -1.61
CA LYS A 172 76.47 -44.79 -1.52
C LYS A 172 75.95 -44.11 -2.78
N GLU A 173 76.61 -44.35 -3.91
CA GLU A 173 76.35 -43.58 -5.12
C GLU A 173 75.38 -44.16 -6.15
N ALA A 174 75.01 -45.43 -6.05
CA ALA A 174 74.28 -46.05 -7.15
C ALA A 174 72.83 -45.58 -7.18
N GLY A 175 72.35 -45.11 -6.03
CA GLY A 175 71.00 -44.57 -5.94
C GLY A 175 70.87 -43.21 -6.58
N PHE A 176 71.79 -42.32 -6.25
CA PHE A 176 71.75 -40.95 -6.77
C PHE A 176 72.00 -40.95 -8.27
N ASP A 177 72.84 -41.87 -8.73
CA ASP A 177 73.13 -42.01 -10.15
C ASP A 177 71.93 -42.58 -10.91
N SER A 178 71.04 -43.26 -10.20
CA SER A 178 69.86 -43.86 -10.80
C SER A 178 68.82 -42.81 -11.16
N ILE A 179 68.90 -41.65 -10.49
CA ILE A 179 67.97 -40.55 -10.72
C ILE A 179 67.95 -40.11 -12.18
N VAL A 180 69.14 -39.95 -12.75
CA VAL A 180 69.28 -39.52 -14.14
C VAL A 180 68.58 -40.48 -15.10
N TYR A 181 68.95 -41.76 -15.04
CA TYR A 181 68.33 -42.76 -15.89
C TYR A 181 66.83 -42.84 -15.64
N LEU A 182 66.43 -42.75 -14.38
CA LEU A 182 65.03 -42.79 -14.01
C LEU A 182 64.28 -41.59 -14.60
N ALA A 183 64.95 -40.44 -14.61
CA ALA A 183 64.35 -39.23 -15.14
C ALA A 183 64.25 -39.28 -16.66
N ALA A 184 65.14 -40.05 -17.29
CA ALA A 184 65.14 -40.19 -18.74
C ALA A 184 63.96 -41.04 -19.21
N ILE A 185 63.75 -42.18 -18.56
CA ILE A 185 62.67 -43.09 -18.93
C ILE A 185 61.30 -42.53 -18.56
N MET A 186 61.30 -41.47 -17.75
CA MET A 186 60.07 -40.76 -17.41
C MET A 186 59.70 -39.74 -18.47
N SER A 187 60.64 -39.47 -19.38
CA SER A 187 60.42 -38.48 -20.43
C SER A 187 59.82 -39.09 -21.69
N ILE A 188 59.71 -40.41 -21.72
CA ILE A 188 59.11 -41.09 -22.85
C ILE A 188 57.59 -40.99 -22.79
N ASN A 189 56.98 -40.54 -23.88
CA ASN A 189 55.52 -40.43 -23.94
C ASN A 189 54.87 -41.80 -23.84
N PRO A 190 53.84 -41.92 -22.99
CA PRO A 190 53.18 -43.18 -22.68
C PRO A 190 52.60 -43.87 -23.92
N ALA A 191 52.33 -43.10 -24.97
CA ALA A 191 51.80 -43.64 -26.21
C ALA A 191 52.61 -44.82 -26.72
N LEU A 192 53.93 -44.73 -26.60
CA LEU A 192 54.83 -45.81 -27.01
C LEU A 192 54.60 -47.06 -26.17
N TYR A 193 54.34 -46.88 -24.88
CA TYR A 193 54.05 -48.00 -23.97
C TYR A 193 52.61 -48.50 -24.13
N GLU A 194 51.68 -47.56 -24.21
CA GLU A 194 50.26 -47.89 -24.32
C GLU A 194 49.96 -48.65 -25.60
N SER A 195 50.56 -48.20 -26.71
CA SER A 195 50.36 -48.88 -27.99
C SER A 195 51.00 -50.26 -27.96
N ALA A 196 52.07 -50.43 -27.19
CA ALA A 196 52.71 -51.72 -27.05
C ALA A 196 51.87 -52.66 -26.20
N GLN A 197 51.18 -52.11 -25.20
CA GLN A 197 50.32 -52.92 -24.35
C GLN A 197 49.10 -53.38 -25.14
N VAL A 198 48.67 -52.54 -26.08
CA VAL A 198 47.56 -52.86 -26.96
C VAL A 198 47.93 -54.06 -27.84
N ASP A 199 49.18 -54.08 -28.30
CA ASP A 199 49.69 -55.20 -29.06
C ASP A 199 50.03 -56.37 -28.13
N GLY A 200 49.89 -56.14 -26.84
CA GLY A 200 50.09 -57.17 -25.82
C GLY A 200 51.52 -57.45 -25.46
N ALA A 201 52.32 -56.41 -25.32
CA ALA A 201 53.68 -56.53 -24.82
C ALA A 201 53.70 -56.83 -23.33
N THR A 202 54.81 -57.36 -22.84
CA THR A 202 54.96 -57.68 -21.41
C THR A 202 56.02 -56.76 -20.82
N ARG A 203 55.97 -56.56 -19.51
CA ARG A 203 56.89 -55.67 -18.81
C ARG A 203 58.35 -55.90 -19.19
N TRP A 204 58.75 -57.17 -19.28
CA TRP A 204 60.11 -57.50 -19.66
C TRP A 204 60.32 -57.25 -21.16
N GLN A 205 59.30 -57.52 -21.96
CA GLN A 205 59.35 -57.22 -23.39
C GLN A 205 59.50 -55.72 -23.63
N MET A 206 58.84 -54.92 -22.80
CA MET A 206 58.87 -53.48 -22.94
C MET A 206 60.27 -52.93 -22.66
N ILE A 207 60.76 -53.19 -21.45
CA ILE A 207 62.04 -52.63 -21.02
C ILE A 207 63.17 -53.03 -21.96
N THR A 208 63.04 -54.19 -22.58
CA THR A 208 64.02 -54.62 -23.58
C THR A 208 63.84 -53.94 -24.94
N ARG A 209 62.61 -53.93 -25.45
CA ARG A 209 62.34 -53.43 -26.79
C ARG A 209 62.06 -51.92 -26.95
N ILE A 210 61.69 -51.24 -25.88
CA ILE A 210 61.39 -49.80 -25.98
C ILE A 210 62.13 -48.96 -24.94
N THR A 211 61.89 -49.21 -23.65
CA THR A 211 62.49 -48.43 -22.57
C THR A 211 64.00 -48.28 -22.75
N LEU A 212 64.71 -49.40 -22.72
CA LEU A 212 66.16 -49.39 -22.89
C LEU A 212 66.60 -48.73 -24.20
N PRO A 213 66.06 -49.17 -25.36
CA PRO A 213 66.47 -48.51 -26.61
C PRO A 213 66.26 -47.00 -26.61
N CYS A 214 65.16 -46.53 -26.01
CA CYS A 214 64.88 -45.11 -25.93
C CYS A 214 65.85 -44.39 -25.00
N ILE A 215 66.35 -45.09 -23.99
CA ILE A 215 67.24 -44.49 -23.00
C ILE A 215 68.71 -44.57 -23.41
N VAL A 216 69.01 -45.34 -24.46
CA VAL A 216 70.40 -45.56 -24.90
C VAL A 216 71.21 -44.26 -25.12
N PRO A 217 70.61 -43.23 -25.77
CA PRO A 217 71.37 -41.98 -25.89
C PRO A 217 71.82 -41.40 -24.55
N THR A 218 71.05 -41.62 -23.49
CA THR A 218 71.42 -41.15 -22.15
C THR A 218 72.57 -41.95 -21.57
N ILE A 219 72.47 -43.27 -21.62
CA ILE A 219 73.48 -44.15 -21.03
C ILE A 219 74.81 -44.06 -21.79
N ALA A 220 74.75 -43.68 -23.06
CA ALA A 220 75.96 -43.49 -23.86
C ALA A 220 76.72 -42.25 -23.43
N VAL A 221 76.01 -41.14 -23.28
CA VAL A 221 76.60 -39.88 -22.82
C VAL A 221 77.22 -40.03 -21.43
N LEU A 222 76.50 -40.69 -20.53
CA LEU A 222 76.99 -40.90 -19.17
C LEU A 222 78.19 -41.84 -19.14
N LEU A 223 78.28 -42.72 -20.12
CA LEU A 223 79.39 -43.66 -20.19
C LEU A 223 80.71 -42.95 -20.53
N VAL A 224 80.66 -42.02 -21.48
CA VAL A 224 81.88 -41.32 -21.90
C VAL A 224 82.35 -40.35 -20.83
N ILE A 225 81.44 -39.97 -19.93
CA ILE A 225 81.80 -39.19 -18.77
C ILE A 225 82.41 -40.11 -17.72
N ARG A 226 81.80 -41.29 -17.57
CA ARG A 226 82.29 -42.30 -16.65
C ARG A 226 83.70 -42.73 -17.03
N LEU A 227 83.93 -42.85 -18.34
CA LEU A 227 85.24 -43.21 -18.85
C LEU A 227 86.25 -42.06 -18.70
N GLY A 228 85.75 -40.83 -18.66
CA GLY A 228 86.61 -39.68 -18.47
C GLY A 228 87.39 -39.72 -17.17
N HIS A 229 86.71 -40.14 -16.12
CA HIS A 229 87.31 -40.24 -14.78
C HIS A 229 87.79 -41.66 -14.45
N ILE A 230 87.71 -42.55 -15.42
CA ILE A 230 87.90 -43.98 -15.20
C ILE A 230 89.21 -44.37 -14.51
N LEU A 231 90.24 -43.53 -14.63
CA LEU A 231 91.54 -43.83 -14.02
C LEU A 231 91.69 -43.30 -12.60
N GLU A 232 90.79 -42.39 -12.23
CA GLU A 232 90.83 -41.78 -10.90
C GLU A 232 89.88 -42.42 -9.90
N VAL A 233 89.22 -43.49 -10.34
CA VAL A 233 88.17 -44.15 -9.57
C VAL A 233 88.62 -44.57 -8.15
N GLY A 234 87.86 -44.15 -7.15
CA GLY A 234 88.08 -44.58 -5.78
C GLY A 234 89.26 -43.94 -5.07
N PHE A 235 89.70 -42.79 -5.55
CA PHE A 235 90.86 -42.12 -4.97
C PHE A 235 90.71 -41.86 -3.47
N GLU A 236 89.74 -41.02 -3.10
CA GLU A 236 89.53 -40.67 -1.70
C GLU A 236 89.19 -41.85 -0.78
N TYR A 237 88.56 -42.88 -1.33
CA TYR A 237 88.28 -44.09 -0.56
C TYR A 237 89.56 -44.88 -0.25
N ILE A 238 90.34 -45.15 -1.29
CA ILE A 238 91.57 -45.92 -1.17
C ILE A 238 92.54 -45.25 -0.21
N ILE A 239 92.83 -43.98 -0.46
CA ILE A 239 93.81 -43.21 0.31
C ILE A 239 93.51 -43.25 1.83
N LEU A 240 92.24 -43.41 2.18
CA LEU A 240 91.84 -43.49 3.57
C LEU A 240 92.08 -44.87 4.17
N LEU A 241 91.61 -45.91 3.47
CA LEU A 241 91.49 -47.23 4.06
C LEU A 241 92.60 -48.23 3.73
N TYR A 242 93.55 -47.88 2.89
CA TYR A 242 94.47 -48.90 2.37
C TYR A 242 95.63 -49.17 3.34
N GLN A 243 95.69 -50.41 3.82
CA GLN A 243 96.72 -50.80 4.79
C GLN A 243 97.98 -51.26 4.06
N PRO A 244 99.12 -51.28 4.77
CA PRO A 244 100.40 -51.78 4.24
C PRO A 244 100.29 -53.14 3.56
N THR A 245 99.50 -54.04 4.14
CA THR A 245 99.35 -55.37 3.58
C THR A 245 98.53 -55.33 2.28
N THR A 246 97.62 -54.37 2.19
CA THR A 246 96.78 -54.24 1.00
C THR A 246 97.36 -53.22 0.02
N TYR A 247 98.52 -52.68 0.35
CA TYR A 247 99.22 -51.73 -0.51
C TYR A 247 99.36 -52.22 -1.95
N GLU A 248 99.57 -53.52 -2.12
CA GLU A 248 99.80 -54.11 -3.43
C GLU A 248 98.58 -53.95 -4.33
N THR A 249 97.42 -54.42 -3.87
CA THR A 249 96.20 -54.41 -4.67
C THR A 249 95.52 -53.05 -4.66
N ALA A 250 95.64 -52.33 -3.55
CA ALA A 250 94.89 -51.08 -3.35
C ALA A 250 95.50 -49.90 -4.09
N ASP A 251 96.83 -49.84 -4.14
CA ASP A 251 97.51 -48.69 -4.71
C ASP A 251 97.15 -48.49 -6.18
N VAL A 252 96.81 -47.26 -6.52
CA VAL A 252 96.36 -46.90 -7.86
C VAL A 252 97.15 -45.66 -8.25
N ILE A 253 97.29 -45.41 -9.56
CA ILE A 253 98.09 -44.28 -10.05
C ILE A 253 97.79 -42.99 -9.30
N SER A 254 96.52 -42.66 -9.18
CA SER A 254 96.09 -41.46 -8.45
C SER A 254 96.63 -41.44 -7.03
N THR A 255 96.65 -42.60 -6.39
CA THR A 255 97.18 -42.73 -5.03
C THR A 255 98.70 -42.58 -5.06
N TYR A 256 99.33 -43.35 -5.94
CA TYR A 256 100.78 -43.32 -6.12
C TYR A 256 101.24 -41.88 -6.32
N ILE A 257 100.54 -41.15 -7.17
CA ILE A 257 100.80 -39.72 -7.40
C ILE A 257 100.73 -38.91 -6.11
N TYR A 258 99.64 -39.08 -5.35
CA TYR A 258 99.44 -38.37 -4.08
C TYR A 258 100.58 -38.60 -3.07
N ARG A 259 100.87 -39.88 -2.84
CA ARG A 259 101.86 -40.29 -1.85
C ARG A 259 103.20 -39.64 -2.12
N LEU A 260 103.59 -39.67 -3.39
CA LEU A 260 104.85 -39.11 -3.83
C LEU A 260 104.80 -37.59 -3.95
N GLY A 261 103.70 -37.11 -4.53
CA GLY A 261 103.54 -35.70 -4.82
C GLY A 261 103.47 -34.82 -3.59
N LEU A 262 102.57 -35.17 -2.68
CA LEU A 262 102.33 -34.38 -1.48
C LEU A 262 103.03 -34.95 -0.25
N GLN A 263 102.67 -36.16 0.14
CA GLN A 263 103.30 -36.84 1.27
C GLN A 263 104.81 -36.94 1.08
N GLY A 264 105.23 -37.70 0.06
CA GLY A 264 106.63 -37.92 -0.23
C GLY A 264 107.39 -36.70 -0.74
N ALA A 265 106.64 -35.65 -1.06
CA ALA A 265 107.17 -34.37 -1.54
C ALA A 265 108.03 -34.45 -2.80
N ARG A 266 107.78 -35.45 -3.63
CA ARG A 266 108.38 -35.53 -4.97
C ARG A 266 107.45 -35.09 -6.07
N TYR A 267 107.76 -33.93 -6.61
CA TYR A 267 106.86 -33.21 -7.48
C TYR A 267 107.07 -33.60 -8.94
N ASP A 268 108.26 -33.36 -9.48
CA ASP A 268 108.57 -33.59 -10.88
C ASP A 268 108.16 -34.96 -11.45
N ILE A 269 108.54 -36.01 -10.74
CA ILE A 269 108.24 -37.38 -11.14
C ILE A 269 106.76 -37.69 -11.03
N ALA A 270 106.10 -36.99 -10.12
CA ALA A 270 104.66 -37.12 -9.91
C ALA A 270 103.98 -36.36 -11.02
N THR A 271 104.24 -35.06 -11.10
CA THR A 271 103.64 -34.23 -12.14
C THR A 271 103.77 -34.93 -13.49
N ALA A 272 104.94 -35.50 -13.75
CA ALA A 272 105.14 -36.27 -14.97
C ALA A 272 104.23 -37.50 -15.00
N ALA A 273 104.13 -38.20 -13.86
CA ALA A 273 103.23 -39.33 -13.76
C ALA A 273 101.78 -38.85 -13.81
N GLY A 274 101.60 -37.57 -13.49
CA GLY A 274 100.31 -36.92 -13.62
C GLY A 274 99.95 -36.75 -15.08
N ILE A 275 100.96 -36.44 -15.90
CA ILE A 275 100.75 -36.26 -17.32
C ILE A 275 100.33 -37.57 -17.95
N PHE A 276 101.09 -38.63 -17.67
CA PHE A 276 100.79 -39.96 -18.17
C PHE A 276 99.36 -40.39 -17.83
N ASN A 277 98.86 -39.97 -16.68
CA ASN A 277 97.48 -40.23 -16.30
C ASN A 277 96.48 -39.32 -17.00
N ALA A 278 96.86 -38.06 -17.18
CA ALA A 278 95.99 -37.06 -17.79
C ALA A 278 95.82 -37.26 -19.28
N VAL A 279 96.92 -37.55 -19.97
CA VAL A 279 96.90 -37.77 -21.41
C VAL A 279 96.05 -38.99 -21.78
N VAL A 280 96.33 -40.11 -21.12
CA VAL A 280 95.57 -41.34 -21.34
C VAL A 280 94.08 -41.12 -21.07
N ALA A 281 93.76 -40.39 -20.00
CA ALA A 281 92.39 -40.02 -19.71
C ALA A 281 91.79 -39.21 -20.85
N LEU A 282 92.55 -38.23 -21.35
CA LEU A 282 92.14 -37.43 -22.50
C LEU A 282 92.08 -38.28 -23.77
N VAL A 283 92.93 -39.30 -23.84
CA VAL A 283 92.90 -40.25 -24.93
C VAL A 283 91.66 -41.14 -24.87
N ILE A 284 91.42 -41.74 -23.71
CA ILE A 284 90.34 -42.71 -23.56
C ILE A 284 88.95 -42.07 -23.66
N VAL A 285 88.84 -40.78 -23.40
CA VAL A 285 87.58 -40.09 -23.56
C VAL A 285 87.33 -39.74 -25.03
N LEU A 286 88.42 -39.57 -25.78
CA LEU A 286 88.34 -39.30 -27.21
C LEU A 286 87.89 -40.56 -27.94
N PHE A 287 88.53 -41.68 -27.59
CA PHE A 287 88.14 -42.98 -28.14
C PHE A 287 86.72 -43.34 -27.69
N ALA A 288 86.30 -42.75 -26.58
CA ALA A 288 84.95 -42.95 -26.05
C ALA A 288 83.96 -42.15 -26.89
N ASN A 289 84.12 -40.83 -26.85
CA ASN A 289 83.25 -39.89 -27.55
C ASN A 289 83.02 -40.26 -29.02
N HIS A 290 84.10 -40.63 -29.71
CA HIS A 290 84.03 -41.09 -31.10
C HIS A 290 83.02 -42.21 -31.27
N MET A 291 83.35 -43.38 -30.70
CA MET A 291 82.51 -44.58 -30.78
C MET A 291 81.10 -44.37 -30.25
N SER A 292 80.94 -43.43 -29.32
CA SER A 292 79.62 -43.12 -28.77
C SER A 292 78.79 -42.37 -29.79
N ARG A 293 79.20 -41.16 -30.13
CA ARG A 293 78.48 -40.33 -31.11
C ARG A 293 78.26 -41.07 -32.43
N ARG A 294 79.30 -41.72 -32.92
CA ARG A 294 79.24 -42.51 -34.16
C ARG A 294 78.13 -43.56 -34.12
N ILE A 295 78.32 -44.59 -33.30
CA ILE A 295 77.37 -45.71 -33.28
C ILE A 295 76.05 -45.30 -32.63
N THR A 296 76.11 -44.72 -31.43
CA THR A 296 74.88 -44.25 -30.80
C THR A 296 74.71 -42.77 -31.09
N LYS A 297 74.14 -42.46 -32.25
CA LYS A 297 73.42 -41.20 -32.51
C LYS A 297 74.19 -39.95 -32.08
N THR B 4 49.18 -48.39 -16.69
CA THR B 4 48.15 -48.31 -15.66
C THR B 4 47.36 -49.61 -15.43
N PRO B 5 46.84 -50.23 -16.51
CA PRO B 5 45.78 -51.20 -16.21
C PRO B 5 46.24 -52.65 -16.01
N PHE B 6 47.11 -52.91 -15.03
CA PHE B 6 47.22 -54.24 -14.42
C PHE B 6 47.31 -55.40 -15.42
N TYR B 7 46.33 -56.30 -15.30
CA TYR B 7 46.14 -57.46 -16.18
C TYR B 7 47.25 -58.52 -16.10
N SER B 8 47.91 -58.78 -17.22
CA SER B 8 48.56 -60.08 -17.48
C SER B 8 49.46 -60.62 -16.37
N ARG B 9 49.43 -61.94 -16.21
CA ARG B 9 50.25 -62.66 -15.24
C ARG B 9 51.75 -62.42 -15.43
N SER B 10 52.19 -62.34 -16.69
CA SER B 10 53.59 -62.08 -17.01
C SER B 10 54.04 -60.72 -16.50
N ASP B 11 53.07 -59.91 -16.07
CA ASP B 11 53.34 -58.60 -15.47
C ASP B 11 53.18 -58.71 -13.96
N ARG B 12 51.97 -59.10 -13.53
CA ARG B 12 51.60 -59.15 -12.11
C ARG B 12 52.64 -59.83 -11.23
N ILE B 13 53.13 -61.00 -11.65
CA ILE B 13 54.20 -61.68 -10.93
C ILE B 13 55.48 -60.86 -10.97
N PHE B 14 55.90 -60.48 -12.17
CA PHE B 14 57.08 -59.63 -12.36
C PHE B 14 57.00 -58.37 -11.49
N GLY B 15 55.84 -57.75 -11.48
CA GLY B 15 55.63 -56.53 -10.72
C GLY B 15 55.85 -56.71 -9.23
N ILE B 16 55.43 -57.84 -8.70
CA ILE B 16 55.55 -58.10 -7.27
C ILE B 16 57.00 -58.40 -6.89
N VAL B 17 57.64 -59.31 -7.62
CA VAL B 17 59.02 -59.68 -7.33
C VAL B 17 59.97 -58.51 -7.52
N ASN B 18 59.56 -57.52 -8.31
CA ASN B 18 60.34 -56.30 -8.47
C ASN B 18 60.31 -55.46 -7.20
N ALA B 19 59.10 -55.25 -6.68
CA ALA B 19 58.91 -54.45 -5.47
C ALA B 19 59.56 -55.08 -4.25
N VAL B 20 59.62 -56.41 -4.22
CA VAL B 20 60.28 -57.11 -3.12
C VAL B 20 61.80 -56.98 -3.21
N LEU B 21 62.35 -57.29 -4.37
CA LEU B 21 63.79 -57.17 -4.62
C LEU B 21 64.28 -55.75 -4.34
N LEU B 22 63.55 -54.77 -4.87
CA LEU B 22 63.84 -53.36 -4.64
C LEU B 22 63.71 -53.05 -3.16
N GLY B 23 62.71 -53.63 -2.52
CA GLY B 23 62.48 -53.48 -1.10
C GLY B 23 63.66 -54.03 -0.32
N ILE B 24 64.11 -55.22 -0.69
CA ILE B 24 65.28 -55.84 -0.08
C ILE B 24 66.50 -54.93 -0.18
N PHE B 25 66.76 -54.45 -1.40
CA PHE B 25 67.86 -53.51 -1.65
C PHE B 25 67.71 -52.25 -0.80
N ALA B 26 66.47 -51.78 -0.69
CA ALA B 26 66.14 -50.59 0.09
C ALA B 26 66.50 -50.77 1.56
N LEU B 27 66.22 -51.96 2.10
CA LEU B 27 66.52 -52.27 3.48
C LEU B 27 68.02 -52.32 3.71
N CYS B 28 68.73 -52.90 2.75
CA CYS B 28 70.19 -52.96 2.80
C CYS B 28 70.79 -51.55 2.85
N ALA B 29 70.17 -50.62 2.13
CA ALA B 29 70.65 -49.25 2.07
C ALA B 29 70.32 -48.46 3.34
N LEU B 30 69.18 -48.76 3.97
CA LEU B 30 68.77 -48.06 5.18
C LEU B 30 69.40 -48.68 6.43
N TYR B 31 69.92 -49.90 6.29
CA TYR B 31 70.44 -50.64 7.44
C TYR B 31 71.59 -49.95 8.20
N PRO B 32 72.66 -49.53 7.50
CA PRO B 32 73.76 -48.95 8.27
C PRO B 32 73.36 -47.67 9.00
N ILE B 33 72.41 -46.92 8.44
CA ILE B 33 71.98 -45.66 9.02
C ILE B 33 71.26 -45.86 10.36
N ILE B 34 70.40 -46.87 10.42
CA ILE B 34 69.67 -47.14 11.66
C ILE B 34 70.59 -47.86 12.64
N TYR B 35 71.58 -48.58 12.12
CA TYR B 35 72.55 -49.27 12.96
C TYR B 35 73.31 -48.33 13.88
N ILE B 36 74.15 -47.48 13.29
CA ILE B 36 74.98 -46.55 14.06
C ILE B 36 74.15 -45.58 14.90
N PHE B 37 72.94 -45.29 14.45
CA PHE B 37 72.01 -44.47 15.21
C PHE B 37 71.68 -45.17 16.52
N SER B 38 71.47 -46.47 16.44
CA SER B 38 71.24 -47.30 17.62
C SER B 38 72.54 -47.51 18.39
N MET B 39 73.60 -47.84 17.66
CA MET B 39 74.91 -48.12 18.25
C MET B 39 75.45 -46.91 19.02
N SER B 40 75.21 -45.72 18.49
CA SER B 40 75.60 -44.47 19.15
C SER B 40 74.92 -44.31 20.51
N ILE B 41 73.65 -44.73 20.57
CA ILE B 41 72.87 -44.61 21.79
C ILE B 41 73.25 -45.71 22.78
N SER B 42 73.73 -46.84 22.25
CA SER B 42 74.00 -48.01 23.09
C SER B 42 75.18 -47.79 24.03
N SER B 43 75.48 -48.80 24.83
CA SER B 43 76.56 -48.72 25.82
C SER B 43 77.80 -49.43 25.31
N GLY B 44 78.96 -48.93 25.70
CA GLY B 44 80.22 -49.49 25.28
C GLY B 44 80.36 -51.00 25.44
N ALA B 45 80.02 -51.48 26.63
CA ALA B 45 80.08 -52.91 26.93
C ALA B 45 79.19 -53.73 26.00
N ALA B 46 78.01 -53.21 25.71
CA ALA B 46 77.03 -53.89 24.85
C ALA B 46 77.57 -54.07 23.43
N VAL B 47 78.05 -52.98 22.84
CA VAL B 47 78.53 -52.99 21.48
C VAL B 47 79.80 -53.84 21.34
N THR B 48 80.60 -53.86 22.41
CA THR B 48 81.92 -54.46 22.39
C THR B 48 81.91 -55.97 22.08
N GLN B 49 80.79 -56.64 22.36
CA GLN B 49 80.76 -58.08 22.12
C GLN B 49 79.68 -58.60 21.17
N GLY B 50 78.48 -58.86 21.70
CA GLY B 50 77.44 -59.52 20.91
C GLY B 50 76.20 -58.75 20.51
N ARG B 51 76.00 -57.57 21.08
CA ARG B 51 74.68 -56.95 21.05
C ARG B 51 74.40 -56.04 19.86
N VAL B 52 73.33 -55.27 19.98
CA VAL B 52 72.78 -54.42 18.92
C VAL B 52 72.33 -55.28 17.72
N PHE B 53 73.01 -55.08 16.58
CA PHE B 53 72.68 -55.65 15.27
C PHE B 53 71.49 -54.94 14.61
N LEU B 54 70.57 -54.43 15.43
CA LEU B 54 69.52 -53.53 14.95
C LEU B 54 69.22 -52.39 15.93
N LEU B 55 68.66 -52.77 17.07
CA LEU B 55 68.16 -51.83 18.07
C LEU B 55 69.22 -51.46 19.12
N PRO B 56 69.03 -50.31 19.80
CA PRO B 56 69.91 -49.98 20.93
C PRO B 56 69.73 -51.02 22.03
N VAL B 57 70.69 -51.15 22.94
CA VAL B 57 70.59 -52.15 23.98
C VAL B 57 70.63 -51.60 25.41
N ASP B 58 71.81 -51.24 25.87
CA ASP B 58 71.99 -50.81 27.25
C ASP B 58 71.99 -49.28 27.40
N ILE B 59 71.70 -48.58 26.30
CA ILE B 59 71.59 -47.12 26.23
C ILE B 59 72.76 -46.41 26.94
N ASP B 60 72.43 -45.63 27.97
CA ASP B 60 73.37 -44.86 28.80
C ASP B 60 73.80 -43.54 28.14
N PHE B 61 73.61 -43.42 26.83
CA PHE B 61 73.69 -42.12 26.14
C PHE B 61 75.01 -41.38 26.35
N SER B 62 76.07 -42.11 26.73
CA SER B 62 77.26 -41.48 27.27
C SER B 62 78.25 -41.04 26.19
N ALA B 63 78.12 -41.58 24.99
CA ALA B 63 79.09 -41.31 23.94
C ALA B 63 78.96 -39.87 23.44
N TYR B 64 77.72 -39.38 23.40
CA TYR B 64 77.43 -38.04 22.94
C TYR B 64 78.08 -36.96 23.80
N GLY B 65 78.10 -37.19 25.11
CA GLY B 65 78.72 -36.26 26.06
C GLY B 65 80.16 -35.94 25.72
N ARG B 66 80.89 -36.94 25.23
CA ARG B 66 82.26 -36.76 24.77
C ARG B 66 82.38 -35.74 23.64
N VAL B 67 81.64 -35.98 22.56
CA VAL B 67 81.70 -35.13 21.38
C VAL B 67 81.14 -33.73 21.66
N LEU B 68 80.12 -33.64 22.50
CA LEU B 68 79.54 -32.35 22.86
C LEU B 68 80.55 -31.41 23.52
N HIS B 69 81.48 -31.98 24.28
CA HIS B 69 82.53 -31.18 24.92
C HIS B 69 83.81 -31.13 24.10
N ASP B 70 83.79 -31.74 22.92
CA ASP B 70 84.92 -31.64 22.00
C ASP B 70 84.88 -30.31 21.26
N LYS B 71 85.94 -29.52 21.43
CA LYS B 71 85.98 -28.18 20.83
C LYS B 71 86.32 -28.24 19.36
N LEU B 72 87.27 -29.11 19.01
CA LEU B 72 87.67 -29.28 17.61
C LEU B 72 86.48 -29.71 16.77
N PHE B 73 85.65 -30.59 17.32
CA PHE B 73 84.47 -31.08 16.63
C PHE B 73 83.58 -29.91 16.24
N TRP B 74 83.20 -29.12 17.24
CA TRP B 74 82.39 -27.92 17.04
C TRP B 74 83.13 -26.82 16.30
N THR B 75 84.45 -26.82 16.40
CA THR B 75 85.28 -25.87 15.65
C THR B 75 85.22 -26.21 14.18
N SER B 76 85.42 -27.49 13.88
CA SER B 76 85.46 -27.97 12.51
C SER B 76 84.07 -27.91 11.86
N TYR B 77 83.04 -28.16 12.65
CA TYR B 77 81.67 -28.03 12.19
C TYR B 77 81.39 -26.61 11.70
N ALA B 78 81.85 -25.63 12.47
CA ALA B 78 81.70 -24.22 12.14
C ALA B 78 82.40 -23.86 10.83
N ASN B 79 83.57 -24.45 10.61
CA ASN B 79 84.33 -24.22 9.39
C ASN B 79 83.59 -24.65 8.12
N THR B 80 82.92 -25.80 8.17
CA THR B 80 82.16 -26.26 7.02
C THR B 80 80.98 -25.37 6.74
N ILE B 81 80.27 -24.97 7.79
CA ILE B 81 79.14 -24.05 7.65
C ILE B 81 79.62 -22.74 7.03
N PHE B 82 80.81 -22.30 7.43
CA PHE B 82 81.43 -21.14 6.81
C PHE B 82 81.74 -21.43 5.34
N TYR B 83 82.43 -22.54 5.11
CA TYR B 83 82.86 -22.92 3.77
C TYR B 83 81.68 -23.18 2.85
N THR B 84 80.64 -23.83 3.35
CA THR B 84 79.47 -24.11 2.53
C THR B 84 78.75 -22.82 2.14
N VAL B 85 78.41 -22.01 3.14
CA VAL B 85 77.66 -20.77 2.89
C VAL B 85 78.42 -19.81 1.97
N PHE B 86 79.63 -19.43 2.37
CA PHE B 86 80.39 -18.46 1.59
C PHE B 86 80.96 -19.06 0.32
N GLY B 87 81.32 -20.34 0.37
CA GLY B 87 81.82 -21.04 -0.81
C GLY B 87 80.82 -21.11 -1.94
N VAL B 88 79.56 -21.32 -1.60
CA VAL B 88 78.49 -21.34 -2.59
C VAL B 88 78.33 -19.96 -3.21
N VAL B 89 78.18 -18.94 -2.37
CA VAL B 89 77.98 -17.57 -2.84
C VAL B 89 79.09 -17.11 -3.78
N THR B 90 80.33 -17.45 -3.44
CA THR B 90 81.47 -17.13 -4.28
C THR B 90 81.37 -17.87 -5.61
N SER B 91 80.83 -19.08 -5.57
CA SER B 91 80.62 -19.86 -6.78
C SER B 91 79.51 -19.23 -7.62
N LEU B 92 78.41 -18.87 -6.97
CA LEU B 92 77.27 -18.26 -7.64
C LEU B 92 77.67 -16.98 -8.37
N ILE B 93 78.37 -16.10 -7.66
CA ILE B 93 78.78 -14.80 -8.20
C ILE B 93 79.71 -14.99 -9.41
N PHE B 94 80.51 -16.06 -9.38
CA PHE B 94 81.40 -16.37 -10.49
C PHE B 94 80.74 -17.12 -11.63
N ILE B 95 79.62 -17.80 -11.36
CA ILE B 95 78.99 -18.67 -12.36
C ILE B 95 77.75 -18.03 -12.98
N VAL B 96 76.74 -17.76 -12.15
CA VAL B 96 75.43 -17.28 -12.63
C VAL B 96 75.49 -16.15 -13.66
N PRO B 97 76.22 -15.05 -13.37
CA PRO B 97 76.34 -14.06 -14.45
C PRO B 97 77.21 -14.56 -15.60
N GLY B 98 78.25 -15.33 -15.29
CA GLY B 98 79.16 -15.84 -16.27
C GLY B 98 78.48 -16.70 -17.32
N ALA B 99 77.52 -17.50 -16.88
CA ALA B 99 76.75 -18.32 -17.81
C ALA B 99 75.73 -17.48 -18.57
N TYR B 100 75.18 -16.47 -17.90
CA TYR B 100 74.22 -15.57 -18.54
C TYR B 100 74.83 -14.93 -19.77
N ALA B 101 76.09 -14.51 -19.64
CA ALA B 101 76.82 -13.99 -20.79
C ALA B 101 77.07 -15.09 -21.81
N LEU B 102 77.43 -16.26 -21.31
CA LEU B 102 77.70 -17.41 -22.17
C LEU B 102 76.46 -17.88 -22.92
N SER B 103 75.29 -17.55 -22.40
CA SER B 103 74.04 -17.97 -23.03
C SER B 103 73.72 -17.21 -24.30
N LYS B 104 73.80 -15.88 -24.23
CA LYS B 104 73.48 -15.04 -25.38
C LYS B 104 74.53 -15.20 -26.47
N PRO B 105 74.13 -15.72 -27.64
CA PRO B 105 75.10 -15.93 -28.71
C PRO B 105 75.27 -14.72 -29.62
N ARG B 106 75.37 -13.53 -29.04
CA ARG B 106 75.80 -12.36 -29.78
C ARG B 106 77.27 -12.08 -29.48
N ILE B 107 77.81 -12.85 -28.55
CA ILE B 107 79.17 -12.68 -28.07
C ILE B 107 80.19 -13.24 -29.07
N ARG B 108 81.26 -12.50 -29.32
CA ARG B 108 82.32 -12.98 -30.21
C ARG B 108 82.99 -14.20 -29.59
N GLY B 109 83.37 -14.08 -28.33
CA GLY B 109 84.08 -15.14 -27.62
C GLY B 109 83.24 -16.39 -27.38
N ARG B 110 81.95 -16.31 -27.68
CA ARG B 110 80.99 -17.39 -27.41
C ARG B 110 81.51 -18.75 -27.88
N ARG B 111 82.18 -18.75 -29.02
CA ARG B 111 82.86 -19.93 -29.53
C ARG B 111 84.08 -20.30 -28.70
N VAL B 112 85.00 -19.35 -28.53
CA VAL B 112 86.28 -19.63 -27.90
C VAL B 112 86.21 -19.65 -26.37
N PHE B 113 85.38 -18.80 -25.78
CA PHE B 113 85.24 -18.76 -24.32
C PHE B 113 84.62 -20.06 -23.83
N GLY B 114 83.67 -20.58 -24.60
CA GLY B 114 83.04 -21.84 -24.28
C GLY B 114 84.06 -22.96 -24.29
N PHE B 115 84.95 -22.94 -25.28
CA PHE B 115 86.01 -23.93 -25.38
C PHE B 115 86.94 -23.89 -24.17
N ILE B 116 87.36 -22.69 -23.80
CA ILE B 116 88.21 -22.49 -22.63
C ILE B 116 87.66 -23.20 -21.40
N ILE B 117 86.46 -22.82 -20.99
CA ILE B 117 85.79 -23.43 -19.85
C ILE B 117 85.63 -24.94 -20.00
N ALA B 118 84.98 -25.36 -21.08
CA ALA B 118 84.63 -26.76 -21.29
C ALA B 118 85.85 -27.68 -21.42
N PHE B 119 86.96 -27.14 -21.93
CA PHE B 119 88.16 -27.95 -22.15
C PHE B 119 88.69 -28.51 -20.83
N THR B 120 88.43 -27.78 -19.75
CA THR B 120 88.88 -28.17 -18.41
C THR B 120 88.22 -29.45 -17.93
N MET B 121 87.10 -29.81 -18.55
CA MET B 121 86.39 -31.04 -18.20
C MET B 121 87.23 -32.28 -18.47
N TRP B 122 87.64 -32.44 -19.71
CA TRP B 122 88.23 -33.69 -20.16
C TRP B 122 89.75 -33.70 -20.04
N PHE B 123 90.33 -32.54 -19.75
CA PHE B 123 91.77 -32.45 -19.50
C PHE B 123 92.06 -31.55 -18.32
N ASN B 124 92.87 -32.06 -17.39
CA ASN B 124 93.26 -31.32 -16.21
C ASN B 124 94.78 -31.28 -16.05
N ALA B 125 95.28 -30.19 -15.49
CA ALA B 125 96.72 -30.00 -15.28
C ALA B 125 97.32 -31.10 -14.41
N GLY B 126 96.49 -31.73 -13.58
CA GLY B 126 96.94 -32.77 -12.68
C GLY B 126 96.94 -32.33 -11.24
N MET B 127 97.14 -33.29 -10.34
CA MET B 127 97.14 -33.06 -8.90
C MET B 127 98.15 -32.01 -8.42
N ILE B 128 99.44 -32.33 -8.60
CA ILE B 128 100.53 -31.49 -8.10
C ILE B 128 100.55 -30.06 -8.66
N PRO B 129 100.42 -29.88 -10.00
CA PRO B 129 100.47 -28.51 -10.52
C PRO B 129 99.39 -27.59 -9.96
N PHE B 130 98.25 -28.15 -9.58
CA PHE B 130 97.20 -27.36 -8.96
C PHE B 130 97.69 -26.91 -7.58
N PHE B 131 98.26 -27.85 -6.82
CA PHE B 131 98.77 -27.57 -5.49
C PHE B 131 99.88 -26.52 -5.52
N LEU B 132 100.80 -26.66 -6.47
CA LEU B 132 101.92 -25.73 -6.60
C LEU B 132 101.45 -24.33 -6.92
N ASN B 133 100.47 -24.21 -7.80
CA ASN B 133 99.91 -22.92 -8.15
C ASN B 133 99.20 -22.30 -6.94
N MET B 134 98.67 -23.17 -6.08
CA MET B 134 98.08 -22.73 -4.82
C MET B 134 99.16 -22.17 -3.91
N ARG B 135 100.36 -22.75 -3.99
CA ARG B 135 101.47 -22.38 -3.12
C ARG B 135 101.98 -20.97 -3.40
N ASP B 136 102.32 -20.70 -4.66
CA ASP B 136 102.90 -19.41 -5.01
C ASP B 136 101.84 -18.32 -5.20
N LEU B 137 100.57 -18.71 -5.05
CA LEU B 137 99.50 -17.72 -4.99
C LEU B 137 99.25 -17.32 -3.54
N GLY B 138 99.95 -17.98 -2.62
CA GLY B 138 99.86 -17.65 -1.21
C GLY B 138 98.52 -18.01 -0.59
N LEU B 139 97.84 -18.98 -1.18
CA LEU B 139 96.50 -19.34 -0.72
C LEU B 139 96.51 -20.54 0.22
N LEU B 140 97.69 -21.09 0.49
CA LEU B 140 97.79 -22.24 1.37
C LEU B 140 97.45 -21.86 2.81
N ASP B 141 96.81 -22.79 3.52
CA ASP B 141 96.37 -22.58 4.90
C ASP B 141 95.55 -21.30 5.05
N ASN B 142 94.72 -21.02 4.05
CA ASN B 142 93.93 -19.80 4.02
C ASN B 142 92.49 -20.10 3.64
N ARG B 143 91.56 -19.59 4.43
CA ARG B 143 90.15 -19.85 4.21
C ARG B 143 89.65 -19.29 2.89
N PHE B 144 90.01 -18.04 2.59
CA PHE B 144 89.65 -17.43 1.32
C PHE B 144 90.29 -18.18 0.16
N GLY B 145 91.43 -18.81 0.43
CA GLY B 145 92.11 -19.66 -0.54
C GLY B 145 91.29 -20.87 -0.88
N ILE B 146 90.52 -21.35 0.09
CA ILE B 146 89.65 -22.51 -0.11
C ILE B 146 88.40 -22.07 -0.88
N LEU B 147 87.87 -20.91 -0.51
CA LEU B 147 86.68 -20.35 -1.16
C LEU B 147 86.91 -20.08 -2.65
N ILE B 148 87.90 -19.24 -2.94
CA ILE B 148 88.18 -18.84 -4.31
C ILE B 148 88.95 -19.93 -5.06
N GLY B 149 89.49 -20.88 -4.30
CA GLY B 149 90.21 -22.00 -4.87
C GLY B 149 89.31 -22.87 -5.72
N PHE B 150 88.15 -23.21 -5.17
CA PHE B 150 87.16 -23.96 -5.93
C PHE B 150 85.83 -23.23 -5.88
N ALA B 151 85.48 -22.64 -7.01
CA ALA B 151 84.23 -21.92 -7.16
C ALA B 151 83.58 -22.33 -8.46
N CYS B 152 84.26 -22.02 -9.56
CA CYS B 152 83.74 -22.33 -10.89
C CYS B 152 83.99 -23.80 -11.23
N ASN B 153 82.91 -24.48 -11.59
CA ASN B 153 83.01 -25.80 -12.21
C ASN B 153 82.49 -25.66 -13.63
N ALA B 154 83.11 -26.36 -14.56
CA ALA B 154 82.66 -26.30 -15.96
C ALA B 154 81.21 -26.78 -16.09
N PHE B 155 80.89 -27.87 -15.41
CA PHE B 155 79.55 -28.46 -15.45
C PHE B 155 78.48 -27.47 -14.99
N ASN B 156 78.72 -26.83 -13.85
CA ASN B 156 77.77 -25.89 -13.28
C ASN B 156 77.58 -24.64 -14.13
N ILE B 157 78.52 -24.38 -15.03
CA ILE B 157 78.43 -23.25 -15.94
C ILE B 157 77.54 -23.58 -17.13
N ILE B 158 77.96 -24.57 -17.92
CA ILE B 158 77.21 -24.96 -19.12
C ILE B 158 75.79 -25.40 -18.81
N LEU B 159 75.56 -25.85 -17.57
CA LEU B 159 74.21 -26.19 -17.14
C LEU B 159 73.40 -24.93 -16.93
N MET B 160 74.06 -23.91 -16.40
CA MET B 160 73.41 -22.62 -16.13
C MET B 160 73.17 -21.86 -17.43
N ARG B 161 74.08 -22.00 -18.39
CA ARG B 161 73.93 -21.29 -19.66
C ARG B 161 72.81 -21.93 -20.48
N ASN B 162 72.63 -23.24 -20.32
CA ASN B 162 71.63 -23.98 -21.08
C ASN B 162 70.22 -23.59 -20.65
N TYR B 163 70.04 -23.43 -19.34
CA TYR B 163 68.76 -22.99 -18.81
C TYR B 163 68.44 -21.57 -19.19
N PHE B 164 69.47 -20.74 -19.25
CA PHE B 164 69.31 -19.39 -19.75
C PHE B 164 68.91 -19.42 -21.22
N GLU B 165 69.67 -20.15 -22.03
CA GLU B 165 69.35 -20.32 -23.44
C GLU B 165 67.96 -20.90 -23.63
N SER B 166 67.55 -21.77 -22.70
CA SER B 166 66.25 -22.43 -22.78
C SER B 166 65.11 -21.43 -22.70
N ILE B 167 65.33 -20.36 -21.95
CA ILE B 167 64.32 -19.32 -21.79
C ILE B 167 64.19 -18.52 -23.07
N SER B 168 62.96 -18.31 -23.52
CA SER B 168 62.71 -17.49 -24.72
C SER B 168 63.32 -16.11 -24.56
N ALA B 169 63.93 -15.61 -25.63
CA ALA B 169 64.64 -14.34 -25.60
C ALA B 169 63.67 -13.16 -25.52
N SER B 170 62.38 -13.47 -25.66
CA SER B 170 61.34 -12.45 -25.68
C SER B 170 61.29 -11.61 -24.41
N PHE B 171 61.75 -12.18 -23.30
CA PHE B 171 61.79 -11.45 -22.04
C PHE B 171 62.83 -10.34 -22.08
N GLU B 172 64.05 -10.70 -22.49
CA GLU B 172 65.12 -9.73 -22.67
C GLU B 172 64.72 -8.70 -23.71
N GLU B 173 64.20 -9.17 -24.84
CA GLU B 173 63.77 -8.30 -25.92
C GLU B 173 62.73 -7.29 -25.45
N ALA B 174 61.73 -7.76 -24.73
CA ALA B 174 60.70 -6.90 -24.15
C ALA B 174 61.32 -5.87 -23.21
N ALA B 175 62.28 -6.32 -22.40
CA ALA B 175 62.96 -5.41 -21.49
C ALA B 175 63.73 -4.32 -22.24
N ARG B 176 64.48 -4.73 -23.27
CA ARG B 176 65.19 -3.78 -24.11
C ARG B 176 64.27 -2.75 -24.75
N MET B 177 63.10 -3.21 -25.22
CA MET B 177 62.12 -2.31 -25.82
C MET B 177 61.65 -1.27 -24.82
N ASP B 178 61.68 -1.66 -23.54
CA ASP B 178 61.29 -0.77 -22.46
C ASP B 178 62.50 -0.01 -21.92
N GLY B 179 63.69 -0.37 -22.39
CA GLY B 179 64.92 0.33 -22.03
C GLY B 179 65.87 -0.36 -21.06
N ALA B 180 65.41 -1.40 -20.39
CA ALA B 180 66.25 -2.16 -19.46
C ALA B 180 67.48 -2.79 -20.14
N ASN B 181 68.66 -2.61 -19.55
CA ASN B 181 69.90 -3.05 -20.18
C ASN B 181 70.70 -4.08 -19.37
N ASP B 182 70.79 -5.29 -19.91
CA ASP B 182 71.68 -6.35 -19.39
C ASP B 182 71.49 -6.67 -17.91
N LEU B 183 72.48 -6.35 -17.08
CA LEU B 183 72.51 -6.79 -15.67
C LEU B 183 71.17 -6.60 -14.95
N GLN B 184 70.50 -5.49 -15.21
CA GLN B 184 69.18 -5.25 -14.62
C GLN B 184 68.10 -6.17 -15.19
N ILE B 185 68.37 -6.74 -16.36
CA ILE B 185 67.50 -7.77 -16.92
C ILE B 185 67.77 -9.08 -16.19
N LEU B 186 69.05 -9.36 -15.96
CA LEU B 186 69.47 -10.59 -15.29
C LEU B 186 68.80 -10.73 -13.93
N TRP B 187 68.84 -9.66 -13.13
CA TRP B 187 68.31 -9.71 -11.78
C TRP B 187 66.79 -9.62 -11.69
N LYS B 188 66.18 -8.84 -12.57
CA LYS B 188 64.75 -8.57 -12.50
C LYS B 188 63.87 -9.71 -13.05
N VAL B 189 64.31 -10.33 -14.15
CA VAL B 189 63.47 -11.31 -14.82
C VAL B 189 64.18 -12.66 -14.98
N TYR B 190 65.33 -12.69 -15.67
CA TYR B 190 65.99 -13.97 -15.96
C TYR B 190 66.36 -14.78 -14.72
N ILE B 191 66.76 -14.12 -13.63
CA ILE B 191 67.09 -14.85 -12.40
C ILE B 191 65.86 -15.49 -11.73
N PRO B 192 64.78 -14.71 -11.49
CA PRO B 192 63.64 -15.41 -10.89
C PRO B 192 63.01 -16.44 -11.83
N LEU B 193 63.35 -16.33 -13.11
CA LEU B 193 62.96 -17.31 -14.11
C LEU B 193 63.87 -18.54 -13.99
N ALA B 194 65.08 -18.32 -13.50
CA ALA B 194 66.09 -19.35 -13.48
C ALA B 194 66.14 -20.13 -12.17
N LYS B 195 65.18 -19.88 -11.28
CA LYS B 195 65.15 -20.49 -9.95
C LYS B 195 65.48 -22.00 -9.96
N PRO B 196 64.88 -22.76 -10.91
CA PRO B 196 65.25 -24.20 -10.97
C PRO B 196 66.72 -24.46 -11.23
N ALA B 197 67.31 -23.76 -12.19
CA ALA B 197 68.73 -23.91 -12.49
C ALA B 197 69.54 -23.41 -11.31
N LEU B 198 69.04 -22.37 -10.67
CA LEU B 198 69.64 -21.80 -9.48
C LEU B 198 69.68 -22.84 -8.37
N ALA B 199 68.59 -23.59 -8.24
CA ALA B 199 68.49 -24.67 -7.27
C ALA B 199 69.56 -25.74 -7.44
N THR B 200 69.53 -26.43 -8.58
CA THR B 200 70.45 -27.53 -8.85
C THR B 200 71.92 -27.15 -8.69
N ILE B 201 72.22 -25.88 -8.93
CA ILE B 201 73.56 -25.34 -8.75
C ILE B 201 73.93 -25.11 -7.28
N THR B 202 73.18 -24.24 -6.60
CA THR B 202 73.46 -23.94 -5.20
C THR B 202 73.44 -25.20 -4.33
N LEU B 203 72.73 -26.22 -4.79
CA LEU B 203 72.75 -27.52 -4.15
C LEU B 203 74.04 -28.30 -4.36
N LEU B 204 74.44 -28.46 -5.62
CA LEU B 204 75.62 -29.25 -5.95
C LEU B 204 76.86 -28.61 -5.34
N CYS B 205 76.90 -27.28 -5.31
CA CYS B 205 78.01 -26.59 -4.70
C CYS B 205 77.98 -26.79 -3.20
N ALA B 206 76.78 -26.74 -2.60
CA ALA B 206 76.61 -26.94 -1.18
C ALA B 206 77.25 -28.25 -0.70
N ILE B 207 76.70 -29.38 -1.18
CA ILE B 207 77.20 -30.70 -0.77
C ILE B 207 78.68 -30.86 -1.07
N SER B 208 79.14 -30.22 -2.14
CA SER B 208 80.55 -30.25 -2.52
C SER B 208 81.43 -29.62 -1.45
N ARG B 209 80.91 -28.58 -0.80
CA ARG B 209 81.61 -27.92 0.28
C ARG B 209 81.50 -28.69 1.58
N TRP B 210 80.30 -29.19 1.87
CA TRP B 210 80.04 -29.88 3.13
C TRP B 210 80.83 -31.17 3.25
N ASN B 211 80.79 -31.98 2.18
CA ASN B 211 81.44 -33.28 2.19
C ASN B 211 82.84 -33.24 1.59
N GLY B 212 83.29 -32.03 1.23
CA GLY B 212 84.62 -31.85 0.68
C GLY B 212 85.68 -32.22 1.69
N TYR B 213 86.66 -33.02 1.26
CA TYR B 213 87.69 -33.50 2.17
C TYR B 213 89.12 -33.25 1.68
N PHE B 214 89.47 -33.86 0.54
CA PHE B 214 90.87 -33.92 0.09
C PHE B 214 91.60 -32.58 0.07
N TRP B 215 91.20 -31.71 -0.84
CA TRP B 215 91.89 -30.45 -1.05
C TRP B 215 91.84 -29.55 0.19
N ALA B 216 90.89 -29.82 1.08
CA ALA B 216 90.84 -29.10 2.35
C ALA B 216 92.01 -29.51 3.24
N MET B 217 92.17 -30.81 3.46
CA MET B 217 93.22 -31.31 4.36
C MET B 217 94.62 -31.12 3.77
N VAL B 218 94.69 -30.98 2.45
CA VAL B 218 95.94 -30.72 1.76
C VAL B 218 96.39 -29.26 1.84
N LEU B 219 95.45 -28.34 1.65
CA LEU B 219 95.78 -26.93 1.56
C LEU B 219 95.75 -26.24 2.92
N LEU B 220 95.27 -26.95 3.94
CA LEU B 220 95.14 -26.38 5.28
C LEU B 220 96.17 -26.98 6.25
N ARG B 221 96.61 -26.15 7.18
CA ARG B 221 97.62 -26.55 8.16
C ARG B 221 97.06 -26.28 9.55
N ALA B 222 96.78 -25.02 9.84
CA ALA B 222 96.21 -24.61 11.11
C ALA B 222 94.91 -25.38 11.38
N GLU B 223 94.87 -26.05 12.54
CA GLU B 223 93.76 -26.94 12.89
C GLU B 223 92.43 -26.20 13.04
N GLU B 224 92.48 -24.92 13.39
CA GLU B 224 91.25 -24.14 13.58
C GLU B 224 90.53 -23.83 12.27
N LYS B 225 91.23 -24.00 11.15
CA LYS B 225 90.62 -23.79 9.84
C LYS B 225 90.02 -25.06 9.28
N ILE B 226 90.26 -26.18 9.96
CA ILE B 226 89.87 -27.50 9.45
C ILE B 226 88.35 -27.63 9.42
N PRO B 227 87.81 -28.07 8.27
CA PRO B 227 86.38 -28.22 7.97
C PRO B 227 85.81 -29.63 8.18
N LEU B 228 85.53 -30.01 9.42
CA LEU B 228 84.83 -31.25 9.71
C LEU B 228 85.55 -32.44 9.10
N GLN B 229 85.02 -32.94 7.99
CA GLN B 229 85.42 -34.22 7.39
C GLN B 229 86.92 -34.48 7.43
N VAL B 230 87.71 -33.40 7.34
CA VAL B 230 89.14 -33.47 7.60
C VAL B 230 89.40 -33.93 9.03
N TYR B 231 88.80 -33.23 9.99
CA TYR B 231 88.89 -33.62 11.40
C TYR B 231 88.21 -34.96 11.64
N LEU B 232 87.16 -35.21 10.87
CA LEU B 232 86.45 -36.48 10.95
C LEU B 232 87.35 -37.62 10.50
N LYS B 233 88.20 -37.36 9.51
CA LYS B 233 89.14 -38.37 9.03
C LYS B 233 89.99 -38.92 10.18
N LYS B 234 90.64 -38.03 10.92
CA LYS B 234 91.47 -38.40 12.06
C LYS B 234 90.77 -39.38 13.00
N THR B 235 89.68 -38.93 13.61
CA THR B 235 88.96 -39.71 14.62
C THR B 235 88.22 -40.94 14.08
N ILE B 236 87.55 -40.81 12.94
CA ILE B 236 86.65 -41.85 12.45
C ILE B 236 87.33 -43.02 11.70
N VAL B 237 88.34 -42.75 10.87
CA VAL B 237 88.94 -43.84 10.10
C VAL B 237 90.30 -44.24 10.70
N ASP B 238 91.25 -43.31 10.81
CA ASP B 238 92.58 -43.57 11.35
C ASP B 238 92.49 -44.31 12.69
N LEU B 239 91.59 -43.85 13.55
CA LEU B 239 91.23 -44.53 14.79
C LEU B 239 92.41 -44.76 15.72
N ASN B 240 93.31 -43.78 15.78
CA ASN B 240 94.31 -43.74 16.83
C ASN B 240 94.13 -42.43 17.61
N VAL B 241 94.16 -42.53 18.94
CA VAL B 241 93.70 -41.44 19.79
C VAL B 241 94.68 -41.13 20.90
N ASN B 242 94.47 -40.00 21.57
CA ASN B 242 95.27 -39.63 22.72
C ASN B 242 95.11 -40.62 23.87
N GLU B 243 96.09 -40.65 24.77
CA GLU B 243 95.97 -41.34 26.04
C GLU B 243 94.86 -40.74 26.88
N GLU B 244 94.60 -39.45 26.66
CA GLU B 244 93.50 -38.75 27.33
C GLU B 244 92.20 -39.49 27.10
N PHE B 245 91.88 -39.73 25.83
CA PHE B 245 90.67 -40.45 25.46
C PHE B 245 90.70 -41.90 25.96
N ALA B 246 91.90 -42.49 25.96
CA ALA B 246 92.10 -43.83 26.50
C ALA B 246 91.81 -43.87 28.00
N GLY B 247 92.22 -42.82 28.70
CA GLY B 247 91.95 -42.70 30.13
C GLY B 247 90.49 -42.43 30.38
N ALA B 248 89.87 -41.73 29.45
CA ALA B 248 88.45 -41.41 29.53
C ALA B 248 87.58 -42.64 29.26
N LEU B 249 88.13 -43.61 28.54
CA LEU B 249 87.38 -44.82 28.19
C LEU B 249 86.90 -45.59 29.41
N LEU B 250 87.77 -45.73 30.41
CA LEU B 250 87.47 -46.53 31.59
C LEU B 250 86.59 -45.81 32.63
N THR B 251 86.67 -44.48 32.65
CA THR B 251 85.96 -43.67 33.65
C THR B 251 84.57 -43.26 33.20
N ASN B 252 84.15 -43.76 32.05
CA ASN B 252 82.94 -43.27 31.37
C ASN B 252 81.94 -44.40 31.13
N SER B 253 82.45 -45.47 30.52
CA SER B 253 81.73 -46.71 30.15
C SER B 253 81.14 -46.67 28.75
N TYR B 254 81.29 -45.55 28.04
CA TYR B 254 81.07 -45.59 26.60
C TYR B 254 82.27 -46.29 25.96
N SER B 255 82.24 -46.47 24.65
CA SER B 255 83.34 -47.12 23.96
C SER B 255 83.90 -46.22 22.88
N MET B 256 84.95 -46.67 22.21
CA MET B 256 85.50 -45.98 21.06
C MET B 256 84.48 -46.03 19.93
N GLU B 257 83.95 -47.22 19.68
CA GLU B 257 82.96 -47.44 18.63
C GLU B 257 81.71 -46.60 18.87
N THR B 258 81.25 -46.56 20.12
CA THR B 258 80.06 -45.81 20.47
C THR B 258 80.27 -44.31 20.26
N VAL B 259 81.47 -43.84 20.57
CA VAL B 259 81.82 -42.44 20.33
C VAL B 259 81.85 -42.15 18.84
N VAL B 260 82.54 -43.00 18.09
CA VAL B 260 82.58 -42.90 16.63
C VAL B 260 81.16 -42.84 16.06
N GLY B 261 80.31 -43.77 16.50
CA GLY B 261 78.91 -43.79 16.09
C GLY B 261 78.22 -42.47 16.33
N ALA B 262 78.30 -41.98 17.57
CA ALA B 262 77.70 -40.70 17.94
C ALA B 262 78.25 -39.52 17.12
N ILE B 263 79.54 -39.56 16.82
CA ILE B 263 80.18 -38.50 16.04
C ILE B 263 79.60 -38.40 14.64
N ILE B 264 79.57 -39.53 13.92
CA ILE B 264 79.07 -39.54 12.55
C ILE B 264 77.57 -39.24 12.51
N VAL B 265 76.85 -39.57 13.58
CA VAL B 265 75.42 -39.23 13.66
C VAL B 265 75.27 -37.71 13.69
N MET B 266 75.98 -37.08 14.63
CA MET B 266 75.99 -35.62 14.74
C MET B 266 76.53 -34.96 13.48
N SER B 267 77.29 -35.73 12.71
CA SER B 267 77.86 -35.28 11.44
C SER B 267 76.86 -35.30 10.29
N ILE B 268 76.02 -36.32 10.23
CA ILE B 268 75.10 -36.48 9.10
C ILE B 268 73.72 -35.87 9.31
N ILE B 269 73.40 -35.46 10.53
CA ILE B 269 72.06 -34.91 10.78
C ILE B 269 71.76 -33.70 9.88
N PRO B 270 72.67 -32.69 9.82
CA PRO B 270 72.39 -31.54 8.95
C PRO B 270 72.31 -31.95 7.48
N VAL B 271 72.98 -33.04 7.14
CA VAL B 271 72.98 -33.58 5.79
C VAL B 271 71.62 -34.24 5.51
N ILE B 272 71.15 -35.03 6.49
CA ILE B 272 69.85 -35.72 6.42
C ILE B 272 68.75 -34.63 6.38
N ILE B 273 69.10 -33.46 6.90
CA ILE B 273 68.25 -32.27 6.96
C ILE B 273 68.10 -31.66 5.57
N VAL B 274 69.20 -31.27 4.93
CA VAL B 274 69.08 -30.59 3.63
C VAL B 274 68.48 -31.53 2.57
N TYR B 275 68.54 -32.84 2.78
CA TYR B 275 68.13 -33.79 1.73
C TYR B 275 66.64 -33.56 1.35
N PRO B 276 65.72 -33.45 2.33
CA PRO B 276 64.31 -33.14 2.02
C PRO B 276 64.20 -31.80 1.28
N VAL B 277 64.94 -30.81 1.76
CA VAL B 277 65.03 -29.50 1.12
C VAL B 277 65.40 -29.72 -0.34
N VAL B 278 66.38 -30.58 -0.56
CA VAL B 278 66.79 -30.96 -1.91
C VAL B 278 65.60 -31.55 -2.66
N GLN B 279 65.04 -32.61 -2.10
CA GLN B 279 63.92 -33.31 -2.72
C GLN B 279 62.72 -32.38 -2.98
N LYS B 280 62.34 -31.62 -1.95
CA LYS B 280 61.20 -30.69 -2.00
C LYS B 280 61.33 -29.81 -3.23
N TYR B 281 62.58 -29.37 -3.41
CA TYR B 281 63.08 -28.57 -4.54
C TYR B 281 62.86 -29.03 -6.00
N PHE B 282 63.36 -30.20 -6.43
CA PHE B 282 63.27 -30.47 -7.88
C PHE B 282 61.95 -30.75 -8.60
N THR B 283 60.93 -31.28 -7.95
CA THR B 283 59.75 -31.61 -8.77
C THR B 283 58.65 -30.54 -8.92
N LYS B 284 58.92 -29.28 -8.59
CA LYS B 284 57.96 -28.21 -8.87
C LYS B 284 57.57 -27.97 -10.33
N GLY B 285 58.07 -28.75 -11.27
CA GLY B 285 57.59 -28.63 -12.64
C GLY B 285 58.71 -28.07 -13.50
N VAL B 286 59.89 -27.98 -12.88
CA VAL B 286 61.03 -27.23 -13.39
C VAL B 286 61.43 -27.62 -14.82
N MET B 287 61.52 -26.63 -15.68
CA MET B 287 62.24 -26.79 -16.94
C MET B 287 63.74 -26.62 -16.75
N MET C 1 35.78 -57.81 -37.42
CA MET C 1 35.89 -57.18 -38.72
C MET C 1 34.92 -56.00 -38.79
N VAL C 2 33.68 -56.29 -39.13
CA VAL C 2 32.61 -55.31 -39.01
C VAL C 2 31.76 -55.73 -37.82
N ALA C 3 31.85 -54.97 -36.74
CA ALA C 3 31.25 -55.38 -35.48
C ALA C 3 30.53 -54.24 -34.77
N SER C 4 29.66 -54.60 -33.82
CA SER C 4 28.90 -53.61 -33.08
C SER C 4 29.41 -53.56 -31.65
N VAL C 5 29.62 -52.34 -31.14
CA VAL C 5 30.03 -52.16 -29.76
C VAL C 5 28.93 -51.47 -28.97
N SER C 6 28.53 -52.10 -27.86
CA SER C 6 27.52 -51.52 -26.98
C SER C 6 28.13 -51.09 -25.65
N ILE C 7 27.87 -49.84 -25.27
CA ILE C 7 28.39 -49.29 -24.03
C ILE C 7 27.23 -49.02 -23.09
N GLN C 8 27.21 -49.69 -21.95
CA GLN C 8 26.06 -49.62 -21.05
C GLN C 8 26.45 -49.11 -19.68
N ASN C 9 25.96 -47.91 -19.36
CA ASN C 9 26.16 -47.28 -18.06
C ASN C 9 27.62 -47.29 -17.59
N VAL C 10 28.53 -47.08 -18.53
CA VAL C 10 29.95 -47.09 -18.21
C VAL C 10 30.29 -45.85 -17.39
N VAL C 11 30.99 -46.08 -16.27
CA VAL C 11 31.39 -45.02 -15.36
C VAL C 11 32.82 -45.25 -14.89
N LYS C 12 33.63 -44.19 -14.91
CA LYS C 12 35.00 -44.27 -14.45
C LYS C 12 35.13 -43.39 -13.21
N ARG C 13 35.80 -43.94 -12.20
CA ARG C 13 36.03 -43.23 -10.95
C ARG C 13 37.52 -43.21 -10.65
N TYR C 14 38.06 -42.01 -10.44
CA TYR C 14 39.45 -41.90 -10.01
C TYR C 14 39.52 -42.04 -8.50
N ASP C 15 39.73 -40.95 -7.77
CA ASP C 15 39.75 -41.07 -6.33
C ASP C 15 38.31 -41.15 -5.86
N LYS C 16 37.71 -40.00 -5.56
CA LYS C 16 36.27 -39.96 -5.31
C LYS C 16 35.61 -39.35 -6.54
N THR C 17 36.46 -38.94 -7.48
CA THR C 17 36.06 -38.08 -8.59
C THR C 17 35.42 -38.77 -9.79
N THR C 18 34.13 -39.09 -9.67
CA THR C 18 33.36 -39.78 -10.70
C THR C 18 33.44 -39.04 -12.04
N VAL C 19 34.51 -39.27 -12.79
CA VAL C 19 34.75 -38.56 -14.04
C VAL C 19 33.63 -38.71 -15.07
N VAL C 20 33.23 -39.93 -15.43
CA VAL C 20 32.15 -40.06 -16.41
C VAL C 20 30.94 -40.64 -15.67
N HIS C 21 29.76 -40.12 -15.99
CA HIS C 21 28.54 -40.34 -15.17
C HIS C 21 27.57 -41.45 -15.55
N GLY C 22 28.08 -42.48 -16.21
CA GLY C 22 27.27 -43.57 -16.66
C GLY C 22 26.74 -43.28 -18.02
N VAL C 23 27.65 -42.83 -18.88
CA VAL C 23 27.30 -42.65 -20.28
C VAL C 23 26.93 -43.99 -20.94
N SER C 24 25.82 -44.02 -21.68
CA SER C 24 25.42 -45.23 -22.39
C SER C 24 25.25 -44.94 -23.88
N LEU C 25 25.90 -45.76 -24.71
CA LEU C 25 25.83 -45.61 -26.15
C LEU C 25 25.87 -46.96 -26.85
N ASP C 26 24.99 -47.15 -27.84
CA ASP C 26 25.03 -48.35 -28.67
C ASP C 26 25.44 -47.99 -30.11
N ILE C 27 26.46 -48.68 -30.60
CA ILE C 27 27.06 -48.36 -31.90
C ILE C 27 26.81 -49.43 -32.96
N GLU C 28 26.19 -49.04 -34.06
CA GLU C 28 25.90 -49.95 -35.16
C GLU C 28 27.20 -50.43 -35.82
N PRO C 29 27.16 -51.63 -36.42
CA PRO C 29 28.32 -52.15 -37.16
C PRO C 29 28.66 -51.31 -38.39
N GLY C 30 29.93 -50.98 -38.58
CA GLY C 30 30.35 -50.22 -39.74
C GLY C 30 30.03 -48.73 -39.62
N GLU C 31 29.58 -48.33 -38.43
CA GLU C 31 29.18 -46.95 -38.20
C GLU C 31 30.34 -46.06 -37.78
N PHE C 32 30.34 -44.81 -38.25
CA PHE C 32 31.31 -43.82 -37.85
C PHE C 32 30.67 -42.88 -36.83
N VAL C 33 31.12 -42.96 -35.59
CA VAL C 33 30.55 -42.18 -34.51
C VAL C 33 31.63 -41.29 -33.89
N VAL C 34 31.30 -40.03 -33.68
CA VAL C 34 32.27 -39.07 -33.15
C VAL C 34 31.91 -38.54 -31.78
N LEU C 35 32.84 -38.69 -30.85
CA LEU C 35 32.71 -38.04 -29.55
C LEU C 35 33.30 -36.64 -29.69
N VAL C 36 32.58 -35.65 -29.19
CA VAL C 36 33.03 -34.27 -29.35
C VAL C 36 32.56 -33.44 -28.17
N GLY C 37 33.40 -32.49 -27.76
CA GLY C 37 33.07 -31.58 -26.68
C GLY C 37 34.24 -30.71 -26.31
N PRO C 38 34.11 -29.95 -25.22
CA PRO C 38 35.18 -29.09 -24.72
C PRO C 38 36.24 -29.94 -24.05
N SER C 39 37.23 -29.33 -23.40
CA SER C 39 38.26 -30.12 -22.76
C SER C 39 37.74 -30.69 -21.45
N GLY C 40 38.61 -31.38 -20.71
CA GLY C 40 38.28 -31.90 -19.39
C GLY C 40 36.97 -32.67 -19.36
N CYS C 41 36.68 -33.38 -20.43
CA CYS C 41 35.54 -34.29 -20.48
C CYS C 41 35.97 -35.72 -20.78
N GLY C 42 35.10 -36.69 -20.51
CA GLY C 42 35.49 -38.07 -20.56
C GLY C 42 35.52 -38.69 -21.96
N LYS C 43 35.57 -37.82 -22.97
CA LYS C 43 35.58 -38.25 -24.37
C LYS C 43 36.71 -39.24 -24.60
N SER C 44 37.91 -38.82 -24.22
CA SER C 44 39.11 -39.65 -24.31
C SER C 44 39.00 -40.78 -23.30
N THR C 45 38.56 -40.44 -22.10
CA THR C 45 38.44 -41.40 -21.00
C THR C 45 37.53 -42.56 -21.39
N THR C 46 36.45 -42.24 -22.09
CA THR C 46 35.54 -43.25 -22.61
C THR C 46 36.29 -44.12 -23.62
N LEU C 47 36.92 -43.48 -24.59
CA LEU C 47 37.69 -44.16 -25.62
C LEU C 47 38.75 -45.08 -25.03
N ARG C 48 39.46 -44.56 -24.02
CA ARG C 48 40.52 -45.28 -23.36
C ARG C 48 39.95 -46.50 -22.62
N MET C 49 38.73 -46.35 -22.11
CA MET C 49 38.04 -47.43 -21.42
C MET C 49 37.68 -48.56 -22.39
N VAL C 50 37.35 -48.19 -23.62
CA VAL C 50 37.09 -49.15 -24.69
C VAL C 50 38.35 -49.93 -25.03
N ALA C 51 39.45 -49.20 -25.18
CA ALA C 51 40.74 -49.78 -25.51
C ALA C 51 41.23 -50.71 -24.41
N GLY C 52 40.92 -50.37 -23.17
CA GLY C 52 41.34 -51.16 -22.03
C GLY C 52 42.55 -50.56 -21.33
N LEU C 53 42.89 -49.33 -21.71
CA LEU C 53 44.01 -48.62 -21.10
C LEU C 53 43.60 -48.04 -19.75
N GLU C 54 42.29 -48.02 -19.51
CA GLU C 54 41.75 -47.60 -18.22
C GLU C 54 40.65 -48.56 -17.76
N GLU C 55 40.58 -48.76 -16.45
CA GLU C 55 39.64 -49.70 -15.84
C GLU C 55 38.20 -49.18 -15.82
N ILE C 56 37.26 -50.10 -15.89
CA ILE C 56 35.85 -49.75 -15.84
C ILE C 56 35.37 -49.77 -14.39
N SER C 57 35.02 -48.60 -13.85
CA SER C 57 34.65 -48.51 -12.44
C SER C 57 33.20 -48.91 -12.19
N GLY C 58 32.45 -49.09 -13.27
CA GLY C 58 31.06 -49.54 -13.17
C GLY C 58 30.40 -49.64 -14.53
N GLY C 59 29.33 -50.41 -14.62
CA GLY C 59 28.67 -50.63 -15.90
C GLY C 59 29.46 -51.59 -16.77
N THR C 60 28.85 -52.01 -17.87
CA THR C 60 29.51 -52.94 -18.78
C THR C 60 29.53 -52.41 -20.21
N ILE C 61 30.60 -52.75 -20.93
CA ILE C 61 30.70 -52.46 -22.35
C ILE C 61 31.12 -53.73 -23.08
N ARG C 62 30.59 -53.94 -24.28
CA ARG C 62 30.89 -55.17 -25.00
C ARG C 62 30.96 -54.99 -26.52
N ILE C 63 31.87 -55.73 -27.15
CA ILE C 63 31.98 -55.76 -28.59
C ILE C 63 31.36 -57.07 -29.09
N ASP C 64 30.39 -56.96 -29.98
CA ASP C 64 29.57 -58.12 -30.38
C ASP C 64 28.98 -58.78 -29.14
N GLY C 65 29.31 -60.05 -28.92
CA GLY C 65 28.84 -60.75 -27.74
C GLY C 65 29.86 -60.75 -26.63
N ARG C 66 31.11 -60.44 -26.98
CA ARG C 66 32.22 -60.42 -26.04
C ARG C 66 32.11 -59.27 -25.06
N VAL C 67 32.08 -59.56 -23.76
CA VAL C 67 32.19 -58.52 -22.74
C VAL C 67 33.65 -58.27 -22.44
N ILE C 68 34.12 -57.07 -22.75
CA ILE C 68 35.55 -56.77 -22.72
C ILE C 68 36.00 -56.08 -21.43
N ASN C 69 35.07 -55.90 -20.50
CA ASN C 69 35.35 -55.20 -19.25
C ASN C 69 36.59 -55.72 -18.50
N ASP C 70 36.65 -57.03 -18.30
CA ASP C 70 37.79 -57.65 -17.65
C ASP C 70 38.83 -58.18 -18.65
N LEU C 71 38.61 -57.92 -19.93
CA LEU C 71 39.51 -58.41 -20.96
C LEU C 71 40.81 -57.60 -21.04
N ALA C 72 41.68 -58.01 -21.96
CA ALA C 72 42.95 -57.33 -22.19
C ALA C 72 42.96 -56.66 -23.56
N PRO C 73 43.58 -55.47 -23.66
CA PRO C 73 43.67 -54.70 -24.90
C PRO C 73 44.13 -55.53 -26.08
N LYS C 74 45.04 -56.47 -25.82
CA LYS C 74 45.53 -57.37 -26.85
C LYS C 74 44.41 -58.27 -27.38
N ASP C 75 43.54 -58.71 -26.48
CA ASP C 75 42.46 -59.63 -26.83
C ASP C 75 41.14 -58.93 -27.10
N ARG C 76 41.14 -57.60 -27.04
CA ARG C 76 39.90 -56.84 -27.23
C ARG C 76 39.55 -56.62 -28.70
N ASP C 77 40.41 -57.09 -29.61
CA ASP C 77 40.20 -56.91 -31.05
C ASP C 77 40.07 -55.45 -31.44
N VAL C 78 40.84 -54.59 -30.79
CA VAL C 78 40.80 -53.16 -31.09
C VAL C 78 42.17 -52.62 -31.48
N ALA C 79 42.15 -51.47 -32.15
CA ALA C 79 43.38 -50.76 -32.48
C ALA C 79 43.19 -49.27 -32.21
N MET C 80 44.25 -48.60 -31.76
CA MET C 80 44.13 -47.20 -31.38
C MET C 80 45.16 -46.30 -32.07
N VAL C 81 44.69 -45.15 -32.53
CA VAL C 81 45.56 -44.12 -33.09
C VAL C 81 45.60 -42.97 -32.09
N PHE C 82 46.75 -42.79 -31.45
CA PHE C 82 46.88 -41.81 -30.37
C PHE C 82 47.05 -40.39 -30.88
N GLN C 83 47.03 -39.42 -29.96
CA GLN C 83 47.16 -38.03 -30.35
C GLN C 83 48.60 -37.68 -30.70
N ASN C 84 49.54 -38.08 -29.84
CA ASN C 84 50.94 -37.72 -30.13
C ASN C 84 51.75 -38.92 -30.58
N TYR C 85 51.97 -39.03 -31.89
CA TYR C 85 53.08 -39.79 -32.48
C TYR C 85 53.39 -41.10 -31.73
N ALA C 86 52.54 -42.10 -31.92
CA ALA C 86 52.69 -43.38 -31.22
C ALA C 86 53.73 -44.30 -31.88
N LEU C 87 54.49 -43.74 -32.82
CA LEU C 87 55.49 -44.53 -33.54
C LEU C 87 56.87 -44.40 -32.89
N TYR C 88 57.61 -45.50 -32.87
CA TYR C 88 58.93 -45.54 -32.27
C TYR C 88 59.98 -44.94 -33.20
N PRO C 89 60.68 -43.90 -32.73
CA PRO C 89 61.55 -43.10 -33.60
C PRO C 89 62.81 -43.84 -34.05
N HIS C 90 63.16 -44.93 -33.36
CA HIS C 90 64.32 -45.73 -33.76
C HIS C 90 64.00 -46.69 -34.92
N LEU C 91 62.93 -47.47 -34.80
CA LEU C 91 62.58 -48.44 -35.84
C LEU C 91 62.25 -47.71 -37.15
N ASN C 92 62.49 -48.40 -38.27
CA ASN C 92 62.07 -47.89 -39.56
C ASN C 92 60.56 -48.01 -39.74
N VAL C 93 60.03 -47.24 -40.69
CA VAL C 93 58.59 -47.22 -40.98
C VAL C 93 58.01 -48.62 -41.20
N ARG C 94 58.68 -49.42 -42.02
CA ARG C 94 58.23 -50.79 -42.25
C ARG C 94 58.17 -51.61 -40.97
N ASP C 95 59.14 -51.41 -40.09
CA ASP C 95 59.20 -52.14 -38.82
C ASP C 95 58.18 -51.63 -37.81
N ASN C 96 57.90 -50.33 -37.87
CA ASN C 96 56.90 -49.72 -36.99
C ASN C 96 55.49 -50.23 -37.23
N ILE C 97 55.09 -50.31 -38.50
CA ILE C 97 53.76 -50.82 -38.84
C ILE C 97 53.62 -52.28 -38.43
N SER C 98 54.61 -53.08 -38.82
CA SER C 98 54.58 -54.52 -38.60
C SER C 98 54.87 -54.89 -37.15
N PHE C 99 55.19 -53.89 -36.33
CA PHE C 99 55.64 -54.09 -34.95
C PHE C 99 54.75 -55.00 -34.12
N GLY C 100 53.47 -54.70 -34.05
CA GLY C 100 52.55 -55.49 -33.25
C GLY C 100 52.55 -56.96 -33.67
N LEU C 101 52.72 -57.21 -34.96
CA LEU C 101 52.66 -58.58 -35.46
C LEU C 101 53.98 -59.35 -35.30
N ARG C 102 55.09 -58.64 -35.06
CA ARG C 102 56.39 -59.31 -34.91
C ARG C 102 56.64 -59.62 -33.44
N LEU C 103 55.73 -59.16 -32.58
CA LEU C 103 55.75 -59.52 -31.17
C LEU C 103 55.76 -61.03 -31.02
N LYS C 104 54.80 -61.69 -31.67
CA LYS C 104 54.77 -63.14 -31.71
C LYS C 104 55.29 -63.73 -33.02
N ARG C 105 55.67 -62.86 -33.96
CA ARG C 105 56.31 -63.31 -35.21
C ARG C 105 55.38 -64.25 -35.97
N THR C 106 55.77 -65.53 -36.00
CA THR C 106 55.00 -66.67 -36.52
C THR C 106 55.21 -66.85 -38.03
N LYS C 107 55.70 -65.81 -38.68
CA LYS C 107 56.25 -65.88 -40.04
C LYS C 107 56.60 -64.48 -40.54
N LYS C 108 57.50 -64.42 -41.51
CA LYS C 108 57.92 -63.14 -42.08
C LYS C 108 57.19 -62.94 -43.41
N SER C 109 56.45 -63.97 -43.81
CA SER C 109 55.57 -63.88 -44.97
C SER C 109 54.21 -63.28 -44.63
N VAL C 110 53.65 -63.70 -43.50
CA VAL C 110 52.33 -63.24 -43.06
C VAL C 110 52.30 -61.73 -42.81
N ILE C 111 53.30 -61.24 -42.08
CA ILE C 111 53.44 -59.81 -41.86
C ILE C 111 53.79 -59.04 -43.14
N ASP C 112 54.52 -59.68 -44.05
CA ASP C 112 54.97 -59.03 -45.28
C ASP C 112 53.78 -58.73 -46.20
N ALA C 113 52.79 -59.60 -46.17
CA ALA C 113 51.60 -59.46 -46.99
C ALA C 113 50.73 -58.32 -46.48
N ALA C 114 50.60 -58.23 -45.17
CA ALA C 114 49.76 -57.22 -44.52
C ALA C 114 50.25 -55.79 -44.74
N VAL C 115 51.55 -55.56 -44.63
CA VAL C 115 52.11 -54.23 -44.81
C VAL C 115 51.93 -53.75 -46.26
N LYS C 116 51.95 -54.70 -47.20
CA LYS C 116 51.76 -54.39 -48.61
C LYS C 116 50.41 -53.68 -48.79
N THR C 117 49.37 -54.24 -48.19
CA THR C 117 48.06 -53.63 -48.23
C THR C 117 48.09 -52.21 -47.68
N ALA C 118 48.40 -52.10 -46.39
CA ALA C 118 48.36 -50.82 -45.69
C ALA C 118 49.22 -49.74 -46.35
N ALA C 119 50.36 -50.15 -46.90
CA ALA C 119 51.26 -49.22 -47.58
C ALA C 119 50.58 -48.65 -48.83
N ASP C 120 49.87 -49.52 -49.54
CA ASP C 120 49.18 -49.15 -50.76
C ASP C 120 48.03 -48.19 -50.49
N ILE C 121 47.36 -48.37 -49.35
CA ILE C 121 46.23 -47.52 -49.00
C ILE C 121 46.62 -46.06 -48.80
N LEU C 122 47.56 -45.83 -47.89
CA LEU C 122 48.05 -44.49 -47.57
C LEU C 122 49.21 -44.01 -48.43
N GLY C 123 49.68 -44.84 -49.36
CA GLY C 123 50.77 -44.44 -50.23
C GLY C 123 52.10 -44.41 -49.47
N LEU C 124 52.26 -45.39 -48.59
CA LEU C 124 53.42 -45.50 -47.70
C LEU C 124 54.51 -46.41 -48.27
N GLN C 125 54.37 -46.81 -49.53
CA GLN C 125 55.38 -47.63 -50.20
C GLN C 125 56.76 -46.97 -50.34
N PRO C 126 56.84 -45.73 -50.86
CA PRO C 126 58.21 -45.20 -50.99
C PRO C 126 58.84 -44.87 -49.63
N LEU C 127 58.00 -44.73 -48.61
CA LEU C 127 58.44 -44.34 -47.27
C LEU C 127 58.75 -45.55 -46.36
N LEU C 128 58.65 -46.76 -46.90
CA LEU C 128 58.79 -48.00 -46.14
C LEU C 128 60.06 -48.10 -45.28
N GLU C 129 61.21 -47.79 -45.87
CA GLU C 129 62.51 -47.91 -45.20
C GLU C 129 62.96 -46.63 -44.54
N ARG C 130 62.10 -45.62 -44.56
CA ARG C 130 62.40 -44.35 -43.94
C ARG C 130 62.30 -44.46 -42.39
N LYS C 131 62.56 -43.36 -41.70
CA LYS C 131 62.52 -43.33 -40.24
C LYS C 131 61.72 -42.13 -39.73
N PRO C 132 61.02 -42.28 -38.59
CA PRO C 132 60.15 -41.23 -38.06
C PRO C 132 60.89 -39.91 -37.88
N SER C 133 62.20 -40.01 -37.69
CA SER C 133 63.09 -38.88 -37.51
C SER C 133 63.10 -37.95 -38.72
N ASP C 134 62.98 -38.53 -39.92
CA ASP C 134 62.84 -37.74 -41.13
C ASP C 134 61.49 -37.87 -41.82
N LEU C 135 60.41 -37.64 -41.07
CA LEU C 135 59.06 -37.69 -41.62
C LEU C 135 58.25 -36.48 -41.19
N SER C 136 57.25 -36.13 -41.99
CA SER C 136 56.33 -35.05 -41.67
C SER C 136 55.34 -35.53 -40.63
N GLY C 137 54.81 -34.59 -39.83
CA GLY C 137 53.83 -34.93 -38.81
C GLY C 137 52.63 -35.63 -39.40
N GLY C 138 52.22 -35.22 -40.59
CA GLY C 138 51.12 -35.90 -41.26
C GLY C 138 51.55 -37.28 -41.69
N GLN C 139 52.76 -37.39 -42.23
CA GLN C 139 53.30 -38.69 -42.65
C GLN C 139 53.49 -39.59 -41.43
N ARG C 140 53.94 -38.99 -40.33
CA ARG C 140 54.09 -39.69 -39.07
C ARG C 140 52.74 -40.23 -38.60
N GLN C 141 51.70 -39.44 -38.79
CA GLN C 141 50.38 -39.83 -38.33
C GLN C 141 49.79 -40.83 -39.32
N ARG C 142 50.23 -40.74 -40.57
CA ARG C 142 49.80 -41.69 -41.61
C ARG C 142 50.32 -43.08 -41.31
N VAL C 143 51.62 -43.19 -41.04
CA VAL C 143 52.22 -44.49 -40.76
C VAL C 143 51.69 -45.02 -39.42
N ALA C 144 51.35 -44.09 -38.53
CA ALA C 144 50.73 -44.45 -37.27
C ALA C 144 49.39 -45.13 -37.51
N MET C 145 48.66 -44.63 -38.51
CA MET C 145 47.38 -45.24 -38.90
C MET C 145 47.60 -46.61 -39.50
N GLY C 146 48.66 -46.74 -40.29
CA GLY C 146 49.03 -48.00 -40.91
C GLY C 146 49.21 -49.09 -39.88
N ARG C 147 49.78 -48.70 -38.75
CA ARG C 147 49.97 -49.57 -37.59
C ARG C 147 48.65 -50.16 -37.12
N ALA C 148 47.61 -49.34 -37.11
CA ALA C 148 46.30 -49.76 -36.64
C ALA C 148 45.62 -50.70 -37.63
N ILE C 149 45.59 -50.30 -38.89
CA ILE C 149 44.86 -51.02 -39.92
C ILE C 149 45.54 -52.33 -40.32
N VAL C 150 46.80 -52.50 -39.92
CA VAL C 150 47.53 -53.73 -40.20
C VAL C 150 47.16 -54.81 -39.19
N ARG C 151 46.55 -54.38 -38.09
CA ARG C 151 46.11 -55.28 -37.03
C ARG C 151 44.80 -55.96 -37.45
N ASP C 152 44.06 -55.28 -38.32
CA ASP C 152 42.73 -55.72 -38.78
C ASP C 152 41.81 -56.01 -37.58
N PRO C 153 41.42 -54.96 -36.85
CA PRO C 153 40.58 -55.09 -35.67
C PRO C 153 39.09 -55.02 -35.98
N LYS C 154 38.26 -55.21 -34.96
CA LYS C 154 36.83 -55.05 -35.10
C LYS C 154 36.42 -53.58 -34.98
N VAL C 155 37.20 -52.82 -34.20
CA VAL C 155 36.91 -51.41 -33.93
C VAL C 155 38.17 -50.54 -34.07
N PHE C 156 38.01 -49.37 -34.71
CA PHE C 156 39.08 -48.38 -34.78
C PHE C 156 38.89 -47.32 -33.71
N LEU C 157 39.96 -46.97 -33.03
CA LEU C 157 39.90 -45.96 -31.98
C LEU C 157 40.79 -44.76 -32.30
N PHE C 158 40.20 -43.58 -32.31
CA PHE C 158 40.91 -42.35 -32.61
C PHE C 158 40.82 -41.34 -31.47
N ASP C 159 41.97 -40.98 -30.88
CA ASP C 159 41.99 -39.94 -29.86
C ASP C 159 42.66 -38.69 -30.41
N GLN C 160 41.84 -37.68 -30.71
CA GLN C 160 42.28 -36.40 -31.26
C GLN C 160 43.47 -36.52 -32.22
N PRO C 161 43.32 -37.32 -33.29
CA PRO C 161 44.46 -37.65 -34.14
C PRO C 161 45.05 -36.45 -34.87
N LEU C 162 44.20 -35.52 -35.32
CA LEU C 162 44.68 -34.40 -36.12
C LEU C 162 44.94 -33.17 -35.28
N SER C 163 44.77 -33.28 -33.97
CA SER C 163 44.89 -32.14 -33.06
C SER C 163 46.24 -31.43 -33.12
N ASN C 164 47.32 -32.21 -33.22
CA ASN C 164 48.66 -31.64 -33.22
C ASN C 164 49.12 -31.19 -34.60
N LEU C 165 48.32 -31.53 -35.60
CA LEU C 165 48.60 -31.15 -36.98
C LEU C 165 48.20 -29.70 -37.26
N ASP C 166 48.84 -29.09 -38.26
CA ASP C 166 48.49 -27.75 -38.70
C ASP C 166 47.17 -27.73 -39.46
N ALA C 167 46.56 -26.55 -39.55
CA ALA C 167 45.24 -26.38 -40.15
C ALA C 167 45.17 -26.90 -41.58
N LYS C 168 46.16 -26.55 -42.38
CA LYS C 168 46.23 -26.95 -43.78
C LYS C 168 46.20 -28.48 -43.91
N LEU C 169 46.87 -29.14 -42.97
CA LEU C 169 46.95 -30.59 -42.93
C LEU C 169 45.64 -31.21 -42.45
N ARG C 170 44.98 -30.55 -41.50
CA ARG C 170 43.74 -31.08 -40.92
C ARG C 170 42.72 -31.32 -42.03
N THR C 171 42.55 -30.34 -42.92
CA THR C 171 41.56 -30.47 -43.98
C THR C 171 41.92 -31.59 -44.95
N GLN C 172 43.22 -31.90 -45.12
CA GLN C 172 43.61 -33.00 -45.99
C GLN C 172 43.35 -34.35 -45.35
N MET C 173 43.80 -34.51 -44.11
CA MET C 173 43.60 -35.77 -43.41
C MET C 173 42.12 -36.07 -43.17
N ARG C 174 41.35 -35.02 -42.90
CA ARG C 174 39.91 -35.18 -42.68
C ARG C 174 39.22 -35.77 -43.90
N ALA C 175 39.64 -35.34 -45.09
CA ALA C 175 39.07 -35.91 -46.31
C ALA C 175 39.51 -37.37 -46.44
N GLU C 176 40.79 -37.60 -46.20
CA GLU C 176 41.37 -38.94 -46.29
C GLU C 176 40.74 -39.95 -45.33
N ILE C 177 40.35 -39.48 -44.15
CA ILE C 177 39.73 -40.38 -43.17
C ILE C 177 38.34 -40.83 -43.60
N LYS C 178 37.51 -39.88 -44.02
CA LYS C 178 36.16 -40.17 -44.49
C LYS C 178 36.26 -41.09 -45.69
N ARG C 179 37.18 -40.74 -46.60
CA ARG C 179 37.44 -41.53 -47.80
C ARG C 179 37.88 -42.93 -47.41
N LEU C 180 38.67 -43.04 -46.34
CA LEU C 180 39.20 -44.33 -45.91
C LEU C 180 38.05 -45.23 -45.44
N HIS C 181 37.09 -44.64 -44.71
CA HIS C 181 35.99 -45.43 -44.15
C HIS C 181 35.09 -45.96 -45.26
N GLN C 182 35.05 -45.24 -46.38
CA GLN C 182 34.27 -45.70 -47.53
C GLN C 182 34.95 -46.92 -48.14
N ARG C 183 36.28 -46.88 -48.17
CA ARG C 183 37.07 -47.95 -48.75
C ARG C 183 37.02 -49.21 -47.89
N LEU C 184 37.33 -49.05 -46.60
CA LEU C 184 37.37 -50.16 -45.65
C LEU C 184 36.00 -50.47 -45.05
N GLY C 185 35.51 -49.60 -44.17
CA GLY C 185 34.19 -49.75 -43.61
C GLY C 185 34.10 -50.33 -42.21
N THR C 186 35.25 -50.52 -41.57
CA THR C 186 35.27 -51.08 -40.21
C THR C 186 34.63 -50.10 -39.25
N THR C 187 34.00 -50.61 -38.19
CA THR C 187 33.41 -49.76 -37.17
C THR C 187 34.46 -48.88 -36.51
N VAL C 188 34.13 -47.60 -36.32
CA VAL C 188 35.08 -46.64 -35.80
C VAL C 188 34.43 -45.63 -34.85
N ILE C 189 35.07 -45.40 -33.72
CA ILE C 189 34.68 -44.37 -32.75
C ILE C 189 35.78 -43.28 -32.73
N TYR C 190 35.35 -42.03 -32.82
CA TYR C 190 36.25 -40.90 -33.09
C TYR C 190 36.11 -39.77 -32.06
N VAL C 191 37.24 -39.30 -31.54
CA VAL C 191 37.24 -38.27 -30.49
C VAL C 191 37.89 -36.96 -30.96
N THR C 192 37.17 -35.85 -30.76
CA THR C 192 37.64 -34.53 -31.18
C THR C 192 37.21 -33.41 -30.23
N HIS C 193 38.02 -32.38 -30.11
CA HIS C 193 37.59 -31.15 -29.44
C HIS C 193 37.14 -30.15 -30.48
N ASP C 194 37.25 -30.56 -31.75
CA ASP C 194 36.92 -29.68 -32.87
C ASP C 194 35.57 -30.04 -33.48
N GLN C 195 34.65 -29.07 -33.45
CA GLN C 195 33.31 -29.25 -33.97
C GLN C 195 33.30 -29.63 -35.45
N VAL C 196 34.22 -29.05 -36.21
CA VAL C 196 34.30 -29.28 -37.66
C VAL C 196 34.45 -30.74 -38.04
N GLU C 197 35.42 -31.42 -37.44
CA GLU C 197 35.71 -32.82 -37.76
C GLU C 197 34.53 -33.72 -37.41
N ALA C 198 33.78 -33.32 -36.41
CA ALA C 198 32.60 -34.07 -35.98
C ALA C 198 31.52 -34.03 -37.06
N MET C 199 31.16 -32.82 -37.49
CA MET C 199 30.10 -32.63 -38.48
C MET C 199 30.39 -33.34 -39.81
N THR C 200 31.66 -33.33 -40.20
CA THR C 200 32.07 -33.90 -41.48
C THR C 200 32.08 -35.43 -41.50
N LEU C 201 32.89 -36.01 -40.62
CA LEU C 201 33.18 -37.43 -40.66
C LEU C 201 32.05 -38.32 -40.16
N ALA C 202 31.35 -37.87 -39.13
CA ALA C 202 30.46 -38.75 -38.38
C ALA C 202 29.16 -39.10 -39.10
N ASP C 203 28.76 -40.36 -38.97
CA ASP C 203 27.41 -40.78 -39.30
C ASP C 203 26.50 -40.30 -38.18
N ARG C 204 26.92 -40.58 -36.95
CA ARG C 204 26.25 -40.05 -35.76
C ARG C 204 27.24 -39.26 -34.90
N ILE C 205 26.75 -38.17 -34.32
CA ILE C 205 27.54 -37.37 -33.38
C ILE C 205 27.00 -37.45 -31.97
N VAL C 206 27.88 -37.69 -31.00
CA VAL C 206 27.48 -37.66 -29.61
C VAL C 206 28.32 -36.61 -28.89
N VAL C 207 27.66 -35.61 -28.33
CA VAL C 207 28.37 -34.51 -27.68
C VAL C 207 28.35 -34.69 -26.16
N MET C 208 29.51 -34.49 -25.54
CA MET C 208 29.68 -34.71 -24.11
C MET C 208 30.27 -33.50 -23.41
N ARG C 209 29.51 -32.86 -22.53
CA ARG C 209 30.09 -31.87 -21.62
C ARG C 209 30.32 -32.43 -20.22
N ASP C 210 31.45 -32.07 -19.61
CA ASP C 210 31.84 -32.44 -18.25
C ASP C 210 31.38 -33.83 -17.76
N GLY C 211 31.83 -34.88 -18.44
CA GLY C 211 31.48 -36.23 -18.06
C GLY C 211 30.12 -36.77 -18.47
N LEU C 212 29.14 -35.90 -18.71
CA LEU C 212 27.81 -36.38 -19.08
C LEU C 212 27.71 -36.47 -20.59
N ILE C 213 26.58 -36.93 -21.08
CA ILE C 213 26.37 -37.02 -22.52
C ILE C 213 25.21 -36.12 -22.92
N GLU C 214 25.50 -35.11 -23.73
CA GLU C 214 24.56 -34.02 -23.99
C GLU C 214 23.47 -34.36 -25.00
N GLN C 215 23.85 -35.06 -26.07
CA GLN C 215 22.91 -35.42 -27.12
C GLN C 215 23.53 -36.41 -28.12
N ILE C 216 22.68 -37.11 -28.86
CA ILE C 216 23.11 -38.04 -29.90
C ILE C 216 22.26 -37.82 -31.13
N GLY C 217 22.84 -37.96 -32.31
CA GLY C 217 22.07 -37.86 -33.54
C GLY C 217 22.91 -37.60 -34.77
N LYS C 218 22.26 -37.64 -35.92
CA LYS C 218 22.91 -37.33 -37.19
C LYS C 218 23.41 -35.89 -37.16
N PRO C 219 24.42 -35.57 -37.99
CA PRO C 219 24.98 -34.21 -38.01
C PRO C 219 23.95 -33.10 -38.15
N MET C 220 22.98 -33.28 -39.04
CA MET C 220 21.97 -32.25 -39.29
C MET C 220 20.92 -32.13 -38.19
N ASP C 221 20.76 -33.19 -37.39
CA ASP C 221 19.82 -33.14 -36.27
C ASP C 221 20.32 -32.19 -35.18
N LEU C 222 21.59 -32.31 -34.86
CA LEU C 222 22.19 -31.48 -33.83
C LEU C 222 22.27 -30.03 -34.33
N PHE C 223 22.42 -29.88 -35.64
CA PHE C 223 22.56 -28.56 -36.25
C PHE C 223 21.20 -27.88 -36.34
N LEU C 224 20.20 -28.64 -36.78
CA LEU C 224 18.87 -28.09 -36.97
C LEU C 224 18.14 -28.00 -35.63
N HIS C 225 18.29 -29.02 -34.79
CA HIS C 225 17.55 -29.09 -33.54
C HIS C 225 18.44 -29.45 -32.35
N PRO C 226 19.19 -28.47 -31.83
CA PRO C 226 20.03 -28.68 -30.65
C PRO C 226 19.18 -28.94 -29.41
N ALA C 227 19.66 -29.80 -28.51
CA ALA C 227 18.90 -30.13 -27.30
C ALA C 227 18.88 -28.96 -26.32
N ASN C 228 19.99 -28.25 -26.22
CA ASN C 228 20.11 -27.12 -25.30
C ASN C 228 20.91 -25.96 -25.90
N THR C 229 21.20 -24.95 -25.07
CA THR C 229 21.90 -23.76 -25.55
C THR C 229 23.37 -24.09 -25.77
N PHE C 230 23.85 -25.15 -25.13
CA PHE C 230 25.24 -25.55 -25.27
C PHE C 230 25.46 -26.21 -26.62
N VAL C 231 24.62 -27.18 -26.94
CA VAL C 231 24.72 -27.88 -28.22
C VAL C 231 24.55 -26.84 -29.33
N ALA C 232 23.73 -25.83 -29.07
CA ALA C 232 23.47 -24.76 -30.02
C ALA C 232 24.71 -23.89 -30.26
N SER C 233 25.41 -23.55 -29.17
CA SER C 233 26.57 -22.68 -29.24
C SER C 233 27.83 -23.40 -29.75
N PHE C 234 27.87 -24.71 -29.59
CA PHE C 234 29.06 -25.48 -29.94
C PHE C 234 29.21 -25.68 -31.45
N ILE C 235 28.22 -26.34 -32.05
CA ILE C 235 28.27 -26.68 -33.48
C ILE C 235 27.89 -25.51 -34.38
N GLY C 236 28.37 -25.56 -35.62
CA GLY C 236 28.14 -24.49 -36.58
C GLY C 236 29.40 -23.68 -36.75
N SER C 237 29.59 -23.13 -37.94
CA SER C 237 30.86 -22.48 -38.27
C SER C 237 31.04 -21.18 -37.44
N PRO C 238 30.04 -20.27 -37.47
CA PRO C 238 30.14 -19.31 -36.36
C PRO C 238 29.30 -19.80 -35.17
N PRO C 239 29.36 -19.10 -34.02
CA PRO C 239 28.43 -19.55 -32.98
C PRO C 239 27.04 -19.03 -33.32
N MET C 240 25.99 -19.78 -33.00
CA MET C 240 24.64 -19.24 -33.13
C MET C 240 24.35 -18.10 -32.14
N ASN C 241 23.59 -17.11 -32.60
CA ASN C 241 23.36 -15.88 -31.84
C ASN C 241 22.52 -16.13 -30.58
N LEU C 242 23.17 -16.34 -29.44
CA LEU C 242 22.43 -16.54 -28.19
C LEU C 242 22.17 -15.32 -27.31
N MET C 243 21.17 -14.50 -27.63
CA MET C 243 20.85 -13.39 -26.73
C MET C 243 19.47 -13.61 -26.09
N PRO C 244 19.29 -13.08 -24.87
CA PRO C 244 18.05 -13.21 -24.09
C PRO C 244 16.86 -12.46 -24.67
N ALA C 245 15.65 -12.98 -24.45
CA ALA C 245 14.46 -12.36 -25.01
C ALA C 245 13.24 -12.69 -24.15
N ARG C 246 12.06 -12.25 -24.58
CA ARG C 246 10.85 -12.48 -23.80
C ARG C 246 9.59 -12.67 -24.67
N ILE C 247 8.42 -12.67 -24.05
CA ILE C 247 7.18 -13.03 -24.74
C ILE C 247 6.11 -11.93 -24.63
N ALA C 248 5.72 -11.60 -23.40
CA ALA C 248 4.79 -10.49 -23.12
C ALA C 248 3.38 -10.70 -23.67
N VAL C 249 2.94 -9.77 -24.50
CA VAL C 249 1.54 -9.60 -24.92
C VAL C 249 0.82 -10.91 -25.27
N ASP C 250 1.33 -11.59 -26.29
CA ASP C 250 0.81 -12.92 -26.63
C ASP C 250 1.98 -13.89 -26.75
N SER C 251 1.67 -15.17 -26.93
CA SER C 251 2.66 -16.22 -26.76
C SER C 251 3.18 -16.71 -28.10
N THR C 252 2.36 -17.50 -28.79
CA THR C 252 2.79 -18.22 -29.98
C THR C 252 3.03 -17.28 -31.16
N GLN C 253 2.71 -16.00 -30.98
CA GLN C 253 2.83 -15.03 -32.06
C GLN C 253 4.11 -14.19 -31.99
N HIS C 254 4.26 -13.40 -30.93
CA HIS C 254 5.34 -12.42 -30.89
C HIS C 254 6.41 -12.70 -29.83
N VAL C 255 7.66 -12.39 -30.18
CA VAL C 255 8.75 -12.46 -29.23
C VAL C 255 9.60 -11.19 -29.29
N GLU C 256 9.83 -10.57 -28.13
CA GLU C 256 10.56 -9.31 -28.10
C GLU C 256 11.87 -9.41 -27.33
N LEU C 257 12.92 -8.77 -27.82
CA LEU C 257 14.20 -8.75 -27.13
C LEU C 257 14.63 -7.33 -26.71
N ASN C 258 15.80 -7.25 -26.06
CA ASN C 258 16.27 -6.03 -25.39
C ASN C 258 16.42 -4.80 -26.30
N GLY C 259 16.51 -5.03 -27.60
CA GLY C 259 16.75 -3.95 -28.55
C GLY C 259 15.52 -3.14 -28.93
N GLY C 260 14.50 -3.15 -28.08
CA GLY C 260 13.26 -2.44 -28.34
C GLY C 260 12.72 -2.93 -29.67
N ASN C 261 12.86 -4.24 -29.85
CA ASN C 261 12.55 -4.94 -31.08
C ASN C 261 11.61 -6.09 -30.78
N ARG C 262 10.80 -6.46 -31.75
CA ARG C 262 9.80 -7.50 -31.57
C ARG C 262 9.76 -8.38 -32.81
N ILE C 263 9.67 -9.68 -32.60
CA ILE C 263 9.71 -10.65 -33.70
C ILE C 263 8.47 -11.53 -33.69
N SER C 264 7.76 -11.57 -34.82
CA SER C 264 6.64 -12.48 -34.96
C SER C 264 7.14 -13.91 -35.11
N LEU C 265 6.41 -14.84 -34.50
CA LEU C 265 6.83 -16.24 -34.45
C LEU C 265 5.90 -17.15 -35.26
N LEU C 266 6.50 -18.13 -35.92
CA LEU C 266 5.77 -19.19 -36.60
C LEU C 266 5.16 -20.13 -35.56
N PRO C 267 3.96 -20.67 -35.83
CA PRO C 267 3.16 -21.37 -34.81
C PRO C 267 3.90 -22.58 -34.21
N ARG C 268 4.45 -23.43 -35.06
CA ARG C 268 5.12 -24.67 -34.62
C ARG C 268 4.44 -25.54 -33.57
N ALA C 269 3.40 -26.28 -33.94
CA ALA C 269 2.59 -26.99 -32.95
C ALA C 269 3.36 -27.92 -32.00
N GLY C 270 2.77 -28.07 -30.82
CA GLY C 270 3.31 -28.84 -29.71
C GLY C 270 4.28 -28.01 -28.89
N THR C 271 4.38 -26.72 -29.23
CA THR C 271 5.26 -25.81 -28.50
C THR C 271 4.74 -25.46 -27.11
N HIS C 272 3.50 -24.95 -27.10
CA HIS C 272 2.82 -24.49 -25.88
C HIS C 272 3.74 -23.70 -24.95
N LEU C 273 4.20 -22.53 -25.39
CA LEU C 273 4.98 -21.67 -24.51
C LEU C 273 4.13 -20.60 -23.84
N ALA C 274 4.54 -20.23 -22.62
CA ALA C 274 3.78 -19.29 -21.80
C ALA C 274 4.20 -17.84 -22.00
N PRO C 275 3.24 -16.91 -21.92
CA PRO C 275 3.51 -15.47 -22.09
C PRO C 275 4.34 -14.92 -20.93
N GLY C 276 5.34 -14.09 -21.22
CA GLY C 276 6.17 -13.51 -20.18
C GLY C 276 7.37 -14.37 -19.79
N GLN C 277 7.41 -15.58 -20.34
CA GLN C 277 8.44 -16.56 -20.00
C GLN C 277 9.84 -16.08 -20.34
N GLU C 278 10.74 -16.14 -19.35
CA GLU C 278 12.14 -15.80 -19.58
C GLU C 278 12.74 -16.77 -20.60
N VAL C 279 13.40 -16.23 -21.61
CA VAL C 279 13.85 -17.04 -22.73
C VAL C 279 15.09 -16.44 -23.40
N VAL C 280 15.84 -17.28 -24.10
CA VAL C 280 16.95 -16.79 -24.92
C VAL C 280 16.67 -17.11 -26.39
N PHE C 281 16.84 -16.11 -27.25
CA PHE C 281 16.46 -16.24 -28.66
C PHE C 281 17.68 -16.51 -29.53
N GLY C 282 17.78 -17.75 -30.02
CA GLY C 282 18.85 -18.13 -30.92
C GLY C 282 18.55 -17.91 -32.39
N ILE C 283 19.58 -17.50 -33.14
CA ILE C 283 19.51 -17.43 -34.60
C ILE C 283 20.92 -17.59 -35.17
N ARG C 284 21.04 -18.25 -36.31
CA ARG C 284 22.35 -18.45 -36.93
C ARG C 284 22.70 -17.31 -37.88
N PRO C 285 23.99 -16.95 -37.94
CA PRO C 285 24.48 -15.86 -38.80
C PRO C 285 24.11 -16.03 -40.26
N GLU C 286 23.97 -17.27 -40.71
CA GLU C 286 23.59 -17.54 -42.10
C GLU C 286 22.09 -17.35 -42.27
N ASP C 287 21.37 -17.41 -41.15
CA ASP C 287 19.91 -17.30 -41.18
C ASP C 287 19.49 -15.86 -40.99
N VAL C 288 20.47 -14.96 -40.91
CA VAL C 288 20.19 -13.53 -40.87
C VAL C 288 20.75 -12.85 -42.10
N THR C 289 19.93 -12.01 -42.73
CA THR C 289 20.35 -11.29 -43.93
C THR C 289 20.19 -9.79 -43.70
N LEU C 290 20.49 -9.00 -44.72
CA LEU C 290 20.37 -7.55 -44.60
C LEU C 290 18.95 -7.10 -44.99
N ASP C 291 18.79 -5.79 -45.16
CA ASP C 291 17.52 -5.19 -45.54
C ASP C 291 17.00 -5.67 -46.90
N GLY C 292 17.83 -6.39 -47.64
CA GLY C 292 17.53 -6.82 -49.01
C GLY C 292 16.48 -7.92 -49.15
N VAL C 293 15.86 -8.26 -48.04
CA VAL C 293 14.76 -9.23 -47.98
C VAL C 293 13.42 -8.50 -48.16
N GLU C 294 13.51 -7.25 -48.63
CA GLU C 294 12.41 -6.50 -49.25
C GLU C 294 11.18 -6.23 -48.35
N GLY C 295 11.38 -5.25 -47.46
CA GLY C 295 10.33 -4.48 -46.78
C GLY C 295 9.82 -5.12 -45.50
N SER C 296 10.30 -6.32 -45.20
CA SER C 296 10.03 -6.99 -43.94
C SER C 296 8.59 -7.18 -43.47
N GLU C 297 7.88 -8.11 -44.09
CA GLU C 297 6.50 -8.44 -43.72
C GLU C 297 6.23 -8.62 -42.22
N ARG C 298 7.10 -9.36 -41.54
CA ARG C 298 6.92 -9.69 -40.11
C ARG C 298 7.49 -8.74 -39.04
N ALA C 299 8.01 -7.60 -39.46
CA ALA C 299 8.58 -6.59 -38.57
C ALA C 299 9.77 -7.08 -37.75
N GLN C 300 10.89 -7.24 -38.45
CA GLN C 300 12.14 -7.84 -37.98
C GLN C 300 12.97 -6.93 -37.07
N ILE C 301 14.13 -7.43 -36.65
CA ILE C 301 15.00 -6.76 -35.70
C ILE C 301 15.59 -5.45 -36.29
N LYS C 302 15.94 -4.50 -35.42
CA LYS C 302 16.57 -3.25 -35.86
C LYS C 302 17.94 -3.23 -35.18
N ALA C 303 18.98 -2.75 -35.85
CA ALA C 303 20.30 -2.77 -35.21
C ALA C 303 21.25 -1.66 -35.66
N THR C 304 22.35 -1.50 -34.93
CA THR C 304 23.44 -0.57 -35.27
C THR C 304 24.74 -1.34 -35.43
N VAL C 305 25.46 -1.05 -36.50
CA VAL C 305 26.66 -1.81 -36.86
C VAL C 305 27.87 -1.53 -35.98
N ASP C 306 28.48 -2.59 -35.46
CA ASP C 306 29.69 -2.45 -34.65
C ASP C 306 30.94 -2.45 -35.53
N ILE C 307 31.21 -3.59 -36.18
CA ILE C 307 32.35 -3.72 -37.11
C ILE C 307 31.98 -4.73 -38.22
N VAL C 308 32.70 -4.67 -39.33
CA VAL C 308 32.54 -5.62 -40.43
C VAL C 308 33.89 -6.22 -40.84
N GLU C 309 34.00 -7.54 -40.76
CA GLU C 309 35.24 -8.23 -41.15
C GLU C 309 35.09 -8.98 -42.47
N PRO C 310 35.68 -8.44 -43.54
CA PRO C 310 35.66 -9.16 -44.82
C PRO C 310 36.53 -10.40 -44.77
N LEU C 311 35.97 -11.55 -45.16
CA LEU C 311 36.72 -12.79 -45.20
C LEU C 311 36.96 -13.20 -46.65
N GLY C 312 35.94 -13.81 -47.22
CA GLY C 312 36.01 -14.39 -48.55
C GLY C 312 35.12 -13.56 -49.44
N SER C 313 34.48 -14.22 -50.40
CA SER C 313 33.33 -13.67 -51.11
C SER C 313 32.19 -13.36 -50.12
N GLU C 314 32.35 -13.84 -48.89
CA GLU C 314 31.43 -13.56 -47.81
C GLU C 314 32.06 -12.55 -46.85
N SER C 315 31.27 -12.08 -45.88
CA SER C 315 31.75 -11.14 -44.87
C SER C 315 31.07 -11.31 -43.52
N ILE C 316 31.83 -11.10 -42.45
CA ILE C 316 31.31 -11.26 -41.10
C ILE C 316 30.87 -9.91 -40.53
N LEU C 317 29.58 -9.76 -40.30
CA LEU C 317 29.03 -8.51 -39.79
C LEU C 317 28.74 -8.58 -38.29
N HIS C 318 29.33 -7.65 -37.55
CA HIS C 318 29.03 -7.51 -36.12
C HIS C 318 28.07 -6.34 -35.95
N ALA C 319 26.84 -6.64 -35.54
CA ALA C 319 25.85 -5.59 -35.32
C ALA C 319 25.41 -5.55 -33.87
N THR C 320 25.19 -4.34 -33.36
CA THR C 320 24.77 -4.17 -31.98
C THR C 320 23.32 -3.77 -31.75
N VAL C 321 22.60 -4.64 -31.04
CA VAL C 321 21.24 -4.38 -30.61
C VAL C 321 21.47 -4.15 -29.14
N GLY C 322 20.41 -3.94 -28.35
CA GLY C 322 20.47 -3.71 -26.90
C GLY C 322 21.82 -3.73 -26.19
N ASP C 323 21.85 -4.29 -24.99
CA ASP C 323 23.11 -4.42 -24.28
C ASP C 323 23.95 -5.52 -24.94
N HIS C 324 23.34 -6.30 -25.83
CA HIS C 324 24.02 -7.41 -26.49
C HIS C 324 24.20 -7.24 -28.00
N SER C 325 25.18 -7.92 -28.55
CA SER C 325 25.47 -7.86 -29.99
C SER C 325 25.24 -9.20 -30.68
N LEU C 326 24.71 -9.17 -31.89
CA LEU C 326 24.53 -10.39 -32.67
C LEU C 326 25.37 -10.37 -33.94
N VAL C 327 25.83 -11.54 -34.35
CA VAL C 327 26.71 -11.66 -35.51
C VAL C 327 25.96 -12.29 -36.68
N VAL C 328 25.98 -11.62 -37.82
CA VAL C 328 25.31 -12.14 -39.00
C VAL C 328 26.32 -12.29 -40.13
N LYS C 329 26.22 -13.39 -40.86
CA LYS C 329 27.10 -13.64 -41.99
C LYS C 329 26.42 -13.21 -43.30
N VAL C 330 26.95 -12.14 -43.90
CA VAL C 330 26.38 -11.62 -45.15
C VAL C 330 27.24 -11.97 -46.36
N GLY C 331 26.63 -12.44 -47.42
CA GLY C 331 27.36 -12.61 -48.67
C GLY C 331 27.62 -11.25 -49.29
N GLY C 332 28.88 -10.87 -49.43
CA GLY C 332 29.21 -9.60 -50.03
C GLY C 332 30.37 -8.85 -49.41
N LEU C 333 30.44 -7.57 -49.74
CA LEU C 333 31.31 -6.62 -49.06
C LEU C 333 30.52 -5.34 -48.75
N ASN C 334 30.02 -4.72 -49.80
CA ASN C 334 29.10 -3.58 -49.74
C ASN C 334 29.68 -2.39 -48.97
N GLU C 335 28.81 -1.55 -48.43
CA GLU C 335 29.29 -0.28 -47.89
C GLU C 335 29.25 -0.17 -46.38
N VAL C 336 28.95 -1.29 -45.70
CA VAL C 336 28.67 -1.30 -44.25
C VAL C 336 29.66 -0.44 -43.46
N HIS C 337 29.58 0.88 -43.65
CA HIS C 337 30.36 1.89 -42.93
C HIS C 337 30.02 1.99 -41.44
N PRO C 338 30.72 1.22 -40.58
CA PRO C 338 30.37 1.04 -39.16
C PRO C 338 30.04 2.34 -38.44
N GLY C 339 29.10 2.26 -37.50
CA GLY C 339 28.68 3.43 -36.73
C GLY C 339 27.29 3.93 -37.12
N ASP C 340 26.84 3.59 -38.32
CA ASP C 340 25.50 3.93 -38.76
C ASP C 340 24.52 2.81 -38.42
N PRO C 341 23.22 3.14 -38.33
CA PRO C 341 22.24 2.07 -38.05
C PRO C 341 22.06 1.17 -39.26
N VAL C 342 21.52 -0.02 -39.04
CA VAL C 342 21.29 -0.98 -40.11
C VAL C 342 20.11 -1.87 -39.77
N THR C 343 19.46 -2.39 -40.81
CA THR C 343 18.34 -3.28 -40.60
C THR C 343 18.75 -4.68 -41.00
N LEU C 344 18.48 -5.63 -40.10
CA LEU C 344 18.78 -7.04 -40.32
C LEU C 344 17.48 -7.80 -40.44
N HIS C 345 17.48 -8.82 -41.29
CA HIS C 345 16.30 -9.64 -41.49
C HIS C 345 16.43 -11.10 -41.06
N VAL C 346 15.65 -11.49 -40.04
CA VAL C 346 15.76 -12.83 -39.50
C VAL C 346 14.90 -13.83 -40.28
N ASP C 347 15.45 -15.00 -40.55
CA ASP C 347 14.70 -16.11 -41.11
C ASP C 347 13.76 -16.67 -40.03
N LEU C 348 12.47 -16.73 -40.31
CA LEU C 348 11.51 -17.11 -39.27
C LEU C 348 11.50 -18.61 -38.98
N THR C 349 11.87 -19.41 -39.98
CA THR C 349 11.79 -20.87 -39.83
C THR C 349 12.95 -21.43 -39.02
N ARG C 350 14.08 -20.73 -39.05
CA ARG C 350 15.31 -21.25 -38.45
C ARG C 350 15.55 -20.73 -37.03
N VAL C 351 14.61 -19.96 -36.49
CA VAL C 351 14.74 -19.44 -35.13
C VAL C 351 14.67 -20.54 -34.08
N HIS C 352 15.37 -20.33 -32.96
CA HIS C 352 15.38 -21.28 -31.86
C HIS C 352 15.21 -20.57 -30.52
N LEU C 353 14.43 -21.16 -29.63
CA LEU C 353 14.17 -20.56 -28.31
C LEU C 353 14.53 -21.55 -27.21
N PHE C 354 15.16 -21.05 -26.15
CA PHE C 354 15.53 -21.89 -25.01
C PHE C 354 15.15 -21.20 -23.71
N ASP C 355 14.56 -21.96 -22.79
CA ASP C 355 14.21 -21.43 -21.47
C ASP C 355 15.46 -21.01 -20.71
N ALA C 356 15.33 -20.05 -19.82
CA ALA C 356 16.46 -19.52 -19.08
C ALA C 356 16.89 -20.46 -17.96
N GLN C 357 15.92 -21.10 -17.31
CA GLN C 357 16.22 -22.03 -16.23
C GLN C 357 16.53 -23.42 -16.81
N SER C 358 15.48 -24.09 -17.29
CA SER C 358 15.63 -25.32 -18.06
C SER C 358 16.30 -25.04 -19.41
N GLN C 359 17.61 -24.82 -19.36
CA GLN C 359 18.45 -24.53 -20.52
C GLN C 359 18.19 -25.26 -21.86
N ALA C 360 17.04 -25.91 -22.01
CA ALA C 360 16.80 -26.74 -23.19
C ALA C 360 15.81 -26.17 -24.21
N SER C 361 15.67 -26.89 -25.33
CA SER C 361 15.09 -26.38 -26.58
C SER C 361 13.56 -26.29 -26.56
N ILE C 362 13.01 -25.17 -26.08
CA ILE C 362 11.57 -24.96 -26.10
C ILE C 362 10.96 -25.00 -27.50
N TYR C 363 11.30 -24.02 -28.34
CA TYR C 363 10.81 -23.94 -29.72
C TYR C 363 11.31 -25.10 -30.58
N MET D 1 52.71 9.64 -33.04
CA MET D 1 51.30 9.43 -32.72
C MET D 1 50.64 8.72 -33.89
N VAL D 2 50.21 9.51 -34.88
CA VAL D 2 49.78 8.94 -36.15
C VAL D 2 50.87 9.28 -37.16
N ALA D 3 51.62 8.25 -37.58
CA ALA D 3 52.82 8.47 -38.36
C ALA D 3 52.96 7.51 -39.53
N SER D 4 53.81 7.86 -40.48
CA SER D 4 54.03 7.04 -41.65
C SER D 4 55.43 6.43 -41.58
N VAL D 5 55.51 5.13 -41.86
CA VAL D 5 56.79 4.44 -41.90
C VAL D 5 57.10 3.99 -43.32
N SER D 6 58.27 4.39 -43.82
CA SER D 6 58.71 3.98 -45.15
C SER D 6 59.88 3.02 -45.08
N ILE D 7 59.75 1.90 -45.77
CA ILE D 7 60.79 0.87 -45.79
C ILE D 7 61.37 0.78 -47.20
N GLN D 8 62.67 1.07 -47.33
CA GLN D 8 63.28 1.16 -48.63
C GLN D 8 64.43 0.17 -48.79
N ASN D 9 64.23 -0.82 -49.67
CA ASN D 9 65.27 -1.80 -50.00
C ASN D 9 65.91 -2.45 -48.78
N VAL D 10 65.11 -2.70 -47.75
CA VAL D 10 65.66 -3.28 -46.53
C VAL D 10 66.05 -4.74 -46.76
N VAL D 11 67.28 -5.07 -46.35
CA VAL D 11 67.82 -6.41 -46.52
C VAL D 11 68.57 -6.83 -45.26
N LYS D 12 68.33 -8.05 -44.80
CA LYS D 12 69.02 -8.59 -43.64
C LYS D 12 69.86 -9.77 -44.09
N ARG D 13 71.10 -9.81 -43.62
CA ARG D 13 72.02 -10.87 -43.93
C ARG D 13 72.54 -11.51 -42.66
N TYR D 14 72.41 -12.84 -42.54
CA TYR D 14 72.99 -13.55 -41.41
C TYR D 14 74.45 -13.87 -41.72
N ASP D 15 74.75 -15.12 -42.03
CA ASP D 15 76.13 -15.44 -42.39
C ASP D 15 76.37 -14.98 -43.82
N LYS D 16 76.14 -15.88 -44.77
CA LYS D 16 76.14 -15.49 -46.17
C LYS D 16 74.68 -15.44 -46.63
N THR D 17 73.80 -15.83 -45.70
CA THR D 17 72.41 -16.15 -46.00
C THR D 17 71.45 -14.96 -46.11
N THR D 18 71.45 -14.30 -47.25
CA THR D 18 70.62 -13.13 -47.53
C THR D 18 69.16 -13.44 -47.27
N VAL D 19 68.74 -13.38 -46.00
CA VAL D 19 67.37 -13.74 -45.62
C VAL D 19 66.29 -12.92 -46.34
N VAL D 20 66.34 -11.60 -46.25
CA VAL D 20 65.33 -10.81 -46.95
C VAL D 20 66.05 -10.06 -48.09
N HIS D 21 65.40 -10.03 -49.24
CA HIS D 21 66.05 -9.62 -50.50
C HIS D 21 65.88 -8.15 -50.94
N GLY D 22 65.61 -7.26 -50.00
CA GLY D 22 65.37 -5.85 -50.31
C GLY D 22 63.92 -5.53 -50.59
N VAL D 23 63.07 -6.03 -49.70
CA VAL D 23 61.66 -5.70 -49.66
C VAL D 23 61.52 -4.21 -49.42
N SER D 24 60.67 -3.57 -50.21
CA SER D 24 60.41 -2.14 -50.03
C SER D 24 58.90 -1.91 -49.83
N LEU D 25 58.55 -1.19 -48.78
CA LEU D 25 57.14 -0.90 -48.51
C LEU D 25 56.97 0.49 -47.91
N ASP D 26 55.97 1.22 -48.40
CA ASP D 26 55.61 2.51 -47.82
C ASP D 26 54.24 2.43 -47.16
N ILE D 27 54.19 2.83 -45.90
CA ILE D 27 52.98 2.70 -45.09
C ILE D 27 52.35 4.03 -44.74
N GLU D 28 51.09 4.20 -45.14
CA GLU D 28 50.34 5.42 -44.86
C GLU D 28 50.11 5.59 -43.36
N PRO D 29 49.97 6.85 -42.90
CA PRO D 29 49.68 7.10 -41.48
C PRO D 29 48.30 6.58 -41.08
N GLY D 30 48.23 5.90 -39.94
CA GLY D 30 46.97 5.37 -39.45
C GLY D 30 46.53 4.12 -40.18
N GLU D 31 47.39 3.59 -41.03
CA GLU D 31 47.06 2.43 -41.84
C GLU D 31 47.35 1.10 -41.13
N PHE D 32 46.46 0.13 -41.35
CA PHE D 32 46.65 -1.23 -40.85
C PHE D 32 47.14 -2.12 -41.98
N VAL D 33 48.40 -2.54 -41.87
CA VAL D 33 49.02 -3.35 -42.91
C VAL D 33 49.46 -4.69 -42.34
N VAL D 34 49.16 -5.77 -43.05
CA VAL D 34 49.47 -7.11 -42.55
C VAL D 34 50.49 -7.84 -43.40
N LEU D 35 51.55 -8.31 -42.75
CA LEU D 35 52.50 -9.19 -43.39
C LEU D 35 51.97 -10.61 -43.21
N VAL D 36 51.95 -11.39 -44.28
CA VAL D 36 51.39 -12.73 -44.22
C VAL D 36 52.11 -13.64 -45.20
N GLY D 37 52.29 -14.90 -44.81
CA GLY D 37 52.91 -15.88 -45.66
C GLY D 37 53.13 -17.17 -44.91
N PRO D 38 53.84 -18.13 -45.54
CA PRO D 38 54.17 -19.40 -44.92
C PRO D 38 55.28 -19.19 -43.89
N SER D 39 55.81 -20.25 -43.31
CA SER D 39 56.87 -20.07 -42.31
C SER D 39 58.18 -19.74 -43.01
N GLY D 40 59.25 -19.62 -42.22
CA GLY D 40 60.59 -19.41 -42.74
C GLY D 40 60.67 -18.29 -43.77
N CYS D 41 59.88 -17.24 -43.55
CA CYS D 41 59.95 -16.02 -44.36
C CYS D 41 60.27 -14.82 -43.48
N GLY D 42 60.70 -13.72 -44.09
CA GLY D 42 61.22 -12.61 -43.33
C GLY D 42 60.16 -11.69 -42.75
N LYS D 43 58.93 -12.20 -42.66
CA LYS D 43 57.79 -11.44 -42.13
C LYS D 43 58.14 -10.90 -40.75
N SER D 44 58.53 -11.81 -39.87
CA SER D 44 58.97 -11.49 -38.52
C SER D 44 60.28 -10.72 -38.56
N THR D 45 61.19 -11.17 -39.42
CA THR D 45 62.52 -10.58 -39.55
C THR D 45 62.39 -9.10 -39.93
N THR D 46 61.45 -8.80 -40.81
CA THR D 46 61.15 -7.42 -41.18
C THR D 46 60.64 -6.63 -39.97
N LEU D 47 59.63 -7.16 -39.30
CA LEU D 47 59.04 -6.53 -38.13
C LEU D 47 60.07 -6.23 -37.05
N ARG D 48 60.93 -7.22 -36.82
CA ARG D 48 61.97 -7.16 -35.81
C ARG D 48 62.99 -6.07 -36.18
N MET D 49 63.21 -5.92 -37.49
CA MET D 49 64.11 -4.90 -38.02
C MET D 49 63.56 -3.49 -37.78
N VAL D 50 62.23 -3.38 -37.85
CA VAL D 50 61.52 -2.14 -37.55
C VAL D 50 61.68 -1.81 -36.09
N ALA D 51 61.47 -2.81 -35.25
CA ALA D 51 61.58 -2.67 -33.80
C ALA D 51 63.00 -2.31 -33.38
N GLY D 52 63.98 -2.86 -34.10
CA GLY D 52 65.37 -2.61 -33.79
C GLY D 52 66.00 -3.76 -33.04
N LEU D 53 65.29 -4.88 -32.98
CA LEU D 53 65.80 -6.08 -32.32
C LEU D 53 66.77 -6.82 -33.24
N GLU D 54 66.77 -6.44 -34.51
CA GLU D 54 67.73 -6.96 -35.47
C GLU D 54 68.31 -5.84 -36.34
N GLU D 55 69.58 -6.00 -36.68
CA GLU D 55 70.33 -5.00 -37.46
C GLU D 55 69.95 -4.96 -38.93
N ILE D 56 70.07 -3.79 -39.54
CA ILE D 56 69.79 -3.62 -40.97
C ILE D 56 71.05 -3.83 -41.79
N SER D 57 71.07 -4.89 -42.60
CA SER D 57 72.26 -5.24 -43.35
C SER D 57 72.39 -4.44 -44.64
N GLY D 58 71.33 -3.71 -44.99
CA GLY D 58 71.34 -2.85 -46.16
C GLY D 58 70.01 -2.15 -46.37
N GLY D 59 70.04 -1.06 -47.12
CA GLY D 59 68.83 -0.27 -47.31
C GLY D 59 68.48 0.56 -46.09
N THR D 60 67.51 1.45 -46.24
CA THR D 60 67.10 2.31 -45.12
C THR D 60 65.61 2.22 -44.85
N ILE D 61 65.25 2.36 -43.58
CA ILE D 61 63.85 2.46 -43.18
C ILE D 61 63.70 3.64 -42.23
N ARG D 62 62.57 4.35 -42.33
CA ARG D 62 62.39 5.55 -41.51
C ARG D 62 60.93 5.76 -41.09
N ILE D 63 60.75 6.28 -39.88
CA ILE D 63 59.43 6.67 -39.41
C ILE D 63 59.35 8.19 -39.49
N ASP D 64 58.33 8.68 -40.20
CA ASP D 64 58.23 10.10 -40.55
C ASP D 64 59.52 10.55 -41.25
N GLY D 65 60.20 11.52 -40.66
CA GLY D 65 61.46 11.99 -41.21
C GLY D 65 62.66 11.35 -40.53
N ARG D 66 62.41 10.77 -39.36
CA ARG D 66 63.46 10.13 -38.57
C ARG D 66 63.95 8.85 -39.22
N VAL D 67 65.25 8.77 -39.50
CA VAL D 67 65.85 7.51 -39.95
C VAL D 67 66.28 6.68 -38.75
N ILE D 68 65.65 5.52 -38.59
CA ILE D 68 65.80 4.72 -37.38
C ILE D 68 66.82 3.58 -37.49
N ASN D 69 67.48 3.48 -38.65
CA ASN D 69 68.41 2.38 -38.91
C ASN D 69 69.48 2.19 -37.83
N ASP D 70 70.15 3.27 -37.46
CA ASP D 70 71.17 3.23 -36.41
C ASP D 70 70.61 3.62 -35.03
N LEU D 71 69.31 3.83 -34.96
CA LEU D 71 68.66 4.24 -33.71
C LEU D 71 68.52 3.08 -32.73
N ALA D 72 67.96 3.37 -31.56
CA ALA D 72 67.72 2.37 -30.54
C ALA D 72 66.22 2.14 -30.36
N PRO D 73 65.82 0.88 -30.11
CA PRO D 73 64.42 0.49 -29.93
C PRO D 73 63.66 1.38 -28.95
N LYS D 74 64.34 1.81 -27.89
CA LYS D 74 63.75 2.71 -26.90
C LYS D 74 63.40 4.06 -27.53
N ASP D 75 64.26 4.53 -28.43
CA ASP D 75 64.10 5.85 -29.05
C ASP D 75 63.41 5.77 -30.42
N ARG D 76 63.01 4.58 -30.83
CA ARG D 76 62.41 4.39 -32.15
C ARG D 76 60.92 4.75 -32.16
N ASP D 77 60.39 5.12 -31.00
CA ASP D 77 58.98 5.47 -30.84
C ASP D 77 58.08 4.33 -31.27
N VAL D 78 58.49 3.10 -30.97
CA VAL D 78 57.72 1.92 -31.33
C VAL D 78 57.37 1.08 -30.10
N ALA D 79 56.36 0.24 -30.25
CA ALA D 79 56.01 -0.73 -29.21
C ALA D 79 55.70 -2.06 -29.86
N MET D 80 56.05 -3.15 -29.18
CA MET D 80 55.91 -4.47 -29.78
C MET D 80 55.12 -5.43 -28.90
N VAL D 81 54.22 -6.18 -29.52
CA VAL D 81 53.49 -7.25 -28.87
C VAL D 81 54.02 -8.56 -29.44
N PHE D 82 54.73 -9.31 -28.60
CA PHE D 82 55.40 -10.52 -29.05
C PHE D 82 54.45 -11.70 -29.18
N GLN D 83 54.95 -12.80 -29.72
CA GLN D 83 54.12 -13.98 -29.91
C GLN D 83 53.90 -14.71 -28.58
N ASN D 84 54.96 -14.93 -27.82
CA ASN D 84 54.79 -15.66 -26.58
C ASN D 84 54.90 -14.76 -25.36
N TYR D 85 53.76 -14.37 -24.80
CA TYR D 85 53.66 -13.92 -23.41
C TYR D 85 54.84 -13.07 -22.95
N ALA D 86 54.89 -11.83 -23.42
CA ALA D 86 56.02 -10.94 -23.11
C ALA D 86 55.91 -10.31 -21.72
N LEU D 87 54.99 -10.81 -20.92
CA LEU D 87 54.78 -10.27 -19.58
C LEU D 87 55.57 -11.07 -18.54
N TYR D 88 56.13 -10.36 -17.57
CA TYR D 88 56.93 -11.00 -16.51
C TYR D 88 56.04 -11.61 -15.44
N PRO D 89 56.18 -12.93 -15.21
CA PRO D 89 55.25 -13.70 -14.38
C PRO D 89 55.31 -13.36 -12.89
N HIS D 90 56.39 -12.71 -12.44
CA HIS D 90 56.48 -12.29 -11.05
C HIS D 90 55.70 -11.00 -10.75
N LEU D 91 55.90 -9.95 -11.55
CA LEU D 91 55.23 -8.68 -11.32
C LEU D 91 53.72 -8.82 -11.47
N ASN D 92 52.96 -7.98 -10.75
CA ASN D 92 51.52 -7.92 -10.94
C ASN D 92 51.14 -7.22 -12.24
N VAL D 93 49.91 -7.45 -12.69
CA VAL D 93 49.39 -6.86 -13.93
C VAL D 93 49.57 -5.36 -14.01
N ARG D 94 49.22 -4.65 -12.94
CA ARG D 94 49.39 -3.20 -12.90
C ARG D 94 50.85 -2.80 -13.09
N ASP D 95 51.75 -3.57 -12.48
CA ASP D 95 53.17 -3.30 -12.56
C ASP D 95 53.76 -3.69 -13.92
N ASN D 96 53.18 -4.73 -14.52
CA ASN D 96 53.61 -5.17 -15.84
C ASN D 96 53.35 -4.14 -16.95
N ILE D 97 52.15 -3.57 -16.95
CA ILE D 97 51.79 -2.54 -17.93
C ILE D 97 52.67 -1.30 -17.77
N SER D 98 52.77 -0.85 -16.53
CA SER D 98 53.46 0.38 -16.18
C SER D 98 54.97 0.24 -16.19
N PHE D 99 55.45 -0.98 -16.43
CA PHE D 99 56.88 -1.32 -16.32
C PHE D 99 57.82 -0.37 -17.06
N GLY D 100 57.60 -0.18 -18.36
CA GLY D 100 58.46 0.68 -19.14
C GLY D 100 58.53 2.10 -18.61
N LEU D 101 57.41 2.58 -18.08
CA LEU D 101 57.31 3.95 -17.62
C LEU D 101 57.84 4.19 -16.20
N ARG D 102 58.02 3.13 -15.42
CA ARG D 102 58.51 3.32 -14.04
C ARG D 102 60.03 3.24 -13.98
N LEU D 103 60.65 2.89 -15.11
CA LEU D 103 62.10 2.93 -15.22
C LEU D 103 62.60 4.33 -14.87
N LYS D 104 62.06 5.32 -15.56
CA LYS D 104 62.33 6.72 -15.27
C LYS D 104 61.20 7.41 -14.49
N ARG D 105 60.47 8.25 -15.21
CA ARG D 105 59.45 9.14 -14.64
C ARG D 105 58.50 8.56 -13.58
N THR D 106 58.50 9.19 -12.41
CA THR D 106 57.48 8.99 -11.37
C THR D 106 57.19 10.35 -10.73
N LYS D 107 56.01 10.49 -10.13
CA LYS D 107 55.58 11.73 -9.49
C LYS D 107 55.76 12.96 -10.38
N LYS D 108 54.81 13.13 -11.30
CA LYS D 108 54.58 14.26 -12.21
C LYS D 108 54.21 13.62 -13.53
N SER D 109 54.54 12.33 -13.62
CA SER D 109 54.14 11.48 -14.72
C SER D 109 52.73 10.95 -14.44
N VAL D 110 52.44 10.81 -13.16
CA VAL D 110 51.13 10.39 -12.64
C VAL D 110 50.83 8.92 -12.95
N ILE D 111 51.05 8.50 -14.19
CA ILE D 111 50.90 7.10 -14.61
C ILE D 111 49.46 6.59 -14.47
N ASP D 112 48.72 7.13 -13.50
CA ASP D 112 47.37 6.70 -13.21
C ASP D 112 46.40 7.01 -14.33
N ALA D 113 46.61 8.13 -15.02
CA ALA D 113 45.70 8.47 -16.11
C ALA D 113 45.93 7.51 -17.26
N ALA D 114 47.20 7.23 -17.55
CA ALA D 114 47.52 6.35 -18.68
C ALA D 114 47.05 4.92 -18.44
N VAL D 115 47.30 4.38 -17.25
CA VAL D 115 46.87 3.01 -16.95
C VAL D 115 45.35 2.92 -16.95
N LYS D 116 44.70 4.00 -16.52
CA LYS D 116 43.25 4.08 -16.47
C LYS D 116 42.68 3.85 -17.86
N THR D 117 43.26 4.55 -18.84
CA THR D 117 42.85 4.40 -20.22
C THR D 117 43.02 2.94 -20.61
N ALA D 118 44.25 2.45 -20.60
CA ALA D 118 44.55 1.10 -21.06
C ALA D 118 43.70 0.08 -20.31
N ALA D 119 43.45 0.32 -19.02
CA ALA D 119 42.63 -0.60 -18.24
C ALA D 119 41.22 -0.56 -18.80
N ASP D 120 40.75 0.65 -19.12
CA ASP D 120 39.42 0.86 -19.66
C ASP D 120 39.30 0.25 -21.05
N ILE D 121 40.40 0.31 -21.81
CA ILE D 121 40.42 -0.20 -23.17
C ILE D 121 40.22 -1.71 -23.25
N LEU D 122 41.05 -2.49 -22.56
CA LEU D 122 40.87 -3.94 -22.62
C LEU D 122 39.88 -4.41 -21.55
N GLY D 123 39.40 -3.46 -20.75
CA GLY D 123 38.42 -3.75 -19.70
C GLY D 123 38.94 -4.51 -18.49
N LEU D 124 40.16 -4.23 -18.05
CA LEU D 124 40.73 -4.98 -16.93
C LEU D 124 40.58 -4.29 -15.57
N GLN D 125 39.37 -3.88 -15.22
CA GLN D 125 39.16 -3.31 -13.89
C GLN D 125 39.44 -4.33 -12.78
N PRO D 126 38.83 -5.53 -12.84
CA PRO D 126 39.08 -6.48 -11.74
C PRO D 126 40.49 -7.08 -11.74
N LEU D 127 41.18 -7.01 -12.88
CA LEU D 127 42.50 -7.62 -13.04
C LEU D 127 43.75 -6.78 -12.74
N LEU D 128 43.57 -5.54 -12.29
CA LEU D 128 44.70 -4.63 -12.06
C LEU D 128 45.82 -5.23 -11.19
N GLU D 129 45.41 -5.80 -10.06
CA GLU D 129 46.32 -6.35 -9.05
C GLU D 129 46.57 -7.84 -9.18
N ARG D 130 46.05 -8.42 -10.26
CA ARG D 130 46.25 -9.84 -10.49
C ARG D 130 47.69 -10.16 -10.98
N LYS D 131 47.97 -11.43 -11.21
CA LYS D 131 49.29 -11.88 -11.65
C LYS D 131 49.21 -12.84 -12.83
N PRO D 132 50.19 -12.79 -13.74
CA PRO D 132 50.17 -13.59 -14.98
C PRO D 132 50.00 -15.08 -14.68
N SER D 133 50.42 -15.50 -13.49
CA SER D 133 50.34 -16.88 -13.04
C SER D 133 48.90 -17.39 -12.95
N ASP D 134 47.98 -16.51 -12.57
CA ASP D 134 46.55 -16.84 -12.59
C ASP D 134 45.75 -16.05 -13.61
N LEU D 135 46.18 -16.09 -14.87
CA LEU D 135 45.45 -15.42 -15.94
C LEU D 135 45.32 -16.33 -17.15
N SER D 136 44.30 -16.07 -17.96
CA SER D 136 44.08 -16.80 -19.20
C SER D 136 45.04 -16.30 -20.26
N GLY D 137 45.37 -17.16 -21.21
CA GLY D 137 46.27 -16.80 -22.30
C GLY D 137 45.78 -15.58 -23.05
N GLY D 138 44.47 -15.48 -23.23
CA GLY D 138 43.89 -14.31 -23.87
C GLY D 138 44.05 -13.10 -22.98
N GLN D 139 43.79 -13.27 -21.69
CA GLN D 139 43.93 -12.19 -20.73
C GLN D 139 45.39 -11.77 -20.63
N ARG D 140 46.27 -12.76 -20.68
CA ARG D 140 47.71 -12.52 -20.69
C ARG D 140 48.09 -11.71 -21.91
N GLN D 141 47.46 -12.01 -23.04
CA GLN D 141 47.80 -11.34 -24.29
C GLN D 141 47.14 -9.95 -24.30
N ARG D 142 46.02 -9.83 -23.60
CA ARG D 142 45.33 -8.56 -23.48
C ARG D 142 46.15 -7.55 -22.71
N VAL D 143 46.64 -7.95 -21.53
CA VAL D 143 47.44 -7.08 -20.69
C VAL D 143 48.78 -6.79 -21.37
N ALA D 144 49.23 -7.74 -22.17
CA ALA D 144 50.44 -7.55 -22.98
C ALA D 144 50.23 -6.42 -23.97
N MET D 145 49.03 -6.32 -24.50
CA MET D 145 48.68 -5.23 -25.40
C MET D 145 48.66 -3.92 -24.61
N GLY D 146 48.16 -3.98 -23.38
CA GLY D 146 48.12 -2.83 -22.49
C GLY D 146 49.49 -2.22 -22.31
N ARG D 147 50.50 -3.09 -22.23
CA ARG D 147 51.90 -2.69 -22.15
C ARG D 147 52.31 -1.80 -23.31
N ALA D 148 51.85 -2.16 -24.50
CA ALA D 148 52.21 -1.45 -25.72
C ALA D 148 51.52 -0.11 -25.79
N ILE D 149 50.20 -0.12 -25.59
CA ILE D 149 49.37 1.07 -25.77
C ILE D 149 49.56 2.11 -24.66
N VAL D 150 50.20 1.72 -23.56
CA VAL D 150 50.47 2.64 -22.47
C VAL D 150 51.73 3.45 -22.79
N ARG D 151 52.50 2.96 -23.76
CA ARG D 151 53.71 3.63 -24.20
C ARG D 151 53.38 4.79 -25.14
N ASP D 152 52.22 4.70 -25.77
CA ASP D 152 51.75 5.67 -26.76
C ASP D 152 52.80 5.92 -27.86
N PRO D 153 53.04 4.90 -28.70
CA PRO D 153 54.06 4.98 -29.76
C PRO D 153 53.51 5.54 -31.07
N LYS D 154 54.39 5.71 -32.04
CA LYS D 154 53.98 6.10 -33.39
C LYS D 154 53.52 4.89 -34.19
N VAL D 155 54.10 3.73 -33.89
CA VAL D 155 53.80 2.49 -34.61
C VAL D 155 53.56 1.31 -33.67
N PHE D 156 52.56 0.51 -33.98
CA PHE D 156 52.31 -0.74 -33.26
C PHE D 156 52.89 -1.93 -34.02
N LEU D 157 53.57 -2.80 -33.29
CA LEU D 157 54.18 -3.99 -33.90
C LEU D 157 53.60 -5.28 -33.32
N PHE D 158 53.10 -6.13 -34.21
CA PHE D 158 52.50 -7.40 -33.82
C PHE D 158 53.18 -8.59 -34.49
N ASP D 159 53.78 -9.48 -33.69
CA ASP D 159 54.35 -10.70 -34.24
C ASP D 159 53.52 -11.89 -33.83
N GLN D 160 52.75 -12.41 -34.79
CA GLN D 160 51.87 -13.57 -34.59
C GLN D 160 51.22 -13.61 -33.21
N PRO D 161 50.48 -12.54 -32.85
CA PRO D 161 50.00 -12.41 -31.47
C PRO D 161 49.00 -13.49 -31.06
N LEU D 162 48.12 -13.90 -31.98
CA LEU D 162 47.06 -14.83 -31.63
C LEU D 162 47.44 -16.28 -31.96
N SER D 163 48.66 -16.47 -32.45
CA SER D 163 49.11 -17.79 -32.90
C SER D 163 49.04 -18.88 -31.83
N ASN D 164 49.40 -18.53 -30.61
CA ASN D 164 49.42 -19.51 -29.52
C ASN D 164 48.07 -19.65 -28.85
N LEU D 165 47.14 -18.79 -29.24
CA LEU D 165 45.78 -18.81 -28.72
C LEU D 165 44.95 -19.88 -29.41
N ASP D 166 43.91 -20.36 -28.72
CA ASP D 166 42.99 -21.33 -29.30
C ASP D 166 42.06 -20.67 -30.33
N ALA D 167 41.47 -21.48 -31.19
CA ALA D 167 40.66 -21.01 -32.30
C ALA D 167 39.50 -20.12 -31.82
N LYS D 168 38.81 -20.58 -30.79
CA LYS D 168 37.67 -19.86 -30.22
C LYS D 168 38.08 -18.46 -29.79
N LEU D 169 39.29 -18.37 -29.24
CA LEU D 169 39.86 -17.11 -28.77
C LEU D 169 40.29 -16.23 -29.94
N ARG D 170 40.83 -16.84 -30.99
CA ARG D 170 41.34 -16.10 -32.15
C ARG D 170 40.23 -15.24 -32.73
N THR D 171 39.05 -15.82 -32.90
CA THR D 171 37.96 -15.06 -33.50
C THR D 171 37.53 -13.89 -32.56
N GLN D 172 37.71 -14.03 -31.25
CA GLN D 172 37.36 -12.92 -30.34
C GLN D 172 38.40 -11.80 -30.37
N MET D 173 39.68 -12.18 -30.24
CA MET D 173 40.72 -11.18 -30.23
C MET D 173 40.77 -10.46 -31.57
N ARG D 174 40.52 -11.19 -32.66
CA ARG D 174 40.53 -10.60 -33.99
C ARG D 174 39.49 -9.48 -34.14
N ALA D 175 38.31 -9.69 -33.56
CA ALA D 175 37.29 -8.64 -33.60
C ALA D 175 37.74 -7.45 -32.75
N GLU D 176 38.26 -7.77 -31.56
CA GLU D 176 38.73 -6.76 -30.63
C GLU D 176 39.86 -5.89 -31.19
N ILE D 177 40.74 -6.50 -31.99
CA ILE D 177 41.86 -5.77 -32.59
C ILE D 177 41.38 -4.77 -33.63
N LYS D 178 40.52 -5.23 -34.54
CA LYS D 178 39.97 -4.36 -35.57
C LYS D 178 39.21 -3.23 -34.91
N ARG D 179 38.40 -3.60 -33.92
CA ARG D 179 37.62 -2.65 -33.14
C ARG D 179 38.54 -1.64 -32.44
N LEU D 180 39.68 -2.12 -31.96
CA LEU D 180 40.60 -1.27 -31.22
C LEU D 180 41.19 -0.20 -32.16
N HIS D 181 41.50 -0.59 -33.39
CA HIS D 181 42.13 0.32 -34.34
C HIS D 181 41.14 1.41 -34.74
N GLN D 182 39.85 1.10 -34.69
CA GLN D 182 38.83 2.10 -34.98
C GLN D 182 38.81 3.12 -33.85
N ARG D 183 38.98 2.63 -32.63
CA ARG D 183 38.96 3.47 -31.44
C ARG D 183 40.19 4.38 -31.37
N LEU D 184 41.37 3.76 -31.47
CA LEU D 184 42.64 4.48 -31.39
C LEU D 184 43.07 5.08 -32.73
N GLY D 185 43.51 4.23 -33.65
CA GLY D 185 43.86 4.69 -34.99
C GLY D 185 45.35 4.84 -35.27
N THR D 186 46.18 4.42 -34.34
CA THR D 186 47.63 4.52 -34.50
C THR D 186 48.09 3.61 -35.64
N THR D 187 49.15 3.99 -36.33
CA THR D 187 49.70 3.16 -37.40
C THR D 187 50.16 1.81 -36.86
N VAL D 188 49.83 0.74 -37.57
CA VAL D 188 50.13 -0.61 -37.11
C VAL D 188 50.55 -1.53 -38.26
N ILE D 189 51.61 -2.29 -38.03
CA ILE D 189 52.07 -3.33 -38.94
C ILE D 189 51.89 -4.69 -38.26
N TYR D 190 51.29 -5.65 -38.98
CA TYR D 190 50.79 -6.89 -38.39
C TYR D 190 51.32 -8.14 -39.10
N VAL D 191 51.82 -9.10 -38.34
CA VAL D 191 52.41 -10.31 -38.90
C VAL D 191 51.63 -11.59 -38.57
N THR D 192 51.31 -12.37 -39.60
CA THR D 192 50.55 -13.60 -39.44
C THR D 192 50.97 -14.71 -40.41
N HIS D 193 50.83 -15.96 -39.98
CA HIS D 193 50.97 -17.09 -40.90
C HIS D 193 49.56 -17.53 -41.31
N ASP D 194 48.56 -16.85 -40.75
CA ASP D 194 47.17 -17.20 -40.99
C ASP D 194 46.51 -16.24 -41.98
N GLN D 195 46.06 -16.78 -43.09
CA GLN D 195 45.41 -16.01 -44.15
C GLN D 195 44.19 -15.25 -43.63
N VAL D 196 43.44 -15.89 -42.73
CA VAL D 196 42.21 -15.33 -42.20
C VAL D 196 42.40 -13.97 -41.53
N GLU D 197 43.37 -13.89 -40.62
CA GLU D 197 43.62 -12.65 -39.88
C GLU D 197 44.05 -11.53 -40.82
N ALA D 198 44.70 -11.89 -41.92
CA ALA D 198 45.15 -10.93 -42.92
C ALA D 198 43.96 -10.28 -43.61
N MET D 199 43.07 -11.11 -44.15
CA MET D 199 41.92 -10.64 -44.91
C MET D 199 41.00 -9.74 -44.07
N THR D 200 40.84 -10.09 -42.80
CA THR D 200 39.93 -9.36 -41.91
C THR D 200 40.45 -7.99 -41.47
N LEU D 201 41.61 -8.00 -40.81
CA LEU D 201 42.12 -6.81 -40.13
C LEU D 201 42.70 -5.76 -41.06
N ALA D 202 43.37 -6.21 -42.12
CA ALA D 202 44.23 -5.32 -42.89
C ALA D 202 43.47 -4.36 -43.79
N ASP D 203 43.97 -3.13 -43.85
CA ASP D 203 43.59 -2.18 -44.89
C ASP D 203 44.30 -2.60 -46.17
N ARG D 204 45.60 -2.83 -46.05
CA ARG D 204 46.39 -3.40 -47.14
C ARG D 204 47.06 -4.69 -46.70
N ILE D 205 47.15 -5.66 -47.61
CA ILE D 205 47.85 -6.91 -47.35
C ILE D 205 49.09 -7.05 -48.22
N VAL D 206 50.21 -7.40 -47.59
CA VAL D 206 51.43 -7.69 -48.35
C VAL D 206 51.88 -9.12 -48.04
N VAL D 207 51.94 -9.96 -49.08
CA VAL D 207 52.27 -11.36 -48.91
C VAL D 207 53.74 -11.60 -49.29
N MET D 208 54.45 -12.36 -48.45
CA MET D 208 55.87 -12.59 -48.64
C MET D 208 56.20 -14.09 -48.63
N ARG D 209 56.66 -14.62 -49.76
CA ARG D 209 57.25 -15.96 -49.76
C ARG D 209 58.77 -15.93 -49.81
N ASP D 210 59.40 -16.84 -49.07
CA ASP D 210 60.85 -17.04 -49.00
C ASP D 210 61.72 -15.78 -49.15
N GLY D 211 61.57 -14.83 -48.25
CA GLY D 211 62.35 -13.60 -48.31
C GLY D 211 61.93 -12.52 -49.30
N LEU D 212 61.22 -12.89 -50.37
CA LEU D 212 60.81 -11.89 -51.35
C LEU D 212 59.45 -11.35 -50.99
N ILE D 213 58.94 -10.40 -51.78
CA ILE D 213 57.62 -9.84 -51.52
C ILE D 213 56.72 -10.13 -52.71
N GLU D 214 55.66 -10.90 -52.47
CA GLU D 214 54.88 -11.46 -53.57
C GLU D 214 53.88 -10.49 -54.19
N GLN D 215 53.21 -9.69 -53.35
CA GLN D 215 52.21 -8.75 -53.84
C GLN D 215 51.74 -7.80 -52.72
N ILE D 216 51.16 -6.67 -53.12
CA ILE D 216 50.58 -5.69 -52.19
C ILE D 216 49.23 -5.25 -52.72
N GLY D 217 48.28 -5.01 -51.83
CA GLY D 217 46.99 -4.48 -52.23
C GLY D 217 45.90 -4.69 -51.20
N LYS D 218 44.73 -4.09 -51.46
CA LYS D 218 43.57 -4.26 -50.60
C LYS D 218 43.17 -5.74 -50.55
N PRO D 219 42.48 -6.17 -49.48
CA PRO D 219 42.09 -7.57 -49.33
C PRO D 219 41.39 -8.15 -50.56
N MET D 220 40.47 -7.40 -51.15
CA MET D 220 39.72 -7.90 -52.30
C MET D 220 40.53 -7.94 -53.58
N ASP D 221 41.61 -7.17 -53.66
CA ASP D 221 42.47 -7.19 -54.84
C ASP D 221 43.22 -8.50 -54.93
N LEU D 222 43.77 -8.94 -53.81
CA LEU D 222 44.52 -10.20 -53.77
C LEU D 222 43.57 -11.37 -53.97
N PHE D 223 42.32 -11.21 -53.52
CA PHE D 223 41.32 -12.25 -53.59
C PHE D 223 40.77 -12.36 -55.01
N LEU D 224 40.46 -11.21 -55.60
CA LEU D 224 39.87 -11.17 -56.93
C LEU D 224 40.94 -11.38 -58.00
N HIS D 225 42.11 -10.76 -57.81
CA HIS D 225 43.15 -10.79 -58.83
C HIS D 225 44.52 -11.11 -58.23
N PRO D 226 44.77 -12.40 -57.95
CA PRO D 226 46.07 -12.84 -57.43
C PRO D 226 47.17 -12.67 -58.47
N ALA D 227 48.37 -12.32 -58.04
CA ALA D 227 49.47 -12.12 -58.98
C ALA D 227 49.96 -13.42 -59.58
N ASN D 228 49.98 -14.48 -58.78
CA ASN D 228 50.45 -15.79 -59.23
C ASN D 228 49.63 -16.94 -58.64
N THR D 229 50.08 -18.17 -58.87
CA THR D 229 49.35 -19.34 -58.42
C THR D 229 49.50 -19.49 -56.91
N PHE D 230 50.56 -18.89 -56.37
CA PHE D 230 50.81 -18.96 -54.93
C PHE D 230 49.83 -18.07 -54.19
N VAL D 231 49.74 -16.81 -54.63
CA VAL D 231 48.81 -15.88 -54.01
C VAL D 231 47.40 -16.44 -54.15
N ALA D 232 47.17 -17.14 -55.25
CA ALA D 232 45.88 -17.75 -55.52
C ALA D 232 45.56 -18.89 -54.55
N SER D 233 46.56 -19.72 -54.27
CA SER D 233 46.38 -20.88 -53.41
C SER D 233 46.37 -20.54 -51.93
N PHE D 234 46.98 -19.41 -51.57
CA PHE D 234 47.11 -19.04 -50.17
C PHE D 234 45.81 -18.50 -49.57
N ILE D 235 45.32 -17.40 -50.13
CA ILE D 235 44.14 -16.72 -49.61
C ILE D 235 42.83 -17.38 -50.05
N GLY D 236 41.78 -17.16 -49.26
CA GLY D 236 40.49 -17.77 -49.50
C GLY D 236 40.25 -18.88 -48.51
N SER D 237 38.99 -19.11 -48.15
CA SER D 237 38.66 -20.05 -47.08
C SER D 237 39.00 -21.50 -47.50
N PRO D 238 38.49 -21.98 -48.65
CA PRO D 238 39.18 -23.18 -49.13
C PRO D 238 40.30 -22.78 -50.08
N PRO D 239 41.13 -23.75 -50.54
CA PRO D 239 42.09 -23.30 -51.56
C PRO D 239 41.37 -23.18 -52.90
N MET D 240 41.76 -22.23 -53.74
CA MET D 240 41.25 -22.18 -55.09
C MET D 240 41.71 -23.38 -55.95
N ASN D 241 40.82 -23.85 -56.82
CA ASN D 241 41.05 -25.08 -57.60
C ASN D 241 42.16 -24.89 -58.63
N LEU D 242 43.39 -25.27 -58.29
CA LEU D 242 44.49 -25.18 -59.26
C LEU D 242 44.84 -26.41 -60.09
N MET D 243 44.09 -26.68 -61.16
CA MET D 243 44.47 -27.81 -62.01
C MET D 243 44.94 -27.34 -63.40
N PRO D 244 45.84 -28.12 -64.04
CA PRO D 244 46.44 -27.83 -65.34
C PRO D 244 45.46 -27.93 -66.52
N ALA D 245 45.68 -27.11 -67.55
CA ALA D 245 44.79 -27.09 -68.71
C ALA D 245 45.54 -26.64 -69.96
N ARG D 246 44.81 -26.49 -71.07
CA ARG D 246 45.42 -26.10 -72.34
C ARG D 246 44.47 -25.24 -73.15
N ILE D 247 44.81 -24.99 -74.41
CA ILE D 247 44.08 -24.03 -75.24
C ILE D 247 43.59 -24.69 -76.54
N ALA D 248 44.53 -25.18 -77.33
CA ALA D 248 44.26 -25.94 -78.56
C ALA D 248 43.56 -25.12 -79.64
N VAL D 249 42.38 -25.59 -80.06
CA VAL D 249 41.70 -25.13 -81.27
C VAL D 249 41.69 -23.62 -81.47
N ASP D 250 41.08 -22.90 -80.54
CA ASP D 250 41.13 -21.44 -80.56
C ASP D 250 41.56 -20.91 -79.19
N SER D 251 41.77 -19.60 -79.11
CA SER D 251 42.46 -19.01 -77.97
C SER D 251 41.48 -18.37 -76.99
N THR D 252 40.98 -17.20 -77.38
CA THR D 252 40.21 -16.34 -76.49
C THR D 252 38.82 -16.92 -76.19
N GLN D 253 38.48 -18.02 -76.86
CA GLN D 253 37.16 -18.62 -76.71
C GLN D 253 37.14 -19.81 -75.77
N HIS D 254 37.85 -20.88 -76.12
CA HIS D 254 37.75 -22.14 -75.39
C HIS D 254 39.02 -22.51 -74.64
N VAL D 255 38.84 -23.11 -73.47
CA VAL D 255 39.96 -23.66 -72.70
C VAL D 255 39.60 -25.08 -72.25
N GLU D 256 40.48 -26.03 -72.52
CA GLU D 256 40.20 -27.43 -72.20
C GLU D 256 41.18 -28.02 -71.20
N LEU D 257 40.66 -28.82 -70.27
CA LEU D 257 41.51 -29.50 -69.29
C LEU D 257 41.44 -31.03 -69.41
N ASN D 258 42.19 -31.71 -68.55
CA ASN D 258 42.43 -33.16 -68.64
C ASN D 258 41.19 -34.05 -68.60
N GLY D 259 40.07 -33.52 -68.09
CA GLY D 259 38.87 -34.31 -67.93
C GLY D 259 38.01 -34.49 -69.17
N GLY D 260 38.61 -34.33 -70.35
CA GLY D 260 37.89 -34.45 -71.60
C GLY D 260 36.73 -33.47 -71.55
N ASN D 261 37.01 -32.31 -71.00
CA ASN D 261 36.03 -31.27 -70.72
C ASN D 261 36.50 -29.97 -71.36
N ARG D 262 35.56 -29.10 -71.72
CA ARG D 262 35.94 -27.88 -72.39
C ARG D 262 35.09 -26.71 -71.87
N ILE D 263 35.76 -25.58 -71.65
CA ILE D 263 35.12 -24.40 -71.08
C ILE D 263 35.26 -23.19 -72.00
N SER D 264 34.14 -22.58 -72.34
CA SER D 264 34.16 -21.34 -73.11
C SER D 264 34.63 -20.20 -72.22
N LEU D 265 35.41 -19.30 -72.79
CA LEU D 265 36.04 -18.23 -72.02
C LEU D 265 35.46 -16.87 -72.39
N LEU D 266 35.32 -16.02 -71.39
CA LEU D 266 34.94 -14.63 -71.59
C LEU D 266 36.11 -13.89 -72.21
N PRO D 267 35.83 -12.92 -73.10
CA PRO D 267 36.86 -12.32 -73.96
C PRO D 267 37.98 -11.66 -73.18
N ARG D 268 37.66 -10.81 -72.20
CA ARG D 268 38.64 -10.03 -71.43
C ARG D 268 39.76 -9.35 -72.23
N ALA D 269 39.82 -8.01 -72.17
CA ALA D 269 40.72 -7.30 -73.05
C ALA D 269 42.07 -7.24 -72.36
N GLY D 270 43.17 -7.20 -73.12
CA GLY D 270 44.46 -7.22 -72.46
C GLY D 270 44.92 -8.63 -72.17
N THR D 271 44.16 -9.62 -72.66
CA THR D 271 44.48 -11.03 -72.45
C THR D 271 45.69 -11.62 -73.18
N HIS D 272 45.74 -11.49 -74.50
CA HIS D 272 46.81 -12.08 -75.31
C HIS D 272 47.15 -13.51 -74.89
N LEU D 273 46.23 -14.46 -75.08
CA LEU D 273 46.61 -15.84 -74.81
C LEU D 273 47.04 -16.57 -76.07
N ALA D 274 47.98 -17.50 -75.91
CA ALA D 274 48.53 -18.19 -77.07
C ALA D 274 47.77 -19.48 -77.36
N PRO D 275 47.59 -19.83 -78.63
CA PRO D 275 46.89 -21.09 -78.85
C PRO D 275 47.79 -22.25 -78.42
N GLY D 276 47.29 -23.25 -77.70
CA GLY D 276 48.15 -24.36 -77.31
C GLY D 276 48.95 -24.15 -76.04
N GLN D 277 48.88 -22.94 -75.49
CA GLN D 277 49.69 -22.58 -74.33
C GLN D 277 49.42 -23.41 -73.07
N GLU D 278 50.50 -23.94 -72.50
CA GLU D 278 50.41 -24.68 -71.25
C GLU D 278 49.92 -23.74 -70.16
N VAL D 279 48.91 -24.18 -69.42
CA VAL D 279 48.25 -23.29 -68.48
C VAL D 279 47.63 -24.07 -67.32
N VAL D 280 47.40 -23.39 -66.20
CA VAL D 280 46.67 -23.97 -65.09
C VAL D 280 45.39 -23.18 -64.87
N PHE D 281 44.27 -23.88 -64.74
CA PHE D 281 42.97 -23.24 -64.68
C PHE D 281 42.48 -23.15 -63.23
N GLY D 282 42.48 -21.95 -62.68
CA GLY D 282 41.96 -21.74 -61.34
C GLY D 282 40.49 -21.41 -61.27
N ILE D 283 39.83 -21.93 -60.25
CA ILE D 283 38.45 -21.56 -59.93
C ILE D 283 38.20 -21.75 -58.43
N ARG D 284 37.39 -20.88 -57.84
CA ARG D 284 37.10 -20.99 -56.41
C ARG D 284 35.88 -21.87 -56.17
N PRO D 285 35.90 -22.63 -55.06
CA PRO D 285 34.82 -23.56 -54.67
C PRO D 285 33.46 -22.87 -54.58
N GLU D 286 33.45 -21.58 -54.25
CA GLU D 286 32.19 -20.85 -54.16
C GLU D 286 31.72 -20.45 -55.55
N ASP D 287 32.65 -20.44 -56.50
CA ASP D 287 32.34 -20.03 -57.86
C ASP D 287 31.96 -21.25 -58.69
N VAL D 288 31.93 -22.40 -58.03
CA VAL D 288 31.46 -23.64 -58.65
C VAL D 288 30.18 -24.15 -57.98
N THR D 289 29.21 -24.51 -58.80
CA THR D 289 27.93 -25.01 -58.31
C THR D 289 27.66 -26.41 -58.86
N LEU D 290 26.51 -26.96 -58.53
CA LEU D 290 26.11 -28.29 -58.99
C LEU D 290 25.40 -28.15 -60.33
N ASP D 291 24.73 -29.23 -60.76
CA ASP D 291 23.97 -29.35 -62.01
C ASP D 291 23.55 -28.01 -62.65
N GLY D 292 23.42 -26.98 -61.82
CA GLY D 292 22.99 -25.67 -62.25
C GLY D 292 21.53 -25.43 -61.96
N VAL D 293 21.27 -24.46 -61.09
CA VAL D 293 19.91 -24.00 -60.86
C VAL D 293 19.54 -23.29 -62.14
N GLU D 294 20.21 -22.18 -62.41
CA GLU D 294 20.04 -21.45 -63.65
C GLU D 294 21.06 -22.00 -64.65
N GLY D 295 21.34 -21.27 -65.73
CA GLY D 295 22.54 -21.50 -66.50
C GLY D 295 22.47 -20.92 -67.90
N SER D 296 23.02 -21.60 -68.91
CA SER D 296 23.70 -22.90 -68.79
C SER D 296 24.54 -23.18 -70.03
N GLU D 297 24.25 -24.31 -70.68
CA GLU D 297 24.87 -24.74 -71.94
C GLU D 297 26.39 -24.89 -71.96
N ARG D 298 27.11 -23.87 -72.44
CA ARG D 298 28.57 -23.97 -72.58
C ARG D 298 29.40 -23.57 -71.35
N ALA D 299 28.74 -23.29 -70.24
CA ALA D 299 29.48 -22.90 -69.02
C ALA D 299 29.92 -23.99 -68.03
N GLN D 300 29.97 -25.27 -68.40
CA GLN D 300 30.23 -26.26 -67.35
C GLN D 300 31.18 -27.42 -67.67
N ILE D 301 31.31 -28.28 -66.67
CA ILE D 301 32.26 -29.40 -66.63
C ILE D 301 31.55 -30.65 -66.15
N LYS D 302 32.06 -31.83 -66.50
CA LYS D 302 31.46 -33.08 -66.04
C LYS D 302 32.50 -33.79 -65.18
N ALA D 303 32.04 -34.40 -64.10
CA ALA D 303 32.88 -35.07 -63.12
C ALA D 303 32.20 -36.25 -62.40
N THR D 304 33.00 -37.01 -61.66
CA THR D 304 32.49 -38.08 -60.83
C THR D 304 32.91 -37.78 -59.39
N VAL D 305 31.95 -37.91 -58.48
CA VAL D 305 32.12 -37.52 -57.07
C VAL D 305 33.01 -38.44 -56.25
N ASP D 306 33.98 -37.83 -55.57
CA ASP D 306 34.85 -38.59 -54.70
C ASP D 306 34.20 -38.70 -53.29
N ILE D 307 34.05 -37.57 -52.59
CA ILE D 307 33.41 -37.52 -51.29
C ILE D 307 32.70 -36.20 -51.05
N VAL D 308 31.77 -36.20 -50.09
CA VAL D 308 31.07 -35.00 -49.66
C VAL D 308 31.15 -34.85 -48.14
N GLU D 309 31.70 -33.72 -47.67
CA GLU D 309 31.82 -33.43 -46.23
C GLU D 309 30.84 -32.36 -45.78
N PRO D 310 29.77 -32.76 -45.09
CA PRO D 310 28.83 -31.77 -44.55
C PRO D 310 29.46 -30.97 -43.41
N LEU D 311 29.40 -29.65 -43.50
CA LEU D 311 29.91 -28.79 -42.45
C LEU D 311 28.77 -28.11 -41.71
N GLY D 312 28.28 -27.04 -42.33
CA GLY D 312 27.28 -26.18 -41.74
C GLY D 312 26.01 -26.34 -42.55
N SER D 313 25.27 -25.24 -42.68
CA SER D 313 24.24 -25.10 -43.69
C SER D 313 24.84 -25.24 -45.09
N GLU D 314 26.17 -25.24 -45.16
CA GLU D 314 26.90 -25.49 -46.38
C GLU D 314 27.51 -26.89 -46.37
N SER D 315 28.09 -27.31 -47.50
CA SER D 315 28.75 -28.60 -47.59
C SER D 315 29.93 -28.61 -48.54
N ILE D 316 30.97 -29.37 -48.20
CA ILE D 316 32.18 -29.44 -49.01
C ILE D 316 32.15 -30.64 -49.94
N LEU D 317 32.11 -30.38 -51.25
CA LEU D 317 32.07 -31.45 -52.23
C LEU D 317 33.42 -31.70 -52.88
N HIS D 318 33.89 -32.94 -52.80
CA HIS D 318 35.10 -33.35 -53.50
C HIS D 318 34.70 -34.11 -54.76
N ALA D 319 34.96 -33.52 -55.92
CA ALA D 319 34.64 -34.17 -57.18
C ALA D 319 35.90 -34.45 -58.00
N THR D 320 35.91 -35.59 -58.68
CA THR D 320 37.05 -35.97 -59.50
C THR D 320 36.87 -35.89 -61.01
N VAL D 321 37.69 -35.06 -61.63
CA VAL D 321 37.75 -34.95 -63.07
C VAL D 321 39.08 -35.64 -63.32
N GLY D 322 39.57 -35.68 -64.55
CA GLY D 322 40.84 -36.32 -64.93
C GLY D 322 41.72 -36.99 -63.88
N ASP D 323 43.03 -36.82 -64.02
CA ASP D 323 43.93 -37.36 -63.01
C ASP D 323 43.87 -36.50 -61.73
N HIS D 324 43.22 -35.35 -61.83
CA HIS D 324 43.13 -34.40 -60.70
C HIS D 324 41.71 -34.21 -60.19
N SER D 325 41.59 -33.80 -58.92
CA SER D 325 40.29 -33.56 -58.31
C SER D 325 40.11 -32.09 -57.95
N LEU D 326 38.89 -31.59 -58.13
CA LEU D 326 38.59 -30.21 -57.76
C LEU D 326 37.55 -30.17 -56.64
N VAL D 327 37.67 -29.16 -55.78
CA VAL D 327 36.81 -29.03 -54.62
C VAL D 327 35.83 -27.88 -54.80
N VAL D 328 34.54 -28.19 -54.65
CA VAL D 328 33.52 -27.17 -54.79
C VAL D 328 32.72 -27.07 -53.50
N LYS D 329 32.42 -25.83 -53.11
CA LYS D 329 31.62 -25.56 -51.93
C LYS D 329 30.17 -25.38 -52.35
N VAL D 330 29.31 -26.32 -51.98
CA VAL D 330 27.90 -26.24 -52.37
C VAL D 330 27.02 -25.81 -51.21
N GLY D 331 26.14 -24.86 -51.49
CA GLY D 331 25.12 -24.48 -50.54
C GLY D 331 23.92 -25.38 -50.27
N GLY D 332 23.82 -25.83 -49.03
CA GLY D 332 22.72 -26.66 -48.57
C GLY D 332 23.06 -27.78 -47.60
N LEU D 333 22.10 -28.69 -47.44
CA LEU D 333 22.28 -29.97 -46.76
C LEU D 333 21.67 -31.13 -47.53
N ASN D 334 21.75 -31.15 -48.86
CA ASN D 334 21.26 -32.35 -49.55
C ASN D 334 22.14 -33.60 -49.68
N GLU D 335 21.80 -34.38 -50.71
CA GLU D 335 22.32 -35.72 -50.92
C GLU D 335 23.25 -35.89 -52.12
N VAL D 336 24.46 -36.36 -51.87
CA VAL D 336 25.51 -36.36 -52.89
C VAL D 336 26.20 -37.72 -52.78
N HIS D 337 25.37 -38.78 -52.73
CA HIS D 337 25.78 -40.18 -52.72
C HIS D 337 27.01 -40.56 -53.55
N PRO D 338 28.20 -40.49 -52.95
CA PRO D 338 29.52 -40.63 -53.61
C PRO D 338 29.63 -41.82 -54.56
N GLY D 339 30.37 -41.65 -55.66
CA GLY D 339 30.55 -42.72 -56.64
C GLY D 339 29.82 -42.57 -57.95
N ASP D 340 28.76 -41.78 -57.97
CA ASP D 340 28.02 -41.48 -59.21
C ASP D 340 28.57 -40.25 -59.91
N PRO D 341 28.32 -40.13 -61.23
CA PRO D 341 28.79 -38.92 -61.91
C PRO D 341 27.97 -37.71 -61.52
N VAL D 342 28.51 -36.52 -61.75
CA VAL D 342 27.84 -35.28 -61.42
C VAL D 342 28.29 -34.16 -62.36
N THR D 343 27.41 -33.19 -62.58
CA THR D 343 27.74 -32.06 -63.43
C THR D 343 27.90 -30.83 -62.55
N LEU D 344 29.01 -30.13 -62.73
CA LEU D 344 29.29 -28.91 -61.98
C LEU D 344 29.23 -27.73 -62.95
N HIS D 345 28.77 -26.59 -62.45
CA HIS D 345 28.68 -25.39 -63.28
C HIS D 345 29.60 -24.25 -62.84
N VAL D 346 30.56 -23.92 -63.68
CA VAL D 346 31.55 -22.92 -63.33
C VAL D 346 31.05 -21.51 -63.68
N ASP D 347 31.30 -20.57 -62.77
CA ASP D 347 31.05 -19.15 -63.02
C ASP D 347 32.11 -18.63 -64.00
N LEU D 348 31.68 -18.03 -65.11
CA LEU D 348 32.62 -17.66 -66.17
C LEU D 348 33.44 -16.41 -65.84
N THR D 349 32.90 -15.53 -64.99
CA THR D 349 33.57 -14.25 -64.72
C THR D 349 34.72 -14.40 -63.74
N ARG D 350 34.62 -15.38 -62.85
CA ARG D 350 35.59 -15.51 -61.77
C ARG D 350 36.72 -16.50 -62.05
N VAL D 351 36.77 -17.04 -63.27
CA VAL D 351 37.83 -17.97 -63.62
C VAL D 351 39.18 -17.25 -63.69
N HIS D 352 40.25 -17.99 -63.41
CA HIS D 352 41.60 -17.45 -63.46
C HIS D 352 42.56 -18.40 -64.15
N LEU D 353 43.46 -17.85 -64.97
CA LEU D 353 44.42 -18.65 -65.72
C LEU D 353 45.84 -18.18 -65.42
N PHE D 354 46.76 -19.13 -65.25
CA PHE D 354 48.16 -18.82 -65.00
C PHE D 354 49.04 -19.68 -65.91
N ASP D 355 50.06 -19.05 -66.49
CA ASP D 355 51.02 -19.76 -67.32
C ASP D 355 51.78 -20.79 -66.48
N ALA D 356 52.23 -21.86 -67.13
CA ALA D 356 52.91 -22.93 -66.42
C ALA D 356 54.34 -22.57 -66.07
N GLN D 357 55.02 -21.84 -66.95
CA GLN D 357 56.39 -21.44 -66.69
C GLN D 357 56.39 -20.15 -65.86
N SER D 358 56.03 -19.04 -66.51
CA SER D 358 55.77 -17.78 -65.83
C SER D 358 54.52 -17.89 -64.96
N GLN D 359 54.66 -18.55 -63.82
CA GLN D 359 53.59 -18.78 -62.84
C GLN D 359 52.60 -17.62 -62.53
N ALA D 360 52.58 -16.57 -63.35
CA ALA D 360 51.78 -15.39 -63.01
C ALA D 360 50.45 -15.27 -63.76
N SER D 361 49.68 -14.26 -63.39
CA SER D 361 48.25 -14.16 -63.69
C SER D 361 47.98 -13.73 -65.14
N ILE D 362 47.95 -14.69 -66.06
CA ILE D 362 47.62 -14.37 -67.46
C ILE D 362 46.22 -13.77 -67.63
N TYR D 363 45.19 -14.55 -67.35
CA TYR D 363 43.80 -14.08 -67.46
C TYR D 363 43.48 -12.98 -66.44
N GLU E 2 -4.17 -49.86 -39.12
CA GLU E 2 -3.25 -48.94 -38.45
C GLU E 2 -3.37 -49.04 -36.93
N ARG E 3 -3.53 -47.90 -36.26
CA ARG E 3 -3.91 -47.89 -34.86
C ARG E 3 -5.24 -48.58 -34.65
N LEU E 4 -6.25 -48.11 -35.37
CA LEU E 4 -7.64 -48.56 -35.24
C LEU E 4 -7.76 -50.08 -35.18
N TRP E 5 -7.40 -50.73 -36.28
CA TRP E 5 -7.48 -52.18 -36.41
C TRP E 5 -6.85 -52.92 -35.23
N LYS E 6 -5.75 -52.36 -34.71
CA LYS E 6 -5.07 -52.93 -33.57
C LYS E 6 -5.92 -52.97 -32.29
N ASP E 7 -6.57 -51.85 -31.96
CA ASP E 7 -7.45 -51.83 -30.79
C ASP E 7 -8.68 -52.69 -31.00
N ILE E 8 -9.27 -52.62 -32.20
CA ILE E 8 -10.51 -53.31 -32.52
C ILE E 8 -10.42 -54.81 -32.22
N LYS E 9 -9.21 -55.35 -32.34
CA LYS E 9 -8.95 -56.73 -31.93
C LYS E 9 -8.86 -56.85 -30.41
N ARG E 10 -8.23 -55.86 -29.77
CA ARG E 10 -8.07 -55.87 -28.32
C ARG E 10 -9.42 -55.75 -27.62
N ASP E 11 -10.20 -54.76 -28.07
CA ASP E 11 -11.46 -54.41 -27.45
C ASP E 11 -12.69 -55.09 -28.07
N TRP E 12 -12.47 -56.05 -28.97
CA TRP E 12 -13.54 -56.67 -29.74
C TRP E 12 -14.76 -57.08 -28.89
N LEU E 13 -14.49 -57.66 -27.73
CA LEU E 13 -15.54 -58.14 -26.84
C LEU E 13 -16.25 -56.94 -26.20
N LEU E 14 -15.46 -55.94 -25.86
CA LEU E 14 -15.98 -54.68 -25.33
C LEU E 14 -16.67 -53.90 -26.45
N TYR E 15 -16.13 -54.01 -27.66
CA TYR E 15 -16.71 -53.35 -28.83
C TYR E 15 -18.04 -54.00 -29.20
N ALA E 16 -18.19 -55.26 -28.81
CA ALA E 16 -19.41 -56.02 -29.04
C ALA E 16 -20.60 -55.43 -28.29
N MET E 17 -20.40 -55.17 -26.99
CA MET E 17 -21.44 -54.68 -26.11
C MET E 17 -22.10 -53.39 -26.60
N LEU E 18 -21.30 -52.52 -27.19
CA LEU E 18 -21.75 -51.22 -27.66
C LEU E 18 -22.76 -51.33 -28.81
N LEU E 19 -22.63 -52.38 -29.61
CA LEU E 19 -23.40 -52.52 -30.85
C LEU E 19 -24.92 -52.65 -30.65
N PRO E 20 -25.40 -53.60 -29.81
CA PRO E 20 -26.85 -53.71 -29.68
C PRO E 20 -27.51 -52.42 -29.18
N THR E 21 -26.83 -51.74 -28.25
CA THR E 21 -27.28 -50.44 -27.79
C THR E 21 -27.32 -49.43 -28.94
N ILE E 22 -26.32 -49.49 -29.81
CA ILE E 22 -26.27 -48.64 -30.99
C ILE E 22 -27.32 -49.09 -32.01
N ILE E 23 -27.51 -50.40 -32.12
CA ILE E 23 -28.55 -50.95 -32.99
C ILE E 23 -29.92 -50.43 -32.54
N TRP E 24 -30.17 -50.53 -31.24
CA TRP E 24 -31.44 -50.12 -30.66
C TRP E 24 -31.78 -48.66 -30.96
N PHE E 25 -30.87 -47.76 -30.61
CA PHE E 25 -31.07 -46.34 -30.83
C PHE E 25 -31.31 -45.99 -32.30
N LEU E 26 -30.61 -46.68 -33.19
CA LEU E 26 -30.83 -46.49 -34.62
C LEU E 26 -32.26 -46.88 -35.00
N ILE E 27 -32.69 -48.06 -34.56
CA ILE E 27 -33.99 -48.61 -34.94
C ILE E 27 -35.19 -47.89 -34.32
N PHE E 28 -35.20 -47.73 -33.00
CA PHE E 28 -36.37 -47.21 -32.32
C PHE E 28 -36.38 -45.69 -32.16
N LEU E 29 -35.25 -45.05 -32.41
CA LEU E 29 -35.15 -43.60 -32.25
C LEU E 29 -34.82 -42.90 -33.57
N TYR E 30 -33.66 -43.22 -34.13
CA TYR E 30 -33.20 -42.55 -35.34
C TYR E 30 -33.91 -43.01 -36.62
N LYS E 31 -34.31 -44.28 -36.67
CA LYS E 31 -35.08 -44.78 -37.80
C LYS E 31 -36.46 -44.11 -37.91
N PRO E 32 -37.16 -43.90 -36.78
CA PRO E 32 -38.39 -43.10 -36.89
C PRO E 32 -38.14 -41.66 -37.33
N MET E 33 -36.91 -41.18 -37.17
CA MET E 33 -36.57 -39.82 -37.58
C MET E 33 -36.65 -39.71 -39.09
N ILE E 34 -36.47 -40.84 -39.77
CA ILE E 34 -36.65 -40.88 -41.22
C ILE E 34 -38.09 -40.53 -41.53
N GLY E 35 -39.03 -40.99 -40.70
CA GLY E 35 -40.44 -40.75 -40.95
C GLY E 35 -40.84 -39.29 -40.78
N LEU E 36 -39.87 -38.45 -40.43
CA LEU E 36 -40.08 -37.01 -40.31
C LEU E 36 -40.44 -36.37 -41.65
N GLN E 37 -40.18 -37.12 -42.73
CA GLN E 37 -40.51 -36.67 -44.08
C GLN E 37 -42.03 -36.69 -44.27
N MET E 38 -42.75 -37.10 -43.23
CA MET E 38 -44.21 -37.13 -43.26
C MET E 38 -44.79 -35.73 -43.47
N ALA E 39 -43.93 -34.71 -43.52
CA ALA E 39 -44.36 -33.35 -43.83
C ALA E 39 -45.08 -33.31 -45.19
N PHE E 40 -44.98 -34.39 -45.95
CA PHE E 40 -45.77 -34.56 -47.16
C PHE E 40 -46.65 -35.78 -46.90
N LYS E 41 -47.93 -35.53 -46.60
CA LYS E 41 -49.04 -36.44 -46.87
C LYS E 41 -49.04 -37.23 -48.18
N GLN E 42 -49.59 -38.44 -48.08
CA GLN E 42 -49.83 -39.35 -49.19
C GLN E 42 -50.65 -40.54 -48.68
N PRO E 53 -45.64 -38.41 -54.60
CA PRO E 53 -46.59 -37.92 -53.58
C PRO E 53 -45.89 -37.13 -52.49
N TRP E 54 -45.20 -36.07 -52.89
CA TRP E 54 -44.62 -35.13 -51.93
C TRP E 54 -44.95 -33.65 -52.17
N ILE E 55 -45.82 -33.13 -51.30
CA ILE E 55 -45.67 -31.84 -50.59
C ILE E 55 -47.05 -31.39 -50.12
N GLY E 56 -47.15 -30.69 -48.98
CA GLY E 56 -46.05 -30.38 -48.08
C GLY E 56 -45.72 -28.91 -47.90
N PHE E 57 -45.22 -28.57 -46.71
CA PHE E 57 -44.91 -27.19 -46.32
C PHE E 57 -46.17 -26.30 -46.35
N ASP E 58 -47.25 -26.84 -46.89
CA ASP E 58 -48.52 -26.15 -47.02
C ASP E 58 -49.36 -26.36 -45.76
N HIS E 59 -49.63 -27.62 -45.43
CA HIS E 59 -50.34 -27.94 -44.19
C HIS E 59 -49.69 -27.24 -43.01
N PHE E 60 -48.39 -26.98 -43.13
CA PHE E 60 -47.68 -26.08 -42.21
C PHE E 60 -48.38 -24.74 -42.12
N VAL E 61 -48.64 -24.13 -43.28
CA VAL E 61 -49.34 -22.85 -43.32
C VAL E 61 -50.82 -23.07 -43.00
N THR E 62 -51.29 -24.31 -43.18
CA THR E 62 -52.62 -24.65 -42.73
C THR E 62 -52.57 -24.86 -41.23
N LEU E 63 -51.53 -25.54 -40.76
CA LEU E 63 -51.35 -25.65 -39.32
C LEU E 63 -51.01 -24.28 -38.74
N PHE E 64 -50.33 -23.43 -39.51
CA PHE E 64 -50.09 -22.02 -39.18
C PHE E 64 -51.31 -21.14 -38.91
N GLN E 65 -52.31 -21.19 -39.79
CA GLN E 65 -53.47 -20.33 -39.67
C GLN E 65 -54.74 -20.90 -39.06
N SER E 66 -55.00 -20.40 -37.84
CA SER E 66 -56.25 -20.56 -37.10
C SER E 66 -56.21 -21.90 -36.41
N GLU E 67 -57.27 -22.67 -36.59
CA GLU E 67 -57.35 -24.05 -36.11
C GLU E 67 -57.28 -24.32 -34.59
N GLN E 68 -57.85 -23.48 -33.72
CA GLN E 68 -58.03 -23.92 -32.30
C GLN E 68 -56.73 -24.18 -31.50
N PHE E 69 -55.71 -24.59 -32.25
CA PHE E 69 -54.36 -25.01 -31.90
C PHE E 69 -53.69 -23.72 -31.47
N ILE E 70 -53.70 -22.67 -32.28
CA ILE E 70 -52.98 -21.43 -31.98
C ILE E 70 -53.26 -21.01 -30.53
N ARG E 71 -54.37 -21.46 -29.95
CA ARG E 71 -54.62 -21.24 -28.53
C ARG E 71 -53.85 -22.28 -27.70
N ALA E 72 -53.64 -23.48 -28.24
CA ALA E 72 -52.90 -24.55 -27.55
C ALA E 72 -51.44 -24.15 -27.30
N ILE E 73 -50.77 -23.66 -28.35
CA ILE E 73 -49.43 -23.11 -28.19
C ILE E 73 -49.50 -21.92 -27.23
N LYS E 74 -50.54 -21.11 -27.37
CA LYS E 74 -50.79 -20.01 -26.45
C LYS E 74 -51.01 -20.56 -25.03
N ASN E 75 -51.62 -21.74 -24.94
CA ASN E 75 -51.79 -22.43 -23.67
C ASN E 75 -50.50 -23.14 -23.25
N THR E 76 -49.79 -23.68 -24.23
CA THR E 76 -48.56 -24.41 -24.00
C THR E 76 -47.55 -23.56 -23.21
N LEU E 77 -47.09 -22.48 -23.83
CA LEU E 77 -46.11 -21.61 -23.19
C LEU E 77 -46.69 -20.94 -21.95
N THR E 78 -48.02 -20.81 -21.90
CA THR E 78 -48.68 -20.32 -20.70
C THR E 78 -48.50 -21.29 -19.54
N LEU E 79 -48.84 -22.55 -19.76
CA LEU E 79 -48.66 -23.60 -18.77
C LEU E 79 -47.19 -23.76 -18.42
N SER E 80 -46.33 -23.55 -19.41
CA SER E 80 -44.89 -23.62 -19.22
C SER E 80 -44.40 -22.56 -18.23
N GLY E 81 -45.05 -21.40 -18.26
CA GLY E 81 -44.70 -20.33 -17.33
C GLY E 81 -44.99 -20.70 -15.88
N LEU E 82 -46.23 -21.09 -15.63
CA LEU E 82 -46.67 -21.45 -14.27
C LEU E 82 -45.89 -22.64 -13.71
N SER E 83 -45.62 -23.62 -14.57
CA SER E 83 -44.82 -24.78 -14.18
C SER E 83 -43.44 -24.35 -13.72
N LEU E 84 -42.86 -23.40 -14.46
CA LEU E 84 -41.57 -22.83 -14.11
C LEU E 84 -41.67 -21.99 -12.83
N LEU E 85 -42.70 -21.16 -12.76
CA LEU E 85 -42.97 -20.32 -11.60
C LEU E 85 -43.17 -21.14 -10.33
N PHE E 86 -44.27 -21.88 -10.26
CA PHE E 86 -44.62 -22.61 -9.03
C PHE E 86 -43.92 -23.97 -8.90
N GLY E 87 -43.88 -24.73 -10.00
CA GLY E 87 -43.43 -26.10 -9.95
C GLY E 87 -41.95 -26.31 -9.68
N PHE E 88 -41.10 -25.62 -10.45
CA PHE E 88 -39.65 -25.83 -10.37
C PHE E 88 -38.98 -25.40 -9.05
N PRO E 89 -39.28 -24.18 -8.54
CA PRO E 89 -38.58 -23.75 -7.32
C PRO E 89 -39.00 -24.51 -6.05
N MET E 90 -40.15 -25.18 -6.09
CA MET E 90 -40.70 -25.82 -4.90
C MET E 90 -39.82 -26.94 -4.32
N PRO E 91 -39.30 -27.86 -5.16
CA PRO E 91 -38.43 -28.89 -4.59
C PRO E 91 -37.15 -28.31 -3.99
N ILE E 92 -36.67 -27.19 -4.54
CA ILE E 92 -35.55 -26.48 -3.95
C ILE E 92 -35.94 -26.00 -2.56
N LEU E 93 -37.13 -25.41 -2.47
CA LEU E 93 -37.68 -24.95 -1.20
C LEU E 93 -37.78 -26.13 -0.23
N LEU E 94 -38.42 -27.20 -0.68
CA LEU E 94 -38.54 -28.43 0.09
C LEU E 94 -37.19 -28.96 0.56
N ALA E 95 -36.18 -28.85 -0.31
CA ALA E 95 -34.84 -29.29 0.03
C ALA E 95 -34.29 -28.50 1.23
N LEU E 96 -34.42 -27.18 1.16
CA LEU E 96 -33.97 -26.32 2.25
C LEU E 96 -34.74 -26.60 3.52
N MET E 97 -36.04 -26.77 3.39
CA MET E 97 -36.92 -26.98 4.53
C MET E 97 -36.61 -28.29 5.23
N ILE E 98 -36.17 -29.29 4.47
CA ILE E 98 -35.79 -30.58 5.05
C ILE E 98 -34.42 -30.50 5.70
N ASN E 99 -33.49 -29.81 5.04
CA ASN E 99 -32.13 -29.65 5.56
C ASN E 99 -32.04 -28.96 6.91
N GLU E 100 -33.05 -28.15 7.22
CA GLU E 100 -33.08 -27.40 8.47
C GLU E 100 -33.72 -28.18 9.61
N VAL E 101 -34.10 -29.43 9.34
CA VAL E 101 -34.80 -30.24 10.32
C VAL E 101 -33.86 -31.07 11.19
N TYR E 102 -33.88 -30.81 12.49
CA TYR E 102 -33.21 -31.62 13.48
C TYR E 102 -34.11 -32.82 13.79
N SER E 103 -33.84 -33.53 14.90
CA SER E 103 -34.72 -34.58 15.43
C SER E 103 -34.57 -35.90 14.67
N LYS E 104 -33.73 -35.92 13.65
CA LYS E 104 -33.45 -37.15 12.89
C LYS E 104 -34.72 -37.76 12.31
N GLY E 105 -35.13 -38.90 12.84
CA GLY E 105 -36.25 -39.68 12.32
C GLY E 105 -37.50 -38.91 11.93
N TYR E 106 -37.78 -37.82 12.65
CA TYR E 106 -38.84 -36.90 12.25
C TYR E 106 -38.63 -36.40 10.82
N ARG E 107 -37.41 -36.00 10.51
CA ARG E 107 -37.05 -35.62 9.14
C ARG E 107 -37.22 -36.79 8.19
N LYS E 108 -36.79 -37.97 8.62
CA LYS E 108 -36.99 -39.19 7.86
C LYS E 108 -38.47 -39.42 7.55
N ALA E 109 -39.30 -39.24 8.57
CA ALA E 109 -40.75 -39.42 8.43
C ALA E 109 -41.32 -38.47 7.38
N VAL E 110 -40.85 -37.22 7.39
CA VAL E 110 -41.30 -36.24 6.41
C VAL E 110 -40.91 -36.69 5.02
N GLN E 111 -39.67 -37.17 4.88
CA GLN E 111 -39.16 -37.59 3.59
C GLN E 111 -39.97 -38.74 3.01
N THR E 112 -40.24 -39.77 3.82
CA THR E 112 -41.05 -40.89 3.36
C THR E 112 -42.44 -40.47 2.90
N ILE E 113 -43.07 -39.59 3.67
CA ILE E 113 -44.40 -39.08 3.34
C ILE E 113 -44.41 -38.27 2.04
N VAL E 114 -43.47 -37.34 1.94
CA VAL E 114 -43.42 -36.38 0.84
C VAL E 114 -42.92 -37.03 -0.47
N TYR E 115 -41.96 -37.93 -0.36
CA TYR E 115 -41.41 -38.62 -1.54
C TYR E 115 -42.42 -39.58 -2.15
N LEU E 116 -43.23 -40.22 -1.30
CA LEU E 116 -44.12 -41.31 -1.70
C LEU E 116 -45.03 -41.04 -2.90
N PRO E 117 -45.71 -39.86 -2.95
CA PRO E 117 -46.62 -39.63 -4.09
C PRO E 117 -45.98 -39.77 -5.47
N HIS E 118 -44.66 -39.64 -5.57
CA HIS E 118 -43.97 -39.84 -6.85
C HIS E 118 -44.21 -41.22 -7.42
N PHE E 119 -44.33 -42.21 -6.55
CA PHE E 119 -44.48 -43.58 -6.98
C PHE E 119 -45.92 -43.91 -7.35
N ILE E 120 -46.84 -43.02 -6.97
CA ILE E 120 -48.23 -43.15 -7.37
C ILE E 120 -48.33 -42.83 -8.86
N SER E 121 -48.97 -43.71 -9.62
CA SER E 121 -49.12 -43.53 -11.06
C SER E 121 -49.86 -42.24 -11.38
N ILE E 122 -49.56 -41.68 -12.55
CA ILE E 122 -50.19 -40.43 -12.98
C ILE E 122 -51.68 -40.63 -13.22
N VAL E 123 -52.07 -41.81 -13.70
CA VAL E 123 -53.46 -42.12 -13.98
C VAL E 123 -54.20 -42.31 -12.67
N ILE E 124 -53.48 -42.75 -11.64
CA ILE E 124 -54.07 -42.89 -10.32
C ILE E 124 -54.25 -41.49 -9.72
N VAL E 125 -53.23 -40.64 -9.90
CA VAL E 125 -53.32 -39.24 -9.52
C VAL E 125 -54.55 -38.57 -10.11
N ALA E 126 -54.76 -38.79 -11.40
CA ALA E 126 -55.93 -38.28 -12.11
C ALA E 126 -57.22 -38.76 -11.47
N GLY E 127 -57.27 -40.05 -11.18
CA GLY E 127 -58.40 -40.65 -10.49
C GLY E 127 -58.64 -40.06 -9.12
N LEU E 128 -57.56 -39.81 -8.39
CA LEU E 128 -57.63 -39.13 -7.11
C LEU E 128 -58.23 -37.74 -7.26
N VAL E 129 -57.94 -37.09 -8.38
CA VAL E 129 -58.46 -35.75 -8.64
C VAL E 129 -59.95 -35.79 -8.94
N VAL E 130 -60.36 -36.67 -9.85
CA VAL E 130 -61.75 -36.72 -10.28
C VAL E 130 -62.66 -37.17 -9.13
N THR E 131 -62.17 -38.04 -8.25
CA THR E 131 -62.99 -38.51 -7.14
C THR E 131 -63.02 -37.49 -6.00
N PHE E 132 -62.00 -36.65 -5.91
CA PHE E 132 -61.95 -35.62 -4.88
C PHE E 132 -62.78 -34.40 -5.28
N LEU E 133 -62.76 -34.08 -6.57
CA LEU E 133 -63.38 -32.85 -7.05
C LEU E 133 -64.78 -33.05 -7.61
N SER E 134 -65.28 -34.28 -7.57
CA SER E 134 -66.63 -34.57 -8.03
C SER E 134 -67.66 -33.87 -7.16
N PRO E 135 -68.67 -33.23 -7.78
CA PRO E 135 -69.72 -32.50 -7.06
C PRO E 135 -70.67 -33.44 -6.31
N SER E 136 -71.10 -33.04 -5.12
CA SER E 136 -72.07 -33.81 -4.32
C SER E 136 -71.52 -35.16 -3.86
N THR E 137 -70.32 -35.51 -4.30
CA THR E 137 -69.68 -36.76 -3.94
C THR E 137 -68.30 -36.53 -3.33
N GLY E 138 -67.40 -35.92 -4.11
CA GLY E 138 -66.05 -35.64 -3.68
C GLY E 138 -65.90 -34.95 -2.33
N VAL E 139 -64.93 -35.43 -1.55
CA VAL E 139 -64.74 -34.97 -0.18
C VAL E 139 -64.41 -33.48 -0.13
N VAL E 140 -63.65 -33.01 -1.12
CA VAL E 140 -63.24 -31.61 -1.20
C VAL E 140 -64.46 -30.71 -1.23
N ASN E 141 -65.36 -31.00 -2.17
CA ASN E 141 -66.63 -30.29 -2.29
C ASN E 141 -67.46 -30.35 -1.02
N ASN E 142 -67.50 -31.52 -0.39
CA ASN E 142 -68.17 -31.71 0.89
C ASN E 142 -67.67 -30.78 1.99
N MET E 143 -66.35 -30.66 2.07
CA MET E 143 -65.72 -29.80 3.08
C MET E 143 -66.05 -28.34 2.86
N LEU E 144 -66.30 -27.94 1.62
CA LEU E 144 -66.70 -26.57 1.34
C LEU E 144 -68.13 -26.32 1.81
N SER E 145 -68.99 -27.33 1.65
CA SER E 145 -70.37 -27.24 2.10
C SER E 145 -70.49 -27.17 3.62
N TRP E 146 -69.49 -27.72 4.30
CA TRP E 146 -69.42 -27.69 5.76
C TRP E 146 -69.31 -26.25 6.26
N ILE E 147 -68.42 -25.48 5.65
CA ILE E 147 -68.17 -24.12 6.05
C ILE E 147 -69.01 -23.12 5.23
N GLY E 148 -69.82 -23.66 4.33
CA GLY E 148 -70.72 -22.84 3.52
C GLY E 148 -70.04 -22.12 2.35
N LEU E 149 -69.15 -22.83 1.67
CA LEU E 149 -68.51 -22.34 0.46
C LEU E 149 -69.25 -22.81 -0.79
N ASP E 150 -70.41 -23.42 -0.57
CA ASP E 150 -71.30 -24.09 -1.55
C ASP E 150 -71.15 -23.78 -3.05
N ARG E 151 -71.59 -24.76 -3.85
CA ARG E 151 -71.54 -24.78 -5.33
C ARG E 151 -70.11 -24.95 -5.81
N VAL E 152 -69.97 -25.56 -7.00
CA VAL E 152 -68.73 -25.83 -7.78
C VAL E 152 -68.66 -27.24 -8.40
N TYR E 153 -68.20 -27.24 -9.66
CA TYR E 153 -67.87 -28.41 -10.47
C TYR E 153 -66.51 -28.14 -11.11
N PHE E 154 -65.48 -28.83 -10.66
CA PHE E 154 -64.12 -28.39 -10.93
C PHE E 154 -63.64 -28.78 -12.33
N LEU E 155 -63.91 -30.02 -12.74
CA LEU E 155 -63.34 -30.50 -14.00
C LEU E 155 -63.99 -29.86 -15.23
N THR E 156 -65.21 -29.37 -15.08
CA THR E 156 -65.89 -28.68 -16.18
C THR E 156 -65.48 -27.22 -16.32
N GLN E 157 -65.09 -26.58 -15.21
CA GLN E 157 -64.71 -25.18 -15.23
C GLN E 157 -63.30 -24.97 -15.78
N PRO E 158 -63.19 -24.20 -16.87
CA PRO E 158 -61.89 -23.86 -17.48
C PRO E 158 -61.04 -22.97 -16.57
N GLU E 159 -61.71 -22.25 -15.67
CA GLU E 159 -61.04 -21.36 -14.74
C GLU E 159 -60.13 -22.13 -13.77
N TRP E 160 -60.59 -23.32 -13.37
CA TRP E 160 -59.90 -24.08 -12.33
C TRP E 160 -58.87 -25.08 -12.86
N PHE E 161 -58.82 -25.28 -14.17
CA PHE E 161 -58.01 -26.37 -14.74
C PHE E 161 -56.55 -26.32 -14.33
N ARG E 162 -55.88 -25.21 -14.66
CA ARG E 162 -54.45 -25.08 -14.39
C ARG E 162 -54.11 -25.11 -12.89
N PRO E 163 -54.85 -24.35 -12.05
CA PRO E 163 -54.58 -24.46 -10.60
C PRO E 163 -54.70 -25.89 -10.07
N ILE E 164 -55.71 -26.62 -10.52
CA ILE E 164 -55.88 -28.02 -10.14
C ILE E 164 -54.67 -28.86 -10.57
N TYR E 165 -54.12 -28.54 -11.74
CA TYR E 165 -53.03 -29.33 -12.29
C TYR E 165 -51.73 -29.13 -11.51
N ILE E 166 -51.20 -27.90 -11.55
CA ILE E 166 -49.92 -27.60 -10.92
C ILE E 166 -49.91 -27.91 -9.43
N SER E 167 -51.08 -27.84 -8.78
CA SER E 167 -51.17 -28.19 -7.37
C SER E 167 -51.08 -29.69 -7.16
N SER E 168 -51.67 -30.45 -8.07
CA SER E 168 -51.58 -31.90 -8.02
C SER E 168 -50.19 -32.39 -8.43
N ASN E 169 -49.54 -31.66 -9.33
CA ASN E 169 -48.20 -32.02 -9.78
C ASN E 169 -47.15 -31.85 -8.68
N ILE E 170 -47.23 -30.76 -7.93
CA ILE E 170 -46.30 -30.52 -6.83
C ILE E 170 -46.61 -31.43 -5.64
N TRP E 171 -47.82 -31.94 -5.58
CA TRP E 171 -48.13 -32.93 -4.55
C TRP E 171 -47.36 -34.20 -4.87
N LYS E 172 -47.47 -34.64 -6.12
CA LYS E 172 -46.85 -35.88 -6.56
C LYS E 172 -45.33 -35.80 -6.72
N GLU E 173 -44.86 -34.88 -7.56
CA GLU E 173 -43.46 -34.88 -7.97
C GLU E 173 -42.51 -33.95 -7.22
N ALA E 174 -43.01 -33.02 -6.41
CA ALA E 174 -42.13 -31.99 -5.86
C ALA E 174 -41.27 -32.55 -4.74
N GLY E 175 -41.73 -33.65 -4.16
CA GLY E 175 -40.96 -34.31 -3.11
C GLY E 175 -39.78 -35.07 -3.66
N PHE E 176 -40.01 -35.86 -4.70
CA PHE E 176 -38.96 -36.67 -5.30
C PHE E 176 -37.90 -35.80 -5.96
N ASP E 177 -38.32 -34.67 -6.52
CA ASP E 177 -37.42 -33.72 -7.14
C ASP E 177 -36.57 -33.00 -6.10
N SER E 178 -37.06 -32.97 -4.86
CA SER E 178 -36.33 -32.29 -3.78
C SER E 178 -35.12 -33.11 -3.35
N ILE E 179 -35.14 -34.41 -3.64
CA ILE E 179 -34.04 -35.30 -3.28
C ILE E 179 -32.71 -34.83 -3.86
N VAL E 180 -32.73 -34.47 -5.14
CA VAL E 180 -31.52 -34.00 -5.82
C VAL E 180 -30.91 -32.77 -5.15
N TYR E 181 -31.70 -31.72 -5.00
CA TYR E 181 -31.23 -30.50 -4.35
C TYR E 181 -30.78 -30.77 -2.92
N LEU E 182 -31.54 -31.62 -2.22
CA LEU E 182 -31.22 -31.97 -0.84
C LEU E 182 -29.89 -32.71 -0.77
N ALA E 183 -29.65 -33.56 -1.76
CA ALA E 183 -28.41 -34.34 -1.81
C ALA E 183 -27.22 -33.45 -2.16
N ALA E 184 -27.49 -32.35 -2.87
CA ALA E 184 -26.43 -31.42 -3.25
C ALA E 184 -25.94 -30.62 -2.04
N ILE E 185 -26.87 -30.07 -1.27
CA ILE E 185 -26.53 -29.26 -0.10
C ILE E 185 -25.95 -30.12 1.04
N MET E 186 -26.09 -31.43 0.90
CA MET E 186 -25.50 -32.38 1.84
C MET E 186 -24.04 -32.67 1.50
N SER E 187 -23.62 -32.26 0.32
CA SER E 187 -22.25 -32.53 -0.15
C SER E 187 -21.30 -31.41 0.23
N ILE E 188 -21.84 -30.34 0.79
CA ILE E 188 -21.02 -29.22 1.25
C ILE E 188 -20.36 -29.55 2.59
N ASN E 189 -19.05 -29.38 2.65
CA ASN E 189 -18.30 -29.64 3.89
C ASN E 189 -18.72 -28.67 5.00
N PRO E 190 -18.97 -29.20 6.21
CA PRO E 190 -19.50 -28.43 7.33
C PRO E 190 -18.61 -27.24 7.71
N ALA E 191 -17.33 -27.32 7.37
CA ALA E 191 -16.38 -26.25 7.66
C ALA E 191 -16.91 -24.91 7.18
N LEU E 192 -17.55 -24.92 6.00
CA LEU E 192 -18.14 -23.72 5.42
C LEU E 192 -19.27 -23.16 6.28
N TYR E 193 -20.08 -24.05 6.86
CA TYR E 193 -21.16 -23.63 7.75
C TYR E 193 -20.65 -23.29 9.15
N GLU E 194 -19.77 -24.15 9.65
CA GLU E 194 -19.21 -23.99 10.99
C GLU E 194 -18.41 -22.71 11.13
N SER E 195 -17.61 -22.39 10.12
CA SER E 195 -16.84 -21.15 10.14
C SER E 195 -17.77 -19.95 10.07
N ALA E 196 -18.90 -20.12 9.40
CA ALA E 196 -19.88 -19.05 9.31
C ALA E 196 -20.59 -18.87 10.66
N GLN E 197 -20.81 -19.97 11.37
CA GLN E 197 -21.45 -19.90 12.67
C GLN E 197 -20.48 -19.24 13.65
N VAL E 198 -19.19 -19.48 13.43
CA VAL E 198 -18.14 -18.87 14.21
C VAL E 198 -18.15 -17.37 13.99
N ASP E 199 -18.38 -16.98 12.74
CA ASP E 199 -18.51 -15.57 12.40
C ASP E 199 -19.90 -15.05 12.81
N GLY E 200 -20.74 -15.97 13.27
CA GLY E 200 -22.06 -15.65 13.77
C GLY E 200 -23.15 -15.43 12.73
N ALA E 201 -23.17 -16.29 11.72
CA ALA E 201 -24.24 -16.29 10.74
C ALA E 201 -25.53 -16.86 11.30
N THR E 202 -26.65 -16.54 10.67
CA THR E 202 -27.95 -17.04 11.10
C THR E 202 -28.46 -17.98 10.02
N ARG E 203 -29.37 -18.88 10.39
CA ARG E 203 -29.91 -19.88 9.47
C ARG E 203 -30.36 -19.27 8.15
N TRP E 204 -31.05 -18.13 8.21
CA TRP E 204 -31.49 -17.46 7.01
C TRP E 204 -30.32 -16.81 6.28
N GLN E 205 -29.37 -16.27 7.05
CA GLN E 205 -28.15 -15.72 6.48
C GLN E 205 -27.33 -16.77 5.74
N MET E 206 -27.31 -17.98 6.30
CA MET E 206 -26.54 -19.07 5.72
C MET E 206 -27.12 -19.49 4.38
N ILE E 207 -28.39 -19.89 4.38
CA ILE E 207 -29.02 -20.42 3.18
C ILE E 207 -28.97 -19.43 2.03
N THR E 208 -28.97 -18.14 2.34
CA THR E 208 -28.84 -17.10 1.33
C THR E 208 -27.40 -16.91 0.85
N ARG E 209 -26.47 -16.79 1.78
CA ARG E 209 -25.08 -16.47 1.44
C ARG E 209 -24.14 -17.64 1.12
N ILE E 210 -24.50 -18.86 1.53
CA ILE E 210 -23.63 -20.01 1.26
C ILE E 210 -24.38 -21.19 0.63
N THR E 211 -25.38 -21.74 1.32
CA THR E 211 -26.13 -22.90 0.83
C THR E 211 -26.59 -22.73 -0.62
N LEU E 212 -27.44 -21.74 -0.87
CA LEU E 212 -27.95 -21.46 -2.21
C LEU E 212 -26.82 -21.20 -3.21
N PRO E 213 -25.89 -20.26 -2.93
CA PRO E 213 -24.79 -20.05 -3.88
C PRO E 213 -23.99 -21.31 -4.20
N CYS E 214 -23.79 -22.17 -3.20
CA CYS E 214 -23.07 -23.42 -3.42
C CYS E 214 -23.88 -24.40 -4.26
N ILE E 215 -25.21 -24.31 -4.16
CA ILE E 215 -26.07 -25.24 -4.88
C ILE E 215 -26.43 -24.74 -6.29
N VAL E 216 -26.11 -23.48 -6.59
CA VAL E 216 -26.47 -22.88 -7.87
C VAL E 216 -26.04 -23.69 -9.12
N PRO E 217 -24.82 -24.25 -9.14
CA PRO E 217 -24.47 -25.09 -10.29
C PRO E 217 -25.44 -26.25 -10.52
N THR E 218 -26.02 -26.78 -9.44
CA THR E 218 -26.99 -27.86 -9.54
C THR E 218 -28.33 -27.38 -10.11
N ILE E 219 -28.85 -26.29 -9.57
CA ILE E 219 -30.15 -25.78 -9.98
C ILE E 219 -30.12 -25.26 -11.41
N ALA E 220 -28.93 -24.86 -11.87
CA ALA E 220 -28.75 -24.40 -13.24
C ALA E 220 -28.86 -25.57 -14.21
N VAL E 221 -28.15 -26.65 -13.92
CA VAL E 221 -28.20 -27.86 -14.73
C VAL E 221 -29.61 -28.43 -14.81
N LEU E 222 -30.30 -28.50 -13.68
CA LEU E 222 -31.65 -29.03 -13.63
C LEU E 222 -32.66 -28.13 -14.37
N LEU E 223 -32.36 -26.84 -14.44
CA LEU E 223 -33.24 -25.90 -15.13
C LEU E 223 -33.22 -26.10 -16.64
N VAL E 224 -32.04 -26.33 -17.21
CA VAL E 224 -31.92 -26.50 -18.65
C VAL E 224 -32.49 -27.84 -19.10
N ILE E 225 -32.61 -28.77 -18.17
CA ILE E 225 -33.31 -30.02 -18.42
C ILE E 225 -34.81 -29.77 -18.33
N ARG E 226 -35.20 -28.98 -17.34
CA ARG E 226 -36.59 -28.61 -17.14
C ARG E 226 -37.11 -27.85 -18.36
N LEU E 227 -36.26 -26.98 -18.91
CA LEU E 227 -36.62 -26.23 -20.11
C LEU E 227 -36.65 -27.11 -21.36
N GLY E 228 -35.88 -28.20 -21.33
CA GLY E 228 -35.86 -29.14 -22.44
C GLY E 228 -37.23 -29.72 -22.74
N HIS E 229 -37.94 -30.08 -21.67
CA HIS E 229 -39.28 -30.66 -21.77
C HIS E 229 -40.39 -29.64 -21.60
N ILE E 230 -40.02 -28.36 -21.50
CA ILE E 230 -40.94 -27.30 -21.10
C ILE E 230 -42.25 -27.19 -21.93
N LEU E 231 -42.22 -27.66 -23.17
CA LEU E 231 -43.40 -27.58 -24.03
C LEU E 231 -44.31 -28.81 -23.92
N GLU E 232 -43.78 -29.88 -23.34
CA GLU E 232 -44.52 -31.13 -23.20
C GLU E 232 -45.15 -31.31 -21.82
N VAL E 233 -45.02 -30.28 -20.98
CA VAL E 233 -45.46 -30.33 -19.59
C VAL E 233 -46.93 -30.73 -19.40
N GLY E 234 -47.17 -31.74 -18.58
CA GLY E 234 -48.51 -32.14 -18.22
C GLY E 234 -49.31 -32.89 -19.27
N PHE E 235 -48.62 -33.51 -20.21
CA PHE E 235 -49.27 -34.24 -21.31
C PHE E 235 -50.25 -35.31 -20.82
N GLU E 236 -49.73 -36.32 -20.13
CA GLU E 236 -50.56 -37.43 -19.67
C GLU E 236 -51.67 -37.02 -18.69
N TYR E 237 -51.44 -35.95 -17.94
CA TYR E 237 -52.46 -35.42 -17.04
C TYR E 237 -53.62 -34.78 -17.83
N ILE E 238 -53.28 -33.88 -18.75
CA ILE E 238 -54.28 -33.17 -19.54
C ILE E 238 -55.14 -34.12 -20.35
N ILE E 239 -54.49 -34.99 -21.11
CA ILE E 239 -55.17 -35.92 -22.01
C ILE E 239 -56.23 -36.77 -21.29
N LEU E 240 -56.00 -37.01 -20.00
CA LEU E 240 -56.94 -37.78 -19.19
C LEU E 240 -58.13 -36.96 -18.74
N LEU E 241 -57.85 -35.80 -18.16
CA LEU E 241 -58.85 -35.05 -17.41
C LEU E 241 -59.54 -33.89 -18.14
N TYR E 242 -59.14 -33.59 -19.38
CA TYR E 242 -59.61 -32.34 -19.97
C TYR E 242 -61.00 -32.50 -20.61
N GLN E 243 -61.95 -31.75 -20.07
CA GLN E 243 -63.33 -31.83 -20.54
C GLN E 243 -63.52 -30.86 -21.72
N PRO E 244 -64.59 -31.09 -22.52
CA PRO E 244 -64.98 -30.22 -23.64
C PRO E 244 -65.04 -28.75 -23.28
N THR E 245 -65.55 -28.45 -22.09
CA THR E 245 -65.66 -27.07 -21.65
C THR E 245 -64.29 -26.50 -21.33
N THR E 246 -63.38 -27.36 -20.88
CA THR E 246 -62.03 -26.91 -20.55
C THR E 246 -61.07 -27.12 -21.70
N TYR E 247 -61.59 -27.58 -22.84
CA TYR E 247 -60.80 -27.79 -24.05
C TYR E 247 -59.99 -26.56 -24.44
N GLU E 248 -60.54 -25.38 -24.21
CA GLU E 248 -59.89 -24.13 -24.61
C GLU E 248 -58.58 -23.91 -23.84
N THR E 249 -58.66 -23.94 -22.52
CA THR E 249 -57.50 -23.67 -21.66
C THR E 249 -56.58 -24.87 -21.52
N ALA E 250 -57.15 -26.08 -21.55
CA ALA E 250 -56.41 -27.29 -21.26
C ALA E 250 -55.57 -27.75 -22.44
N ASP E 251 -56.08 -27.58 -23.66
CA ASP E 251 -55.41 -28.08 -24.85
C ASP E 251 -54.03 -27.46 -25.03
N VAL E 252 -53.05 -28.33 -25.28
CA VAL E 252 -51.66 -27.94 -25.42
C VAL E 252 -51.15 -28.62 -26.68
N ILE E 253 -50.10 -28.07 -27.30
CA ILE E 253 -49.58 -28.59 -28.56
C ILE E 253 -49.45 -30.11 -28.53
N SER E 254 -48.82 -30.62 -27.47
CA SER E 254 -48.65 -32.06 -27.29
C SER E 254 -49.98 -32.82 -27.34
N THR E 255 -51.02 -32.22 -26.76
CA THR E 255 -52.36 -32.82 -26.81
C THR E 255 -52.93 -32.74 -28.21
N TYR E 256 -52.89 -31.53 -28.78
CA TYR E 256 -53.36 -31.27 -30.14
C TYR E 256 -52.76 -32.26 -31.13
N ILE E 257 -51.45 -32.45 -31.03
CA ILE E 257 -50.72 -33.43 -31.85
C ILE E 257 -51.34 -34.82 -31.69
N TYR E 258 -51.51 -35.25 -30.45
CA TYR E 258 -52.09 -36.55 -30.14
C TYR E 258 -53.48 -36.74 -30.76
N ARG E 259 -54.37 -35.79 -30.51
CA ARG E 259 -55.76 -35.87 -30.95
C ARG E 259 -55.88 -36.06 -32.46
N LEU E 260 -55.14 -35.27 -33.22
CA LEU E 260 -55.17 -35.38 -34.68
C LEU E 260 -54.33 -36.55 -35.16
N GLY E 261 -53.15 -36.71 -34.56
CA GLY E 261 -52.20 -37.72 -34.99
C GLY E 261 -52.65 -39.15 -34.81
N LEU E 262 -53.07 -39.49 -33.58
CA LEU E 262 -53.46 -40.85 -33.27
C LEU E 262 -54.97 -41.01 -33.29
N GLN E 263 -55.66 -40.30 -32.42
CA GLN E 263 -57.13 -40.31 -32.38
C GLN E 263 -57.72 -39.94 -33.75
N GLY E 264 -57.51 -38.70 -34.16
CA GLY E 264 -58.04 -38.20 -35.42
C GLY E 264 -57.42 -38.80 -36.67
N ALA E 265 -56.32 -39.53 -36.47
CA ALA E 265 -55.62 -40.22 -37.56
C ALA E 265 -55.15 -39.30 -38.69
N ARG E 266 -54.90 -38.03 -38.35
CA ARG E 266 -54.26 -37.11 -39.29
C ARG E 266 -52.79 -36.99 -38.94
N TYR E 267 -51.96 -37.59 -39.78
CA TYR E 267 -50.55 -37.81 -39.46
C TYR E 267 -49.67 -36.64 -39.90
N ASP E 268 -49.63 -36.40 -41.20
CA ASP E 268 -48.78 -35.37 -41.81
C ASP E 268 -48.86 -34.02 -41.12
N ILE E 269 -50.09 -33.55 -40.88
CA ILE E 269 -50.33 -32.26 -40.25
C ILE E 269 -49.91 -32.29 -38.78
N ALA E 270 -49.93 -33.48 -38.20
CA ALA E 270 -49.50 -33.68 -36.82
C ALA E 270 -47.99 -33.74 -36.79
N THR E 271 -47.42 -34.71 -37.50
CA THR E 271 -45.97 -34.89 -37.57
C THR E 271 -45.25 -33.57 -37.83
N ALA E 272 -45.81 -32.78 -38.75
CA ALA E 272 -45.27 -31.45 -39.02
C ALA E 272 -45.38 -30.55 -37.79
N ALA E 273 -46.52 -30.61 -37.11
CA ALA E 273 -46.70 -29.86 -35.88
C ALA E 273 -45.80 -30.42 -34.77
N GLY E 274 -45.39 -31.68 -34.95
CA GLY E 274 -44.42 -32.31 -34.07
C GLY E 274 -43.06 -31.66 -34.22
N ILE E 275 -42.71 -31.34 -35.46
CA ILE E 275 -41.43 -30.72 -35.77
C ILE E 275 -41.36 -29.34 -35.11
N PHE E 276 -42.39 -28.54 -35.34
CA PHE E 276 -42.48 -27.19 -34.77
C PHE E 276 -42.31 -27.22 -33.25
N ASN E 277 -42.79 -28.28 -32.61
CA ASN E 277 -42.61 -28.45 -31.18
C ASN E 277 -41.20 -28.94 -30.82
N ALA E 278 -40.66 -29.81 -31.66
CA ALA E 278 -39.35 -30.41 -31.42
C ALA E 278 -38.21 -29.42 -31.64
N VAL E 279 -38.31 -28.66 -32.72
CA VAL E 279 -37.27 -27.68 -33.06
C VAL E 279 -37.18 -26.58 -32.01
N VAL E 280 -38.31 -25.99 -31.66
CA VAL E 280 -38.37 -24.95 -30.63
C VAL E 280 -37.82 -25.46 -29.29
N ALA E 281 -38.18 -26.69 -28.95
CA ALA E 281 -37.65 -27.36 -27.77
C ALA E 281 -36.13 -27.48 -27.87
N LEU E 282 -35.66 -27.91 -29.04
CA LEU E 282 -34.23 -28.00 -29.31
C LEU E 282 -33.60 -26.61 -29.33
N VAL E 283 -34.38 -25.62 -29.76
CA VAL E 283 -33.95 -24.22 -29.73
C VAL E 283 -33.84 -23.70 -28.29
N ILE E 284 -34.90 -23.90 -27.51
CA ILE E 284 -34.98 -23.32 -26.17
C ILE E 284 -33.99 -23.97 -25.20
N VAL E 285 -33.56 -25.20 -25.49
CA VAL E 285 -32.54 -25.85 -24.65
C VAL E 285 -31.15 -25.33 -25.00
N LEU E 286 -30.96 -24.90 -26.25
CA LEU E 286 -29.71 -24.32 -26.69
C LEU E 286 -29.53 -22.95 -26.07
N PHE E 287 -30.59 -22.14 -26.12
CA PHE E 287 -30.60 -20.84 -25.49
C PHE E 287 -30.49 -20.99 -23.98
N ALA E 288 -30.88 -22.16 -23.47
CA ALA E 288 -30.78 -22.47 -22.06
C ALA E 288 -29.32 -22.78 -21.71
N ASN E 289 -28.80 -23.85 -22.30
CA ASN E 289 -27.44 -24.31 -22.06
C ASN E 289 -26.38 -23.21 -22.18
N HIS E 290 -26.51 -22.38 -23.21
CA HIS E 290 -25.63 -21.23 -23.40
C HIS E 290 -25.60 -20.33 -22.16
N MET E 291 -26.72 -19.66 -21.89
CA MET E 291 -26.85 -18.75 -20.76
C MET E 291 -26.54 -19.41 -19.41
N SER E 292 -26.76 -20.72 -19.33
CA SER E 292 -26.46 -21.44 -18.10
C SER E 292 -24.95 -21.57 -17.94
N ARG E 293 -24.32 -22.32 -18.84
CA ARG E 293 -22.88 -22.53 -18.81
C ARG E 293 -22.11 -21.20 -18.77
N ARG E 294 -22.53 -20.25 -19.60
CA ARG E 294 -21.91 -18.92 -19.63
C ARG E 294 -21.92 -18.26 -18.25
N ILE E 295 -23.09 -17.86 -17.77
CA ILE E 295 -23.15 -17.11 -16.52
C ILE E 295 -22.86 -18.00 -15.31
N THR E 296 -23.56 -19.13 -15.20
CA THR E 296 -23.29 -20.07 -14.11
C THR E 296 -22.36 -21.16 -14.63
N LYS E 297 -21.05 -20.87 -14.60
CA LYS E 297 -20.00 -21.89 -14.56
C LYS E 297 -18.62 -21.24 -14.45
N THR F 4 -24.64 -27.78 14.49
CA THR F 4 -25.05 -28.63 15.61
C THR F 4 -25.50 -27.87 16.86
N PRO F 5 -24.70 -26.89 17.33
CA PRO F 5 -24.96 -26.52 18.73
C PRO F 5 -25.95 -25.35 18.90
N PHE F 6 -27.15 -25.54 18.39
CA PHE F 6 -28.39 -24.86 18.80
C PHE F 6 -28.33 -23.35 18.97
N TYR F 7 -28.66 -22.95 20.20
CA TYR F 7 -28.61 -21.58 20.70
C TYR F 7 -29.57 -20.59 20.04
N SER F 8 -28.99 -19.56 19.42
CA SER F 8 -29.63 -18.25 19.23
C SER F 8 -31.05 -18.31 18.69
N ARG F 9 -31.84 -17.36 19.18
CA ARG F 9 -33.24 -17.16 18.81
C ARG F 9 -33.51 -16.97 17.32
N SER F 10 -32.63 -16.27 16.61
CA SER F 10 -32.85 -16.10 15.16
C SER F 10 -32.79 -17.46 14.46
N ASP F 11 -32.33 -18.48 15.17
CA ASP F 11 -32.31 -19.85 14.68
C ASP F 11 -33.45 -20.65 15.31
N ARG F 12 -33.43 -20.72 16.64
CA ARG F 12 -34.37 -21.53 17.42
C ARG F 12 -35.83 -21.36 17.02
N ILE F 13 -36.26 -20.12 16.87
CA ILE F 13 -37.61 -19.84 16.39
C ILE F 13 -37.78 -20.31 14.95
N PHE F 14 -36.87 -19.89 14.07
CA PHE F 14 -36.85 -20.33 12.68
C PHE F 14 -36.90 -21.85 12.56
N GLY F 15 -36.09 -22.52 13.38
CA GLY F 15 -36.01 -23.97 13.35
C GLY F 15 -37.33 -24.64 13.68
N ILE F 16 -38.08 -24.07 14.62
CA ILE F 16 -39.33 -24.67 15.04
C ILE F 16 -40.41 -24.46 13.98
N VAL F 17 -40.57 -23.21 13.52
CA VAL F 17 -41.58 -22.87 12.53
C VAL F 17 -41.32 -23.59 11.21
N ASN F 18 -40.09 -24.00 10.97
CA ASN F 18 -39.76 -24.80 9.81
C ASN F 18 -40.34 -26.21 9.92
N ALA F 19 -40.10 -26.84 11.08
CA ALA F 19 -40.57 -28.19 11.34
C ALA F 19 -42.10 -28.28 11.37
N VAL F 20 -42.75 -27.21 11.79
CA VAL F 20 -44.21 -27.16 11.81
C VAL F 20 -44.77 -27.02 10.40
N LEU F 21 -44.26 -26.04 9.66
CA LEU F 21 -44.66 -25.81 8.27
C LEU F 21 -44.43 -27.05 7.42
N LEU F 22 -43.26 -27.65 7.58
CA LEU F 22 -42.92 -28.89 6.89
C LEU F 22 -43.85 -30.02 7.33
N GLY F 23 -44.17 -30.03 8.63
CA GLY F 23 -45.09 -31.00 9.19
C GLY F 23 -46.47 -30.85 8.58
N ILE F 24 -46.94 -29.60 8.50
CA ILE F 24 -48.23 -29.31 7.88
C ILE F 24 -48.26 -29.81 6.43
N PHE F 25 -47.24 -29.46 5.67
CA PHE F 25 -47.11 -29.92 4.28
C PHE F 25 -47.11 -31.44 4.23
N ALA F 26 -46.42 -32.06 5.18
CA ALA F 26 -46.31 -33.51 5.30
C ALA F 26 -47.68 -34.16 5.50
N LEU F 27 -48.51 -33.54 6.32
CA LEU F 27 -49.85 -34.05 6.58
C LEU F 27 -50.72 -33.94 5.34
N CYS F 28 -50.59 -32.84 4.61
CA CYS F 28 -51.30 -32.66 3.35
C CYS F 28 -50.95 -33.74 2.33
N ALA F 29 -49.69 -34.16 2.32
CA ALA F 29 -49.24 -35.18 1.38
C ALA F 29 -49.68 -36.58 1.78
N LEU F 30 -49.77 -36.83 3.08
CA LEU F 30 -50.19 -38.14 3.58
C LEU F 30 -51.71 -38.26 3.64
N TYR F 31 -52.38 -37.12 3.58
CA TYR F 31 -53.84 -37.08 3.73
C TYR F 31 -54.62 -37.92 2.72
N PRO F 32 -54.37 -37.73 1.40
CA PRO F 32 -55.19 -38.50 0.47
C PRO F 32 -54.98 -40.01 0.60
N ILE F 33 -53.78 -40.42 1.01
CA ILE F 33 -53.45 -41.84 1.14
C ILE F 33 -54.22 -42.52 2.27
N ILE F 34 -54.35 -41.84 3.40
CA ILE F 34 -55.09 -42.41 4.52
C ILE F 34 -56.59 -42.26 4.29
N TYR F 35 -56.97 -41.25 3.51
CA TYR F 35 -58.36 -41.02 3.17
C TYR F 35 -59.01 -42.19 2.44
N ILE F 36 -58.55 -42.43 1.21
CA ILE F 36 -59.09 -43.48 0.38
C ILE F 36 -58.92 -44.86 1.02
N PHE F 37 -57.90 -45.00 1.86
CA PHE F 37 -57.69 -46.22 2.63
C PHE F 37 -58.87 -46.46 3.56
N SER F 38 -59.33 -45.39 4.18
CA SER F 38 -60.52 -45.43 5.03
C SER F 38 -61.79 -45.54 4.20
N MET F 39 -61.88 -44.71 3.16
CA MET F 39 -63.05 -44.66 2.28
C MET F 39 -63.31 -46.00 1.60
N SER F 40 -62.23 -46.69 1.23
CA SER F 40 -62.33 -48.03 0.64
C SER F 40 -62.98 -49.04 1.59
N ILE F 41 -62.67 -48.90 2.87
CA ILE F 41 -63.19 -49.81 3.89
C ILE F 41 -64.64 -49.45 4.24
N SER F 42 -64.99 -48.18 4.06
CA SER F 42 -66.28 -47.67 4.49
C SER F 42 -67.42 -48.23 3.64
N SER F 43 -68.65 -47.83 3.97
CA SER F 43 -69.83 -48.31 3.28
C SER F 43 -70.33 -47.28 2.28
N GLY F 44 -70.91 -47.75 1.18
CA GLY F 44 -71.40 -46.89 0.13
C GLY F 44 -72.29 -45.75 0.60
N ALA F 45 -73.26 -46.08 1.45
CA ALA F 45 -74.18 -45.08 2.00
C ALA F 45 -73.45 -44.00 2.80
N ALA F 46 -72.46 -44.42 3.57
CA ALA F 46 -71.68 -43.50 4.40
C ALA F 46 -70.93 -42.48 3.55
N VAL F 47 -70.19 -42.97 2.57
CA VAL F 47 -69.36 -42.11 1.71
C VAL F 47 -70.23 -41.20 0.86
N THR F 48 -71.41 -41.67 0.49
CA THR F 48 -72.26 -41.00 -0.48
C THR F 48 -72.72 -39.61 -0.02
N GLN F 49 -72.74 -39.36 1.30
CA GLN F 49 -73.20 -38.06 1.76
C GLN F 49 -72.22 -37.24 2.61
N GLY F 50 -72.20 -37.47 3.91
CA GLY F 50 -71.44 -36.63 4.81
C GLY F 50 -70.22 -37.17 5.52
N ARG F 51 -70.01 -38.49 5.45
CA ARG F 51 -69.11 -39.15 6.40
C ARG F 51 -67.66 -39.24 5.95
N VAL F 52 -66.91 -40.09 6.67
CA VAL F 52 -65.46 -40.24 6.53
C VAL F 52 -64.73 -38.93 6.84
N PHE F 53 -64.07 -38.37 5.82
CA PHE F 53 -63.17 -37.21 5.91
C PHE F 53 -61.81 -37.57 6.51
N LEU F 54 -61.79 -38.56 7.39
CA LEU F 54 -60.54 -39.16 7.87
C LEU F 54 -60.64 -40.67 8.03
N LEU F 55 -61.45 -41.09 9.00
CA LEU F 55 -61.55 -42.48 9.41
C LEU F 55 -62.66 -43.24 8.67
N PRO F 56 -62.57 -44.58 8.64
CA PRO F 56 -63.67 -45.39 8.10
C PRO F 56 -64.92 -45.18 8.93
N VAL F 57 -66.11 -45.47 8.39
CA VAL F 57 -67.33 -45.25 9.16
C VAL F 57 -68.17 -46.51 9.35
N ASP F 58 -68.90 -46.92 8.32
CA ASP F 58 -69.83 -48.04 8.45
C ASP F 58 -69.24 -49.35 7.96
N ILE F 59 -67.94 -49.33 7.64
CA ILE F 59 -67.15 -50.49 7.19
C ILE F 59 -67.89 -51.33 6.14
N ASP F 60 -68.19 -52.58 6.48
CA ASP F 60 -68.88 -53.57 5.63
C ASP F 60 -67.96 -54.21 4.58
N PHE F 61 -66.82 -53.59 4.30
CA PHE F 61 -65.74 -54.25 3.54
C PHE F 61 -66.16 -54.80 2.18
N SER F 62 -67.26 -54.28 1.63
CA SER F 62 -67.92 -54.96 0.51
C SER F 62 -67.35 -54.58 -0.84
N ALA F 63 -66.62 -53.46 -0.90
CA ALA F 63 -66.13 -52.95 -2.17
C ALA F 63 -65.01 -53.84 -2.72
N TYR F 64 -64.23 -54.39 -1.80
CA TYR F 64 -63.09 -55.26 -2.13
C TYR F 64 -63.54 -56.53 -2.84
N GLY F 65 -64.67 -57.09 -2.40
CA GLY F 65 -65.25 -58.29 -2.99
C GLY F 65 -65.46 -58.18 -4.49
N ARG F 66 -65.86 -56.99 -4.94
CA ARG F 66 -66.03 -56.70 -6.36
C ARG F 66 -64.75 -56.89 -7.16
N VAL F 67 -63.69 -56.19 -6.76
CA VAL F 67 -62.43 -56.22 -7.47
C VAL F 67 -61.75 -57.59 -7.39
N LEU F 68 -61.91 -58.28 -6.27
CA LEU F 68 -61.33 -59.61 -6.09
C LEU F 68 -61.87 -60.61 -7.13
N HIS F 69 -63.12 -60.45 -7.53
CA HIS F 69 -63.72 -61.32 -8.54
C HIS F 69 -63.63 -60.73 -9.95
N ASP F 70 -62.99 -59.56 -10.06
CA ASP F 70 -62.73 -58.97 -11.37
C ASP F 70 -61.54 -59.64 -12.04
N LYS F 71 -61.78 -60.23 -13.21
CA LYS F 71 -60.74 -60.98 -13.91
C LYS F 71 -59.79 -60.03 -14.63
N LEU F 72 -60.34 -58.99 -15.26
CA LEU F 72 -59.53 -58.01 -15.96
C LEU F 72 -58.54 -57.33 -15.02
N PHE F 73 -59.00 -57.04 -13.80
CA PHE F 73 -58.16 -56.41 -12.78
C PHE F 73 -56.91 -57.25 -12.54
N TRP F 74 -57.14 -58.51 -12.18
CA TRP F 74 -56.08 -59.47 -11.96
C TRP F 74 -55.35 -59.86 -13.24
N THR F 75 -56.03 -59.74 -14.37
CA THR F 75 -55.40 -59.97 -15.67
C THR F 75 -54.40 -58.86 -15.94
N SER F 76 -54.85 -57.62 -15.75
CA SER F 76 -54.03 -56.45 -16.02
C SER F 76 -52.89 -56.33 -15.02
N TYR F 77 -53.15 -56.70 -13.77
CA TYR F 77 -52.10 -56.73 -12.75
C TYR F 77 -50.95 -57.66 -13.15
N ALA F 78 -51.32 -58.83 -13.67
CA ALA F 78 -50.34 -59.81 -14.13
C ALA F 78 -49.49 -59.27 -15.28
N ASN F 79 -50.12 -58.51 -16.17
CA ASN F 79 -49.42 -57.90 -17.29
C ASN F 79 -48.32 -56.91 -16.89
N THR F 80 -48.57 -56.10 -15.87
CA THR F 80 -47.57 -55.15 -15.40
C THR F 80 -46.39 -55.87 -14.76
N ILE F 81 -46.70 -56.88 -13.94
CA ILE F 81 -45.68 -57.70 -13.32
C ILE F 81 -44.82 -58.36 -14.40
N PHE F 82 -45.45 -58.78 -15.49
CA PHE F 82 -44.71 -59.29 -16.63
C PHE F 82 -43.86 -58.18 -17.25
N TYR F 83 -44.51 -57.05 -17.53
CA TYR F 83 -43.85 -55.93 -18.18
C TYR F 83 -42.72 -55.36 -17.32
N THR F 84 -42.95 -55.26 -16.01
CA THR F 84 -41.92 -54.72 -15.13
C THR F 84 -40.71 -55.66 -15.07
N VAL F 85 -40.95 -56.93 -14.75
CA VAL F 85 -39.87 -57.89 -14.62
C VAL F 85 -39.08 -58.06 -15.91
N PHE F 86 -39.75 -58.44 -17.00
CA PHE F 86 -39.06 -58.68 -18.26
C PHE F 86 -38.61 -57.39 -18.94
N GLY F 87 -39.40 -56.33 -18.78
CA GLY F 87 -39.03 -55.04 -19.34
C GLY F 87 -37.75 -54.45 -18.79
N VAL F 88 -37.54 -54.63 -17.49
CA VAL F 88 -36.31 -54.18 -16.85
C VAL F 88 -35.10 -54.96 -17.38
N VAL F 89 -35.19 -56.28 -17.34
CA VAL F 89 -34.09 -57.14 -17.77
C VAL F 89 -33.68 -56.87 -19.21
N THR F 90 -34.67 -56.64 -20.08
CA THR F 90 -34.39 -56.28 -21.47
C THR F 90 -33.69 -54.93 -21.55
N SER F 91 -34.03 -54.04 -20.64
CA SER F 91 -33.38 -52.74 -20.56
C SER F 91 -31.96 -52.91 -20.05
N LEU F 92 -31.80 -53.73 -19.01
CA LEU F 92 -30.49 -53.99 -18.42
C LEU F 92 -29.51 -54.58 -19.44
N ILE F 93 -29.96 -55.61 -20.15
CA ILE F 93 -29.12 -56.31 -21.14
C ILE F 93 -28.70 -55.35 -22.26
N PHE F 94 -29.55 -54.40 -22.59
CA PHE F 94 -29.25 -53.41 -23.61
C PHE F 94 -28.42 -52.22 -23.11
N ILE F 95 -28.45 -51.97 -21.81
CA ILE F 95 -27.80 -50.79 -21.25
C ILE F 95 -26.47 -51.10 -20.55
N VAL F 96 -26.53 -51.92 -19.50
CA VAL F 96 -25.36 -52.21 -18.66
C VAL F 96 -24.07 -52.55 -19.44
N PRO F 97 -24.11 -53.51 -20.38
CA PRO F 97 -22.88 -53.69 -21.15
C PRO F 97 -22.62 -52.52 -22.11
N GLY F 98 -23.68 -51.95 -22.66
CA GLY F 98 -23.58 -50.86 -23.60
C GLY F 98 -22.87 -49.65 -23.02
N ALA F 99 -23.14 -49.36 -21.75
CA ALA F 99 -22.49 -48.26 -21.06
C ALA F 99 -21.06 -48.64 -20.67
N TYR F 100 -20.85 -49.91 -20.34
CA TYR F 100 -19.52 -50.40 -19.99
C TYR F 100 -18.52 -50.14 -21.12
N ALA F 101 -18.96 -50.40 -22.34
CA ALA F 101 -18.15 -50.07 -23.52
C ALA F 101 -17.99 -48.57 -23.66
N LEU F 102 -19.09 -47.85 -23.43
CA LEU F 102 -19.09 -46.39 -23.53
C LEU F 102 -18.20 -45.74 -22.47
N SER F 103 -17.93 -46.46 -21.39
CA SER F 103 -17.10 -45.92 -20.32
C SER F 103 -15.62 -45.85 -20.69
N LYS F 104 -15.10 -46.95 -21.21
CA LYS F 104 -13.69 -47.04 -21.57
C LYS F 104 -13.40 -46.15 -22.78
N PRO F 105 -12.57 -45.12 -22.59
CA PRO F 105 -12.30 -44.21 -23.70
C PRO F 105 -11.12 -44.66 -24.56
N ARG F 106 -11.08 -45.95 -24.90
CA ARG F 106 -10.16 -46.42 -25.92
C ARG F 106 -10.92 -46.63 -27.23
N ILE F 107 -12.24 -46.47 -27.14
CA ILE F 107 -13.14 -46.70 -28.28
C ILE F 107 -13.09 -45.55 -29.28
N ARG F 108 -13.04 -45.87 -30.57
CA ARG F 108 -13.05 -44.85 -31.61
C ARG F 108 -14.40 -44.11 -31.59
N GLY F 109 -15.48 -44.87 -31.58
CA GLY F 109 -16.82 -44.31 -31.60
C GLY F 109 -17.21 -43.54 -30.36
N ARG F 110 -16.37 -43.61 -29.33
CA ARG F 110 -16.63 -42.99 -28.03
C ARG F 110 -17.14 -41.55 -28.14
N ARG F 111 -16.56 -40.81 -29.08
CA ARG F 111 -17.02 -39.48 -29.42
C ARG F 111 -18.37 -39.49 -30.12
N VAL F 112 -18.46 -40.24 -31.22
CA VAL F 112 -19.66 -40.20 -32.06
C VAL F 112 -20.80 -41.06 -31.51
N PHE F 113 -20.47 -42.19 -30.89
CA PHE F 113 -21.49 -43.08 -30.33
C PHE F 113 -22.18 -42.38 -29.17
N GLY F 114 -21.38 -41.63 -28.39
CA GLY F 114 -21.90 -40.86 -27.28
C GLY F 114 -22.88 -39.82 -27.79
N PHE F 115 -22.52 -39.16 -28.89
CA PHE F 115 -23.38 -38.16 -29.50
C PHE F 115 -24.70 -38.75 -29.97
N ILE F 116 -24.63 -39.89 -30.65
CA ILE F 116 -25.82 -40.63 -31.09
C ILE F 116 -26.83 -40.80 -29.97
N ILE F 117 -26.42 -41.51 -28.92
CA ILE F 117 -27.28 -41.73 -27.76
C ILE F 117 -27.80 -40.44 -27.14
N ALA F 118 -26.87 -39.56 -26.75
CA ALA F 118 -27.23 -38.34 -26.02
C ALA F 118 -28.10 -37.38 -26.82
N PHE F 119 -27.96 -37.38 -28.14
CA PHE F 119 -28.72 -36.45 -28.98
C PHE F 119 -30.22 -36.68 -28.88
N THR F 120 -30.61 -37.92 -28.59
CA THR F 120 -32.02 -38.27 -28.46
C THR F 120 -32.68 -37.59 -27.28
N MET F 121 -31.87 -37.11 -26.34
CA MET F 121 -32.38 -36.40 -25.17
C MET F 121 -33.12 -35.13 -25.56
N TRP F 122 -32.41 -34.23 -26.24
CA TRP F 122 -32.89 -32.88 -26.45
C TRP F 122 -33.66 -32.74 -27.77
N PHE F 123 -33.61 -33.77 -28.60
CA PHE F 123 -34.38 -33.78 -29.83
C PHE F 123 -35.00 -35.16 -30.03
N ASN F 124 -36.31 -35.17 -30.31
CA ASN F 124 -37.05 -36.39 -30.54
C ASN F 124 -37.82 -36.34 -31.85
N ALA F 125 -37.96 -37.49 -32.50
CA ALA F 125 -38.66 -37.59 -33.78
C ALA F 125 -40.11 -37.12 -33.67
N GLY F 126 -40.65 -37.18 -32.46
CA GLY F 126 -42.02 -36.79 -32.20
C GLY F 126 -42.94 -37.96 -31.92
N MET F 127 -44.15 -37.64 -31.48
CA MET F 127 -45.16 -38.65 -31.11
C MET F 127 -45.50 -39.61 -32.25
N ILE F 128 -46.08 -39.06 -33.31
CA ILE F 128 -46.58 -39.86 -34.44
C ILE F 128 -45.51 -40.71 -35.16
N PRO F 129 -44.34 -40.13 -35.50
CA PRO F 129 -43.35 -40.96 -36.21
C PRO F 129 -42.90 -42.18 -35.41
N PHE F 130 -42.92 -42.08 -34.09
CA PHE F 130 -42.60 -43.23 -33.25
C PHE F 130 -43.66 -44.31 -33.39
N PHE F 131 -44.92 -43.89 -33.32
CA PHE F 131 -46.05 -44.83 -33.45
C PHE F 131 -46.03 -45.51 -34.81
N LEU F 132 -45.76 -44.73 -35.86
CA LEU F 132 -45.72 -45.26 -37.21
C LEU F 132 -44.61 -46.29 -37.40
N ASN F 133 -43.44 -46.00 -36.83
CA ASN F 133 -42.33 -46.93 -36.89
C ASN F 133 -42.65 -48.21 -36.12
N MET F 134 -43.47 -48.07 -35.08
CA MET F 134 -43.97 -49.23 -34.35
C MET F 134 -44.91 -50.05 -35.22
N ARG F 135 -45.65 -49.38 -36.09
CA ARG F 135 -46.65 -50.04 -36.93
C ARG F 135 -46.03 -50.95 -37.98
N ASP F 136 -45.09 -50.42 -38.77
CA ASP F 136 -44.49 -51.18 -39.85
C ASP F 136 -43.39 -52.11 -39.36
N LEU F 137 -43.09 -52.05 -38.06
CA LEU F 137 -42.23 -53.04 -37.44
C LEU F 137 -43.04 -54.22 -36.92
N GLY F 138 -44.36 -54.11 -37.03
CA GLY F 138 -45.26 -55.19 -36.65
C GLY F 138 -45.30 -55.43 -35.15
N LEU F 139 -44.99 -54.40 -34.37
CA LEU F 139 -44.91 -54.55 -32.93
C LEU F 139 -46.19 -54.11 -32.21
N LEU F 140 -47.17 -53.64 -32.99
CA LEU F 140 -48.43 -53.18 -32.40
C LEU F 140 -49.20 -54.36 -31.79
N ASP F 141 -49.89 -54.09 -30.68
CA ASP F 141 -50.65 -55.10 -29.95
C ASP F 141 -49.80 -56.34 -29.64
N ASN F 142 -48.53 -56.10 -29.30
CA ASN F 142 -47.60 -57.19 -29.06
C ASN F 142 -46.79 -56.92 -27.79
N ARG F 143 -46.75 -57.91 -26.89
CA ARG F 143 -46.07 -57.75 -25.61
C ARG F 143 -44.56 -57.53 -25.77
N PHE F 144 -43.92 -58.33 -26.61
CA PHE F 144 -42.50 -58.16 -26.88
C PHE F 144 -42.24 -56.80 -27.53
N GLY F 145 -43.24 -56.30 -28.25
CA GLY F 145 -43.19 -54.97 -28.84
C GLY F 145 -43.13 -53.88 -27.79
N ILE F 146 -43.75 -54.14 -26.66
CA ILE F 146 -43.73 -53.19 -25.54
C ILE F 146 -42.38 -53.28 -24.84
N LEU F 147 -41.89 -54.49 -24.65
CA LEU F 147 -40.60 -54.73 -24.00
C LEU F 147 -39.45 -54.08 -24.76
N ILE F 148 -39.30 -54.46 -26.02
CA ILE F 148 -38.21 -53.98 -26.86
C ILE F 148 -38.48 -52.58 -27.38
N GLY F 149 -39.74 -52.15 -27.28
CA GLY F 149 -40.14 -50.83 -27.72
C GLY F 149 -39.48 -49.76 -26.87
N PHE F 150 -39.53 -49.95 -25.56
CA PHE F 150 -38.85 -49.05 -24.64
C PHE F 150 -37.97 -49.84 -23.69
N ALA F 151 -36.66 -49.74 -23.93
CA ALA F 151 -35.66 -50.42 -23.12
C ALA F 151 -34.56 -49.43 -22.78
N CYS F 152 -33.88 -48.95 -23.81
CA CYS F 152 -32.78 -48.02 -23.65
C CYS F 152 -33.28 -46.60 -23.44
N ASN F 153 -32.84 -45.99 -22.35
CA ASN F 153 -33.00 -44.55 -22.16
C ASN F 153 -31.62 -43.92 -22.18
N ALA F 154 -31.51 -42.74 -22.77
CA ALA F 154 -30.23 -42.05 -22.82
C ALA F 154 -29.69 -41.76 -21.42
N PHE F 155 -30.57 -41.30 -20.53
CA PHE F 155 -30.19 -40.98 -19.16
C PHE F 155 -29.60 -42.17 -18.42
N ASN F 156 -30.29 -43.31 -18.49
CA ASN F 156 -29.86 -44.52 -17.80
C ASN F 156 -28.55 -45.08 -18.34
N ILE F 157 -28.18 -44.66 -19.55
CA ILE F 157 -26.93 -45.10 -20.15
C ILE F 157 -25.77 -44.25 -19.63
N ILE F 158 -25.82 -42.95 -19.90
CA ILE F 158 -24.76 -42.04 -19.49
C ILE F 158 -24.56 -42.03 -17.97
N LEU F 159 -25.61 -42.38 -17.22
CA LEU F 159 -25.50 -42.52 -15.78
C LEU F 159 -24.70 -43.78 -15.45
N MET F 160 -24.95 -44.83 -16.23
CA MET F 160 -24.28 -46.11 -16.03
C MET F 160 -22.82 -46.04 -16.48
N ARG F 161 -22.55 -45.26 -17.53
CA ARG F 161 -21.18 -45.14 -18.02
C ARG F 161 -20.35 -44.31 -17.06
N ASN F 162 -21.00 -43.36 -16.39
CA ASN F 162 -20.31 -42.46 -15.47
C ASN F 162 -19.83 -43.21 -14.23
N TYR F 163 -20.68 -44.10 -13.72
CA TYR F 163 -20.31 -44.93 -12.58
C TYR F 163 -19.21 -45.91 -12.93
N PHE F 164 -19.24 -46.42 -14.15
CA PHE F 164 -18.16 -47.26 -14.65
C PHE F 164 -16.87 -46.46 -14.73
N GLU F 165 -16.92 -45.31 -15.40
CA GLU F 165 -15.76 -44.43 -15.50
C GLU F 165 -15.26 -44.02 -14.13
N SER F 166 -16.19 -43.88 -13.18
CA SER F 166 -15.85 -43.46 -11.81
C SER F 166 -14.94 -44.49 -11.14
N ILE F 167 -15.13 -45.75 -11.48
CA ILE F 167 -14.32 -46.82 -10.92
C ILE F 167 -12.90 -46.77 -11.48
N SER F 168 -11.91 -46.84 -10.60
CA SER F 168 -10.51 -46.87 -11.02
C SER F 168 -10.27 -48.00 -12.00
N ALA F 169 -9.48 -47.73 -13.04
CA ALA F 169 -9.25 -48.70 -14.10
C ALA F 169 -8.33 -49.82 -13.62
N SER F 170 -7.79 -49.67 -12.41
CA SER F 170 -6.84 -50.63 -11.85
C SER F 170 -7.42 -52.03 -11.73
N PHE F 171 -8.74 -52.14 -11.61
CA PHE F 171 -9.40 -53.44 -11.53
C PHE F 171 -9.31 -54.17 -12.86
N GLU F 172 -9.69 -53.48 -13.93
CA GLU F 172 -9.57 -54.03 -15.28
C GLU F 172 -8.13 -54.36 -15.62
N GLU F 173 -7.24 -53.42 -15.33
CA GLU F 173 -5.82 -53.58 -15.59
C GLU F 173 -5.26 -54.82 -14.91
N ALA F 174 -5.58 -54.98 -13.62
CA ALA F 174 -5.19 -56.16 -12.86
C ALA F 174 -5.72 -57.44 -13.47
N ALA F 175 -6.97 -57.39 -13.92
CA ALA F 175 -7.59 -58.53 -14.57
C ALA F 175 -6.86 -58.90 -15.85
N ARG F 176 -6.56 -57.89 -16.67
CA ARG F 176 -5.80 -58.09 -17.89
C ARG F 176 -4.43 -58.73 -17.61
N MET F 177 -3.77 -58.28 -16.54
CA MET F 177 -2.48 -58.86 -16.16
C MET F 177 -2.61 -60.35 -15.85
N ASP F 178 -3.79 -60.75 -15.39
CA ASP F 178 -4.04 -62.15 -15.10
C ASP F 178 -4.63 -62.86 -16.32
N GLY F 179 -4.94 -62.09 -17.35
CA GLY F 179 -5.41 -62.66 -18.60
C GLY F 179 -6.90 -62.49 -18.90
N ALA F 180 -7.69 -62.12 -17.89
CA ALA F 180 -9.12 -61.89 -18.07
C ALA F 180 -9.41 -60.80 -19.09
N ASN F 181 -10.30 -61.10 -20.03
CA ASN F 181 -10.58 -60.20 -21.15
C ASN F 181 -12.03 -59.70 -21.23
N ASP F 182 -12.22 -58.41 -21.01
CA ASP F 182 -13.50 -57.73 -21.26
C ASP F 182 -14.70 -58.35 -20.54
N LEU F 183 -15.63 -58.94 -21.29
CA LEU F 183 -16.91 -59.40 -20.73
C LEU F 183 -16.78 -60.14 -19.40
N GLN F 184 -15.76 -60.99 -19.29
CA GLN F 184 -15.53 -61.70 -18.03
C GLN F 184 -15.03 -60.77 -16.93
N ILE F 185 -14.52 -59.60 -17.32
CA ILE F 185 -14.18 -58.57 -16.35
C ILE F 185 -15.47 -57.88 -15.92
N LEU F 186 -16.33 -57.61 -16.90
CA LEU F 186 -17.60 -56.95 -16.64
C LEU F 186 -18.42 -57.69 -15.59
N TRP F 187 -18.56 -59.00 -15.77
CA TRP F 187 -19.37 -59.80 -14.87
C TRP F 187 -18.70 -60.12 -13.54
N LYS F 188 -17.40 -60.33 -13.57
CA LYS F 188 -16.69 -60.78 -12.37
C LYS F 188 -16.41 -59.65 -11.38
N VAL F 189 -16.06 -58.47 -11.86
CA VAL F 189 -15.62 -57.39 -10.96
C VAL F 189 -16.43 -56.09 -11.15
N TYR F 190 -16.43 -55.52 -12.36
CA TYR F 190 -17.09 -54.23 -12.57
C TYR F 190 -18.57 -54.21 -12.21
N ILE F 191 -19.29 -55.31 -12.48
CA ILE F 191 -20.71 -55.37 -12.13
C ILE F 191 -20.96 -55.40 -10.61
N PRO F 192 -20.30 -56.31 -9.85
CA PRO F 192 -20.56 -56.25 -8.41
C PRO F 192 -20.02 -54.95 -7.78
N LEU F 193 -19.16 -54.27 -8.51
CA LEU F 193 -18.67 -52.94 -8.12
C LEU F 193 -19.73 -51.90 -8.41
N ALA F 194 -20.58 -52.18 -9.40
CA ALA F 194 -21.53 -51.20 -9.89
C ALA F 194 -22.91 -51.29 -9.24
N LYS F 195 -23.03 -52.14 -8.21
CA LYS F 195 -24.32 -52.38 -7.54
C LYS F 195 -25.15 -51.11 -7.26
N PRO F 196 -24.52 -50.03 -6.75
CA PRO F 196 -25.32 -48.81 -6.56
C PRO F 196 -25.92 -48.27 -7.86
N ALA F 197 -25.12 -48.22 -8.92
CA ALA F 197 -25.61 -47.76 -10.22
C ALA F 197 -26.62 -48.75 -10.76
N LEU F 198 -26.38 -50.02 -10.49
CA LEU F 198 -27.30 -51.08 -10.88
C LEU F 198 -28.66 -50.89 -10.21
N ALA F 199 -28.63 -50.52 -8.94
CA ALA F 199 -29.84 -50.20 -8.18
C ALA F 199 -30.67 -49.08 -8.81
N THR F 200 -30.09 -47.89 -8.86
CA THR F 200 -30.78 -46.70 -9.37
C THR F 200 -31.38 -46.90 -10.76
N ILE F 201 -30.76 -47.76 -11.55
CA ILE F 201 -31.26 -48.10 -12.88
C ILE F 201 -32.47 -49.04 -12.82
N THR F 202 -32.26 -50.24 -12.28
CA THR F 202 -33.32 -51.23 -12.17
C THR F 202 -34.54 -50.71 -11.40
N LEU F 203 -34.33 -49.71 -10.53
CA LEU F 203 -35.43 -49.04 -9.87
C LEU F 203 -36.20 -48.13 -10.83
N LEU F 204 -35.48 -47.24 -11.51
CA LEU F 204 -36.09 -46.28 -12.42
C LEU F 204 -36.81 -46.98 -13.56
N CYS F 205 -36.24 -48.08 -14.05
CA CYS F 205 -36.88 -48.83 -15.12
C CYS F 205 -38.13 -49.50 -14.59
N ALA F 206 -38.04 -50.04 -13.37
CA ALA F 206 -39.18 -50.70 -12.73
C ALA F 206 -40.41 -49.80 -12.69
N ILE F 207 -40.31 -48.69 -11.97
CA ILE F 207 -41.45 -47.77 -11.83
C ILE F 207 -41.95 -47.27 -13.18
N SER F 208 -41.03 -47.13 -14.13
CA SER F 208 -41.39 -46.72 -15.48
C SER F 208 -42.31 -47.71 -16.16
N ARG F 209 -42.10 -48.99 -15.88
CA ARG F 209 -42.94 -50.06 -16.42
C ARG F 209 -44.25 -50.19 -15.65
N TRP F 210 -44.17 -50.10 -14.33
CA TRP F 210 -45.33 -50.30 -13.47
C TRP F 210 -46.38 -49.22 -13.66
N ASN F 211 -45.94 -47.97 -13.64
CA ASN F 211 -46.84 -46.84 -13.75
C ASN F 211 -46.97 -46.35 -15.19
N GLY F 212 -46.32 -47.04 -16.11
CA GLY F 212 -46.37 -46.71 -17.52
C GLY F 212 -47.80 -46.85 -18.03
N TYR F 213 -48.27 -45.82 -18.74
CA TYR F 213 -49.64 -45.82 -19.22
C TYR F 213 -49.79 -45.54 -20.71
N PHE F 214 -49.37 -44.36 -21.15
CA PHE F 214 -49.68 -43.86 -22.49
C PHE F 214 -49.40 -44.82 -23.63
N TRP F 215 -48.12 -45.07 -23.89
CA TRP F 215 -47.72 -45.89 -25.02
C TRP F 215 -48.23 -47.33 -24.92
N ALA F 216 -48.58 -47.76 -23.72
CA ALA F 216 -49.20 -49.06 -23.56
C ALA F 216 -50.61 -49.09 -24.17
N MET F 217 -51.46 -48.14 -23.77
CA MET F 217 -52.84 -48.12 -24.23
C MET F 217 -52.95 -47.73 -25.71
N VAL F 218 -51.90 -47.08 -26.22
CA VAL F 218 -51.83 -46.72 -27.63
C VAL F 218 -51.41 -47.90 -28.51
N LEU F 219 -50.42 -48.66 -28.07
CA LEU F 219 -49.85 -49.72 -28.90
C LEU F 219 -50.56 -51.05 -28.70
N LEU F 220 -51.43 -51.12 -27.71
CA LEU F 220 -52.14 -52.36 -27.38
C LEU F 220 -53.62 -52.30 -27.78
N ARG F 221 -54.15 -53.44 -28.18
CA ARG F 221 -55.54 -53.55 -28.62
C ARG F 221 -56.24 -54.63 -27.80
N ALA F 222 -55.74 -55.85 -27.90
CA ALA F 222 -56.28 -56.98 -27.15
C ALA F 222 -56.26 -56.68 -25.66
N GLU F 223 -57.43 -56.80 -25.03
CA GLU F 223 -57.61 -56.44 -23.63
C GLU F 223 -56.78 -57.30 -22.66
N GLU F 224 -56.47 -58.53 -23.06
CA GLU F 224 -55.72 -59.43 -22.18
C GLU F 224 -54.25 -59.03 -22.06
N LYS F 225 -53.78 -58.16 -22.95
CA LYS F 225 -52.41 -57.67 -22.88
C LYS F 225 -52.30 -56.39 -22.07
N ILE F 226 -53.45 -55.83 -21.69
CA ILE F 226 -53.49 -54.53 -21.03
C ILE F 226 -52.83 -54.60 -19.64
N PRO F 227 -51.92 -53.66 -19.35
CA PRO F 227 -51.10 -53.54 -18.14
C PRO F 227 -51.65 -52.59 -17.07
N LEU F 228 -52.66 -53.02 -16.31
CA LEU F 228 -53.13 -52.26 -15.15
C LEU F 228 -53.53 -50.86 -15.56
N GLN F 229 -52.66 -49.89 -15.25
CA GLN F 229 -52.98 -48.46 -15.33
C GLN F 229 -53.81 -48.09 -16.57
N VAL F 230 -53.58 -48.80 -17.67
CA VAL F 230 -54.45 -48.71 -18.84
C VAL F 230 -55.89 -49.12 -18.46
N TYR F 231 -56.03 -50.31 -17.88
CA TYR F 231 -57.33 -50.78 -17.40
C TYR F 231 -57.83 -49.91 -16.25
N LEU F 232 -56.90 -49.39 -15.46
CA LEU F 232 -57.23 -48.49 -14.37
C LEU F 232 -57.82 -47.19 -14.89
N LYS F 233 -57.33 -46.73 -16.05
CA LYS F 233 -57.83 -45.52 -16.67
C LYS F 233 -59.34 -45.61 -16.87
N LYS F 234 -59.79 -46.67 -17.53
CA LYS F 234 -61.21 -46.91 -17.78
C LYS F 234 -62.07 -46.72 -16.52
N THR F 235 -61.82 -47.57 -15.53
CA THR F 235 -62.62 -47.58 -14.30
C THR F 235 -62.43 -46.35 -13.39
N ILE F 236 -61.19 -45.91 -13.21
CA ILE F 236 -60.88 -44.88 -12.22
C ILE F 236 -61.16 -43.42 -12.64
N VAL F 237 -60.87 -43.05 -13.88
CA VAL F 237 -61.05 -41.64 -14.30
C VAL F 237 -62.33 -41.50 -15.15
N ASP F 238 -62.41 -42.22 -16.27
CA ASP F 238 -63.54 -42.19 -17.19
C ASP F 238 -64.85 -42.37 -16.42
N LEU F 239 -64.83 -43.32 -15.49
CA LEU F 239 -65.91 -43.54 -14.53
C LEU F 239 -67.26 -43.83 -15.17
N ASN F 240 -67.23 -44.57 -16.27
CA ASN F 240 -68.43 -45.19 -16.80
C ASN F 240 -68.18 -46.70 -16.79
N VAL F 241 -69.16 -47.45 -16.32
CA VAL F 241 -68.96 -48.85 -15.96
C VAL F 241 -70.07 -49.69 -16.58
N ASN F 242 -69.94 -51.02 -16.56
CA ASN F 242 -71.02 -51.86 -17.06
C ASN F 242 -72.32 -51.79 -16.28
N GLU F 243 -73.39 -52.20 -16.97
CA GLU F 243 -74.69 -52.42 -16.37
C GLU F 243 -74.67 -53.51 -15.33
N GLU F 244 -73.75 -54.43 -15.53
CA GLU F 244 -73.52 -55.51 -14.60
C GLU F 244 -73.25 -54.86 -13.23
N PHE F 245 -72.27 -53.97 -13.22
CA PHE F 245 -71.88 -53.23 -12.04
C PHE F 245 -72.99 -52.29 -11.53
N ALA F 246 -73.74 -51.72 -12.47
CA ALA F 246 -74.89 -50.89 -12.13
C ALA F 246 -75.99 -51.67 -11.41
N GLY F 247 -76.20 -52.90 -11.86
CA GLY F 247 -77.17 -53.80 -11.26
C GLY F 247 -76.65 -54.28 -9.91
N ALA F 248 -75.33 -54.40 -9.84
CA ALA F 248 -74.63 -54.82 -8.64
C ALA F 248 -74.62 -53.75 -7.55
N LEU F 249 -74.76 -52.49 -7.92
CA LEU F 249 -74.69 -51.40 -6.96
C LEU F 249 -75.78 -51.52 -5.89
N LEU F 250 -76.99 -51.86 -6.31
CA LEU F 250 -78.13 -51.91 -5.39
C LEU F 250 -78.19 -53.19 -4.57
N THR F 251 -77.62 -54.27 -5.10
CA THR F 251 -77.69 -55.58 -4.45
C THR F 251 -76.52 -55.86 -3.51
N ASN F 252 -75.68 -54.85 -3.31
CA ASN F 252 -74.40 -55.02 -2.62
C ASN F 252 -74.29 -54.10 -1.41
N SER F 253 -74.55 -52.82 -1.67
CA SER F 253 -74.53 -51.71 -0.71
C SER F 253 -73.16 -51.02 -0.63
N TYR F 254 -72.18 -51.51 -1.37
CA TYR F 254 -71.00 -50.70 -1.61
C TYR F 254 -71.37 -49.61 -2.62
N SER F 255 -70.44 -48.72 -2.93
CA SER F 255 -70.71 -47.67 -3.89
C SER F 255 -69.70 -47.72 -5.03
N MET F 256 -69.89 -46.83 -6.01
CA MET F 256 -68.92 -46.67 -7.07
C MET F 256 -67.62 -46.12 -6.50
N GLU F 257 -67.75 -45.08 -5.69
CA GLU F 257 -66.61 -44.43 -5.06
C GLU F 257 -65.85 -45.40 -4.17
N THR F 258 -66.59 -46.20 -3.40
CA THR F 258 -65.98 -47.17 -2.51
C THR F 258 -65.21 -48.24 -3.28
N VAL F 259 -65.76 -48.66 -4.43
CA VAL F 259 -65.07 -49.61 -5.29
C VAL F 259 -63.79 -48.96 -5.84
N VAL F 260 -63.95 -47.76 -6.39
CA VAL F 260 -62.81 -46.97 -6.86
C VAL F 260 -61.80 -46.86 -5.74
N GLY F 261 -62.31 -46.49 -4.56
CA GLY F 261 -61.50 -46.38 -3.36
C GLY F 261 -60.74 -47.67 -3.08
N ALA F 262 -61.47 -48.78 -3.05
CA ALA F 262 -60.87 -50.09 -2.84
C ALA F 262 -59.83 -50.41 -3.90
N ILE F 263 -60.09 -50.01 -5.14
CA ILE F 263 -59.16 -50.26 -6.23
C ILE F 263 -57.82 -49.57 -6.00
N ILE F 264 -57.86 -48.27 -5.77
CA ILE F 264 -56.62 -47.55 -5.57
C ILE F 264 -55.88 -47.96 -4.30
N VAL F 265 -56.56 -48.41 -3.24
CA VAL F 265 -55.76 -48.86 -2.11
C VAL F 265 -54.96 -50.13 -2.48
N MET F 266 -55.68 -51.17 -2.90
CA MET F 266 -55.11 -52.43 -3.38
C MET F 266 -54.29 -52.31 -4.67
N SER F 267 -53.63 -51.19 -4.92
CA SER F 267 -52.82 -51.09 -6.13
C SER F 267 -51.56 -50.26 -5.97
N ILE F 268 -51.22 -50.00 -4.71
CA ILE F 268 -50.09 -49.16 -4.36
C ILE F 268 -49.30 -49.86 -3.27
N ILE F 269 -49.89 -50.92 -2.72
CA ILE F 269 -49.26 -51.67 -1.63
C ILE F 269 -47.88 -52.17 -2.07
N PRO F 270 -47.78 -52.85 -3.24
CA PRO F 270 -46.44 -53.32 -3.63
C PRO F 270 -45.49 -52.14 -3.84
N VAL F 271 -46.07 -50.99 -4.17
CA VAL F 271 -45.31 -49.77 -4.36
C VAL F 271 -44.85 -49.23 -3.00
N ILE F 272 -45.78 -49.23 -2.04
CA ILE F 272 -45.50 -48.79 -0.67
C ILE F 272 -44.47 -49.75 -0.07
N ILE F 273 -44.44 -50.97 -0.62
CA ILE F 273 -43.54 -52.05 -0.26
C ILE F 273 -42.12 -51.77 -0.74
N VAL F 274 -41.93 -51.60 -2.05
CA VAL F 274 -40.56 -51.42 -2.55
C VAL F 274 -39.94 -50.12 -2.02
N TYR F 275 -40.77 -49.16 -1.58
CA TYR F 275 -40.21 -47.84 -1.22
C TYR F 275 -39.15 -47.99 -0.08
N PRO F 276 -39.47 -48.75 1.00
CA PRO F 276 -38.47 -49.00 2.05
C PRO F 276 -37.22 -49.68 1.49
N VAL F 277 -37.43 -50.68 0.65
CA VAL F 277 -36.35 -51.37 -0.05
C VAL F 277 -35.48 -50.32 -0.73
N VAL F 278 -36.13 -49.37 -1.41
CA VAL F 278 -35.44 -48.25 -2.03
C VAL F 278 -34.69 -47.48 -0.94
N GLN F 279 -35.41 -47.02 0.07
CA GLN F 279 -34.79 -46.24 1.13
C GLN F 279 -33.64 -46.99 1.82
N LYS F 280 -33.90 -48.24 2.19
CA LYS F 280 -32.92 -49.10 2.88
C LYS F 280 -31.61 -49.08 2.09
N TYR F 281 -31.78 -49.16 0.77
CA TYR F 281 -30.77 -49.09 -0.27
C TYR F 281 -29.78 -47.88 -0.34
N PHE F 282 -30.23 -46.63 -0.50
CA PHE F 282 -29.23 -45.58 -0.75
C PHE F 282 -28.26 -45.16 0.35
N THR F 283 -28.61 -45.30 1.63
CA THR F 283 -27.69 -44.78 2.63
C THR F 283 -26.68 -45.85 3.07
N MET G 1 -6.69 -11.34 23.00
CA MET G 1 -5.45 -11.11 22.28
C MET G 1 -4.44 -12.16 22.68
N VAL G 2 -3.74 -11.92 23.80
CA VAL G 2 -2.93 -12.95 24.41
C VAL G 2 -3.65 -13.38 25.67
N ALA G 3 -4.19 -14.60 25.66
CA ALA G 3 -5.09 -15.03 26.71
C ALA G 3 -4.82 -16.46 27.16
N SER G 4 -5.34 -16.81 28.33
CA SER G 4 -5.15 -18.13 28.89
C SER G 4 -6.48 -18.88 28.86
N VAL G 5 -6.43 -20.13 28.41
CA VAL G 5 -7.61 -20.98 28.39
C VAL G 5 -7.45 -22.13 29.38
N SER G 6 -8.41 -22.27 30.28
CA SER G 6 -8.39 -23.36 31.24
C SER G 6 -9.51 -24.36 30.97
N ILE G 7 -9.14 -25.63 30.89
CA ILE G 7 -10.09 -26.71 30.61
C ILE G 7 -10.19 -27.59 31.84
N GLN G 8 -11.37 -27.66 32.44
CA GLN G 8 -11.54 -28.37 33.70
C GLN G 8 -12.55 -29.50 33.61
N ASN G 9 -12.05 -30.73 33.73
CA ASN G 9 -12.89 -31.93 33.75
C ASN G 9 -13.88 -31.98 32.60
N VAL G 10 -13.46 -31.52 31.42
CA VAL G 10 -14.35 -31.51 30.27
C VAL G 10 -14.62 -32.92 29.77
N VAL G 11 -15.90 -33.23 29.57
CA VAL G 11 -16.34 -34.54 29.13
C VAL G 11 -17.44 -34.39 28.09
N LYS G 12 -17.32 -35.14 26.99
CA LYS G 12 -18.32 -35.13 25.94
C LYS G 12 -18.97 -36.50 25.89
N ARG G 13 -20.30 -36.51 25.79
CA ARG G 13 -21.07 -37.75 25.71
C ARG G 13 -21.95 -37.74 24.48
N TYR G 14 -21.83 -38.78 23.65
CA TYR G 14 -22.73 -38.93 22.52
C TYR G 14 -24.00 -39.64 22.97
N ASP G 15 -24.16 -40.91 22.63
CA ASP G 15 -25.35 -41.63 23.10
C ASP G 15 -25.12 -42.03 24.55
N LYS G 16 -24.58 -43.22 24.76
CA LYS G 16 -24.12 -43.61 26.09
C LYS G 16 -22.60 -43.53 26.10
N THR G 17 -22.06 -43.21 24.93
CA THR G 17 -20.64 -43.38 24.64
C THR G 17 -19.73 -42.25 25.12
N THR G 18 -19.39 -42.26 26.41
CA THR G 18 -18.54 -41.26 27.05
C THR G 18 -17.22 -41.08 26.29
N VAL G 19 -17.24 -40.30 25.21
CA VAL G 19 -16.05 -40.14 24.37
C VAL G 19 -14.80 -39.61 25.10
N VAL G 20 -14.88 -38.46 25.75
CA VAL G 20 -13.68 -37.99 26.46
C VAL G 20 -13.95 -38.05 27.96
N HIS G 21 -12.95 -38.53 28.71
CA HIS G 21 -13.19 -38.90 30.11
C HIS G 21 -12.84 -37.88 31.20
N GLY G 22 -13.29 -36.64 31.04
CA GLY G 22 -12.99 -35.57 31.99
C GLY G 22 -11.54 -35.15 31.95
N VAL G 23 -11.00 -34.95 30.77
CA VAL G 23 -9.68 -34.38 30.59
C VAL G 23 -9.57 -32.95 31.12
N SER G 24 -8.52 -32.67 31.87
CA SER G 24 -8.28 -31.32 32.39
C SER G 24 -6.90 -30.79 31.98
N LEU G 25 -6.90 -29.59 31.41
CA LEU G 25 -5.67 -28.94 30.97
C LEU G 25 -5.73 -27.43 31.17
N ASP G 26 -4.66 -26.85 31.68
CA ASP G 26 -4.54 -25.40 31.80
C ASP G 26 -3.46 -24.86 30.87
N ILE G 27 -3.83 -23.88 30.06
CA ILE G 27 -2.94 -23.35 29.03
C ILE G 27 -2.48 -21.92 29.30
N GLU G 28 -1.17 -21.73 29.39
CA GLU G 28 -0.58 -20.43 29.63
C GLU G 28 -0.85 -19.47 28.46
N PRO G 29 -0.89 -18.16 28.73
CA PRO G 29 -1.07 -17.17 27.65
C PRO G 29 0.11 -17.15 26.69
N GLY G 30 -0.17 -17.13 25.39
CA GLY G 30 0.88 -17.07 24.39
C GLY G 30 1.57 -18.41 24.18
N GLU G 31 1.04 -19.45 24.79
CA GLU G 31 1.64 -20.78 24.72
C GLU G 31 1.17 -21.58 23.51
N PHE G 32 2.10 -22.33 22.93
CA PHE G 32 1.80 -23.26 21.84
C PHE G 32 1.72 -24.66 22.40
N VAL G 33 0.52 -25.22 22.42
CA VAL G 33 0.31 -26.54 22.99
C VAL G 33 -0.27 -27.45 21.91
N VAL G 34 0.28 -28.66 21.81
CA VAL G 34 -0.14 -29.58 20.76
C VAL G 34 -0.81 -30.80 21.34
N LEU G 35 -2.02 -31.05 20.86
CA LEU G 35 -2.71 -32.28 21.13
C LEU G 35 -2.28 -33.31 20.09
N VAL G 36 -1.92 -34.50 20.54
CA VAL G 36 -1.42 -35.52 19.63
C VAL G 36 -1.78 -36.92 20.10
N GLY G 37 -2.05 -37.81 19.15
CA GLY G 37 -2.37 -39.19 19.47
C GLY G 37 -2.79 -39.94 18.23
N PRO G 38 -3.25 -41.19 18.41
CA PRO G 38 -3.74 -42.02 17.31
C PRO G 38 -5.13 -41.55 16.88
N SER G 39 -5.78 -42.28 15.98
CA SER G 39 -7.10 -41.87 15.53
C SER G 39 -8.13 -42.19 16.59
N GLY G 40 -9.41 -41.94 16.29
CA GLY G 40 -10.50 -42.30 17.18
C GLY G 40 -10.24 -41.84 18.61
N CYS G 41 -9.62 -40.68 18.74
CA CYS G 41 -9.41 -40.02 20.02
C CYS G 41 -10.05 -38.63 20.00
N GLY G 42 -10.25 -38.05 21.17
CA GLY G 42 -11.03 -36.83 21.29
C GLY G 42 -10.28 -35.56 20.93
N LYS G 43 -9.19 -35.73 20.20
CA LYS G 43 -8.34 -34.61 19.79
C LYS G 43 -9.13 -33.51 19.11
N SER G 44 -9.86 -33.88 18.07
CA SER G 44 -10.70 -32.96 17.36
C SER G 44 -11.85 -32.58 18.29
N THR G 45 -12.40 -33.58 18.97
CA THR G 45 -13.54 -33.41 19.86
C THR G 45 -13.24 -32.42 20.98
N THR G 46 -12.04 -32.46 21.54
CA THR G 46 -11.64 -31.49 22.54
C THR G 46 -11.60 -30.11 21.91
N LEU G 47 -10.88 -30.00 20.80
CA LEU G 47 -10.74 -28.76 20.05
C LEU G 47 -12.08 -28.16 19.64
N ARG G 48 -12.95 -29.03 19.14
CA ARG G 48 -14.27 -28.65 18.67
C ARG G 48 -15.09 -28.13 19.84
N MET G 49 -14.87 -28.71 21.00
CA MET G 49 -15.56 -28.28 22.22
C MET G 49 -15.15 -26.88 22.64
N VAL G 50 -13.89 -26.56 22.40
CA VAL G 50 -13.34 -25.22 22.65
C VAL G 50 -13.98 -24.21 21.71
N ALA G 51 -14.02 -24.57 20.43
CA ALA G 51 -14.60 -23.73 19.39
C ALA G 51 -16.08 -23.49 19.63
N GLY G 52 -16.76 -24.51 20.16
CA GLY G 52 -18.18 -24.42 20.42
C GLY G 52 -19.00 -25.11 19.37
N LEU G 53 -18.36 -25.87 18.50
CA LEU G 53 -19.05 -26.63 17.47
C LEU G 53 -19.68 -27.90 18.03
N GLU G 54 -19.27 -28.26 19.24
CA GLU G 54 -19.86 -29.38 19.96
C GLU G 54 -20.11 -28.99 21.42
N GLU G 55 -21.19 -29.53 21.97
CA GLU G 55 -21.64 -29.23 23.32
C GLU G 55 -20.78 -29.87 24.40
N ILE G 56 -20.69 -29.21 25.55
CA ILE G 56 -19.95 -29.73 26.68
C ILE G 56 -20.87 -30.56 27.55
N SER G 57 -20.64 -31.86 27.62
CA SER G 57 -21.54 -32.75 28.34
C SER G 57 -21.28 -32.76 29.85
N GLY G 58 -20.17 -32.12 30.25
CA GLY G 58 -19.84 -32.01 31.66
C GLY G 58 -18.52 -31.29 31.86
N GLY G 59 -18.32 -30.76 33.06
CA GLY G 59 -17.12 -29.97 33.33
C GLY G 59 -17.20 -28.59 32.69
N THR G 60 -16.25 -27.73 33.03
CA THR G 60 -16.24 -26.38 32.50
C THR G 60 -14.90 -26.02 31.85
N ILE G 61 -14.97 -25.20 30.80
CA ILE G 61 -13.78 -24.65 30.17
C ILE G 61 -13.97 -23.14 30.02
N ARG G 62 -12.90 -22.39 30.20
CA ARG G 62 -13.03 -20.93 30.16
C ARG G 62 -11.80 -20.25 29.56
N ILE G 63 -12.05 -19.15 28.83
CA ILE G 63 -10.97 -18.33 28.31
C ILE G 63 -10.88 -17.07 29.16
N ASP G 64 -9.70 -16.80 29.72
CA ASP G 64 -9.55 -15.75 30.73
C ASP G 64 -10.55 -15.95 31.85
N GLY G 65 -11.43 -14.98 32.05
CA GLY G 65 -12.46 -15.08 33.06
C GLY G 65 -13.77 -15.57 32.47
N ARG G 66 -13.88 -15.48 31.15
CA ARG G 66 -15.11 -15.87 30.46
C ARG G 66 -15.32 -17.39 30.47
N VAL G 67 -16.44 -17.84 31.00
CA VAL G 67 -16.82 -19.24 30.88
C VAL G 67 -17.59 -19.43 29.57
N ILE G 68 -17.02 -20.19 28.65
CA ILE G 68 -17.54 -20.26 27.30
C ILE G 68 -18.44 -21.48 27.06
N ASN G 69 -18.67 -22.27 28.11
CA ASN G 69 -19.45 -23.50 27.99
C ASN G 69 -20.80 -23.30 27.33
N ASP G 70 -21.52 -22.30 27.81
CA ASP G 70 -22.82 -21.95 27.25
C ASP G 70 -22.71 -20.83 26.22
N LEU G 71 -21.49 -20.40 25.92
CA LEU G 71 -21.32 -19.30 24.98
C LEU G 71 -21.53 -19.75 23.53
N ALA G 72 -21.41 -18.80 22.62
CA ALA G 72 -21.54 -19.03 21.19
C ALA G 72 -20.19 -18.85 20.51
N PRO G 73 -19.91 -19.67 19.49
CA PRO G 73 -18.65 -19.62 18.74
C PRO G 73 -18.31 -18.19 18.30
N LYS G 74 -19.33 -17.43 17.94
CA LYS G 74 -19.15 -16.03 17.55
C LYS G 74 -18.61 -15.18 18.69
N ASP G 75 -19.10 -15.43 19.91
CA ASP G 75 -18.71 -14.62 21.05
C ASP G 75 -17.59 -15.23 21.86
N ARG G 76 -17.08 -16.36 21.41
CA ARG G 76 -16.02 -17.06 22.13
C ARG G 76 -14.62 -16.49 21.87
N ASP G 77 -14.50 -15.48 21.00
CA ASP G 77 -13.14 -14.98 20.68
C ASP G 77 -12.19 -16.01 20.15
N VAL G 78 -12.70 -16.93 19.36
CA VAL G 78 -11.84 -17.96 18.80
C VAL G 78 -11.90 -17.98 17.28
N ALA G 79 -10.88 -18.57 16.67
CA ALA G 79 -10.85 -18.81 15.24
C ALA G 79 -10.31 -20.20 14.97
N MET G 80 -10.83 -20.86 13.94
CA MET G 80 -10.45 -22.24 13.67
C MET G 80 -9.97 -22.45 12.25
N VAL G 81 -8.89 -23.22 12.12
CA VAL G 81 -8.39 -23.63 10.81
C VAL G 81 -8.67 -25.13 10.69
N PHE G 82 -9.60 -25.46 9.81
CA PHE G 82 -10.07 -26.84 9.68
C PHE G 82 -9.12 -27.71 8.88
N GLN G 83 -9.40 -29.01 8.85
CA GLN G 83 -8.53 -29.95 8.13
C GLN G 83 -8.77 -29.84 6.63
N ASN G 84 -10.03 -29.85 6.19
CA ASN G 84 -10.27 -29.79 4.76
C ASN G 84 -10.82 -28.45 4.30
N TYR G 85 -9.94 -27.62 3.75
CA TYR G 85 -10.30 -26.52 2.84
C TYR G 85 -11.60 -25.79 3.24
N ALA G 86 -11.52 -24.97 4.28
CA ALA G 86 -12.68 -24.25 4.80
C ALA G 86 -13.02 -22.99 4.01
N LEU G 87 -12.41 -22.84 2.85
CA LEU G 87 -12.61 -21.66 2.01
C LEU G 87 -13.70 -21.90 0.95
N TYR G 88 -14.51 -20.89 0.68
CA TYR G 88 -15.59 -21.00 -0.30
C TYR G 88 -15.06 -20.86 -1.73
N PRO G 89 -15.30 -21.90 -2.56
CA PRO G 89 -14.66 -21.98 -3.88
C PRO G 89 -15.19 -20.95 -4.88
N HIS G 90 -16.34 -20.36 -4.59
CA HIS G 90 -16.90 -19.32 -5.44
C HIS G 90 -16.28 -17.94 -5.19
N LEU G 91 -16.21 -17.51 -3.93
CA LEU G 91 -15.67 -16.20 -3.59
C LEU G 91 -14.18 -16.11 -3.94
N ASN G 92 -13.71 -14.91 -4.25
CA ASN G 92 -12.29 -14.69 -4.45
C ASN G 92 -11.53 -14.70 -3.13
N VAL G 93 -10.22 -14.90 -3.22
CA VAL G 93 -9.35 -14.96 -2.04
C VAL G 93 -9.53 -13.78 -1.10
N ARG G 94 -9.55 -12.57 -1.66
CA ARG G 94 -9.76 -11.37 -0.86
C ARG G 94 -11.09 -11.41 -0.11
N ASP G 95 -12.13 -11.91 -0.78
CA ASP G 95 -13.46 -11.98 -0.19
C ASP G 95 -13.59 -13.11 0.85
N ASN G 96 -12.86 -14.19 0.63
CA ASN G 96 -12.86 -15.31 1.56
C ASN G 96 -12.28 -14.97 2.92
N ILE G 97 -11.14 -14.28 2.92
CA ILE G 97 -10.49 -13.87 4.16
C ILE G 97 -11.38 -12.89 4.91
N SER G 98 -11.87 -11.89 4.18
CA SER G 98 -12.66 -10.82 4.76
C SER G 98 -14.08 -11.25 5.08
N PHE G 99 -14.44 -12.48 4.72
CA PHE G 99 -15.81 -12.99 4.80
C PHE G 99 -16.47 -12.78 6.16
N GLY G 100 -15.82 -13.25 7.23
CA GLY G 100 -16.38 -13.14 8.55
C GLY G 100 -16.69 -11.70 8.93
N LEU G 101 -15.86 -10.76 8.48
CA LEU G 101 -16.04 -9.38 8.86
C LEU G 101 -17.10 -8.66 8.01
N ARG G 102 -17.46 -9.22 6.86
CA ARG G 102 -18.45 -8.58 5.98
C ARG G 102 -19.85 -9.08 6.32
N LEU G 103 -19.93 -10.05 7.23
CA LEU G 103 -21.22 -10.50 7.75
C LEU G 103 -21.99 -9.32 8.31
N LYS G 104 -21.35 -8.57 9.20
CA LYS G 104 -21.95 -7.35 9.72
C LYS G 104 -21.38 -6.09 9.05
N ARG G 105 -20.45 -6.25 8.13
CA ARG G 105 -19.94 -5.11 7.35
C ARG G 105 -19.34 -4.05 8.27
N THR G 106 -20.04 -2.92 8.36
CA THR G 106 -19.79 -1.79 9.28
C THR G 106 -18.78 -0.81 8.72
N LYS G 107 -18.04 -1.23 7.70
CA LYS G 107 -17.25 -0.36 6.83
C LYS G 107 -16.39 -1.20 5.88
N LYS G 108 -16.00 -0.60 4.76
CA LYS G 108 -15.19 -1.29 3.78
C LYS G 108 -13.74 -0.84 3.94
N SER G 109 -13.54 0.13 4.83
CA SER G 109 -12.20 0.55 5.23
C SER G 109 -11.59 -0.33 6.31
N VAL G 110 -12.40 -0.67 7.31
CA VAL G 110 -11.94 -1.48 8.45
C VAL G 110 -11.48 -2.87 8.02
N ILE G 111 -12.27 -3.53 7.19
CA ILE G 111 -11.88 -4.83 6.64
C ILE G 111 -10.70 -4.72 5.67
N ASP G 112 -10.61 -3.59 4.97
CA ASP G 112 -9.57 -3.40 3.96
C ASP G 112 -8.20 -3.31 4.62
N ALA G 113 -8.17 -2.73 5.82
CA ALA G 113 -6.93 -2.56 6.58
C ALA G 113 -6.45 -3.91 7.10
N ALA G 114 -7.39 -4.72 7.57
CA ALA G 114 -7.09 -6.02 8.16
C ALA G 114 -6.49 -7.01 7.14
N VAL G 115 -7.07 -7.06 5.94
CA VAL G 115 -6.58 -7.98 4.91
C VAL G 115 -5.16 -7.61 4.48
N LYS G 116 -4.84 -6.33 4.51
CA LYS G 116 -3.50 -5.85 4.14
C LYS G 116 -2.47 -6.53 5.02
N THR G 117 -2.73 -6.54 6.33
CA THR G 117 -1.84 -7.20 7.27
C THR G 117 -1.67 -8.68 6.91
N ALA G 118 -2.76 -9.43 7.00
CA ALA G 118 -2.73 -10.88 6.81
C ALA G 118 -2.12 -11.29 5.46
N ALA G 119 -2.37 -10.49 4.43
CA ALA G 119 -1.83 -10.76 3.10
C ALA G 119 -0.31 -10.65 3.12
N ASP G 120 0.17 -9.64 3.85
CA ASP G 120 1.59 -9.37 3.96
C ASP G 120 2.31 -10.47 4.72
N ILE G 121 1.65 -11.04 5.72
CA ILE G 121 2.24 -12.09 6.54
C ILE G 121 2.56 -13.34 5.73
N LEU G 122 1.53 -13.89 5.10
CA LEU G 122 1.65 -15.11 4.29
C LEU G 122 2.02 -14.87 2.83
N GLY G 123 2.17 -13.62 2.41
CA GLY G 123 2.53 -13.33 1.04
C GLY G 123 1.38 -13.59 0.10
N LEU G 124 0.18 -13.23 0.56
CA LEU G 124 -1.07 -13.47 -0.17
C LEU G 124 -1.51 -12.25 -0.98
N GLN G 125 -0.65 -11.26 -1.10
CA GLN G 125 -0.93 -10.07 -1.90
C GLN G 125 -1.14 -10.35 -3.39
N PRO G 126 -0.22 -11.08 -4.05
CA PRO G 126 -0.49 -11.25 -5.49
C PRO G 126 -1.68 -12.16 -5.75
N LEU G 127 -2.05 -12.97 -4.75
CA LEU G 127 -3.12 -13.95 -4.86
C LEU G 127 -4.49 -13.41 -4.44
N LEU G 128 -4.55 -12.13 -4.08
CA LEU G 128 -5.76 -11.49 -3.55
C LEU G 128 -7.03 -11.69 -4.38
N GLU G 129 -6.94 -11.47 -5.69
CA GLU G 129 -8.09 -11.56 -6.58
C GLU G 129 -8.26 -12.91 -7.24
N ARG G 130 -7.40 -13.86 -6.83
CA ARG G 130 -7.46 -15.19 -7.35
C ARG G 130 -8.66 -15.96 -6.74
N LYS G 131 -8.85 -17.22 -7.14
CA LYS G 131 -9.95 -18.05 -6.65
C LYS G 131 -9.47 -19.43 -6.21
N PRO G 132 -10.12 -20.02 -5.19
CA PRO G 132 -9.67 -21.30 -4.62
C PRO G 132 -9.57 -22.39 -5.69
N SER G 133 -10.34 -22.24 -6.76
CA SER G 133 -10.38 -23.15 -7.87
C SER G 133 -9.03 -23.26 -8.59
N ASP G 134 -8.30 -22.15 -8.66
CA ASP G 134 -6.94 -22.17 -9.19
C ASP G 134 -5.86 -21.87 -8.15
N LEU G 135 -5.87 -22.61 -7.05
CA LEU G 135 -4.87 -22.45 -6.01
C LEU G 135 -4.31 -23.80 -5.58
N SER G 136 -3.09 -23.78 -5.06
CA SER G 136 -2.46 -24.99 -4.52
C SER G 136 -3.06 -25.30 -3.15
N GLY G 137 -3.03 -26.57 -2.78
CA GLY G 137 -3.54 -26.99 -1.49
C GLY G 137 -2.86 -26.25 -0.35
N GLY G 138 -1.57 -25.99 -0.51
CA GLY G 138 -0.85 -25.22 0.49
C GLY G 138 -1.31 -23.78 0.47
N GLN G 139 -1.48 -23.24 -0.74
CA GLN G 139 -1.96 -21.87 -0.90
C GLN G 139 -3.39 -21.75 -0.38
N ARG G 140 -4.19 -22.79 -0.63
CA ARG G 140 -5.55 -22.88 -0.12
C ARG G 140 -5.55 -22.87 1.40
N GLN G 141 -4.59 -23.57 2.00
CA GLN G 141 -4.53 -23.67 3.44
C GLN G 141 -3.94 -22.39 4.02
N ARG G 142 -3.12 -21.72 3.22
CA ARG G 142 -2.53 -20.45 3.62
C ARG G 142 -3.62 -19.38 3.75
N VAL G 143 -4.43 -19.24 2.72
CA VAL G 143 -5.50 -18.24 2.72
C VAL G 143 -6.54 -18.61 3.78
N ALA G 144 -6.68 -19.90 4.03
CA ALA G 144 -7.55 -20.37 5.09
C ALA G 144 -7.07 -19.89 6.45
N MET G 145 -5.75 -19.86 6.62
CA MET G 145 -5.15 -19.34 7.84
C MET G 145 -5.39 -17.83 7.94
N GLY G 146 -5.30 -17.16 6.80
CA GLY G 146 -5.52 -15.73 6.71
C GLY G 146 -6.89 -15.35 7.24
N ARG G 147 -7.86 -16.22 6.95
CA ARG G 147 -9.22 -16.09 7.44
C ARG G 147 -9.26 -16.03 8.97
N ALA G 148 -8.44 -16.85 9.60
CA ALA G 148 -8.40 -16.94 11.05
C ALA G 148 -7.74 -15.72 11.67
N ILE G 149 -6.56 -15.37 11.17
CA ILE G 149 -5.75 -14.32 11.76
C ILE G 149 -6.30 -12.92 11.48
N VAL G 150 -7.26 -12.83 10.57
CA VAL G 150 -7.91 -11.56 10.25
C VAL G 150 -9.01 -11.26 11.26
N ARG G 151 -9.40 -12.30 12.00
CA ARG G 151 -10.42 -12.19 13.04
C ARG G 151 -9.81 -11.59 14.30
N ASP G 152 -8.50 -11.77 14.46
CA ASP G 152 -7.77 -11.34 15.65
C ASP G 152 -8.40 -11.89 16.92
N PRO G 153 -8.33 -13.21 17.13
CA PRO G 153 -8.95 -13.87 18.27
C PRO G 153 -8.02 -13.94 19.48
N LYS G 154 -8.53 -14.46 20.59
CA LYS G 154 -7.72 -14.72 21.77
C LYS G 154 -6.98 -16.04 21.65
N VAL G 155 -7.60 -16.99 20.95
CA VAL G 155 -7.05 -18.34 20.77
C VAL G 155 -7.11 -18.83 19.32
N PHE G 156 -6.04 -19.47 18.86
CA PHE G 156 -6.02 -20.11 17.55
C PHE G 156 -6.30 -21.60 17.69
N LEU G 157 -7.17 -22.11 16.82
CA LEU G 157 -7.52 -23.52 16.84
C LEU G 157 -7.14 -24.21 15.53
N PHE G 158 -6.34 -25.27 15.64
CA PHE G 158 -5.88 -26.04 14.48
C PHE G 158 -6.27 -27.50 14.57
N ASP G 159 -7.08 -27.97 13.62
CA ASP G 159 -7.41 -29.38 13.56
C ASP G 159 -6.74 -30.03 12.36
N GLN G 160 -5.69 -30.80 12.64
CA GLN G 160 -4.90 -31.49 11.62
C GLN G 160 -4.75 -30.71 10.31
N PRO G 161 -4.20 -29.49 10.39
CA PRO G 161 -4.19 -28.58 9.24
C PRO G 161 -3.37 -29.09 8.05
N LEU G 162 -2.24 -29.73 8.34
CA LEU G 162 -1.34 -30.14 7.27
C LEU G 162 -1.57 -31.59 6.83
N SER G 163 -2.57 -32.23 7.44
CA SER G 163 -2.82 -33.65 7.20
C SER G 163 -3.08 -34.03 5.74
N ASN G 164 -3.82 -33.19 5.03
CA ASN G 164 -4.17 -33.49 3.64
C ASN G 164 -3.10 -33.03 2.66
N LEU G 165 -2.10 -32.32 3.18
CA LEU G 165 -0.99 -31.84 2.38
C LEU G 165 0.05 -32.94 2.16
N ASP G 166 0.82 -32.82 1.08
CA ASP G 166 1.91 -33.75 0.78
C ASP G 166 3.11 -33.52 1.71
N ALA G 167 3.97 -34.53 1.82
CA ALA G 167 5.09 -34.52 2.75
C ALA G 167 6.01 -33.31 2.56
N LYS G 168 6.37 -33.03 1.30
CA LYS G 168 7.26 -31.92 0.96
C LYS G 168 6.70 -30.60 1.49
N LEU G 169 5.39 -30.46 1.41
CA LEU G 169 4.67 -29.27 1.86
C LEU G 169 4.61 -29.20 3.39
N ARG G 170 4.44 -30.36 4.03
CA ARG G 170 4.30 -30.42 5.48
C ARG G 170 5.52 -29.78 6.14
N THR G 171 6.71 -30.13 5.67
CA THR G 171 7.93 -29.59 6.26
C THR G 171 8.03 -28.07 6.05
N GLN G 172 7.45 -27.56 4.95
CA GLN G 172 7.48 -26.11 4.72
C GLN G 172 6.51 -25.37 5.60
N MET G 173 5.27 -25.85 5.65
CA MET G 173 4.25 -25.21 6.47
C MET G 173 4.61 -25.28 7.95
N ARG G 174 5.21 -26.41 8.36
CA ARG G 174 5.61 -26.59 9.75
C ARG G 174 6.60 -25.52 10.19
N ALA G 175 7.53 -25.17 9.31
CA ALA G 175 8.48 -24.11 9.63
C ALA G 175 7.74 -22.78 9.71
N GLU G 176 6.87 -22.55 8.74
CA GLU G 176 6.08 -21.33 8.66
C GLU G 176 5.19 -21.11 9.87
N ILE G 177 4.65 -22.20 10.42
CA ILE G 177 3.78 -22.10 11.59
C ILE G 177 4.55 -21.69 12.83
N LYS G 178 5.68 -22.35 13.08
CA LYS G 178 6.53 -22.01 14.21
C LYS G 178 7.00 -20.58 14.09
N ARG G 179 7.43 -20.23 12.88
CA ARG G 179 7.88 -18.90 12.57
C ARG G 179 6.76 -17.88 12.80
N LEU G 180 5.54 -18.27 12.46
CA LEU G 180 4.40 -17.36 12.59
C LEU G 180 4.14 -17.05 14.06
N HIS G 181 4.24 -18.05 14.92
CA HIS G 181 3.95 -17.87 16.34
C HIS G 181 4.98 -16.95 16.98
N GLN G 182 6.19 -16.94 16.44
CA GLN G 182 7.22 -16.03 16.92
C GLN G 182 6.86 -14.61 16.56
N ARG G 183 6.30 -14.44 15.36
CA ARG G 183 5.93 -13.13 14.86
C ARG G 183 4.72 -12.57 15.62
N LEU G 184 3.66 -13.36 15.69
CA LEU G 184 2.42 -12.97 16.36
C LEU G 184 2.45 -13.22 17.86
N GLY G 185 2.36 -14.49 18.26
CA GLY G 185 2.46 -14.85 19.66
C GLY G 185 1.15 -15.14 20.36
N THR G 186 0.05 -15.17 19.61
CA THR G 186 -1.27 -15.46 20.18
C THR G 186 -1.31 -16.89 20.71
N THR G 187 -2.09 -17.11 21.76
CA THR G 187 -2.26 -18.45 22.30
C THR G 187 -2.84 -19.40 21.26
N VAL G 188 -2.29 -20.60 21.16
CA VAL G 188 -2.69 -21.54 20.13
C VAL G 188 -2.71 -22.99 20.65
N ILE G 189 -3.78 -23.71 20.34
CA ILE G 189 -3.90 -25.13 20.62
C ILE G 189 -3.92 -25.89 19.28
N TYR G 190 -3.11 -26.94 19.19
CA TYR G 190 -2.80 -27.59 17.92
C TYR G 190 -3.05 -29.11 17.95
N VAL G 191 -3.75 -29.62 16.94
CA VAL G 191 -4.11 -31.03 16.90
C VAL G 191 -3.45 -31.80 15.75
N THR G 192 -2.81 -32.91 16.06
CA THR G 192 -2.12 -33.71 15.07
C THR G 192 -2.18 -35.21 15.36
N HIS G 193 -2.18 -36.02 14.32
CA HIS G 193 -1.98 -37.46 14.48
C HIS G 193 -0.52 -37.79 14.20
N ASP G 194 0.24 -36.76 13.85
CA ASP G 194 1.64 -36.91 13.49
C ASP G 194 2.57 -36.48 14.63
N GLN G 195 3.37 -37.42 15.11
CA GLN G 195 4.30 -37.18 16.20
C GLN G 195 5.28 -36.05 15.88
N VAL G 196 5.71 -35.99 14.63
CA VAL G 196 6.71 -35.02 14.19
C VAL G 196 6.29 -33.57 14.45
N GLU G 197 5.10 -33.21 14.01
CA GLU G 197 4.62 -31.83 14.16
C GLU G 197 4.48 -31.44 15.63
N ALA G 198 4.19 -32.44 16.47
CA ALA G 198 4.06 -32.21 17.90
C ALA G 198 5.40 -31.81 18.52
N MET G 199 6.43 -32.63 18.28
CA MET G 199 7.74 -32.41 18.85
C MET G 199 8.35 -31.08 18.43
N THR G 200 8.11 -30.69 17.18
CA THR G 200 8.68 -29.47 16.62
C THR G 200 8.01 -28.20 17.13
N LEU G 201 6.71 -28.08 16.90
CA LEU G 201 5.99 -26.84 17.11
C LEU G 201 5.70 -26.52 18.57
N ALA G 202 5.40 -27.54 19.36
CA ALA G 202 4.82 -27.33 20.68
C ALA G 202 5.79 -26.82 21.73
N ASP G 203 5.30 -25.90 22.55
CA ASP G 203 5.97 -25.54 23.79
C ASP G 203 5.71 -26.67 24.78
N ARG G 204 4.44 -27.05 24.90
CA ARG G 204 4.05 -28.22 25.67
C ARG G 204 3.30 -29.21 24.81
N ILE G 205 3.54 -30.50 25.03
CA ILE G 205 2.82 -31.57 24.35
C ILE G 205 1.95 -32.35 25.32
N VAL G 206 0.69 -32.57 24.95
CA VAL G 206 -0.17 -33.44 25.76
C VAL G 206 -0.65 -34.59 24.89
N VAL G 207 -0.31 -35.82 25.27
CA VAL G 207 -0.67 -36.96 24.46
C VAL G 207 -1.88 -37.69 25.04
N MET G 208 -2.82 -38.02 24.18
CA MET G 208 -4.08 -38.64 24.56
C MET G 208 -4.40 -39.92 23.78
N ARG G 209 -4.45 -41.05 24.47
CA ARG G 209 -5.01 -42.25 23.86
C ARG G 209 -6.44 -42.52 24.30
N ASP G 210 -7.25 -42.98 23.34
CA ASP G 210 -8.66 -43.36 23.53
C ASP G 210 -9.46 -42.55 24.55
N GLY G 211 -9.59 -41.24 24.33
CA GLY G 211 -10.32 -40.38 25.22
C GLY G 211 -9.68 -39.91 26.51
N LEU G 212 -8.70 -40.64 27.02
CA LEU G 212 -8.06 -40.25 28.27
C LEU G 212 -6.87 -39.37 27.96
N ILE G 213 -6.17 -38.88 28.99
CA ILE G 213 -5.00 -38.06 28.74
C ILE G 213 -3.76 -38.73 29.31
N GLU G 214 -2.82 -39.06 28.42
CA GLU G 214 -1.72 -39.94 28.77
C GLU G 214 -0.58 -39.25 29.52
N GLN G 215 -0.25 -38.03 29.11
CA GLN G 215 0.85 -37.28 29.73
C GLN G 215 0.90 -35.83 29.24
N ILE G 216 1.57 -34.97 30.00
CA ILE G 216 1.77 -33.57 29.63
C ILE G 216 3.23 -33.20 29.92
N GLY G 217 3.82 -32.36 29.08
CA GLY G 217 5.15 -31.87 29.33
C GLY G 217 5.86 -31.32 28.11
N LYS G 218 7.03 -30.73 28.34
CA LYS G 218 7.86 -30.20 27.26
C LYS G 218 8.26 -31.35 26.32
N PRO G 219 8.58 -31.04 25.06
CA PRO G 219 8.95 -32.06 24.07
C PRO G 219 10.02 -33.04 24.56
N MET G 220 11.07 -32.53 25.20
CA MET G 220 12.16 -33.38 25.66
C MET G 220 11.81 -34.22 26.88
N ASP G 221 10.80 -33.80 27.63
CA ASP G 221 10.36 -34.58 28.79
C ASP G 221 9.71 -35.88 28.34
N LEU G 222 8.84 -35.77 27.34
CA LEU G 222 8.14 -36.93 26.82
C LEU G 222 9.13 -37.84 26.11
N PHE G 223 10.16 -37.24 25.52
CA PHE G 223 11.16 -37.98 24.76
C PHE G 223 12.13 -38.70 25.70
N LEU G 224 12.59 -37.99 26.72
CA LEU G 224 13.56 -38.52 27.66
C LEU G 224 12.89 -39.44 28.68
N HIS G 225 11.71 -39.02 29.16
CA HIS G 225 11.03 -39.74 30.22
C HIS G 225 9.55 -39.97 29.92
N PRO G 226 9.25 -40.96 29.07
CA PRO G 226 7.86 -41.30 28.76
C PRO G 226 7.15 -41.88 29.97
N ALA G 227 5.86 -41.58 30.13
CA ALA G 227 5.12 -42.06 31.28
C ALA G 227 4.87 -43.56 31.20
N ASN G 228 4.61 -44.06 29.99
CA ASN G 228 4.33 -45.47 29.78
C ASN G 228 4.95 -46.00 28.49
N THR G 229 4.62 -47.24 28.14
CA THR G 229 5.19 -47.88 26.95
C THR G 229 4.57 -47.29 25.69
N PHE G 230 3.39 -46.70 25.84
CA PHE G 230 2.71 -46.09 24.71
C PHE G 230 3.38 -44.79 24.32
N VAL G 231 3.58 -43.91 25.30
CA VAL G 231 4.25 -42.64 25.06
C VAL G 231 5.64 -42.90 24.51
N ALA G 232 6.25 -44.00 24.96
CA ALA G 232 7.58 -44.39 24.51
C ALA G 232 7.58 -44.81 23.04
N SER G 233 6.58 -45.57 22.64
CA SER G 233 6.49 -46.09 21.28
C SER G 233 6.00 -45.05 20.27
N PHE G 234 5.28 -44.04 20.75
CA PHE G 234 4.69 -43.05 19.88
C PHE G 234 5.71 -42.05 19.35
N ILE G 235 6.34 -41.32 20.27
CA ILE G 235 7.29 -40.27 19.90
C ILE G 235 8.67 -40.80 19.56
N GLY G 236 9.41 -40.02 18.77
CA GLY G 236 10.72 -40.42 18.29
C GLY G 236 10.65 -40.82 16.83
N SER G 237 11.73 -40.60 16.09
CA SER G 237 11.70 -40.80 14.65
C SER G 237 11.54 -42.28 14.29
N PRO G 238 12.40 -43.17 14.82
CA PRO G 238 11.93 -44.55 14.75
C PRO G 238 11.17 -44.92 16.03
N PRO G 239 10.55 -46.11 16.10
CA PRO G 239 9.98 -46.44 17.40
C PRO G 239 11.09 -46.87 18.35
N MET G 240 10.96 -46.56 19.64
CA MET G 240 11.89 -47.12 20.62
C MET G 240 11.75 -48.63 20.78
N ASN G 241 12.87 -49.31 20.98
CA ASN G 241 12.94 -50.78 21.00
C ASN G 241 12.20 -51.35 22.20
N LEU G 242 10.93 -51.71 22.06
CA LEU G 242 10.18 -52.32 23.16
C LEU G 242 10.14 -53.85 23.23
N MET G 243 11.20 -54.49 23.73
CA MET G 243 11.12 -55.94 23.90
C MET G 243 11.13 -56.31 25.39
N PRO G 244 10.50 -57.44 25.75
CA PRO G 244 10.36 -57.94 27.12
C PRO G 244 11.68 -58.41 27.75
N ALA G 245 11.82 -58.26 29.06
CA ALA G 245 13.05 -58.64 29.74
C ALA G 245 12.76 -59.01 31.19
N ARG G 246 13.82 -59.30 31.96
CA ARG G 246 13.66 -59.71 33.35
C ARG G 246 14.80 -59.25 34.25
N ILE G 247 14.84 -59.75 35.48
CA ILE G 247 15.78 -59.26 36.49
C ILE G 247 16.66 -60.37 37.08
N ALA G 248 16.02 -61.37 37.69
CA ALA G 248 16.69 -62.57 38.21
C ALA G 248 17.66 -62.30 39.37
N VAL G 249 18.92 -62.67 39.18
CA VAL G 249 19.92 -62.79 40.24
C VAL G 249 19.95 -61.61 41.21
N ASP G 250 20.22 -60.41 40.70
CA ASP G 250 20.15 -59.22 41.51
C ASP G 250 19.30 -58.18 40.79
N SER G 251 19.03 -57.06 41.46
CA SER G 251 17.99 -56.14 41.00
C SER G 251 18.58 -54.93 40.30
N THR G 252 19.15 -54.02 41.09
CA THR G 252 19.56 -52.71 40.60
C THR G 252 20.79 -52.80 39.69
N GLN G 253 21.34 -54.01 39.57
CA GLN G 253 22.56 -54.20 38.80
C GLN G 253 22.31 -54.76 37.40
N HIS G 254 21.77 -55.96 37.30
CA HIS G 254 21.68 -56.65 36.01
C HIS G 254 20.26 -56.84 35.49
N VAL G 255 20.12 -56.74 34.17
CA VAL G 255 18.86 -57.04 33.51
C VAL G 255 19.09 -57.95 32.31
N GLU G 256 18.35 -59.05 32.23
CA GLU G 256 18.55 -60.02 31.16
C GLU G 256 17.32 -60.17 30.28
N LEU G 257 17.52 -60.28 28.98
CA LEU G 257 16.41 -60.50 28.05
C LEU G 257 16.52 -61.84 27.30
N ASN G 258 15.54 -62.11 26.44
CA ASN G 258 15.34 -63.42 25.81
C ASN G 258 16.52 -63.93 24.97
N GLY G 259 17.40 -63.01 24.56
CA GLY G 259 18.51 -63.37 23.69
C GLY G 259 19.71 -63.99 24.38
N GLY G 260 19.48 -64.59 25.55
CA GLY G 260 20.55 -65.20 26.31
C GLY G 260 21.62 -64.15 26.56
N ASN G 261 21.13 -62.95 26.83
CA ASN G 261 21.92 -61.74 26.97
C ASN G 261 21.59 -61.08 28.30
N ARG G 262 22.56 -60.35 28.84
CA ARG G 262 22.39 -59.73 30.14
C ARG G 262 23.00 -58.33 30.11
N ILE G 263 22.30 -57.37 30.70
CA ILE G 263 22.71 -55.98 30.67
C ILE G 263 22.87 -55.41 32.08
N SER G 264 24.05 -54.87 32.37
CA SER G 264 24.26 -54.20 33.63
C SER G 264 23.52 -52.85 33.65
N LEU G 265 22.97 -52.52 34.80
CA LEU G 265 22.12 -51.33 34.93
C LEU G 265 22.76 -50.26 35.81
N LEU G 266 22.57 -49.00 35.42
CA LEU G 266 22.97 -47.86 36.24
C LEU G 266 22.02 -47.73 37.43
N PRO G 267 22.53 -47.31 38.60
CA PRO G 267 21.79 -47.39 39.87
C PRO G 267 20.46 -46.62 39.84
N ARG G 268 20.49 -45.37 39.38
CA ARG G 268 19.31 -44.49 39.38
C ARG G 268 18.43 -44.44 40.62
N ALA G 269 18.87 -43.78 41.68
CA ALA G 269 18.16 -43.86 42.96
C ALA G 269 16.65 -43.50 42.92
N GLY G 270 15.93 -44.11 43.85
CA GLY G 270 14.49 -44.01 43.98
C GLY G 270 13.77 -44.98 43.07
N THR G 271 14.53 -45.84 42.40
CA THR G 271 13.95 -46.86 41.51
C THR G 271 13.25 -47.98 42.27
N HIS G 272 14.01 -48.61 43.18
CA HIS G 272 13.56 -49.75 43.99
C HIS G 272 12.75 -50.78 43.19
N LEU G 273 13.40 -51.44 42.23
CA LEU G 273 12.74 -52.52 41.50
C LEU G 273 13.06 -53.89 42.09
N ALA G 274 12.10 -54.81 41.96
CA ALA G 274 12.20 -56.13 42.57
C ALA G 274 12.82 -57.17 41.62
N PRO G 275 13.60 -58.11 42.19
CA PRO G 275 14.24 -59.17 41.40
C PRO G 275 13.22 -60.15 40.83
N GLY G 276 13.38 -60.55 39.56
CA GLY G 276 12.46 -61.47 38.94
C GLY G 276 11.26 -60.80 38.30
N GLN G 277 11.13 -59.50 38.53
CA GLN G 277 9.98 -58.73 38.06
C GLN G 277 9.83 -58.75 36.54
N GLU G 278 8.64 -59.11 36.07
CA GLU G 278 8.34 -59.06 34.64
C GLU G 278 8.45 -57.62 34.14
N VAL G 279 9.19 -57.43 33.05
CA VAL G 279 9.51 -56.09 32.60
C VAL G 279 9.75 -56.04 31.09
N VAL G 280 9.60 -54.87 30.50
CA VAL G 280 9.96 -54.67 29.09
C VAL G 280 11.09 -53.65 29.01
N PHE G 281 12.13 -53.98 28.25
CA PHE G 281 13.33 -53.15 28.19
C PHE G 281 13.35 -52.29 26.95
N GLY G 282 13.15 -50.98 27.15
CA GLY G 282 13.22 -50.03 26.06
C GLY G 282 14.60 -49.45 25.80
N ILE G 283 14.91 -49.24 24.52
CA ILE G 283 16.11 -48.51 24.12
C ILE G 283 15.87 -47.88 22.74
N ARG G 284 16.42 -46.69 22.52
CA ARG G 284 16.23 -46.02 21.24
C ARG G 284 17.32 -46.39 20.25
N PRO G 285 16.96 -46.49 18.96
CA PRO G 285 17.89 -46.86 17.88
C PRO G 285 19.12 -45.97 17.81
N GLU G 286 18.98 -44.72 18.24
CA GLU G 286 20.10 -43.79 18.24
C GLU G 286 20.99 -44.07 19.45
N ASP G 287 20.41 -44.71 20.45
CA ASP G 287 21.12 -44.98 21.69
C ASP G 287 21.81 -46.34 21.63
N VAL G 288 21.70 -46.99 20.47
CA VAL G 288 22.41 -48.23 20.23
C VAL G 288 23.44 -48.05 19.12
N THR G 289 24.65 -48.51 19.36
CA THR G 289 25.73 -48.39 18.38
C THR G 289 26.26 -49.78 18.06
N LEU G 290 27.29 -49.85 17.21
CA LEU G 290 27.88 -51.14 16.85
C LEU G 290 29.00 -51.49 17.83
N ASP G 291 29.77 -52.50 17.45
CA ASP G 291 30.89 -52.98 18.26
C ASP G 291 31.99 -51.92 18.47
N GLY G 292 31.88 -50.80 17.75
CA GLY G 292 32.87 -49.75 17.75
C GLY G 292 32.98 -48.89 19.01
N VAL G 293 32.24 -49.30 20.02
CA VAL G 293 32.25 -48.68 21.36
C VAL G 293 33.31 -49.36 22.22
N GLU G 294 34.19 -50.12 21.55
CA GLU G 294 35.50 -50.57 22.08
C GLU G 294 35.46 -51.45 23.34
N GLY G 295 35.11 -52.71 23.09
CA GLY G 295 35.39 -53.87 23.97
C GLY G 295 34.33 -54.11 25.04
N SER G 296 33.36 -53.21 25.13
CA SER G 296 32.20 -53.39 26.00
C SER G 296 32.39 -53.69 27.48
N GLU G 297 32.79 -52.68 28.24
CA GLU G 297 32.95 -52.80 29.68
C GLU G 297 31.82 -53.51 30.46
N ARG G 298 30.58 -53.13 30.15
CA ARG G 298 29.40 -53.66 30.86
C ARG G 298 28.72 -54.93 30.36
N ALA G 299 29.31 -55.58 29.36
CA ALA G 299 28.79 -56.83 28.78
C ALA G 299 27.40 -56.70 28.15
N GLN G 300 27.39 -56.04 27.00
CA GLN G 300 26.22 -55.62 26.25
C GLN G 300 25.53 -56.74 25.46
N ILE G 301 24.47 -56.40 24.74
CA ILE G 301 23.65 -57.37 24.02
C ILE G 301 24.41 -58.05 22.88
N LYS G 302 24.00 -59.26 22.49
CA LYS G 302 24.61 -59.98 21.37
C LYS G 302 23.50 -60.19 20.34
N ALA G 303 23.79 -60.09 19.04
CA ALA G 303 22.71 -60.24 18.05
C ALA G 303 23.10 -60.80 16.67
N THR G 304 22.09 -61.16 15.89
CA THR G 304 22.33 -61.58 14.51
C THR G 304 21.53 -60.69 13.55
N VAL G 305 22.17 -60.24 12.48
CA VAL G 305 21.58 -59.27 11.55
C VAL G 305 20.47 -59.81 10.66
N ASP G 306 19.33 -59.12 10.65
CA ASP G 306 18.22 -59.50 9.79
C ASP G 306 18.36 -58.85 8.41
N ILE G 307 18.26 -57.52 8.40
CA ILE G 307 18.43 -56.74 7.17
C ILE G 307 19.03 -55.38 7.51
N VAL G 308 19.61 -54.72 6.50
CA VAL G 308 20.14 -53.37 6.65
C VAL G 308 19.59 -52.44 5.55
N GLU G 309 18.92 -51.37 5.97
CA GLU G 309 18.36 -50.40 5.02
C GLU G 309 19.13 -49.09 5.00
N PRO G 310 19.94 -48.87 3.95
CA PRO G 310 20.63 -47.58 3.83
C PRO G 310 19.63 -46.46 3.51
N LEU G 311 19.68 -45.38 4.29
CA LEU G 311 18.84 -44.22 4.06
C LEU G 311 19.67 -43.07 3.54
N GLY G 312 20.30 -42.40 4.49
CA GLY G 312 21.06 -41.19 4.23
C GLY G 312 22.52 -41.52 4.46
N SER G 313 23.26 -40.55 4.98
CA SER G 313 24.56 -40.81 5.59
C SER G 313 24.42 -41.76 6.78
N GLU G 314 23.18 -41.99 7.17
CA GLU G 314 22.86 -42.95 8.21
C GLU G 314 22.26 -44.21 7.57
N SER G 315 22.04 -45.24 8.39
CA SER G 315 21.44 -46.48 7.91
C SER G 315 20.61 -47.17 8.98
N ILE G 316 19.52 -47.81 8.55
CA ILE G 316 18.63 -48.49 9.49
C ILE G 316 18.97 -49.96 9.56
N LEU G 317 19.42 -50.40 10.72
CA LEU G 317 19.83 -51.78 10.94
C LEU G 317 18.76 -52.57 11.68
N HIS G 318 18.32 -53.67 11.06
CA HIS G 318 17.40 -54.59 11.73
C HIS G 318 18.21 -55.78 12.22
N ALA G 319 18.32 -55.92 13.54
CA ALA G 319 19.04 -57.04 14.12
C ALA G 319 18.12 -57.91 14.95
N THR G 320 18.35 -59.22 14.88
CA THR G 320 17.53 -60.18 15.61
C THR G 320 18.18 -60.83 16.82
N VAL G 321 17.56 -60.59 17.98
CA VAL G 321 17.93 -61.24 19.22
C VAL G 321 16.79 -62.20 19.38
N GLY G 322 16.74 -62.95 20.50
CA GLY G 322 15.69 -63.91 20.81
C GLY G 322 14.53 -64.10 19.84
N ASP G 323 13.34 -64.29 20.38
CA ASP G 323 12.17 -64.40 19.53
C ASP G 323 11.81 -63.02 18.96
N HIS G 324 12.43 -61.97 19.50
CA HIS G 324 12.14 -60.59 19.09
C HIS G 324 13.33 -59.89 18.40
N SER G 325 13.01 -58.89 17.58
CA SER G 325 14.05 -58.13 16.87
C SER G 325 14.09 -56.67 17.31
N LEU G 326 15.30 -56.12 17.41
CA LEU G 326 15.45 -54.71 17.76
C LEU G 326 16.08 -53.92 16.62
N VAL G 327 15.67 -52.66 16.50
CA VAL G 327 16.14 -51.81 15.42
C VAL G 327 17.10 -50.75 15.95
N VAL G 328 18.28 -50.68 15.36
CA VAL G 328 19.25 -49.69 15.78
C VAL G 328 19.64 -48.81 14.61
N LYS G 329 19.75 -47.51 14.85
CA LYS G 329 20.17 -46.60 13.79
C LYS G 329 21.66 -46.37 13.88
N VAL G 330 22.39 -46.90 12.90
CA VAL G 330 23.85 -46.77 12.90
C VAL G 330 24.35 -45.77 11.88
N GLY G 331 25.27 -44.89 12.26
CA GLY G 331 25.88 -44.09 11.23
C GLY G 331 26.87 -44.93 10.44
N GLY G 332 26.60 -45.14 9.16
CA GLY G 332 27.48 -45.88 8.28
C GLY G 332 26.80 -46.79 7.26
N LEU G 333 27.59 -47.68 6.65
CA LEU G 333 27.10 -48.81 5.84
C LEU G 333 27.68 -50.24 5.97
N ASN G 334 28.99 -50.28 5.68
CA ASN G 334 29.96 -51.38 5.76
C ASN G 334 29.55 -52.55 4.87
N GLU G 335 30.01 -53.77 5.16
CA GLU G 335 29.81 -54.83 4.16
C GLU G 335 28.82 -55.94 4.48
N VAL G 336 28.09 -55.81 5.58
CA VAL G 336 27.25 -56.90 6.13
C VAL G 336 26.41 -57.68 5.07
N HIS G 337 27.10 -58.31 4.13
CA HIS G 337 26.56 -59.20 3.08
C HIS G 337 25.95 -60.48 3.68
N PRO G 338 24.62 -60.50 3.83
CA PRO G 338 23.82 -61.48 4.58
C PRO G 338 24.25 -62.93 4.36
N GLY G 339 24.13 -63.72 5.43
CA GLY G 339 23.74 -63.24 6.74
C GLY G 339 24.81 -63.58 7.76
N ASP G 340 25.05 -62.72 8.73
CA ASP G 340 26.02 -63.01 9.80
C ASP G 340 25.69 -62.31 11.12
N PRO G 341 26.20 -62.85 12.25
CA PRO G 341 25.98 -62.20 13.55
C PRO G 341 26.78 -60.92 13.70
N VAL G 342 26.35 -60.09 14.64
CA VAL G 342 26.98 -58.80 14.94
C VAL G 342 26.78 -58.45 16.41
N THR G 343 27.68 -57.65 16.96
CA THR G 343 27.56 -57.24 18.33
C THR G 343 27.16 -55.76 18.36
N LEU G 344 26.13 -55.49 19.16
CA LEU G 344 25.58 -54.15 19.35
C LEU G 344 25.85 -53.64 20.76
N HIS G 345 26.06 -52.34 20.86
CA HIS G 345 26.35 -51.69 22.14
C HIS G 345 25.30 -50.69 22.63
N VAL G 346 24.67 -51.02 23.76
CA VAL G 346 23.59 -50.19 24.28
C VAL G 346 24.14 -49.05 25.15
N ASP G 347 23.58 -47.85 25.00
CA ASP G 347 23.87 -46.74 25.90
C ASP G 347 23.20 -46.99 27.24
N LEU G 348 23.95 -46.97 28.33
CA LEU G 348 23.39 -47.35 29.63
C LEU G 348 22.52 -46.27 30.26
N THR G 349 22.78 -45.02 29.91
CA THR G 349 22.09 -43.89 30.53
C THR G 349 20.69 -43.71 29.94
N ARG G 350 20.52 -44.12 28.69
CA ARG G 350 19.28 -43.86 27.96
C ARG G 350 18.30 -45.02 27.99
N VAL G 351 18.63 -46.08 28.73
CA VAL G 351 17.74 -47.22 28.84
C VAL G 351 16.47 -46.89 29.61
N HIS G 352 15.38 -47.58 29.27
CA HIS G 352 14.09 -47.40 29.94
C HIS G 352 13.44 -48.74 30.24
N LEU G 353 12.83 -48.85 31.42
CA LEU G 353 12.19 -50.09 31.84
C LEU G 353 10.74 -49.83 32.21
N PHE G 354 9.85 -50.73 31.80
CA PHE G 354 8.43 -50.62 32.13
C PHE G 354 7.88 -51.94 32.62
N ASP G 355 7.09 -51.90 33.69
CA ASP G 355 6.46 -53.11 34.21
C ASP G 355 5.49 -53.69 33.19
N ALA G 356 5.28 -55.00 33.25
CA ALA G 356 4.42 -55.67 32.28
C ALA G 356 2.94 -55.45 32.57
N GLN G 357 2.58 -55.41 33.84
CA GLN G 357 1.20 -55.18 34.23
C GLN G 357 0.89 -53.68 34.26
N SER G 358 1.43 -53.00 35.27
CA SER G 358 1.41 -51.54 35.33
C SER G 358 2.28 -50.93 34.22
N GLN G 359 1.77 -50.96 33.00
CA GLN G 359 2.43 -50.45 31.79
C GLN G 359 3.26 -49.15 31.88
N ALA G 360 3.62 -48.70 33.08
CA ALA G 360 4.29 -47.40 33.24
C ALA G 360 5.78 -47.46 33.59
N SER G 361 6.39 -46.28 33.62
CA SER G 361 7.84 -46.11 33.57
C SER G 361 8.56 -46.40 34.89
N ILE G 362 8.91 -47.66 35.12
CA ILE G 362 9.68 -48.04 36.30
C ILE G 362 11.02 -47.32 36.43
N TYR G 363 11.95 -47.64 35.52
CA TYR G 363 13.27 -47.02 35.51
C TYR G 363 13.21 -45.52 35.18
N MET H 1 11.64 -67.69 -13.58
CA MET H 1 11.87 -67.87 -12.16
C MET H 1 12.83 -66.78 -11.68
N VAL H 2 14.12 -67.02 -11.84
CA VAL H 2 15.12 -65.98 -11.63
C VAL H 2 15.63 -65.61 -13.03
N ALA H 3 15.24 -64.42 -13.49
CA ALA H 3 15.48 -64.04 -14.87
C ALA H 3 15.99 -62.61 -15.03
N SER H 4 16.57 -62.33 -16.19
CA SER H 4 17.10 -61.00 -16.46
C SER H 4 16.23 -60.32 -17.50
N VAL H 5 15.89 -59.05 -17.24
CA VAL H 5 15.12 -58.26 -18.19
C VAL H 5 15.97 -57.12 -18.74
N SER H 6 16.06 -57.05 -20.07
CA SER H 6 16.82 -55.99 -20.71
C SER H 6 15.88 -55.03 -21.44
N ILE H 7 16.05 -53.74 -21.17
CA ILE H 7 15.23 -52.70 -21.77
C ILE H 7 16.11 -51.84 -22.67
N GLN H 8 15.81 -51.83 -23.96
CA GLN H 8 16.67 -51.16 -24.93
C GLN H 8 15.93 -50.07 -25.70
N ASN H 9 16.33 -48.83 -25.45
CA ASN H 9 15.80 -47.67 -26.16
C ASN H 9 14.27 -47.62 -26.18
N VAL H 10 13.65 -48.03 -25.08
CA VAL H 10 12.19 -48.06 -25.04
C VAL H 10 11.64 -46.64 -24.99
N VAL H 11 10.67 -46.37 -25.85
CA VAL H 11 10.05 -45.05 -25.95
C VAL H 11 8.54 -45.21 -26.13
N LYS H 12 7.77 -44.43 -25.37
CA LYS H 12 6.32 -44.45 -25.49
C LYS H 12 5.86 -43.09 -25.99
N ARG H 13 4.96 -43.12 -26.95
CA ARG H 13 4.40 -41.91 -27.55
C ARG H 13 2.89 -41.93 -27.43
N TYR H 14 2.33 -40.87 -26.86
CA TYR H 14 0.87 -40.74 -26.83
C TYR H 14 0.41 -40.09 -28.13
N ASP H 15 0.04 -38.81 -28.10
CA ASP H 15 -0.36 -38.17 -29.34
C ASP H 15 0.90 -37.81 -30.12
N LYS H 16 1.41 -36.60 -29.91
CA LYS H 16 2.73 -36.24 -30.43
C LYS H 16 3.70 -36.26 -29.26
N THR H 17 3.16 -36.51 -28.07
CA THR H 17 3.85 -36.27 -26.80
C THR H 17 4.80 -37.38 -26.34
N THR H 18 6.00 -37.38 -26.91
CA THR H 18 7.03 -38.38 -26.62
C THR H 18 7.28 -38.47 -25.11
N VAL H 19 6.44 -39.21 -24.40
CA VAL H 19 6.52 -39.29 -22.94
C VAL H 19 7.88 -39.79 -22.44
N VAL H 20 8.33 -40.96 -22.88
CA VAL H 20 9.64 -41.43 -22.43
C VAL H 20 10.58 -41.41 -23.63
N HIS H 21 11.79 -40.95 -23.41
CA HIS H 21 12.72 -40.57 -24.49
C HIS H 21 13.76 -41.64 -24.93
N GLY H 22 13.46 -42.91 -24.69
CA GLY H 22 14.39 -43.99 -24.99
C GLY H 22 15.33 -44.33 -23.87
N VAL H 23 14.75 -44.47 -22.68
CA VAL H 23 15.44 -44.97 -21.50
C VAL H 23 15.89 -46.38 -21.79
N SER H 24 17.15 -46.68 -21.46
CA SER H 24 17.68 -48.02 -21.63
C SER H 24 18.23 -48.56 -20.30
N LEU H 25 17.80 -49.75 -19.92
CA LEU H 25 18.25 -50.35 -18.66
C LEU H 25 18.40 -51.85 -18.79
N ASP H 26 19.50 -52.39 -18.27
CA ASP H 26 19.68 -53.84 -18.21
C ASP H 26 19.67 -54.30 -16.76
N ILE H 27 18.81 -55.27 -16.47
CA ILE H 27 18.59 -55.72 -15.10
C ILE H 27 19.11 -57.14 -14.86
N GLU H 28 20.01 -57.27 -13.90
CA GLU H 28 20.58 -58.57 -13.55
C GLU H 28 19.51 -59.50 -12.97
N PRO H 29 19.70 -60.81 -13.10
CA PRO H 29 18.76 -61.76 -12.51
C PRO H 29 18.79 -61.72 -10.99
N GLY H 30 17.61 -61.69 -10.36
CA GLY H 30 17.52 -61.68 -8.92
C GLY H 30 17.82 -60.32 -8.32
N GLU H 31 17.95 -59.31 -9.19
CA GLU H 31 18.29 -57.96 -8.74
C GLU H 31 17.05 -57.14 -8.37
N PHE H 32 17.19 -56.34 -7.32
CA PHE H 32 16.15 -55.41 -6.92
C PHE H 32 16.50 -54.01 -7.40
N VAL H 33 15.73 -53.52 -8.37
CA VAL H 33 16.00 -52.22 -8.97
C VAL H 33 14.79 -51.30 -8.78
N VAL H 34 15.07 -50.07 -8.36
CA VAL H 34 14.00 -49.12 -8.07
C VAL H 34 13.98 -47.92 -9.00
N LEU H 35 12.83 -47.69 -9.63
CA LEU H 35 12.60 -46.47 -10.37
C LEU H 35 12.09 -45.44 -9.39
N VAL H 36 12.66 -44.23 -9.42
CA VAL H 36 12.28 -43.21 -8.47
C VAL H 36 12.42 -41.83 -9.10
N GLY H 37 11.53 -40.92 -8.75
CA GLY H 37 11.57 -39.56 -9.24
C GLY H 37 10.34 -38.79 -8.80
N PRO H 38 10.19 -37.57 -9.32
CA PRO H 38 9.03 -36.73 -9.03
C PRO H 38 7.82 -37.26 -9.79
N SER H 39 6.70 -36.56 -9.76
CA SER H 39 5.53 -37.05 -10.48
C SER H 39 5.69 -36.80 -11.97
N GLY H 40 4.67 -37.15 -12.75
CA GLY H 40 4.64 -36.87 -14.18
C GLY H 40 5.90 -37.31 -14.90
N CYS H 41 6.47 -38.43 -14.44
CA CYS H 41 7.59 -39.06 -15.13
C CYS H 41 7.24 -40.48 -15.55
N GLY H 42 8.02 -41.05 -16.47
CA GLY H 42 7.63 -42.31 -17.07
C GLY H 42 7.95 -43.55 -16.26
N LYS H 43 8.17 -43.35 -14.95
CA LYS H 43 8.49 -44.43 -14.03
C LYS H 43 7.44 -45.53 -14.11
N SER H 44 6.19 -45.13 -13.93
CA SER H 44 5.04 -46.02 -14.03
C SER H 44 4.86 -46.46 -15.47
N THR H 45 5.00 -45.51 -16.39
CA THR H 45 4.82 -45.75 -17.81
C THR H 45 5.78 -46.84 -18.28
N THR H 46 7.01 -46.80 -17.78
CA THR H 46 7.99 -47.83 -18.07
C THR H 46 7.52 -49.19 -17.53
N LEU H 47 7.16 -49.21 -16.25
CA LEU H 47 6.68 -50.42 -15.59
C LEU H 47 5.50 -51.07 -16.31
N ARG H 48 4.58 -50.21 -16.70
CA ARG H 48 3.35 -50.61 -17.38
C ARG H 48 3.70 -51.19 -18.75
N MET H 49 4.73 -50.64 -19.37
CA MET H 49 5.22 -51.12 -20.65
C MET H 49 5.82 -52.53 -20.53
N VAL H 50 6.46 -52.77 -19.39
CA VAL H 50 7.01 -54.07 -19.05
C VAL H 50 5.88 -55.06 -18.88
N ALA H 51 4.86 -54.64 -18.13
CA ALA H 51 3.68 -55.45 -17.85
C ALA H 51 2.89 -55.76 -19.11
N GLY H 52 2.87 -54.82 -20.04
CA GLY H 52 2.15 -54.98 -21.29
C GLY H 52 0.81 -54.26 -21.28
N LEU H 53 0.59 -53.43 -20.26
CA LEU H 53 -0.63 -52.65 -20.15
C LEU H 53 -0.57 -51.42 -21.05
N GLU H 54 0.63 -51.12 -21.54
CA GLU H 54 0.81 -50.05 -22.50
C GLU H 54 1.75 -50.50 -23.63
N GLU H 55 1.45 -50.01 -24.83
CA GLU H 55 2.18 -50.37 -26.04
C GLU H 55 3.56 -49.73 -26.13
N ILE H 56 4.49 -50.42 -26.79
CA ILE H 56 5.83 -49.90 -27.00
C ILE H 56 5.92 -49.12 -28.31
N SER H 57 6.14 -47.82 -28.22
CA SER H 57 6.11 -46.98 -29.41
C SER H 57 7.45 -47.01 -30.16
N GLY H 58 8.46 -47.61 -29.54
CA GLY H 58 9.76 -47.76 -30.16
C GLY H 58 10.75 -48.46 -29.26
N GLY H 59 11.81 -49.02 -29.84
CA GLY H 59 12.77 -49.78 -29.08
C GLY H 59 12.24 -51.14 -28.66
N THR H 60 13.13 -51.97 -28.13
CA THR H 60 12.73 -53.31 -27.71
C THR H 60 13.09 -53.60 -26.26
N ILE H 61 12.26 -54.40 -25.60
CA ILE H 61 12.53 -54.88 -24.26
C ILE H 61 12.31 -56.39 -24.23
N ARG H 62 13.14 -57.11 -23.49
CA ARG H 62 13.03 -58.57 -23.48
C ARG H 62 13.37 -59.17 -22.12
N ILE H 63 12.66 -60.24 -21.77
CA ILE H 63 12.97 -61.00 -20.56
C ILE H 63 13.68 -62.27 -20.99
N ASP H 64 14.87 -62.48 -20.44
CA ASP H 64 15.78 -63.53 -20.90
C ASP H 64 15.99 -63.39 -22.41
N GLY H 65 15.62 -64.42 -23.17
CA GLY H 65 15.75 -64.36 -24.62
C GLY H 65 14.44 -63.98 -25.28
N ARG H 66 13.36 -64.10 -24.54
CA ARG H 66 12.02 -63.81 -25.05
C ARG H 66 11.83 -62.31 -25.28
N VAL H 67 11.50 -61.92 -26.50
CA VAL H 67 11.10 -60.54 -26.77
C VAL H 67 9.60 -60.35 -26.54
N ILE H 68 9.25 -59.53 -25.55
CA ILE H 68 7.88 -59.43 -25.09
C ILE H 68 7.10 -58.25 -25.67
N ASN H 69 7.73 -57.49 -26.57
CA ASN H 69 7.12 -56.29 -27.13
C ASN H 69 5.72 -56.49 -27.72
N ASP H 70 5.58 -57.51 -28.56
CA ASP H 70 4.28 -57.85 -29.16
C ASP H 70 3.55 -58.94 -28.39
N LEU H 71 4.11 -59.34 -27.25
CA LEU H 71 3.53 -60.40 -26.44
C LEU H 71 2.31 -59.92 -25.66
N ALA H 72 1.70 -60.84 -24.90
CA ALA H 72 0.55 -60.52 -24.06
C ALA H 72 0.92 -60.63 -22.59
N PRO H 73 0.37 -59.74 -21.76
CA PRO H 73 0.63 -59.69 -20.31
C PRO H 73 0.50 -61.05 -19.63
N LYS H 74 -0.46 -61.85 -20.08
CA LYS H 74 -0.65 -63.20 -19.56
C LYS H 74 0.57 -64.08 -19.85
N ASP H 75 1.13 -63.92 -21.03
CA ASP H 75 2.25 -64.75 -21.50
C ASP H 75 3.62 -64.10 -21.26
N ARG H 76 3.62 -62.93 -20.63
CA ARG H 76 4.87 -62.21 -20.40
C ARG H 76 5.64 -62.71 -19.18
N ASP H 77 5.06 -63.70 -18.49
CA ASP H 77 5.66 -64.29 -17.29
C ASP H 77 5.91 -63.23 -16.21
N VAL H 78 4.99 -62.27 -16.11
CA VAL H 78 5.12 -61.20 -15.12
C VAL H 78 3.90 -61.15 -14.21
N ALA H 79 4.06 -60.52 -13.06
CA ALA H 79 2.95 -60.28 -12.15
C ALA H 79 3.05 -58.85 -11.62
N MET H 80 1.90 -58.22 -11.41
CA MET H 80 1.91 -56.82 -11.02
C MET H 80 1.11 -56.54 -9.75
N VAL H 81 1.69 -55.73 -8.88
CA VAL H 81 1.00 -55.24 -7.69
C VAL H 81 0.73 -53.76 -7.88
N PHE H 82 -0.54 -53.40 -8.06
CA PHE H 82 -0.91 -52.03 -8.39
C PHE H 82 -0.93 -51.12 -7.18
N GLN H 83 -1.13 -49.82 -7.42
CA GLN H 83 -1.13 -48.85 -6.34
C GLN H 83 -2.43 -48.90 -5.55
N ASN H 84 -3.57 -48.92 -6.22
CA ASN H 84 -4.81 -48.93 -5.46
C ASN H 84 -5.48 -50.29 -5.52
N TYR H 85 -5.30 -51.08 -4.45
CA TYR H 85 -6.19 -52.19 -4.10
C TYR H 85 -6.71 -52.95 -5.32
N ALA H 86 -5.84 -53.77 -5.92
CA ALA H 86 -6.20 -54.52 -7.12
C ALA H 86 -7.00 -55.77 -6.81
N LEU H 87 -7.46 -55.89 -5.57
CA LEU H 87 -8.21 -57.06 -5.16
C LEU H 87 -9.71 -56.79 -5.29
N TYR H 88 -10.45 -57.80 -5.73
CA TYR H 88 -11.89 -57.66 -5.91
C TYR H 88 -12.63 -57.80 -4.58
N PRO H 89 -13.40 -56.76 -4.20
CA PRO H 89 -13.98 -56.66 -2.86
C PRO H 89 -15.10 -57.67 -2.57
N HIS H 90 -15.66 -58.26 -3.62
CA HIS H 90 -16.69 -59.29 -3.46
C HIS H 90 -16.11 -60.67 -3.14
N LEU H 91 -15.12 -61.12 -3.91
CA LEU H 91 -14.54 -62.44 -3.67
C LEU H 91 -13.85 -62.48 -2.31
N ASN H 92 -13.80 -63.66 -1.70
CA ASN H 92 -13.04 -63.84 -0.47
C ASN H 92 -11.54 -63.85 -0.74
N VAL H 93 -10.76 -63.61 0.31
CA VAL H 93 -9.31 -63.58 0.23
C VAL H 93 -8.70 -64.80 -0.45
N ARG H 94 -9.15 -65.99 -0.05
CA ARG H 94 -8.69 -67.22 -0.65
C ARG H 94 -8.97 -67.25 -2.15
N ASP H 95 -10.14 -66.75 -2.54
CA ASP H 95 -10.54 -66.73 -3.94
C ASP H 95 -9.81 -65.64 -4.73
N ASN H 96 -9.49 -64.54 -4.06
CA ASN H 96 -8.75 -63.45 -4.69
C ASN H 96 -7.34 -63.82 -5.10
N ILE H 97 -6.62 -64.49 -4.21
CA ILE H 97 -5.26 -64.93 -4.49
C ILE H 97 -5.24 -65.93 -5.64
N SER H 98 -6.11 -66.93 -5.53
CA SER H 98 -6.17 -68.03 -6.47
C SER H 98 -6.82 -67.64 -7.79
N PHE H 99 -7.32 -66.41 -7.87
CA PHE H 99 -8.11 -65.94 -9.01
C PHE H 99 -7.48 -66.20 -10.37
N GLY H 100 -6.25 -65.75 -10.57
CA GLY H 100 -5.59 -65.93 -11.85
C GLY H 100 -5.48 -67.40 -12.23
N LEU H 101 -5.28 -68.25 -11.23
CA LEU H 101 -5.07 -69.68 -11.46
C LEU H 101 -6.35 -70.52 -11.62
N ARG H 102 -7.50 -69.99 -11.23
CA ARG H 102 -8.74 -70.76 -11.34
C ARG H 102 -9.43 -70.49 -12.67
N LEU H 103 -8.88 -69.55 -13.43
CA LEU H 103 -9.34 -69.32 -14.80
C LEU H 103 -9.29 -70.61 -15.60
N LYS H 104 -8.11 -71.23 -15.61
CA LYS H 104 -7.94 -72.54 -16.23
C LYS H 104 -7.87 -73.70 -15.21
N ARG H 105 -6.65 -74.20 -15.02
CA ARG H 105 -6.36 -75.40 -14.23
C ARG H 105 -7.07 -75.55 -12.87
N THR H 106 -7.79 -76.67 -12.73
CA THR H 106 -8.28 -77.14 -11.44
C THR H 106 -8.13 -78.66 -11.40
N LYS H 107 -8.07 -79.23 -10.21
CA LYS H 107 -7.91 -80.68 -10.01
C LYS H 107 -6.78 -81.29 -10.85
N LYS H 108 -5.56 -81.11 -10.35
CA LYS H 108 -4.28 -81.69 -10.79
C LYS H 108 -3.30 -80.54 -10.63
N SER H 109 -3.86 -79.35 -10.54
CA SER H 109 -3.13 -78.14 -10.22
C SER H 109 -3.01 -78.04 -8.70
N VAL H 110 -4.00 -78.61 -8.02
CA VAL H 110 -4.07 -78.70 -6.55
C VAL H 110 -4.28 -77.33 -5.90
N ILE H 111 -3.50 -76.33 -6.32
CA ILE H 111 -3.68 -74.95 -5.84
C ILE H 111 -3.41 -74.79 -4.34
N ASP H 112 -3.69 -75.84 -3.58
CA ASP H 112 -3.58 -75.82 -2.14
C ASP H 112 -2.15 -75.68 -1.67
N ALA H 113 -1.20 -76.26 -2.42
CA ALA H 113 0.19 -76.15 -2.02
C ALA H 113 0.65 -74.72 -2.25
N ALA H 114 0.26 -74.15 -3.39
CA ALA H 114 0.70 -72.79 -3.72
C ALA H 114 0.12 -71.74 -2.77
N VAL H 115 -1.18 -71.85 -2.48
CA VAL H 115 -1.81 -70.89 -1.58
C VAL H 115 -1.24 -71.04 -0.17
N LYS H 116 -0.89 -72.27 0.18
CA LYS H 116 -0.30 -72.57 1.48
C LYS H 116 0.97 -71.77 1.66
N THR H 117 1.81 -71.81 0.64
CA THR H 117 3.05 -71.05 0.65
C THR H 117 2.71 -69.58 0.86
N ALA H 118 2.01 -68.99 -0.10
CA ALA H 118 1.73 -67.56 -0.07
C ALA H 118 1.04 -67.18 1.25
N ALA H 119 0.18 -68.06 1.77
CA ALA H 119 -0.49 -67.78 3.02
C ALA H 119 0.54 -67.73 4.13
N ASP H 120 1.48 -68.67 4.07
CA ASP H 120 2.55 -68.79 5.05
C ASP H 120 3.50 -67.60 4.96
N ILE H 121 3.71 -67.12 3.74
CA ILE H 121 4.61 -66.01 3.48
C ILE H 121 4.14 -64.71 4.14
N LEU H 122 2.94 -64.26 3.84
CA LEU H 122 2.47 -63.01 4.46
C LEU H 122 1.80 -63.29 5.79
N GLY H 123 1.73 -64.57 6.16
CA GLY H 123 1.14 -64.99 7.42
C GLY H 123 -0.37 -64.85 7.56
N LEU H 124 -1.11 -65.15 6.49
CA LEU H 124 -2.57 -64.98 6.53
C LEU H 124 -3.35 -66.26 6.85
N GLN H 125 -2.97 -66.97 7.92
CA GLN H 125 -3.74 -68.14 8.30
C GLN H 125 -5.18 -67.78 8.70
N PRO H 126 -5.36 -66.79 9.62
CA PRO H 126 -6.75 -66.49 10.01
C PRO H 126 -7.56 -65.78 8.92
N LEU H 127 -6.87 -65.17 7.95
CA LEU H 127 -7.53 -64.38 6.91
C LEU H 127 -7.95 -65.07 5.60
N LEU H 128 -7.75 -66.37 5.47
CA LEU H 128 -8.02 -67.08 4.22
C LEU H 128 -9.43 -66.84 3.68
N GLU H 129 -10.42 -66.99 4.56
CA GLU H 129 -11.84 -66.89 4.24
C GLU H 129 -12.47 -65.51 4.45
N ARG H 130 -11.63 -64.53 4.79
CA ARG H 130 -12.11 -63.17 5.03
C ARG H 130 -12.41 -62.50 3.69
N LYS H 131 -12.85 -61.24 3.76
CA LYS H 131 -13.22 -60.44 2.57
C LYS H 131 -12.60 -59.05 2.59
N PRO H 132 -12.24 -58.49 1.42
CA PRO H 132 -11.55 -57.19 1.35
C PRO H 132 -12.33 -56.08 2.06
N SER H 133 -13.64 -56.25 2.16
CA SER H 133 -14.53 -55.31 2.82
C SER H 133 -14.22 -55.12 4.30
N ASP H 134 -13.79 -56.20 4.95
CA ASP H 134 -13.32 -56.11 6.34
C ASP H 134 -11.83 -56.39 6.52
N LEU H 135 -11.00 -55.68 5.78
CA LEU H 135 -9.55 -55.81 5.91
C LEU H 135 -8.87 -54.45 5.97
N SER H 136 -7.70 -54.42 6.58
CA SER H 136 -6.89 -53.20 6.65
C SER H 136 -6.21 -52.97 5.32
N GLY H 137 -5.91 -51.71 5.02
CA GLY H 137 -5.24 -51.35 3.78
C GLY H 137 -3.93 -52.10 3.62
N GLY H 138 -3.20 -52.29 4.72
CA GLY H 138 -1.97 -53.04 4.66
C GLY H 138 -2.26 -54.50 4.40
N GLN H 139 -3.28 -55.03 5.07
CA GLN H 139 -3.68 -56.43 4.87
C GLN H 139 -4.20 -56.63 3.45
N ARG H 140 -4.94 -55.63 2.97
CA ARG H 140 -5.43 -55.63 1.59
C ARG H 140 -4.26 -55.66 0.61
N GLN H 141 -3.21 -54.92 0.93
CA GLN H 141 -2.06 -54.85 0.03
C GLN H 141 -1.21 -56.11 0.19
N ARG H 142 -1.27 -56.71 1.37
CA ARG H 142 -0.55 -57.95 1.65
C ARG H 142 -1.11 -59.09 0.81
N VAL H 143 -2.43 -59.25 0.84
CA VAL H 143 -3.09 -60.32 0.09
C VAL H 143 -2.95 -60.03 -1.40
N ALA H 144 -2.87 -58.75 -1.73
CA ALA H 144 -2.63 -58.33 -3.11
C ALA H 144 -1.27 -58.84 -3.58
N MET H 145 -0.30 -58.82 -2.67
CA MET H 145 1.02 -59.36 -2.98
C MET H 145 0.93 -60.87 -3.17
N GLY H 146 0.11 -61.50 -2.34
CA GLY H 146 -0.12 -62.94 -2.41
C GLY H 146 -0.60 -63.35 -3.79
N ARG H 147 -1.44 -62.50 -4.37
CA ARG H 147 -1.94 -62.68 -5.74
C ARG H 147 -0.80 -62.79 -6.73
N ALA H 148 0.21 -61.94 -6.54
CA ALA H 148 1.36 -61.89 -7.45
C ALA H 148 2.25 -63.11 -7.27
N ILE H 149 2.61 -63.41 -6.02
CA ILE H 149 3.57 -64.45 -5.72
C ILE H 149 3.03 -65.86 -5.91
N VAL H 150 1.71 -65.98 -6.05
CA VAL H 150 1.08 -67.28 -6.30
C VAL H 150 1.16 -67.63 -7.78
N ARG H 151 1.45 -66.62 -8.61
CA ARG H 151 1.59 -66.79 -10.05
C ARG H 151 2.96 -67.38 -10.39
N ASP H 152 3.92 -67.14 -9.51
CA ASP H 152 5.32 -67.55 -9.69
C ASP H 152 5.86 -67.06 -11.04
N PRO H 153 6.05 -65.73 -11.17
CA PRO H 153 6.52 -65.12 -12.42
C PRO H 153 8.04 -65.03 -12.47
N LYS H 154 8.56 -64.55 -13.59
CA LYS H 154 9.98 -64.29 -13.73
C LYS H 154 10.34 -62.92 -13.14
N VAL H 155 9.38 -61.99 -13.21
CA VAL H 155 9.58 -60.63 -12.74
C VAL H 155 8.42 -60.13 -11.87
N PHE H 156 8.75 -59.44 -10.78
CA PHE H 156 7.74 -58.78 -9.94
C PHE H 156 7.64 -57.31 -10.31
N LEU H 157 6.42 -56.81 -10.44
CA LEU H 157 6.21 -55.41 -10.79
C LEU H 157 5.45 -54.68 -9.69
N PHE H 158 6.03 -53.59 -9.20
CA PHE H 158 5.43 -52.79 -8.14
C PHE H 158 5.24 -51.33 -8.57
N ASP H 159 3.99 -50.88 -8.61
CA ASP H 159 3.71 -49.47 -8.89
C ASP H 159 3.22 -48.78 -7.62
N GLN H 160 4.10 -47.96 -7.05
CA GLN H 160 3.84 -47.21 -5.83
C GLN H 160 2.96 -47.98 -4.83
N PRO H 161 3.42 -49.17 -4.41
CA PRO H 161 2.54 -50.03 -3.61
C PRO H 161 2.19 -49.45 -2.25
N LEU H 162 3.14 -48.78 -1.60
CA LEU H 162 2.90 -48.30 -0.25
C LEU H 162 2.43 -46.85 -0.22
N SER H 163 2.25 -46.26 -1.40
CA SER H 163 1.91 -44.84 -1.51
C SER H 163 0.63 -44.45 -0.78
N ASN H 164 -0.39 -45.31 -0.86
CA ASN H 164 -1.68 -45.01 -0.26
C ASN H 164 -1.73 -45.43 1.21
N LEU H 165 -0.67 -46.09 1.65
CA LEU H 165 -0.57 -46.52 3.05
C LEU H 165 -0.11 -45.38 3.94
N ASP H 166 -0.45 -45.46 5.23
CA ASP H 166 0.00 -44.48 6.21
C ASP H 166 1.48 -44.67 6.54
N ALA H 167 2.09 -43.64 7.09
CA ALA H 167 3.53 -43.61 7.36
C ALA H 167 3.97 -44.77 8.24
N LYS H 168 3.23 -45.00 9.31
CA LYS H 168 3.51 -46.07 10.27
C LYS H 168 3.57 -47.42 9.56
N LEU H 169 2.66 -47.59 8.60
CA LEU H 169 2.55 -48.81 7.83
C LEU H 169 3.68 -48.93 6.81
N ARG H 170 4.08 -47.80 6.22
CA ARG H 170 5.12 -47.78 5.19
C ARG H 170 6.39 -48.40 5.75
N THR H 171 6.78 -47.99 6.95
CA THR H 171 8.01 -48.50 7.53
C THR H 171 7.90 -50.02 7.81
N GLN H 172 6.70 -50.54 8.08
CA GLN H 172 6.53 -51.99 8.31
C GLN H 172 6.58 -52.78 6.99
N MET H 173 5.82 -52.34 6.00
CA MET H 173 5.80 -53.03 4.73
C MET H 173 7.16 -52.98 4.05
N ARG H 174 7.85 -51.85 4.20
CA ARG H 174 9.17 -51.71 3.60
C ARG H 174 10.17 -52.73 4.13
N ALA H 175 10.10 -53.02 5.43
CA ALA H 175 10.96 -54.06 5.99
C ALA H 175 10.56 -55.42 5.46
N GLU H 176 9.26 -55.67 5.43
CA GLU H 176 8.72 -56.93 4.96
C GLU H 176 9.06 -57.23 3.50
N ILE H 177 9.12 -56.19 2.67
CA ILE H 177 9.44 -56.36 1.26
C ILE H 177 10.89 -56.77 1.04
N LYS H 178 11.80 -56.05 1.68
CA LYS H 178 13.23 -56.36 1.59
C LYS H 178 13.45 -57.77 2.12
N ARG H 179 12.82 -58.05 3.26
CA ARG H 179 12.90 -59.36 3.88
C ARG H 179 12.35 -60.43 2.94
N LEU H 180 11.29 -60.09 2.21
CA LEU H 180 10.66 -61.06 1.32
C LEU H 180 11.63 -61.41 0.18
N HIS H 181 12.34 -60.41 -0.34
CA HIS H 181 13.23 -60.64 -1.46
C HIS H 181 14.41 -61.51 -1.04
N GLN H 182 14.76 -61.45 0.23
CA GLN H 182 15.82 -62.32 0.75
C GLN H 182 15.32 -63.76 0.77
N ARG H 183 14.05 -63.91 1.13
CA ARG H 183 13.43 -65.23 1.22
C ARG H 183 13.25 -65.84 -0.16
N LEU H 184 12.61 -65.10 -1.05
CA LEU H 184 12.31 -65.57 -2.40
C LEU H 184 13.47 -65.36 -3.37
N GLY H 185 13.71 -64.10 -3.76
CA GLY H 185 14.84 -63.78 -4.61
C GLY H 185 14.52 -63.56 -6.08
N THR H 186 13.24 -63.55 -6.43
CA THR H 186 12.82 -63.35 -7.81
C THR H 186 13.20 -61.92 -8.25
N THR H 187 13.49 -61.76 -9.54
CA THR H 187 13.79 -60.44 -10.09
C THR H 187 12.61 -59.48 -9.90
N VAL H 188 12.91 -58.26 -9.47
CA VAL H 188 11.86 -57.29 -9.16
C VAL H 188 12.26 -55.88 -9.58
N ILE H 189 11.33 -55.19 -10.23
CA ILE H 189 11.46 -53.78 -10.57
C ILE H 189 10.43 -52.97 -9.77
N TYR H 190 10.88 -51.88 -9.14
CA TYR H 190 10.10 -51.20 -8.11
C TYR H 190 9.96 -49.69 -8.40
N VAL H 191 8.74 -49.17 -8.32
CA VAL H 191 8.47 -47.76 -8.64
C VAL H 191 7.99 -46.95 -7.43
N THR H 192 8.64 -45.82 -7.17
CA THR H 192 8.30 -44.95 -6.03
C THR H 192 8.50 -43.47 -6.33
N HIS H 193 7.68 -42.63 -5.69
CA HIS H 193 7.93 -41.19 -5.72
C HIS H 193 8.65 -40.82 -4.43
N ASP H 194 8.87 -41.81 -3.58
CA ASP H 194 9.49 -41.60 -2.28
C ASP H 194 10.95 -42.04 -2.27
N GLN H 195 11.84 -41.07 -2.01
CA GLN H 195 13.27 -41.31 -1.98
C GLN H 195 13.66 -42.40 -0.98
N VAL H 196 12.98 -42.42 0.16
CA VAL H 196 13.29 -43.34 1.25
C VAL H 196 13.22 -44.81 0.81
N GLU H 197 12.11 -45.20 0.19
CA GLU H 197 11.91 -46.58 -0.23
C GLU H 197 12.96 -47.00 -1.27
N ALA H 198 13.42 -46.04 -2.05
CA ALA H 198 14.45 -46.30 -3.05
C ALA H 198 15.77 -46.68 -2.40
N MET H 199 16.24 -45.84 -1.49
CA MET H 199 17.53 -46.04 -0.83
C MET H 199 17.58 -47.35 -0.05
N THR H 200 16.46 -47.71 0.57
CA THR H 200 16.38 -48.90 1.41
C THR H 200 16.36 -50.21 0.64
N LEU H 201 15.35 -50.37 -0.21
CA LEU H 201 15.06 -51.66 -0.84
C LEU H 201 16.04 -52.01 -1.95
N ALA H 202 16.46 -51.01 -2.72
CA ALA H 202 17.13 -51.25 -3.99
C ALA H 202 18.57 -51.73 -3.87
N ASP H 203 18.92 -52.68 -4.73
CA ASP H 203 20.30 -53.03 -4.98
C ASP H 203 20.89 -51.93 -5.85
N ARG H 204 20.17 -51.59 -6.91
CA ARG H 204 20.51 -50.45 -7.76
C ARG H 204 19.34 -49.47 -7.82
N ILE H 205 19.65 -48.18 -7.84
CA ILE H 205 18.65 -47.14 -7.99
C ILE H 205 18.80 -46.40 -9.32
N VAL H 206 17.69 -46.24 -10.05
CA VAL H 206 17.70 -45.44 -11.26
C VAL H 206 16.69 -44.30 -11.12
N VAL H 207 17.18 -43.07 -11.20
CA VAL H 207 16.33 -41.90 -11.02
C VAL H 207 15.95 -41.30 -12.37
N MET H 208 14.67 -40.97 -12.54
CA MET H 208 14.16 -40.47 -13.80
C MET H 208 13.40 -39.16 -13.63
N ARG H 209 13.92 -38.06 -14.19
CA ARG H 209 13.14 -36.83 -14.30
C ARG H 209 12.58 -36.61 -15.70
N ASP H 210 11.34 -36.10 -15.75
CA ASP H 210 10.61 -35.75 -16.98
C ASP H 210 10.90 -36.60 -18.22
N GLY H 211 10.61 -37.90 -18.12
CA GLY H 211 10.83 -38.80 -19.24
C GLY H 211 12.25 -39.29 -19.49
N LEU H 212 13.25 -38.54 -19.03
CA LEU H 212 14.63 -38.98 -19.27
C LEU H 212 15.10 -39.83 -18.10
N ILE H 213 16.33 -40.33 -18.18
CA ILE H 213 16.87 -41.12 -17.09
C ILE H 213 18.10 -40.42 -16.52
N GLU H 214 18.03 -40.03 -15.25
CA GLU H 214 19.02 -39.13 -14.69
C GLU H 214 20.33 -39.81 -14.27
N GLN H 215 20.23 -41.00 -13.68
CA GLN H 215 21.40 -41.73 -13.21
C GLN H 215 21.07 -43.15 -12.76
N ILE H 216 22.09 -44.01 -12.72
CA ILE H 216 21.96 -45.39 -12.24
C ILE H 216 23.15 -45.71 -11.34
N GLY H 217 22.93 -46.49 -10.29
CA GLY H 217 24.00 -46.94 -9.43
C GLY H 217 23.52 -47.43 -8.09
N LYS H 218 24.43 -47.99 -7.30
CA LYS H 218 24.12 -48.44 -5.95
C LYS H 218 23.65 -47.24 -5.11
N PRO H 219 22.88 -47.51 -4.05
CA PRO H 219 22.34 -46.42 -3.21
C PRO H 219 23.39 -45.42 -2.74
N MET H 220 24.54 -45.90 -2.30
CA MET H 220 25.57 -45.01 -1.78
C MET H 220 26.29 -44.23 -2.89
N ASP H 221 26.23 -44.71 -4.12
CA ASP H 221 26.85 -43.98 -5.23
C ASP H 221 26.06 -42.72 -5.51
N LEU H 222 24.74 -42.84 -5.56
CA LEU H 222 23.89 -41.69 -5.83
C LEU H 222 23.95 -40.72 -4.65
N PHE H 223 24.15 -41.26 -3.46
CA PHE H 223 24.18 -40.45 -2.24
C PHE H 223 25.51 -39.72 -2.10
N LEU H 224 26.60 -40.45 -2.34
CA LEU H 224 27.93 -39.90 -2.19
C LEU H 224 28.29 -39.05 -3.40
N HIS H 225 27.91 -39.52 -4.59
CA HIS H 225 28.31 -38.84 -5.81
C HIS H 225 27.16 -38.66 -6.79
N PRO H 226 26.31 -37.65 -6.53
CA PRO H 226 25.19 -37.33 -7.42
C PRO H 226 25.68 -36.80 -8.77
N ALA H 227 24.97 -37.13 -9.85
CA ALA H 227 25.38 -36.69 -11.18
C ALA H 227 25.15 -35.18 -11.37
N ASN H 228 24.04 -34.68 -10.82
CA ASN H 228 23.68 -33.26 -10.94
C ASN H 228 23.07 -32.69 -9.67
N THR H 229 22.58 -31.46 -9.74
CA THR H 229 22.04 -30.78 -8.57
C THR H 229 20.68 -31.39 -8.23
N PHE H 230 20.05 -32.02 -9.21
CA PHE H 230 18.76 -32.65 -9.00
C PHE H 230 18.93 -33.91 -8.19
N VAL H 231 19.84 -34.78 -8.63
CA VAL H 231 20.10 -36.03 -7.91
C VAL H 231 20.55 -35.68 -6.50
N ALA H 232 21.25 -34.56 -6.38
CA ALA H 232 21.75 -34.09 -5.10
C ALA H 232 20.62 -33.66 -4.17
N SER H 233 19.65 -32.93 -4.72
CA SER H 233 18.54 -32.40 -3.95
C SER H 233 17.46 -33.44 -3.62
N PHE H 234 17.38 -34.49 -4.43
CA PHE H 234 16.33 -35.48 -4.27
C PHE H 234 16.59 -36.44 -3.10
N ILE H 235 17.69 -37.17 -3.18
CA ILE H 235 18.01 -38.19 -2.17
C ILE H 235 18.63 -37.59 -0.90
N GLY H 236 18.50 -38.33 0.20
CA GLY H 236 18.99 -37.88 1.48
C GLY H 236 17.82 -37.46 2.35
N SER H 237 17.95 -37.62 3.66
CA SER H 237 16.82 -37.41 4.56
C SER H 237 16.42 -35.92 4.61
N PRO H 238 17.38 -35.01 4.88
CA PRO H 238 16.99 -33.65 4.49
C PRO H 238 17.49 -33.35 3.08
N PRO H 239 17.15 -32.20 2.50
CA PRO H 239 17.77 -31.93 1.21
C PRO H 239 19.20 -31.48 1.42
N MET H 240 20.12 -31.82 0.53
CA MET H 240 21.45 -31.24 0.61
C MET H 240 21.47 -29.73 0.33
N ASN H 241 22.32 -29.02 1.05
CA ASN H 241 22.36 -27.56 1.02
C ASN H 241 22.85 -27.02 -0.33
N LEU H 242 21.94 -26.68 -1.24
CA LEU H 242 22.32 -26.12 -2.54
C LEU H 242 22.39 -24.60 -2.69
N MET H 243 23.45 -23.95 -2.22
CA MET H 243 23.56 -22.50 -2.45
C MET H 243 24.69 -22.15 -3.42
N PRO H 244 24.54 -21.03 -4.16
CA PRO H 244 25.49 -20.54 -5.18
C PRO H 244 26.80 -20.01 -4.60
N ALA H 245 27.89 -20.15 -5.36
CA ALA H 245 29.21 -19.73 -4.90
C ALA H 245 30.10 -19.37 -6.08
N ARG H 246 31.36 -19.07 -5.79
CA ARG H 246 32.32 -18.68 -6.82
C ARG H 246 33.73 -19.15 -6.48
N ILE H 247 34.72 -18.68 -7.25
CA ILE H 247 36.09 -19.19 -7.12
C ILE H 247 37.07 -18.06 -6.85
N ALA H 248 37.13 -17.10 -7.77
CA ALA H 248 37.92 -15.88 -7.62
C ALA H 248 39.43 -16.15 -7.59
N VAL H 249 40.07 -15.73 -6.49
CA VAL H 249 41.52 -15.61 -6.39
C VAL H 249 42.30 -16.81 -6.92
N ASP H 250 42.08 -17.98 -6.33
CA ASP H 250 42.66 -19.21 -6.86
C ASP H 250 41.59 -20.28 -7.03
N SER H 251 41.96 -21.41 -7.61
CA SER H 251 40.98 -22.38 -8.07
C SER H 251 40.85 -23.56 -7.12
N THR H 252 41.84 -24.45 -7.16
CA THR H 252 41.76 -25.74 -6.49
C THR H 252 41.84 -25.60 -4.97
N GLN H 253 42.09 -24.37 -4.50
CA GLN H 253 42.26 -24.13 -3.08
C GLN H 253 41.02 -23.57 -2.40
N HIS H 254 40.60 -22.38 -2.81
CA HIS H 254 39.52 -21.67 -2.10
C HIS H 254 38.25 -21.55 -2.91
N VAL H 255 37.12 -21.63 -2.21
CA VAL H 255 35.82 -21.39 -2.83
C VAL H 255 35.02 -20.45 -1.90
N GLU H 256 34.50 -19.37 -2.47
CA GLU H 256 33.80 -18.37 -1.66
C GLU H 256 32.33 -18.22 -2.06
N LEU H 257 31.47 -18.06 -1.06
CA LEU H 257 30.04 -17.86 -1.32
C LEU H 257 29.54 -16.49 -0.81
N ASN H 258 28.25 -16.24 -1.02
CA ASN H 258 27.64 -14.92 -0.82
C ASN H 258 27.75 -14.35 0.62
N GLY H 259 28.00 -15.23 1.59
CA GLY H 259 28.04 -14.80 2.97
C GLY H 259 29.33 -14.15 3.45
N GLY H 260 30.11 -13.62 2.52
CA GLY H 260 31.38 -12.99 2.84
C GLY H 260 32.20 -14.02 3.59
N ASN H 261 32.10 -15.26 3.12
CA ASN H 261 32.69 -16.42 3.75
C ASN H 261 33.55 -17.16 2.74
N ARG H 262 34.57 -17.87 3.20
CA ARG H 262 35.46 -18.52 2.28
C ARG H 262 35.85 -19.90 2.81
N ILE H 263 35.86 -20.89 1.91
CA ILE H 263 36.13 -22.28 2.26
C ILE H 263 37.31 -22.83 1.48
N SER H 264 38.30 -23.35 2.19
CA SER H 264 39.41 -24.02 1.54
C SER H 264 38.95 -25.37 1.01
N LEU H 265 39.47 -25.75 -0.15
CA LEU H 265 39.02 -26.93 -0.85
C LEU H 265 40.11 -28.00 -0.88
N LEU H 266 39.71 -29.25 -0.73
CA LEU H 266 40.61 -30.39 -0.89
C LEU H 266 40.93 -30.55 -2.37
N PRO H 267 42.17 -30.96 -2.68
CA PRO H 267 42.71 -30.90 -4.05
C PRO H 267 41.88 -31.68 -5.06
N ARG H 268 41.55 -32.95 -4.76
CA ARG H 268 40.84 -33.84 -5.69
C ARG H 268 41.33 -33.87 -7.14
N ALA H 269 41.82 -35.01 -7.61
CA ALA H 269 42.47 -35.03 -8.92
C ALA H 269 41.37 -35.25 -9.96
N GLY H 270 41.56 -34.74 -11.18
CA GLY H 270 40.51 -34.88 -12.18
C GLY H 270 39.48 -33.77 -12.05
N THR H 271 39.77 -32.80 -11.18
CA THR H 271 38.87 -31.66 -10.94
C THR H 271 38.75 -30.63 -12.04
N HIS H 272 39.87 -30.10 -12.50
CA HIS H 272 39.87 -29.04 -13.53
C HIS H 272 38.82 -27.97 -13.26
N LEU H 273 38.97 -27.20 -12.18
CA LEU H 273 38.05 -26.08 -11.97
C LEU H 273 38.61 -24.76 -12.49
N ALA H 274 37.73 -23.90 -12.97
CA ALA H 274 38.17 -22.65 -13.57
C ALA H 274 38.19 -21.52 -12.54
N PRO H 275 39.17 -20.61 -12.62
CA PRO H 275 39.12 -19.53 -11.64
C PRO H 275 37.92 -18.61 -11.95
N GLY H 276 37.13 -18.19 -10.98
CA GLY H 276 36.02 -17.32 -11.29
C GLY H 276 34.72 -18.00 -11.72
N GLN H 277 34.78 -19.32 -11.89
CA GLN H 277 33.65 -20.09 -12.40
C GLN H 277 32.40 -20.03 -11.53
N GLU H 278 31.28 -19.70 -12.16
CA GLU H 278 29.98 -19.69 -11.49
C GLU H 278 29.68 -21.11 -11.04
N VAL H 279 29.30 -21.26 -9.78
CA VAL H 279 29.15 -22.58 -9.19
C VAL H 279 28.14 -22.59 -8.04
N VAL H 280 27.60 -23.76 -7.75
CA VAL H 280 26.75 -23.92 -6.58
C VAL H 280 27.39 -24.92 -5.62
N PHE H 281 27.46 -24.54 -4.35
CA PHE H 281 28.19 -25.32 -3.35
C PHE H 281 27.25 -26.16 -2.51
N GLY H 282 27.28 -27.47 -2.74
CA GLY H 282 26.48 -28.39 -1.96
C GLY H 282 27.16 -28.92 -0.70
N ILE H 283 26.38 -29.09 0.35
CA ILE H 283 26.82 -29.76 1.56
C ILE H 283 25.61 -30.37 2.28
N ARG H 284 25.79 -31.53 2.90
CA ARG H 284 24.70 -32.19 3.59
C ARG H 284 24.63 -31.74 5.05
N PRO H 285 23.41 -31.62 5.59
CA PRO H 285 23.16 -31.19 6.97
C PRO H 285 23.90 -32.02 8.00
N GLU H 286 24.16 -33.28 7.69
CA GLU H 286 24.89 -34.15 8.60
C GLU H 286 26.38 -33.86 8.53
N ASP H 287 26.80 -33.26 7.41
CA ASP H 287 28.20 -32.97 7.17
C ASP H 287 28.53 -31.57 7.67
N VAL H 288 27.54 -30.92 8.26
CA VAL H 288 27.73 -29.62 8.89
C VAL H 288 27.49 -29.71 10.39
N THR H 289 28.41 -29.14 11.17
CA THR H 289 28.32 -29.15 12.61
C THR H 289 28.31 -27.71 13.14
N LEU H 290 28.30 -27.58 14.47
CA LEU H 290 28.31 -26.27 15.12
C LEU H 290 29.74 -25.83 15.33
N ASP H 291 29.93 -24.80 16.16
CA ASP H 291 31.22 -24.20 16.51
C ASP H 291 32.46 -25.08 16.26
N GLY H 292 32.25 -26.39 16.30
CA GLY H 292 33.31 -27.35 16.13
C GLY H 292 33.77 -27.92 17.44
N VAL H 293 33.57 -29.22 17.62
CA VAL H 293 34.12 -29.92 18.77
C VAL H 293 35.62 -29.94 18.52
N GLU H 294 36.02 -30.66 17.48
CA GLU H 294 37.40 -30.69 17.06
C GLU H 294 37.58 -29.57 16.03
N GLY H 295 38.66 -29.62 15.24
CA GLY H 295 38.70 -28.86 14.00
C GLY H 295 40.11 -28.67 13.47
N SER H 296 40.44 -27.50 12.90
CA SER H 296 39.52 -26.36 12.74
C SER H 296 40.09 -25.39 11.71
N GLU H 297 40.28 -24.14 12.16
CA GLU H 297 40.86 -23.06 11.36
C GLU H 297 40.21 -22.69 10.03
N ARG H 298 40.74 -23.21 8.91
CA ARG H 298 40.21 -22.85 7.58
C ARG H 298 39.05 -23.68 7.07
N ALA H 299 38.50 -24.57 7.89
CA ALA H 299 37.37 -25.40 7.45
C ALA H 299 35.93 -24.89 7.68
N GLN H 300 35.70 -23.61 7.94
CA GLN H 300 34.33 -23.25 8.33
C GLN H 300 33.73 -21.96 7.75
N ILE H 301 32.50 -21.71 8.20
CA ILE H 301 31.64 -20.64 7.72
C ILE H 301 31.01 -19.90 8.91
N LYS H 302 30.62 -18.65 8.72
CA LYS H 302 29.97 -17.90 9.79
C LYS H 302 28.56 -17.56 9.33
N ALA H 303 27.62 -17.64 10.26
CA ALA H 303 26.19 -17.43 10.00
C ALA H 303 25.40 -16.89 11.19
N THR H 304 24.16 -16.48 10.92
CA THR H 304 23.25 -16.06 11.98
C THR H 304 22.01 -16.97 11.92
N VAL H 305 21.61 -17.45 13.09
CA VAL H 305 20.55 -18.45 13.23
C VAL H 305 19.14 -17.95 12.95
N ASP H 306 18.42 -18.66 12.09
CA ASP H 306 17.04 -18.34 11.77
C ASP H 306 16.09 -19.02 12.75
N ILE H 307 16.05 -20.35 12.71
CA ILE H 307 15.22 -21.13 13.66
C ILE H 307 15.87 -22.48 13.97
N VAL H 308 15.45 -23.09 15.08
CA VAL H 308 15.89 -24.43 15.46
C VAL H 308 14.69 -25.31 15.78
N GLU H 309 14.56 -26.43 15.07
CA GLU H 309 13.46 -27.36 15.30
C GLU H 309 13.92 -28.64 15.98
N PRO H 310 13.63 -28.79 17.28
CA PRO H 310 13.97 -30.05 17.95
C PRO H 310 13.10 -31.20 17.46
N LEU H 311 13.73 -32.29 17.06
CA LEU H 311 13.00 -33.48 16.64
C LEU H 311 13.16 -34.59 17.66
N GLY H 312 14.29 -35.28 17.58
CA GLY H 312 14.58 -36.44 18.38
C GLY H 312 15.70 -36.10 19.33
N SER H 313 16.55 -37.09 19.60
CA SER H 313 17.86 -36.87 20.20
C SER H 313 18.71 -35.97 19.29
N GLU H 314 18.22 -35.74 18.08
CA GLU H 314 18.83 -34.83 17.14
C GLU H 314 18.02 -33.54 17.04
N SER H 315 18.55 -32.54 16.32
CA SER H 315 17.83 -31.29 16.12
C SER H 315 18.13 -30.64 14.77
N ILE H 316 17.12 -30.01 14.18
CA ILE H 316 17.25 -29.37 12.88
C ILE H 316 17.54 -27.88 13.01
N LEU H 317 18.72 -27.46 12.58
CA LEU H 317 19.11 -26.06 12.68
C LEU H 317 18.98 -25.33 11.35
N HIS H 318 18.23 -24.25 11.35
CA HIS H 318 18.14 -23.38 10.19
C HIS H 318 19.02 -22.17 10.43
N ALA H 319 20.11 -22.05 9.67
CA ALA H 319 21.00 -20.91 9.81
C ALA H 319 21.05 -20.08 8.54
N THR H 320 21.12 -18.77 8.70
CA THR H 320 21.17 -17.87 7.56
C THR H 320 22.52 -17.21 7.26
N VAL H 321 23.03 -17.49 6.08
CA VAL H 321 24.24 -16.85 5.58
C VAL H 321 23.61 -15.95 4.54
N GLY H 322 24.43 -15.23 3.76
CA GLY H 322 23.97 -14.31 2.71
C GLY H 322 22.48 -14.13 2.42
N ASP H 323 22.12 -14.01 1.16
CA ASP H 323 20.72 -13.91 0.80
C ASP H 323 20.04 -15.29 0.95
N HIS H 324 20.85 -16.32 1.14
CA HIS H 324 20.34 -17.69 1.23
C HIS H 324 20.57 -18.33 2.60
N SER H 325 19.74 -19.33 2.93
CA SER H 325 19.85 -20.04 4.20
C SER H 325 20.23 -21.50 4.00
N LEU H 326 21.06 -22.02 4.89
CA LEU H 326 21.43 -23.43 4.84
C LEU H 326 20.95 -24.17 6.09
N VAL H 327 20.61 -25.44 5.89
CA VAL H 327 20.07 -26.25 6.96
C VAL H 327 21.09 -27.28 7.42
N VAL H 328 21.37 -27.29 8.71
CA VAL H 328 22.31 -28.24 9.26
C VAL H 328 21.64 -29.08 10.33
N LYS H 329 21.96 -30.38 10.31
CA LYS H 329 21.43 -31.32 11.30
C LYS H 329 22.44 -31.47 12.42
N VAL H 330 22.09 -30.97 13.60
CA VAL H 330 23.01 -31.06 14.73
C VAL H 330 22.60 -32.12 15.72
N GLY H 331 23.58 -32.92 16.15
CA GLY H 331 23.37 -33.87 17.22
C GLY H 331 23.26 -33.41 18.66
N GLY H 332 22.10 -33.66 19.26
CA GLY H 332 21.83 -33.34 20.65
C GLY H 332 20.45 -32.81 20.99
N LEU H 333 20.34 -32.25 22.19
CA LEU H 333 19.19 -31.48 22.63
C LEU H 333 19.60 -30.19 23.33
N ASN H 334 20.64 -29.49 22.87
CA ASN H 334 20.91 -28.19 23.49
C ASN H 334 20.16 -26.94 23.07
N GLU H 335 20.82 -25.80 23.33
CA GLU H 335 20.24 -24.47 23.23
C GLU H 335 20.75 -23.60 22.09
N VAL H 336 19.87 -23.15 21.22
CA VAL H 336 20.27 -22.49 19.98
C VAL H 336 19.36 -21.27 19.83
N HIS H 337 19.24 -20.52 20.93
CA HIS H 337 18.50 -19.25 21.03
C HIS H 337 18.52 -18.33 19.80
N PRO H 338 17.58 -18.52 18.87
CA PRO H 338 17.53 -17.89 17.54
C PRO H 338 17.78 -16.38 17.55
N GLY H 339 18.46 -15.87 16.51
CA GLY H 339 18.75 -14.46 16.40
C GLY H 339 20.18 -14.02 16.64
N ASP H 340 20.94 -14.86 17.34
CA ASP H 340 22.37 -14.59 17.55
C ASP H 340 23.22 -15.23 16.46
N PRO H 341 24.45 -14.72 16.25
CA PRO H 341 25.30 -15.35 15.25
C PRO H 341 25.82 -16.70 15.73
N VAL H 342 26.25 -17.52 14.78
CA VAL H 342 26.78 -18.84 15.09
C VAL H 342 27.81 -19.26 14.06
N THR H 343 28.75 -20.11 14.47
CA THR H 343 29.76 -20.60 13.56
C THR H 343 29.47 -22.07 13.28
N LEU H 344 29.46 -22.42 12.00
CA LEU H 344 29.23 -23.79 11.57
C LEU H 344 30.52 -24.33 10.97
N HIS H 345 30.76 -25.62 11.16
CA HIS H 345 31.97 -26.24 10.62
C HIS H 345 31.72 -27.30 9.56
N VAL H 346 32.15 -27.01 8.34
CA VAL H 346 31.90 -27.91 7.23
C VAL H 346 32.97 -29.01 7.14
N ASP H 347 32.51 -30.24 6.87
CA ASP H 347 33.40 -31.35 6.57
C ASP H 347 33.97 -31.16 5.16
N LEU H 348 35.29 -31.17 5.02
CA LEU H 348 35.91 -30.83 3.75
C LEU H 348 35.80 -31.94 2.71
N THR H 349 35.69 -33.19 3.16
CA THR H 349 35.71 -34.32 2.23
C THR H 349 34.36 -34.52 1.54
N ARG H 350 33.28 -34.13 2.19
CA ARG H 350 31.94 -34.41 1.69
C ARG H 350 31.31 -33.27 0.90
N VAL H 351 32.08 -32.20 0.67
CA VAL H 351 31.56 -31.08 -0.10
C VAL H 351 31.37 -31.46 -1.57
N HIS H 352 30.40 -30.82 -2.22
CA HIS H 352 30.12 -31.08 -3.64
C HIS H 352 29.91 -29.77 -4.40
N LEU H 353 30.44 -29.71 -5.62
CA LEU H 353 30.35 -28.51 -6.44
C LEU H 353 29.71 -28.85 -7.78
N PHE H 354 28.83 -27.97 -8.24
CA PHE H 354 28.17 -28.15 -9.53
C PHE H 354 28.19 -26.84 -10.32
N ASP H 355 28.50 -26.94 -11.61
CA ASP H 355 28.50 -25.77 -12.48
C ASP H 355 27.09 -25.18 -12.61
N ALA H 356 27.01 -23.87 -12.86
CA ALA H 356 25.72 -23.19 -12.93
C ALA H 356 24.99 -23.46 -14.23
N GLN H 357 25.74 -23.55 -15.33
CA GLN H 357 25.13 -23.82 -16.62
C GLN H 357 24.93 -25.33 -16.79
N SER H 358 26.05 -26.02 -16.99
CA SER H 358 26.09 -27.48 -16.97
C SER H 358 25.85 -28.02 -15.55
N GLN H 359 24.59 -28.00 -15.13
CA GLN H 359 24.14 -28.46 -13.81
C GLN H 359 24.77 -29.73 -13.20
N ALA H 360 25.90 -30.20 -13.73
CA ALA H 360 26.45 -31.48 -13.28
C ALA H 360 27.67 -31.41 -12.34
N SER H 361 28.07 -32.58 -11.86
CA SER H 361 28.95 -32.74 -10.71
C SER H 361 30.41 -32.44 -11.03
N ILE H 362 30.80 -31.17 -10.96
CA ILE H 362 32.20 -30.80 -11.17
C ILE H 362 33.17 -31.44 -10.19
N TYR H 363 33.05 -31.08 -8.91
CA TYR H 363 33.90 -31.63 -7.85
C TYR H 363 33.67 -33.12 -7.63
N GLU I 2 42.12 3.97 37.83
CA GLU I 2 41.02 4.11 38.78
C GLU I 2 39.74 4.56 38.08
N ARG I 3 39.10 5.60 38.61
CA ARG I 3 38.03 6.28 37.89
C ARG I 3 38.53 6.81 36.56
N LEU I 4 39.58 7.63 36.63
CA LEU I 4 40.14 8.34 35.49
C LEU I 4 40.30 7.43 34.27
N TRP I 5 41.18 6.45 34.40
CA TRP I 5 41.49 5.50 33.32
C TRP I 5 40.22 4.93 32.68
N LYS I 6 39.20 4.68 33.50
CA LYS I 6 37.93 4.15 33.02
C LYS I 6 37.21 5.09 32.03
N ASP I 7 37.11 6.38 32.39
CA ASP I 7 36.49 7.35 31.49
C ASP I 7 37.34 7.59 30.24
N ILE I 8 38.66 7.70 30.43
CA ILE I 8 39.57 8.05 29.34
C ILE I 8 39.41 7.10 28.14
N LYS I 9 39.03 5.85 28.42
CA LYS I 9 38.69 4.93 27.34
C LYS I 9 37.31 5.22 26.76
N ARG I 10 36.36 5.58 27.62
CA ARG I 10 35.00 5.88 27.18
C ARG I 10 34.97 7.12 26.29
N ASP I 11 35.62 8.17 26.79
CA ASP I 11 35.60 9.48 26.14
C ASP I 11 36.77 9.72 25.19
N TRP I 12 37.56 8.68 24.94
CA TRP I 12 38.81 8.80 24.16
C TRP I 12 38.65 9.62 22.89
N LEU I 13 37.56 9.38 22.17
CA LEU I 13 37.29 10.04 20.91
C LEU I 13 36.94 11.49 21.17
N LEU I 14 36.17 11.70 22.24
CA LEU I 14 35.82 13.04 22.69
C LEU I 14 37.05 13.71 23.30
N TYR I 15 37.89 12.92 23.97
CA TYR I 15 39.12 13.42 24.56
C TYR I 15 40.11 13.82 23.47
N ALA I 16 39.97 13.20 22.31
CA ALA I 16 40.82 13.48 21.16
C ALA I 16 40.63 14.91 20.65
N MET I 17 39.38 15.30 20.46
CA MET I 17 39.01 16.61 19.92
C MET I 17 39.61 17.76 20.71
N LEU I 18 39.68 17.60 22.02
CA LEU I 18 40.15 18.64 22.92
C LEU I 18 41.63 18.95 22.73
N LEU I 19 42.40 17.94 22.33
CA LEU I 19 43.86 18.05 22.28
C LEU I 19 44.41 19.08 21.27
N PRO I 20 44.00 19.02 19.98
CA PRO I 20 44.58 20.00 19.05
C PRO I 20 44.30 21.44 19.48
N THR I 21 43.10 21.68 19.99
CA THR I 21 42.76 22.98 20.55
C THR I 21 43.68 23.34 21.72
N ILE I 22 43.99 22.35 22.54
CA ILE I 22 44.92 22.55 23.65
C ILE I 22 46.34 22.69 23.13
N ILE I 23 46.68 21.95 22.07
CA ILE I 23 47.97 22.08 21.42
C ILE I 23 48.15 23.49 20.90
N TRP I 24 47.14 23.98 20.19
CA TRP I 24 47.17 25.31 19.58
C TRP I 24 47.42 26.41 20.61
N PHE I 25 46.59 26.46 21.64
CA PHE I 25 46.72 27.48 22.68
C PHE I 25 48.08 27.45 23.37
N LEU I 26 48.62 26.26 23.56
CA LEU I 26 49.96 26.13 24.13
C LEU I 26 51.00 26.76 23.22
N ILE I 27 50.96 26.41 21.93
CA ILE I 27 51.96 26.85 20.96
C ILE I 27 51.90 28.33 20.62
N PHE I 28 50.74 28.83 20.22
CA PHE I 28 50.64 30.19 19.71
C PHE I 28 50.33 31.23 20.79
N LEU I 29 49.95 30.77 21.98
CA LEU I 29 49.59 31.69 23.05
C LEU I 29 50.50 31.52 24.26
N TYR I 30 50.51 30.34 24.87
CA TYR I 30 51.29 30.12 26.09
C TYR I 30 52.79 29.95 25.82
N LYS I 31 53.16 29.40 24.68
CA LYS I 31 54.58 29.30 24.32
C LYS I 31 55.23 30.68 24.10
N PRO I 32 54.52 31.63 23.46
CA PRO I 32 55.10 32.98 23.43
C PRO I 32 55.22 33.61 24.82
N MET I 33 54.46 33.10 25.78
CA MET I 33 54.52 33.62 27.15
C MET I 33 55.89 33.32 27.75
N ILE I 34 56.53 32.27 27.24
CA ILE I 34 57.90 31.97 27.65
C ILE I 34 58.81 33.11 27.23
N GLY I 35 58.53 33.70 26.07
CA GLY I 35 59.36 34.78 25.55
C GLY I 35 59.26 36.06 26.35
N LEU I 36 58.44 36.04 27.40
CA LEU I 36 58.28 37.17 28.32
C LEU I 36 59.55 37.46 29.08
N GLN I 37 60.48 36.50 29.07
CA GLN I 37 61.78 36.67 29.71
C GLN I 37 62.64 37.67 28.95
N MET I 38 62.10 38.21 27.86
CA MET I 38 62.82 39.21 27.06
C MET I 38 63.10 40.48 27.88
N ALA I 39 62.62 40.52 29.11
CA ALA I 39 62.94 41.62 30.02
C ALA I 39 64.45 41.78 30.19
N PHE I 40 65.21 40.79 29.73
CA PHE I 40 66.66 40.88 29.62
C PHE I 40 66.97 40.78 28.13
N LYS I 41 67.29 41.93 27.52
CA LYS I 41 68.13 42.04 26.33
C LYS I 41 69.37 41.13 26.23
N GLN I 42 69.64 40.74 24.98
CA GLN I 42 70.82 39.98 24.57
C GLN I 42 70.87 39.94 23.05
N PRO I 53 73.37 36.07 29.61
CA PRO I 53 72.93 37.35 29.04
C PRO I 53 71.58 37.72 29.63
N TRP I 54 71.52 37.83 30.96
CA TRP I 54 70.33 38.33 31.62
C TRP I 54 70.57 39.47 32.63
N ILE I 55 70.13 40.66 32.21
CA ILE I 55 69.31 41.61 32.98
C ILE I 55 69.50 43.00 32.36
N GLY I 56 68.47 43.86 32.40
CA GLY I 56 67.14 43.56 32.88
C GLY I 56 66.66 44.34 34.10
N PHE I 57 65.34 44.54 34.17
CA PHE I 57 64.70 45.34 35.22
C PHE I 57 65.19 46.81 35.21
N ASP I 58 66.22 47.07 34.42
CA ASP I 58 66.83 48.38 34.29
C ASP I 58 66.12 49.20 33.22
N HIS I 59 66.08 48.67 32.00
CA HIS I 59 65.34 49.32 30.91
C HIS I 59 63.90 49.65 31.33
N PHE I 60 63.38 48.90 32.30
CA PHE I 60 62.15 49.24 33.00
C PHE I 60 62.23 50.66 33.56
N VAL I 61 63.30 50.94 34.30
CA VAL I 61 63.51 52.27 34.88
C VAL I 61 63.92 53.24 33.77
N THR I 62 64.41 52.70 32.66
CA THR I 62 64.67 53.50 31.46
C THR I 62 63.34 53.74 30.75
N LEU I 63 62.52 52.71 30.67
CA LEU I 63 61.17 52.85 30.14
C LEU I 63 60.35 53.74 31.07
N PHE I 64 60.67 53.70 32.36
CA PHE I 64 60.10 54.63 33.33
C PHE I 64 60.36 56.06 32.89
N GLN I 65 61.61 56.37 32.55
CA GLN I 65 61.94 57.73 32.15
C GLN I 65 62.05 57.87 30.64
N SER I 66 61.01 58.44 30.04
CA SER I 66 61.06 58.95 28.68
C SER I 66 60.01 60.04 28.58
N GLU I 67 60.31 61.12 27.88
CA GLU I 67 59.32 62.18 27.75
C GLU I 67 58.29 61.81 26.69
N GLN I 68 58.67 60.95 25.75
CA GLN I 68 57.72 60.50 24.74
C GLN I 68 56.81 59.40 25.28
N PHE I 69 57.35 58.55 26.15
CA PHE I 69 56.59 57.44 26.69
C PHE I 69 55.56 57.90 27.73
N ILE I 70 56.06 58.55 28.78
CA ILE I 70 55.23 58.97 29.90
C ILE I 70 53.99 59.75 29.46
N ARG I 71 54.05 60.36 28.28
CA ARG I 71 52.88 61.02 27.72
C ARG I 71 51.95 60.03 27.04
N ALA I 72 52.50 58.95 26.49
CA ALA I 72 51.71 57.92 25.83
C ALA I 72 50.76 57.25 26.81
N ILE I 73 51.29 56.83 27.95
CA ILE I 73 50.47 56.31 29.04
C ILE I 73 49.50 57.39 29.54
N LYS I 74 50.00 58.63 29.61
CA LYS I 74 49.16 59.78 29.95
C LYS I 74 48.07 59.96 28.92
N ASN I 75 48.37 59.64 27.67
CA ASN I 75 47.38 59.66 26.60
C ASN I 75 46.50 58.41 26.61
N THR I 76 47.11 57.28 26.97
CA THR I 76 46.41 56.01 27.00
C THR I 76 45.18 56.06 27.89
N LEU I 77 45.39 56.26 29.19
CA LEU I 77 44.28 56.32 30.14
C LEU I 77 43.37 57.53 29.87
N THR I 78 43.91 58.55 29.22
CA THR I 78 43.10 59.68 28.78
C THR I 78 42.09 59.26 27.72
N LEU I 79 42.58 58.61 26.68
CA LEU I 79 41.73 58.09 25.61
C LEU I 79 40.75 57.05 26.17
N SER I 80 41.21 56.30 27.16
CA SER I 80 40.38 55.31 27.82
C SER I 80 39.19 55.96 28.51
N GLY I 81 39.39 57.17 29.03
CA GLY I 81 38.32 57.90 29.68
C GLY I 81 37.23 58.27 28.69
N LEU I 82 37.62 58.94 27.61
CA LEU I 82 36.67 59.39 26.60
C LEU I 82 35.94 58.22 25.93
N SER I 83 36.67 57.14 25.67
CA SER I 83 36.08 55.93 25.10
C SER I 83 34.98 55.40 26.01
N LEU I 84 35.25 55.40 27.32
CA LEU I 84 34.27 54.99 28.32
C LEU I 84 33.13 55.99 28.41
N LEU I 85 33.46 57.28 28.44
CA LEU I 85 32.46 58.34 28.49
C LEU I 85 31.51 58.30 27.28
N PHE I 86 32.03 58.59 26.09
CA PHE I 86 31.18 58.70 24.91
C PHE I 86 30.88 57.37 24.22
N GLY I 87 31.90 56.52 24.07
CA GLY I 87 31.79 55.32 23.26
C GLY I 87 30.90 54.23 23.82
N PHE I 88 31.13 53.86 25.08
CA PHE I 88 30.44 52.74 25.70
C PHE I 88 28.92 52.94 25.91
N PRO I 89 28.49 54.08 26.47
CA PRO I 89 27.05 54.23 26.72
C PRO I 89 26.21 54.39 25.45
N MET I 90 26.85 54.74 24.34
CA MET I 90 26.12 55.05 23.10
C MET I 90 25.31 53.86 22.54
N PRO I 91 25.91 52.66 22.46
CA PRO I 91 25.11 51.53 21.95
C PRO I 91 23.93 51.19 22.87
N ILE I 92 24.07 51.43 24.17
CA ILE I 92 22.95 51.28 25.08
C ILE I 92 21.84 52.27 24.70
N LEU I 93 22.24 53.52 24.47
CA LEU I 93 21.33 54.56 24.03
C LEU I 93 20.64 54.14 22.73
N LEU I 94 21.45 53.76 21.75
CA LEU I 94 20.96 53.28 20.46
C LEU I 94 19.98 52.11 20.62
N ALA I 95 20.27 51.21 21.57
CA ALA I 95 19.39 50.08 21.83
C ALA I 95 18.02 50.55 22.28
N LEU I 96 17.99 51.47 23.23
CA LEU I 96 16.75 52.04 23.73
C LEU I 96 16.02 52.78 22.62
N MET I 97 16.76 53.54 21.83
CA MET I 97 16.16 54.34 20.77
C MET I 97 15.53 53.45 19.71
N ILE I 98 16.11 52.27 19.50
CA ILE I 98 15.56 51.32 18.55
C ILE I 98 14.35 50.58 19.12
N ASN I 99 14.42 50.20 20.38
CA ASN I 99 13.33 49.49 21.05
C ASN I 99 12.03 50.28 21.09
N GLU I 100 12.15 51.61 21.04
CA GLU I 100 10.98 52.48 21.10
C GLU I 100 10.37 52.74 19.72
N VAL I 101 10.92 52.10 18.70
CA VAL I 101 10.47 52.35 17.34
C VAL I 101 9.36 51.39 16.92
N TYR I 102 8.20 51.94 16.62
CA TYR I 102 7.09 51.22 16.02
C TYR I 102 7.36 51.15 14.51
N SER I 103 6.33 50.81 13.72
CA SER I 103 6.37 50.89 12.26
C SER I 103 7.11 49.71 11.62
N LYS I 104 7.63 48.81 12.45
CA LYS I 104 8.29 47.59 11.96
C LYS I 104 9.45 47.93 11.02
N GLY I 105 9.28 47.62 9.73
CA GLY I 105 10.32 47.74 8.74
C GLY I 105 11.15 49.02 8.78
N TYR I 106 10.52 50.13 9.17
CA TYR I 106 11.26 51.36 9.44
C TYR I 106 12.37 51.13 10.46
N ARG I 107 12.04 50.45 11.55
CA ARG I 107 13.04 50.05 12.54
C ARG I 107 14.08 49.13 11.92
N LYS I 108 13.63 48.18 11.11
CA LYS I 108 14.52 47.30 10.36
C LYS I 108 15.50 48.10 9.50
N ALA I 109 14.97 49.10 8.81
CA ALA I 109 15.78 49.95 7.94
C ALA I 109 16.86 50.68 8.73
N VAL I 110 16.51 51.18 9.91
CA VAL I 110 17.48 51.85 10.76
C VAL I 110 18.58 50.88 11.16
N GLN I 111 18.18 49.66 11.54
CA GLN I 111 19.13 48.67 12.01
C GLN I 111 20.14 48.30 10.92
N THR I 112 19.67 48.04 9.70
CA THR I 112 20.57 47.72 8.59
C THR I 112 21.58 48.84 8.30
N ILE I 113 21.11 50.08 8.30
CA ILE I 113 21.97 51.24 8.07
C ILE I 113 23.03 51.42 9.15
N VAL I 114 22.60 51.36 10.40
CA VAL I 114 23.45 51.65 11.55
C VAL I 114 24.44 50.51 11.83
N TYR I 115 23.98 49.28 11.65
CA TYR I 115 24.84 48.11 11.89
C TYR I 115 25.94 48.01 10.84
N LEU I 116 25.62 48.41 9.61
CA LEU I 116 26.48 48.21 8.45
C LEU I 116 27.94 48.69 8.60
N PRO I 117 28.18 49.91 9.13
CA PRO I 117 29.57 50.37 9.22
C PRO I 117 30.53 49.44 9.98
N HIS I 118 29.99 48.56 10.83
CA HIS I 118 30.83 47.60 11.54
C HIS I 118 31.61 46.69 10.59
N PHE I 119 31.00 46.38 9.46
CA PHE I 119 31.60 45.46 8.50
C PHE I 119 32.60 46.18 7.61
N ILE I 120 32.57 47.51 7.62
CA ILE I 120 33.57 48.29 6.91
C ILE I 120 34.89 48.14 7.66
N SER I 121 35.95 47.80 6.93
CA SER I 121 37.26 47.60 7.54
C SER I 121 37.77 48.86 8.22
N ILE I 122 38.60 48.68 9.25
CA ILE I 122 39.15 49.80 10.01
C ILE I 122 40.07 50.64 9.12
N VAL I 123 40.80 49.97 8.22
CA VAL I 123 41.72 50.67 7.35
C VAL I 123 40.95 51.45 6.30
N ILE I 124 39.75 50.97 5.97
CA ILE I 124 38.87 51.68 5.07
C ILE I 124 38.26 52.88 5.77
N VAL I 125 37.85 52.66 7.03
CA VAL I 125 37.38 53.75 7.89
C VAL I 125 38.41 54.88 7.93
N ALA I 126 39.66 54.51 8.14
CA ALA I 126 40.78 55.46 8.14
C ALA I 126 40.83 56.22 6.82
N GLY I 127 40.74 55.50 5.72
CA GLY I 127 40.71 56.10 4.40
C GLY I 127 39.54 57.05 4.22
N LEU I 128 38.38 56.66 4.74
CA LEU I 128 37.20 57.52 4.74
C LEU I 128 37.46 58.82 5.52
N VAL I 129 38.25 58.72 6.58
CA VAL I 129 38.55 59.88 7.40
C VAL I 129 39.51 60.83 6.67
N VAL I 130 40.58 60.28 6.12
CA VAL I 130 41.59 61.11 5.48
C VAL I 130 41.02 61.77 4.21
N THR I 131 40.12 61.09 3.52
CA THR I 131 39.53 61.66 2.31
C THR I 131 38.44 62.69 2.63
N PHE I 132 37.81 62.54 3.79
CA PHE I 132 36.77 63.48 4.20
C PHE I 132 37.38 64.74 4.78
N LEU I 133 38.47 64.55 5.51
CA LEU I 133 39.09 65.63 6.28
C LEU I 133 40.25 66.25 5.54
N SER I 134 40.52 65.78 4.32
CA SER I 134 41.60 66.36 3.53
C SER I 134 41.25 67.80 3.21
N PRO I 135 42.22 68.69 3.38
CA PRO I 135 42.04 70.12 3.12
C PRO I 135 41.92 70.43 1.62
N SER I 136 41.05 71.39 1.26
CA SER I 136 40.88 71.84 -0.12
C SER I 136 40.32 70.77 -1.05
N THR I 137 40.19 69.55 -0.53
CA THR I 137 39.68 68.42 -1.28
C THR I 137 38.48 67.80 -0.56
N GLY I 138 38.72 67.33 0.66
CA GLY I 138 37.72 66.69 1.48
C GLY I 138 36.42 67.45 1.60
N VAL I 139 35.31 66.70 1.51
CA VAL I 139 33.97 67.27 1.49
C VAL I 139 33.65 68.05 2.76
N VAL I 140 34.14 67.57 3.90
CA VAL I 140 33.89 68.22 5.18
C VAL I 140 34.35 69.67 5.18
N ASN I 141 35.62 69.90 4.86
CA ASN I 141 36.15 71.25 4.74
C ASN I 141 35.38 72.10 3.73
N ASN I 142 35.05 71.49 2.60
CA ASN I 142 34.24 72.15 1.57
C ASN I 142 32.90 72.64 2.12
N MET I 143 32.23 71.81 2.90
CA MET I 143 30.94 72.18 3.49
C MET I 143 31.10 73.33 4.47
N LEU I 144 32.27 73.43 5.09
CA LEU I 144 32.55 74.53 6.00
C LEU I 144 32.75 75.83 5.23
N SER I 145 33.39 75.72 4.07
CA SER I 145 33.63 76.88 3.20
C SER I 145 32.31 77.43 2.64
N TRP I 146 31.32 76.55 2.52
CA TRP I 146 30.00 76.92 2.05
C TRP I 146 29.35 77.93 2.99
N ILE I 147 29.41 77.64 4.29
CA ILE I 147 28.79 78.47 5.31
C ILE I 147 29.79 79.48 5.89
N GLY I 148 31.01 79.47 5.36
CA GLY I 148 32.02 80.41 5.77
C GLY I 148 32.70 80.10 7.08
N LEU I 149 33.00 78.83 7.30
CA LEU I 149 33.76 78.39 8.46
C LEU I 149 35.24 78.26 8.11
N ASP I 150 35.58 78.74 6.91
CA ASP I 150 36.92 78.62 6.34
C ASP I 150 37.29 77.16 6.13
N ARG I 151 38.50 76.79 6.54
CA ARG I 151 38.97 75.42 6.34
C ARG I 151 39.93 75.03 7.44
N VAL I 152 40.00 73.73 7.73
CA VAL I 152 40.91 73.20 8.73
C VAL I 152 41.62 71.95 8.25
N TYR I 153 42.92 71.85 8.51
CA TYR I 153 43.67 70.63 8.24
C TYR I 153 43.62 69.81 9.51
N PHE I 154 42.84 68.73 9.47
CA PHE I 154 42.41 68.03 10.66
C PHE I 154 43.46 67.06 11.20
N LEU I 155 44.08 66.30 10.30
CA LEU I 155 44.99 65.24 10.70
C LEU I 155 46.31 65.78 11.26
N THR I 156 46.67 67.00 10.89
CA THR I 156 47.88 67.62 11.43
C THR I 156 47.66 68.24 12.80
N GLN I 157 46.43 68.69 13.07
CA GLN I 157 46.13 69.33 14.35
C GLN I 157 45.94 68.31 15.48
N PRO I 158 46.76 68.43 16.54
CA PRO I 158 46.68 67.57 17.72
C PRO I 158 45.40 67.81 18.51
N GLU I 159 44.82 68.99 18.35
CA GLU I 159 43.59 69.37 19.04
C GLU I 159 42.41 68.51 18.61
N TRP I 160 42.38 68.16 17.32
CA TRP I 160 41.23 67.48 16.74
C TRP I 160 41.32 65.96 16.76
N PHE I 161 42.47 65.41 17.13
CA PHE I 161 42.72 63.97 16.97
C PHE I 161 41.69 63.08 17.66
N ARG I 162 41.53 63.24 18.97
CA ARG I 162 40.64 62.39 19.73
C ARG I 162 39.16 62.55 19.32
N PRO I 163 38.68 63.81 19.18
CA PRO I 163 37.31 63.96 18.70
C PRO I 163 37.05 63.26 17.36
N ILE I 164 38.00 63.38 16.43
CA ILE I 164 37.90 62.69 15.15
C ILE I 164 37.81 61.17 15.34
N TYR I 165 38.56 60.65 16.32
CA TYR I 165 38.62 59.21 16.52
C TYR I 165 37.33 58.64 17.09
N ILE I 166 36.98 59.04 18.31
CA ILE I 166 35.80 58.51 18.99
C ILE I 166 34.52 58.73 18.21
N SER I 167 34.47 59.79 17.40
CA SER I 167 33.29 60.04 16.59
C SER I 167 33.25 59.06 15.41
N SER I 168 34.40 58.74 14.87
CA SER I 168 34.49 57.74 13.80
C SER I 168 34.27 56.34 14.35
N ASN I 169 34.69 56.12 15.60
CA ASN I 169 34.50 54.83 16.24
C ASN I 169 33.03 54.50 16.52
N ILE I 170 32.29 55.49 17.01
CA ILE I 170 30.86 55.31 17.28
C ILE I 170 30.06 55.27 15.99
N TRP I 171 30.61 55.80 14.92
CA TRP I 171 29.97 55.67 13.62
C TRP I 171 30.02 54.22 13.20
N LYS I 172 31.22 53.65 13.26
CA LYS I 172 31.44 52.27 12.84
C LYS I 172 30.88 51.21 13.79
N GLU I 173 31.31 51.25 15.05
CA GLU I 173 31.02 50.17 15.97
C GLU I 173 29.82 50.30 16.91
N ALA I 174 29.25 51.50 17.04
CA ALA I 174 28.26 51.70 18.10
C ALA I 174 26.94 51.05 17.72
N GLY I 175 26.73 50.82 16.43
CA GLY I 175 25.54 50.15 15.96
C GLY I 175 25.57 48.66 16.23
N PHE I 176 26.69 48.03 15.90
CA PHE I 176 26.83 46.59 16.08
C PHE I 176 26.83 46.24 17.57
N ASP I 177 27.39 47.12 18.38
CA ASP I 177 27.42 46.94 19.82
C ASP I 177 26.04 47.09 20.44
N SER I 178 25.15 47.81 19.75
CA SER I 178 23.80 48.03 20.25
C SER I 178 22.91 46.80 20.15
N ILE I 179 23.30 45.87 19.27
CA ILE I 179 22.56 44.63 19.06
C ILE I 179 22.40 43.84 20.35
N VAL I 180 23.50 43.70 21.09
CA VAL I 180 23.51 42.96 22.34
C VAL I 180 22.52 43.53 23.35
N TYR I 181 22.65 44.81 23.66
CA TYR I 181 21.74 45.48 24.59
C TYR I 181 20.30 45.40 24.09
N LEU I 182 20.12 45.58 22.78
CA LEU I 182 18.79 45.52 22.16
C LEU I 182 18.21 44.12 22.32
N ALA I 183 19.07 43.11 22.20
CA ALA I 183 18.63 41.73 22.32
C ALA I 183 18.29 41.37 23.76
N ALA I 184 18.92 42.09 24.70
CA ALA I 184 18.68 41.86 26.12
C ALA I 184 17.30 42.38 26.54
N ILE I 185 16.99 43.60 26.14
CA ILE I 185 15.72 44.23 26.49
C ILE I 185 14.55 43.60 25.74
N MET I 186 14.85 42.80 24.73
CA MET I 186 13.85 42.02 24.01
C MET I 186 13.52 40.72 24.72
N SER I 187 14.35 40.36 25.71
CA SER I 187 14.17 39.10 26.44
C SER I 187 13.29 39.29 27.67
N ILE I 188 12.94 40.53 27.97
CA ILE I 188 12.06 40.82 29.09
C ILE I 188 10.61 40.52 28.71
N ASN I 189 9.93 39.73 29.54
CA ASN I 189 8.53 39.40 29.27
C ASN I 189 7.67 40.67 29.35
N PRO I 190 6.80 40.85 28.35
CA PRO I 190 5.98 42.06 28.20
C PRO I 190 5.10 42.36 29.42
N ALA I 191 4.80 41.33 30.20
CA ALA I 191 3.99 41.47 31.40
C ALA I 191 4.49 42.58 32.33
N LEU I 192 5.81 42.69 32.46
CA LEU I 192 6.42 43.74 33.27
C LEU I 192 6.10 45.12 32.72
N TYR I 193 6.09 45.23 31.39
CA TYR I 193 5.74 46.47 30.71
C TYR I 193 4.24 46.71 30.70
N GLU I 194 3.49 45.65 30.41
CA GLU I 194 2.04 45.75 30.34
C GLU I 194 1.45 46.13 31.70
N SER I 195 1.97 45.53 32.76
CA SER I 195 1.51 45.87 34.10
C SER I 195 1.87 47.28 34.49
N ALA I 196 2.99 47.77 33.98
CA ALA I 196 3.37 49.15 34.25
C ALA I 196 2.46 50.11 33.51
N GLN I 197 2.04 49.72 32.31
CA GLN I 197 1.15 50.56 31.52
C GLN I 197 -0.25 50.60 32.15
N VAL I 198 -0.64 49.50 32.79
CA VAL I 198 -1.91 49.41 33.49
C VAL I 198 -1.90 50.39 34.66
N ASP I 199 -0.76 50.47 35.34
CA ASP I 199 -0.56 51.41 36.42
C ASP I 199 -0.32 52.82 35.88
N GLY I 200 -0.22 52.92 34.55
CA GLY I 200 -0.08 54.19 33.86
C GLY I 200 1.32 54.76 33.83
N ALA I 201 2.31 53.89 33.60
CA ALA I 201 3.69 54.34 33.40
C ALA I 201 3.86 55.01 32.05
N THR I 202 4.92 55.80 31.91
CA THR I 202 5.23 56.50 30.65
C THR I 202 6.51 55.91 30.07
N ARG I 203 6.70 56.06 28.77
CA ARG I 203 7.86 55.50 28.07
C ARG I 203 9.17 55.83 28.78
N TRP I 204 9.31 57.08 29.23
CA TRP I 204 10.51 57.48 29.95
C TRP I 204 10.53 56.90 31.35
N GLN I 205 9.36 56.79 31.98
CA GLN I 205 9.26 56.15 33.29
C GLN I 205 9.65 54.68 33.23
N MET I 206 9.28 54.03 32.13
CA MET I 206 9.56 52.61 31.94
C MET I 206 11.06 52.37 31.81
N ILE I 207 11.66 53.00 30.80
CA ILE I 207 13.06 52.76 30.50
C ILE I 207 13.97 53.07 31.69
N THR I 208 13.55 54.00 32.53
CA THR I 208 14.28 54.31 33.75
C THR I 208 14.04 53.28 34.87
N ARG I 209 12.77 52.97 35.11
CA ARG I 209 12.40 52.12 36.24
C ARG I 209 12.37 50.61 35.96
N ILE I 210 12.32 50.20 34.70
CA ILE I 210 12.26 48.76 34.43
C ILE I 210 13.27 48.28 33.39
N THR I 211 13.19 48.80 32.17
CA THR I 211 14.08 48.39 31.08
C THR I 211 15.54 48.40 31.52
N LEU I 212 16.04 49.58 31.89
CA LEU I 212 17.42 49.73 32.34
C LEU I 212 17.75 48.82 33.54
N PRO I 213 16.96 48.87 34.65
CA PRO I 213 17.28 47.98 35.77
C PRO I 213 17.35 46.49 35.38
N CYS I 214 16.47 46.05 34.51
CA CYS I 214 16.47 44.66 34.04
C CYS I 214 17.68 44.35 33.17
N ILE I 215 18.19 45.36 32.46
CA ILE I 215 19.32 45.16 31.56
C ILE I 215 20.67 45.33 32.26
N VAL I 216 20.65 45.85 33.48
CA VAL I 216 21.89 46.14 34.22
C VAL I 216 22.88 44.95 34.30
N PRO I 217 22.39 43.72 34.57
CA PRO I 217 23.34 42.60 34.55
C PRO I 217 24.10 42.45 33.23
N THR I 218 23.47 42.81 32.12
CA THR I 218 24.10 42.75 30.81
C THR I 218 25.18 43.83 30.65
N ILE I 219 24.82 45.08 30.97
CA ILE I 219 25.74 46.20 30.79
C ILE I 219 26.93 46.12 31.74
N ALA I 220 26.76 45.43 32.86
CA ALA I 220 27.84 45.21 33.82
C ALA I 220 28.88 44.24 33.27
N VAL I 221 28.40 43.11 32.75
CA VAL I 221 29.26 42.12 32.13
C VAL I 221 30.04 42.70 30.95
N LEU I 222 29.35 43.47 30.11
CA LEU I 222 29.98 44.08 28.95
C LEU I 222 30.99 45.15 29.34
N LEU I 223 30.78 45.76 30.51
CA LEU I 223 31.68 46.80 30.99
C LEU I 223 33.04 46.24 31.40
N VAL I 224 33.05 45.09 32.09
CA VAL I 224 34.29 44.50 32.56
C VAL I 224 35.08 43.90 31.41
N ILE I 225 34.41 43.63 30.29
CA ILE I 225 35.07 43.25 29.06
C ILE I 225 35.65 44.49 28.39
N ARG I 226 34.86 45.56 28.40
CA ARG I 226 35.29 46.83 27.84
C ARG I 226 36.53 47.34 28.57
N LEU I 227 36.54 47.15 29.89
CA LEU I 227 37.69 47.55 30.72
C LEU I 227 38.90 46.65 30.50
N GLY I 228 38.65 45.41 30.09
CA GLY I 228 39.73 44.46 29.81
C GLY I 228 40.67 44.96 28.73
N HIS I 229 40.09 45.52 27.68
CA HIS I 229 40.84 46.04 26.55
C HIS I 229 41.09 47.55 26.65
N ILE I 230 40.69 48.14 27.78
CA ILE I 230 40.64 49.59 27.93
C ILE I 230 41.95 50.34 27.60
N LEU I 231 43.08 49.66 27.73
CA LEU I 231 44.37 50.28 27.45
C LEU I 231 44.81 50.17 26.00
N GLU I 232 44.17 49.26 25.26
CA GLU I 232 44.53 49.02 23.86
C GLU I 232 43.62 49.75 22.87
N VAL I 233 42.71 50.55 23.40
CA VAL I 233 41.68 51.23 22.60
C VAL I 233 42.25 52.05 21.45
N GLY I 234 41.74 51.79 20.25
CA GLY I 234 42.08 52.58 19.07
C GLY I 234 43.46 52.33 18.48
N PHE I 235 44.03 51.16 18.75
CA PHE I 235 45.37 50.83 18.26
C PHE I 235 45.51 50.95 16.75
N GLU I 236 44.77 50.12 16.01
CA GLU I 236 44.86 50.11 14.55
C GLU I 236 44.46 51.43 13.88
N TYR I 237 43.58 52.18 14.51
CA TYR I 237 43.20 53.50 14.00
C TYR I 237 44.33 54.51 14.14
N ILE I 238 44.88 54.61 15.35
CA ILE I 238 45.97 55.55 15.66
C ILE I 238 47.18 55.30 14.77
N ILE I 239 47.65 54.06 14.77
CA ILE I 239 48.86 53.65 14.04
C ILE I 239 48.79 54.04 12.56
N LEU I 240 47.58 54.10 12.02
CA LEU I 240 47.38 54.48 10.62
C LEU I 240 47.44 55.99 10.42
N LEU I 241 46.69 56.73 11.23
CA LEU I 241 46.43 58.14 10.94
C LEU I 241 47.27 59.17 11.69
N TYR I 242 48.14 58.74 12.60
CA TYR I 242 48.77 59.72 13.48
C TYR I 242 49.99 60.40 12.85
N GLN I 243 49.90 61.71 12.66
CA GLN I 243 50.97 62.48 12.03
C GLN I 243 52.00 62.92 13.07
N PRO I 244 53.21 63.29 12.62
CA PRO I 244 54.27 63.81 13.48
C PRO I 244 53.81 64.92 14.41
N THR I 245 52.96 65.82 13.92
CA THR I 245 52.48 66.93 14.75
C THR I 245 51.51 66.45 15.82
N THR I 246 50.77 65.37 15.52
CA THR I 246 49.80 64.83 16.48
C THR I 246 50.40 63.70 17.29
N TYR I 247 51.68 63.42 17.09
CA TYR I 247 52.41 62.39 17.82
C TYR I 247 52.25 62.51 19.33
N GLU I 248 52.18 63.75 19.83
CA GLU I 248 52.11 64.01 21.26
C GLU I 248 50.81 63.45 21.85
N THR I 249 49.68 63.86 21.30
CA THR I 249 48.37 63.48 21.82
C THR I 249 47.95 62.08 21.37
N ALA I 250 48.36 61.69 20.17
CA ALA I 250 47.90 60.45 19.56
C ALA I 250 48.59 59.22 20.11
N ASP I 251 49.88 59.34 20.40
CA ASP I 251 50.67 58.19 20.83
C ASP I 251 50.14 57.56 22.11
N VAL I 252 49.99 56.24 22.08
CA VAL I 252 49.42 55.48 23.18
C VAL I 252 50.36 54.30 23.43
N ILE I 253 50.34 53.74 24.64
CA ILE I 253 51.24 52.66 25.02
C ILE I 253 51.33 51.58 23.95
N SER I 254 50.17 51.11 23.50
CA SER I 254 50.10 50.10 22.45
C SER I 254 50.86 50.51 21.20
N THR I 255 50.77 51.79 20.85
CA THR I 255 51.49 52.33 19.70
C THR I 255 53.00 52.38 19.98
N TYR I 256 53.36 52.98 21.11
CA TYR I 256 54.74 53.11 21.54
C TYR I 256 55.44 51.76 21.50
N ILE I 257 54.77 50.74 22.04
CA ILE I 257 55.26 49.36 21.99
C ILE I 257 55.54 48.92 20.55
N TYR I 258 54.56 49.12 19.68
CA TYR I 258 54.68 48.75 18.28
C TYR I 258 55.87 49.41 17.60
N ARG I 259 55.95 50.73 17.73
CA ARG I 259 56.98 51.54 17.08
C ARG I 259 58.39 51.05 17.44
N LEU I 260 58.61 50.84 18.73
CA LEU I 260 59.90 50.37 19.21
C LEU I 260 60.09 48.88 18.96
N GLY I 261 59.03 48.12 19.24
CA GLY I 261 59.08 46.67 19.15
C GLY I 261 59.31 46.12 17.77
N LEU I 262 58.47 46.55 16.82
CA LEU I 262 58.54 46.04 15.46
C LEU I 262 59.28 46.99 14.53
N GLN I 263 58.75 48.20 14.35
CA GLN I 263 59.40 49.23 13.54
C GLN I 263 60.84 49.50 14.01
N GLY I 264 60.97 50.04 15.21
CA GLY I 264 62.26 50.39 15.78
C GLY I 264 63.14 49.20 16.13
N ALA I 265 62.54 48.02 16.08
CA ALA I 265 63.20 46.74 16.32
C ALA I 265 63.85 46.62 17.71
N ARG I 266 63.32 47.36 18.67
CA ARG I 266 63.71 47.19 20.08
C ARG I 266 62.71 46.38 20.86
N TYR I 267 63.13 45.16 21.18
CA TYR I 267 62.26 44.12 21.69
C TYR I 267 62.18 44.16 23.21
N ASP I 268 63.31 43.95 23.89
CA ASP I 268 63.36 43.87 25.35
C ASP I 268 62.64 45.00 26.07
N ILE I 269 62.92 46.23 25.67
CA ILE I 269 62.33 47.42 26.28
C ILE I 269 60.84 47.53 25.95
N ALA I 270 60.45 46.95 24.81
CA ALA I 270 59.06 46.92 24.40
C ALA I 270 58.34 45.83 25.17
N THR I 271 58.80 44.58 25.00
CA THR I 271 58.21 43.45 25.68
C THR I 271 58.00 43.74 27.16
N ALA I 272 59.00 44.37 27.78
CA ALA I 272 58.87 44.80 29.17
C ALA I 272 57.75 45.81 29.33
N ALA I 273 57.69 46.77 28.41
CA ALA I 273 56.60 47.76 28.41
C ALA I 273 55.29 47.08 28.07
N GLY I 274 55.40 45.92 27.43
CA GLY I 274 54.25 45.08 27.14
C GLY I 274 53.70 44.49 28.42
N ILE I 275 54.61 44.10 29.31
CA ILE I 275 54.24 43.52 30.59
C ILE I 275 53.49 44.55 31.42
N PHE I 276 54.08 45.74 31.54
CA PHE I 276 53.47 46.84 32.28
C PHE I 276 52.05 47.14 31.79
N ASN I 277 51.83 46.96 30.49
CA ASN I 277 50.49 47.13 29.93
C ASN I 277 49.58 45.93 30.19
N ALA I 278 50.16 44.73 30.14
CA ALA I 278 49.40 43.49 30.33
C ALA I 278 48.96 43.27 31.77
N VAL I 279 49.87 43.52 32.71
CA VAL I 279 49.59 43.35 34.14
C VAL I 279 48.50 44.30 34.61
N VAL I 280 48.65 45.59 34.30
CA VAL I 280 47.67 46.60 34.65
C VAL I 280 46.30 46.27 34.06
N ALA I 281 46.30 45.80 32.81
CA ALA I 281 45.06 45.33 32.18
C ALA I 281 44.47 44.17 32.96
N LEU I 282 45.32 43.21 33.35
CA LEU I 282 44.89 42.09 34.18
C LEU I 282 44.47 42.56 35.58
N VAL I 283 45.10 43.63 36.04
CA VAL I 283 44.73 44.25 37.32
C VAL I 283 43.37 44.93 37.22
N ILE I 284 43.20 45.77 36.20
CA ILE I 284 42.00 46.58 36.06
C ILE I 284 40.76 45.75 35.75
N VAL I 285 40.95 44.56 35.18
CA VAL I 285 39.83 43.68 34.93
C VAL I 285 39.44 42.94 36.21
N LEU I 286 40.41 42.73 37.09
CA LEU I 286 40.15 42.10 38.39
C LEU I 286 39.37 43.06 39.29
N PHE I 287 39.82 44.31 39.34
CA PHE I 287 39.12 45.35 40.08
C PHE I 287 37.75 45.60 39.46
N ALA I 288 37.61 45.27 38.18
CA ALA I 288 36.35 45.39 37.47
C ALA I 288 35.42 44.26 37.90
N ASN I 289 35.83 43.03 37.61
CA ASN I 289 35.03 41.83 37.91
C ASN I 289 34.54 41.79 39.35
N HIS I 290 35.41 42.13 40.29
CA HIS I 290 35.04 42.20 41.71
C HIS I 290 33.83 43.09 41.94
N MET I 291 34.02 44.39 41.73
CA MET I 291 32.96 45.40 41.92
C MET I 291 31.71 45.15 41.09
N SER I 292 31.87 44.46 39.96
CA SER I 292 30.73 44.12 39.12
C SER I 292 29.90 43.02 39.77
N ARG I 293 30.47 41.83 39.88
CA ARG I 293 29.79 40.69 40.49
C ARG I 293 29.24 41.02 41.88
N ARG I 294 30.06 41.68 42.70
CA ARG I 294 29.67 42.09 44.04
C ARG I 294 28.41 42.95 44.03
N ILE I 295 28.50 44.17 43.52
CA ILE I 295 27.36 45.09 43.59
C ILE I 295 26.24 44.68 42.63
N THR I 296 26.56 44.44 41.36
CA THR I 296 25.53 43.98 40.43
C THR I 296 25.60 42.46 40.32
N LYS I 297 24.94 41.78 41.25
CA LYS I 297 24.44 40.41 41.06
C LYS I 297 25.49 39.46 40.47
N THR J 4 2.31 48.43 22.86
CA THR J 4 1.46 48.44 21.68
C THR J 4 0.48 49.63 21.60
N PRO J 5 -0.27 49.92 22.68
CA PRO J 5 -1.44 50.76 22.42
C PRO J 5 -1.22 52.26 22.61
N PHE J 6 -0.30 52.88 21.88
CA PHE J 6 -0.35 54.32 21.60
C PHE J 6 -0.60 55.20 22.83
N TYR J 7 -1.70 55.96 22.75
CA TYR J 7 -2.20 56.82 23.83
C TYR J 7 -1.29 58.01 24.18
N SER J 8 -0.84 58.05 25.44
CA SER J 8 -0.47 59.31 26.09
C SER J 8 0.47 60.22 25.31
N ARG J 9 0.24 61.53 25.45
CA ARG J 9 1.06 62.56 24.84
C ARG J 9 2.53 62.48 25.23
N SER J 10 2.79 62.14 26.50
CA SER J 10 4.15 61.99 27.00
C SER J 10 4.90 60.86 26.30
N ASP J 11 4.15 60.06 25.54
CA ASP J 11 4.72 59.00 24.72
C ASP J 11 4.77 59.46 23.26
N ARG J 12 3.60 59.79 22.72
CA ARG J 12 3.44 60.14 21.31
C ARG J 12 4.47 61.15 20.80
N ILE J 13 4.67 62.22 21.57
CA ILE J 13 5.72 63.19 21.22
C ILE J 13 7.09 62.56 21.32
N PHE J 14 7.38 61.96 22.47
CA PHE J 14 8.64 61.24 22.69
C PHE J 14 8.91 60.23 21.58
N GLY J 15 7.89 59.48 21.20
CA GLY J 15 8.01 58.47 20.17
C GLY J 15 8.42 59.04 18.82
N ILE J 16 7.90 60.21 18.47
CA ILE J 16 8.20 60.82 17.19
C ILE J 16 9.61 61.40 17.15
N VAL J 17 9.95 62.18 18.16
CA VAL J 17 11.27 62.80 18.22
C VAL J 17 12.38 61.77 18.32
N ASN J 18 12.05 60.57 18.79
CA ASN J 18 13.00 59.47 18.81
C ASN J 18 13.30 58.97 17.41
N ALA J 19 12.24 58.74 16.64
CA ALA J 19 12.36 58.25 15.27
C ALA J 19 13.05 59.25 14.36
N VAL J 20 12.89 60.54 14.64
CA VAL J 20 13.55 61.57 13.87
C VAL J 20 15.04 61.63 14.19
N LEU J 21 15.36 61.72 15.49
CA LEU J 21 16.74 61.73 15.96
C LEU J 21 17.50 60.50 15.47
N LEU J 22 16.88 59.34 15.62
CA LEU J 22 17.43 58.08 15.13
C LEU J 22 17.58 58.13 13.62
N GLY J 23 16.60 58.72 12.96
CA GLY J 23 16.64 58.89 11.52
C GLY J 23 17.80 59.77 11.10
N ILE J 24 17.97 60.89 11.80
CA ILE J 24 19.10 61.78 11.56
C ILE J 24 20.42 61.04 11.70
N PHE J 25 20.58 60.31 12.80
CA PHE J 25 21.77 59.50 13.05
C PHE J 25 21.96 58.47 11.94
N ALA J 26 20.85 57.89 11.49
CA ALA J 26 20.86 56.89 10.42
C ALA J 26 21.39 57.48 9.11
N LEU J 27 20.99 58.71 8.82
CA LEU J 27 21.45 59.38 7.59
C LEU J 27 22.94 59.70 7.67
N CYS J 28 23.39 60.12 8.84
CA CYS J 28 24.80 60.37 9.08
C CYS J 28 25.63 59.11 8.84
N ALA J 29 25.07 57.96 9.21
CA ALA J 29 25.77 56.68 9.06
C ALA J 29 25.77 56.20 7.62
N LEU J 30 24.70 56.49 6.89
CA LEU J 30 24.59 56.07 5.50
C LEU J 30 25.28 57.05 4.55
N TYR J 31 25.55 58.25 5.04
CA TYR J 31 26.10 59.32 4.20
C TYR J 31 27.45 59.00 3.54
N PRO J 32 28.46 58.56 4.32
CA PRO J 32 29.76 58.33 3.66
C PRO J 32 29.71 57.23 2.61
N ILE J 33 28.83 56.25 2.78
CA ILE J 33 28.73 55.13 1.85
C ILE J 33 28.22 55.57 0.49
N ILE J 34 27.21 56.43 0.48
CA ILE J 34 26.66 56.91 -0.79
C ILE J 34 27.57 57.98 -1.39
N TYR J 35 28.32 58.68 -0.54
CA TYR J 35 29.26 59.70 -1.00
C TYR J 35 30.31 59.13 -1.95
N ILE J 36 31.18 58.27 -1.41
CA ILE J 36 32.27 57.69 -2.21
C ILE J 36 31.76 56.87 -3.38
N PHE J 37 30.57 56.31 -3.25
CA PHE J 37 29.92 55.59 -4.34
C PHE J 37 29.67 56.53 -5.50
N SER J 38 29.22 57.74 -5.18
CA SER J 38 29.03 58.79 -6.17
C SER J 38 30.37 59.37 -6.62
N MET J 39 31.23 59.65 -5.65
CA MET J 39 32.54 60.24 -5.93
C MET J 39 33.38 59.34 -6.83
N SER J 40 33.28 58.04 -6.62
CA SER J 40 33.97 57.06 -7.46
C SER J 40 33.52 57.13 -8.91
N ILE J 41 32.23 57.38 -9.12
CA ILE J 41 31.67 57.47 -10.46
C ILE J 41 32.00 58.81 -11.09
N SER J 42 32.20 59.84 -10.26
CA SER J 42 32.39 61.19 -10.75
C SER J 42 33.70 61.37 -11.48
N SER J 43 33.94 62.59 -11.97
CA SER J 43 35.14 62.90 -12.73
C SER J 43 36.15 63.62 -11.86
N GLY J 44 37.43 63.39 -12.14
CA GLY J 44 38.51 63.99 -11.37
C GLY J 44 38.38 65.49 -11.18
N ALA J 45 38.12 66.21 -12.27
CA ALA J 45 37.98 67.66 -12.24
C ALA J 45 36.82 68.09 -11.32
N ALA J 46 35.72 67.35 -11.38
CA ALA J 46 34.55 67.66 -10.58
C ALA J 46 34.84 67.55 -9.07
N VAL J 47 35.41 66.43 -8.67
CA VAL J 47 35.69 66.17 -7.26
C VAL J 47 36.76 67.12 -6.71
N THR J 48 37.68 67.52 -7.59
CA THR J 48 38.86 68.26 -7.18
C THR J 48 38.54 69.63 -6.56
N GLN J 49 37.37 70.20 -6.89
CA GLN J 49 37.05 71.52 -6.34
C GLN J 49 35.77 71.64 -5.51
N GLY J 50 34.64 71.85 -6.17
CA GLY J 50 33.40 72.16 -5.46
C GLY J 50 32.26 71.16 -5.47
N ARG J 51 32.36 70.13 -6.31
CA ARG J 51 31.17 69.35 -6.67
C ARG J 51 30.88 68.15 -5.77
N VAL J 52 29.99 67.29 -6.26
CA VAL J 52 29.44 66.13 -5.54
C VAL J 52 28.70 66.59 -4.28
N PHE J 53 29.21 66.20 -3.11
CA PHE J 53 28.59 66.37 -1.79
C PHE J 53 27.48 65.36 -1.53
N LEU J 54 26.78 64.95 -2.59
CA LEU J 54 25.83 63.83 -2.54
C LEU J 54 25.90 62.96 -3.79
N LEU J 55 25.46 63.54 -4.91
CA LEU J 55 25.29 62.82 -6.17
C LEU J 55 26.53 62.87 -7.05
N PRO J 56 26.66 61.92 -7.99
CA PRO J 56 27.73 61.99 -8.99
C PRO J 56 27.55 63.25 -9.84
N VAL J 57 28.61 63.71 -10.51
CA VAL J 57 28.49 64.92 -11.30
C VAL J 57 28.84 64.74 -12.78
N ASP J 58 30.12 64.67 -13.10
CA ASP J 58 30.56 64.62 -14.48
C ASP J 58 30.84 63.19 -14.96
N ILE J 59 30.52 62.22 -14.11
CA ILE J 59 30.66 60.78 -14.39
C ILE J 59 32.02 60.44 -15.02
N ASP J 60 31.99 59.91 -16.24
CA ASP J 60 33.16 59.50 -17.03
C ASP J 60 33.71 58.13 -16.61
N PHE J 61 33.36 57.66 -15.42
CA PHE J 61 33.56 56.27 -15.03
C PHE J 61 35.02 55.79 -15.15
N SER J 62 35.97 56.73 -15.15
CA SER J 62 37.32 56.41 -15.59
C SER J 62 38.22 55.86 -14.48
N ALA J 63 37.82 56.06 -13.24
CA ALA J 63 38.67 55.68 -12.11
C ALA J 63 38.72 54.16 -11.98
N TYR J 64 37.59 53.52 -12.28
CA TYR J 64 37.46 52.07 -12.20
C TYR J 64 38.40 51.34 -13.15
N GLY J 65 38.57 51.90 -14.35
CA GLY J 65 39.48 51.32 -15.34
C GLY J 65 40.88 51.12 -14.81
N ARG J 66 41.34 52.05 -13.98
CA ARG J 66 42.64 51.94 -13.32
C ARG J 66 42.76 50.70 -12.44
N VAL J 67 41.84 50.56 -11.50
CA VAL J 67 41.88 49.46 -10.54
C VAL J 67 41.62 48.11 -11.22
N LEU J 68 40.77 48.09 -12.24
CA LEU J 68 40.48 46.86 -12.97
C LEU J 68 41.73 46.27 -13.63
N HIS J 69 42.65 47.13 -14.05
CA HIS J 69 43.90 46.66 -14.66
C HIS J 69 45.04 46.58 -13.65
N ASP J 70 44.75 46.87 -12.39
CA ASP J 70 45.73 46.70 -11.32
C ASP J 70 45.82 45.24 -10.91
N LYS J 71 47.01 44.66 -11.05
CA LYS J 71 47.19 43.24 -10.78
C LYS J 71 47.30 42.97 -9.29
N LEU J 72 48.01 43.84 -8.58
CA LEU J 72 48.16 43.71 -7.14
C LEU J 72 46.81 43.74 -6.45
N PHE J 73 45.93 44.61 -6.94
CA PHE J 73 44.59 44.74 -6.38
C PHE J 73 43.86 43.40 -6.43
N TRP J 74 43.77 42.85 -7.65
CA TRP J 74 43.15 41.55 -7.87
C TRP J 74 43.97 40.40 -7.27
N THR J 75 45.27 40.60 -7.12
CA THR J 75 46.13 39.62 -6.46
C THR J 75 45.80 39.57 -4.98
N SER J 76 45.72 40.76 -4.38
CA SER J 76 45.47 40.89 -2.95
C SER J 76 44.05 40.47 -2.60
N TYR J 77 43.11 40.78 -3.49
CA TYR J 77 41.73 40.34 -3.33
C TYR J 77 41.63 38.83 -3.22
N ALA J 78 42.35 38.14 -4.11
CA ALA J 78 42.40 36.69 -4.13
C ALA J 78 42.95 36.10 -2.83
N ASN J 79 43.96 36.77 -2.27
CA ASN J 79 44.57 36.34 -1.01
C ASN J 79 43.59 36.35 0.16
N THR J 80 42.74 37.38 0.23
CA THR J 80 41.75 37.45 1.31
C THR J 80 40.71 36.36 1.17
N ILE J 81 40.24 36.15 -0.06
CA ILE J 81 39.29 35.08 -0.34
C ILE J 81 39.89 33.73 0.06
N PHE J 82 41.18 33.56 -0.20
CA PHE J 82 41.89 32.37 0.26
C PHE J 82 41.93 32.33 1.78
N TYR J 83 42.38 33.43 2.38
CA TYR J 83 42.55 33.52 3.82
C TYR J 83 41.21 33.37 4.54
N THR J 84 40.16 33.99 4.01
CA THR J 84 38.85 33.89 4.63
C THR J 84 38.33 32.46 4.57
N VAL J 85 38.29 31.88 3.36
CA VAL J 85 37.76 30.54 3.20
C VAL J 85 38.52 29.48 4.00
N PHE J 86 39.83 29.39 3.77
CA PHE J 86 40.62 28.36 4.45
C PHE J 86 40.89 28.69 5.91
N GLY J 87 41.02 29.98 6.22
CA GLY J 87 41.21 30.40 7.59
C GLY J 87 40.06 30.07 8.52
N VAL J 88 38.84 30.20 8.01
CA VAL J 88 37.65 29.84 8.77
C VAL J 88 37.62 28.34 9.04
N VAL J 89 37.77 27.55 7.98
CA VAL J 89 37.72 26.09 8.09
C VAL J 89 38.75 25.57 9.08
N THR J 90 39.95 26.15 9.04
CA THR J 90 41.01 25.78 9.98
C THR J 90 40.60 26.16 11.40
N SER J 91 39.86 27.26 11.54
CA SER J 91 39.35 27.68 12.83
C SER J 91 38.26 26.72 13.29
N LEU J 92 37.36 26.38 12.38
CA LEU J 92 36.25 25.47 12.68
C LEU J 92 36.76 24.11 13.16
N ILE J 93 37.71 23.53 12.41
CA ILE J 93 38.26 22.23 12.73
C ILE J 93 38.94 22.23 14.09
N PHE J 94 39.53 23.37 14.45
CA PHE J 94 40.18 23.53 15.74
C PHE J 94 39.23 23.89 16.90
N ILE J 95 38.06 24.43 16.57
CA ILE J 95 37.15 24.93 17.60
C ILE J 95 35.97 23.99 17.85
N VAL J 96 35.16 23.78 16.81
CA VAL J 96 33.92 23.01 16.91
C VAL J 96 34.05 21.68 17.66
N PRO J 97 35.01 20.80 17.28
CA PRO J 97 35.15 19.62 18.13
C PRO J 97 35.74 19.93 19.50
N GLY J 98 36.65 20.89 19.56
CA GLY J 98 37.30 21.26 20.80
C GLY J 98 36.32 21.72 21.87
N ALA J 99 35.30 22.47 21.43
CA ALA J 99 34.27 22.92 22.36
C ALA J 99 33.30 21.79 22.71
N TYR J 100 33.05 20.92 21.73
CA TYR J 100 32.17 19.77 21.96
C TYR J 100 32.69 18.93 23.11
N ALA J 101 34.00 18.71 23.13
CA ALA J 101 34.63 18.03 24.24
C ALA J 101 34.53 18.86 25.51
N LEU J 102 34.75 20.17 25.37
CA LEU J 102 34.68 21.09 26.49
C LEU J 102 33.27 21.18 27.08
N SER J 103 32.27 20.83 26.28
CA SER J 103 30.89 20.91 26.75
C SER J 103 30.52 19.82 27.75
N LYS J 104 30.85 18.58 27.40
CA LYS J 104 30.51 17.44 28.25
C LYS J 104 31.34 17.46 29.53
N PRO J 105 30.68 17.62 30.69
CA PRO J 105 31.44 17.69 31.94
C PRO J 105 31.69 16.33 32.57
N ARG J 106 32.09 15.35 31.77
CA ARG J 106 32.60 14.10 32.32
C ARG J 106 34.13 14.11 32.24
N ILE J 107 34.66 15.15 31.62
CA ILE J 107 36.10 15.29 31.39
C ILE J 107 36.83 15.73 32.65
N ARG J 108 37.97 15.10 32.93
CA ARG J 108 38.79 15.49 34.08
C ARG J 108 39.33 16.90 33.88
N GLY J 109 39.90 17.15 32.71
CA GLY J 109 40.49 18.44 32.40
C GLY J 109 39.51 19.58 32.29
N ARG J 110 38.21 19.26 32.31
CA ARG J 110 37.12 20.22 32.13
C ARG J 110 37.33 21.48 32.96
N ARG J 111 37.80 21.29 34.19
CA ARG J 111 38.19 22.40 35.06
C ARG J 111 39.45 23.10 34.58
N VAL J 112 40.52 22.36 34.37
CA VAL J 112 41.82 22.96 34.07
C VAL J 112 41.98 23.35 32.59
N PHE J 113 41.40 22.56 31.68
CA PHE J 113 41.51 22.88 30.26
C PHE J 113 40.75 24.17 29.95
N GLY J 114 39.61 24.34 30.62
CA GLY J 114 38.82 25.54 30.49
C GLY J 114 39.60 26.75 30.93
N PHE J 115 40.32 26.61 32.05
CA PHE J 115 41.16 27.69 32.57
C PHE J 115 42.24 28.07 31.57
N ILE J 116 42.93 27.06 31.03
CA ILE J 116 43.94 27.27 30.01
C ILE J 116 43.46 28.19 28.89
N ILE J 117 42.42 27.75 28.19
CA ILE J 117 41.83 28.53 27.11
C ILE J 117 41.39 29.93 27.55
N ALA J 118 40.52 29.97 28.56
CA ALA J 118 39.91 31.23 29.00
C ALA J 118 40.91 32.24 29.56
N PHE J 119 42.01 31.76 30.14
CA PHE J 119 42.99 32.64 30.75
C PHE J 119 43.62 33.59 29.72
N THR J 120 43.67 33.13 28.48
CA THR J 120 44.25 33.91 27.38
C THR J 120 43.44 35.16 27.07
N MET J 121 42.20 35.19 27.54
CA MET J 121 41.34 36.36 27.34
C MET J 121 41.91 37.59 28.03
N TRP J 122 42.10 37.48 29.34
CA TRP J 122 42.39 38.64 30.17
C TRP J 122 43.89 38.89 30.33
N PHE J 123 44.70 37.93 29.90
CA PHE J 123 46.15 38.11 29.93
C PHE J 123 46.77 37.58 28.64
N ASN J 124 47.60 38.40 28.01
CA ASN J 124 48.28 38.03 26.78
C ASN J 124 49.78 38.24 26.89
N ALA J 125 50.54 37.39 26.21
CA ALA J 125 52.00 37.45 26.22
C ALA J 125 52.51 38.80 25.73
N GLY J 126 51.71 39.50 24.92
CA GLY J 126 52.10 40.77 24.37
C GLY J 126 52.41 40.72 22.88
N MET J 127 52.55 41.90 22.29
CA MET J 127 52.82 42.04 20.86
C MET J 127 54.07 41.30 20.39
N ILE J 128 55.21 41.75 20.87
CA ILE J 128 56.50 41.22 20.45
C ILE J 128 56.70 39.71 20.66
N PRO J 129 56.39 39.19 21.87
CA PRO J 129 56.62 37.75 22.06
C PRO J 129 55.82 36.86 21.09
N PHE J 130 54.67 37.33 20.66
CA PHE J 130 53.89 36.59 19.67
C PHE J 130 54.64 36.57 18.34
N PHE J 131 55.12 37.73 17.91
CA PHE J 131 55.85 37.86 16.66
C PHE J 131 57.12 37.01 16.67
N LEU J 132 57.84 37.04 17.78
CA LEU J 132 59.08 36.28 17.91
C LEU J 132 58.83 34.78 17.83
N ASN J 133 57.76 34.32 18.48
CA ASN J 133 57.40 32.91 18.42
C ASN J 133 56.99 32.51 17.01
N MET J 134 56.45 33.48 16.27
CA MET J 134 56.13 33.27 14.85
C MET J 134 57.43 33.11 14.05
N ARG J 135 58.48 33.82 14.47
CA ARG J 135 59.74 33.82 13.75
C ARG J 135 60.45 32.46 13.80
N ASP J 136 60.64 31.93 15.01
CA ASP J 136 61.38 30.69 15.17
C ASP J 136 60.51 29.46 14.90
N LEU J 137 59.23 29.69 14.61
CA LEU J 137 58.37 28.62 14.13
C LEU J 137 58.40 28.55 12.61
N GLY J 138 59.11 29.50 12.00
CA GLY J 138 59.30 29.51 10.56
C GLY J 138 58.03 29.84 9.79
N LEU J 139 57.10 30.54 10.44
CA LEU J 139 55.80 30.82 9.83
C LEU J 139 55.74 32.19 9.20
N LEU J 140 56.84 32.94 9.28
CA LEU J 140 56.88 34.28 8.71
C LEU J 140 56.81 34.23 7.18
N ASP J 141 56.14 35.21 6.60
CA ASP J 141 55.95 35.30 5.15
C ASP J 141 55.38 33.99 4.58
N ASN J 142 54.47 33.37 5.32
CA ASN J 142 53.91 32.08 4.93
C ASN J 142 52.40 32.08 5.09
N ARG J 143 51.71 31.67 4.04
CA ARG J 143 50.24 31.68 4.05
C ARG J 143 49.66 30.73 5.10
N PHE J 144 50.18 29.50 5.17
CA PHE J 144 49.75 28.55 6.18
C PHE J 144 50.07 29.07 7.58
N GLY J 145 51.12 29.88 7.68
CA GLY J 145 51.49 30.53 8.92
C GLY J 145 50.43 31.53 9.38
N ILE J 146 49.75 32.13 8.41
CA ILE J 146 48.67 33.07 8.72
C ILE J 146 47.43 32.29 9.13
N LEU J 147 47.16 31.20 8.42
CA LEU J 147 46.01 30.36 8.69
C LEU J 147 46.07 29.75 10.09
N ILE J 148 47.15 29.02 10.36
CA ILE J 148 47.31 28.33 11.63
C ILE J 148 47.74 29.30 12.72
N GLY J 149 48.20 30.48 12.31
CA GLY J 149 48.62 31.51 13.25
C GLY J 149 47.47 31.99 14.09
N PHE J 150 46.35 32.29 13.43
CA PHE J 150 45.15 32.70 14.15
C PHE J 150 43.98 31.84 13.71
N ALA J 151 43.57 30.95 14.58
CA ALA J 151 42.45 30.07 14.34
C ALA J 151 41.55 30.06 15.56
N CYS J 152 42.09 29.57 16.67
CA CYS J 152 41.35 29.50 17.91
C CYS J 152 41.29 30.84 18.62
N ASN J 153 40.08 31.27 18.90
CA ASN J 153 39.84 32.38 19.81
C ASN J 153 39.15 31.83 21.04
N ALA J 154 39.48 32.35 22.21
CA ALA J 154 38.85 31.88 23.44
C ALA J 154 37.34 32.11 23.41
N PHE J 155 36.93 33.28 22.95
CA PHE J 155 35.51 33.64 22.86
C PHE J 155 34.73 32.65 22.00
N ASN J 156 35.25 32.36 20.82
CA ASN J 156 34.57 31.47 19.88
C ASN J 156 34.49 30.04 20.39
N ILE J 157 35.32 29.70 21.36
CA ILE J 157 35.30 28.38 21.95
C ILE J 157 34.21 28.28 23.02
N ILE J 158 34.33 29.08 24.07
CA ILE J 158 33.37 29.05 25.17
C ILE J 158 31.94 29.37 24.70
N LEU J 159 31.82 30.07 23.57
CA LEU J 159 30.52 30.33 22.98
C LEU J 159 29.98 29.05 22.35
N MET J 160 30.88 28.29 21.72
CA MET J 160 30.51 27.05 21.07
C MET J 160 30.20 25.96 22.10
N ARG J 161 30.92 25.97 23.23
CA ARG J 161 30.70 24.97 24.26
C ARG J 161 29.37 25.23 24.98
N ASN J 162 28.99 26.50 25.08
CA ASN J 162 27.78 26.88 25.80
C ASN J 162 26.55 26.41 25.03
N TYR J 163 26.59 26.56 23.72
CA TYR J 163 25.50 26.09 22.87
C TYR J 163 25.37 24.58 22.86
N PHE J 164 26.51 23.91 22.92
CA PHE J 164 26.54 22.47 23.07
C PHE J 164 25.93 22.09 24.41
N GLU J 165 26.42 22.70 25.48
CA GLU J 165 25.88 22.46 26.82
C GLU J 165 24.39 22.80 26.87
N SER J 166 23.98 23.80 26.10
CA SER J 166 22.59 24.23 26.08
C SER J 166 21.65 23.15 25.57
N ILE J 167 22.15 22.33 24.66
CA ILE J 167 21.37 21.24 24.09
C ILE J 167 21.19 20.14 25.12
N SER J 168 19.96 19.66 25.26
CA SER J 168 19.68 18.56 26.18
C SER J 168 20.54 17.35 25.84
N ALA J 169 21.06 16.68 26.87
CA ALA J 169 21.98 15.57 26.67
C ALA J 169 21.25 14.33 26.17
N SER J 170 19.92 14.40 26.13
CA SER J 170 19.08 13.28 25.72
C SER J 170 19.38 12.80 24.31
N PHE J 171 19.90 13.68 23.46
CA PHE J 171 20.25 13.31 22.10
C PHE J 171 21.46 12.38 22.08
N GLU J 172 22.51 12.78 22.79
CA GLU J 172 23.71 11.95 22.93
C GLU J 172 23.36 10.63 23.61
N GLU J 173 22.60 10.73 24.72
CA GLU J 173 22.17 9.56 25.47
C GLU J 173 21.40 8.58 24.61
N ALA J 174 20.44 9.08 23.84
CA ALA J 174 19.68 8.24 22.92
C ALA J 174 20.59 7.58 21.89
N ALA J 175 21.57 8.33 21.39
CA ALA J 175 22.51 7.76 20.44
C ALA J 175 23.33 6.64 21.07
N ARG J 176 23.84 6.90 22.28
CA ARG J 176 24.58 5.90 23.03
C ARG J 176 23.76 4.65 23.29
N MET J 177 22.48 4.82 23.61
CA MET J 177 21.59 3.69 23.84
C MET J 177 21.49 2.83 22.59
N ASP J 178 21.62 3.49 21.44
CA ASP J 178 21.59 2.81 20.16
C ASP J 178 22.99 2.39 19.69
N GLY J 179 24.01 2.83 20.42
CA GLY J 179 25.39 2.44 20.14
C GLY J 179 26.31 3.46 19.51
N ALA J 180 25.77 4.55 18.98
CA ALA J 180 26.59 5.62 18.39
C ALA J 180 27.56 6.22 19.41
N ASN J 181 28.84 6.34 19.04
CA ASN J 181 29.87 6.78 19.97
C ASN J 181 30.60 8.08 19.57
N ASP J 182 30.41 9.12 20.36
CA ASP J 182 31.16 10.37 20.27
C ASP J 182 31.16 11.03 18.89
N LEU J 183 32.31 11.06 18.22
CA LEU J 183 32.47 11.83 16.98
C LEU J 183 31.32 11.66 15.99
N GLN J 184 30.81 10.43 15.86
CA GLN J 184 29.66 10.18 15.00
C GLN J 184 28.37 10.77 15.55
N ILE J 185 28.35 11.06 16.84
CA ILE J 185 27.24 11.79 17.45
C ILE J 185 27.39 13.26 17.09
N LEU J 186 28.62 13.76 17.18
CA LEU J 186 28.90 15.16 16.87
C LEU J 186 28.42 15.55 15.48
N TRP J 187 28.77 14.73 14.48
CA TRP J 187 28.43 15.05 13.10
C TRP J 187 26.98 14.78 12.72
N LYS J 188 26.40 13.71 13.28
CA LYS J 188 25.06 13.29 12.89
C LYS J 188 23.94 14.13 13.50
N VAL J 189 24.10 14.51 14.77
CA VAL J 189 23.02 15.18 15.49
C VAL J 189 23.46 16.52 16.10
N TYR J 190 24.47 16.53 16.96
CA TYR J 190 24.85 17.77 17.63
C TYR J 190 25.22 18.92 16.70
N ILE J 191 25.89 18.62 15.59
CA ILE J 191 26.27 19.68 14.64
C ILE J 191 25.04 20.30 13.92
N PRO J 192 24.16 19.47 13.31
CA PRO J 192 23.01 20.12 12.67
C PRO J 192 22.08 20.77 13.69
N LEU J 193 22.24 20.39 14.96
CA LEU J 193 21.54 21.03 16.07
C LEU J 193 22.22 22.35 16.39
N ALA J 194 23.51 22.43 16.08
CA ALA J 194 24.32 23.57 16.49
C ALA J 194 24.42 24.65 15.42
N LYS J 195 23.65 24.49 14.34
CA LYS J 195 23.71 25.42 13.19
C LYS J 195 23.76 26.91 13.61
N PRO J 196 22.91 27.32 14.56
CA PRO J 196 23.01 28.72 15.00
C PRO J 196 24.37 29.11 15.58
N ALA J 197 24.92 28.26 16.45
CA ALA J 197 26.23 28.52 17.01
C ALA J 197 27.28 28.46 15.91
N LEU J 198 27.06 27.54 14.98
CA LEU J 198 27.93 27.39 13.82
C LEU J 198 27.94 28.65 12.99
N ALA J 199 26.76 29.25 12.84
CA ALA J 199 26.61 30.52 12.15
C ALA J 199 27.43 31.65 12.75
N THR J 200 27.12 32.02 13.99
CA THR J 200 27.78 33.14 14.68
C THR J 200 29.30 33.01 14.69
N ILE J 201 29.78 31.77 14.69
CA ILE J 201 31.21 31.48 14.63
C ILE J 201 31.82 31.69 13.25
N THR J 202 31.35 30.93 12.26
CA THR J 202 31.87 31.04 10.90
C THR J 202 31.76 32.46 10.35
N LEU J 203 30.82 33.24 10.90
CA LEU J 203 30.73 34.65 10.59
C LEU J 203 31.84 35.51 11.21
N LEU J 204 32.02 35.40 12.52
CA LEU J 204 33.00 36.20 13.21
C LEU J 204 34.39 35.91 12.70
N CYS J 205 34.66 34.64 12.39
CA CYS J 205 35.96 34.28 11.85
C CYS J 205 36.10 34.86 10.44
N ALA J 206 35.01 34.79 9.66
CA ALA J 206 35.03 35.32 8.29
C ALA J 206 35.48 36.78 8.25
N ILE J 207 34.69 37.67 8.86
CA ILE J 207 35.00 39.10 8.87
C ILE J 207 36.38 39.39 9.45
N SER J 208 36.79 38.56 10.42
CA SER J 208 38.11 38.70 11.05
C SER J 208 39.23 38.48 10.04
N ARG J 209 39.00 37.56 9.10
CA ARG J 209 39.96 37.29 8.04
C ARG J 209 39.90 38.34 6.94
N TRP J 210 38.68 38.73 6.57
CA TRP J 210 38.48 39.66 5.47
C TRP J 210 39.04 41.04 5.79
N ASN J 211 38.70 41.55 6.97
CA ASN J 211 39.12 42.88 7.38
C ASN J 211 40.40 42.87 8.20
N GLY J 212 40.99 41.69 8.36
CA GLY J 212 42.24 41.55 9.08
C GLY J 212 43.36 42.31 8.39
N TYR J 213 44.09 43.10 9.16
CA TYR J 213 45.15 43.94 8.60
C TYR J 213 46.50 43.78 9.29
N PHE J 214 46.56 44.12 10.58
CA PHE J 214 47.82 44.26 11.30
C PHE J 214 48.79 43.08 11.17
N TRP J 215 48.41 41.95 11.75
CA TRP J 215 49.29 40.79 11.79
C TRP J 215 49.60 40.23 10.40
N ALA J 216 48.77 40.57 9.43
CA ALA J 216 49.04 40.19 8.05
C ALA J 216 50.24 40.96 7.49
N MET J 217 50.20 42.28 7.61
CA MET J 217 51.26 43.13 7.05
C MET J 217 52.57 42.99 7.83
N VAL J 218 52.48 42.54 9.08
CA VAL J 218 53.64 42.29 9.91
C VAL J 218 54.33 40.97 9.58
N LEU J 219 53.56 39.92 9.38
CA LEU J 219 54.12 38.59 9.21
C LEU J 219 54.42 38.27 7.74
N LEU J 220 53.97 39.13 6.84
CA LEU J 220 54.14 38.91 5.40
C LEU J 220 55.17 39.85 4.80
N ARG J 221 55.89 39.35 3.80
CA ARG J 221 56.94 40.11 3.13
C ARG J 221 56.67 40.12 1.64
N ALA J 222 56.65 38.94 1.03
CA ALA J 222 56.36 38.79 -0.39
C ALA J 222 55.01 39.41 -0.72
N GLU J 223 55.01 40.34 -1.68
CA GLU J 223 53.83 41.12 -2.04
C GLU J 223 52.67 40.27 -2.58
N GLU J 224 52.99 39.14 -3.20
CA GLU J 224 51.95 38.28 -3.78
C GLU J 224 51.11 37.56 -2.72
N LYS J 225 51.59 37.53 -1.48
CA LYS J 225 50.83 36.92 -0.39
C LYS J 225 49.94 37.93 0.34
N ILE J 226 50.09 39.21 -0.01
CA ILE J 226 49.41 40.29 0.69
C ILE J 226 47.90 40.21 0.47
N PRO J 227 47.13 40.27 1.56
CA PRO J 227 45.66 40.15 1.63
C PRO J 227 44.89 41.47 1.64
N LEU J 228 44.74 42.12 0.49
CA LEU J 228 43.86 43.28 0.37
C LEU J 228 44.26 44.37 1.36
N GLN J 229 43.50 44.50 2.44
CA GLN J 229 43.58 45.63 3.37
C GLN J 229 45.01 46.08 3.65
N VAL J 230 45.95 45.13 3.64
CA VAL J 230 47.38 45.46 3.66
C VAL J 230 47.75 46.28 2.43
N TYR J 231 47.44 45.78 1.24
CA TYR J 231 47.65 46.50 0.00
C TYR J 231 46.80 47.76 -0.05
N LEU J 232 45.61 47.68 0.56
CA LEU J 232 44.72 48.82 0.64
C LEU J 232 45.34 49.93 1.48
N LYS J 233 46.07 49.55 2.52
CA LYS J 233 46.74 50.52 3.39
C LYS J 233 47.63 51.44 2.56
N LYS J 234 48.52 50.85 1.76
CA LYS J 234 49.42 51.60 0.90
C LYS J 234 48.70 52.68 0.09
N THR J 235 47.78 52.24 -0.77
CA THR J 235 47.08 53.16 -1.67
C THR J 235 46.07 54.10 -1.01
N ILE J 236 45.29 53.61 -0.06
CA ILE J 236 44.18 54.39 0.50
C ILE J 236 44.54 55.42 1.57
N VAL J 237 45.46 55.09 2.49
CA VAL J 237 45.77 56.02 3.58
C VAL J 237 47.11 56.72 3.33
N ASP J 238 48.20 55.98 3.17
CA ASP J 238 49.53 56.53 2.94
C ASP J 238 49.51 57.56 1.80
N LEU J 239 48.83 57.21 0.72
CA LEU J 239 48.54 58.13 -0.38
C LEU J 239 49.78 58.72 -1.02
N ASN J 240 50.83 57.92 -1.13
CA ASN J 240 51.97 58.26 -1.97
C ASN J 240 52.12 57.18 -3.04
N VAL J 241 52.32 57.60 -4.28
CA VAL J 241 52.19 56.71 -5.42
C VAL J 241 53.36 56.82 -6.38
N ASN J 242 53.44 55.88 -7.32
CA ASN J 242 54.47 55.93 -8.36
C ASN J 242 54.31 57.14 -9.26
N GLU J 243 55.40 57.51 -9.93
CA GLU J 243 55.36 58.49 -11.00
C GLU J 243 54.50 57.96 -12.15
N GLU J 244 54.43 56.64 -12.27
CA GLU J 244 53.60 55.99 -13.26
C GLU J 244 52.15 56.46 -13.12
N PHE J 245 51.63 56.34 -11.90
CA PHE J 245 50.26 56.78 -11.61
C PHE J 245 50.12 58.29 -11.76
N ALA J 246 51.17 59.03 -11.41
CA ALA J 246 51.22 60.46 -11.61
C ALA J 246 51.15 60.84 -13.09
N GLY J 247 51.82 60.06 -13.91
CA GLY J 247 51.81 60.27 -15.35
C GLY J 247 50.46 59.87 -15.93
N ALA J 248 49.83 58.89 -15.30
CA ALA J 248 48.53 58.42 -15.71
C ALA J 248 47.42 59.41 -15.35
N LEU J 249 47.68 60.24 -14.34
CA LEU J 249 46.68 61.20 -13.87
C LEU J 249 46.26 62.18 -14.97
N LEU J 250 47.23 62.67 -15.72
CA LEU J 250 46.98 63.71 -16.73
C LEU J 250 46.40 63.15 -18.03
N THR J 251 46.72 61.89 -18.33
CA THR J 251 46.32 61.27 -19.60
C THR J 251 44.97 60.56 -19.52
N ASN J 252 44.30 60.70 -18.39
CA ASN J 252 43.13 59.90 -18.06
C ASN J 252 41.92 60.79 -17.77
N SER J 253 42.13 61.74 -16.85
CA SER J 253 41.16 62.73 -16.37
C SER J 253 40.38 62.26 -15.14
N TYR J 254 40.63 61.03 -14.68
CA TYR J 254 40.21 60.69 -13.33
C TYR J 254 41.16 61.36 -12.35
N SER J 255 40.90 61.22 -11.06
CA SER J 255 41.76 61.82 -10.05
C SER J 255 42.31 60.76 -9.10
N MET J 256 43.15 61.18 -8.18
CA MET J 256 43.63 60.31 -7.13
C MET J 256 42.46 59.94 -6.22
N GLU J 257 41.70 60.95 -5.83
CA GLU J 257 40.55 60.77 -4.95
C GLU J 257 39.50 59.86 -5.60
N THR J 258 39.24 60.08 -6.89
CA THR J 258 38.26 59.28 -7.61
C THR J 258 38.70 57.81 -7.70
N VAL J 259 39.99 57.59 -7.89
CA VAL J 259 40.54 56.24 -7.90
C VAL J 259 40.39 55.59 -6.53
N VAL J 260 40.82 56.30 -5.49
CA VAL J 260 40.65 55.84 -4.11
C VAL J 260 39.21 55.46 -3.84
N GLY J 261 38.29 56.36 -4.21
CA GLY J 261 36.87 56.09 -4.07
C GLY J 261 36.45 54.79 -4.74
N ALA J 262 36.80 54.64 -6.00
CA ALA J 262 36.50 53.41 -6.76
C ALA J 262 37.12 52.17 -6.12
N ILE J 263 38.32 52.31 -5.59
CA ILE J 263 39.01 51.20 -4.95
C ILE J 263 38.25 50.67 -3.73
N ILE J 264 37.91 51.56 -2.81
CA ILE J 264 37.22 51.16 -1.59
C ILE J 264 35.81 50.65 -1.89
N VAL J 265 35.20 51.13 -2.98
CA VAL J 265 33.90 50.63 -3.40
C VAL J 265 34.03 49.16 -3.79
N MET J 266 34.97 48.87 -4.69
CA MET J 266 35.26 47.51 -5.12
C MET J 266 35.71 46.63 -3.96
N SER J 267 36.19 47.28 -2.90
CA SER J 267 36.63 46.62 -1.68
C SER J 267 35.49 46.20 -0.75
N ILE J 268 34.48 47.06 -0.63
CA ILE J 268 33.39 46.81 0.31
C ILE J 268 32.19 46.09 -0.29
N ILE J 269 32.16 45.93 -1.61
CA ILE J 269 31.01 45.28 -2.23
C ILE J 269 30.80 43.87 -1.66
N PRO J 270 31.86 43.01 -1.62
CA PRO J 270 31.66 41.66 -1.07
C PRO J 270 31.27 41.70 0.41
N VAL J 271 31.65 42.77 1.09
CA VAL J 271 31.32 42.97 2.49
C VAL J 271 29.84 43.33 2.62
N ILE J 272 29.40 44.26 1.77
CA ILE J 272 28.00 44.70 1.70
C ILE J 272 27.14 43.50 1.30
N ILE J 273 27.78 42.55 0.63
CA ILE J 273 27.17 41.30 0.16
C ILE J 273 26.93 40.35 1.32
N VAL J 274 27.97 39.96 2.06
CA VAL J 274 27.77 38.97 3.11
C VAL J 274 26.88 39.54 4.23
N TYR J 275 26.74 40.86 4.33
CA TYR J 275 26.02 41.45 5.47
C TYR J 275 24.54 40.95 5.53
N PRO J 276 23.81 40.95 4.38
CA PRO J 276 22.46 40.40 4.35
C PRO J 276 22.44 38.92 4.74
N VAL J 277 23.42 38.18 4.20
CA VAL J 277 23.64 36.78 4.54
C VAL J 277 23.73 36.68 6.06
N VAL J 278 24.52 37.57 6.64
CA VAL J 278 24.64 37.65 8.10
C VAL J 278 23.28 37.88 8.73
N GLN J 279 22.63 38.96 8.32
CA GLN J 279 21.33 39.32 8.86
C GLN J 279 20.29 38.22 8.68
N LYS J 280 20.22 37.69 7.45
CA LYS J 280 19.27 36.64 7.08
C LYS J 280 19.37 35.48 8.09
N TYR J 281 20.63 35.19 8.40
CA TYR J 281 21.09 34.20 9.38
C TYR J 281 20.58 34.27 10.84
N PHE J 282 20.79 35.35 11.59
CA PHE J 282 20.45 35.24 13.03
C PHE J 282 19.01 35.17 13.54
N THR J 283 18.00 35.69 12.84
CA THR J 283 16.67 35.64 13.49
C THR J 283 15.77 34.44 13.20
N LYS J 284 16.30 33.35 12.64
CA LYS J 284 15.51 32.12 12.48
C LYS J 284 14.96 31.46 13.76
N GLY J 285 15.18 32.06 14.93
CA GLY J 285 14.54 31.55 16.12
C GLY J 285 15.59 30.94 17.03
N VAL J 286 16.85 31.15 16.64
CA VAL J 286 18.01 30.45 17.18
C VAL J 286 18.13 30.53 18.71
N MET J 287 18.27 29.36 19.34
CA MET J 287 18.75 29.30 20.71
C MET J 287 20.27 29.39 20.76
N MET K 1 -15.38 51.72 43.10
CA MET K 1 -15.30 50.84 44.26
C MET K 1 -16.07 49.56 43.94
N VAL K 2 -17.38 49.59 44.16
CA VAL K 2 -18.26 48.53 43.68
C VAL K 2 -19.03 49.11 42.50
N ALA K 3 -18.69 48.65 41.30
CA ALA K 3 -19.20 49.27 40.10
C ALA K 3 -19.66 48.26 39.05
N SER K 4 -20.45 48.73 38.09
CA SER K 4 -20.97 47.86 37.05
C SER K 4 -20.30 48.23 35.72
N VAL K 5 -19.86 47.20 35.00
CA VAL K 5 -19.26 47.40 33.68
C VAL K 5 -20.16 46.80 32.60
N SER K 6 -20.53 47.62 31.62
CA SER K 6 -21.34 47.14 30.51
C SER K 6 -20.54 47.13 29.21
N ILE K 7 -20.58 45.99 28.53
CA ILE K 7 -19.86 45.81 27.29
C ILE K 7 -20.86 45.63 26.15
N GLN K 8 -20.86 46.56 25.20
CA GLN K 8 -21.87 46.58 24.15
C GLN K 8 -21.24 46.46 22.77
N ASN K 9 -21.51 45.34 22.11
CA ASN K 9 -21.07 45.09 20.74
C ASN K 9 -19.59 45.36 20.52
N VAL K 10 -18.76 45.03 21.50
CA VAL K 10 -17.34 45.28 21.38
C VAL K 10 -16.72 44.34 20.35
N VAL K 11 -15.95 44.92 19.43
CA VAL K 11 -15.30 44.17 18.37
C VAL K 11 -13.88 44.67 18.17
N LYS K 12 -12.92 43.76 18.07
CA LYS K 12 -11.53 44.11 17.83
C LYS K 12 -11.12 43.59 16.47
N ARG K 13 -10.44 44.44 15.71
CA ARG K 13 -9.96 44.08 14.37
C ARG K 13 -8.45 44.31 14.29
N TYR K 14 -7.71 43.29 13.90
CA TYR K 14 -6.28 43.45 13.65
C TYR K 14 -6.07 43.95 12.23
N ASP K 15 -5.59 43.09 11.34
CA ASP K 15 -5.43 43.53 9.96
C ASP K 15 -6.80 43.54 9.29
N LYS K 16 -7.16 42.41 8.68
CA LYS K 16 -8.52 42.23 8.19
C LYS K 16 -9.25 41.28 9.14
N THR K 17 -8.50 40.78 10.12
CA THR K 17 -8.91 39.64 10.94
C THR K 17 -9.82 39.96 12.13
N THR K 18 -11.11 40.13 11.87
CA THR K 18 -12.12 40.44 12.89
C THR K 18 -12.04 39.46 14.06
N VAL K 19 -11.11 39.69 14.98
CA VAL K 19 -10.90 38.75 16.09
C VAL K 19 -12.12 38.50 16.97
N VAL K 20 -12.75 39.52 17.53
CA VAL K 20 -13.92 39.27 18.37
C VAL K 20 -15.14 39.83 17.62
N HIS K 21 -16.25 39.10 17.66
CA HIS K 21 -17.38 39.34 16.76
C HIS K 21 -18.55 40.21 17.22
N GLY K 22 -18.28 41.10 18.17
CA GLY K 22 -19.29 41.96 18.73
C GLY K 22 -19.90 41.27 19.90
N VAL K 23 -19.04 40.74 20.77
CA VAL K 23 -19.52 40.20 22.03
C VAL K 23 -20.15 41.28 22.91
N SER K 24 -21.31 41.00 23.48
CA SER K 24 -21.95 41.95 24.39
C SER K 24 -22.24 41.31 25.74
N LEU K 25 -21.80 41.96 26.82
CA LEU K 25 -22.02 41.45 28.16
C LEU K 25 -22.24 42.60 29.17
N ASP K 26 -23.22 42.43 30.03
CA ASP K 26 -23.45 43.38 31.13
C ASP K 26 -23.17 42.74 32.47
N ILE K 27 -22.32 43.39 33.26
CA ILE K 27 -21.84 42.83 34.52
C ILE K 27 -22.35 43.60 35.73
N GLU K 28 -23.04 42.88 36.61
CA GLU K 28 -23.59 43.47 37.84
C GLU K 28 -22.46 43.94 38.76
N PRO K 29 -22.74 44.94 39.60
CA PRO K 29 -21.75 45.42 40.58
C PRO K 29 -21.44 44.35 41.63
N GLY K 30 -20.16 44.14 41.92
CA GLY K 30 -19.76 43.18 42.92
C GLY K 30 -19.83 41.74 42.44
N GLU K 31 -20.09 41.57 41.14
CA GLU K 31 -20.25 40.25 40.55
C GLU K 31 -18.92 39.65 40.10
N PHE K 32 -18.79 38.34 40.29
CA PHE K 32 -17.64 37.58 39.80
C PHE K 32 -18.02 36.85 38.53
N VAL K 33 -17.46 37.29 37.41
CA VAL K 33 -17.79 36.71 36.11
C VAL K 33 -16.53 36.15 35.46
N VAL K 34 -16.63 34.93 34.93
CA VAL K 34 -15.47 34.26 34.35
C VAL K 34 -15.60 34.03 32.85
N LEU K 35 -14.62 34.51 32.11
CA LEU K 35 -14.49 34.18 30.70
C LEU K 35 -13.72 32.87 30.61
N VAL K 36 -14.22 31.94 29.81
CA VAL K 36 -13.58 30.63 29.73
C VAL K 36 -13.79 30.04 28.34
N GLY K 37 -12.77 29.33 27.85
CA GLY K 37 -12.85 28.69 26.56
C GLY K 37 -11.51 28.08 26.18
N PRO K 38 -11.42 27.59 24.94
CA PRO K 38 -10.17 27.02 24.42
C PRO K 38 -9.19 28.13 24.10
N SER K 39 -8.05 27.82 23.49
CA SER K 39 -7.10 28.86 23.18
C SER K 39 -7.56 29.66 21.97
N GLY K 40 -6.73 30.61 21.53
CA GLY K 40 -6.99 31.38 20.33
C GLY K 40 -8.39 31.96 20.27
N CYS K 41 -8.90 32.38 21.44
CA CYS K 41 -10.17 33.10 21.52
C CYS K 41 -9.99 34.45 22.19
N GLY K 42 -10.97 35.34 22.01
CA GLY K 42 -10.79 36.72 22.43
C GLY K 42 -11.00 36.96 23.91
N LYS K 43 -10.94 35.90 24.70
CA LYS K 43 -11.14 35.96 26.15
C LYS K 43 -10.20 37.01 26.76
N SER K 44 -8.91 36.83 26.47
CA SER K 44 -7.88 37.76 26.91
C SER K 44 -8.05 39.08 26.17
N THR K 45 -8.31 38.99 24.88
CA THR K 45 -8.45 40.15 24.00
C THR K 45 -9.57 41.06 24.52
N THR K 46 -10.66 40.45 24.98
CA THR K 46 -11.76 41.19 25.58
C THR K 46 -11.27 41.88 26.85
N LEU K 47 -10.66 41.11 27.73
CA LEU K 47 -10.12 41.61 29.00
C LEU K 47 -9.15 42.76 28.78
N ARG K 48 -8.27 42.59 27.81
CA ARG K 48 -7.25 43.58 27.48
C ARG K 48 -7.90 44.86 26.98
N MET K 49 -9.02 44.70 26.27
CA MET K 49 -9.78 45.84 25.75
C MET K 49 -10.40 46.65 26.88
N VAL K 50 -10.81 45.97 27.94
CA VAL K 50 -11.34 46.60 29.14
C VAL K 50 -10.25 47.42 29.82
N ALA K 51 -9.09 46.78 29.96
CA ALA K 51 -7.93 47.40 30.59
C ALA K 51 -7.46 48.61 29.79
N GLY K 52 -7.58 48.53 28.47
CA GLY K 52 -7.16 49.60 27.60
C GLY K 52 -5.82 49.30 26.97
N LEU K 53 -5.37 48.06 27.12
CA LEU K 53 -4.11 47.63 26.52
C LEU K 53 -4.29 47.33 25.03
N GLU K 54 -5.55 47.25 24.60
CA GLU K 54 -5.86 47.11 23.18
C GLU K 54 -7.02 48.04 22.80
N GLU K 55 -6.96 48.56 21.58
CA GLU K 55 -7.95 49.51 21.07
C GLU K 55 -9.29 48.86 20.72
N ILE K 56 -10.37 49.62 20.88
CA ILE K 56 -11.69 49.13 20.54
C ILE K 56 -12.01 49.45 19.07
N SER K 57 -12.13 48.41 18.25
CA SER K 57 -12.32 48.63 16.82
C SER K 57 -13.78 48.90 16.46
N GLY K 58 -14.66 48.71 17.44
CA GLY K 58 -16.08 48.99 17.25
C GLY K 58 -16.88 48.67 18.50
N GLY K 59 -18.07 49.26 18.60
CA GLY K 59 -18.89 49.10 19.79
C GLY K 59 -18.35 49.89 20.96
N THR K 60 -19.13 49.96 22.04
CA THR K 60 -18.72 50.71 23.21
C THR K 60 -18.77 49.87 24.48
N ILE K 61 -17.85 50.17 25.40
CA ILE K 61 -17.86 49.55 26.73
C ILE K 61 -17.72 50.66 27.77
N ARG K 62 -18.41 50.51 28.90
CA ARG K 62 -18.38 51.56 29.91
C ARG K 62 -18.44 51.03 31.33
N ILE K 63 -17.72 51.69 32.24
CA ILE K 63 -17.79 51.38 33.66
C ILE K 63 -18.65 52.44 34.33
N ASP K 64 -19.69 52.01 35.03
CA ASP K 64 -20.71 52.92 35.56
C ASP K 64 -21.25 53.80 34.43
N GLY K 65 -21.08 55.11 34.55
CA GLY K 65 -21.52 56.02 33.51
C GLY K 65 -20.38 56.41 32.58
N ARG K 66 -19.15 56.17 33.03
CA ARG K 66 -17.97 56.51 32.25
C ARG K 66 -17.78 55.63 31.04
N VAL K 67 -17.73 56.22 29.85
CA VAL K 67 -17.36 55.49 28.65
C VAL K 67 -15.84 55.50 28.51
N ILE K 68 -15.23 54.32 28.60
CA ILE K 68 -13.77 54.21 28.71
C ILE K 68 -13.08 53.92 27.38
N ASN K 69 -13.85 53.86 26.30
CA ASN K 69 -13.33 53.51 24.99
C ASN K 69 -12.12 54.33 24.54
N ASP K 70 -12.24 55.65 24.66
CA ASP K 70 -11.13 56.55 24.32
C ASP K 70 -10.30 56.94 25.54
N LEU K 71 -10.62 56.36 26.69
CA LEU K 71 -9.91 56.68 27.92
C LEU K 71 -8.54 56.05 28.00
N ALA K 72 -7.83 56.33 29.09
CA ALA K 72 -6.51 55.77 29.34
C ALA K 72 -6.55 54.79 30.51
N PRO K 73 -5.76 53.70 30.42
CA PRO K 73 -5.68 52.66 31.45
C PRO K 73 -5.48 53.23 32.86
N LYS K 74 -4.70 54.31 32.95
CA LYS K 74 -4.48 55.00 34.21
C LYS K 74 -5.79 55.57 34.77
N ASP K 75 -6.61 56.11 33.88
CA ASP K 75 -7.85 56.78 34.27
C ASP K 75 -9.08 55.87 34.19
N ARG K 76 -8.89 54.61 33.84
CA ARG K 76 -10.00 53.68 33.68
C ARG K 76 -10.49 53.08 35.00
N ASP K 77 -9.81 53.43 36.09
CA ASP K 77 -10.14 52.89 37.42
C ASP K 77 -10.09 51.37 37.45
N VAL K 78 -9.14 50.78 36.74
CA VAL K 78 -9.00 49.33 36.71
C VAL K 78 -7.62 48.89 37.17
N ALA K 79 -7.50 47.62 37.56
CA ALA K 79 -6.22 47.02 37.89
C ALA K 79 -6.16 45.63 37.29
N MET K 80 -4.97 45.22 36.84
CA MET K 80 -4.85 43.93 36.15
C MET K 80 -3.77 43.04 36.74
N VAL K 81 -4.11 41.76 36.89
CA VAL K 81 -3.16 40.75 37.31
C VAL K 81 -2.85 39.85 36.11
N PHE K 82 -1.64 39.95 35.60
CA PHE K 82 -1.24 39.27 34.38
C PHE K 82 -0.90 37.80 34.59
N GLN K 83 -0.67 37.10 33.48
CA GLN K 83 -0.37 35.68 33.55
C GLN K 83 1.06 35.43 34.01
N ASN K 84 2.04 36.13 33.44
CA ASN K 84 3.41 35.86 33.86
C ASN K 84 3.99 36.97 34.72
N TYR K 85 4.01 36.77 36.03
CA TYR K 85 4.91 37.48 36.94
C TYR K 85 5.11 38.95 36.58
N ALA K 86 4.10 39.76 36.86
CA ALA K 86 4.11 41.18 36.52
C ALA K 86 4.91 42.04 37.48
N LEU K 87 5.67 41.40 38.36
CA LEU K 87 6.45 42.10 39.37
C LEU K 87 7.89 42.32 38.89
N TYR K 88 8.44 43.48 39.21
CA TYR K 88 9.80 43.83 38.77
C TYR K 88 10.85 43.17 39.65
N PRO K 89 11.75 42.38 39.04
CA PRO K 89 12.67 41.53 39.82
C PRO K 89 13.74 42.31 40.58
N HIS K 90 13.98 43.57 40.21
CA HIS K 90 14.93 44.39 40.94
C HIS K 90 14.36 44.99 42.24
N LEU K 91 13.19 45.63 42.15
CA LEU K 91 12.59 46.27 43.32
C LEU K 91 12.23 45.23 44.37
N ASN K 92 12.24 45.65 45.64
CA ASN K 92 11.76 44.79 46.72
C ASN K 92 10.24 44.69 46.71
N VAL K 93 9.73 43.66 47.38
CA VAL K 93 8.29 43.40 47.46
C VAL K 93 7.48 44.62 47.89
N ARG K 94 7.93 45.28 48.96
CA ARG K 94 7.27 46.49 49.44
C ARG K 94 7.21 47.58 48.36
N ASP K 95 8.30 47.70 47.60
CA ASP K 95 8.37 48.72 46.56
C ASP K 95 7.57 48.35 45.32
N ASN K 96 7.47 47.05 45.04
CA ASN K 96 6.68 46.56 43.92
C ASN K 96 5.18 46.82 44.07
N ILE K 97 4.64 46.56 45.24
CA ILE K 97 3.24 46.80 45.52
C ILE K 97 2.92 48.28 45.43
N SER K 98 3.74 49.07 46.11
CA SER K 98 3.53 50.51 46.22
C SER K 98 3.89 51.25 44.94
N PHE K 99 4.44 50.52 43.96
CA PHE K 99 5.00 51.08 42.74
C PHE K 99 4.08 52.07 42.02
N GLY K 100 2.87 51.64 41.72
CA GLY K 100 1.93 52.49 41.00
C GLY K 100 1.68 53.79 41.73
N LEU K 101 1.68 53.75 43.06
CA LEU K 101 1.36 54.94 43.83
C LEU K 101 2.57 55.88 44.03
N ARG K 102 3.78 55.39 43.80
CA ARG K 102 4.98 56.22 43.98
C ARG K 102 5.34 56.91 42.67
N LEU K 103 4.61 56.56 41.61
CA LEU K 103 4.73 57.25 40.33
C LEU K 103 4.52 58.74 40.53
N LYS K 104 3.42 59.11 41.17
CA LYS K 104 3.17 60.50 41.53
C LYS K 104 3.45 60.80 42.99
N ARG K 105 3.86 59.78 43.77
CA ARG K 105 4.28 60.00 45.15
C ARG K 105 3.13 60.62 45.97
N THR K 106 3.32 61.88 46.34
CA THR K 106 2.33 62.76 47.00
C THR K 106 2.34 62.60 48.51
N LYS K 107 2.92 61.50 48.98
CA LYS K 107 3.30 61.31 50.38
C LYS K 107 3.80 59.88 50.61
N LYS K 108 4.60 59.69 51.65
CA LYS K 108 5.13 58.38 51.97
C LYS K 108 4.31 57.78 53.10
N SER K 109 3.39 58.58 53.61
CA SER K 109 2.40 58.11 54.58
C SER K 109 1.20 57.45 53.92
N VAL K 110 0.70 58.05 52.85
CA VAL K 110 -0.46 57.55 52.15
C VAL K 110 -0.25 56.16 51.55
N ILE K 111 0.88 55.98 50.88
CA ILE K 111 1.24 54.66 50.37
C ILE K 111 1.57 53.66 51.47
N ASP K 112 2.09 54.14 52.59
CA ASP K 112 2.50 53.27 53.70
C ASP K 112 1.29 52.61 54.35
N ALA K 113 0.18 53.34 54.39
CA ALA K 113 -1.05 52.86 54.98
C ALA K 113 -1.68 51.77 54.11
N ALA K 114 -1.65 51.99 52.81
CA ALA K 114 -2.26 51.08 51.84
C ALA K 114 -1.58 49.71 51.81
N VAL K 115 -0.25 49.69 51.83
CA VAL K 115 0.49 48.42 51.80
C VAL K 115 0.22 47.60 53.05
N LYS K 116 -0.01 48.28 54.18
CA LYS K 116 -0.30 47.62 55.45
C LYS K 116 -1.53 46.74 55.26
N THR K 117 -2.57 47.31 54.66
CA THR K 117 -3.78 46.56 54.38
C THR K 117 -3.47 45.33 53.53
N ALA K 118 -3.02 45.56 52.30
CA ALA K 118 -2.78 44.49 51.33
C ALA K 118 -1.85 43.40 51.86
N ALA K 119 -0.86 43.80 52.66
CA ALA K 119 0.08 42.84 53.23
C ALA K 119 -0.64 41.92 54.20
N ASP K 120 -1.53 42.50 54.98
CA ASP K 120 -2.30 41.78 55.99
C ASP K 120 -3.25 40.77 55.35
N ILE K 121 -3.81 41.13 54.20
CA ILE K 121 -4.76 40.27 53.50
C ILE K 121 -4.14 38.97 53.05
N LEU K 122 -3.08 39.08 52.24
CA LEU K 122 -2.37 37.93 51.71
C LEU K 122 -1.24 37.39 52.59
N GLY K 123 -1.00 38.02 53.74
CA GLY K 123 0.05 37.56 54.63
C GLY K 123 1.43 37.86 54.08
N LEU K 124 1.56 39.04 53.48
CA LEU K 124 2.78 39.48 52.81
C LEU K 124 3.65 40.37 53.72
N GLN K 125 3.31 40.43 55.00
CA GLN K 125 4.11 41.18 55.98
C GLN K 125 5.55 40.67 56.17
N PRO K 126 5.75 39.36 56.40
CA PRO K 126 7.15 38.99 56.61
C PRO K 126 7.97 39.07 55.33
N LEU K 127 7.29 39.08 54.18
CA LEU K 127 7.91 39.10 52.86
C LEU K 127 8.14 40.51 52.29
N LEU K 128 7.79 41.53 53.08
CA LEU K 128 7.83 42.93 52.64
C LEU K 128 9.16 43.38 52.03
N GLU K 129 10.27 43.07 52.69
CA GLU K 129 11.60 43.51 52.28
C GLU K 129 12.33 42.49 51.41
N ARG K 130 11.62 41.41 51.07
CA ARG K 130 12.20 40.36 50.23
C ARG K 130 12.23 40.84 48.78
N LYS K 131 12.72 39.99 47.89
CA LYS K 131 12.84 40.31 46.45
C LYS K 131 12.29 39.19 45.57
N PRO K 132 11.71 39.52 44.40
CA PRO K 132 11.07 38.52 43.54
C PRO K 132 12.01 37.38 43.16
N SER K 133 13.30 37.67 43.18
CA SER K 133 14.36 36.73 42.87
C SER K 133 14.38 35.54 43.83
N ASP K 134 14.06 35.80 45.10
CA ASP K 134 13.90 34.73 46.08
C ASP K 134 12.47 34.53 46.58
N LEU K 135 11.54 34.37 45.66
CA LEU K 135 10.14 34.12 46.02
C LEU K 135 9.57 32.96 45.22
N SER K 136 8.55 32.31 45.77
CA SER K 136 7.85 31.24 45.08
C SER K 136 6.91 31.84 44.04
N GLY K 137 6.62 31.06 42.99
CA GLY K 137 5.73 31.51 41.95
C GLY K 137 4.38 31.91 42.50
N GLY K 138 3.90 31.18 43.50
CA GLY K 138 2.64 31.54 44.13
C GLY K 138 2.80 32.82 44.92
N GLN K 139 3.93 32.94 45.64
CA GLN K 139 4.21 34.15 46.40
C GLN K 139 4.39 35.33 45.47
N ARG K 140 5.03 35.07 44.33
CA ARG K 140 5.21 36.08 43.29
C ARG K 140 3.86 36.53 42.77
N GLN K 141 2.93 35.59 42.63
CA GLN K 141 1.62 35.93 42.09
C GLN K 141 0.80 36.58 43.19
N ARG K 142 1.11 36.24 44.44
CA ARG K 142 0.42 36.84 45.58
C ARG K 142 0.76 38.33 45.68
N VAL K 143 2.04 38.65 45.65
CA VAL K 143 2.46 40.04 45.75
C VAL K 143 2.00 40.81 44.52
N ALA K 144 1.90 40.09 43.39
CA ALA K 144 1.37 40.68 42.17
C ALA K 144 -0.08 41.10 42.36
N MET K 145 -0.83 40.29 43.11
CA MET K 145 -2.21 40.63 43.44
C MET K 145 -2.26 41.84 44.36
N GLY K 146 -1.32 41.90 45.30
CA GLY K 146 -1.22 43.01 46.23
C GLY K 146 -1.08 44.33 45.51
N ARG K 147 -0.34 44.28 44.41
CA ARG K 147 -0.15 45.42 43.52
C ARG K 147 -1.48 45.95 43.01
N ALA K 148 -2.38 45.04 42.65
CA ALA K 148 -3.67 45.40 42.09
C ALA K 148 -4.60 45.99 43.16
N ILE K 149 -4.70 45.29 44.29
CA ILE K 149 -5.64 45.65 45.34
C ILE K 149 -5.22 46.89 46.12
N VAL K 150 -3.97 47.30 45.94
CA VAL K 150 -3.46 48.51 46.60
C VAL K 150 -3.87 49.74 45.81
N ARG K 151 -4.29 49.52 44.57
CA ARG K 151 -4.75 50.59 43.70
C ARG K 151 -6.19 50.98 44.05
N ASP K 152 -6.91 50.03 44.64
CA ASP K 152 -8.33 50.20 44.98
C ASP K 152 -9.15 50.64 43.77
N PRO K 153 -9.30 49.75 42.77
CA PRO K 153 -10.01 50.06 41.53
C PRO K 153 -11.49 49.75 41.61
N LYS K 154 -12.21 50.08 40.54
CA LYS K 154 -13.62 49.71 40.42
C LYS K 154 -13.79 48.29 39.92
N VAL K 155 -12.83 47.84 39.11
CA VAL K 155 -12.86 46.51 38.52
C VAL K 155 -11.52 45.77 38.64
N PHE K 156 -11.58 44.48 38.97
CA PHE K 156 -10.38 43.64 38.97
C PHE K 156 -10.30 42.84 37.67
N LEU K 157 -9.11 42.80 37.08
CA LEU K 157 -8.91 42.07 35.83
C LEU K 157 -7.90 40.96 36.01
N PHE K 158 -8.31 39.74 35.67
CA PHE K 158 -7.46 38.56 35.79
C PHE K 158 -7.27 37.84 34.46
N ASP K 159 -6.04 37.78 33.96
CA ASP K 159 -5.75 37.01 32.75
C ASP K 159 -4.96 35.77 33.10
N GLN K 160 -5.64 34.62 33.05
CA GLN K 160 -5.07 33.31 33.35
C GLN K 160 -4.02 33.35 34.47
N PRO K 161 -4.42 33.83 35.66
CA PRO K 161 -3.44 34.09 36.73
C PRO K 161 -2.75 32.83 37.24
N LEU K 162 -3.48 31.74 37.34
CA LEU K 162 -2.92 30.52 37.93
C LEU K 162 -2.37 29.57 36.88
N SER K 163 -2.43 29.98 35.62
CA SER K 163 -2.02 29.12 34.51
C SER K 163 -0.59 28.60 34.60
N ASN K 164 0.34 29.45 35.01
CA ASN K 164 1.74 29.07 35.08
C ASN K 164 2.10 28.38 36.39
N LEU K 165 1.14 28.35 37.31
CA LEU K 165 1.33 27.69 38.59
C LEU K 165 1.13 26.18 38.48
N ASP K 166 1.74 25.44 39.39
CA ASP K 166 1.55 23.99 39.46
C ASP K 166 0.17 23.62 40.01
N ALA K 167 -0.26 22.39 39.74
CA ALA K 167 -1.61 21.93 40.09
C ALA K 167 -1.91 22.07 41.58
N LYS K 168 -0.97 21.66 42.42
CA LYS K 168 -1.11 21.71 43.87
C LYS K 168 -1.40 23.15 44.33
N LEU K 169 -0.73 24.09 43.67
CA LEU K 169 -0.87 25.51 43.97
C LEU K 169 -2.20 26.07 43.45
N ARG K 170 -2.64 25.58 42.30
CA ARG K 170 -3.87 26.06 41.68
C ARG K 170 -5.03 25.89 42.65
N THR K 171 -5.14 24.72 43.26
CA THR K 171 -6.24 24.46 44.18
C THR K 171 -6.16 25.36 45.42
N GLN K 172 -4.95 25.77 45.82
CA GLN K 172 -4.82 26.67 46.97
C GLN K 172 -5.20 28.10 46.62
N MET K 173 -4.66 28.61 45.52
CA MET K 173 -4.96 29.96 45.09
C MET K 173 -6.44 30.12 44.73
N ARG K 174 -7.01 29.08 44.14
CA ARG K 174 -8.42 29.13 43.76
C ARG K 174 -9.33 29.32 44.97
N ALA K 175 -9.00 28.68 46.08
CA ALA K 175 -9.75 28.87 47.31
C ALA K 175 -9.56 30.29 47.82
N GLU K 176 -8.31 30.73 47.81
CA GLU K 176 -7.95 32.06 48.28
C GLU K 176 -8.62 33.18 47.50
N ILE K 177 -8.81 32.97 46.19
CA ILE K 177 -9.46 33.99 45.35
C ILE K 177 -10.92 34.15 45.68
N LYS K 178 -11.64 33.03 45.75
CA LYS K 178 -13.06 33.05 46.09
C LYS K 178 -13.21 33.65 47.48
N ARG K 179 -12.36 33.21 48.38
CA ARG K 179 -12.34 33.72 49.75
C ARG K 179 -12.07 35.22 49.75
N LEU K 180 -11.18 35.68 48.86
CA LEU K 180 -10.83 37.08 48.81
C LEU K 180 -12.04 37.92 48.39
N HIS K 181 -12.80 37.42 47.42
CA HIS K 181 -13.94 38.17 46.90
C HIS K 181 -15.03 38.30 47.96
N GLN K 182 -15.09 37.33 48.87
CA GLN K 182 -16.04 37.41 49.97
C GLN K 182 -15.64 38.52 50.93
N ARG K 183 -14.34 38.63 51.13
CA ARG K 183 -13.78 39.62 52.05
C ARG K 183 -13.93 41.04 51.48
N LEU K 184 -13.46 41.22 50.25
CA LEU K 184 -13.50 42.52 49.58
C LEU K 184 -14.83 42.79 48.89
N GLY K 185 -15.08 42.10 47.78
CA GLY K 185 -16.35 42.23 47.10
C GLY K 185 -16.39 43.12 45.87
N THR K 186 -15.21 43.59 45.45
CA THR K 186 -15.12 44.45 44.27
C THR K 186 -15.51 43.67 43.02
N THR K 187 -16.08 44.36 42.04
CA THR K 187 -16.44 43.71 40.78
C THR K 187 -15.19 43.14 40.10
N VAL K 188 -15.30 41.91 39.58
CA VAL K 188 -14.15 41.23 39.01
C VAL K 188 -14.54 40.41 37.77
N ILE K 189 -13.74 40.55 36.72
CA ILE K 189 -13.86 39.74 35.52
C ILE K 189 -12.61 38.84 35.40
N TYR K 190 -12.83 37.55 35.14
CA TYR K 190 -11.80 36.52 35.28
C TYR K 190 -11.66 35.66 34.01
N VAL K 191 -10.42 35.48 33.55
CA VAL K 191 -10.16 34.74 32.32
C VAL K 191 -9.38 33.44 32.55
N THR K 192 -9.91 32.34 32.00
CA THR K 192 -9.29 31.02 32.17
C THR K 192 -9.46 30.12 30.95
N HIS K 193 -8.48 29.25 30.71
CA HIS K 193 -8.65 28.18 29.72
C HIS K 193 -9.04 26.90 30.45
N ASP K 194 -9.13 27.00 31.77
CA ASP K 194 -9.45 25.84 32.61
C ASP K 194 -10.90 25.87 33.09
N GLN K 195 -11.65 24.83 32.71
CA GLN K 195 -13.05 24.71 33.07
C GLN K 195 -13.27 24.74 34.58
N VAL K 196 -12.34 24.13 35.31
CA VAL K 196 -12.45 24.00 36.76
C VAL K 196 -12.56 25.35 37.47
N GLU K 197 -11.64 26.26 37.16
CA GLU K 197 -11.62 27.56 37.82
C GLU K 197 -12.88 28.37 37.51
N ALA K 198 -13.45 28.14 36.34
CA ALA K 198 -14.68 28.80 35.93
C ALA K 198 -15.86 28.38 36.79
N MET K 199 -16.08 27.08 36.89
CA MET K 199 -17.22 26.53 37.63
C MET K 199 -17.18 26.91 39.11
N THR K 200 -15.98 26.95 39.67
CA THR K 200 -15.79 27.23 41.10
C THR K 200 -15.99 28.69 41.48
N LEU K 201 -15.19 29.57 40.89
CA LEU K 201 -15.11 30.96 41.32
C LEU K 201 -16.31 31.80 40.90
N ALA K 202 -16.82 31.55 39.70
CA ALA K 202 -17.75 32.47 39.06
C ALA K 202 -19.15 32.47 39.64
N ASP K 203 -19.73 33.66 39.75
CA ASP K 203 -21.16 33.82 39.98
C ASP K 203 -21.85 33.52 38.66
N ARG K 204 -21.36 34.15 37.60
CA ARG K 204 -21.80 33.85 36.24
C ARG K 204 -20.63 33.41 35.36
N ILE K 205 -20.89 32.45 34.48
CA ILE K 205 -19.90 32.00 33.52
C ILE K 205 -20.31 32.35 32.09
N VAL K 206 -19.39 32.93 31.32
CA VAL K 206 -19.63 33.17 29.91
C VAL K 206 -18.56 32.45 29.11
N VAL K 207 -18.98 31.53 28.25
CA VAL K 207 -18.06 30.72 27.48
C VAL K 207 -17.93 31.25 26.06
N MET K 208 -16.70 31.37 25.58
CA MET K 208 -16.40 31.95 24.28
C MET K 208 -15.53 31.03 23.42
N ARG K 209 -16.07 30.54 22.31
CA ARG K 209 -15.20 29.90 21.32
C ARG K 209 -14.89 30.83 20.15
N ASP K 210 -13.63 30.79 19.68
CA ASP K 210 -13.14 31.56 18.52
C ASP K 210 -13.79 32.94 18.27
N GLY K 211 -13.65 33.84 19.23
CA GLY K 211 -14.21 35.17 19.12
C GLY K 211 -15.68 35.38 19.40
N LEU K 212 -16.51 34.34 19.28
CA LEU K 212 -17.93 34.54 19.53
C LEU K 212 -18.24 34.24 20.99
N ILE K 213 -19.48 34.42 21.40
CA ILE K 213 -19.85 34.11 22.77
C ILE K 213 -20.89 33.00 22.79
N GLU K 214 -20.53 31.88 23.40
CA GLU K 214 -21.32 30.65 23.27
C GLU K 214 -22.55 30.61 24.17
N GLN K 215 -22.40 31.09 25.41
CA GLN K 215 -23.50 31.07 26.38
C GLN K 215 -23.16 31.86 27.64
N ILE K 216 -24.19 32.25 28.39
CA ILE K 216 -24.02 32.95 29.66
C ILE K 216 -24.97 32.33 30.68
N GLY K 217 -24.55 32.26 31.93
CA GLY K 217 -25.43 31.77 32.98
C GLY K 217 -24.68 31.33 34.22
N LYS K 218 -25.44 31.01 35.27
CA LYS K 218 -24.87 30.50 36.51
C LYS K 218 -24.16 29.18 36.22
N PRO K 219 -23.19 28.80 37.07
CA PRO K 219 -22.42 27.57 36.85
C PRO K 219 -23.28 26.33 36.59
N MET K 220 -24.35 26.15 37.36
CA MET K 220 -25.20 24.97 37.22
C MET K 220 -26.09 25.00 35.99
N ASP K 221 -26.33 26.20 35.44
CA ASP K 221 -27.14 26.32 34.23
C ASP K 221 -26.39 25.76 33.04
N LEU K 222 -25.11 26.09 32.93
CA LEU K 222 -24.29 25.63 31.83
C LEU K 222 -24.06 24.13 31.96
N PHE K 223 -24.04 23.66 33.20
CA PHE K 223 -23.77 22.25 33.48
C PHE K 223 -25.01 21.40 33.20
N LEU K 224 -26.16 21.88 33.67
CA LEU K 224 -27.42 21.14 33.53
C LEU K 224 -27.96 21.28 32.12
N HIS K 225 -27.88 22.49 31.58
CA HIS K 225 -28.49 22.77 30.30
C HIS K 225 -27.52 23.52 29.38
N PRO K 226 -26.58 22.78 28.78
CA PRO K 226 -25.63 23.37 27.83
C PRO K 226 -26.37 23.83 26.57
N ALA K 227 -25.92 24.93 25.97
CA ALA K 227 -26.58 25.45 24.78
C ALA K 227 -26.33 24.55 23.58
N ASN K 228 -25.11 24.01 23.48
CA ASN K 228 -24.74 23.15 22.37
C ASN K 228 -23.85 21.98 22.81
N THR K 229 -23.33 21.24 21.85
CA THR K 229 -22.52 20.07 22.13
C THR K 229 -21.16 20.50 22.64
N PHE K 230 -20.76 21.73 22.30
CA PHE K 230 -19.47 22.25 22.74
C PHE K 230 -19.51 22.60 24.22
N VAL K 231 -20.52 23.36 24.61
CA VAL K 231 -20.68 23.73 26.02
C VAL K 231 -20.81 22.46 26.84
N ALA K 232 -21.44 21.45 26.24
CA ALA K 232 -21.64 20.16 26.90
C ALA K 232 -20.32 19.41 27.11
N SER K 233 -19.48 19.43 26.09
CA SER K 233 -18.20 18.72 26.13
C SER K 233 -17.13 19.44 26.94
N PHE K 234 -17.28 20.75 27.09
CA PHE K 234 -16.26 21.55 27.75
C PHE K 234 -16.30 21.40 29.27
N ILE K 235 -17.43 21.77 29.88
CA ILE K 235 -17.57 21.77 31.33
C ILE K 235 -17.87 20.38 31.88
N GLY K 236 -17.54 20.18 33.15
CA GLY K 236 -17.71 18.89 33.80
C GLY K 236 -16.36 18.22 33.97
N SER K 237 -16.22 17.43 35.02
CA SER K 237 -14.92 16.86 35.37
C SER K 237 -14.45 15.84 34.32
N PRO K 238 -15.28 14.83 33.99
CA PRO K 238 -14.93 14.18 32.73
C PRO K 238 -15.68 14.82 31.57
N PRO K 239 -15.39 14.45 30.32
CA PRO K 239 -16.25 15.02 29.29
C PRO K 239 -17.58 14.27 29.29
N MET K 240 -18.69 14.95 29.00
CA MET K 240 -19.94 14.24 28.81
C MET K 240 -19.95 13.35 27.57
N ASN K 241 -20.61 12.19 27.68
CA ASN K 241 -20.57 11.16 26.65
C ASN K 241 -21.31 11.61 25.38
N LEU K 242 -20.58 12.17 24.41
CA LEU K 242 -21.21 12.58 23.15
C LEU K 242 -21.19 11.58 21.99
N MET K 243 -22.08 10.60 21.97
CA MET K 243 -22.13 9.71 20.82
C MET K 243 -23.45 9.90 20.06
N PRO K 244 -23.42 9.66 18.74
CA PRO K 244 -24.57 9.83 17.83
C PRO K 244 -25.70 8.82 18.05
N ALA K 245 -26.93 9.23 17.79
CA ALA K 245 -28.08 8.36 18.01
C ALA K 245 -29.22 8.73 17.07
N ARG K 246 -30.36 8.07 17.22
CA ARG K 246 -31.51 8.33 16.34
C ARG K 246 -32.86 8.15 17.05
N ILE K 247 -33.94 8.16 16.28
CA ILE K 247 -35.29 8.17 16.85
C ILE K 247 -36.16 7.01 16.36
N ALA K 248 -36.37 6.95 15.04
CA ALA K 248 -37.07 5.85 14.39
C ALA K 248 -38.56 5.74 14.76
N VAL K 249 -38.94 4.58 15.30
CA VAL K 249 -40.34 4.15 15.44
C VAL K 249 -41.28 5.24 15.99
N ASP K 250 -41.00 5.70 17.20
CA ASP K 250 -41.74 6.83 17.76
C ASP K 250 -40.77 7.88 18.26
N SER K 251 -41.29 9.03 18.68
CA SER K 251 -40.46 10.21 18.90
C SER K 251 -40.16 10.42 20.37
N THR K 252 -41.16 10.91 21.10
CA THR K 252 -40.98 11.37 22.46
C THR K 252 -40.73 10.22 23.43
N GLN K 253 -40.81 8.99 22.92
CA GLN K 253 -40.67 7.82 23.77
C GLN K 253 -39.28 7.17 23.69
N HIS K 254 -38.89 6.68 22.53
CA HIS K 254 -37.67 5.89 22.41
C HIS K 254 -36.55 6.54 21.61
N VAL K 255 -35.32 6.30 22.06
CA VAL K 255 -34.14 6.72 21.31
C VAL K 255 -33.13 5.59 21.21
N GLU K 256 -32.67 5.31 19.98
CA GLU K 256 -31.76 4.18 19.77
C GLU K 256 -30.41 4.63 19.22
N LEU K 257 -29.34 4.02 19.71
CA LEU K 257 -28.00 4.34 19.21
C LEU K 257 -27.32 3.12 18.56
N ASN K 258 -26.08 3.35 18.08
CA ASN K 258 -25.36 2.39 17.22
C ASN K 258 -25.12 1.01 17.85
N GLY K 259 -25.21 0.92 19.17
CA GLY K 259 -24.92 -0.32 19.88
C GLY K 259 -26.04 -1.33 19.89
N GLY K 260 -26.95 -1.23 18.92
CA GLY K 260 -28.09 -2.13 18.84
C GLY K 260 -28.84 -2.05 20.15
N ASN K 261 -28.92 -0.82 20.64
CA ASN K 261 -29.47 -0.47 21.94
C ASN K 261 -30.54 0.60 21.77
N ARG K 262 -31.49 0.62 22.69
CA ARG K 262 -32.61 1.54 22.60
C ARG K 262 -32.92 2.08 23.99
N ILE K 263 -33.17 3.38 24.07
CA ILE K 263 -33.41 4.04 25.34
C ILE K 263 -34.76 4.75 25.37
N SER K 264 -35.58 4.42 26.35
CA SER K 264 -36.84 5.13 26.53
C SER K 264 -36.59 6.53 27.09
N LEU K 265 -37.38 7.48 26.61
CA LEU K 265 -37.17 8.89 26.94
C LEU K 265 -38.31 9.45 27.78
N LEU K 266 -37.96 10.31 28.73
CA LEU K 266 -38.93 11.07 29.52
C LEU K 266 -39.55 12.16 28.64
N PRO K 267 -40.83 12.46 28.84
CA PRO K 267 -41.61 13.29 27.89
C PRO K 267 -41.01 14.68 27.69
N ARG K 268 -40.68 15.38 28.79
CA ARG K 268 -40.18 16.75 28.73
C ARG K 268 -40.86 17.76 27.81
N ALA K 269 -42.04 18.24 28.18
CA ALA K 269 -42.85 19.06 27.27
C ALA K 269 -42.13 20.27 26.66
N GLY K 270 -42.60 20.62 25.46
CA GLY K 270 -42.06 21.70 24.65
C GLY K 270 -40.88 21.23 23.81
N THR K 271 -40.62 19.92 23.87
CA THR K 271 -39.52 19.34 23.10
C THR K 271 -39.82 19.28 21.60
N HIS K 272 -40.95 18.63 21.28
CA HIS K 272 -41.41 18.41 19.90
C HIS K 272 -40.26 18.00 18.96
N LEU K 273 -39.69 16.82 19.19
CA LEU K 273 -38.69 16.30 18.26
C LEU K 273 -39.29 15.33 17.24
N ALA K 274 -38.70 15.31 16.06
CA ALA K 274 -39.22 14.52 14.94
C ALA K 274 -38.61 13.12 14.86
N PRO K 275 -39.42 12.13 14.45
CA PRO K 275 -38.96 10.74 14.32
C PRO K 275 -37.94 10.59 13.19
N GLY K 276 -36.87 9.83 13.43
CA GLY K 276 -35.85 9.62 12.43
C GLY K 276 -34.77 10.68 12.42
N GLN K 277 -34.97 11.72 13.22
CA GLN K 277 -34.05 12.87 13.26
C GLN K 277 -32.65 12.48 13.68
N GLU K 278 -31.66 12.89 12.87
CA GLU K 278 -30.26 12.68 13.21
C GLU K 278 -29.94 13.44 14.48
N VAL K 279 -29.32 12.76 15.45
CA VAL K 279 -29.13 13.33 16.77
C VAL K 279 -27.90 12.75 17.47
N VAL K 280 -27.36 13.47 18.44
CA VAL K 280 -26.30 12.94 19.28
C VAL K 280 -26.78 12.86 20.72
N PHE K 281 -26.55 11.72 21.35
CA PHE K 281 -27.10 11.46 22.68
C PHE K 281 -26.04 11.65 23.76
N GLY K 282 -26.18 12.74 24.52
CA GLY K 282 -25.27 13.01 25.62
C GLY K 282 -25.70 12.40 26.95
N ILE K 283 -24.72 11.94 27.71
CA ILE K 283 -24.92 11.52 29.08
C ILE K 283 -23.62 11.69 29.87
N ARG K 284 -23.72 12.06 31.14
CA ARG K 284 -22.52 12.26 31.95
C ARG K 284 -22.13 10.96 32.64
N PRO K 285 -20.81 10.74 32.80
CA PRO K 285 -20.24 9.53 33.43
C PRO K 285 -20.79 9.31 34.83
N GLU K 286 -21.16 10.38 35.50
CA GLU K 286 -21.71 10.28 36.85
C GLU K 286 -23.18 9.89 36.77
N ASP K 287 -23.80 10.13 35.61
CA ASP K 287 -25.21 9.86 35.41
C ASP K 287 -25.41 8.47 34.86
N VAL K 288 -24.31 7.73 34.71
CA VAL K 288 -24.37 6.33 34.32
C VAL K 288 -23.86 5.44 35.45
N THR K 289 -24.61 4.40 35.76
CA THR K 289 -24.22 3.47 36.81
C THR K 289 -24.11 2.07 36.24
N LEU K 290 -23.81 1.09 37.10
CA LEU K 290 -23.70 -0.29 36.63
C LEU K 290 -25.05 -0.99 36.72
N ASP K 291 -25.03 -2.31 36.57
CA ASP K 291 -26.23 -3.14 36.62
C ASP K 291 -26.95 -3.08 37.97
N GLY K 292 -26.32 -2.45 38.97
CA GLY K 292 -26.83 -2.40 40.33
C GLY K 292 -28.04 -1.51 40.58
N VAL K 293 -28.60 -0.99 39.50
CA VAL K 293 -29.80 -0.18 39.49
C VAL K 293 -31.04 -1.09 39.32
N GLU K 294 -30.81 -2.39 39.51
CA GLU K 294 -31.84 -3.41 39.77
C GLU K 294 -32.90 -3.59 38.67
N GLY K 295 -32.46 -4.29 37.63
CA GLY K 295 -33.30 -5.00 36.65
C GLY K 295 -33.76 -4.13 35.48
N SER K 296 -33.45 -2.84 35.54
CA SER K 296 -33.68 -1.92 34.43
C SER K 296 -35.07 -1.81 33.81
N GLU K 297 -35.97 -1.15 34.53
CA GLU K 297 -37.33 -0.91 34.05
C GLU K 297 -37.46 -0.41 32.61
N ARG K 298 -36.65 0.58 32.24
CA ARG K 298 -36.72 1.22 30.91
C ARG K 298 -35.90 0.64 29.75
N ALA K 299 -35.26 -0.50 29.98
CA ALA K 299 -34.45 -1.19 28.96
C ALA K 299 -33.26 -0.37 28.46
N GLN K 300 -32.27 -0.26 29.33
CA GLN K 300 -31.09 0.59 29.18
C GLN K 300 -30.03 0.02 28.23
N ILE K 301 -28.93 0.75 28.09
CA ILE K 301 -27.86 0.43 27.13
C ILE K 301 -27.16 -0.89 27.49
N LYS K 302 -26.57 -1.56 26.50
CA LYS K 302 -25.81 -2.79 26.72
C LYS K 302 -24.40 -2.48 26.26
N ALA K 303 -23.37 -2.97 26.94
CA ALA K 303 -22.01 -2.64 26.51
C ALA K 303 -20.97 -3.71 26.83
N THR K 304 -19.77 -3.55 26.26
CA THR K 304 -18.61 -4.40 26.53
C THR K 304 -17.46 -3.54 27.03
N VAL K 305 -16.83 -3.98 28.12
CA VAL K 305 -15.80 -3.19 28.81
C VAL K 305 -14.47 -3.11 28.07
N ASP K 306 -13.96 -1.89 27.89
CA ASP K 306 -12.67 -1.69 27.23
C ASP K 306 -11.53 -1.76 28.26
N ILE K 307 -11.50 -0.78 29.18
CA ILE K 307 -10.51 -0.73 30.27
C ILE K 307 -11.13 -0.06 31.51
N VAL K 308 -10.53 -0.31 32.67
CA VAL K 308 -10.94 0.33 33.92
C VAL K 308 -9.74 0.95 34.63
N GLU K 309 -9.82 2.26 34.87
CA GLU K 309 -8.75 2.99 35.56
C GLU K 309 -9.14 3.36 36.97
N PRO K 310 -8.59 2.65 37.97
CA PRO K 310 -8.86 3.03 39.35
C PRO K 310 -8.19 4.35 39.71
N LEU K 311 -8.96 5.29 40.23
CA LEU K 311 -8.44 6.57 40.67
C LEU K 311 -8.44 6.64 42.19
N GLY K 312 -9.62 6.96 42.72
CA GLY K 312 -9.78 7.18 44.14
C GLY K 312 -10.64 6.06 44.68
N SER K 313 -11.47 6.38 45.67
CA SER K 313 -12.60 5.54 46.06
C SER K 313 -13.56 5.35 44.89
N GLU K 314 -13.34 6.14 43.84
CA GLU K 314 -14.08 6.02 42.61
C GLU K 314 -13.19 5.36 41.55
N SER K 315 -13.78 5.05 40.39
CA SER K 315 -13.03 4.46 39.29
C SER K 315 -13.57 4.87 37.93
N ILE K 316 -12.68 5.03 36.96
CA ILE K 316 -13.07 5.46 35.62
C ILE K 316 -13.23 4.24 34.73
N LEU K 317 -14.46 3.99 34.27
CA LEU K 317 -14.75 2.84 33.44
C LEU K 317 -14.89 3.24 31.96
N HIS K 318 -14.10 2.60 31.12
CA HIS K 318 -14.22 2.77 29.68
C HIS K 318 -14.97 1.57 29.12
N ALA K 319 -16.18 1.80 28.63
CA ALA K 319 -16.97 0.72 28.04
C ALA K 319 -17.24 0.98 26.57
N THR K 320 -17.22 -0.08 25.78
CA THR K 320 -17.46 0.03 24.34
C THR K 320 -18.81 -0.48 23.84
N VAL K 321 -19.56 0.44 23.26
CA VAL K 321 -20.81 0.13 22.59
C VAL K 321 -20.39 0.28 21.15
N GLY K 322 -21.33 0.16 20.19
CA GLY K 322 -21.08 0.28 18.76
C GLY K 322 -19.68 0.63 18.25
N ASP K 323 -19.62 1.47 17.22
CA ASP K 323 -18.32 1.90 16.75
C ASP K 323 -17.72 2.91 17.74
N HIS K 324 -18.53 3.37 18.70
CA HIS K 324 -18.10 4.37 19.68
C HIS K 324 -18.06 3.85 21.12
N SER K 325 -17.24 4.50 21.95
CA SER K 325 -17.11 4.13 23.36
C SER K 325 -17.60 5.23 24.30
N LEU K 326 -18.26 4.84 25.38
CA LEU K 326 -18.70 5.80 26.38
C LEU K 326 -18.01 5.58 27.72
N VAL K 327 -17.78 6.66 28.44
CA VAL K 327 -17.06 6.61 29.70
C VAL K 327 -18.01 6.85 30.87
N VAL K 328 -18.03 5.93 31.83
CA VAL K 328 -18.89 6.08 32.99
C VAL K 328 -18.05 6.07 34.25
N LYS K 329 -18.39 6.96 35.18
CA LYS K 329 -17.70 7.02 36.46
C LYS K 329 -18.43 6.21 37.53
N VAL K 330 -17.82 5.10 37.94
CA VAL K 330 -18.44 4.24 38.94
C VAL K 330 -17.77 4.38 40.31
N GLY K 331 -18.56 4.50 41.37
CA GLY K 331 -18.01 4.45 42.70
C GLY K 331 -17.63 3.03 43.03
N GLY K 332 -16.34 2.78 43.27
CA GLY K 332 -15.90 1.44 43.62
C GLY K 332 -14.58 1.02 43.01
N LEU K 333 -14.35 -0.29 43.05
CA LEU K 333 -13.28 -0.94 42.31
C LEU K 333 -13.82 -2.18 41.61
N ASN K 334 -14.34 -3.11 42.41
CA ASN K 334 -15.06 -4.29 41.96
C ASN K 334 -14.23 -5.17 41.04
N GLU K 335 -14.88 -5.97 40.20
CA GLU K 335 -14.16 -7.00 39.48
C GLU K 335 -14.01 -6.75 37.98
N VAL K 336 -14.40 -5.55 37.54
CA VAL K 336 -14.51 -5.22 36.11
C VAL K 336 -13.32 -5.74 35.28
N HIS K 337 -13.22 -7.06 35.17
CA HIS K 337 -12.22 -7.76 34.34
C HIS K 337 -12.39 -7.55 32.83
N PRO K 338 -11.73 -6.51 32.28
CA PRO K 338 -11.94 -6.05 30.90
C PRO K 338 -12.01 -7.15 29.86
N GLY K 339 -12.85 -6.98 28.85
CA GLY K 339 -13.00 -7.95 27.79
C GLY K 339 -14.33 -8.69 27.85
N ASP K 340 -14.96 -8.70 29.02
CA ASP K 340 -16.28 -9.30 29.19
C ASP K 340 -17.39 -8.25 28.97
N PRO K 341 -18.60 -8.70 28.64
CA PRO K 341 -19.71 -7.74 28.47
C PRO K 341 -20.14 -7.17 29.82
N VAL K 342 -20.82 -6.04 29.78
CA VAL K 342 -21.31 -5.39 30.99
C VAL K 342 -22.57 -4.60 30.70
N THR K 343 -23.39 -4.44 31.72
CA THR K 343 -24.61 -3.68 31.57
C THR K 343 -24.45 -2.36 32.32
N LEU K 344 -24.75 -1.26 31.62
CA LEU K 344 -24.69 0.07 32.20
C LEU K 344 -26.09 0.62 32.31
N HIS K 345 -26.33 1.41 33.35
CA HIS K 345 -27.64 2.00 33.57
C HIS K 345 -27.67 3.53 33.47
N VAL K 346 -28.38 4.05 32.47
CA VAL K 346 -28.41 5.48 32.26
C VAL K 346 -29.49 6.15 33.12
N ASP K 347 -29.15 7.29 33.72
CA ASP K 347 -30.14 8.13 34.40
C ASP K 347 -31.01 8.81 33.35
N LEU K 348 -32.32 8.63 33.43
CA LEU K 348 -33.21 9.12 32.38
C LEU K 348 -33.41 10.64 32.45
N THR K 349 -33.28 11.22 33.63
CA THR K 349 -33.56 12.64 33.82
C THR K 349 -32.41 13.51 33.32
N ARG K 350 -31.20 12.97 33.36
CA ARG K 350 -30.01 13.77 33.06
C ARG K 350 -29.53 13.62 31.62
N VAL K 351 -30.29 12.90 30.80
CA VAL K 351 -29.93 12.74 29.39
C VAL K 351 -30.06 14.04 28.61
N HIS K 352 -29.23 14.20 27.59
CA HIS K 352 -29.25 15.38 26.74
C HIS K 352 -29.16 15.00 25.26
N LEU K 353 -29.93 15.68 24.42
CA LEU K 353 -29.95 15.39 22.99
C LEU K 353 -29.64 16.66 22.20
N PHE K 354 -28.82 16.52 21.15
CA PHE K 354 -28.48 17.64 20.29
C PHE K 354 -28.61 17.25 18.83
N ASP K 355 -29.19 18.12 18.02
CA ASP K 355 -29.32 17.89 16.58
C ASP K 355 -27.93 17.83 15.94
N ALA K 356 -27.82 17.10 14.84
CA ALA K 356 -26.54 16.91 14.18
C ALA K 356 -26.13 18.14 13.37
N GLN K 357 -27.10 18.79 12.74
CA GLN K 357 -26.83 19.99 11.95
C GLN K 357 -26.79 21.22 12.85
N SER K 358 -27.98 21.63 13.31
CA SER K 358 -28.11 22.65 14.35
C SER K 358 -27.57 22.14 15.67
N GLN K 359 -26.24 22.08 15.79
CA GLN K 359 -25.51 21.62 16.97
C GLN K 359 -26.03 21.98 18.38
N ALA K 360 -27.27 22.44 18.50
CA ALA K 360 -27.76 22.94 19.78
C ALA K 360 -28.75 22.02 20.50
N SER K 361 -29.11 22.42 21.73
CA SER K 361 -29.73 21.55 22.73
C SER K 361 -31.22 21.27 22.48
N ILE K 362 -31.52 20.25 21.69
CA ILE K 362 -32.90 19.84 21.48
C ILE K 362 -33.65 19.46 22.75
N TYR K 363 -33.26 18.36 23.37
CA TYR K 363 -33.87 17.89 24.62
C TYR K 363 -33.62 18.85 25.78
N MET L 1 12.77 -10.07 25.83
CA MET L 1 11.41 -9.94 25.32
C MET L 1 10.47 -9.67 26.49
N VAL L 2 10.03 -10.72 27.15
CA VAL L 2 9.32 -10.58 28.41
C VAL L 2 10.29 -11.06 29.49
N ALA L 3 10.79 -10.11 30.28
CA ALA L 3 11.88 -10.40 31.20
C ALA L 3 11.68 -9.78 32.57
N SER L 4 12.41 -10.28 33.55
CA SER L 4 12.32 -9.79 34.92
C SER L 4 13.58 -9.03 35.27
N VAL L 5 13.41 -7.85 35.87
CA VAL L 5 14.54 -7.05 36.33
C VAL L 5 14.57 -6.98 37.85
N SER L 6 15.69 -7.35 38.45
CA SER L 6 15.84 -7.28 39.89
C SER L 6 16.85 -6.21 40.28
N ILE L 7 16.44 -5.34 41.20
CA ILE L 7 17.28 -4.25 41.66
C ILE L 7 17.61 -4.47 43.13
N GLN L 8 18.89 -4.64 43.43
CA GLN L 8 19.31 -5.01 44.78
C GLN L 8 20.25 -3.98 45.38
N ASN L 9 19.76 -3.30 46.42
CA ASN L 9 20.56 -2.33 47.18
C ASN L 9 21.29 -1.31 46.30
N VAL L 10 20.65 -0.89 45.22
CA VAL L 10 21.28 0.06 44.31
C VAL L 10 21.39 1.43 44.96
N VAL L 11 22.60 2.00 44.89
CA VAL L 11 22.88 3.29 45.49
C VAL L 11 23.75 4.12 44.55
N LYS L 12 23.39 5.39 44.35
CA LYS L 12 24.15 6.30 43.52
C LYS L 12 24.71 7.40 44.39
N ARG L 13 25.99 7.70 44.18
CA ARG L 13 26.69 8.74 44.92
C ARG L 13 27.29 9.75 43.96
N TYR L 14 26.97 11.03 44.14
CA TYR L 14 27.61 12.08 43.36
C TYR L 14 28.92 12.46 44.02
N ASP L 15 28.97 13.61 44.68
CA ASP L 15 30.22 13.98 45.36
C ASP L 15 30.29 13.18 46.65
N LYS L 16 29.79 13.76 47.74
CA LYS L 16 29.62 13.01 48.97
C LYS L 16 28.14 12.69 49.12
N THR L 17 27.37 13.21 48.17
CA THR L 17 25.91 13.29 48.27
C THR L 17 25.14 12.02 47.90
N THR L 18 25.07 11.08 48.83
CA THR L 18 24.40 9.79 48.64
C THR L 18 22.94 10.00 48.18
N VAL L 19 22.76 10.23 46.88
CA VAL L 19 21.43 10.54 46.35
C VAL L 19 20.40 9.45 46.62
N VAL L 20 20.67 8.20 46.22
CA VAL L 20 19.70 7.15 46.51
C VAL L 20 20.34 6.21 47.54
N HIS L 21 19.55 5.80 48.52
CA HIS L 21 20.05 5.14 49.73
C HIS L 21 20.05 3.59 49.76
N GLY L 22 20.05 2.96 48.59
CA GLY L 22 19.98 1.51 48.49
C GLY L 22 18.57 0.97 48.40
N VAL L 23 17.80 1.60 47.51
CA VAL L 23 16.47 1.13 47.14
C VAL L 23 16.60 -0.25 46.52
N SER L 24 15.75 -1.17 46.94
CA SER L 24 15.73 -2.50 46.38
C SER L 24 14.34 -2.85 45.85
N LEU L 25 14.27 -3.30 44.60
CA LEU L 25 12.99 -3.65 44.00
C LEU L 25 13.13 -4.85 43.06
N ASP L 26 12.20 -5.80 43.15
CA ASP L 26 12.16 -6.91 42.22
C ASP L 26 10.91 -6.82 41.35
N ILE L 27 11.13 -6.87 40.03
CA ILE L 27 10.05 -6.64 39.07
C ILE L 27 9.70 -7.91 38.29
N GLU L 28 8.44 -8.31 38.39
CA GLU L 28 7.94 -9.49 37.68
C GLU L 28 7.99 -9.28 36.17
N PRO L 29 8.10 -10.38 35.40
CA PRO L 29 8.07 -10.29 33.94
C PRO L 29 6.71 -9.81 33.41
N GLY L 30 6.72 -8.87 32.48
CA GLY L 30 5.48 -8.38 31.90
C GLY L 30 4.73 -7.42 32.81
N GLU L 31 5.38 -7.03 33.91
CA GLU L 31 4.75 -6.17 34.90
C GLU L 31 4.94 -4.68 34.60
N PHE L 32 3.89 -3.90 34.88
CA PHE L 32 3.94 -2.46 34.76
C PHE L 32 4.11 -1.84 36.15
N VAL L 33 5.28 -1.27 36.39
CA VAL L 33 5.60 -0.71 37.69
C VAL L 33 5.91 0.77 37.55
N VAL L 34 5.34 1.59 38.43
CA VAL L 34 5.50 3.03 38.34
C VAL L 34 6.25 3.61 39.54
N LEU L 35 7.31 4.34 39.24
CA LEU L 35 8.01 5.13 40.23
C LEU L 35 7.30 6.48 40.32
N VAL L 36 7.00 6.92 41.54
CA VAL L 36 6.26 8.16 41.70
C VAL L 36 6.67 8.85 43.00
N GLY L 37 6.71 10.17 42.97
CA GLY L 37 7.04 10.95 44.15
C GLY L 37 7.16 12.42 43.80
N PRO L 38 7.61 13.23 44.77
CA PRO L 38 7.83 14.66 44.56
C PRO L 38 9.10 14.87 43.74
N SER L 39 9.54 16.10 43.56
CA SER L 39 10.75 16.33 42.78
C SER L 39 11.98 15.96 43.59
N GLY L 40 13.16 16.18 43.02
CA GLY L 40 14.42 15.98 43.71
C GLY L 40 14.51 14.64 44.42
N CYS L 41 13.93 13.61 43.80
CA CYS L 41 14.08 12.24 44.28
C CYS L 41 14.70 11.35 43.21
N GLY L 42 15.20 10.19 43.61
CA GLY L 42 16.00 9.38 42.71
C GLY L 42 15.20 8.54 41.74
N LYS L 43 13.93 8.90 41.54
CA LYS L 43 13.03 8.19 40.65
C LYS L 43 13.66 8.07 39.26
N SER L 44 14.05 9.23 38.72
CA SER L 44 14.72 9.33 37.43
C SER L 44 16.11 8.73 37.54
N THR L 45 16.80 9.04 38.64
CA THR L 45 18.17 8.58 38.87
C THR L 45 18.22 7.05 38.84
N THR L 46 17.20 6.42 39.42
CA THR L 46 17.06 4.96 39.39
C THR L 46 16.88 4.47 37.95
N LEU L 47 15.92 5.06 37.24
CA LEU L 47 15.63 4.71 35.86
C LEU L 47 16.85 4.82 34.95
N ARG L 48 17.57 5.92 35.15
CA ARG L 48 18.76 6.25 34.38
C ARG L 48 19.85 5.22 34.68
N MET L 49 19.89 4.75 35.92
CA MET L 49 20.83 3.72 36.34
C MET L 49 20.55 2.38 35.67
N VAL L 50 19.27 2.10 35.44
CA VAL L 50 18.83 0.93 34.72
C VAL L 50 19.27 1.01 33.27
N ALA L 51 19.05 2.19 32.68
CA ALA L 51 19.41 2.44 31.29
C ALA L 51 20.92 2.38 31.07
N GLY L 52 21.67 2.81 32.07
CA GLY L 52 23.12 2.80 31.99
C GLY L 52 23.67 4.19 31.68
N LEU L 53 22.81 5.19 31.75
CA LEU L 53 23.21 6.57 31.52
C LEU L 53 23.90 7.14 32.75
N GLU L 54 23.77 6.44 33.86
CA GLU L 54 24.48 6.79 35.09
C GLU L 54 25.08 5.55 35.74
N GLU L 55 26.25 5.74 36.35
CA GLU L 55 27.02 4.66 36.96
C GLU L 55 26.41 4.19 38.30
N ILE L 56 26.61 2.91 38.61
CA ILE L 56 26.13 2.35 39.86
C ILE L 56 27.19 2.46 40.95
N SER L 57 26.92 3.27 41.97
CA SER L 57 27.91 3.53 43.01
C SER L 57 27.95 2.43 44.07
N GLY L 58 26.97 1.53 44.01
CA GLY L 58 26.92 0.40 44.92
C GLY L 58 25.70 -0.48 44.70
N GLY L 59 25.77 -1.73 45.15
CA GLY L 59 24.69 -2.66 44.92
C GLY L 59 24.68 -3.17 43.49
N THR L 60 23.85 -4.17 43.23
CA THR L 60 23.76 -4.74 41.88
C THR L 60 22.33 -4.75 41.36
N ILE L 61 22.19 -4.58 40.05
CA ILE L 61 20.91 -4.72 39.38
C ILE L 61 21.09 -5.63 38.16
N ARG L 62 20.10 -6.46 37.87
CA ARG L 62 20.22 -7.41 36.77
C ARG L 62 18.91 -7.66 36.04
N ILE L 63 18.99 -7.85 34.72
CA ILE L 63 17.84 -8.24 33.92
C ILE L 63 17.98 -9.73 33.61
N ASP L 64 16.94 -10.50 33.97
CA ASP L 64 17.01 -11.95 33.94
C ASP L 64 18.24 -12.42 34.73
N GLY L 65 19.15 -13.12 34.06
CA GLY L 65 20.37 -13.57 34.71
C GLY L 65 21.54 -12.65 34.45
N ARG L 66 21.40 -11.79 33.44
CA ARG L 66 22.46 -10.87 33.03
C ARG L 66 22.63 -9.75 34.06
N VAL L 67 23.84 -9.62 34.61
CA VAL L 67 24.16 -8.46 35.45
C VAL L 67 24.64 -7.29 34.60
N ILE L 68 23.87 -6.21 34.60
CA ILE L 68 24.10 -5.10 33.68
C ILE L 68 24.89 -3.93 34.27
N ASN L 69 25.33 -4.07 35.52
CA ASN L 69 26.03 -2.99 36.22
C ASN L 69 27.21 -2.40 35.45
N ASP L 70 28.09 -3.26 34.97
CA ASP L 70 29.25 -2.85 34.18
C ASP L 70 28.99 -2.94 32.67
N LEU L 71 27.76 -3.26 32.30
CA LEU L 71 27.39 -3.40 30.89
C LEU L 71 27.25 -2.04 30.20
N ALA L 72 26.94 -2.09 28.91
CA ALA L 72 26.74 -0.88 28.13
C ALA L 72 25.27 -0.76 27.73
N PRO L 73 24.75 0.49 27.72
CA PRO L 73 23.36 0.80 27.37
C PRO L 73 22.90 0.14 26.08
N LYS L 74 23.79 0.06 25.09
CA LYS L 74 23.49 -0.60 23.83
C LYS L 74 23.20 -2.08 24.03
N ASP L 75 23.97 -2.70 24.93
CA ASP L 75 23.90 -4.14 25.18
C ASP L 75 23.02 -4.51 26.37
N ARG L 76 22.37 -3.52 26.98
CA ARG L 76 21.55 -3.78 28.17
C ARG L 76 20.16 -4.29 27.80
N ASP L 77 19.87 -4.38 26.50
CA ASP L 77 18.58 -4.83 25.99
C ASP L 77 17.44 -3.95 26.51
N VAL L 78 17.70 -2.66 26.63
CA VAL L 78 16.68 -1.72 27.10
C VAL L 78 16.44 -0.60 26.08
N ALA L 79 15.29 0.06 26.20
CA ALA L 79 14.97 1.22 25.39
C ALA L 79 14.35 2.29 26.27
N MET L 80 14.64 3.56 25.97
CA MET L 80 14.18 4.65 26.81
C MET L 80 13.42 5.72 26.05
N VAL L 81 12.32 6.16 26.64
CA VAL L 81 11.54 7.28 26.14
C VAL L 81 11.76 8.44 27.10
N PHE L 82 12.46 9.46 26.64
CA PHE L 82 12.86 10.57 27.49
C PHE L 82 11.73 11.56 27.71
N GLN L 83 11.97 12.52 28.59
CA GLN L 83 10.95 13.51 28.91
C GLN L 83 10.85 14.55 27.79
N ASN L 84 11.96 15.08 27.32
CA ASN L 84 11.87 16.10 26.30
C ASN L 84 12.30 15.58 24.93
N TYR L 85 11.33 15.23 24.09
CA TYR L 85 11.52 15.15 22.64
C TYR L 85 12.88 14.60 22.22
N ALA L 86 13.06 13.29 22.38
CA ALA L 86 14.34 12.65 22.07
C ALA L 86 14.55 12.40 20.59
N LEU L 87 13.70 12.99 19.76
CA LEU L 87 13.79 12.80 18.32
C LEU L 87 14.60 13.93 17.68
N TYR L 88 15.41 13.58 16.69
CA TYR L 88 16.25 14.55 15.99
C TYR L 88 15.46 15.34 14.97
N PRO L 89 15.44 16.67 15.09
CA PRO L 89 14.55 17.54 14.32
C PRO L 89 14.90 17.63 12.83
N HIS L 90 16.11 17.24 12.46
CA HIS L 90 16.50 17.22 11.05
C HIS L 90 15.98 15.99 10.30
N LEU L 91 16.21 14.79 10.84
CA LEU L 91 15.78 13.56 10.17
C LEU L 91 14.26 13.48 10.06
N ASN L 92 13.78 12.79 9.03
CA ASN L 92 12.34 12.52 8.91
C ASN L 92 11.87 11.46 9.90
N VAL L 93 10.57 11.44 10.14
CA VAL L 93 9.96 10.48 11.08
C VAL L 93 10.35 9.03 10.82
N ARG L 94 10.29 8.61 9.56
CA ARG L 94 10.69 7.25 9.19
C ARG L 94 12.14 6.99 9.56
N ASP L 95 12.99 7.99 9.34
CA ASP L 95 14.41 7.86 9.64
C ASP L 95 14.71 7.93 11.13
N ASN L 96 13.89 8.70 11.86
CA ASN L 96 14.04 8.81 13.30
C ASN L 96 13.77 7.50 14.04
N ILE L 97 12.70 6.82 13.68
CA ILE L 97 12.35 5.54 14.28
C ILE L 97 13.42 4.51 13.97
N SER L 98 13.77 4.43 12.68
CA SER L 98 14.69 3.43 12.17
C SER L 98 16.15 3.74 12.50
N PHE L 99 16.39 4.89 13.11
CA PHE L 99 17.74 5.41 13.36
C PHE L 99 18.69 4.40 13.99
N GLY L 100 18.29 3.85 15.14
CA GLY L 100 19.16 2.91 15.83
C GLY L 100 19.53 1.69 15.01
N LEU L 101 18.60 1.23 14.18
CA LEU L 101 18.80 0.01 13.41
C LEU L 101 19.59 0.22 12.12
N ARG L 102 19.71 1.47 11.66
CA ARG L 102 20.44 1.70 10.41
C ARG L 102 21.92 1.97 10.69
N LEU L 103 22.27 2.07 11.98
CA LEU L 103 23.66 2.16 12.38
C LEU L 103 24.44 0.98 11.81
N LYS L 104 23.94 -0.22 12.11
CA LYS L 104 24.48 -1.45 11.55
C LYS L 104 23.62 -2.02 10.41
N ARG L 105 22.92 -3.10 10.73
CA ARG L 105 22.15 -3.91 9.77
C ARG L 105 21.31 -3.18 8.73
N THR L 106 21.59 -3.46 7.46
CA THR L 106 20.72 -3.11 6.34
C THR L 106 20.77 -4.26 5.33
N LYS L 107 19.73 -4.36 4.50
CA LYS L 107 19.62 -5.42 3.50
C LYS L 107 19.85 -6.82 4.09
N LYS L 108 18.80 -7.32 4.74
CA LYS L 108 18.62 -8.69 5.28
C LYS L 108 17.95 -8.47 6.62
N SER L 109 18.06 -7.23 7.09
CA SER L 109 17.34 -6.76 8.27
C SER L 109 15.94 -6.33 7.86
N VAL L 110 15.83 -5.88 6.61
CA VAL L 110 14.59 -5.47 5.98
C VAL L 110 14.00 -4.19 6.56
N ILE L 111 13.95 -4.11 7.89
CA ILE L 111 13.52 -2.89 8.60
C ILE L 111 12.06 -2.53 8.33
N ASP L 112 11.58 -2.87 7.13
CA ASP L 112 10.24 -2.51 6.69
C ASP L 112 9.17 -3.23 7.49
N ALA L 113 9.43 -4.45 7.91
CA ALA L 113 8.43 -5.18 8.68
C ALA L 113 8.32 -4.54 10.05
N ALA L 114 9.47 -4.20 10.64
CA ALA L 114 9.48 -3.64 11.99
C ALA L 114 8.83 -2.25 12.04
N VAL L 115 9.16 -1.39 11.08
CA VAL L 115 8.58 -0.05 11.06
C VAL L 115 7.09 -0.12 10.77
N LYS L 116 6.69 -1.11 9.97
CA LYS L 116 5.29 -1.32 9.63
C LYS L 116 4.48 -1.53 10.91
N THR L 117 4.99 -2.41 11.76
CA THR L 117 4.36 -2.68 13.04
C THR L 117 4.24 -1.38 13.80
N ALA L 118 5.37 -0.77 14.15
CA ALA L 118 5.37 0.42 14.97
C ALA L 118 4.50 1.51 14.34
N ALA L 119 4.50 1.59 13.01
CA ALA L 119 3.68 2.58 12.33
C ALA L 119 2.22 2.25 12.59
N ASP L 120 1.91 0.96 12.51
CA ASP L 120 0.56 0.46 12.71
C ASP L 120 0.12 0.66 14.17
N ILE L 121 1.08 0.51 15.08
CA ILE L 121 0.81 0.65 16.50
C ILE L 121 0.36 2.05 16.90
N LEU L 122 1.15 3.07 16.60
CA LEU L 122 0.74 4.42 16.98
C LEU L 122 -0.12 5.04 15.88
N GLY L 123 -0.32 4.31 14.80
CA GLY L 123 -1.16 4.74 13.69
C GLY L 123 -0.59 5.86 12.82
N LEU L 124 0.72 5.83 12.57
CA LEU L 124 1.34 6.91 11.79
C LEU L 124 1.51 6.61 10.30
N GLN L 125 0.44 6.17 9.64
CA GLN L 125 0.54 5.95 8.20
C GLN L 125 0.82 7.26 7.44
N PRO L 126 0.03 8.33 7.69
CA PRO L 126 0.30 9.55 6.93
C PRO L 126 1.58 10.29 7.34
N LEU L 127 2.09 9.98 8.53
CA LEU L 127 3.26 10.68 9.10
C LEU L 127 4.65 10.10 8.83
N LEU L 128 4.75 9.01 8.07
CA LEU L 128 6.04 8.33 7.87
C LEU L 128 7.16 9.25 7.40
N GLU L 129 6.87 10.05 6.38
CA GLU L 129 7.82 10.95 5.72
C GLU L 129 7.81 12.37 6.28
N ARG L 130 7.06 12.59 7.34
CA ARG L 130 7.00 13.90 7.95
C ARG L 130 8.28 14.23 8.76
N LYS L 131 8.32 15.42 9.36
CA LYS L 131 9.48 15.88 10.13
C LYS L 131 9.05 16.46 11.47
N PRO L 132 9.87 16.29 12.51
CA PRO L 132 9.53 16.72 13.87
C PRO L 132 9.18 18.21 13.93
N SER L 133 9.70 18.97 12.97
CA SER L 133 9.47 20.41 12.87
C SER L 133 8.00 20.76 12.63
N ASP L 134 7.29 19.91 11.89
CA ASP L 134 5.85 20.06 11.71
C ASP L 134 5.02 18.95 12.35
N LEU L 135 5.23 18.70 13.63
CA LEU L 135 4.46 17.69 14.35
C LEU L 135 4.00 18.23 15.70
N SER L 136 2.92 17.65 16.21
CA SER L 136 2.39 18.00 17.52
C SER L 136 3.25 17.35 18.59
N GLY L 137 3.28 17.95 19.78
CA GLY L 137 4.05 17.41 20.89
C GLY L 137 3.64 15.99 21.21
N GLY L 138 2.35 15.70 21.09
CA GLY L 138 1.88 14.35 21.31
C GLY L 138 2.35 13.44 20.19
N GLN L 139 2.28 13.92 18.96
CA GLN L 139 2.74 13.15 17.81
C GLN L 139 4.24 12.93 17.89
N ARG L 140 4.94 13.96 18.34
CA ARG L 140 6.39 13.90 18.57
C ARG L 140 6.69 12.83 19.61
N GLN L 141 5.85 12.75 20.64
CA GLN L 141 6.09 11.80 21.72
C GLN L 141 5.64 10.41 21.27
N ARG L 142 4.69 10.37 20.35
CA ARG L 142 4.23 9.11 19.79
C ARG L 142 5.31 8.42 18.96
N VAL L 143 5.91 9.19 18.04
CA VAL L 143 6.96 8.65 17.19
C VAL L 143 8.20 8.33 18.02
N ALA L 144 8.38 9.08 19.10
CA ALA L 144 9.46 8.81 20.04
C ALA L 144 9.27 7.44 20.67
N MET L 145 8.02 7.08 20.93
CA MET L 145 7.72 5.76 21.46
C MET L 145 8.03 4.71 20.39
N GLY L 146 7.72 5.05 19.14
CA GLY L 146 7.99 4.18 18.01
C GLY L 146 9.45 3.79 17.92
N ARG L 147 10.30 4.77 18.25
CA ARG L 147 11.74 4.56 18.33
C ARG L 147 12.10 3.45 19.29
N ALA L 148 11.41 3.42 20.43
CA ALA L 148 11.68 2.45 21.48
C ALA L 148 11.19 1.06 21.09
N ILE L 149 9.94 0.98 20.64
CA ILE L 149 9.30 -0.31 20.37
C ILE L 149 9.83 -0.99 19.12
N VAL L 150 10.56 -0.25 18.29
CA VAL L 150 11.16 -0.81 17.08
C VAL L 150 12.46 -1.53 17.43
N ARG L 151 12.98 -1.24 18.61
CA ARG L 151 14.20 -1.86 19.11
C ARG L 151 13.91 -3.26 19.65
N ASP L 152 12.66 -3.48 20.06
CA ASP L 152 12.22 -4.73 20.67
C ASP L 152 13.11 -5.13 21.85
N PRO L 153 13.04 -4.36 22.95
CA PRO L 153 13.89 -4.61 24.13
C PRO L 153 13.23 -5.55 25.13
N LYS L 154 13.96 -5.88 26.18
CA LYS L 154 13.42 -6.66 27.28
C LYS L 154 12.65 -5.77 28.26
N VAL L 155 13.09 -4.51 28.36
CA VAL L 155 12.49 -3.55 29.29
C VAL L 155 12.22 -2.19 28.64
N PHE L 156 11.06 -1.61 28.93
CA PHE L 156 10.74 -0.25 28.49
C PHE L 156 11.01 0.74 29.62
N LEU L 157 11.65 1.86 29.28
CA LEU L 157 11.96 2.87 30.27
C LEU L 157 11.29 4.20 29.94
N PHE L 158 10.51 4.72 30.88
CA PHE L 158 9.80 5.97 30.70
C PHE L 158 10.16 7.01 31.77
N ASP L 159 10.74 8.14 31.36
CA ASP L 159 11.01 9.21 32.31
C ASP L 159 10.07 10.37 32.04
N GLN L 160 9.08 10.54 32.92
CA GLN L 160 8.08 11.60 32.84
C GLN L 160 7.66 11.94 31.40
N PRO L 161 7.17 10.95 30.65
CA PRO L 161 6.95 11.15 29.21
C PRO L 161 5.87 12.18 28.90
N LEU L 162 4.81 12.22 29.70
CA LEU L 162 3.69 13.11 29.39
C LEU L 162 3.77 14.44 30.13
N SER L 163 4.87 14.62 30.89
CA SER L 163 5.02 15.82 31.72
C SER L 163 4.94 17.13 30.95
N ASN L 164 5.54 17.18 29.77
CA ASN L 164 5.57 18.41 28.99
C ASN L 164 4.34 18.57 28.12
N LEU L 165 3.51 17.53 28.10
CA LEU L 165 2.27 17.56 27.34
C LEU L 165 1.18 18.30 28.10
N ASP L 166 0.20 18.84 27.38
CA ASP L 166 -0.94 19.50 27.99
C ASP L 166 -1.91 18.50 28.62
N ALA L 167 -2.75 18.98 29.53
CA ALA L 167 -3.64 18.14 30.31
C ALA L 167 -4.56 17.29 29.43
N LYS L 168 -5.15 17.93 28.42
CA LYS L 168 -6.06 17.27 27.48
C LYS L 168 -5.37 16.08 26.82
N LEU L 169 -4.09 16.28 26.51
CA LEU L 169 -3.27 15.26 25.86
C LEU L 169 -2.88 14.15 26.84
N ARG L 170 -2.63 14.52 28.10
CA ARG L 170 -2.20 13.55 29.11
C ARG L 170 -3.23 12.44 29.25
N THR L 171 -4.50 12.83 29.33
CA THR L 171 -5.55 11.83 29.50
C THR L 171 -5.64 10.91 28.25
N GLN L 172 -5.28 11.40 27.06
CA GLN L 172 -5.31 10.56 25.86
C GLN L 172 -4.13 9.60 25.80
N MET L 173 -2.93 10.13 26.02
CA MET L 173 -1.74 9.29 25.98
C MET L 173 -1.79 8.24 27.09
N ARG L 174 -2.32 8.62 28.25
CA ARG L 174 -2.42 7.69 29.37
C ARG L 174 -3.27 6.47 29.03
N ALA L 175 -4.37 6.68 28.31
CA ALA L 175 -5.19 5.55 27.88
C ALA L 175 -4.43 4.70 26.88
N GLU L 176 -3.78 5.38 25.93
CA GLU L 176 -3.02 4.72 24.88
C GLU L 176 -1.87 3.88 25.42
N ILE L 177 -1.25 4.33 26.50
CA ILE L 177 -0.13 3.60 27.10
C ILE L 177 -0.60 2.31 27.76
N LYS L 178 -1.66 2.40 28.56
CA LYS L 178 -2.22 1.22 29.22
C LYS L 178 -2.69 0.24 28.17
N ARG L 179 -3.38 0.78 27.15
CA ARG L 179 -3.87 -0.01 26.04
C ARG L 179 -2.71 -0.69 25.31
N LEU L 180 -1.59 0.03 25.18
CA LEU L 180 -0.44 -0.50 24.46
C LEU L 180 0.13 -1.71 25.19
N HIS L 181 0.19 -1.62 26.52
CA HIS L 181 0.78 -2.69 27.32
C HIS L 181 -0.07 -3.96 27.25
N GLN L 182 -1.37 -3.79 27.03
CA GLN L 182 -2.24 -4.93 26.86
C GLN L 182 -1.93 -5.61 25.53
N ARG L 183 -1.64 -4.78 24.52
CA ARG L 183 -1.34 -5.28 23.18
C ARG L 183 0.02 -5.98 23.13
N LEU L 184 1.05 -5.29 23.60
CA LEU L 184 2.41 -5.81 23.60
C LEU L 184 2.72 -6.71 24.80
N GLY L 185 2.85 -6.10 25.99
CA GLY L 185 3.06 -6.86 27.20
C GLY L 185 4.48 -6.92 27.73
N THR L 186 5.39 -6.17 27.10
CA THR L 186 6.79 -6.15 27.51
C THR L 186 6.90 -5.53 28.92
N THR L 187 7.88 -5.97 29.69
CA THR L 187 8.13 -5.40 31.01
C THR L 187 8.44 -3.91 30.92
N VAL L 188 7.85 -3.12 31.80
CA VAL L 188 8.00 -1.66 31.74
C VAL L 188 8.09 -1.03 33.13
N ILE L 189 9.05 -0.14 33.31
CA ILE L 189 9.19 0.68 34.51
C ILE L 189 8.91 2.14 34.16
N TYR L 190 8.07 2.80 34.96
CA TYR L 190 7.49 4.09 34.60
C TYR L 190 7.70 5.15 35.69
N VAL L 191 8.15 6.34 35.29
CA VAL L 191 8.46 7.40 36.23
C VAL L 191 7.55 8.63 36.08
N THR L 192 6.95 9.07 37.19
CA THR L 192 6.04 10.21 37.19
C THR L 192 6.12 11.04 38.45
N HIS L 193 5.87 12.34 38.33
CA HIS L 193 5.67 13.19 39.51
C HIS L 193 4.18 13.34 39.74
N ASP L 194 3.39 12.74 38.86
CA ASP L 194 1.94 12.85 38.91
C ASP L 194 1.29 11.60 39.47
N GLN L 195 0.58 11.77 40.59
CA GLN L 195 -0.10 10.66 41.27
C GLN L 195 -1.09 9.95 40.36
N VAL L 196 -1.77 10.71 39.53
CA VAL L 196 -2.82 10.19 38.65
C VAL L 196 -2.32 9.09 37.73
N GLU L 197 -1.22 9.36 37.02
CA GLU L 197 -0.67 8.41 36.06
C GLU L 197 -0.22 7.12 36.75
N ALA L 198 0.20 7.25 38.01
CA ALA L 198 0.64 6.11 38.80
C ALA L 198 -0.54 5.16 39.08
N MET L 199 -1.61 5.71 39.63
CA MET L 199 -2.78 4.92 40.02
C MET L 199 -3.42 4.21 38.83
N THR L 200 -3.43 4.87 37.67
CA THR L 200 -4.08 4.32 36.48
C THR L 200 -3.28 3.19 35.83
N LEU L 201 -2.06 3.51 35.43
CA LEU L 201 -1.28 2.61 34.59
C LEU L 201 -0.68 1.41 35.33
N ALA L 202 -0.26 1.62 36.57
CA ALA L 202 0.60 0.67 37.25
C ALA L 202 -0.12 -0.59 37.73
N ASP L 203 0.55 -1.73 37.58
CA ASP L 203 0.17 -2.96 38.25
C ASP L 203 0.58 -2.82 39.72
N ARG L 204 1.84 -2.41 39.91
CA ARG L 204 2.35 -2.09 41.23
C ARG L 204 2.88 -0.66 41.26
N ILE L 205 2.66 0.03 42.38
CA ILE L 205 3.19 1.37 42.57
C ILE L 205 4.25 1.40 43.67
N VAL L 206 5.39 2.03 43.38
CA VAL L 206 6.41 2.25 44.39
C VAL L 206 6.67 3.74 44.54
N VAL L 207 6.44 4.26 45.73
CA VAL L 207 6.58 5.68 46.00
C VAL L 207 7.91 5.97 46.70
N MET L 208 8.61 7.00 46.21
CA MET L 208 9.93 7.33 46.73
C MET L 208 10.02 8.80 47.15
N ARG L 209 10.20 9.05 48.44
CA ARG L 209 10.56 10.40 48.89
C ARG L 209 12.05 10.53 49.21
N ASP L 210 12.63 11.68 48.84
CA ASP L 210 14.03 12.05 49.10
C ASP L 210 15.05 10.91 49.11
N GLY L 211 15.19 10.22 47.99
CA GLY L 211 16.14 9.12 47.90
C GLY L 211 15.74 7.77 48.48
N LEU L 212 14.83 7.75 49.44
CA LEU L 212 14.44 6.49 50.07
C LEU L 212 13.25 5.92 49.32
N ILE L 213 12.78 4.74 49.74
CA ILE L 213 11.62 4.14 49.09
C ILE L 213 10.51 4.00 50.12
N GLU L 214 9.40 4.69 49.89
CA GLU L 214 8.38 4.85 50.91
C GLU L 214 7.46 3.64 51.08
N GLN L 215 7.06 3.03 49.96
CA GLN L 215 6.14 1.89 50.00
C GLN L 215 6.00 1.23 48.62
N ILE L 216 5.56 -0.02 48.61
CA ILE L 216 5.29 -0.76 47.38
C ILE L 216 3.96 -1.48 47.51
N GLY L 217 3.20 -1.58 46.42
CA GLY L 217 1.97 -2.34 46.43
C GLY L 217 1.04 -1.98 45.28
N LYS L 218 -0.04 -2.75 45.16
CA LYS L 218 -1.07 -2.47 44.15
C LYS L 218 -1.67 -1.09 44.41
N PRO L 219 -2.25 -0.46 43.37
CA PRO L 219 -2.82 0.88 43.51
C PRO L 219 -3.79 1.03 44.69
N MET L 220 -4.67 0.05 44.89
CA MET L 220 -5.66 0.14 45.96
C MET L 220 -5.06 -0.11 47.34
N ASP L 221 -3.91 -0.75 47.42
CA ASP L 221 -3.25 -0.97 48.71
C ASP L 221 -2.73 0.35 49.26
N LEU L 222 -2.09 1.13 48.40
CA LEU L 222 -1.54 2.41 48.81
C LEU L 222 -2.68 3.38 49.12
N PHE L 223 -3.80 3.20 48.41
CA PHE L 223 -4.95 4.09 48.57
C PHE L 223 -5.72 3.75 49.84
N LEU L 224 -5.96 2.46 50.06
CA LEU L 224 -6.74 2.00 51.20
C LEU L 224 -5.89 2.03 52.46
N HIS L 225 -4.62 1.61 52.35
CA HIS L 225 -3.78 1.48 53.52
C HIS L 225 -2.39 2.10 53.29
N PRO L 226 -2.31 3.44 53.39
CA PRO L 226 -1.03 4.15 53.25
C PRO L 226 -0.09 3.83 54.41
N ALA L 227 1.20 3.74 54.15
CA ALA L 227 2.17 3.41 55.19
C ALA L 227 2.35 4.56 56.19
N ASN L 228 2.33 5.79 55.68
CA ASN L 228 2.51 6.97 56.52
C ASN L 228 1.62 8.14 56.09
N THR L 229 1.83 9.31 56.69
CA THR L 229 1.00 10.47 56.41
C THR L 229 1.37 11.03 55.05
N PHE L 230 2.57 10.72 54.58
CA PHE L 230 3.02 11.20 53.28
C PHE L 230 2.33 10.44 52.17
N VAL L 231 2.37 9.11 52.25
CA VAL L 231 1.71 8.27 51.25
C VAL L 231 0.23 8.63 51.25
N ALA L 232 -0.29 8.97 52.42
CA ALA L 232 -1.69 9.33 52.59
C ALA L 232 -2.02 10.64 51.89
N SER L 233 -1.13 11.63 52.03
CA SER L 233 -1.34 12.95 51.47
C SER L 233 -1.07 13.01 49.96
N PHE L 234 -0.25 12.09 49.47
CA PHE L 234 0.16 12.13 48.07
C PHE L 234 -0.92 11.63 47.12
N ILE L 235 -1.32 10.37 47.29
CA ILE L 235 -2.29 9.74 46.39
C ILE L 235 -3.73 10.12 46.72
N GLY L 236 -4.60 10.00 45.71
CA GLY L 236 -5.99 10.38 45.83
C GLY L 236 -6.25 11.69 45.13
N SER L 237 -7.45 11.87 44.60
CA SER L 237 -7.73 13.02 43.75
C SER L 237 -7.70 14.33 44.56
N PRO L 238 -8.45 14.42 45.67
CA PRO L 238 -8.03 15.51 46.56
C PRO L 238 -7.04 14.99 47.59
N PRO L 239 -6.45 15.87 48.42
CA PRO L 239 -5.61 15.27 49.47
C PRO L 239 -6.50 14.73 50.57
N MET L 240 -6.11 13.63 51.21
CA MET L 240 -6.83 13.18 52.40
C MET L 240 -6.70 14.13 53.59
N ASN L 241 -7.78 14.27 54.35
CA ASN L 241 -7.88 15.26 55.43
C ASN L 241 -6.94 14.92 56.59
N LEU L 242 -5.74 15.49 56.61
CA LEU L 242 -4.81 15.27 57.72
C LEU L 242 -4.80 16.27 58.87
N MET L 243 -5.74 16.16 59.81
CA MET L 243 -5.69 17.05 60.96
C MET L 243 -5.38 16.29 62.26
N PRO L 244 -4.73 16.97 63.22
CA PRO L 244 -4.31 16.41 64.52
C PRO L 244 -5.44 16.08 65.48
N ALA L 245 -5.24 15.04 66.31
CA ALA L 245 -6.28 14.61 67.23
C ALA L 245 -5.66 13.93 68.45
N ARG L 246 -6.53 13.40 69.33
CA ARG L 246 -6.07 12.75 70.56
C ARG L 246 -7.00 11.60 70.94
N ILE L 247 -6.81 11.06 72.14
CA ILE L 247 -7.51 9.84 72.55
C ILE L 247 -8.29 10.06 73.85
N ALA L 248 -7.56 10.43 74.91
CA ALA L 248 -8.16 10.79 76.20
C ALA L 248 -8.87 9.64 76.89
N VAL L 249 -10.16 9.84 77.16
CA VAL L 249 -10.95 9.01 78.09
C VAL L 249 -10.75 7.50 77.89
N ASP L 250 -11.09 7.00 76.71
CA ASP L 250 -10.81 5.60 76.38
C ASP L 250 -10.10 5.51 75.05
N SER L 251 -9.67 4.30 74.69
CA SER L 251 -8.72 4.13 73.59
C SER L 251 -9.43 3.65 72.32
N THR L 252 -9.79 2.37 72.29
CA THR L 252 -10.28 1.72 71.08
C THR L 252 -11.66 2.20 70.68
N GLN L 253 -12.27 3.04 71.51
CA GLN L 253 -13.63 3.50 71.27
C GLN L 253 -13.69 4.90 70.66
N HIS L 254 -13.20 5.90 71.39
CA HIS L 254 -13.39 7.29 70.99
C HIS L 254 -12.10 8.00 70.60
N VAL L 255 -12.19 8.87 69.60
CA VAL L 255 -11.07 9.72 69.23
C VAL L 255 -11.59 11.15 69.07
N GLU L 256 -10.94 12.10 69.74
CA GLU L 256 -11.42 13.48 69.73
C GLU L 256 -10.39 14.42 69.11
N LEU L 257 -10.88 15.38 68.33
CA LEU L 257 -10.01 16.39 67.72
C LEU L 257 -10.33 17.82 68.19
N ASN L 258 -9.56 18.78 67.68
CA ASN L 258 -9.55 20.16 68.16
C ASN L 258 -10.90 20.89 68.10
N GLY L 259 -11.82 20.40 67.27
CA GLY L 259 -13.10 21.08 67.09
C GLY L 259 -14.16 20.84 68.15
N GLY L 260 -13.73 20.43 69.34
CA GLY L 260 -14.64 20.14 70.43
C GLY L 260 -15.63 19.10 69.93
N ASN L 261 -15.08 18.15 69.17
CA ASN L 261 -15.83 17.13 68.47
C ASN L 261 -15.27 15.77 68.84
N ARG L 262 -16.10 14.74 68.79
CA ARG L 262 -15.64 13.43 69.20
C ARG L 262 -16.20 12.37 68.27
N ILE L 263 -15.34 11.42 67.90
CA ILE L 263 -15.67 10.38 66.94
C ILE L 263 -15.50 9.00 67.55
N SER L 264 -16.54 8.19 67.49
CA SER L 264 -16.44 6.82 67.93
C SER L 264 -15.65 6.06 66.87
N LEU L 265 -14.80 5.13 67.32
CA LEU L 265 -13.89 4.45 66.43
C LEU L 265 -14.26 2.98 66.30
N LEU L 266 -14.13 2.44 65.09
CA LEU L 266 -14.30 1.01 64.91
C LEU L 266 -13.09 0.32 65.53
N PRO L 267 -13.32 -0.84 66.15
CA PRO L 267 -12.37 -1.54 67.02
C PRO L 267 -11.06 -1.89 66.33
N ARG L 268 -11.13 -2.51 65.15
CA ARG L 268 -9.96 -3.01 64.42
C ARG L 268 -8.90 -3.79 65.22
N ALA L 269 -8.63 -5.03 64.83
CA ALA L 269 -7.78 -5.87 65.66
C ALA L 269 -6.34 -5.60 65.25
N GLY L 270 -5.38 -5.74 66.16
CA GLY L 270 -4.01 -5.43 65.80
C GLY L 270 -3.72 -3.94 65.95
N THR L 271 -4.69 -3.22 66.51
CA THR L 271 -4.58 -1.77 66.72
C THR L 271 -3.61 -1.30 67.81
N HIS L 272 -3.76 -1.79 69.03
CA HIS L 272 -2.93 -1.36 70.16
C HIS L 272 -2.77 0.16 70.20
N LEU L 273 -3.86 0.89 70.45
CA LEU L 273 -3.69 2.34 70.62
C LEU L 273 -3.58 2.74 72.09
N ALA L 274 -2.80 3.80 72.35
CA ALA L 274 -2.56 4.22 73.72
C ALA L 274 -3.56 5.29 74.16
N PRO L 275 -3.99 5.27 75.43
CA PRO L 275 -4.91 6.34 75.80
C PRO L 275 -4.15 7.67 75.84
N GLY L 276 -4.68 8.76 75.30
CA GLY L 276 -3.95 10.02 75.37
C GLY L 276 -2.94 10.25 74.26
N GLN L 277 -2.73 9.24 73.42
CA GLN L 277 -1.71 9.30 72.38
C GLN L 277 -1.90 10.40 71.35
N GLU L 278 -0.85 11.19 71.15
CA GLU L 278 -0.84 12.22 70.13
C GLU L 278 -0.99 11.56 68.77
N VAL L 279 -1.93 12.07 67.97
CA VAL L 279 -2.29 11.40 66.73
C VAL L 279 -2.83 12.39 65.70
N VAL L 280 -2.76 12.01 64.42
CA VAL L 280 -3.39 12.79 63.37
C VAL L 280 -4.48 11.94 62.71
N PHE L 281 -5.65 12.54 62.55
CA PHE L 281 -6.81 11.79 62.07
C PHE L 281 -7.06 12.05 60.59
N GLY L 282 -6.79 11.04 59.77
CA GLY L 282 -7.05 11.14 58.36
C GLY L 282 -8.44 10.69 57.94
N ILE L 283 -8.99 11.39 56.96
CA ILE L 283 -10.24 10.97 56.31
C ILE L 283 -10.27 11.53 54.89
N ARG L 284 -10.84 10.78 53.95
CA ARG L 284 -10.91 11.24 52.58
C ARG L 284 -12.20 12.02 52.31
N PRO L 285 -12.11 13.05 51.46
CA PRO L 285 -13.25 13.91 51.11
C PRO L 285 -14.45 13.14 50.59
N GLU L 286 -14.20 11.99 49.96
CA GLU L 286 -15.29 11.17 49.44
C GLU L 286 -15.91 10.37 50.58
N ASP L 287 -15.14 10.20 51.66
CA ASP L 287 -15.58 9.41 52.79
C ASP L 287 -16.29 10.31 53.81
N VAL L 288 -16.41 11.59 53.47
CA VAL L 288 -17.15 12.56 54.26
C VAL L 288 -18.38 13.07 53.51
N THR L 289 -19.52 13.09 54.19
CA THR L 289 -20.76 13.56 53.60
C THR L 289 -21.34 14.72 54.40
N LEU L 290 -22.50 15.20 54.01
CA LEU L 290 -23.18 16.30 54.70
C LEU L 290 -24.06 15.74 55.80
N ASP L 291 -24.94 16.58 56.33
CA ASP L 291 -25.89 16.27 57.41
C ASP L 291 -26.20 14.78 57.61
N GLY L 292 -26.04 14.00 56.54
CA GLY L 292 -26.32 12.58 56.55
C GLY L 292 -27.67 12.27 55.94
N VAL L 293 -27.64 11.55 54.83
CA VAL L 293 -28.86 11.03 54.24
C VAL L 293 -29.32 9.97 55.21
N GLU L 294 -28.54 8.90 55.31
CA GLU L 294 -28.81 7.85 56.29
C GLU L 294 -28.04 8.22 57.56
N GLY L 295 -27.83 7.25 58.46
CA GLY L 295 -26.80 7.41 59.48
C GLY L 295 -27.00 6.47 60.66
N SER L 296 -26.72 6.92 61.89
CA SER L 296 -26.22 8.26 62.21
C SER L 296 -25.64 8.27 63.62
N GLU L 297 -26.19 9.15 64.46
CA GLU L 297 -25.83 9.29 65.88
C GLU L 297 -24.36 9.59 66.22
N ARG L 298 -23.60 8.57 66.58
CA ARG L 298 -22.22 8.79 66.99
C ARG L 298 -21.14 8.83 65.91
N ALA L 299 -21.55 8.79 64.65
CA ALA L 299 -20.60 8.83 63.54
C ALA L 299 -20.19 10.18 62.95
N GLN L 300 -20.41 11.31 63.64
CA GLN L 300 -20.15 12.58 62.92
C GLN L 300 -19.45 13.70 63.69
N ILE L 301 -19.31 14.81 62.97
CA ILE L 301 -18.55 15.99 63.40
C ILE L 301 -19.37 17.25 63.10
N LYS L 302 -19.10 18.34 63.83
CA LYS L 302 -19.81 19.59 63.58
C LYS L 302 -18.77 20.61 63.14
N ALA L 303 -19.15 21.44 62.17
CA ALA L 303 -18.27 22.44 61.57
C ALA L 303 -18.98 23.68 61.05
N THR L 304 -18.19 24.69 60.68
CA THR L 304 -18.72 25.89 60.05
C THR L 304 -18.04 26.03 58.68
N VAL L 305 -18.87 26.31 57.68
CA VAL L 305 -18.44 26.34 56.28
C VAL L 305 -17.58 27.54 55.89
N ASP L 306 -16.45 27.26 55.26
CA ASP L 306 -15.56 28.31 54.77
C ASP L 306 -15.97 28.74 53.37
N ILE L 307 -15.85 27.83 52.41
CA ILE L 307 -16.26 28.10 51.02
C ILE L 307 -16.73 26.79 50.35
N VAL L 308 -17.51 26.94 49.28
CA VAL L 308 -17.95 25.80 48.48
C VAL L 308 -17.63 26.05 47.01
N GLU L 309 -16.86 25.14 46.41
CA GLU L 309 -16.50 25.26 45.00
C GLU L 309 -17.22 24.24 44.13
N PRO L 310 -18.24 24.67 43.37
CA PRO L 310 -18.91 23.76 42.44
C PRO L 310 -17.98 23.42 41.28
N LEU L 311 -17.83 22.12 41.01
CA LEU L 311 -17.01 21.66 39.90
C LEU L 311 -17.92 21.09 38.82
N GLY L 312 -18.30 19.84 39.05
CA GLY L 312 -19.06 19.06 38.10
C GLY L 312 -20.43 18.86 38.70
N SER L 313 -21.01 17.69 38.43
CA SER L 313 -22.14 17.17 39.19
C SER L 313 -21.76 16.99 40.65
N GLU L 314 -20.47 17.12 40.94
CA GLU L 314 -19.97 17.11 42.29
C GLU L 314 -19.60 18.52 42.72
N SER L 315 -19.26 18.70 44.00
CA SER L 315 -18.84 20.00 44.50
C SER L 315 -17.82 19.88 45.62
N ILE L 316 -16.87 20.81 45.67
CA ILE L 316 -15.83 20.78 46.67
C ILE L 316 -16.19 21.68 47.85
N LEU L 317 -16.39 21.08 49.01
CA LEU L 317 -16.77 21.83 50.20
C LEU L 317 -15.58 22.03 51.14
N HIS L 318 -15.31 23.29 51.46
CA HIS L 318 -14.29 23.62 52.45
C HIS L 318 -15.01 23.96 53.74
N ALA L 319 -14.85 23.11 54.76
CA ALA L 319 -15.48 23.36 56.04
C ALA L 319 -14.44 23.54 57.14
N THR L 320 -14.73 24.46 58.05
CA THR L 320 -13.81 24.74 59.16
C THR L 320 -14.22 24.22 60.53
N VAL L 321 -13.37 23.35 61.08
CA VAL L 321 -13.50 22.86 62.44
C VAL L 321 -12.36 23.61 63.09
N GLY L 322 -12.08 23.37 64.37
CA GLY L 322 -10.99 24.01 65.13
C GLY L 322 -10.07 25.02 64.46
N ASP L 323 -8.79 24.99 64.81
CA ASP L 323 -7.83 25.86 64.15
C ASP L 323 -7.55 25.38 62.72
N HIS L 324 -8.03 24.17 62.41
CA HIS L 324 -7.79 23.56 61.09
C HIS L 324 -9.07 23.36 60.28
N SER L 325 -8.91 23.29 58.96
CA SER L 325 -10.04 23.08 58.05
C SER L 325 -9.93 21.75 57.32
N LEU L 326 -11.06 21.09 57.14
CA LEU L 326 -11.10 19.85 56.39
C LEU L 326 -11.92 20.00 55.11
N VAL L 327 -11.51 19.29 54.07
CA VAL L 327 -12.14 19.38 52.77
C VAL L 327 -12.96 18.13 52.48
N VAL L 328 -14.24 18.33 52.17
CA VAL L 328 -15.10 17.20 51.86
C VAL L 328 -15.66 17.36 50.46
N LYS L 329 -15.70 16.25 49.74
CA LYS L 329 -16.25 16.22 48.39
C LYS L 329 -17.70 15.77 48.47
N VAL L 330 -18.62 16.67 48.18
CA VAL L 330 -20.04 16.34 48.27
C VAL L 330 -20.65 16.12 46.91
N GLY L 331 -21.40 15.04 46.79
CA GLY L 331 -22.20 14.78 45.60
C GLY L 331 -23.45 15.59 45.36
N GLY L 332 -23.44 16.33 44.27
CA GLY L 332 -24.58 17.13 43.86
C GLY L 332 -24.36 18.50 43.26
N LEU L 333 -25.44 19.26 43.20
CA LEU L 333 -25.44 20.69 42.89
C LEU L 333 -26.31 21.51 43.82
N ASN L 334 -26.37 21.23 45.11
CA ASN L 334 -27.12 22.16 45.95
C ASN L 334 -26.47 23.43 46.50
N GLU L 335 -27.07 23.88 47.59
CA GLU L 335 -26.80 25.19 48.19
C GLU L 335 -26.08 25.14 49.54
N VAL L 336 -24.92 25.78 49.63
CA VAL L 336 -24.06 25.62 50.80
C VAL L 336 -23.58 27.03 51.14
N HIS L 337 -24.54 27.95 51.19
CA HIS L 337 -24.37 29.35 51.60
C HIS L 337 -23.36 29.64 52.72
N PRO L 338 -22.09 29.85 52.34
CA PRO L 338 -20.93 29.95 53.25
C PRO L 338 -21.15 30.85 54.46
N GLY L 339 -20.57 30.48 55.60
CA GLY L 339 -20.70 31.25 56.82
C GLY L 339 -21.59 30.68 57.91
N ASP L 340 -22.50 29.79 57.53
CA ASP L 340 -23.35 29.09 58.49
C ASP L 340 -22.73 27.78 58.96
N PRO L 341 -23.15 27.29 60.13
CA PRO L 341 -22.61 26.01 60.59
C PRO L 341 -23.17 24.86 59.77
N VAL L 342 -22.49 23.72 59.81
CA VAL L 342 -22.92 22.54 59.06
C VAL L 342 -22.45 21.27 59.77
N THR L 343 -23.20 20.19 59.58
CA THR L 343 -22.84 18.91 60.17
C THR L 343 -22.36 17.99 59.04
N LEU L 344 -21.20 17.39 59.26
CA LEU L 344 -20.62 16.45 58.30
C LEU L 344 -20.64 15.06 58.92
N HIS L 345 -20.83 14.05 58.07
CA HIS L 345 -20.87 12.67 58.54
C HIS L 345 -19.73 11.81 58.03
N VAL L 346 -18.86 11.37 58.93
CA VAL L 346 -17.69 10.61 58.54
C VAL L 346 -18.01 9.12 58.41
N ASP L 347 -17.48 8.49 57.37
CA ASP L 347 -17.54 7.04 57.22
C ASP L 347 -16.57 6.39 58.21
N LEU L 348 -17.07 5.48 59.04
CA LEU L 348 -16.25 4.95 60.14
C LEU L 348 -15.20 3.93 59.68
N THR L 349 -15.46 3.25 58.56
CA THR L 349 -14.57 2.19 58.13
C THR L 349 -13.32 2.72 57.44
N ARG L 350 -13.43 3.89 56.82
CA ARG L 350 -12.34 4.41 56.00
C ARG L 350 -11.44 5.40 56.74
N VAL L 351 -11.67 5.60 58.03
CA VAL L 351 -10.84 6.50 58.82
C VAL L 351 -9.42 5.93 58.96
N HIS L 352 -8.45 6.84 59.08
CA HIS L 352 -7.06 6.45 59.25
C HIS L 352 -6.38 7.28 60.34
N LEU L 353 -5.55 6.62 61.15
CA LEU L 353 -4.85 7.29 62.25
C LEU L 353 -3.35 7.07 62.12
N PHE L 354 -2.59 8.14 62.38
CA PHE L 354 -1.14 8.06 62.34
C PHE L 354 -0.54 8.73 63.57
N ASP L 355 0.45 8.09 64.17
CA ASP L 355 1.15 8.66 65.32
C ASP L 355 1.86 9.94 64.93
N ALA L 356 2.04 10.84 65.89
CA ALA L 356 2.65 12.13 65.61
C ALA L 356 4.16 12.03 65.46
N GLN L 357 4.79 11.17 66.24
CA GLN L 357 6.23 10.99 66.15
C GLN L 357 6.56 9.99 65.04
N SER L 358 6.27 8.72 65.31
CA SER L 358 6.32 7.66 64.31
C SER L 358 5.22 7.87 63.26
N GLN L 359 5.43 8.83 62.37
CA GLN L 359 4.51 9.19 61.29
C GLN L 359 3.78 8.07 60.52
N ALA L 360 3.78 6.83 61.04
CA ALA L 360 3.23 5.71 60.28
C ALA L 360 1.83 5.25 60.71
N SER L 361 1.30 4.30 59.95
CA SER L 361 -0.13 3.97 59.95
C SER L 361 -0.55 3.14 61.17
N ILE L 362 -0.86 3.80 62.28
CA ILE L 362 -1.35 3.09 63.46
C ILE L 362 -2.64 2.31 63.20
N TYR L 363 -3.73 3.03 62.92
CA TYR L 363 -5.03 2.39 62.63
C TYR L 363 -5.00 1.59 61.34
N GLU M 2 -51.13 44.56 37.44
CA GLU M 2 -50.07 43.86 36.73
C GLU M 2 -50.07 44.19 35.25
N ARG M 3 -50.05 43.17 34.40
CA ARG M 3 -50.31 43.35 32.98
C ARG M 3 -51.70 43.94 32.76
N LEU M 4 -52.70 43.27 33.30
CA LEU M 4 -54.12 43.60 33.09
C LEU M 4 -54.39 45.09 33.26
N TRP M 5 -54.20 45.58 34.48
CA TRP M 5 -54.44 46.98 34.84
C TRP M 5 -53.78 47.95 33.85
N LYS M 6 -52.60 47.58 33.37
CA LYS M 6 -51.87 48.38 32.39
C LYS M 6 -52.63 48.57 31.06
N ASP M 7 -53.13 47.47 30.50
CA ASP M 7 -53.91 47.55 29.27
C ASP M 7 -55.24 48.26 29.48
N ILE M 8 -55.91 47.94 30.59
CA ILE M 8 -57.25 48.45 30.87
C ILE M 8 -57.30 49.98 30.80
N LYS M 9 -56.19 50.63 31.14
CA LYS M 9 -56.07 52.09 30.96
C LYS M 9 -55.86 52.45 29.50
N ARG M 10 -55.06 51.66 28.79
CA ARG M 10 -54.77 51.91 27.39
C ARG M 10 -56.04 51.76 26.55
N ASP M 11 -56.73 50.65 26.78
CA ASP M 11 -57.91 50.27 26.00
C ASP M 11 -59.23 50.72 26.60
N TRP M 12 -59.18 51.54 27.65
CA TRP M 12 -60.37 51.92 28.43
C TRP M 12 -61.57 52.34 27.57
N LEU M 13 -61.29 53.14 26.55
CA LEU M 13 -62.32 53.68 25.66
C LEU M 13 -62.83 52.55 24.77
N LEU M 14 -61.92 51.69 24.35
CA LEU M 14 -62.25 50.51 23.58
C LEU M 14 -62.94 49.49 24.48
N TYR M 15 -62.51 49.42 25.74
CA TYR M 15 -63.11 48.51 26.71
C TYR M 15 -64.52 48.96 27.05
N ALA M 16 -64.79 50.25 26.87
CA ALA M 16 -66.11 50.82 27.10
C ALA M 16 -67.16 50.26 26.15
N MET M 17 -66.83 50.26 24.86
CA MET M 17 -67.74 49.82 23.80
C MET M 17 -68.29 48.41 24.01
N LEU M 18 -67.46 47.53 24.54
CA LEU M 18 -67.82 46.13 24.74
C LEU M 18 -68.92 45.98 25.78
N LEU M 19 -68.94 46.89 26.73
CA LEU M 19 -69.83 46.76 27.89
C LEU M 19 -71.34 46.81 27.58
N PRO M 20 -71.83 47.83 26.86
CA PRO M 20 -73.29 47.83 26.60
C PRO M 20 -73.75 46.57 25.87
N THR M 21 -72.95 46.12 24.91
CA THR M 21 -73.21 44.87 24.22
C THR M 21 -73.22 43.68 25.16
N ILE M 22 -72.30 43.67 26.13
CA ILE M 22 -72.25 42.64 27.14
C ILE M 22 -73.41 42.81 28.12
N ILE M 23 -73.74 44.07 28.41
CA ILE M 23 -74.90 44.38 29.25
C ILE M 23 -76.16 43.83 28.60
N TRP M 24 -76.32 44.12 27.31
CA TRP M 24 -77.51 43.70 26.55
C TRP M 24 -77.72 42.19 26.60
N PHE M 25 -76.70 41.44 26.20
CA PHE M 25 -76.77 39.98 26.18
C PHE M 25 -77.08 39.38 27.54
N LEU M 26 -76.53 39.99 28.59
CA LEU M 26 -76.83 39.56 29.94
C LEU M 26 -78.32 39.75 30.24
N ILE M 27 -78.83 40.94 29.93
CA ILE M 27 -80.22 41.30 30.26
C ILE M 27 -81.28 40.58 29.43
N PHE M 28 -81.16 40.64 28.11
CA PHE M 28 -82.23 40.12 27.24
C PHE M 28 -82.06 38.65 26.84
N LEU M 29 -80.89 38.08 27.10
CA LEU M 29 -80.64 36.69 26.72
C LEU M 29 -80.35 35.83 27.94
N TYR M 30 -79.28 36.14 28.67
CA TYR M 30 -78.85 35.32 29.81
C TYR M 30 -79.71 35.51 31.06
N LYS M 31 -80.23 36.71 31.26
CA LYS M 31 -81.14 36.95 32.38
C LYS M 31 -82.44 36.14 32.24
N PRO M 32 -83.02 36.06 31.02
CA PRO M 32 -84.15 35.14 30.90
C PRO M 32 -83.79 33.68 31.14
N MET M 33 -82.51 33.34 31.01
CA MET M 33 -82.06 31.96 31.23
C MET M 33 -82.23 31.60 32.69
N ILE M 34 -82.24 32.61 33.56
CA ILE M 34 -82.52 32.39 34.97
C ILE M 34 -83.95 31.87 35.10
N GLY M 35 -84.85 32.36 34.26
CA GLY M 35 -86.24 31.96 34.33
C GLY M 35 -86.47 30.52 33.90
N LEU M 36 -85.39 29.83 33.54
CA LEU M 36 -85.42 28.41 33.18
C LEU M 36 -85.82 27.54 34.35
N GLN M 37 -85.75 28.12 35.55
CA GLN M 37 -86.16 27.42 36.76
C GLN M 37 -87.67 27.24 36.76
N MET M 38 -88.33 27.74 35.73
CA MET M 38 -89.78 27.62 35.58
C MET M 38 -90.21 26.16 35.48
N ALA M 39 -89.25 25.24 35.48
CA ALA M 39 -89.55 23.82 35.51
C ALA M 39 -90.41 23.49 36.74
N PHE M 40 -90.53 24.43 37.65
CA PHE M 40 -91.48 24.34 38.76
C PHE M 40 -92.46 25.49 38.58
N LYS M 41 -93.66 25.17 38.09
CA LYS M 41 -94.90 25.91 38.37
C LYS M 41 -95.10 26.44 39.78
N GLN M 42 -95.78 27.60 39.81
CA GLN M 42 -96.35 28.46 40.87
C GLN M 42 -97.09 29.63 40.21
N PRO M 53 -91.68 26.87 47.27
CA PRO M 53 -92.59 26.65 46.13
C PRO M 53 -91.82 26.16 44.90
N TRP M 54 -91.13 25.05 45.07
CA TRP M 54 -90.45 24.34 43.98
C TRP M 54 -90.76 22.83 43.88
N ILE M 55 -91.53 22.44 42.86
CA ILE M 55 -91.24 21.32 41.94
C ILE M 55 -92.53 20.86 41.26
N GLY M 56 -92.48 20.35 40.01
CA GLY M 56 -91.29 20.27 39.16
C GLY M 56 -90.81 18.87 38.79
N PHE M 57 -90.18 18.77 37.62
CA PHE M 57 -89.73 17.49 37.04
C PHE M 57 -90.87 16.49 36.79
N ASP M 58 -92.07 16.82 37.27
CA ASP M 58 -93.24 15.97 37.14
C ASP M 58 -93.98 16.26 35.84
N HIS M 59 -94.39 17.52 35.65
CA HIS M 59 -95.03 17.94 34.40
C HIS M 59 -94.21 17.50 33.18
N PHE M 60 -92.90 17.34 33.37
CA PHE M 60 -92.05 16.68 32.40
C PHE M 60 -92.60 15.31 32.01
N VAL M 61 -92.91 14.49 33.02
CA VAL M 61 -93.48 13.17 32.77
C VAL M 61 -94.94 13.32 32.33
N THR M 62 -95.53 14.47 32.63
CA THR M 62 -96.86 14.81 32.12
C THR M 62 -96.72 15.29 30.68
N LEU M 63 -95.70 16.09 30.42
CA LEU M 63 -95.38 16.51 29.06
C LEU M 63 -94.91 15.31 28.25
N PHE M 64 -94.30 14.34 28.93
CA PHE M 64 -93.98 13.06 28.33
C PHE M 64 -95.23 12.41 27.76
N GLN M 65 -96.29 12.36 28.56
CA GLN M 65 -97.52 11.74 28.10
C GLN M 65 -98.57 12.76 27.68
N SER M 66 -98.72 12.93 26.37
CA SER M 66 -99.85 13.61 25.77
C SER M 66 -100.01 13.03 24.37
N GLU M 67 -101.24 12.83 23.92
CA GLU M 67 -101.42 12.30 22.58
C GLU M 67 -101.29 13.42 21.55
N GLN M 68 -101.52 14.66 21.97
CA GLN M 68 -101.35 15.79 21.06
C GLN M 68 -99.88 16.19 20.97
N PHE M 69 -99.14 16.05 22.07
CA PHE M 69 -97.74 16.44 22.10
C PHE M 69 -96.86 15.45 21.35
N ILE M 70 -96.90 14.19 21.79
CA ILE M 70 -96.03 13.14 21.25
C ILE M 70 -96.10 13.06 19.72
N ARG M 71 -97.19 13.53 19.13
CA ARG M 71 -97.29 13.61 17.68
C ARG M 71 -96.58 14.85 17.13
N ALA M 72 -96.56 15.92 17.92
CA ALA M 72 -95.90 17.16 17.51
C ALA M 72 -94.39 16.96 17.32
N ILE M 73 -93.76 16.33 18.31
CA ILE M 73 -92.36 15.94 18.19
C ILE M 73 -92.20 14.94 17.03
N LYS M 74 -93.15 14.03 16.93
CA LYS M 74 -93.20 13.08 15.81
C LYS M 74 -93.35 13.83 14.50
N ASN M 75 -94.06 14.94 14.52
CA ASN M 75 -94.18 15.81 13.36
C ASN M 75 -92.95 16.70 13.19
N THR M 76 -92.37 17.12 14.31
CA THR M 76 -91.20 17.99 14.31
C THR M 76 -90.05 17.39 13.50
N LEU M 77 -89.52 16.27 13.98
CA LEU M 77 -88.41 15.61 13.30
C LEU M 77 -88.80 15.10 11.92
N THR M 78 -90.11 14.87 11.72
CA THR M 78 -90.61 14.52 10.40
C THR M 78 -90.43 15.69 9.42
N LEU M 79 -90.91 16.86 9.82
CA LEU M 79 -90.75 18.06 9.01
C LEU M 79 -89.28 18.41 8.83
N SER M 80 -88.49 18.11 9.86
CA SER M 80 -87.06 18.33 9.82
C SER M 80 -86.39 17.49 8.74
N GLY M 81 -86.91 16.29 8.51
CA GLY M 81 -86.39 15.42 7.48
C GLY M 81 -86.58 16.00 6.09
N LEU M 82 -87.83 16.33 5.77
CA LEU M 82 -88.19 16.87 4.46
C LEU M 82 -87.50 18.20 4.18
N SER M 83 -87.40 19.04 5.21
CA SER M 83 -86.70 20.32 5.08
C SER M 83 -85.25 20.08 4.69
N LEU M 84 -84.64 19.08 5.32
CA LEU M 84 -83.26 18.69 5.00
C LEU M 84 -83.18 18.07 3.61
N LEU M 85 -84.12 17.17 3.31
CA LEU M 85 -84.20 16.53 2.00
C LEU M 85 -84.38 17.53 0.85
N PHE M 86 -85.53 18.17 0.79
CA PHE M 86 -85.86 19.07 -0.32
C PHE M 86 -85.31 20.49 -0.17
N GLY M 87 -85.44 21.06 1.02
CA GLY M 87 -85.14 22.46 1.24
C GLY M 87 -83.66 22.83 1.15
N PHE M 88 -82.82 22.10 1.88
CA PHE M 88 -81.40 22.45 1.98
C PHE M 88 -80.59 22.31 0.68
N PRO M 89 -80.72 21.18 -0.05
CA PRO M 89 -79.89 21.02 -1.25
C PRO M 89 -80.28 21.94 -2.41
N MET M 90 -81.50 22.49 -2.37
CA MET M 90 -82.01 23.27 -3.49
C MET M 90 -81.20 24.54 -3.80
N PRO M 91 -80.85 25.34 -2.78
CA PRO M 91 -80.03 26.52 -3.09
C PRO M 91 -78.66 26.17 -3.66
N ILE M 92 -78.09 25.03 -3.24
CA ILE M 92 -76.85 24.54 -3.83
C ILE M 92 -77.09 24.27 -5.31
N LEU M 93 -78.18 23.58 -5.60
CA LEU M 93 -78.58 23.29 -6.97
C LEU M 93 -78.73 24.59 -7.75
N LEU M 94 -79.52 25.50 -7.19
CA LEU M 94 -79.71 26.83 -7.77
C LEU M 94 -78.39 27.55 -8.01
N ALA M 95 -77.46 27.39 -7.08
CA ALA M 95 -76.14 28.01 -7.21
C ALA M 95 -75.41 27.49 -8.44
N LEU M 96 -75.40 26.17 -8.60
CA LEU M 96 -74.76 25.53 -9.74
C LEU M 96 -75.44 25.96 -11.03
N MET M 97 -76.78 25.98 -11.00
CA MET M 97 -77.56 26.29 -12.19
C MET M 97 -77.33 27.72 -12.64
N ILE M 98 -77.05 28.61 -11.68
CA ILE M 98 -76.77 30.00 -12.02
C ILE M 98 -75.34 30.16 -12.54
N ASN M 99 -74.40 29.45 -11.92
CA ASN M 99 -73.00 29.51 -12.32
C ASN M 99 -72.75 29.07 -13.76
N GLU M 100 -73.63 28.23 -14.28
CA GLU M 100 -73.50 27.70 -15.63
C GLU M 100 -74.15 28.59 -16.69
N VAL M 101 -74.67 29.75 -16.25
CA VAL M 101 -75.38 30.63 -17.16
C VAL M 101 -74.45 31.67 -17.80
N TYR M 102 -74.35 31.62 -19.11
CA TYR M 102 -73.68 32.65 -19.90
C TYR M 102 -74.67 33.80 -20.11
N SER M 103 -74.38 34.69 -21.05
CA SER M 103 -75.31 35.73 -21.50
C SER M 103 -75.37 36.92 -20.54
N LYS M 104 -74.61 36.85 -19.45
CA LYS M 104 -74.51 37.96 -18.49
C LYS M 104 -75.89 38.35 -17.95
N GLY M 105 -76.36 39.53 -18.33
CA GLY M 105 -77.59 40.12 -17.82
C GLY M 105 -78.78 39.19 -17.67
N TYR M 106 -78.89 38.21 -18.58
CA TYR M 106 -79.88 37.15 -18.45
C TYR M 106 -79.75 36.44 -17.10
N ARG M 107 -78.52 36.10 -16.73
CA ARG M 107 -78.24 35.52 -15.42
C ARG M 107 -78.60 36.51 -14.31
N LYS M 108 -78.25 37.77 -14.51
CA LYS M 108 -78.63 38.84 -13.59
C LYS M 108 -80.13 38.89 -13.39
N ALA M 109 -80.86 38.81 -14.51
CA ALA M 109 -82.31 38.85 -14.48
C ALA M 109 -82.87 37.70 -13.64
N VAL M 110 -82.29 36.52 -13.81
CA VAL M 110 -82.73 35.36 -13.03
C VAL M 110 -82.50 35.60 -11.54
N GLN M 111 -81.33 36.15 -11.21
CA GLN M 111 -80.96 36.36 -9.81
C GLN M 111 -81.92 37.33 -9.11
N THR M 112 -82.22 38.45 -9.75
CA THR M 112 -83.17 39.41 -9.17
C THR M 112 -84.55 38.81 -8.93
N ILE M 113 -85.02 38.04 -9.91
CA ILE M 113 -86.31 37.37 -9.81
C ILE M 113 -86.36 36.34 -8.68
N VAL M 114 -85.35 35.48 -8.64
CA VAL M 114 -85.31 34.35 -7.72
C VAL M 114 -85.01 34.80 -6.29
N TYR M 115 -84.14 35.79 -6.15
CA TYR M 115 -83.77 36.31 -4.83
C TYR M 115 -84.93 37.06 -4.19
N LEU M 116 -85.72 37.74 -5.01
CA LEU M 116 -86.76 38.67 -4.54
C LEU M 116 -87.74 38.12 -3.48
N PRO M 117 -88.29 36.90 -3.68
CA PRO M 117 -89.26 36.40 -2.70
C PRO M 117 -88.77 36.38 -1.26
N HIS M 118 -87.45 36.37 -1.04
CA HIS M 118 -86.91 36.42 0.31
C HIS M 118 -87.36 37.65 1.09
N PHE M 119 -87.51 38.76 0.37
CA PHE M 119 -87.86 40.02 0.99
C PHE M 119 -89.36 40.13 1.24
N ILE M 120 -90.12 39.23 0.62
CA ILE M 120 -91.55 39.17 0.89
C ILE M 120 -91.73 38.59 2.29
N SER M 121 -92.53 39.28 3.11
CA SER M 121 -92.76 38.84 4.49
C SER M 121 -93.37 37.45 4.54
N ILE M 122 -93.10 36.75 5.64
CA ILE M 122 -93.62 35.40 5.81
C ILE M 122 -95.14 35.41 5.95
N VAL M 123 -95.68 36.44 6.58
CA VAL M 123 -97.11 36.55 6.78
C VAL M 123 -97.80 36.90 5.46
N ILE M 124 -97.07 37.57 4.58
CA ILE M 124 -97.56 37.88 3.25
C ILE M 124 -97.53 36.61 2.40
N VAL M 125 -96.44 35.86 2.53
CA VAL M 125 -96.33 34.54 1.90
C VAL M 125 -97.53 33.69 2.27
N ALA M 126 -97.85 33.67 3.56
CA ALA M 126 -99.02 32.95 4.06
C ALA M 126 -100.29 33.43 3.37
N GLY M 127 -100.44 34.75 3.29
CA GLY M 127 -101.56 35.35 2.59
C GLY M 127 -101.61 34.95 1.13
N LEU M 128 -100.44 34.92 0.49
CA LEU M 128 -100.33 34.44 -0.88
C LEU M 128 -100.79 33.00 -1.01
N VAL M 129 -100.54 32.20 0.03
CA VAL M 129 -100.91 30.79 0.01
C VAL M 129 -102.41 30.63 0.17
N VAL M 130 -103.00 31.32 1.15
CA VAL M 130 -104.43 31.17 1.42
C VAL M 130 -105.28 31.70 0.28
N THR M 131 -104.81 32.74 -0.41
CA THR M 131 -105.57 33.31 -1.52
C THR M 131 -105.41 32.47 -2.80
N PHE M 132 -104.30 31.75 -2.92
CA PHE M 132 -104.06 30.90 -4.08
C PHE M 132 -104.79 29.58 -3.97
N LEU M 133 -104.85 29.04 -2.76
CA LEU M 133 -105.37 27.70 -2.53
C LEU M 133 -106.83 27.67 -2.09
N SER M 134 -107.44 28.85 -1.98
CA SER M 134 -108.85 28.93 -1.62
C SER M 134 -109.74 28.29 -2.68
N PRO M 135 -110.73 27.48 -2.25
CA PRO M 135 -111.63 26.80 -3.19
C PRO M 135 -112.60 27.78 -3.85
N SER M 136 -112.89 27.55 -5.14
CA SER M 136 -113.85 28.35 -5.90
C SER M 136 -113.42 29.81 -6.11
N THR M 137 -112.31 30.18 -5.49
CA THR M 137 -111.78 31.54 -5.60
C THR M 137 -110.34 31.51 -6.07
N GLY M 138 -109.48 30.86 -5.29
CA GLY M 138 -108.06 30.75 -5.57
C GLY M 138 -107.73 30.29 -6.98
N VAL M 139 -106.74 30.93 -7.59
CA VAL M 139 -106.35 30.71 -8.97
C VAL M 139 -105.91 29.27 -9.22
N VAL M 140 -105.21 28.69 -8.24
CA VAL M 140 -104.71 27.33 -8.35
C VAL M 140 -105.83 26.33 -8.63
N ASN M 141 -106.85 26.32 -7.76
CA ASN M 141 -108.02 25.47 -7.96
C ASN M 141 -108.71 25.73 -9.30
N ASN M 142 -108.83 27.00 -9.66
CA ASN M 142 -109.39 27.40 -10.95
C ASN M 142 -108.64 26.77 -12.14
N MET M 143 -107.31 26.79 -12.09
CA MET M 143 -106.51 26.22 -13.15
C MET M 143 -106.69 24.71 -13.25
N LEU M 144 -107.01 24.09 -12.12
CA LEU M 144 -107.30 22.65 -12.09
C LEU M 144 -108.65 22.37 -12.75
N SER M 145 -109.62 23.25 -12.52
CA SER M 145 -110.95 23.12 -13.10
C SER M 145 -110.91 23.29 -14.62
N TRP M 146 -109.91 24.03 -15.09
CA TRP M 146 -109.71 24.24 -16.53
C TRP M 146 -109.41 22.93 -17.23
N ILE M 147 -108.51 22.14 -16.64
CA ILE M 147 -108.07 20.88 -17.23
C ILE M 147 -108.88 19.70 -16.67
N GLY M 148 -109.83 20.01 -15.79
CA GLY M 148 -110.71 18.99 -15.24
C GLY M 148 -110.11 18.15 -14.12
N LEU M 149 -109.38 18.81 -13.23
CA LEU M 149 -108.85 18.17 -12.04
C LEU M 149 -109.78 18.38 -10.86
N ASP M 150 -110.96 18.92 -11.14
CA ASP M 150 -111.96 19.31 -10.14
C ASP M 150 -111.41 20.40 -9.23
N ARG M 151 -111.61 20.23 -7.92
CA ARG M 151 -111.18 21.24 -6.96
C ARG M 151 -110.81 20.59 -5.64
N VAL M 152 -109.89 21.24 -4.91
CA VAL M 152 -109.46 20.76 -3.60
C VAL M 152 -109.37 21.90 -2.58
N TYR M 153 -109.85 21.66 -1.37
CA TYR M 153 -109.65 22.60 -0.29
C TYR M 153 -108.37 22.21 0.42
N PHE M 154 -107.34 23.01 0.23
CA PHE M 154 -105.97 22.62 0.54
C PHE M 154 -105.63 22.78 2.02
N LEU M 155 -106.04 23.90 2.60
CA LEU M 155 -105.64 24.23 3.97
C LEU M 155 -106.33 23.35 5.01
N THR M 156 -107.48 22.79 4.65
CA THR M 156 -108.18 21.87 5.56
C THR M 156 -107.62 20.45 5.50
N GLN M 157 -107.08 20.05 4.36
CA GLN M 157 -106.55 18.70 4.20
C GLN M 157 -105.17 18.54 4.83
N PRO M 158 -105.06 17.61 5.80
CA PRO M 158 -103.80 17.30 6.47
C PRO M 158 -102.78 16.65 5.52
N GLU M 159 -103.29 16.04 4.46
CA GLU M 159 -102.44 15.38 3.47
C GLU M 159 -101.55 16.38 2.74
N TRP M 160 -102.09 17.56 2.48
CA TRP M 160 -101.41 18.56 1.66
C TRP M 160 -100.53 19.54 2.42
N PHE M 161 -100.61 19.53 3.76
CA PHE M 161 -99.98 20.58 4.56
C PHE M 161 -98.47 20.74 4.29
N ARG M 162 -97.72 19.66 4.49
CA ARG M 162 -96.26 19.73 4.36
C ARG M 162 -95.81 20.04 2.93
N PRO M 163 -96.37 19.35 1.90
CA PRO M 163 -95.99 19.72 0.54
C PRO M 163 -96.22 21.20 0.21
N ILE M 164 -97.35 21.74 0.67
CA ILE M 164 -97.64 23.16 0.49
C ILE M 164 -96.58 24.02 1.16
N TYR M 165 -96.08 23.58 2.32
CA TYR M 165 -95.13 24.36 3.09
C TYR M 165 -93.76 24.42 2.44
N ILE M 166 -93.10 23.26 2.34
CA ILE M 166 -91.74 23.19 1.80
C ILE M 166 -91.64 23.74 0.39
N SER M 167 -92.73 23.66 -0.38
CA SER M 167 -92.74 24.22 -1.73
C SER M 167 -92.81 25.73 -1.69
N SER M 168 -93.56 26.26 -0.74
CA SER M 168 -93.65 27.71 -0.55
C SER M 168 -92.36 28.24 0.07
N ASN M 169 -91.73 27.43 0.91
CA ASN M 169 -90.48 27.81 1.55
C ASN M 169 -89.33 27.92 0.55
N ILE M 170 -89.24 26.96 -0.37
CA ILE M 170 -88.20 26.99 -1.41
C ILE M 170 -88.51 28.06 -2.46
N TRP M 171 -89.76 28.46 -2.55
CA TRP M 171 -90.10 29.57 -3.42
C TRP M 171 -89.51 30.85 -2.83
N LYS M 172 -89.77 31.07 -1.55
CA LYS M 172 -89.31 32.28 -0.88
C LYS M 172 -87.81 32.32 -0.59
N GLU M 173 -87.31 31.32 0.14
CA GLU M 173 -85.95 31.37 0.67
C GLU M 173 -84.84 30.68 -0.12
N ALA M 174 -85.19 29.84 -1.10
CA ALA M 174 -84.16 29.00 -1.71
C ALA M 174 -83.26 29.82 -2.65
N GLY M 175 -83.78 30.95 -3.10
CA GLY M 175 -83.01 31.84 -3.96
C GLY M 175 -81.96 32.61 -3.19
N PHE M 176 -82.36 33.19 -2.06
CA PHE M 176 -81.47 34.00 -1.24
C PHE M 176 -80.38 33.14 -0.62
N ASP M 177 -80.73 31.90 -0.29
CA ASP M 177 -79.78 30.93 0.27
C ASP M 177 -78.77 30.48 -0.78
N SER M 178 -79.15 30.60 -2.05
CA SER M 178 -78.27 30.19 -3.15
C SER M 178 -77.11 31.16 -3.33
N ILE M 179 -77.29 32.39 -2.84
CA ILE M 179 -76.26 33.43 -2.97
C ILE M 179 -74.94 32.99 -2.34
N VAL M 180 -75.02 32.43 -1.14
CA VAL M 180 -73.83 31.97 -0.42
C VAL M 180 -73.05 30.94 -1.21
N TYR M 181 -73.71 29.86 -1.60
CA TYR M 181 -73.07 28.81 -2.39
C TYR M 181 -72.54 29.36 -3.71
N LEU M 182 -73.33 30.23 -4.34
CA LEU M 182 -72.93 30.84 -5.60
C LEU M 182 -71.68 31.68 -5.42
N ALA M 183 -71.59 32.38 -4.29
CA ALA M 183 -70.45 33.24 -4.00
C ALA M 183 -69.21 32.41 -3.68
N ALA M 184 -69.42 31.19 -3.19
CA ALA M 184 -68.31 30.30 -2.85
C ALA M 184 -67.65 29.76 -4.11
N ILE M 185 -68.45 29.27 -5.04
CA ILE M 185 -67.94 28.70 -6.28
C ILE M 185 -67.36 29.78 -7.21
N MET M 186 -67.64 31.03 -6.88
CA MET M 186 -67.06 32.17 -7.59
C MET M 186 -65.68 32.52 -7.08
N SER M 187 -65.31 31.96 -5.93
CA SER M 187 -64.03 32.26 -5.30
C SER M 187 -62.93 31.30 -5.76
N ILE M 188 -63.32 30.28 -6.52
CA ILE M 188 -62.35 29.34 -7.05
C ILE M 188 -61.62 29.93 -8.26
N ASN M 189 -60.29 29.89 -8.22
CA ASN M 189 -59.47 30.41 -9.32
C ASN M 189 -59.70 29.60 -10.59
N PRO M 190 -59.89 30.31 -11.72
CA PRO M 190 -60.22 29.68 -13.01
C PRO M 190 -59.19 28.67 -13.48
N ALA M 191 -57.97 28.79 -12.99
CA ALA M 191 -56.88 27.87 -13.34
C ALA M 191 -57.29 26.42 -13.14
N LEU M 192 -58.01 26.15 -12.06
CA LEU M 192 -58.51 24.81 -11.77
C LEU M 192 -59.49 24.32 -12.84
N TYR M 193 -60.33 25.23 -13.32
CA TYR M 193 -61.28 24.92 -14.38
C TYR M 193 -60.62 24.89 -15.75
N GLU M 194 -59.75 25.88 -16.00
CA GLU M 194 -59.08 25.99 -17.29
C GLU M 194 -58.18 24.79 -17.54
N SER M 195 -57.45 24.36 -16.51
CA SER M 195 -56.58 23.20 -16.65
C SER M 195 -57.40 21.93 -16.85
N ALA M 196 -58.60 21.90 -16.28
CA ALA M 196 -59.49 20.75 -16.46
C ALA M 196 -60.06 20.74 -17.88
N GLN M 197 -60.31 21.92 -18.42
CA GLN M 197 -60.83 22.02 -19.79
C GLN M 197 -59.73 21.62 -20.75
N VAL M 198 -58.49 21.91 -20.37
CA VAL M 198 -57.33 21.54 -21.15
C VAL M 198 -57.22 20.02 -21.20
N ASP M 199 -57.52 19.37 -20.07
CA ASP M 199 -57.56 17.92 -20.03
C ASP M 199 -58.85 17.38 -20.66
N GLY M 200 -59.73 18.30 -21.04
CA GLY M 200 -60.97 17.97 -21.73
C GLY M 200 -62.09 17.49 -20.84
N ALA M 201 -62.27 18.14 -19.70
CA ALA M 201 -63.40 17.88 -18.81
C ALA M 201 -64.69 18.45 -19.38
N THR M 202 -65.82 17.94 -18.90
CA THR M 202 -67.13 18.39 -19.35
C THR M 202 -67.81 19.10 -18.17
N ARG M 203 -68.77 19.97 -18.47
CA ARG M 203 -69.46 20.74 -17.44
C ARG M 203 -69.95 19.88 -16.28
N TRP M 204 -70.51 18.72 -16.60
CA TRP M 204 -70.98 17.81 -15.57
C TRP M 204 -69.81 17.15 -14.87
N GLN M 205 -68.75 16.85 -15.61
CA GLN M 205 -67.53 16.30 -15.03
C GLN M 205 -66.91 17.29 -14.05
N MET M 206 -66.98 18.58 -14.40
CA MET M 206 -66.40 19.63 -13.58
C MET M 206 -67.12 19.76 -12.25
N ILE M 207 -68.43 20.03 -12.32
CA ILE M 207 -69.20 20.31 -11.11
C ILE M 207 -69.15 19.14 -10.14
N THR M 208 -68.98 17.93 -10.66
CA THR M 208 -68.81 16.75 -9.81
C THR M 208 -67.41 16.62 -9.23
N ARG M 209 -66.38 16.75 -10.08
CA ARG M 209 -65.00 16.50 -9.68
C ARG M 209 -64.22 17.68 -9.09
N ILE M 210 -64.67 18.92 -9.33
CA ILE M 210 -63.94 20.08 -8.81
C ILE M 210 -64.84 21.07 -8.06
N THR M 211 -65.83 21.64 -8.74
CA THR M 211 -66.72 22.64 -8.14
C THR M 211 -67.27 22.18 -6.79
N LEU M 212 -68.03 21.10 -6.79
CA LEU M 212 -68.61 20.55 -5.57
C LEU M 212 -67.55 20.24 -4.50
N PRO M 213 -66.50 19.45 -4.84
CA PRO M 213 -65.48 19.17 -3.83
C PRO M 213 -64.85 20.44 -3.23
N CYS M 214 -64.64 21.46 -4.05
CA CYS M 214 -64.09 22.72 -3.57
C CYS M 214 -65.07 23.47 -2.69
N ILE M 215 -66.36 23.29 -2.93
CA ILE M 215 -67.38 24.00 -2.16
C ILE M 215 -67.80 23.25 -0.89
N VAL M 216 -67.38 21.99 -0.76
CA VAL M 216 -67.78 21.15 0.37
C VAL M 216 -67.56 21.79 1.77
N PRO M 217 -66.41 22.45 2.01
CA PRO M 217 -66.26 23.11 3.30
C PRO M 217 -67.37 24.12 3.61
N THR M 218 -67.90 24.76 2.57
CA THR M 218 -68.99 25.72 2.74
C THR M 218 -70.31 25.04 3.10
N ILE M 219 -70.68 24.00 2.34
CA ILE M 219 -71.96 23.32 2.54
C ILE M 219 -71.99 22.58 3.88
N ALA M 220 -70.81 22.22 4.39
CA ALA M 220 -70.71 21.56 5.68
C ALA M 220 -71.00 22.53 6.81
N VAL M 221 -70.39 23.71 6.77
CA VAL M 221 -70.62 24.76 7.75
C VAL M 221 -72.08 25.18 7.78
N LEU M 222 -72.67 25.37 6.60
CA LEU M 222 -74.07 25.78 6.51
C LEU M 222 -75.02 24.69 6.99
N LEU M 223 -74.60 23.44 6.89
CA LEU M 223 -75.44 22.32 7.34
C LEU M 223 -75.57 22.27 8.85
N VAL M 224 -74.47 22.50 9.56
CA VAL M 224 -74.49 22.43 11.03
C VAL M 224 -75.23 23.62 11.62
N ILE M 225 -75.35 24.69 10.84
CA ILE M 225 -76.20 25.81 11.22
C ILE M 225 -77.66 25.46 10.94
N ARG M 226 -77.88 24.81 9.79
CA ARG M 226 -79.19 24.36 9.39
C ARG M 226 -79.73 23.37 10.43
N LEU M 227 -78.84 22.50 10.91
CA LEU M 227 -79.20 21.53 11.94
C LEU M 227 -79.42 22.19 13.29
N GLY M 228 -78.80 23.34 13.52
CA GLY M 228 -78.97 24.07 14.75
C GLY M 228 -80.41 24.48 14.99
N HIS M 229 -81.06 24.93 13.94
CA HIS M 229 -82.46 25.36 13.99
C HIS M 229 -83.44 24.28 13.55
N ILE M 230 -82.92 23.08 13.29
CA ILE M 230 -83.69 22.01 12.64
C ILE M 230 -85.02 21.66 13.31
N LEU M 231 -85.14 21.92 14.61
CA LEU M 231 -86.39 21.60 15.32
C LEU M 231 -87.41 22.73 15.30
N GLU M 232 -86.95 23.93 14.95
CA GLU M 232 -87.83 25.11 14.94
C GLU M 232 -88.36 25.45 13.55
N VAL M 233 -88.03 24.61 12.57
CA VAL M 233 -88.36 24.85 11.17
C VAL M 233 -89.85 25.12 10.91
N GLY M 234 -90.13 26.24 10.24
CA GLY M 234 -91.48 26.56 9.81
C GLY M 234 -92.44 27.04 10.88
N PHE M 235 -91.90 27.56 11.98
CA PHE M 235 -92.72 28.03 13.10
C PHE M 235 -93.77 29.07 12.70
N GLU M 236 -93.31 30.23 12.24
CA GLU M 236 -94.20 31.32 11.87
C GLU M 236 -95.16 30.98 10.73
N TYR M 237 -94.75 30.08 9.85
CA TYR M 237 -95.64 29.62 8.78
C TYR M 237 -96.78 28.76 9.33
N ILE M 238 -96.42 27.75 10.13
CA ILE M 238 -97.39 26.83 10.71
C ILE M 238 -98.41 27.55 11.57
N ILE M 239 -97.93 28.33 12.53
CA ILE M 239 -98.77 29.04 13.49
C ILE M 239 -99.84 29.89 12.81
N LEU M 240 -99.55 30.37 11.61
CA LEU M 240 -100.50 31.18 10.84
C LEU M 240 -101.55 30.32 10.14
N LEU M 241 -101.10 29.31 9.41
CA LEU M 241 -101.95 28.62 8.45
C LEU M 241 -102.55 27.29 8.91
N TYR M 242 -102.23 26.82 10.11
CA TYR M 242 -102.61 25.45 10.45
C TYR M 242 -104.05 25.35 10.97
N GLN M 243 -104.88 24.62 10.22
CA GLN M 243 -106.28 24.47 10.57
C GLN M 243 -106.49 23.33 11.55
N PRO M 244 -107.64 23.33 12.26
CA PRO M 244 -108.04 22.27 13.19
C PRO M 244 -107.94 20.86 12.61
N THR M 245 -108.30 20.71 11.34
CA THR M 245 -108.25 19.41 10.69
C THR M 245 -106.80 19.02 10.44
N THR M 246 -105.94 20.01 10.22
CA THR M 246 -104.53 19.76 9.96
C THR M 246 -103.69 19.87 11.24
N TYR M 247 -104.35 20.08 12.37
CA TYR M 247 -103.70 20.15 13.67
C TYR M 247 -102.79 18.97 13.95
N GLU M 248 -103.19 17.80 13.48
CA GLU M 248 -102.45 16.57 13.73
C GLU M 248 -101.05 16.60 13.08
N THR M 249 -101.01 16.84 11.77
CA THR M 249 -99.78 16.82 11.00
C THR M 249 -98.97 18.12 11.14
N ALA M 250 -99.66 19.24 11.31
CA ALA M 250 -99.03 20.55 11.28
C ALA M 250 -98.32 20.90 12.59
N ASP M 251 -98.91 20.48 13.71
CA ASP M 251 -98.40 20.86 15.02
C ASP M 251 -96.99 20.34 15.26
N VAL M 252 -96.13 21.25 15.72
CA VAL M 252 -94.72 20.97 15.93
C VAL M 252 -94.40 21.48 17.34
N ILE M 253 -93.36 20.95 17.96
CA ILE M 253 -93.00 21.30 19.33
C ILE M 253 -93.03 22.80 19.57
N SER M 254 -92.37 23.55 18.67
CA SER M 254 -92.34 25.00 18.75
C SER M 254 -93.75 25.61 18.79
N THR M 255 -94.65 25.02 18.01
CA THR M 255 -96.04 25.46 18.01
C THR M 255 -96.74 25.08 19.32
N TYR M 256 -96.61 23.80 19.68
CA TYR M 256 -97.18 23.27 20.92
C TYR M 256 -96.79 24.13 22.12
N ILE M 257 -95.50 24.47 22.18
CA ILE M 257 -94.97 25.35 23.21
C ILE M 257 -95.71 26.69 23.21
N TYR M 258 -95.83 27.30 22.03
CA TYR M 258 -96.52 28.57 21.88
C TYR M 258 -97.96 28.54 22.37
N ARG M 259 -98.72 27.55 21.88
CA ARG M 259 -100.14 27.43 22.19
C ARG M 259 -100.39 27.36 23.68
N LEU M 260 -99.63 26.53 24.38
CA LEU M 260 -99.79 26.39 25.83
C LEU M 260 -99.12 27.54 26.56
N GLY M 261 -97.92 27.91 26.12
CA GLY M 261 -97.12 28.91 26.78
C GLY M 261 -97.70 30.32 26.78
N LEU M 262 -98.05 30.82 25.60
CA LEU M 262 -98.54 32.18 25.47
C LEU M 262 -100.06 32.20 25.37
N GLN M 263 -100.61 31.57 24.32
CA GLN M 263 -102.06 31.47 24.16
C GLN M 263 -102.72 30.82 25.39
N GLY M 264 -102.41 29.54 25.61
CA GLY M 264 -102.99 28.79 26.71
C GLY M 264 -102.53 29.24 28.09
N ALA M 265 -101.51 30.07 28.12
CA ALA M 265 -100.97 30.64 29.36
C ALA M 265 -100.49 29.58 30.35
N ARG M 266 -100.09 28.42 29.84
CA ARG M 266 -99.43 27.41 30.67
C ARG M 266 -97.94 27.49 30.43
N TYR M 267 -97.24 28.00 31.43
CA TYR M 267 -95.84 28.40 31.27
C TYR M 267 -94.88 27.27 31.58
N ASP M 268 -94.91 26.81 32.84
CA ASP M 268 -94.00 25.78 33.35
C ASP M 268 -93.87 24.55 32.46
N ILE M 269 -95.01 24.00 32.05
CA ILE M 269 -95.07 22.81 31.22
C ILE M 269 -94.54 23.13 29.82
N ALA M 270 -94.65 24.39 29.43
CA ALA M 270 -94.14 24.86 28.16
C ALA M 270 -92.64 25.06 28.32
N THR M 271 -92.25 25.94 29.25
CA THR M 271 -90.85 26.23 29.50
C THR M 271 -90.01 24.95 29.63
N ALA M 272 -90.57 23.97 30.35
CA ALA M 272 -89.92 22.67 30.46
C ALA M 272 -89.82 22.00 29.10
N ALA M 273 -90.90 22.07 28.32
CA ALA M 273 -90.89 21.53 26.97
C ALA M 273 -89.97 22.36 26.08
N GLY M 274 -89.71 23.59 26.50
CA GLY M 274 -88.75 24.46 25.83
C GLY M 274 -87.34 23.94 26.03
N ILE M 275 -87.07 23.45 27.23
CA ILE M 275 -85.76 22.90 27.55
C ILE M 275 -85.48 21.67 26.70
N PHE M 276 -86.43 20.75 26.70
CA PHE M 276 -86.33 19.52 25.92
C PHE M 276 -86.04 19.82 24.44
N ASN M 277 -86.58 20.93 23.94
CA ASN M 277 -86.29 21.35 22.57
C ASN M 277 -84.93 22.01 22.43
N ALA M 278 -84.55 22.78 23.44
CA ALA M 278 -83.29 23.53 23.43
C ALA M 278 -82.08 22.61 23.60
N VAL M 279 -82.20 21.68 24.53
CA VAL M 279 -81.11 20.74 24.81
C VAL M 279 -80.82 19.84 23.61
N VAL M 280 -81.86 19.22 23.06
CA VAL M 280 -81.72 18.37 21.89
C VAL M 280 -81.11 19.14 20.71
N ALA M 281 -81.56 20.38 20.54
CA ALA M 281 -80.98 21.27 19.53
C ALA M 281 -79.50 21.52 19.81
N LEU M 282 -79.17 21.78 21.07
CA LEU M 282 -77.77 21.95 21.48
C LEU M 282 -77.00 20.63 21.35
N VAL M 283 -77.70 19.52 21.53
CA VAL M 283 -77.11 18.19 21.33
C VAL M 283 -76.84 17.93 19.85
N ILE M 284 -77.85 18.15 19.01
CA ILE M 284 -77.76 17.81 17.60
C ILE M 284 -76.78 18.70 16.84
N VAL M 285 -76.50 19.89 17.36
CA VAL M 285 -75.50 20.76 16.74
C VAL M 285 -74.09 20.33 17.14
N LEU M 286 -73.97 19.72 18.32
CA LEU M 286 -72.70 19.20 18.78
C LEU M 286 -72.33 17.97 17.97
N PHE M 287 -73.31 17.07 17.81
CA PHE M 287 -73.14 15.88 16.98
C PHE M 287 -72.93 16.30 15.52
N ALA M 288 -73.40 17.49 15.17
CA ALA M 288 -73.21 18.04 13.84
C ALA M 288 -71.77 18.52 13.67
N ASN M 289 -71.41 19.52 14.46
CA ASN M 289 -70.08 20.13 14.42
C ASN M 289 -68.94 19.13 14.48
N HIS M 290 -69.07 18.14 15.36
CA HIS M 290 -68.08 17.06 15.46
C HIS M 290 -67.85 16.39 14.11
N MET M 291 -68.88 15.69 13.63
CA MET M 291 -68.81 14.96 12.36
C MET M 291 -68.47 15.86 11.17
N SER M 292 -68.80 17.13 11.27
CA SER M 292 -68.48 18.08 10.21
C SER M 292 -66.99 18.40 10.20
N ARG M 293 -66.50 19.04 11.24
CA ARG M 293 -65.10 19.40 11.37
C ARG M 293 -64.17 18.19 11.18
N ARG M 294 -64.52 17.08 11.82
CA ARG M 294 -63.77 15.84 11.70
C ARG M 294 -63.62 15.38 10.26
N ILE M 295 -64.71 14.94 9.64
CA ILE M 295 -64.63 14.38 8.29
C ILE M 295 -64.35 15.47 7.26
N THR M 296 -65.14 16.55 7.26
CA THR M 296 -64.86 17.63 6.33
C THR M 296 -64.03 18.70 7.04
N LYS M 297 -62.72 18.49 7.08
CA LYS M 297 -61.72 19.56 7.22
C LYS M 297 -62.02 20.54 8.36
N THR N 4 -65.21 30.33 -20.34
CA THR N 4 -65.49 31.28 -21.41
C THR N 4 -65.72 30.65 -22.80
N PRO N 5 -64.82 29.75 -23.24
CA PRO N 5 -64.84 29.50 -24.68
C PRO N 5 -65.72 28.33 -25.15
N PHE N 6 -67.01 28.38 -24.88
CA PHE N 6 -68.02 27.62 -25.66
C PHE N 6 -67.68 26.15 -25.91
N TYR N 7 -67.58 25.82 -27.21
CA TYR N 7 -67.18 24.50 -27.70
C TYR N 7 -68.18 23.38 -27.40
N SER N 8 -67.72 22.35 -26.67
CA SER N 8 -68.29 21.00 -26.76
C SER N 8 -69.81 20.90 -26.64
N ARG N 9 -70.39 19.97 -27.39
CA ARG N 9 -71.82 19.65 -27.38
C ARG N 9 -72.33 19.26 -26.00
N SER N 10 -71.53 18.51 -25.26
CA SER N 10 -71.88 18.09 -23.91
C SER N 10 -72.02 19.27 -22.97
N ASP N 11 -71.60 20.44 -23.45
CA ASP N 11 -71.75 21.68 -22.72
C ASP N 11 -72.92 22.47 -23.31
N ARG N 12 -72.82 22.79 -24.60
CA ARG N 12 -73.79 23.63 -25.31
C ARG N 12 -75.24 23.24 -25.06
N ILE N 13 -75.54 21.95 -25.17
CA ILE N 13 -76.89 21.47 -24.85
C ILE N 13 -77.20 21.67 -23.37
N PHE N 14 -76.31 21.18 -22.51
CA PHE N 14 -76.44 21.36 -21.06
C PHE N 14 -76.65 22.83 -20.69
N GLY N 15 -75.88 23.70 -21.32
CA GLY N 15 -75.96 25.13 -21.05
C GLY N 15 -77.31 25.72 -21.38
N ILE N 16 -77.92 25.26 -22.46
CA ILE N 16 -79.22 25.80 -22.89
C ILE N 16 -80.35 25.31 -21.99
N VAL N 17 -80.39 23.99 -21.77
CA VAL N 17 -81.43 23.40 -20.94
C VAL N 17 -81.38 23.89 -19.50
N ASN N 18 -80.20 24.36 -19.08
CA ASN N 18 -80.05 24.97 -17.76
C ASN N 18 -80.76 26.31 -17.71
N ALA N 19 -80.50 27.14 -18.72
CA ALA N 19 -81.10 28.47 -18.80
C ALA N 19 -82.61 28.43 -18.95
N VAL N 20 -83.12 27.39 -19.61
CA VAL N 20 -84.56 27.23 -19.77
C VAL N 20 -85.21 26.81 -18.45
N LEU N 21 -84.67 25.76 -17.85
CA LEU N 21 -85.13 25.26 -16.56
C LEU N 21 -85.10 26.35 -15.50
N LEU N 22 -83.98 27.06 -15.46
CA LEU N 22 -83.78 28.19 -14.56
C LEU N 22 -84.79 29.28 -14.89
N GLY N 23 -85.02 29.48 -16.18
CA GLY N 23 -86.00 30.46 -16.67
C GLY N 23 -87.39 30.09 -16.21
N ILE N 24 -87.75 28.82 -16.37
CA ILE N 24 -89.04 28.31 -15.91
C ILE N 24 -89.23 28.57 -14.42
N PHE N 25 -88.23 28.20 -13.62
CA PHE N 25 -88.25 28.43 -12.18
C PHE N 25 -88.41 29.92 -11.88
N ALA N 26 -87.72 30.75 -12.66
CA ALA N 26 -87.78 32.19 -12.52
C ALA N 26 -89.20 32.72 -12.74
N LEU N 27 -89.88 32.17 -13.74
CA LEU N 27 -91.24 32.58 -14.03
C LEU N 27 -92.17 32.17 -12.90
N CYS N 28 -91.94 30.97 -12.37
CA CYS N 28 -92.69 30.49 -11.21
C CYS N 28 -92.54 31.42 -10.01
N ALA N 29 -91.34 31.97 -9.84
CA ALA N 29 -91.07 32.85 -8.71
C ALA N 29 -91.67 34.24 -8.91
N LEU N 30 -91.71 34.71 -10.15
CA LEU N 30 -92.25 36.03 -10.46
C LEU N 30 -93.77 36.03 -10.62
N TYR N 31 -94.35 34.85 -10.80
CA TYR N 31 -95.78 34.73 -11.09
C TYR N 31 -96.72 35.31 -10.03
N PRO N 32 -96.56 34.93 -8.74
CA PRO N 32 -97.52 35.45 -7.76
C PRO N 32 -97.46 36.97 -7.61
N ILE N 33 -96.30 37.56 -7.84
CA ILE N 33 -96.12 39.01 -7.69
C ILE N 33 -96.91 39.78 -8.75
N ILE N 34 -96.88 39.30 -9.99
CA ILE N 34 -97.62 39.98 -11.05
C ILE N 34 -99.10 39.63 -10.95
N TYR N 35 -99.41 38.46 -10.38
CA TYR N 35 -100.79 38.05 -10.19
C TYR N 35 -101.57 39.03 -9.34
N ILE N 36 -101.21 39.11 -8.05
CA ILE N 36 -101.93 39.97 -7.12
C ILE N 36 -101.87 41.44 -7.52
N PHE N 37 -100.81 41.83 -8.23
CA PHE N 37 -100.68 43.18 -8.76
C PHE N 37 -101.81 43.45 -9.75
N SER N 38 -102.10 42.45 -10.59
CA SER N 38 -103.21 42.53 -11.53
C SER N 38 -104.54 42.35 -10.80
N MET N 39 -104.61 41.37 -9.92
CA MET N 39 -105.83 41.06 -9.19
C MET N 39 -106.29 42.23 -8.32
N SER N 40 -105.34 42.95 -7.75
CA SER N 40 -105.63 44.15 -6.97
C SER N 40 -106.29 45.23 -7.81
N ILE N 41 -105.86 45.34 -9.07
CA ILE N 41 -106.39 46.34 -9.97
C ILE N 41 -107.74 45.90 -10.53
N SER N 42 -107.95 44.59 -10.58
CA SER N 42 -109.15 44.04 -11.22
C SER N 42 -110.41 44.34 -10.43
N SER N 43 -111.56 43.88 -10.94
CA SER N 43 -112.84 44.13 -10.31
C SER N 43 -113.29 42.89 -9.54
N GLY N 44 -114.02 43.13 -8.45
CA GLY N 44 -114.50 42.05 -7.60
C GLY N 44 -115.21 40.92 -8.34
N ALA N 45 -116.15 41.30 -9.21
CA ALA N 45 -116.91 40.33 -10.00
C ALA N 45 -116.02 39.48 -10.90
N ALA N 46 -115.00 40.12 -11.49
CA ALA N 46 -114.08 39.43 -12.38
C ALA N 46 -113.28 38.36 -11.65
N VAL N 47 -112.69 38.73 -10.52
CA VAL N 47 -111.86 37.82 -9.75
C VAL N 47 -112.68 36.69 -9.14
N THR N 48 -113.93 37.00 -8.81
CA THR N 48 -114.78 36.09 -8.05
C THR N 48 -115.05 34.77 -8.78
N GLN N 49 -114.93 34.76 -10.10
CA GLN N 49 -115.22 33.51 -10.82
C GLN N 49 -114.11 32.93 -11.69
N GLY N 50 -114.01 33.40 -12.93
CA GLY N 50 -113.11 32.80 -13.90
C GLY N 50 -111.89 33.57 -14.38
N ARG N 51 -111.82 34.86 -14.07
CA ARG N 51 -110.93 35.76 -14.80
C ARG N 51 -109.53 35.91 -14.21
N VAL N 52 -108.82 36.92 -14.70
CA VAL N 52 -107.41 37.19 -14.40
C VAL N 52 -106.52 36.02 -14.86
N PHE N 53 -105.88 35.36 -13.90
CA PHE N 53 -104.85 34.32 -14.09
C PHE N 53 -103.49 34.91 -14.48
N LEU N 54 -103.51 36.03 -15.18
CA LEU N 54 -102.30 36.83 -15.43
C LEU N 54 -102.56 38.32 -15.34
N LEU N 55 -103.32 38.82 -16.31
CA LEU N 55 -103.56 40.26 -16.49
C LEU N 55 -104.79 40.77 -15.74
N PRO N 56 -104.84 42.09 -15.48
CA PRO N 56 -106.07 42.67 -14.91
C PRO N 56 -107.21 42.50 -15.91
N VAL N 57 -108.46 42.57 -15.44
CA VAL N 57 -109.58 42.39 -16.35
C VAL N 57 -110.54 43.57 -16.42
N ASP N 58 -111.38 43.72 -15.41
CA ASP N 58 -112.43 44.74 -15.45
C ASP N 58 -112.02 46.00 -14.69
N ILE N 59 -110.75 46.05 -14.25
CA ILE N 59 -110.14 47.19 -13.56
C ILE N 59 -111.04 47.75 -12.44
N ASP N 60 -111.43 49.02 -12.60
CA ASP N 60 -112.30 49.77 -11.67
C ASP N 60 -111.53 50.31 -10.44
N PHE N 61 -110.35 49.76 -10.17
CA PHE N 61 -109.41 50.37 -9.23
C PHE N 61 -109.98 50.64 -7.84
N SER N 62 -111.05 49.94 -7.48
CA SER N 62 -111.86 50.35 -6.33
C SER N 62 -111.35 49.80 -5.01
N ALA N 63 -110.51 48.77 -5.06
CA ALA N 63 -110.06 48.10 -3.85
C ALA N 63 -109.11 49.00 -3.06
N TYR N 64 -108.30 49.76 -3.78
CA TYR N 64 -107.31 50.66 -3.18
C TYR N 64 -107.97 51.74 -2.33
N GLY N 65 -109.11 52.26 -2.80
CA GLY N 65 -109.85 53.28 -2.08
C GLY N 65 -110.20 52.89 -0.66
N ARG N 66 -110.51 51.61 -0.46
CA ARG N 66 -110.77 51.07 0.88
C ARG N 66 -109.58 51.22 1.82
N VAL N 67 -108.43 50.69 1.40
CA VAL N 67 -107.23 50.71 2.23
C VAL N 67 -106.71 52.12 2.44
N LEU N 68 -106.84 52.98 1.43
CA LEU N 68 -106.40 54.37 1.54
C LEU N 68 -107.11 55.13 2.66
N HIS N 69 -108.37 54.80 2.91
CA HIS N 69 -109.13 55.44 3.98
C HIS N 69 -109.08 54.63 5.27
N ASP N 70 -108.34 53.53 5.26
CA ASP N 70 -108.13 52.74 6.47
C ASP N 70 -107.06 53.38 7.37
N LYS N 71 -107.45 53.74 8.58
CA LYS N 71 -106.54 54.43 9.49
C LYS N 71 -105.57 53.45 10.14
N LEU N 72 -106.06 52.27 10.53
CA LEU N 72 -105.21 51.26 11.14
C LEU N 72 -104.09 50.86 10.18
N PHE N 73 -104.41 50.75 8.90
CA PHE N 73 -103.43 50.38 7.88
C PHE N 73 -102.28 51.38 7.90
N TRP N 74 -102.64 52.64 7.73
CA TRP N 74 -101.68 53.75 7.77
C TRP N 74 -101.08 53.97 9.16
N THR N 75 -101.81 53.59 10.20
CA THR N 75 -101.29 53.67 11.56
C THR N 75 -100.18 52.64 11.75
N SER N 76 -100.47 51.42 11.33
CA SER N 76 -99.55 50.30 11.49
C SER N 76 -98.33 50.45 10.58
N TYR N 77 -98.55 51.00 9.39
CA TYR N 77 -97.46 51.30 8.48
C TYR N 77 -96.45 52.24 9.12
N ALA N 78 -96.97 53.27 9.78
CA ALA N 78 -96.14 54.24 10.49
C ALA N 78 -95.31 53.60 11.60
N ASN N 79 -95.91 52.64 12.30
CA ASN N 79 -95.22 51.91 13.36
C ASN N 79 -94.01 51.12 12.89
N THR N 80 -94.11 50.47 11.73
CA THR N 80 -92.98 49.71 11.20
C THR N 80 -91.85 50.64 10.79
N ILE N 81 -92.19 51.74 10.13
CA ILE N 81 -91.20 52.74 9.75
C ILE N 81 -90.52 53.27 11.00
N PHE N 82 -91.28 53.45 12.08
CA PHE N 82 -90.70 53.82 13.37
C PHE N 82 -89.80 52.70 13.87
N TYR N 83 -90.32 51.49 13.91
CA TYR N 83 -89.59 50.34 14.43
C TYR N 83 -88.34 50.05 13.58
N THR N 84 -88.46 50.13 12.27
CA THR N 84 -87.32 49.88 11.41
C THR N 84 -86.23 50.92 11.61
N VAL N 85 -86.58 52.20 11.50
CA VAL N 85 -85.59 53.26 11.62
C VAL N 85 -84.92 53.27 12.99
N PHE N 86 -85.72 53.38 14.06
CA PHE N 86 -85.15 53.46 15.40
C PHE N 86 -84.63 52.12 15.91
N GLY N 87 -85.27 51.02 15.52
CA GLY N 87 -84.82 49.70 15.90
C GLY N 87 -83.44 49.36 15.37
N VAL N 88 -83.16 49.78 14.15
CA VAL N 88 -81.84 49.58 13.56
C VAL N 88 -80.77 50.37 14.30
N VAL N 89 -81.01 51.67 14.48
CA VAL N 89 -80.06 52.55 15.14
C VAL N 89 -79.72 52.04 16.54
N THR N 90 -80.73 51.57 17.26
CA THR N 90 -80.52 51.00 18.59
C THR N 90 -79.67 49.74 18.50
N SER N 91 -79.85 48.99 17.42
CA SER N 91 -79.05 47.79 17.20
C SER N 91 -77.60 48.17 16.87
N LEU N 92 -77.44 49.15 15.99
CA LEU N 92 -76.11 49.61 15.58
C LEU N 92 -75.30 50.11 16.77
N ILE N 93 -75.90 50.96 17.59
CA ILE N 93 -75.23 51.55 18.74
C ILE N 93 -74.81 50.47 19.73
N PHE N 94 -75.60 49.41 19.81
CA PHE N 94 -75.28 48.28 20.69
C PHE N 94 -74.30 47.27 20.07
N ILE N 95 -74.19 47.26 18.75
CA ILE N 95 -73.38 46.25 18.06
C ILE N 95 -72.03 46.79 17.56
N VAL N 96 -72.09 47.77 16.66
CA VAL N 96 -70.90 48.30 15.99
C VAL N 96 -69.72 48.62 16.93
N PRO N 97 -69.94 49.40 18.01
CA PRO N 97 -68.81 49.54 18.92
C PRO N 97 -68.50 48.26 19.70
N GLY N 98 -69.54 47.50 20.05
CA GLY N 98 -69.38 46.28 20.81
C GLY N 98 -68.48 45.28 20.11
N ALA N 99 -68.62 45.20 18.80
CA ALA N 99 -67.79 44.31 17.99
C ALA N 99 -66.39 44.88 17.79
N TYR N 100 -66.29 46.21 17.69
CA TYR N 100 -65.00 46.86 17.55
C TYR N 100 -64.07 46.50 18.70
N ALA N 101 -64.62 46.50 19.90
CA ALA N 101 -63.89 46.05 21.06
C ALA N 101 -63.59 44.56 20.97
N LEU N 102 -64.59 43.80 20.52
CA LEU N 102 -64.45 42.35 20.39
C LEU N 102 -63.41 41.97 19.34
N SER N 103 -63.14 42.89 18.41
CA SER N 103 -62.18 42.61 17.35
C SER N 103 -60.73 42.62 17.85
N LYS N 104 -60.36 43.66 18.58
CA LYS N 104 -59.00 43.80 19.08
C LYS N 104 -58.71 42.76 20.15
N PRO N 105 -57.77 41.85 19.88
CA PRO N 105 -57.48 40.80 20.85
C PRO N 105 -56.43 41.20 21.87
N ARG N 106 -56.53 42.42 22.40
CA ARG N 106 -55.74 42.79 23.56
C ARG N 106 -56.61 42.72 24.80
N ILE N 107 -57.89 42.45 24.59
CA ILE N 107 -58.89 42.40 25.65
C ILE N 107 -58.81 41.11 26.46
N ARG N 108 -58.89 41.22 27.79
CA ARG N 108 -58.87 40.03 28.65
C ARG N 108 -60.12 39.20 28.38
N GLY N 109 -61.28 39.85 28.39
CA GLY N 109 -62.55 39.17 28.20
C GLY N 109 -62.76 38.58 26.82
N ARG N 110 -61.85 38.89 25.90
CA ARG N 110 -61.94 38.48 24.50
C ARG N 110 -62.30 37.01 24.34
N ARG N 111 -61.72 36.19 25.21
CA ARG N 111 -62.07 34.77 25.28
C ARG N 111 -63.47 34.55 25.85
N VAL N 112 -63.75 35.10 27.03
CA VAL N 112 -65.00 34.81 27.73
C VAL N 112 -66.17 35.65 27.21
N PHE N 113 -65.92 36.89 26.81
CA PHE N 113 -66.99 37.74 26.30
C PHE N 113 -67.50 37.19 24.98
N GLY N 114 -66.58 36.67 24.17
CA GLY N 114 -66.93 36.04 22.91
C GLY N 114 -67.82 34.83 23.15
N PHE N 115 -67.47 34.05 24.16
CA PHE N 115 -68.26 32.87 24.52
C PHE N 115 -69.67 33.27 24.95
N ILE N 116 -69.75 34.28 25.81
CA ILE N 116 -71.04 34.82 26.25
C ILE N 116 -71.98 35.10 25.08
N ILE N 117 -71.57 36.00 24.19
CA ILE N 117 -72.35 36.34 23.01
C ILE N 117 -72.68 35.13 22.14
N ALA N 118 -71.65 34.41 21.71
CA ALA N 118 -71.81 33.31 20.76
C ALA N 118 -72.63 32.14 21.30
N PHE N 119 -72.60 31.92 22.61
CA PHE N 119 -73.31 30.80 23.21
C PHE N 119 -74.82 30.89 23.00
N THR N 120 -75.32 32.12 22.88
CA THR N 120 -76.74 32.36 22.69
C THR N 120 -77.24 31.83 21.35
N MET N 121 -76.32 31.60 20.42
CA MET N 121 -76.66 31.04 19.12
C MET N 121 -77.28 29.66 19.22
N TRP N 122 -76.53 28.74 19.81
CA TRP N 122 -76.87 27.32 19.77
C TRP N 122 -77.72 26.88 20.95
N PHE N 123 -77.85 27.75 21.94
CA PHE N 123 -78.72 27.49 23.08
C PHE N 123 -79.50 28.74 23.44
N ASN N 124 -80.82 28.58 23.58
CA ASN N 124 -81.69 29.69 23.92
C ASN N 124 -82.55 29.34 25.14
N ALA N 125 -82.85 30.36 25.94
CA ALA N 125 -83.66 30.19 27.15
C ALA N 125 -85.04 29.61 26.83
N GLY N 126 -85.49 29.81 25.60
CA GLY N 126 -86.79 29.34 25.17
C GLY N 126 -87.78 30.47 24.98
N MET N 127 -88.91 30.12 24.38
CA MET N 127 -89.99 31.07 24.09
C MET N 127 -90.50 31.80 25.33
N ILE N 128 -91.10 31.03 26.23
CA ILE N 128 -91.77 31.56 27.42
C ILE N 128 -90.87 32.36 28.38
N PRO N 129 -89.66 31.84 28.73
CA PRO N 129 -88.84 32.62 29.66
C PRO N 129 -88.47 34.00 29.13
N PHE N 130 -88.37 34.14 27.82
CA PHE N 130 -88.11 35.44 27.22
C PHE N 130 -89.30 36.38 27.44
N PHE N 131 -90.51 35.86 27.18
CA PHE N 131 -91.73 36.65 27.35
C PHE N 131 -91.89 37.09 28.80
N LEU N 132 -91.64 36.17 29.72
CA LEU N 132 -91.77 36.46 31.16
C LEU N 132 -90.78 37.52 31.62
N ASN N 133 -89.54 37.43 31.12
CA ASN N 133 -88.54 38.42 31.46
C ASN N 133 -88.93 39.78 30.88
N MET N 134 -89.65 39.75 29.77
CA MET N 134 -90.21 40.96 29.18
C MET N 134 -91.29 41.55 30.08
N ARG N 135 -92.03 40.68 30.75
CA ARG N 135 -93.16 41.08 31.59
C ARG N 135 -92.72 41.86 32.83
N ASP N 136 -91.79 41.28 33.60
CA ASP N 136 -91.36 41.89 34.85
C ASP N 136 -90.33 42.99 34.63
N LEU N 137 -89.94 43.19 33.37
CA LEU N 137 -89.13 44.34 32.99
C LEU N 137 -90.03 45.51 32.61
N GLY N 138 -91.33 45.27 32.57
CA GLY N 138 -92.30 46.32 32.29
C GLY N 138 -92.26 46.80 30.85
N LEU N 139 -91.79 45.95 29.95
CA LEU N 139 -91.62 46.34 28.56
C LEU N 139 -92.79 45.92 27.67
N LEU N 140 -93.77 45.24 28.27
CA LEU N 140 -94.93 44.78 27.52
C LEU N 140 -95.78 45.96 27.04
N ASP N 141 -96.34 45.82 25.85
CA ASP N 141 -97.15 46.88 25.23
C ASP N 141 -96.41 48.21 25.20
N ASN N 142 -95.10 48.15 24.94
CA ASN N 142 -94.28 49.35 24.96
C ASN N 142 -93.36 49.37 23.74
N ARG N 143 -93.36 50.49 23.02
CA ARG N 143 -92.56 50.62 21.81
C ARG N 143 -91.06 50.52 22.06
N PHE N 144 -90.57 51.22 23.08
CA PHE N 144 -89.15 51.14 23.46
C PHE N 144 -88.80 49.72 23.90
N GLY N 145 -89.80 49.01 24.43
CA GLY N 145 -89.65 47.62 24.80
C GLY N 145 -89.40 46.73 23.59
N ILE N 146 -89.96 47.13 22.45
CA ILE N 146 -89.75 46.39 21.20
C ILE N 146 -88.37 46.73 20.64
N LEU N 147 -87.99 48.00 20.72
CA LEU N 147 -86.70 48.46 20.23
C LEU N 147 -85.55 47.81 20.98
N ILE N 148 -85.52 47.98 22.29
CA ILE N 148 -84.44 47.46 23.13
C ILE N 148 -84.59 45.97 23.39
N GLY N 149 -85.79 45.45 23.12
CA GLY N 149 -86.06 44.03 23.28
C GLY N 149 -85.23 43.20 22.34
N PHE N 150 -85.19 43.60 21.07
CA PHE N 150 -84.36 42.95 20.08
C PHE N 150 -83.49 43.97 19.36
N ALA N 151 -82.21 43.95 19.69
CA ALA N 151 -81.22 44.85 19.09
C ALA N 151 -79.99 44.05 18.69
N CYS N 152 -79.33 43.47 19.70
CA CYS N 152 -78.12 42.69 19.47
C CYS N 152 -78.47 41.29 18.99
N ASN N 153 -77.89 40.91 17.86
CA ASN N 153 -77.91 39.53 17.44
C ASN N 153 -76.47 39.03 17.48
N ALA N 154 -76.28 37.78 17.88
CA ALA N 154 -74.94 37.21 17.95
C ALA N 154 -74.29 37.20 16.58
N PHE N 155 -75.06 36.82 15.56
CA PHE N 155 -74.56 36.77 14.19
C PHE N 155 -74.04 38.12 13.70
N ASN N 156 -74.83 39.17 13.90
CA ASN N 156 -74.46 40.51 13.44
C ASN N 156 -73.25 41.08 14.17
N ILE N 157 -72.93 40.51 15.32
CA ILE N 157 -71.77 40.94 16.10
C ILE N 157 -70.50 40.29 15.58
N ILE N 158 -70.44 38.96 15.63
CA ILE N 158 -69.26 38.23 15.19
C ILE N 158 -68.95 38.51 13.72
N LEU N 159 -69.96 38.89 12.95
CA LEU N 159 -69.76 39.30 11.57
C LEU N 159 -69.08 40.65 11.54
N MET N 160 -69.48 41.52 12.46
CA MET N 160 -68.92 42.87 12.56
C MET N 160 -67.49 42.85 13.12
N ARG N 161 -67.21 41.94 14.03
CA ARG N 161 -65.88 41.86 14.62
C ARG N 161 -64.89 41.29 13.61
N ASN N 162 -65.39 40.41 12.74
CA ASN N 162 -64.53 39.75 11.75
C ASN N 162 -64.08 40.76 10.72
N TYR N 163 -64.98 41.63 10.30
CA TYR N 163 -64.62 42.69 9.36
C TYR N 163 -63.68 43.70 9.97
N PHE N 164 -63.87 43.98 11.24
CA PHE N 164 -62.94 44.81 11.97
C PHE N 164 -61.59 44.13 12.04
N GLU N 165 -61.56 42.88 12.49
CA GLU N 165 -60.32 42.11 12.55
C GLU N 165 -59.67 42.00 11.16
N SER N 166 -60.50 41.94 10.12
CA SER N 166 -60.02 41.82 8.75
C SER N 166 -59.17 43.01 8.33
N ILE N 167 -59.50 44.19 8.85
CA ILE N 167 -58.77 45.40 8.53
C ILE N 167 -57.41 45.38 9.20
N SER N 168 -56.36 45.69 8.44
CA SER N 168 -55.01 45.77 8.99
C SER N 168 -54.96 46.75 10.16
N ALA N 169 -54.24 46.36 11.21
CA ALA N 169 -54.18 47.17 12.43
C ALA N 169 -53.34 48.43 12.24
N SER N 170 -52.69 48.53 11.08
CA SER N 170 -51.80 49.65 10.79
C SER N 170 -52.50 51.01 10.83
N PHE N 171 -53.80 51.02 10.59
CA PHE N 171 -54.58 52.24 10.65
C PHE N 171 -54.71 52.74 12.07
N GLU N 172 -55.10 51.85 12.98
CA GLU N 172 -55.18 52.17 14.40
C GLU N 172 -53.81 52.56 14.93
N GLU N 173 -52.81 51.75 14.59
CA GLU N 173 -51.44 51.99 15.01
C GLU N 173 -50.95 53.37 14.58
N ALA N 174 -51.17 53.71 13.31
CA ALA N 174 -50.81 55.02 12.80
C ALA N 174 -51.53 56.13 13.55
N ALA N 175 -52.80 55.91 13.86
CA ALA N 175 -53.58 56.88 14.63
C ALA N 175 -53.00 57.07 16.03
N ARG N 176 -52.70 55.96 16.70
CA ARG N 176 -52.07 56.01 18.02
C ARG N 176 -50.74 56.77 17.99
N MET N 177 -49.95 56.57 16.94
CA MET N 177 -48.68 57.27 16.80
C MET N 177 -48.90 58.77 16.71
N ASP N 178 -50.06 59.16 16.19
CA ASP N 178 -50.43 60.56 16.08
C ASP N 178 -51.20 61.03 17.30
N GLY N 179 -51.56 60.09 18.18
CA GLY N 179 -52.22 60.40 19.44
C GLY N 179 -53.71 60.07 19.55
N ALA N 180 -54.36 59.79 18.42
CA ALA N 180 -55.78 59.42 18.43
C ALA N 180 -56.03 58.15 19.25
N ASN N 181 -57.02 58.21 20.14
CA ASN N 181 -57.27 57.09 21.06
C ASN N 181 -58.67 56.48 20.92
N ASP N 182 -58.71 55.22 20.47
CA ASP N 182 -59.92 54.40 20.47
C ASP N 182 -61.13 55.03 19.77
N LEU N 183 -62.16 55.39 20.51
CA LEU N 183 -63.44 55.81 19.91
C LEU N 183 -63.29 56.80 18.76
N GLN N 184 -62.35 57.74 18.89
CA GLN N 184 -62.10 58.68 17.80
C GLN N 184 -61.41 57.99 16.62
N ILE N 185 -60.81 56.83 16.85
CA ILE N 185 -60.29 56.01 15.76
C ILE N 185 -61.45 55.29 15.10
N LEU N 186 -62.36 54.77 15.93
CA LEU N 186 -63.52 54.03 15.43
C LEU N 186 -64.32 54.88 14.45
N TRP N 187 -64.62 56.12 14.83
CA TRP N 187 -65.43 56.98 13.99
C TRP N 187 -64.69 57.59 12.79
N LYS N 188 -63.42 57.92 12.98
CA LYS N 188 -62.66 58.63 11.95
C LYS N 188 -62.17 57.72 10.82
N VAL N 189 -61.73 56.52 11.15
CA VAL N 189 -61.11 55.66 10.15
C VAL N 189 -61.80 54.28 10.06
N TYR N 190 -61.85 53.53 11.15
CA TYR N 190 -62.40 52.17 11.09
C TYR N 190 -63.84 52.08 10.60
N ILE N 191 -64.69 53.05 10.96
CA ILE N 191 -66.08 53.02 10.49
C ILE N 191 -66.22 53.28 8.98
N PRO N 192 -65.61 54.37 8.45
CA PRO N 192 -65.75 54.52 7.00
C PRO N 192 -65.03 53.42 6.23
N LEU N 193 -64.14 52.72 6.93
CA LEU N 193 -63.48 51.53 6.40
C LEU N 193 -64.44 50.35 6.46
N ALA N 194 -65.38 50.41 7.40
CA ALA N 194 -66.26 49.28 7.67
C ALA N 194 -67.57 49.34 6.90
N LYS N 195 -67.68 50.32 6.00
CA LYS N 195 -68.93 50.53 5.23
C LYS N 195 -69.55 49.23 4.71
N PRO N 196 -68.73 48.31 4.15
CA PRO N 196 -69.34 47.05 3.71
C PRO N 196 -70.02 46.27 4.84
N ALA N 197 -69.35 46.16 5.98
CA ALA N 197 -69.92 45.47 7.13
C ALA N 197 -71.13 46.19 7.75
N LEU N 198 -71.12 47.52 7.75
CA LEU N 198 -72.24 48.30 8.27
C LEU N 198 -73.61 48.13 7.60
N ALA N 199 -73.64 48.07 6.27
CA ALA N 199 -74.88 47.82 5.53
C ALA N 199 -75.56 46.51 5.87
N THR N 200 -74.85 45.43 5.59
CA THR N 200 -75.36 44.08 5.78
C THR N 200 -75.91 43.95 7.19
N ILE N 201 -75.34 44.70 8.13
CA ILE N 201 -75.87 44.70 9.47
C ILE N 201 -77.17 45.51 9.46
N THR N 202 -77.07 46.80 9.13
CA THR N 202 -78.25 47.67 9.08
C THR N 202 -79.33 47.16 8.11
N LEU N 203 -78.91 46.36 7.13
CA LEU N 203 -79.85 45.67 6.24
C LEU N 203 -80.59 44.53 6.90
N LEU N 204 -79.83 43.60 7.50
CA LEU N 204 -80.42 42.42 8.12
C LEU N 204 -81.32 42.88 9.24
N CYS N 205 -80.90 43.93 9.95
CA CYS N 205 -81.71 44.47 11.02
C CYS N 205 -82.95 45.14 10.45
N ALA N 206 -82.79 45.86 9.34
CA ALA N 206 -83.91 46.54 8.69
C ALA N 206 -85.05 45.58 8.38
N ILE N 207 -84.80 44.61 7.50
CA ILE N 207 -85.82 43.65 7.10
C ILE N 207 -86.39 42.89 8.31
N SER N 208 -85.55 42.68 9.31
CA SER N 208 -85.97 42.02 10.54
C SER N 208 -87.04 42.80 11.27
N ARG N 209 -86.94 44.12 11.23
CA ARG N 209 -87.93 44.99 11.83
C ARG N 209 -89.18 45.13 10.98
N TRP N 210 -88.98 45.27 9.67
CA TRP N 210 -90.08 45.50 8.74
C TRP N 210 -91.02 44.30 8.64
N ASN N 211 -90.42 43.13 8.47
CA ASN N 211 -91.20 41.91 8.29
C ASN N 211 -91.40 41.18 9.61
N GLY N 212 -90.91 41.77 10.69
CA GLY N 212 -91.07 41.19 12.02
C GLY N 212 -92.53 41.11 12.40
N TYR N 213 -92.95 39.94 12.88
CA TYR N 213 -94.34 39.71 13.21
C TYR N 213 -94.57 39.17 14.62
N PHE N 214 -94.04 37.97 14.89
CA PHE N 214 -94.38 37.21 16.10
C PHE N 214 -94.29 37.98 17.40
N TRP N 215 -93.08 38.33 17.81
CA TRP N 215 -92.85 38.97 19.10
C TRP N 215 -93.52 40.34 19.20
N ALA N 216 -93.84 40.94 18.06
CA ALA N 216 -94.59 42.19 18.06
C ALA N 216 -96.03 41.97 18.54
N MET N 217 -96.72 41.02 17.92
CA MET N 217 -98.13 40.78 18.25
C MET N 217 -98.28 40.13 19.63
N VAL N 218 -97.22 39.51 20.12
CA VAL N 218 -97.22 38.93 21.46
C VAL N 218 -97.01 39.98 22.55
N LEU N 219 -96.07 40.89 22.33
CA LEU N 219 -95.69 41.85 23.36
C LEU N 219 -96.52 43.12 23.31
N LEU N 220 -97.32 43.27 22.26
CA LEU N 220 -98.14 44.48 22.08
C LEU N 220 -99.62 44.21 22.31
N ARG N 221 -100.30 45.21 22.84
CA ARG N 221 -101.72 45.12 23.17
C ARG N 221 -102.46 46.25 22.48
N ALA N 222 -102.10 47.49 22.84
CA ALA N 222 -102.70 48.67 22.24
C ALA N 222 -102.54 48.64 20.73
N GLU N 223 -103.66 48.75 20.02
CA GLU N 223 -103.69 48.62 18.57
C GLU N 223 -102.89 49.70 17.84
N GLU N 224 -102.75 50.87 18.46
CA GLU N 224 -102.02 51.97 17.82
C GLU N 224 -100.52 51.73 17.77
N LYS N 225 -100.02 50.77 18.56
CA LYS N 225 -98.60 50.44 18.53
C LYS N 225 -98.29 49.33 17.53
N ILE N 226 -99.33 48.74 16.96
CA ILE N 226 -99.19 47.57 16.10
C ILE N 226 -98.46 47.94 14.81
N PRO N 227 -97.42 47.17 14.45
CA PRO N 227 -96.52 47.34 13.31
C PRO N 227 -96.89 46.54 12.05
N LEU N 228 -97.88 46.99 11.29
CA LEU N 228 -98.18 46.40 9.98
C LEU N 228 -98.45 44.91 10.11
N GLN N 229 -97.47 44.11 9.73
CA GLN N 229 -97.63 42.65 9.55
C GLN N 229 -98.50 41.99 10.63
N VAL N 230 -98.44 42.52 11.85
CA VAL N 230 -99.40 42.14 12.89
C VAL N 230 -100.83 42.46 12.46
N TYR N 231 -101.06 43.71 12.08
CA TYR N 231 -102.37 44.14 11.55
C TYR N 231 -102.68 43.44 10.23
N LEU N 232 -101.64 43.17 9.46
CA LEU N 232 -101.78 42.45 8.20
C LEU N 232 -102.27 41.04 8.45
N LYS N 233 -101.81 40.43 9.54
CA LYS N 233 -102.22 39.08 9.91
C LYS N 233 -103.74 38.99 9.98
N LYS N 234 -104.35 39.89 10.76
CA LYS N 234 -105.80 39.95 10.92
C LYS N 234 -106.53 39.91 9.58
N THR N 235 -106.30 40.93 8.75
CA THR N 235 -106.99 41.07 7.47
C THR N 235 -106.62 40.05 6.40
N ILE N 236 -105.33 39.74 6.26
CA ILE N 236 -104.85 38.93 5.14
C ILE N 236 -105.02 37.41 5.27
N VAL N 237 -104.78 36.85 6.46
CA VAL N 237 -104.86 35.40 6.62
C VAL N 237 -106.16 35.00 7.34
N ASP N 238 -106.37 35.50 8.55
CA ASP N 238 -107.57 35.20 9.34
C ASP N 238 -108.84 35.39 8.50
N LEU N 239 -108.87 36.50 7.77
CA LEU N 239 -109.91 36.77 6.77
C LEU N 239 -111.32 36.77 7.33
N ASN N 240 -111.46 37.29 8.55
CA ASN N 240 -112.76 37.64 9.07
C ASN N 240 -112.78 39.13 9.37
N VAL N 241 -113.86 39.81 8.96
CA VAL N 241 -113.89 41.26 8.89
C VAL N 241 -115.16 41.81 9.53
N ASN N 242 -115.21 43.12 9.75
CA ASN N 242 -116.42 43.75 10.27
C ASN N 242 -117.63 43.65 9.36
N GLU N 243 -118.81 43.81 9.96
CA GLU N 243 -120.04 43.97 9.20
C GLU N 243 -119.99 45.23 8.36
N GLU N 244 -119.21 46.19 8.85
CA GLU N 244 -118.99 47.43 8.14
C GLU N 244 -118.45 47.12 6.75
N PHE N 245 -117.37 46.34 6.72
CA PHE N 245 -116.74 45.93 5.47
C PHE N 245 -117.67 45.04 4.64
N ALA N 246 -118.45 44.21 5.32
CA ALA N 246 -119.45 43.38 4.66
C ALA N 246 -120.53 44.23 3.98
N GLY N 247 -120.92 45.31 4.65
CA GLY N 247 -121.87 46.25 4.10
C GLY N 247 -121.26 47.05 2.98
N ALA N 248 -119.96 47.28 3.09
CA ALA N 248 -119.20 48.01 2.08
C ALA N 248 -118.99 47.17 0.82
N LEU N 249 -119.03 45.85 0.95
CA LEU N 249 -118.78 44.97 -0.18
C LEU N 249 -119.78 45.19 -1.32
N LEU N 250 -121.05 45.33 -0.97
CA LEU N 250 -122.11 45.44 -1.96
C LEU N 250 -122.25 46.83 -2.57
N THR N 251 -121.85 47.85 -1.81
CA THR N 251 -122.02 49.25 -2.24
C THR N 251 -120.82 49.79 -3.01
N ASN N 252 -119.86 48.91 -3.30
CA ASN N 252 -118.56 49.30 -3.83
C ASN N 252 -118.27 48.63 -5.15
N SER N 253 -118.41 47.30 -5.15
CA SER N 253 -118.19 46.38 -6.28
C SER N 253 -116.75 45.85 -6.33
N TYR N 254 -115.89 46.29 -5.43
CA TYR N 254 -114.65 45.55 -5.22
C TYR N 254 -114.99 44.27 -4.44
N SER N 255 -113.99 43.44 -4.21
CA SER N 255 -114.22 42.20 -3.47
C SER N 255 -113.32 42.14 -2.25
N MET N 256 -113.48 41.09 -1.45
CA MET N 256 -112.59 40.83 -0.35
C MET N 256 -111.19 40.52 -0.87
N GLU N 257 -111.14 39.62 -1.86
CA GLU N 257 -109.89 39.21 -2.47
C GLU N 257 -109.16 40.40 -3.11
N THR N 258 -109.90 41.24 -3.81
CA THR N 258 -109.33 42.40 -4.48
C THR N 258 -108.75 43.38 -3.46
N VAL N 259 -109.44 43.54 -2.34
CA VAL N 259 -108.96 44.38 -1.24
C VAL N 259 -107.69 43.80 -0.65
N VAL N 260 -107.73 42.51 -0.31
CA VAL N 260 -106.56 41.80 0.19
C VAL N 260 -105.37 42.00 -0.76
N GLY N 261 -105.61 41.77 -2.06
CA GLY N 261 -104.61 41.98 -3.07
C GLY N 261 -104.00 43.37 -3.02
N ALA N 262 -104.86 44.39 -3.04
CA ALA N 262 -104.42 45.78 -2.96
C ALA N 262 -103.63 46.07 -1.68
N ILE N 263 -104.05 45.45 -0.58
CA ILE N 263 -103.38 45.65 0.71
C ILE N 263 -101.93 45.15 0.68
N ILE N 264 -101.74 43.90 0.25
CA ILE N 264 -100.40 43.31 0.21
C ILE N 264 -99.51 44.01 -0.82
N VAL N 265 -100.10 44.56 -1.87
CA VAL N 265 -99.34 45.32 -2.86
C VAL N 265 -98.76 46.57 -2.19
N MET N 266 -99.63 47.35 -1.55
CA MET N 266 -99.22 48.53 -0.81
C MET N 266 -98.25 48.19 0.32
N SER N 267 -98.28 46.92 0.74
CA SER N 267 -97.40 46.40 1.78
C SER N 267 -95.99 46.08 1.28
N ILE N 268 -95.90 45.52 0.08
CA ILE N 268 -94.61 45.08 -0.43
C ILE N 268 -93.89 46.13 -1.26
N ILE N 269 -94.57 47.21 -1.61
CA ILE N 269 -93.93 48.23 -2.45
C ILE N 269 -92.65 48.76 -1.78
N PRO N 270 -92.71 49.18 -0.49
CA PRO N 270 -91.49 49.68 0.13
C PRO N 270 -90.41 48.60 0.23
N VAL N 271 -90.83 47.34 0.26
CA VAL N 271 -89.91 46.21 0.31
C VAL N 271 -89.25 46.04 -1.07
N ILE N 272 -90.07 46.11 -2.12
CA ILE N 272 -89.62 46.00 -3.50
C ILE N 272 -88.71 47.20 -3.79
N ILE N 273 -88.92 48.27 -3.02
CA ILE N 273 -88.15 49.52 -3.08
C ILE N 273 -86.74 49.35 -2.53
N VAL N 274 -86.62 48.97 -1.26
CA VAL N 274 -85.29 48.89 -0.66
C VAL N 274 -84.44 47.80 -1.37
N TYR N 275 -85.07 46.85 -2.05
CA TYR N 275 -84.33 45.70 -2.60
C TYR N 275 -83.23 46.19 -3.59
N PRO N 276 -83.55 47.09 -4.54
CA PRO N 276 -82.50 47.63 -5.41
C PRO N 276 -81.40 48.34 -4.62
N VAL N 277 -81.79 49.15 -3.64
CA VAL N 277 -80.89 49.82 -2.71
C VAL N 277 -79.99 48.74 -2.13
N VAL N 278 -80.63 47.65 -1.71
CA VAL N 278 -79.94 46.48 -1.20
C VAL N 278 -78.98 46.00 -2.29
N GLN N 279 -79.51 45.69 -3.48
CA GLN N 279 -78.71 45.17 -4.59
C GLN N 279 -77.53 46.05 -5.03
N LYS N 280 -77.80 47.34 -5.22
CA LYS N 280 -76.79 48.32 -5.67
C LYS N 280 -75.55 48.26 -4.83
N TYR N 281 -75.82 48.14 -3.55
CA TYR N 281 -74.89 47.99 -2.46
C TYR N 281 -73.80 46.89 -2.50
N PHE N 282 -74.14 45.60 -2.59
CA PHE N 282 -73.09 44.60 -2.36
C PHE N 282 -71.92 44.41 -3.30
N THR N 283 -72.03 44.69 -4.60
CA THR N 283 -70.89 44.38 -5.45
C THR N 283 -69.84 45.48 -5.64
N LYS N 284 -69.84 46.55 -4.84
CA LYS N 284 -68.74 47.53 -4.91
C LYS N 284 -67.31 47.05 -4.65
N GLY N 285 -67.10 45.76 -4.40
CA GLY N 285 -65.74 45.27 -4.31
C GLY N 285 -65.48 44.87 -2.88
N VAL N 286 -66.54 44.91 -2.08
CA VAL N 286 -66.48 44.84 -0.63
C VAL N 286 -65.70 43.62 -0.13
N MET N 287 -64.71 43.88 0.73
CA MET N 287 -64.13 42.84 1.57
C MET N 287 -64.99 42.57 2.80
N MET O 1 -43.87 15.30 -29.31
CA MET O 1 -42.71 15.06 -28.46
C MET O 1 -41.76 16.24 -28.59
N VAL O 2 -40.91 16.21 -29.62
CA VAL O 2 -40.13 17.37 -29.98
C VAL O 2 -40.73 17.91 -31.26
N ALA O 3 -41.39 19.06 -31.16
CA ALA O 3 -42.19 19.58 -32.27
C ALA O 3 -42.01 21.07 -32.50
N SER O 4 -42.41 21.52 -33.68
CA SER O 4 -42.28 22.93 -34.03
C SER O 4 -43.65 23.57 -34.09
N VAL O 5 -43.78 24.74 -33.48
CA VAL O 5 -45.03 25.49 -33.53
C VAL O 5 -44.85 26.77 -34.32
N SER O 6 -45.70 26.97 -35.33
CA SER O 6 -45.64 28.18 -36.13
C SER O 6 -46.88 29.04 -35.89
N ILE O 7 -46.65 30.31 -35.61
CA ILE O 7 -47.71 31.26 -35.34
C ILE O 7 -47.74 32.31 -36.45
N GLN O 8 -48.85 32.36 -37.19
CA GLN O 8 -48.93 33.21 -38.37
C GLN O 8 -50.05 34.23 -38.26
N ASN O 9 -49.67 35.50 -38.17
CA ASN O 9 -50.62 36.62 -38.14
C ASN O 9 -51.75 36.44 -37.14
N VAL O 10 -51.43 35.86 -35.98
CA VAL O 10 -52.44 35.62 -34.97
C VAL O 10 -52.89 36.94 -34.34
N VAL O 11 -54.21 37.12 -34.28
CA VAL O 11 -54.81 38.32 -33.73
C VAL O 11 -56.02 37.96 -32.88
N LYS O 12 -56.10 38.56 -31.69
CA LYS O 12 -57.23 38.33 -30.80
C LYS O 12 -58.00 39.63 -30.67
N ARG O 13 -59.32 39.52 -30.75
CA ARG O 13 -60.21 40.67 -30.62
C ARG O 13 -61.24 40.42 -29.53
N TYR O 14 -61.32 41.34 -28.57
CA TYR O 14 -62.37 41.26 -27.56
C TYR O 14 -63.63 41.92 -28.10
N ASP O 15 -63.96 43.11 -27.62
CA ASP O 15 -65.14 43.78 -28.15
C ASP O 15 -64.77 44.39 -29.50
N LYS O 16 -64.31 45.64 -29.49
CA LYS O 16 -63.74 46.24 -30.68
C LYS O 16 -62.23 46.28 -30.49
N THR O 17 -61.80 45.84 -29.32
CA THR O 17 -60.45 46.07 -28.81
C THR O 17 -59.38 45.09 -29.30
N THR O 18 -58.89 45.32 -30.52
CA THR O 18 -57.89 44.48 -31.17
C THR O 18 -56.67 44.30 -30.26
N VAL O 19 -56.76 43.37 -29.30
CA VAL O 19 -55.68 43.21 -28.32
C VAL O 19 -54.30 42.88 -28.92
N VAL O 20 -54.18 41.81 -29.71
CA VAL O 20 -52.88 41.53 -30.32
C VAL O 20 -52.98 41.78 -31.82
N HIS O 21 -51.95 42.41 -32.38
CA HIS O 21 -51.97 43.02 -33.71
C HIS O 21 -51.46 42.21 -34.88
N GLY O 22 -51.52 40.90 -34.73
CA GLY O 22 -51.04 40.00 -35.77
C GLY O 22 -49.62 39.67 -35.59
N VAL O 23 -49.29 39.33 -34.38
CA VAL O 23 -48.00 38.83 -34.11
C VAL O 23 -47.72 37.52 -34.84
N SER O 24 -46.56 37.44 -35.48
CA SER O 24 -46.15 36.21 -36.16
C SER O 24 -44.81 35.71 -35.64
N LEU O 25 -44.77 34.44 -35.27
CA LEU O 25 -43.55 33.82 -34.76
C LEU O 25 -43.45 32.36 -35.18
N ASP O 26 -42.26 31.96 -35.63
CA ASP O 26 -41.99 30.55 -35.93
C ASP O 26 -40.98 29.98 -34.93
N ILE O 27 -41.35 28.86 -34.31
CA ILE O 27 -40.55 28.28 -33.24
C ILE O 27 -39.92 26.94 -33.62
N GLU O 28 -38.60 26.87 -33.55
CA GLU O 28 -37.87 25.65 -33.87
C GLU O 28 -38.20 24.54 -32.87
N PRO O 29 -38.08 23.27 -33.30
CA PRO O 29 -38.30 22.14 -32.40
C PRO O 29 -37.25 22.07 -31.29
N GLY O 30 -37.68 21.87 -30.05
CA GLY O 30 -36.75 21.75 -28.93
C GLY O 30 -36.22 23.09 -28.46
N GLU O 31 -36.78 24.16 -29.00
CA GLU O 31 -36.31 25.51 -28.69
C GLU O 31 -37.00 26.11 -27.47
N PHE O 32 -36.22 26.85 -26.68
CA PHE O 32 -36.74 27.59 -25.53
C PHE O 32 -36.90 29.05 -25.92
N VAL O 33 -38.14 29.50 -26.03
CA VAL O 33 -38.42 30.87 -26.46
C VAL O 33 -39.22 31.59 -25.37
N VAL O 34 -38.81 32.81 -25.05
CA VAL O 34 -39.45 33.56 -23.98
C VAL O 34 -40.16 34.81 -24.47
N LEU O 35 -41.45 34.91 -24.12
CA LEU O 35 -42.20 36.14 -24.33
C LEU O 35 -41.97 37.01 -23.11
N VAL O 36 -41.65 38.28 -23.33
CA VAL O 36 -41.33 39.17 -22.23
C VAL O 36 -41.74 40.60 -22.58
N GLY O 37 -42.21 41.32 -21.57
CA GLY O 37 -42.60 42.71 -21.75
C GLY O 37 -43.24 43.26 -20.50
N PRO O 38 -43.78 44.48 -20.59
CA PRO O 38 -44.48 45.11 -19.47
C PRO O 38 -45.85 44.47 -19.29
N SER O 39 -46.69 45.00 -18.41
CA SER O 39 -48.01 44.41 -18.22
C SER O 39 -48.93 44.78 -19.37
N GLY O 40 -50.19 44.37 -19.28
CA GLY O 40 -51.20 44.72 -20.26
C GLY O 40 -50.76 44.52 -21.71
N CYS O 41 -50.00 43.47 -21.93
CA CYS O 41 -49.63 43.05 -23.28
C CYS O 41 -50.08 41.63 -23.56
N GLY O 42 -50.12 41.25 -24.85
CA GLY O 42 -50.73 39.99 -25.22
C GLY O 42 -49.85 38.77 -25.03
N LYS O 43 -48.81 38.92 -24.21
CA LYS O 43 -47.86 37.85 -23.93
C LYS O 43 -48.60 36.60 -23.46
N SER O 44 -49.40 36.77 -22.43
CA SER O 44 -50.24 35.72 -21.86
C SER O 44 -51.33 35.36 -22.86
N THR O 45 -51.93 36.38 -23.46
CA THR O 45 -53.03 36.22 -24.41
C THR O 45 -52.60 35.34 -25.58
N THR O 46 -51.37 35.54 -26.04
CA THR O 46 -50.79 34.71 -27.09
C THR O 46 -50.67 33.27 -26.59
N LEU O 47 -50.04 33.11 -25.43
CA LEU O 47 -49.86 31.80 -24.82
C LEU O 47 -51.18 31.06 -24.63
N ARG O 48 -52.17 31.80 -24.15
CA ARG O 48 -53.49 31.25 -23.89
C ARG O 48 -54.14 30.81 -25.20
N MET O 49 -53.85 31.56 -26.25
CA MET O 49 -54.35 31.24 -27.59
C MET O 49 -53.78 29.93 -28.12
N VAL O 50 -52.52 29.68 -27.78
CA VAL O 50 -51.82 28.44 -28.12
C VAL O 50 -52.48 27.27 -27.39
N ALA O 51 -52.72 27.46 -26.10
CA ALA O 51 -53.33 26.45 -25.26
C ALA O 51 -54.75 26.13 -25.71
N GLY O 52 -55.45 27.14 -26.20
CA GLY O 52 -56.82 26.98 -26.65
C GLY O 52 -57.84 27.47 -25.64
N LEU O 53 -57.37 28.15 -24.61
CA LEU O 53 -58.24 28.72 -23.59
C LEU O 53 -58.89 30.01 -24.09
N GLU O 54 -58.36 30.55 -25.19
CA GLU O 54 -58.95 31.70 -25.85
C GLU O 54 -59.00 31.50 -27.36
N GLU O 55 -60.05 32.02 -27.97
CA GLU O 55 -60.31 31.87 -29.40
C GLU O 55 -59.39 32.72 -30.28
N ILE O 56 -59.10 32.22 -31.48
CA ILE O 56 -58.28 32.97 -32.43
C ILE O 56 -59.16 33.83 -33.32
N SER O 57 -59.03 35.15 -33.19
CA SER O 57 -59.91 36.06 -33.90
C SER O 57 -59.43 36.30 -35.34
N GLY O 58 -58.23 35.82 -35.65
CA GLY O 58 -57.70 35.92 -37.00
C GLY O 58 -56.30 35.33 -37.10
N GLY O 59 -55.90 34.99 -38.32
CA GLY O 59 -54.62 34.34 -38.52
C GLY O 59 -54.65 32.88 -38.09
N THR O 60 -53.59 32.15 -38.41
CA THR O 60 -53.53 30.74 -38.06
C THR O 60 -52.26 30.39 -37.28
N ILE O 61 -52.39 29.43 -36.38
CA ILE O 61 -51.25 28.88 -35.66
C ILE O 61 -51.31 27.36 -35.73
N ARG O 62 -50.15 26.71 -35.85
CA ARG O 62 -50.14 25.26 -36.00
C ARG O 62 -48.93 24.60 -35.34
N ILE O 63 -49.16 23.41 -34.78
CA ILE O 63 -48.08 22.60 -34.23
C ILE O 63 -47.78 21.48 -35.21
N ASP O 64 -46.52 21.39 -35.64
CA ASP O 64 -46.13 20.50 -36.74
C ASP O 64 -47.01 20.78 -37.97
N GLY O 65 -47.76 19.79 -38.41
CA GLY O 65 -48.66 19.97 -39.54
C GLY O 65 -50.08 20.24 -39.08
N ARG O 66 -50.37 19.95 -37.81
CA ARG O 66 -51.70 20.14 -37.25
C ARG O 66 -52.04 21.61 -37.07
N VAL O 67 -53.13 22.06 -37.70
CA VAL O 67 -53.66 23.39 -37.43
C VAL O 67 -54.61 23.32 -36.24
N ILE O 68 -54.24 23.99 -35.14
CA ILE O 68 -54.94 23.82 -33.88
C ILE O 68 -55.98 24.89 -33.61
N ASN O 69 -56.16 25.81 -34.56
CA ASN O 69 -57.07 26.94 -34.39
C ASN O 69 -58.49 26.56 -33.94
N ASP O 70 -59.09 25.59 -34.63
CA ASP O 70 -60.41 25.10 -34.28
C ASP O 70 -60.36 23.86 -33.40
N LEU O 71 -59.16 23.46 -33.02
CA LEU O 71 -58.97 22.26 -32.20
C LEU O 71 -59.37 22.49 -30.74
N ALA O 72 -59.25 21.44 -29.94
CA ALA O 72 -59.54 21.49 -28.53
C ALA O 72 -58.26 21.32 -27.73
N PRO O 73 -58.14 22.04 -26.60
CA PRO O 73 -56.96 22.00 -25.72
C PRO O 73 -56.54 20.57 -25.38
N LYS O 74 -57.52 19.69 -25.22
CA LYS O 74 -57.27 18.28 -24.94
C LYS O 74 -56.53 17.62 -26.10
N ASP O 75 -56.90 17.99 -27.33
CA ASP O 75 -56.33 17.37 -28.51
C ASP O 75 -55.19 18.18 -29.10
N ARG O 76 -54.83 19.29 -28.45
CA ARG O 76 -53.77 20.16 -28.95
C ARG O 76 -52.36 19.67 -28.61
N ASP O 77 -52.27 18.57 -27.87
CA ASP O 77 -50.98 18.02 -27.46
C ASP O 77 -50.15 19.02 -26.67
N VAL O 78 -50.81 19.83 -25.84
CA VAL O 78 -50.11 20.83 -25.05
C VAL O 78 -50.36 20.65 -23.55
N ALA O 79 -49.47 21.22 -22.75
CA ALA O 79 -49.64 21.27 -21.30
C ALA O 79 -49.27 22.66 -20.81
N MET O 80 -49.97 23.12 -19.78
CA MET O 80 -49.77 24.48 -19.30
C MET O 80 -49.48 24.54 -17.80
N VAL O 81 -48.51 25.36 -17.43
CA VAL O 81 -48.22 25.65 -16.04
C VAL O 81 -48.66 27.08 -15.76
N PHE O 82 -49.72 27.22 -14.97
CA PHE O 82 -50.33 28.53 -14.74
C PHE O 82 -49.57 29.34 -13.71
N GLN O 83 -49.97 30.60 -13.55
CA GLN O 83 -49.30 31.49 -12.61
C GLN O 83 -49.71 31.16 -11.18
N ASN O 84 -51.00 31.01 -10.92
CA ASN O 84 -51.41 30.75 -9.54
C ASN O 84 -51.86 29.32 -9.32
N TYR O 85 -50.97 28.49 -8.77
CA TYR O 85 -51.35 27.25 -8.06
C TYR O 85 -52.50 26.49 -8.72
N ALA O 86 -52.21 25.84 -9.84
CA ALA O 86 -53.23 25.12 -10.59
C ALA O 86 -53.56 23.73 -10.02
N LEU O 87 -53.07 23.47 -8.82
CA LEU O 87 -53.28 22.18 -8.18
C LEU O 87 -54.49 22.21 -7.25
N TYR O 88 -55.25 21.11 -7.23
CA TYR O 88 -56.45 21.02 -6.40
C TYR O 88 -56.11 20.70 -4.95
N PRO O 89 -56.53 21.58 -4.03
CA PRO O 89 -56.09 21.53 -2.64
C PRO O 89 -56.65 20.33 -1.86
N HIS O 90 -57.71 19.71 -2.38
CA HIS O 90 -58.27 18.52 -1.75
C HIS O 90 -57.48 17.24 -2.09
N LEU O 91 -57.22 17.01 -3.37
CA LEU O 91 -56.50 15.80 -3.79
C LEU O 91 -55.07 15.79 -3.24
N ASN O 92 -54.54 14.59 -3.03
CA ASN O 92 -53.13 14.45 -2.67
C ASN O 92 -52.21 14.70 -3.86
N VAL O 93 -50.94 14.98 -3.57
CA VAL O 93 -49.95 15.26 -4.59
C VAL O 93 -49.89 14.21 -5.70
N ARG O 94 -49.86 12.94 -5.30
CA ARG O 94 -49.85 11.85 -6.27
C ARG O 94 -51.08 11.89 -7.18
N ASP O 95 -52.23 12.21 -6.60
CA ASP O 95 -53.49 12.27 -7.35
C ASP O 95 -53.59 13.51 -8.24
N ASN O 96 -52.99 14.61 -7.78
CA ASN O 96 -52.97 15.84 -8.56
C ASN O 96 -52.20 15.73 -9.87
N ILE O 97 -51.01 15.13 -9.80
CA ILE O 97 -50.18 14.93 -10.99
C ILE O 97 -50.88 14.02 -11.97
N SER O 98 -51.36 12.88 -11.46
CA SER O 98 -51.96 11.85 -12.27
C SER O 98 -53.37 12.22 -12.73
N PHE O 99 -53.88 13.35 -12.26
CA PHE O 99 -55.27 13.78 -12.47
C PHE O 99 -55.72 13.73 -13.91
N GLY O 100 -54.99 14.38 -14.80
CA GLY O 100 -55.38 14.41 -16.20
C GLY O 100 -55.51 13.03 -16.80
N LEU O 101 -54.66 12.10 -16.36
CA LEU O 101 -54.67 10.76 -16.94
C LEU O 101 -55.74 9.84 -16.33
N ARG O 102 -56.29 10.21 -15.18
CA ARG O 102 -57.32 9.38 -14.54
C ARG O 102 -58.71 9.82 -15.00
N LEU O 103 -58.75 10.90 -15.78
CA LEU O 103 -59.99 11.33 -16.43
C LEU O 103 -60.58 10.18 -17.23
N LYS O 104 -59.76 9.60 -18.10
CA LYS O 104 -60.17 8.42 -18.84
C LYS O 104 -59.60 7.11 -18.28
N ARG O 105 -58.80 7.22 -17.20
CA ARG O 105 -58.30 6.02 -16.51
C ARG O 105 -57.50 5.14 -17.46
N THR O 106 -58.08 3.99 -17.80
CA THR O 106 -57.60 3.02 -18.81
C THR O 106 -56.59 2.03 -18.24
N LYS O 107 -56.02 2.38 -17.08
CA LYS O 107 -55.27 1.45 -16.23
C LYS O 107 -54.63 2.21 -15.07
N LYS O 108 -54.34 1.49 -14.00
CA LYS O 108 -53.72 2.10 -12.82
C LYS O 108 -52.23 1.79 -12.85
N SER O 109 -51.84 0.97 -13.82
CA SER O 109 -50.43 0.70 -14.08
C SER O 109 -49.78 1.77 -14.96
N VAL O 110 -50.48 2.18 -16.01
CA VAL O 110 -49.96 3.16 -16.96
C VAL O 110 -49.67 4.52 -16.30
N ILE O 111 -50.63 5.01 -15.52
CA ILE O 111 -50.43 6.24 -14.76
C ILE O 111 -49.38 6.09 -13.66
N ASP O 112 -49.26 4.89 -13.11
CA ASP O 112 -48.33 4.64 -12.00
C ASP O 112 -46.89 4.75 -12.46
N ALA O 113 -46.65 4.35 -13.71
CA ALA O 113 -45.33 4.38 -14.30
C ALA O 113 -44.91 5.82 -14.57
N ALA O 114 -45.84 6.61 -15.07
CA ALA O 114 -45.60 8.00 -15.45
C ALA O 114 -45.23 8.89 -14.26
N VAL O 115 -45.96 8.74 -13.14
CA VAL O 115 -45.69 9.54 -11.95
C VAL O 115 -44.30 9.22 -11.38
N LYS O 116 -43.87 7.99 -11.53
CA LYS O 116 -42.56 7.54 -11.04
C LYS O 116 -41.50 8.41 -11.69
N THR O 117 -41.59 8.59 -13.01
CA THR O 117 -40.66 9.43 -13.73
C THR O 117 -40.66 10.85 -13.17
N ALA O 118 -41.80 11.53 -13.30
CA ALA O 118 -41.94 12.93 -12.91
C ALA O 118 -41.52 13.20 -11.46
N ALA O 119 -41.82 12.25 -10.58
CA ALA O 119 -41.48 12.38 -9.17
C ALA O 119 -39.97 12.39 -9.00
N ASP O 120 -39.31 11.53 -9.77
CA ASP O 120 -37.86 11.38 -9.73
C ASP O 120 -37.17 12.64 -10.25
N ILE O 121 -37.76 13.27 -11.24
CA ILE O 121 -37.18 14.47 -11.84
C ILE O 121 -37.09 15.63 -10.85
N LEU O 122 -38.24 16.00 -10.29
CA LEU O 122 -38.32 17.10 -9.34
C LEU O 122 -38.12 16.70 -7.87
N GLY O 123 -37.90 15.42 -7.61
CA GLY O 123 -37.67 14.98 -6.24
C GLY O 123 -38.97 15.01 -5.43
N LEU O 124 -40.05 14.63 -6.09
CA LEU O 124 -41.40 14.67 -5.53
C LEU O 124 -41.82 13.33 -4.94
N GLN O 125 -40.89 12.39 -4.83
CA GLN O 125 -41.16 11.09 -4.22
C GLN O 125 -41.57 11.14 -2.74
N PRO O 126 -40.81 11.85 -1.88
CA PRO O 126 -41.26 11.79 -0.48
C PRO O 126 -42.56 12.58 -0.27
N LEU O 127 -42.87 13.47 -1.20
CA LEU O 127 -44.04 14.35 -1.12
C LEU O 127 -45.29 13.78 -1.79
N LEU O 128 -45.19 12.55 -2.30
CA LEU O 128 -46.25 11.90 -3.08
C LEU O 128 -47.64 11.90 -2.41
N GLU O 129 -47.69 11.51 -1.15
CA GLU O 129 -48.95 11.38 -0.42
C GLU O 129 -49.31 12.62 0.37
N ARG O 130 -48.51 13.66 0.20
CA ARG O 130 -48.76 14.92 0.88
C ARG O 130 -49.95 15.67 0.22
N LYS O 131 -50.30 16.84 0.74
CA LYS O 131 -51.41 17.64 0.23
C LYS O 131 -51.00 19.10 0.04
N PRO O 132 -51.58 19.77 -0.98
CA PRO O 132 -51.18 21.14 -1.32
C PRO O 132 -51.32 22.08 -0.12
N SER O 133 -52.20 21.71 0.79
CA SER O 133 -52.46 22.46 2.02
C SER O 133 -51.23 22.57 2.91
N ASP O 134 -50.41 21.52 2.93
CA ASP O 134 -49.13 21.56 3.63
C ASP O 134 -47.91 21.49 2.72
N LEU O 135 -47.85 22.37 1.74
CA LEU O 135 -46.71 22.43 0.84
C LEU O 135 -46.23 23.86 0.66
N SER O 136 -44.95 24.01 0.31
CA SER O 136 -44.37 25.32 0.02
C SER O 136 -44.81 25.77 -1.35
N GLY O 137 -44.84 27.10 -1.56
CA GLY O 137 -45.22 27.66 -2.84
C GLY O 137 -44.34 27.13 -3.96
N GLY O 138 -43.06 26.95 -3.67
CA GLY O 138 -42.16 26.38 -4.64
C GLY O 138 -42.49 24.92 -4.88
N GLN O 139 -42.77 24.19 -3.80
CA GLN O 139 -43.13 22.79 -3.89
C GLN O 139 -44.47 22.64 -4.61
N ARG O 140 -45.39 23.56 -4.33
CA ARG O 140 -46.67 23.61 -5.01
C ARG O 140 -46.48 23.83 -6.50
N GLN O 141 -45.51 24.67 -6.87
CA GLN O 141 -45.31 24.97 -8.27
C GLN O 141 -44.53 23.83 -8.90
N ARG O 142 -43.74 23.12 -8.09
CA ARG O 142 -43.00 21.96 -8.57
C ARG O 142 -43.94 20.83 -8.97
N VAL O 143 -44.86 20.50 -8.07
CA VAL O 143 -45.81 19.42 -8.35
C VAL O 143 -46.75 19.84 -9.47
N ALA O 144 -46.99 21.15 -9.58
CA ALA O 144 -47.78 21.69 -10.68
C ALA O 144 -47.08 21.43 -12.01
N MET O 145 -45.75 21.53 -12.00
CA MET O 145 -44.96 21.21 -13.18
C MET O 145 -45.04 19.72 -13.49
N GLY O 146 -45.03 18.91 -12.44
CA GLY O 146 -45.14 17.47 -12.57
C GLY O 146 -46.40 17.07 -13.33
N ARG O 147 -47.46 17.81 -13.07
CA ARG O 147 -48.74 17.65 -13.76
C ARG O 147 -48.58 17.80 -15.27
N ALA O 148 -47.76 18.78 -15.68
CA ALA O 148 -47.57 19.06 -17.10
C ALA O 148 -46.72 17.99 -17.78
N ILE O 149 -45.58 17.68 -17.16
CA ILE O 149 -44.60 16.77 -17.77
C ILE O 149 -45.05 15.32 -17.75
N VAL O 150 -46.09 15.02 -16.98
CA VAL O 150 -46.64 13.67 -16.92
C VAL O 150 -47.58 13.44 -18.10
N ARG O 151 -47.99 14.53 -18.74
CA ARG O 151 -48.85 14.49 -19.90
C ARG O 151 -48.05 14.12 -21.15
N ASP O 152 -46.75 14.42 -21.11
CA ASP O 152 -45.84 14.22 -22.23
C ASP O 152 -46.37 14.88 -23.51
N PRO O 153 -46.40 16.23 -23.53
CA PRO O 153 -46.94 16.99 -24.65
C PRO O 153 -45.89 17.31 -25.70
N LYS O 154 -46.30 17.93 -26.80
CA LYS O 154 -45.38 18.41 -27.82
C LYS O 154 -44.80 19.77 -27.43
N VAL O 155 -45.58 20.55 -26.70
CA VAL O 155 -45.20 21.91 -26.30
C VAL O 155 -45.47 22.17 -24.81
N PHE O 156 -44.53 22.82 -24.14
CA PHE O 156 -44.73 23.28 -22.76
C PHE O 156 -45.12 24.74 -22.75
N LEU O 157 -46.13 25.07 -21.94
CA LEU O 157 -46.60 26.45 -21.85
C LEU O 157 -46.45 26.97 -20.42
N PHE O 158 -45.74 28.09 -20.30
CA PHE O 158 -45.51 28.72 -19.00
C PHE O 158 -46.01 30.15 -18.95
N ASP O 159 -46.98 30.42 -18.08
CA ASP O 159 -47.44 31.79 -17.88
C ASP O 159 -46.98 32.30 -16.52
N GLN O 160 -45.98 33.18 -16.55
CA GLN O 160 -45.40 33.79 -15.35
C GLN O 160 -45.35 32.85 -14.14
N PRO O 161 -44.67 31.69 -14.30
CA PRO O 161 -44.74 30.64 -13.27
C PRO O 161 -44.13 31.04 -11.94
N LEU O 162 -43.03 31.80 -11.97
CA LEU O 162 -42.32 32.13 -10.75
C LEU O 162 -42.73 33.49 -10.19
N SER O 163 -43.70 34.13 -10.83
CA SER O 163 -44.12 35.49 -10.46
C SER O 163 -44.58 35.64 -9.00
N ASN O 164 -45.32 34.65 -8.51
CA ASN O 164 -45.86 34.73 -7.16
C ASN O 164 -44.87 34.22 -6.12
N LEU O 165 -43.76 33.67 -6.60
CA LEU O 165 -42.71 33.17 -5.72
C LEU O 165 -41.82 34.29 -5.21
N ASP O 166 -41.19 34.08 -4.07
CA ASP O 166 -40.23 35.04 -3.51
C ASP O 166 -38.91 35.04 -4.29
N ALA O 167 -38.14 36.11 -4.14
CA ALA O 167 -36.91 36.32 -4.90
C ALA O 167 -35.91 35.17 -4.73
N LYS O 168 -35.71 34.76 -3.49
CA LYS O 168 -34.77 33.68 -3.16
C LYS O 168 -35.13 32.41 -3.92
N LEU O 169 -36.43 32.17 -4.03
CA LEU O 169 -36.98 31.00 -4.73
C LEU O 169 -36.85 31.15 -6.25
N ARG O 170 -37.03 32.36 -6.75
CA ARG O 170 -36.98 32.61 -8.19
C ARG O 170 -35.64 32.15 -8.75
N THR O 171 -34.54 32.52 -8.10
CA THR O 171 -33.22 32.16 -8.59
C THR O 171 -33.00 30.63 -8.55
N GLN O 172 -33.65 29.93 -7.63
CA GLN O 172 -33.52 28.47 -7.58
C GLN O 172 -34.31 27.79 -8.67
N MET O 173 -35.58 28.16 -8.82
CA MET O 173 -36.43 27.56 -9.83
C MET O 173 -35.92 27.88 -11.23
N ARG O 174 -35.39 29.09 -11.41
CA ARG O 174 -34.86 29.49 -12.71
C ARG O 174 -33.71 28.61 -13.16
N ALA O 175 -32.87 28.21 -12.22
CA ALA O 175 -31.78 27.30 -12.55
C ALA O 175 -32.36 25.93 -12.89
N GLU O 176 -33.31 25.49 -12.07
CA GLU O 176 -33.95 24.19 -12.26
C GLU O 176 -34.68 24.05 -13.58
N ILE O 177 -35.27 25.15 -14.07
CA ILE O 177 -35.98 25.12 -15.34
C ILE O 177 -35.05 24.95 -16.53
N LYS O 178 -33.99 25.75 -16.57
CA LYS O 178 -32.99 25.66 -17.64
C LYS O 178 -32.39 24.26 -17.62
N ARG O 179 -32.05 23.81 -16.41
CA ARG O 179 -31.49 22.49 -16.20
C ARG O 179 -32.46 21.42 -16.69
N LEU O 180 -33.76 21.64 -16.46
CA LEU O 180 -34.77 20.67 -16.83
C LEU O 180 -34.83 20.53 -18.36
N HIS O 181 -34.71 21.66 -19.07
CA HIS O 181 -34.82 21.65 -20.53
C HIS O 181 -33.63 20.91 -21.14
N GLN O 182 -32.50 20.92 -20.44
CA GLN O 182 -31.33 20.18 -20.90
C GLN O 182 -31.60 18.68 -20.77
N ARG O 183 -32.27 18.31 -19.69
CA ARG O 183 -32.58 16.92 -19.41
C ARG O 183 -33.63 16.37 -20.39
N LEU O 184 -34.75 17.08 -20.49
CA LEU O 184 -35.86 16.68 -21.35
C LEU O 184 -35.67 17.14 -22.80
N GLY O 185 -35.82 18.44 -23.05
CA GLY O 185 -35.59 19.00 -24.37
C GLY O 185 -36.82 19.29 -25.20
N THR O 186 -38.00 19.14 -24.60
CA THR O 186 -39.25 19.39 -25.30
C THR O 186 -39.36 20.88 -25.65
N THR O 187 -40.03 21.19 -26.76
CA THR O 187 -40.25 22.58 -27.14
C THR O 187 -41.05 23.33 -26.07
N VAL O 188 -40.63 24.54 -25.76
CA VAL O 188 -41.24 25.31 -24.69
C VAL O 188 -41.32 26.80 -25.01
N ILE O 189 -42.50 27.38 -24.77
CA ILE O 189 -42.70 28.82 -24.88
C ILE O 189 -42.98 29.39 -23.47
N TYR O 190 -42.29 30.47 -23.14
CA TYR O 190 -42.21 30.97 -21.77
C TYR O 190 -42.58 32.46 -21.65
N VAL O 191 -43.44 32.77 -20.69
CA VAL O 191 -43.95 34.14 -20.53
C VAL O 191 -43.51 34.77 -19.21
N THR O 192 -42.93 35.97 -19.29
CA THR O 192 -42.44 36.69 -18.11
C THR O 192 -42.60 38.21 -18.21
N HIS O 193 -42.80 38.86 -17.07
CA HIS O 193 -42.71 40.32 -17.02
C HIS O 193 -41.33 40.70 -16.51
N ASP O 194 -40.53 39.69 -16.21
CA ASP O 194 -39.20 39.91 -15.65
C ASP O 194 -38.11 39.70 -16.68
N GLN O 195 -37.34 40.76 -16.94
CA GLN O 195 -36.26 40.73 -17.92
C GLN O 195 -35.23 39.64 -17.62
N VAL O 196 -34.94 39.44 -16.33
CA VAL O 196 -33.92 38.49 -15.89
C VAL O 196 -34.18 37.07 -16.38
N GLU O 197 -35.39 36.57 -16.14
CA GLU O 197 -35.74 35.20 -16.52
C GLU O 197 -35.66 34.99 -18.03
N ALA O 198 -35.92 36.05 -18.78
CA ALA O 198 -35.85 36.01 -20.23
C ALA O 198 -34.43 35.78 -20.72
N MET O 199 -33.52 36.64 -20.27
CA MET O 199 -32.12 36.59 -20.70
C MET O 199 -31.46 35.25 -20.36
N THR O 200 -31.81 34.69 -19.21
CA THR O 200 -31.20 33.45 -18.73
C THR O 200 -31.69 32.21 -19.48
N LEU O 201 -32.99 31.97 -19.42
CA LEU O 201 -33.56 30.71 -19.88
C LEU O 201 -33.62 30.59 -21.40
N ALA O 202 -33.92 31.69 -22.08
CA ALA O 202 -34.30 31.63 -23.48
C ALA O 202 -33.15 31.37 -24.43
N ASP O 203 -33.43 30.54 -25.44
CA ASP O 203 -32.57 30.41 -26.61
C ASP O 203 -32.82 31.65 -27.47
N ARG O 204 -34.09 31.94 -27.71
CA ARG O 204 -34.49 33.17 -28.38
C ARG O 204 -35.44 33.97 -27.49
N ILE O 205 -35.29 35.29 -27.53
CA ILE O 205 -36.20 36.20 -26.82
C ILE O 205 -37.03 37.03 -27.78
N VAL O 206 -38.34 37.07 -27.53
CA VAL O 206 -39.22 37.95 -28.29
C VAL O 206 -39.91 38.91 -27.33
N VAL O 207 -39.68 40.20 -27.53
CA VAL O 207 -40.21 41.22 -26.62
C VAL O 207 -41.46 41.86 -27.24
N MET O 208 -42.50 42.01 -26.43
CA MET O 208 -43.78 42.53 -26.88
C MET O 208 -44.26 43.70 -26.04
N ARG O 209 -44.33 44.89 -26.63
CA ARG O 209 -45.05 45.99 -25.99
C ARG O 209 -46.45 46.20 -26.58
N ASP O 210 -47.40 46.52 -25.70
CA ASP O 210 -48.80 46.84 -26.03
C ASP O 210 -49.39 46.08 -27.24
N GLY O 211 -49.44 44.75 -27.16
CA GLY O 211 -49.99 43.96 -28.25
C GLY O 211 -49.12 43.70 -29.46
N LEU O 212 -48.13 44.55 -29.71
CA LEU O 212 -47.28 44.37 -30.88
C LEU O 212 -46.06 43.54 -30.51
N ILE O 213 -45.20 43.25 -31.49
CA ILE O 213 -44.00 42.50 -31.22
C ILE O 213 -42.78 43.35 -31.53
N GLU O 214 -41.98 43.63 -30.50
CA GLU O 214 -40.94 44.66 -30.60
C GLU O 214 -39.67 44.17 -31.30
N GLN O 215 -39.26 42.95 -31.01
CA GLN O 215 -38.04 42.38 -31.59
C GLN O 215 -37.89 40.89 -31.28
N ILE O 216 -37.08 40.20 -32.07
CA ILE O 216 -36.78 38.78 -31.85
C ILE O 216 -35.29 38.57 -32.02
N GLY O 217 -34.71 37.68 -31.22
CA GLY O 217 -33.31 37.33 -31.37
C GLY O 217 -32.71 36.67 -30.15
N LYS O 218 -31.47 36.22 -30.29
CA LYS O 218 -30.73 35.61 -29.18
C LYS O 218 -30.57 36.64 -28.07
N PRO O 219 -30.37 36.18 -26.82
CA PRO O 219 -30.23 37.09 -25.67
C PRO O 219 -29.20 38.19 -25.87
N MET O 220 -28.05 37.86 -26.44
CA MET O 220 -26.99 38.84 -26.62
C MET O 220 -27.27 39.82 -27.76
N ASP O 221 -28.14 39.44 -28.69
CA ASP O 221 -28.52 40.32 -29.79
C ASP O 221 -29.34 41.50 -29.29
N LEU O 222 -30.32 41.21 -28.42
CA LEU O 222 -31.18 42.24 -27.87
C LEU O 222 -30.38 43.13 -26.93
N PHE O 223 -29.38 42.56 -26.29
CA PHE O 223 -28.57 43.28 -25.31
C PHE O 223 -27.55 44.19 -26.00
N LEU O 224 -26.91 43.65 -27.03
CA LEU O 224 -25.87 44.37 -27.75
C LEU O 224 -26.50 45.34 -28.74
N HIS O 225 -27.56 44.91 -29.41
CA HIS O 225 -28.16 45.72 -30.46
C HIS O 225 -29.68 45.78 -30.33
N PRO O 226 -30.18 46.61 -29.41
CA PRO O 226 -31.62 46.81 -29.23
C PRO O 226 -32.23 47.48 -30.47
N ALA O 227 -33.46 47.11 -30.83
CA ALA O 227 -34.10 47.70 -31.99
C ALA O 227 -34.49 49.16 -31.76
N ASN O 228 -34.94 49.45 -30.55
CA ASN O 228 -35.37 50.79 -30.19
C ASN O 228 -34.97 51.19 -28.77
N THR O 229 -35.45 52.33 -28.32
CA THR O 229 -35.08 52.84 -27.00
C THR O 229 -35.79 52.04 -25.92
N PHE O 230 -36.88 51.39 -26.29
CA PHE O 230 -37.65 50.57 -25.35
C PHE O 230 -36.91 49.29 -25.05
N VAL O 231 -36.51 48.57 -26.10
CA VAL O 231 -35.77 47.33 -25.94
C VAL O 231 -34.48 47.61 -25.17
N ALA O 232 -33.93 48.81 -25.40
CA ALA O 232 -32.70 49.24 -24.74
C ALA O 232 -32.91 49.44 -23.23
N SER O 233 -34.02 50.07 -22.88
CA SER O 233 -34.33 50.39 -21.48
C SER O 233 -34.83 49.18 -20.69
N PHE O 234 -35.39 48.21 -21.39
CA PHE O 234 -35.99 47.06 -20.72
C PHE O 234 -34.94 46.08 -20.20
N ILE O 235 -34.15 45.53 -21.10
CA ILE O 235 -33.16 44.51 -20.75
C ILE O 235 -31.88 45.10 -20.16
N GLY O 236 -31.17 44.28 -19.39
CA GLY O 236 -29.97 44.70 -18.70
C GLY O 236 -30.25 44.89 -17.23
N SER O 237 -29.25 44.66 -16.39
CA SER O 237 -29.47 44.65 -14.94
C SER O 237 -29.81 46.06 -14.42
N PRO O 238 -28.97 47.08 -14.72
CA PRO O 238 -29.59 48.39 -14.52
C PRO O 238 -30.22 48.87 -15.83
N PRO O 239 -30.93 50.01 -15.83
CA PRO O 239 -31.38 50.46 -17.14
C PRO O 239 -30.22 51.11 -17.87
N MET O 240 -30.15 50.97 -19.19
CA MET O 240 -29.16 51.73 -19.95
C MET O 240 -29.42 53.24 -19.94
N ASN O 241 -28.35 54.02 -19.90
CA ASN O 241 -28.43 55.47 -19.72
C ASN O 241 -29.06 56.15 -20.94
N LEU O 242 -30.37 56.39 -20.90
CA LEU O 242 -31.03 57.09 -22.02
C LEU O 242 -31.20 58.61 -21.90
N MET O 243 -30.16 59.38 -22.18
CA MET O 243 -30.34 60.83 -22.18
C MET O 243 -30.18 61.40 -23.60
N PRO O 244 -30.86 62.51 -23.89
CA PRO O 244 -30.86 63.18 -25.21
C PRO O 244 -29.53 63.83 -25.58
N ALA O 245 -29.22 63.87 -26.87
CA ALA O 245 -27.95 64.43 -27.32
C ALA O 245 -28.08 64.97 -28.74
N ARG O 246 -26.98 65.44 -29.31
CA ARG O 246 -27.00 66.03 -30.64
C ARG O 246 -25.71 65.79 -31.44
N ILE O 247 -25.57 66.46 -32.58
CA ILE O 247 -24.47 66.18 -33.51
C ILE O 247 -23.64 67.42 -33.83
N ALA O 248 -24.28 68.45 -34.38
CA ALA O 248 -23.67 69.75 -34.66
C ALA O 248 -22.54 69.72 -35.71
N VAL O 249 -21.35 70.16 -35.29
CA VAL O 249 -20.23 70.49 -36.19
C VAL O 249 -19.97 69.46 -37.28
N ASP O 250 -19.66 68.24 -36.89
CA ASP O 250 -19.52 67.15 -37.86
C ASP O 250 -20.36 65.97 -37.40
N SER O 251 -20.44 64.94 -38.23
CA SER O 251 -21.44 63.89 -38.03
C SER O 251 -20.83 62.65 -37.42
N THR O 252 -20.10 61.89 -38.23
CA THR O 252 -19.62 60.56 -37.86
C THR O 252 -18.54 60.63 -36.78
N GLN O 253 -18.11 61.84 -36.44
CA GLN O 253 -17.02 62.03 -35.49
C GLN O 253 -17.50 62.36 -34.07
N HIS O 254 -18.15 63.50 -33.91
CA HIS O 254 -18.47 64.00 -32.58
C HIS O 254 -19.94 64.01 -32.22
N VAL O 255 -20.24 63.72 -30.97
CA VAL O 255 -21.60 63.84 -30.45
C VAL O 255 -21.60 64.58 -29.12
N GLU O 256 -22.44 65.60 -29.01
CA GLU O 256 -22.46 66.42 -27.81
C GLU O 256 -23.81 66.36 -27.09
N LEU O 257 -23.78 66.31 -25.76
CA LEU O 257 -25.01 66.32 -24.98
C LEU O 257 -25.13 67.54 -24.05
N ASN O 258 -26.24 67.62 -23.31
CA ASN O 258 -26.63 68.81 -22.54
C ASN O 258 -25.61 69.28 -21.49
N GLY O 259 -24.71 68.40 -21.09
CA GLY O 259 -23.76 68.70 -20.04
C GLY O 259 -22.54 69.51 -20.47
N GLY O 260 -22.67 70.24 -21.58
CA GLY O 260 -21.58 71.03 -22.12
C GLY O 260 -20.40 70.10 -22.33
N ASN O 261 -20.75 68.91 -22.82
CA ASN O 261 -19.83 67.80 -23.00
C ASN O 261 -19.92 67.31 -24.43
N ARG O 262 -18.83 66.73 -24.92
CA ARG O 262 -18.77 66.27 -26.30
C ARG O 262 -18.04 64.94 -26.36
N ILE O 263 -18.57 64.03 -27.16
CA ILE O 263 -18.04 62.68 -27.26
C ILE O 263 -17.65 62.32 -28.69
N SER O 264 -16.41 61.92 -28.89
CA SER O 264 -15.98 61.44 -30.19
C SER O 264 -16.57 60.07 -30.47
N LEU O 265 -16.96 59.85 -31.72
CA LEU O 265 -17.66 58.63 -32.11
C LEU O 265 -16.82 57.76 -33.04
N LEU O 266 -16.93 56.44 -32.84
CA LEU O 266 -16.33 55.47 -33.73
C LEU O 266 -17.11 55.42 -35.04
N PRO O 267 -16.42 55.21 -36.18
CA PRO O 267 -17.00 55.41 -37.51
C PRO O 267 -18.25 54.54 -37.75
N ARG O 268 -18.15 53.24 -37.47
CA ARG O 268 -19.24 52.29 -37.72
C ARG O 268 -19.96 52.34 -39.06
N ALA O 269 -19.35 51.87 -40.13
CA ALA O 269 -19.91 52.06 -41.48
C ALA O 269 -21.36 51.58 -41.67
N GLY O 270 -22.02 52.26 -42.60
CA GLY O 270 -23.42 52.05 -42.94
C GLY O 270 -24.34 52.83 -42.02
N THR O 271 -23.74 53.65 -41.15
CA THR O 271 -24.51 54.49 -40.23
C THR O 271 -25.21 55.64 -40.93
N HIS O 272 -24.41 56.45 -41.65
CA HIS O 272 -24.87 57.65 -42.36
C HIS O 272 -25.85 58.49 -41.55
N LEU O 273 -25.38 59.06 -40.45
CA LEU O 273 -26.22 59.98 -39.69
C LEU O 273 -25.95 61.44 -40.04
N ALA O 274 -27.00 62.26 -39.94
CA ALA O 274 -26.94 63.65 -40.36
C ALA O 274 -26.55 64.60 -39.22
N PRO O 275 -25.81 65.66 -39.54
CA PRO O 275 -25.37 66.65 -38.55
C PRO O 275 -26.55 67.45 -38.01
N GLY O 276 -26.59 67.69 -36.71
CA GLY O 276 -27.67 68.44 -36.10
C GLY O 276 -28.88 67.61 -35.73
N GLN O 277 -28.85 66.33 -36.11
CA GLN O 277 -29.98 65.42 -35.91
C GLN O 277 -30.32 65.23 -34.43
N GLU O 278 -31.58 65.42 -34.09
CA GLU O 278 -32.06 65.18 -32.73
C GLU O 278 -31.87 63.69 -32.40
N VAL O 279 -31.27 63.40 -31.25
CA VAL O 279 -30.88 62.04 -30.94
C VAL O 279 -30.82 61.81 -29.43
N VAL O 280 -30.94 60.55 -29.01
CA VAL O 280 -30.73 60.19 -27.62
C VAL O 280 -29.53 59.26 -27.50
N PHE O 281 -28.63 59.56 -26.56
CA PHE O 281 -27.37 58.83 -26.45
C PHE O 281 -27.42 57.81 -25.33
N GLY O 282 -27.47 56.53 -25.71
CA GLY O 282 -27.46 55.45 -24.75
C GLY O 282 -26.07 54.95 -24.38
N ILE O 283 -25.90 54.60 -23.11
CA ILE O 283 -24.70 53.92 -22.64
C ILE O 283 -25.05 53.08 -21.40
N ARG O 284 -24.42 51.92 -21.26
CA ARG O 284 -24.71 51.06 -20.11
C ARG O 284 -23.80 51.37 -18.94
N PRO O 285 -24.33 51.26 -17.71
CA PRO O 285 -23.59 51.55 -16.48
C PRO O 285 -22.30 50.76 -16.36
N GLU O 286 -22.25 49.56 -16.95
CA GLU O 286 -21.05 48.74 -16.91
C GLU O 286 -20.06 49.25 -17.96
N ASP O 287 -20.57 49.99 -18.93
CA ASP O 287 -19.75 50.49 -20.03
C ASP O 287 -19.21 51.87 -19.70
N VAL O 288 -19.51 52.35 -18.49
CA VAL O 288 -18.96 53.60 -18.00
C VAL O 288 -18.05 53.34 -16.80
N THR O 289 -16.86 53.93 -16.81
CA THR O 289 -15.91 53.76 -15.72
C THR O 289 -15.54 55.13 -15.16
N LEU O 290 -14.65 55.14 -14.18
CA LEU O 290 -14.22 56.41 -13.58
C LEU O 290 -13.03 56.98 -14.34
N ASP O 291 -12.39 57.98 -13.73
CA ASP O 291 -11.23 58.65 -14.31
C ASP O 291 -10.03 57.70 -14.50
N GLY O 292 -10.13 56.49 -13.96
CA GLY O 292 -9.03 55.53 -13.95
C GLY O 292 -8.70 54.88 -15.28
N VAL O 293 -9.34 55.37 -16.33
CA VAL O 293 -9.11 54.94 -17.71
C VAL O 293 -8.01 55.83 -18.34
N GLU O 294 -7.31 56.55 -17.48
CA GLU O 294 -5.99 57.17 -17.76
C GLU O 294 -5.96 58.21 -18.89
N GLY O 295 -6.45 59.39 -18.53
CA GLY O 295 -6.19 60.68 -19.20
C GLY O 295 -7.13 60.98 -20.36
N SER O 296 -7.97 60.02 -20.71
CA SER O 296 -9.03 60.22 -21.70
C SER O 296 -8.69 60.75 -23.09
N GLU O 297 -8.10 59.89 -23.90
CA GLU O 297 -7.76 60.21 -25.28
C GLU O 297 -8.85 60.93 -26.10
N ARG O 298 -10.08 60.42 -26.03
CA ARG O 298 -11.21 60.95 -26.83
C ARG O 298 -12.06 62.09 -26.25
N ALA O 299 -11.64 62.63 -25.10
CA ALA O 299 -12.33 63.75 -24.44
C ALA O 299 -13.78 63.41 -24.03
N GLN O 300 -13.86 62.60 -22.99
CA GLN O 300 -15.09 61.99 -22.46
C GLN O 300 -15.96 62.95 -21.64
N ILE O 301 -17.07 62.42 -21.12
CA ILE O 301 -18.07 63.22 -20.41
C ILE O 301 -17.51 63.79 -19.09
N LYS O 302 -18.08 64.89 -18.62
CA LYS O 302 -17.68 65.50 -17.35
C LYS O 302 -18.95 65.48 -16.47
N ALA O 303 -18.83 65.21 -15.17
CA ALA O 303 -20.03 65.16 -14.35
C ALA O 303 -19.84 65.54 -12.88
N THR O 304 -20.95 65.72 -12.17
CA THR O 304 -20.97 65.97 -10.73
C THR O 304 -21.79 64.90 -10.04
N VAL O 305 -21.25 64.36 -8.96
CA VAL O 305 -21.84 63.20 -8.27
C VAL O 305 -23.10 63.53 -7.47
N ASP O 306 -24.17 62.77 -7.69
CA ASP O 306 -25.41 62.94 -6.95
C ASP O 306 -25.39 62.11 -5.68
N ILE O 307 -25.38 60.78 -5.83
CA ILE O 307 -25.30 59.86 -4.69
C ILE O 307 -24.55 58.59 -5.11
N VAL O 308 -24.05 57.86 -4.12
CA VAL O 308 -23.39 56.58 -4.37
C VAL O 308 -23.99 55.47 -3.48
N GLU O 309 -24.50 54.42 -4.11
CA GLU O 309 -25.08 53.29 -3.38
C GLU O 309 -24.20 52.05 -3.44
N PRO O 310 -23.51 51.74 -2.33
CA PRO O 310 -22.72 50.50 -2.28
C PRO O 310 -23.62 49.27 -2.27
N LEU O 311 -23.36 48.33 -3.17
CA LEU O 311 -24.11 47.07 -3.22
C LEU O 311 -23.25 45.92 -2.75
N GLY O 312 -22.43 45.44 -3.67
CA GLY O 312 -21.61 44.27 -3.46
C GLY O 312 -20.18 44.74 -3.42
N SER O 313 -19.28 43.92 -3.95
CA SER O 313 -17.93 44.34 -4.32
C SER O 313 -18.01 45.44 -5.38
N GLU O 314 -19.21 45.65 -5.91
CA GLU O 314 -19.50 46.72 -6.84
C GLU O 314 -20.27 47.84 -6.14
N SER O 315 -20.48 48.95 -6.82
CA SER O 315 -21.24 50.06 -6.28
C SER O 315 -22.00 50.84 -7.36
N ILE O 316 -23.19 51.32 -7.00
CA ILE O 316 -24.02 52.06 -7.95
C ILE O 316 -23.81 53.56 -7.79
N LEU O 317 -23.26 54.18 -8.82
CA LEU O 317 -22.98 55.61 -8.79
C LEU O 317 -24.02 56.41 -9.56
N HIS O 318 -24.63 57.37 -8.88
CA HIS O 318 -25.53 58.30 -9.53
C HIS O 318 -24.79 59.61 -9.75
N ALA O 319 -24.53 59.94 -11.01
CA ALA O 319 -23.84 61.18 -11.33
C ALA O 319 -24.72 62.10 -12.16
N THR O 320 -24.63 63.39 -11.90
CA THR O 320 -25.43 64.37 -12.61
C THR O 320 -24.70 65.24 -13.63
N VAL O 321 -25.15 65.11 -14.87
CA VAL O 321 -24.68 65.95 -15.97
C VAL O 321 -25.89 66.83 -16.17
N GLY O 322 -25.88 67.71 -17.17
CA GLY O 322 -26.98 68.63 -17.50
C GLY O 322 -28.27 68.60 -16.68
N ASP O 323 -29.40 68.77 -17.35
CA ASP O 323 -30.66 68.67 -16.65
C ASP O 323 -30.95 67.20 -16.31
N HIS O 324 -30.18 66.28 -16.89
CA HIS O 324 -30.37 64.85 -16.70
C HIS O 324 -29.22 64.16 -15.96
N SER O 325 -29.53 63.03 -15.33
CA SER O 325 -28.52 62.25 -14.59
C SER O 325 -28.28 60.87 -15.21
N LEU O 326 -27.03 60.44 -15.20
CA LEU O 326 -26.71 59.10 -15.71
C LEU O 326 -26.14 58.22 -14.60
N VAL O 327 -26.44 56.92 -14.69
CA VAL O 327 -26.03 55.97 -13.67
C VAL O 327 -24.92 55.08 -14.19
N VAL O 328 -23.82 55.01 -13.46
CA VAL O 328 -22.71 54.18 -13.87
C VAL O 328 -22.40 53.17 -12.76
N LYS O 329 -22.12 51.93 -13.16
CA LYS O 329 -21.77 50.89 -12.21
C LYS O 329 -20.25 50.75 -12.09
N VAL O 330 -19.72 51.14 -10.92
CA VAL O 330 -18.29 51.08 -10.68
C VAL O 330 -17.91 49.92 -9.75
N GLY O 331 -16.88 49.17 -10.13
CA GLY O 331 -16.36 48.18 -9.21
C GLY O 331 -15.59 48.87 -8.10
N GLY O 332 -16.04 48.74 -6.86
CA GLY O 332 -15.34 49.36 -5.76
C GLY O 332 -16.20 49.95 -4.66
N LEU O 333 -15.57 50.80 -3.85
CA LEU O 333 -16.26 51.67 -2.90
C LEU O 333 -15.70 53.09 -3.00
N ASN O 334 -14.40 53.20 -2.73
CA ASN O 334 -13.60 54.41 -2.91
C ASN O 334 -14.15 55.58 -2.10
N GLU O 335 -13.86 56.80 -2.53
CA GLU O 335 -14.14 57.95 -1.68
C GLU O 335 -15.28 58.84 -2.17
N VAL O 336 -15.99 58.38 -3.20
CA VAL O 336 -16.99 59.19 -3.92
C VAL O 336 -17.87 60.01 -2.95
N HIS O 337 -17.27 60.98 -2.28
CA HIS O 337 -17.95 61.94 -1.40
C HIS O 337 -18.90 62.90 -2.12
N PRO O 338 -20.18 62.52 -2.26
CA PRO O 338 -21.16 63.20 -3.11
C PRO O 338 -21.15 64.72 -2.96
N GLY O 339 -21.41 65.42 -4.07
CA GLY O 339 -21.42 66.88 -4.08
C GLY O 339 -20.22 67.49 -4.77
N ASP O 340 -19.14 66.71 -4.90
CA ASP O 340 -17.96 67.16 -5.65
C ASP O 340 -18.05 66.72 -7.10
N PRO O 341 -17.32 67.40 -7.99
CA PRO O 341 -17.33 66.98 -9.39
C PRO O 341 -16.57 65.68 -9.59
N VAL O 342 -16.84 64.99 -10.69
CA VAL O 342 -16.18 63.72 -11.00
C VAL O 342 -16.08 63.52 -12.50
N THR O 343 -15.08 62.77 -12.93
CA THR O 343 -14.92 62.49 -14.33
C THR O 343 -15.28 61.04 -14.60
N LEU O 344 -16.14 60.83 -15.59
CA LEU O 344 -16.57 59.50 -15.99
C LEU O 344 -16.02 59.20 -17.38
N HIS O 345 -15.68 57.94 -17.61
CA HIS O 345 -15.14 57.51 -18.89
C HIS O 345 -16.01 56.54 -19.67
N VAL O 346 -16.51 56.99 -20.82
CA VAL O 346 -17.42 56.16 -21.60
C VAL O 346 -16.67 55.20 -22.52
N ASP O 347 -17.13 53.95 -22.60
CA ASP O 347 -16.63 53.00 -23.57
C ASP O 347 -17.15 53.38 -24.96
N LEU O 348 -16.26 53.56 -25.92
CA LEU O 348 -16.67 54.08 -27.22
C LEU O 348 -17.36 53.03 -28.09
N THR O 349 -17.04 51.76 -27.87
CA THR O 349 -17.55 50.69 -28.71
C THR O 349 -18.99 50.33 -28.35
N ARG O 350 -19.35 50.54 -27.09
CA ARG O 350 -20.64 50.08 -26.58
C ARG O 350 -21.72 51.16 -26.61
N VAL O 351 -21.40 52.33 -27.16
CA VAL O 351 -22.38 53.41 -27.24
C VAL O 351 -23.51 53.09 -28.22
N HIS O 352 -24.69 53.65 -27.94
CA HIS O 352 -25.85 53.46 -28.79
C HIS O 352 -26.59 54.77 -29.01
N LEU O 353 -27.05 54.99 -30.24
CA LEU O 353 -27.75 56.23 -30.58
C LEU O 353 -29.12 55.91 -31.17
N PHE O 354 -30.13 56.66 -30.78
CA PHE O 354 -31.48 56.49 -31.31
C PHE O 354 -32.08 57.84 -31.70
N ASP O 355 -32.73 57.87 -32.85
CA ASP O 355 -33.41 59.09 -33.31
C ASP O 355 -34.54 59.45 -32.35
N ALA O 356 -34.88 60.73 -32.28
CA ALA O 356 -35.90 61.20 -31.35
C ALA O 356 -37.30 60.91 -31.87
N GLN O 357 -37.50 61.01 -33.18
CA GLN O 357 -38.79 60.74 -33.78
C GLN O 357 -38.94 59.25 -34.03
N SER O 358 -38.23 58.76 -35.04
CA SER O 358 -38.09 57.33 -35.29
C SER O 358 -37.31 56.65 -34.16
N GLN O 359 -37.98 56.46 -33.03
CA GLN O 359 -37.43 55.83 -31.81
C GLN O 359 -36.48 54.63 -31.95
N ALA O 360 -35.92 54.37 -33.14
CA ALA O 360 -35.12 53.17 -33.37
C ALA O 360 -33.62 53.39 -33.50
N SER O 361 -32.90 52.27 -33.60
CA SER O 361 -31.46 52.20 -33.38
C SER O 361 -30.62 52.74 -34.55
N ILE O 362 -30.35 54.04 -34.56
CA ILE O 362 -29.49 54.63 -35.59
C ILE O 362 -28.08 54.04 -35.61
N TYR O 363 -27.30 54.30 -34.56
CA TYR O 363 -25.94 53.78 -34.44
C TYR O 363 -25.90 52.26 -34.31
N MET P 1 -34.92 66.57 16.73
CA MET P 1 -34.54 66.98 15.38
C MET P 1 -33.46 66.05 14.87
N VAL P 2 -32.22 66.34 15.21
CA VAL P 2 -31.12 65.40 14.96
C VAL P 2 -30.74 64.84 16.33
N ALA P 3 -31.08 63.58 16.55
CA ALA P 3 -30.96 63.00 17.89
C ALA P 3 -30.37 61.59 17.88
N SER P 4 -29.90 61.15 19.04
CA SER P 4 -29.30 59.83 19.16
C SER P 4 -30.23 58.93 19.97
N VAL P 5 -30.45 57.72 19.47
CA VAL P 5 -31.25 56.74 20.19
C VAL P 5 -30.39 55.57 20.66
N SER P 6 -30.43 55.29 21.95
CA SER P 6 -29.69 54.17 22.51
C SER P 6 -30.63 53.06 22.97
N ILE P 7 -30.33 51.85 22.52
CA ILE P 7 -31.14 50.67 22.86
C ILE P 7 -30.30 49.73 23.69
N GLN P 8 -30.74 49.49 24.93
CA GLN P 8 -29.94 48.73 25.88
C GLN P 8 -30.67 47.49 26.37
N ASN P 9 -30.17 46.33 25.99
CA ASN P 9 -30.69 45.04 26.44
C ASN P 9 -32.20 44.91 26.26
N VAL P 10 -32.73 45.46 25.18
CA VAL P 10 -34.17 45.41 24.97
C VAL P 10 -34.60 43.99 24.64
N VAL P 11 -35.63 43.52 25.34
CA VAL P 11 -36.15 42.18 25.17
C VAL P 11 -37.68 42.22 25.19
N LYS P 12 -38.31 41.53 24.25
CA LYS P 12 -39.75 41.44 24.18
C LYS P 12 -40.16 39.99 24.42
N ARG P 13 -41.16 39.81 25.27
CA ARG P 13 -41.69 38.50 25.60
C ARG P 13 -43.18 38.46 25.32
N TYR P 14 -43.61 37.48 24.52
CA TYR P 14 -45.03 37.27 24.30
C TYR P 14 -45.59 36.39 25.42
N ASP P 15 -45.85 35.12 25.14
CA ASP P 15 -46.33 34.25 26.21
C ASP P 15 -45.13 33.85 27.07
N LYS P 16 -44.51 32.72 26.74
CA LYS P 16 -43.24 32.36 27.35
C LYS P 16 -42.14 32.62 26.33
N THR P 17 -42.58 33.03 25.14
CA THR P 17 -41.74 33.05 23.94
C THR P 17 -40.83 34.27 23.77
N THR P 18 -39.70 34.24 24.47
CA THR P 18 -38.71 35.32 24.45
C THR P 18 -38.30 35.66 23.01
N VAL P 19 -39.12 36.47 22.33
CA VAL P 19 -38.87 36.78 20.92
C VAL P 19 -37.52 37.43 20.66
N VAL P 20 -37.21 38.54 21.33
CA VAL P 20 -35.90 39.16 21.11
C VAL P 20 -35.10 38.98 22.42
N HIS P 21 -33.82 38.65 22.27
CA HIS P 21 -33.00 38.16 23.38
C HIS P 21 -32.12 39.19 24.10
N GLY P 22 -32.48 40.47 24.03
CA GLY P 22 -31.70 41.54 24.61
C GLY P 22 -30.67 42.12 23.66
N VAL P 23 -31.14 42.40 22.45
CA VAL P 23 -30.38 43.12 21.45
C VAL P 23 -30.07 44.50 22.01
N SER P 24 -28.82 44.92 21.87
CA SER P 24 -28.41 46.24 22.31
C SER P 24 -27.78 47.00 21.15
N LEU P 25 -28.25 48.22 20.90
CA LEU P 25 -27.69 49.01 19.81
C LEU P 25 -27.65 50.49 20.18
N ASP P 26 -26.54 51.15 19.88
CA ASP P 26 -26.44 52.60 20.05
C ASP P 26 -26.32 53.29 18.70
N ILE P 27 -27.20 54.27 18.47
CA ILE P 27 -27.30 54.92 17.16
C ILE P 27 -26.85 56.38 17.21
N GLU P 28 -25.85 56.71 16.39
CA GLU P 28 -25.34 58.07 16.32
C GLU P 28 -26.40 59.01 15.76
N PRO P 29 -26.33 60.30 16.12
CA PRO P 29 -27.26 61.29 15.57
C PRO P 29 -27.08 61.49 14.06
N GLY P 30 -28.18 61.50 13.31
CA GLY P 30 -28.11 61.72 11.87
C GLY P 30 -27.67 60.49 11.11
N GLU P 31 -27.55 59.36 11.81
CA GLU P 31 -27.06 58.13 11.21
C GLU P 31 -28.20 57.31 10.57
N PHE P 32 -27.88 56.68 9.44
CA PHE P 32 -28.80 55.77 8.77
C PHE P 32 -28.39 54.34 9.09
N VAL P 33 -29.21 53.65 9.87
CA VAL P 33 -28.91 52.29 10.29
C VAL P 33 -30.01 51.35 9.82
N VAL P 34 -29.62 50.21 9.26
CA VAL P 34 -30.58 49.27 8.71
C VAL P 34 -30.61 47.94 9.44
N LEU P 35 -31.80 47.56 9.88
CA LEU P 35 -32.02 46.22 10.41
C LEU P 35 -32.34 45.33 9.22
N VAL P 36 -31.70 44.17 9.15
CA VAL P 36 -31.88 43.29 8.00
C VAL P 36 -31.72 41.84 8.44
N GLY P 37 -32.50 40.96 7.84
CA GLY P 37 -32.40 39.54 8.12
C GLY P 37 -33.51 38.77 7.44
N PRO P 38 -33.63 37.48 7.75
CA PRO P 38 -34.69 36.63 7.20
C PRO P 38 -36.00 36.96 7.89
N SER P 39 -37.06 36.21 7.62
CA SER P 39 -38.34 36.51 8.25
C SER P 39 -38.32 36.03 9.70
N GLY P 40 -39.45 36.19 10.39
CA GLY P 40 -39.61 35.69 11.75
C GLY P 40 -38.46 36.08 12.68
N CYS P 41 -37.94 37.28 12.48
CA CYS P 41 -36.94 37.86 13.38
C CYS P 41 -37.43 39.17 13.97
N GLY P 42 -36.81 39.62 15.05
CA GLY P 42 -37.35 40.75 15.79
C GLY P 42 -37.03 42.11 15.21
N LYS P 43 -36.66 42.14 13.93
CA LYS P 43 -36.31 43.38 13.23
C LYS P 43 -37.43 44.40 13.36
N SER P 44 -38.63 43.97 12.96
CA SER P 44 -39.83 44.76 13.04
C SER P 44 -40.21 44.96 14.52
N THR P 45 -40.10 43.88 15.29
CA THR P 45 -40.47 43.87 16.70
C THR P 45 -39.64 44.92 17.44
N THR P 46 -38.38 45.03 17.08
CA THR P 46 -37.51 46.05 17.64
C THR P 46 -38.02 47.44 17.26
N LEU P 47 -38.25 47.65 15.96
CA LEU P 47 -38.74 48.92 15.44
C LEU P 47 -40.04 49.37 16.11
N ARG P 48 -40.94 48.40 16.25
CA ARG P 48 -42.25 48.62 16.83
C ARG P 48 -42.11 49.01 18.31
N MET P 49 -41.10 48.42 18.96
CA MET P 49 -40.80 48.73 20.35
C MET P 49 -40.30 50.16 20.52
N VAL P 50 -39.57 50.63 19.51
CA VAL P 50 -39.09 52.01 19.46
C VAL P 50 -40.27 52.95 19.32
N ALA P 51 -41.17 52.61 18.39
CA ALA P 51 -42.37 53.40 18.12
C ALA P 51 -43.30 53.45 19.33
N GLY P 52 -43.34 52.35 20.08
CA GLY P 52 -44.20 52.26 21.24
C GLY P 52 -45.47 51.48 20.95
N LEU P 53 -45.51 50.84 19.78
CA LEU P 53 -46.65 50.02 19.39
C LEU P 53 -46.60 48.66 20.09
N GLU P 54 -45.45 48.34 20.67
CA GLU P 54 -45.30 47.15 21.48
C GLU P 54 -44.55 47.46 22.77
N GLU P 55 -44.94 46.77 23.84
CA GLU P 55 -44.38 46.98 25.17
C GLU P 55 -42.97 46.41 25.33
N ILE P 56 -42.17 47.05 26.19
CA ILE P 56 -40.82 46.57 26.46
C ILE P 56 -40.81 45.59 27.64
N SER P 57 -40.49 44.34 27.38
CA SER P 57 -40.57 43.31 28.42
C SER P 57 -39.32 43.30 29.30
N GLY P 58 -38.31 44.05 28.90
CA GLY P 58 -37.08 44.17 29.69
C GLY P 58 -36.05 45.04 29.02
N GLY P 59 -35.11 45.56 29.80
CA GLY P 59 -34.11 46.48 29.28
C GLY P 59 -34.69 47.86 29.03
N THR P 60 -33.82 48.82 28.73
CA THR P 60 -34.27 50.18 28.48
C THR P 60 -33.78 50.72 27.14
N ILE P 61 -34.60 51.56 26.51
CA ILE P 61 -34.21 52.27 25.31
C ILE P 61 -34.55 53.75 25.49
N ARG P 62 -33.70 54.62 24.96
CA ARG P 62 -33.92 56.06 25.16
C ARG P 62 -33.48 56.90 23.96
N ILE P 63 -34.24 57.96 23.69
CA ILE P 63 -33.85 58.92 22.66
C ILE P 63 -33.28 60.14 23.36
N ASP P 64 -32.05 60.50 22.99
CA ASP P 64 -31.29 61.51 23.72
C ASP P 64 -31.21 61.14 25.20
N GLY P 65 -31.74 62.01 26.06
CA GLY P 65 -31.77 61.73 27.49
C GLY P 65 -33.11 61.19 27.93
N ARG P 66 -34.12 61.36 27.09
CA ARG P 66 -35.49 60.91 27.38
C ARG P 66 -35.59 59.39 27.35
N VAL P 67 -36.02 58.79 28.46
CA VAL P 67 -36.34 57.36 28.46
C VAL P 67 -37.79 57.13 28.03
N ILE P 68 -37.96 56.46 26.90
CA ILE P 68 -39.27 56.36 26.26
C ILE P 68 -40.01 55.06 26.58
N ASN P 69 -39.42 54.21 27.41
CA ASN P 69 -39.99 52.89 27.72
C ASN P 69 -41.46 52.93 28.16
N ASP P 70 -41.76 53.79 29.13
CA ASP P 70 -43.12 53.96 29.63
C ASP P 70 -43.85 55.11 28.95
N LEU P 71 -43.21 55.73 27.96
CA LEU P 71 -43.79 56.87 27.25
C LEU P 71 -44.89 56.44 26.27
N ALA P 72 -45.47 57.43 25.60
CA ALA P 72 -46.52 57.19 24.61
C ALA P 72 -45.99 57.55 23.23
N PRO P 73 -46.39 56.78 22.21
CA PRO P 73 -45.98 56.97 20.81
C PRO P 73 -46.14 58.42 20.33
N LYS P 74 -47.20 59.07 20.78
CA LYS P 74 -47.44 60.47 20.44
C LYS P 74 -46.34 61.37 21.00
N ASP P 75 -45.88 61.05 22.21
CA ASP P 75 -44.89 61.86 22.90
C ASP P 75 -43.45 61.35 22.74
N ARG P 76 -43.27 60.30 21.94
CA ARG P 76 -41.96 59.71 21.76
C ARG P 76 -41.11 60.46 20.73
N ASP P 77 -41.70 61.49 20.14
CA ASP P 77 -41.03 62.30 19.11
C ASP P 77 -40.57 61.45 17.92
N VAL P 78 -41.38 60.46 17.56
CA VAL P 78 -41.06 59.57 16.45
C VAL P 78 -42.16 59.57 15.39
N ALA P 79 -41.82 59.14 14.19
CA ALA P 79 -42.79 58.96 13.12
C ALA P 79 -42.52 57.66 12.39
N MET P 80 -43.58 56.99 11.95
CA MET P 80 -43.43 55.68 11.34
C MET P 80 -44.08 55.56 9.97
N VAL P 81 -43.34 54.92 9.05
CA VAL P 81 -43.84 54.59 7.73
C VAL P 81 -44.03 53.07 7.67
N PHE P 82 -45.29 52.65 7.63
CA PHE P 82 -45.61 51.23 7.71
C PHE P 82 -45.42 50.51 6.37
N GLN P 83 -45.56 49.18 6.40
CA GLN P 83 -45.35 48.40 5.19
C GLN P 83 -46.55 48.54 4.25
N ASN P 84 -47.76 48.39 4.78
CA ASN P 84 -48.92 48.46 3.90
C ASN P 84 -49.68 49.75 4.08
N TYR P 85 -49.47 50.71 3.19
CA TYR P 85 -50.42 51.80 2.91
C TYR P 85 -51.11 52.32 4.17
N ALA P 86 -50.38 53.08 4.98
CA ALA P 86 -50.92 53.59 6.23
C ALA P 86 -51.80 54.82 6.04
N LEU P 87 -52.14 55.11 4.80
CA LEU P 87 -52.95 56.29 4.50
C LEU P 87 -54.42 55.90 4.41
N TYR P 88 -55.28 56.79 4.91
CA TYR P 88 -56.73 56.54 4.91
C TYR P 88 -57.34 56.84 3.55
N PRO P 89 -58.00 55.84 2.94
CA PRO P 89 -58.43 55.92 1.54
C PRO P 89 -59.58 56.89 1.31
N HIS P 90 -60.26 57.30 2.37
CA HIS P 90 -61.33 58.28 2.25
C HIS P 90 -60.82 59.73 2.18
N LEU P 91 -59.95 60.12 3.11
CA LEU P 91 -59.43 61.49 3.13
C LEU P 91 -58.61 61.78 1.87
N ASN P 92 -58.57 63.04 1.45
CA ASN P 92 -57.70 63.45 0.36
C ASN P 92 -56.24 63.51 0.79
N VAL P 93 -55.34 63.47 -0.20
CA VAL P 93 -53.90 63.51 0.04
C VAL P 93 -53.47 64.64 0.96
N ARG P 94 -53.96 65.85 0.70
CA ARG P 94 -53.65 66.99 1.54
C ARG P 94 -54.09 66.77 2.99
N ASP P 95 -55.25 66.15 3.15
CA ASP P 95 -55.80 65.90 4.48
C ASP P 95 -55.09 64.73 5.17
N ASN P 96 -54.63 63.77 4.37
CA ASN P 96 -53.89 62.64 4.91
C ASN P 96 -52.55 63.01 5.53
N ILE P 97 -51.78 63.85 4.85
CA ILE P 97 -50.49 64.31 5.35
C ILE P 97 -50.68 65.12 6.62
N SER P 98 -51.60 66.08 6.55
CA SER P 98 -51.85 67.03 7.63
C SER P 98 -52.63 66.41 8.79
N PHE P 99 -53.04 65.15 8.64
CA PHE P 99 -53.91 64.47 9.59
C PHE P 99 -53.46 64.59 11.03
N GLY P 100 -52.24 64.18 11.33
CA GLY P 100 -51.74 64.22 12.68
C GLY P 100 -51.77 65.62 13.29
N LEU P 101 -51.52 66.62 12.46
CA LEU P 101 -51.44 68.00 12.93
C LEU P 101 -52.78 68.71 13.07
N ARG P 102 -53.83 68.18 12.46
CA ARG P 102 -55.14 68.84 12.54
C ARG P 102 -55.94 68.30 13.73
N LEU P 103 -55.40 67.28 14.39
CA LEU P 103 -55.98 66.80 15.63
C LEU P 103 -56.09 67.94 16.63
N LYS P 104 -54.98 68.61 16.87
CA LYS P 104 -54.95 69.81 17.71
C LYS P 104 -54.85 71.10 16.89
N ARG P 105 -53.66 71.70 16.92
CA ARG P 105 -53.37 73.02 16.36
C ARG P 105 -53.95 73.35 14.98
N THR P 106 -54.73 74.43 14.95
CA THR P 106 -55.13 75.10 13.71
C THR P 106 -55.12 76.61 13.97
N LYS P 107 -55.00 77.40 12.91
CA LYS P 107 -54.96 78.86 13.00
C LYS P 107 -53.93 79.36 14.02
N LYS P 108 -52.67 79.37 13.58
CA LYS P 108 -51.46 79.92 14.23
C LYS P 108 -50.39 78.86 14.00
N SER P 109 -50.87 77.67 13.67
CA SER P 109 -50.01 76.57 13.25
C SER P 109 -49.72 76.71 11.76
N VAL P 110 -50.66 77.33 11.06
CA VAL P 110 -50.58 77.63 9.63
C VAL P 110 -50.62 76.39 8.75
N ILE P 111 -49.83 75.37 9.10
CA ILE P 111 -49.84 74.07 8.41
C ILE P 111 -49.40 74.17 6.94
N ASP P 112 -49.68 75.32 6.33
CA ASP P 112 -49.40 75.54 4.91
C ASP P 112 -47.92 75.55 4.62
N ALA P 113 -47.11 76.05 5.56
CA ALA P 113 -45.68 76.10 5.31
C ALA P 113 -45.13 74.67 5.38
N ALA P 114 -45.60 73.90 6.35
CA ALA P 114 -45.11 72.54 6.53
C ALA P 114 -45.50 71.63 5.36
N VAL P 115 -46.76 71.70 4.92
CA VAL P 115 -47.21 70.86 3.82
C VAL P 115 -46.50 71.26 2.53
N LYS P 116 -46.20 72.56 2.40
CA LYS P 116 -45.50 73.10 1.24
C LYS P 116 -44.16 72.40 1.08
N THR P 117 -43.43 72.31 2.19
CA THR P 117 -42.15 71.64 2.21
C THR P 117 -42.36 70.20 1.74
N ALA P 118 -43.12 69.43 2.51
CA ALA P 118 -43.29 68.01 2.22
C ALA P 118 -43.80 67.81 0.79
N ALA P 119 -44.66 68.72 0.32
CA ALA P 119 -45.18 68.60 -1.04
C ALA P 119 -44.02 68.79 -2.01
N ASP P 120 -43.17 69.75 -1.70
CA ASP P 120 -42.00 70.08 -2.52
C ASP P 120 -41.00 68.95 -2.51
N ILE P 121 -40.87 68.29 -1.36
CA ILE P 121 -39.93 67.19 -1.17
C ILE P 121 -40.23 65.99 -2.06
N LEU P 122 -41.42 65.43 -1.97
CA LEU P 122 -41.73 64.27 -2.82
C LEU P 122 -42.27 64.72 -4.17
N GLY P 123 -42.40 66.04 -4.34
CA GLY P 123 -42.87 66.61 -5.59
C GLY P 123 -44.34 66.42 -5.92
N LEU P 124 -45.21 66.51 -4.92
CA LEU P 124 -46.63 66.26 -5.16
C LEU P 124 -47.46 67.54 -5.36
N GLN P 125 -47.02 68.42 -6.25
CA GLN P 125 -47.83 69.60 -6.54
C GLN P 125 -49.19 69.22 -7.16
N PRO P 126 -49.20 68.40 -8.23
CA PRO P 126 -50.51 68.09 -8.83
C PRO P 126 -51.38 67.16 -7.97
N LEU P 127 -50.77 66.46 -7.02
CA LEU P 127 -51.48 65.46 -6.20
C LEU P 127 -52.09 65.91 -4.86
N LEU P 128 -52.01 67.19 -4.53
CA LEU P 128 -52.46 67.68 -3.21
C LEU P 128 -53.90 67.28 -2.87
N GLU P 129 -54.80 67.50 -3.83
CA GLU P 129 -56.24 67.25 -3.68
C GLU P 129 -56.70 65.90 -4.16
N ARG P 130 -55.75 65.06 -4.55
CA ARG P 130 -56.09 63.74 -5.02
C ARG P 130 -56.49 62.79 -3.85
N LYS P 131 -56.82 61.54 -4.17
CA LYS P 131 -57.25 60.56 -3.17
C LYS P 131 -56.53 59.23 -3.36
N PRO P 132 -56.26 58.52 -2.23
CA PRO P 132 -55.49 57.27 -2.28
C PRO P 132 -56.09 56.25 -3.24
N SER P 133 -57.40 56.36 -3.47
CA SER P 133 -58.14 55.48 -4.37
C SER P 133 -57.67 55.56 -5.81
N ASP P 134 -57.25 56.75 -6.24
CA ASP P 134 -56.64 56.91 -7.56
C ASP P 134 -55.17 57.30 -7.53
N LEU P 135 -54.37 56.52 -6.80
CA LEU P 135 -52.93 56.77 -6.73
C LEU P 135 -52.15 55.49 -6.93
N SER P 136 -50.91 55.62 -7.39
CA SER P 136 -50.02 54.47 -7.55
C SER P 136 -49.48 54.07 -6.19
N GLY P 137 -49.11 52.79 -6.05
CA GLY P 137 -48.57 52.28 -4.82
C GLY P 137 -47.34 53.06 -4.38
N GLY P 138 -46.52 53.46 -5.35
CA GLY P 138 -45.35 54.27 -5.04
C GLY P 138 -45.78 55.65 -4.60
N GLN P 139 -46.77 56.22 -5.29
CA GLN P 139 -47.30 57.53 -4.94
C GLN P 139 -47.98 57.48 -3.58
N ARG P 140 -48.67 56.37 -3.34
CA ARG P 140 -49.30 56.11 -2.04
C ARG P 140 -48.24 56.06 -0.95
N GLN P 141 -47.11 55.45 -1.25
CA GLN P 141 -46.06 55.30 -0.26
C GLN P 141 -45.29 56.61 -0.12
N ARG P 142 -45.28 57.40 -1.20
CA ARG P 142 -44.64 58.71 -1.19
C ARG P 142 -45.38 59.65 -0.25
N VAL P 143 -46.69 59.74 -0.42
CA VAL P 143 -47.51 60.64 0.40
C VAL P 143 -47.52 60.11 1.84
N ALA P 144 -47.37 58.81 1.99
CA ALA P 144 -47.26 58.18 3.30
C ALA P 144 -46.00 58.69 4.00
N MET P 145 -44.93 58.88 3.22
CA MET P 145 -43.70 59.44 3.75
C MET P 145 -43.93 60.89 4.16
N GLY P 146 -44.71 61.61 3.34
CA GLY P 146 -45.05 62.99 3.60
C GLY P 146 -45.71 63.16 4.96
N ARG P 147 -46.53 62.18 5.31
CA ARG P 147 -47.19 62.10 6.62
C ARG P 147 -46.17 62.11 7.74
N ALA P 148 -45.08 61.39 7.55
CA ALA P 148 -44.04 61.25 8.56
C ALA P 148 -43.23 62.53 8.69
N ILE P 149 -42.77 63.04 7.55
CA ILE P 149 -41.86 64.19 7.53
C ILE P 149 -42.53 65.51 7.87
N VAL P 150 -43.85 65.53 7.88
CA VAL P 150 -44.60 66.73 8.24
C VAL P 150 -44.71 66.84 9.76
N ARG P 151 -44.43 65.73 10.44
CA ARG P 151 -44.46 65.67 11.90
C ARG P 151 -43.18 66.28 12.48
N ASP P 152 -42.10 66.25 11.70
CA ASP P 152 -40.78 66.70 12.11
C ASP P 152 -40.34 66.03 13.42
N PRO P 153 -40.07 64.72 13.37
CA PRO P 153 -39.69 63.94 14.55
C PRO P 153 -38.19 63.92 14.78
N LYS P 154 -37.77 63.30 15.88
CA LYS P 154 -36.35 63.09 16.15
C LYS P 154 -35.83 61.85 15.41
N VAL P 155 -36.72 60.88 15.22
CA VAL P 155 -36.36 59.61 14.58
C VAL P 155 -37.37 59.19 13.50
N PHE P 156 -36.87 58.70 12.37
CA PHE P 156 -37.73 58.13 11.33
C PHE P 156 -37.75 56.61 11.45
N LEU P 157 -38.94 56.03 11.36
CA LEU P 157 -39.08 54.59 11.47
C LEU P 157 -39.66 54.00 10.19
N PHE P 158 -38.94 53.04 9.61
CA PHE P 158 -39.35 52.39 8.38
C PHE P 158 -39.49 50.87 8.55
N ASP P 159 -40.69 50.34 8.36
CA ASP P 159 -40.87 48.89 8.39
C ASP P 159 -41.16 48.39 7.00
N GLN P 160 -40.16 47.74 6.40
CA GLN P 160 -40.24 47.19 5.05
C GLN P 160 -41.07 48.03 4.08
N PRO P 161 -40.69 49.30 3.89
CA PRO P 161 -41.55 50.23 3.15
C PRO P 161 -41.72 49.86 1.68
N LEU P 162 -40.65 49.36 1.05
CA LEU P 162 -40.72 49.09 -0.38
C LEU P 162 -41.06 47.63 -0.69
N SER P 163 -41.32 46.85 0.36
CA SER P 163 -41.55 45.42 0.21
C SER P 163 -42.72 45.07 -0.72
N ASN P 164 -43.80 45.84 -0.62
CA ASN P 164 -44.99 45.56 -1.41
C ASN P 164 -44.92 46.20 -2.80
N LEU P 165 -43.88 47.00 -3.01
CA LEU P 165 -43.67 47.66 -4.30
C LEU P 165 -43.03 46.70 -5.30
N ASP P 166 -43.24 46.97 -6.59
CA ASP P 166 -42.60 46.19 -7.65
C ASP P 166 -41.11 46.51 -7.77
N ALA P 167 -40.37 45.61 -8.40
CA ALA P 167 -38.91 45.71 -8.49
C ALA P 167 -38.47 47.03 -9.13
N LYS P 168 -39.11 47.38 -10.24
CA LYS P 168 -38.79 48.60 -10.98
C LYS P 168 -38.91 49.82 -10.08
N LEU P 169 -39.93 49.79 -9.21
CA LEU P 169 -40.21 50.86 -8.28
C LEU P 169 -39.22 50.88 -7.12
N ARG P 170 -38.80 49.70 -6.67
CA ARG P 170 -37.88 49.59 -5.53
C ARG P 170 -36.60 50.35 -5.82
N THR P 171 -36.06 50.16 -7.01
CA THR P 171 -34.80 50.83 -7.35
C THR P 171 -34.99 52.36 -7.41
N GLN P 172 -36.19 52.86 -7.74
CA GLN P 172 -36.42 54.32 -7.76
C GLN P 172 -36.56 54.88 -6.35
N MET P 173 -37.41 54.24 -5.54
CA MET P 173 -37.62 54.72 -4.19
C MET P 173 -36.33 54.63 -3.38
N ARG P 174 -35.55 53.58 -3.62
CA ARG P 174 -34.29 53.41 -2.90
C ARG P 174 -33.31 54.57 -3.14
N ALA P 175 -33.25 55.07 -4.38
CA ALA P 175 -32.41 56.22 -4.66
C ALA P 175 -32.96 57.44 -3.96
N GLU P 176 -34.28 57.61 -4.08
CA GLU P 176 -34.97 58.75 -3.48
C GLU P 176 -34.82 58.82 -1.96
N ILE P 177 -34.78 57.66 -1.30
CA ILE P 177 -34.63 57.62 0.15
C ILE P 177 -33.25 58.07 0.58
N LYS P 178 -32.23 57.52 -0.05
CA LYS P 178 -30.85 57.90 0.25
C LYS P 178 -30.68 59.38 -0.04
N ARG P 179 -31.20 59.80 -1.18
CA ARG P 179 -31.18 61.19 -1.59
C ARG P 179 -31.89 62.07 -0.57
N LEU P 180 -33.00 61.56 -0.03
CA LEU P 180 -33.79 62.32 0.93
C LEU P 180 -32.99 62.55 2.21
N HIS P 181 -32.26 61.52 2.65
CA HIS P 181 -31.51 61.62 3.89
C HIS P 181 -30.36 62.62 3.76
N GLN P 182 -29.86 62.79 2.54
CA GLN P 182 -28.83 63.77 2.29
C GLN P 182 -29.43 65.16 2.43
N ARG P 183 -30.66 65.31 1.95
CA ARG P 183 -31.36 66.59 1.99
C ARG P 183 -31.74 66.97 3.42
N LEU P 184 -32.42 66.05 4.10
CA LEU P 184 -32.89 66.28 5.47
C LEU P 184 -31.83 65.98 6.52
N GLY P 185 -31.53 64.70 6.73
CA GLY P 185 -30.47 64.30 7.64
C GLY P 185 -30.91 63.83 9.01
N THR P 186 -32.22 63.68 9.21
CA THR P 186 -32.75 63.23 10.49
C THR P 186 -32.32 61.79 10.75
N THR P 187 -32.15 61.43 12.02
CA THR P 187 -31.80 60.06 12.38
C THR P 187 -32.88 59.09 11.93
N VAL P 188 -32.45 57.97 11.36
CA VAL P 188 -33.39 57.00 10.79
C VAL P 188 -32.95 55.55 11.02
N ILE P 189 -33.89 54.72 11.46
CA ILE P 189 -33.70 53.28 11.59
C ILE P 189 -34.58 52.58 10.55
N TYR P 190 -33.99 51.63 9.82
CA TYR P 190 -34.60 51.07 8.61
C TYR P 190 -34.65 49.54 8.64
N VAL P 191 -35.82 48.98 8.34
CA VAL P 191 -36.01 47.51 8.41
C VAL P 191 -36.29 46.88 7.04
N THR P 192 -35.54 45.84 6.70
CA THR P 192 -35.68 45.17 5.41
C THR P 192 -35.42 43.66 5.50
N HIS P 193 -36.09 42.89 4.66
CA HIS P 193 -35.74 41.48 4.48
C HIS P 193 -34.87 41.36 3.24
N ASP P 194 -34.62 42.50 2.59
CA ASP P 194 -33.85 42.53 1.36
C ASP P 194 -32.43 43.04 1.59
N GLN P 195 -31.45 42.18 1.30
CA GLN P 195 -30.05 42.51 1.48
C GLN P 195 -29.62 43.77 0.72
N VAL P 196 -30.17 43.94 -0.49
CA VAL P 196 -29.82 45.04 -1.38
C VAL P 196 -30.04 46.41 -0.74
N GLU P 197 -31.24 46.63 -0.20
CA GLU P 197 -31.60 47.91 0.39
C GLU P 197 -30.73 48.24 1.60
N ALA P 198 -30.27 47.20 2.29
CA ALA P 198 -29.41 47.36 3.45
C ALA P 198 -28.06 47.92 3.04
N MET P 199 -27.41 47.27 2.08
CA MET P 199 -26.08 47.66 1.64
C MET P 199 -26.05 49.09 1.07
N THR P 200 -27.12 49.47 0.37
CA THR P 200 -27.19 50.78 -0.28
C THR P 200 -27.40 51.95 0.68
N LEU P 201 -28.52 51.90 1.41
CA LEU P 201 -28.96 53.05 2.19
C LEU P 201 -28.14 53.26 3.45
N ALA P 202 -27.74 52.16 4.08
CA ALA P 202 -27.23 52.24 5.45
C ALA P 202 -25.82 52.80 5.56
N ASP P 203 -25.62 53.62 6.59
CA ASP P 203 -24.30 54.00 7.05
C ASP P 203 -23.72 52.80 7.80
N ARG P 204 -24.53 52.26 8.71
CA ARG P 204 -24.20 51.03 9.41
C ARG P 204 -25.30 49.98 9.18
N ILE P 205 -24.89 48.72 9.05
CA ILE P 205 -25.83 47.61 8.92
C ILE P 205 -25.77 46.68 10.13
N VAL P 206 -26.93 46.35 10.69
CA VAL P 206 -27.01 45.36 11.76
C VAL P 206 -27.92 44.21 11.33
N VAL P 207 -27.35 43.01 11.28
CA VAL P 207 -28.09 41.84 10.81
C VAL P 207 -28.57 41.00 11.99
N MET P 208 -29.83 40.58 11.94
CA MET P 208 -30.44 39.84 13.05
C MET P 208 -31.07 38.54 12.58
N ARG P 209 -30.52 37.41 13.02
CA ARG P 209 -31.22 36.13 12.85
C ARG P 209 -31.92 35.65 14.12
N ASP P 210 -33.10 35.07 13.95
CA ASP P 210 -33.93 34.48 15.02
C ASP P 210 -33.84 35.16 16.41
N GLY P 211 -34.21 36.43 16.48
CA GLY P 211 -34.17 37.15 17.74
C GLY P 211 -32.82 37.69 18.22
N LEU P 212 -31.73 37.10 17.78
CA LEU P 212 -30.42 37.56 18.23
C LEU P 212 -29.88 38.61 17.27
N ILE P 213 -28.71 39.16 17.58
CA ILE P 213 -28.12 40.15 16.69
C ILE P 213 -26.78 39.61 16.17
N GLU P 214 -26.69 39.41 14.86
CA GLU P 214 -25.58 38.66 14.28
C GLU P 214 -24.29 39.46 14.14
N GLN P 215 -24.40 40.72 13.73
CA GLN P 215 -23.23 41.57 13.52
C GLN P 215 -23.62 43.03 13.25
N ILE P 216 -22.66 43.93 13.46
CA ILE P 216 -22.84 45.35 13.19
C ILE P 216 -21.60 45.87 12.47
N GLY P 217 -21.79 46.82 11.55
CA GLY P 217 -20.67 47.45 10.89
C GLY P 217 -21.03 48.14 9.59
N LYS P 218 -20.07 48.85 9.02
CA LYS P 218 -20.26 49.51 7.74
C LYS P 218 -20.54 48.45 6.67
N PRO P 219 -21.21 48.84 5.57
CA PRO P 219 -21.56 47.90 4.51
C PRO P 219 -20.40 47.03 4.03
N MET P 220 -19.24 47.64 3.83
CA MET P 220 -18.09 46.91 3.32
C MET P 220 -17.45 46.00 4.36
N ASP P 221 -17.67 46.26 5.65
CA ASP P 221 -17.14 45.40 6.69
C ASP P 221 -17.83 44.04 6.69
N LEU P 222 -19.16 44.06 6.59
CA LEU P 222 -19.93 42.83 6.58
C LEU P 222 -19.67 42.06 5.30
N PHE P 223 -19.38 42.79 4.23
CA PHE P 223 -19.16 42.19 2.92
C PHE P 223 -17.78 41.57 2.83
N LEU P 224 -16.79 42.32 3.31
CA LEU P 224 -15.40 41.90 3.25
C LEU P 224 -15.13 40.89 4.35
N HIS P 225 -15.68 41.14 5.54
CA HIS P 225 -15.36 40.30 6.68
C HIS P 225 -16.61 39.88 7.45
N PRO P 226 -17.33 38.88 6.93
CA PRO P 226 -18.53 38.36 7.61
C PRO P 226 -18.16 37.66 8.91
N ALA P 227 -19.02 37.78 9.93
CA ALA P 227 -18.74 37.16 11.22
C ALA P 227 -18.88 35.64 11.16
N ASN P 228 -19.87 35.16 10.41
CA ASN P 228 -20.13 33.73 10.27
C ASN P 228 -20.55 33.34 8.86
N THR P 229 -20.95 32.08 8.69
CA THR P 229 -21.31 31.58 7.35
C THR P 229 -22.66 32.16 6.96
N PHE P 230 -23.44 32.58 7.95
CA PHE P 230 -24.75 33.16 7.68
C PHE P 230 -24.60 34.55 7.12
N VAL P 231 -23.82 35.39 7.79
CA VAL P 231 -23.57 36.74 7.32
C VAL P 231 -22.94 36.66 5.94
N ALA P 232 -22.14 35.61 5.73
CA ALA P 232 -21.47 35.39 4.45
C ALA P 232 -22.46 35.04 3.35
N SER P 233 -23.41 34.17 3.66
CA SER P 233 -24.39 33.70 2.69
C SER P 233 -25.49 34.71 2.39
N PHE P 234 -25.74 35.60 3.34
CA PHE P 234 -26.84 36.56 3.21
C PHE P 234 -26.52 37.71 2.24
N ILE P 235 -25.48 38.47 2.56
CA ILE P 235 -25.12 39.65 1.77
C ILE P 235 -24.34 39.30 0.50
N GLY P 236 -24.40 40.18 -0.47
CA GLY P 236 -23.76 39.99 -1.76
C GLY P 236 -24.80 39.63 -2.80
N SER P 237 -24.54 40.01 -4.05
CA SER P 237 -25.55 39.88 -5.09
C SER P 237 -25.81 38.40 -5.41
N PRO P 238 -24.77 37.61 -5.71
CA PRO P 238 -25.08 36.18 -5.59
C PRO P 238 -24.72 35.69 -4.19
N PRO P 239 -25.04 34.43 -3.85
CA PRO P 239 -24.54 33.99 -2.54
C PRO P 239 -23.06 33.66 -2.67
N MET P 240 -22.28 33.90 -1.62
CA MET P 240 -20.90 33.43 -1.62
C MET P 240 -20.79 31.90 -1.58
N ASN P 241 -19.79 31.37 -2.28
CA ASN P 241 -19.64 29.93 -2.47
C ASN P 241 -19.28 29.22 -1.16
N LEU P 242 -20.27 28.69 -0.44
CA LEU P 242 -20.00 27.95 0.79
C LEU P 242 -19.86 26.44 0.70
N MET P 243 -18.70 25.92 0.28
CA MET P 243 -18.53 24.47 0.29
C MET P 243 -17.47 24.03 1.32
N PRO P 244 -17.63 22.81 1.87
CA PRO P 244 -16.76 22.21 2.89
C PRO P 244 -15.36 21.87 2.40
N ALA P 245 -14.37 21.95 3.29
CA ALA P 245 -12.99 21.68 2.94
C ALA P 245 -12.20 21.20 4.15
N ARG P 246 -10.89 21.01 3.96
CA ARG P 246 -10.03 20.52 5.05
C ARG P 246 -8.64 21.12 4.95
N ILE P 247 -7.70 20.59 5.74
CA ILE P 247 -6.37 21.19 5.86
C ILE P 247 -5.29 20.18 5.54
N ALA P 248 -5.25 19.10 6.31
CA ALA P 248 -4.35 17.96 6.07
C ALA P 248 -2.87 18.32 6.24
N VAL P 249 -2.11 18.11 5.17
CA VAL P 249 -0.63 18.10 5.20
C VAL P 249 -0.01 19.24 6.01
N ASP P 250 -0.25 20.47 5.59
CA ASP P 250 0.18 21.63 6.36
C ASP P 250 -0.98 22.59 6.56
N SER P 251 -0.75 23.64 7.35
CA SER P 251 -1.86 24.45 7.85
C SER P 251 -1.97 25.76 7.08
N THR P 252 -1.07 26.68 7.38
CA THR P 252 -1.17 28.06 6.90
C THR P 252 -0.90 28.17 5.40
N GLN P 253 -0.52 27.05 4.78
CA GLN P 253 -0.17 27.06 3.37
C GLN P 253 -1.29 26.54 2.46
N HIS P 254 -1.66 25.28 2.63
CA HIS P 254 -2.59 24.64 1.70
C HIS P 254 -3.94 24.30 2.31
N VAL P 255 -4.99 24.45 1.51
CA VAL P 255 -6.33 24.03 1.91
C VAL P 255 -6.94 23.21 0.77
N GLU P 256 -7.44 22.02 1.09
CA GLU P 256 -7.97 21.12 0.06
C GLU P 256 -9.47 20.84 0.27
N LEU P 257 -10.21 20.79 -0.83
CA LEU P 257 -11.64 20.47 -0.77
C LEU P 257 -11.97 19.19 -1.54
N ASN P 258 -13.25 18.82 -1.53
CA ASN P 258 -13.74 17.52 -2.01
C ASN P 258 -13.43 17.21 -3.48
N GLY P 259 -13.14 18.22 -4.28
CA GLY P 259 -12.92 18.02 -5.70
C GLY P 259 -11.54 17.53 -6.12
N GLY P 260 -10.83 16.91 -5.19
CA GLY P 260 -9.48 16.42 -5.44
C GLY P 260 -8.66 17.59 -5.93
N ASN P 261 -8.90 18.73 -5.30
CA ASN P 261 -8.34 20.03 -5.67
C ASN P 261 -7.66 20.63 -4.46
N ARG P 262 -6.64 21.46 -4.69
CA ARG P 262 -5.92 22.01 -3.55
C ARG P 262 -5.57 23.47 -3.82
N ILE P 263 -5.74 24.29 -2.78
CA ILE P 263 -5.54 25.74 -2.88
C ILE P 263 -4.49 26.22 -1.88
N SER P 264 -3.48 26.91 -2.39
CA SER P 264 -2.49 27.54 -1.53
C SER P 264 -3.11 28.74 -0.85
N LEU P 265 -2.73 28.97 0.41
CA LEU P 265 -3.35 30.00 1.22
C LEU P 265 -2.35 31.11 1.54
N LEU P 266 -2.83 32.35 1.53
CA LEU P 266 -2.05 33.49 1.97
C LEU P 266 -1.90 33.43 3.49
N PRO P 267 -0.73 33.86 4.01
CA PRO P 267 -0.36 33.60 5.40
C PRO P 267 -1.35 34.19 6.41
N ARG P 268 -1.73 35.45 6.27
CA ARG P 268 -2.59 36.15 7.22
C ARG P 268 -2.29 35.98 8.72
N ALA P 269 -1.99 37.07 9.41
CA ALA P 269 -1.50 36.94 10.78
C ALA P 269 -2.73 36.91 11.69
N GLY P 270 -2.64 36.23 12.83
CA GLY P 270 -3.80 36.13 13.68
C GLY P 270 -4.70 34.97 13.27
N THR P 271 -4.22 34.18 12.31
CA THR P 271 -4.96 33.03 11.79
C THR P 271 -5.12 31.82 12.71
N HIS P 272 -4.01 31.29 13.23
CA HIS P 272 -4.04 30.10 14.08
C HIS P 272 -4.96 29.01 13.52
N LEU P 273 -4.62 28.43 12.36
CA LEU P 273 -5.42 27.30 11.90
C LEU P 273 -4.83 25.96 12.27
N ALA P 274 -5.70 24.98 12.51
CA ALA P 274 -5.24 23.68 12.97
C ALA P 274 -5.02 22.72 11.78
N PRO P 275 -3.99 21.86 11.85
CA PRO P 275 -3.86 20.94 10.72
C PRO P 275 -5.02 19.94 10.74
N GLY P 276 -5.66 19.64 9.62
CA GLY P 276 -6.73 18.66 9.65
C GLY P 276 -8.10 19.20 10.02
N GLN P 277 -8.16 20.48 10.40
CA GLN P 277 -9.40 21.09 10.87
C GLN P 277 -10.54 21.10 9.85
N GLU P 278 -11.69 20.60 10.29
CA GLU P 278 -12.90 20.63 9.47
C GLU P 278 -13.26 22.08 9.21
N VAL P 279 -13.52 22.42 7.95
CA VAL P 279 -13.69 23.80 7.56
C VAL P 279 -14.57 23.94 6.32
N VAL P 280 -15.17 25.10 6.14
CA VAL P 280 -15.90 25.40 4.92
C VAL P 280 -15.22 26.56 4.20
N PHE P 281 -14.99 26.40 2.90
CA PHE P 281 -14.22 27.37 2.14
C PHE P 281 -15.13 28.28 1.34
N GLY P 282 -15.22 29.54 1.78
CA GLY P 282 -16.00 30.53 1.05
C GLY P 282 -15.22 31.28 -0.01
N ILE P 283 -15.90 31.57 -1.12
CA ILE P 283 -15.38 32.45 -2.15
C ILE P 283 -16.54 33.10 -2.90
N ARG P 284 -16.37 34.35 -3.31
CA ARG P 284 -17.43 35.05 -4.03
C ARG P 284 -17.31 34.83 -5.53
N PRO P 285 -18.45 34.75 -6.22
CA PRO P 285 -18.51 34.52 -7.67
C PRO P 285 -17.73 35.55 -8.46
N GLU P 286 -17.60 36.77 -7.94
CA GLU P 286 -16.85 37.81 -8.62
C GLU P 286 -15.36 37.60 -8.39
N ASP P 287 -15.02 36.86 -7.34
CA ASP P 287 -13.64 36.61 -6.96
C ASP P 287 -13.14 35.34 -7.63
N VAL P 288 -14.00 34.73 -8.43
CA VAL P 288 -13.64 33.57 -9.23
C VAL P 288 -13.70 33.88 -10.73
N THR P 289 -12.66 33.49 -11.46
CA THR P 289 -12.60 33.73 -12.90
C THR P 289 -12.44 32.41 -13.64
N LEU P 290 -12.31 32.49 -14.96
CA LEU P 290 -12.14 31.30 -15.80
C LEU P 290 -10.67 30.98 -15.91
N ASP P 291 -10.33 30.10 -16.86
CA ASP P 291 -8.96 29.63 -17.16
C ASP P 291 -7.83 30.54 -16.65
N GLY P 292 -8.12 31.82 -16.50
CA GLY P 292 -7.16 32.81 -16.08
C GLY P 292 -6.60 33.60 -17.24
N VAL P 293 -6.88 34.90 -17.23
CA VAL P 293 -6.27 35.80 -18.19
C VAL P 293 -4.82 35.87 -17.76
N GLU P 294 -4.58 36.44 -16.58
CA GLU P 294 -3.25 36.47 -15.99
C GLU P 294 -3.12 35.22 -15.13
N GLY P 295 -2.14 35.20 -14.21
CA GLY P 295 -2.18 34.26 -13.11
C GLY P 295 -0.83 34.07 -12.45
N SER P 296 -0.49 32.85 -12.03
CA SER P 296 -1.33 31.64 -12.14
C SER P 296 -0.81 30.54 -11.22
N GLU P 297 -0.49 29.40 -11.82
CA GLU P 297 0.09 28.24 -11.14
C GLU P 297 -0.68 27.62 -9.95
N ARG P 298 -0.31 27.98 -8.72
CA ARG P 298 -0.93 27.37 -7.55
C ARG P 298 -2.23 28.04 -7.05
N ALA P 299 -2.74 29.02 -7.78
CA ALA P 299 -3.97 29.70 -7.34
C ALA P 299 -5.33 29.17 -7.82
N GLN P 300 -5.44 27.93 -8.30
CA GLN P 300 -6.73 27.55 -8.90
C GLN P 300 -7.29 26.16 -8.61
N ILE P 301 -8.44 25.90 -9.23
CA ILE P 301 -9.27 24.73 -9.02
C ILE P 301 -9.69 24.16 -10.37
N LYS P 302 -10.01 22.87 -10.43
CA LYS P 302 -10.48 22.26 -11.67
C LYS P 302 -11.90 21.78 -11.43
N ALA P 303 -12.74 21.96 -12.45
CA ALA P 303 -14.16 21.61 -12.38
C ALA P 303 -14.78 21.22 -13.73
N THR P 304 -16.00 20.72 -13.67
CA THR P 304 -16.76 20.42 -14.88
C THR P 304 -18.05 21.23 -14.82
N VAL P 305 -18.36 21.87 -15.96
CA VAL P 305 -19.47 22.82 -16.06
C VAL P 305 -20.86 22.21 -16.03
N ASP P 306 -21.71 22.72 -15.14
CA ASP P 306 -23.08 22.26 -15.06
C ASP P 306 -23.95 23.03 -16.04
N ILE P 307 -24.11 24.34 -15.81
CA ILE P 307 -24.87 25.20 -16.71
C ILE P 307 -24.33 26.63 -16.73
N VAL P 308 -24.66 27.38 -17.79
CA VAL P 308 -24.30 28.79 -17.91
C VAL P 308 -25.52 29.66 -18.23
N GLU P 309 -25.80 30.65 -17.37
CA GLU P 309 -26.92 31.55 -17.58
C GLU P 309 -26.48 32.96 -17.98
N PRO P 310 -26.65 33.30 -19.27
CA PRO P 310 -26.33 34.67 -19.68
C PRO P 310 -27.32 35.68 -19.11
N LEU P 311 -26.81 36.72 -18.47
CA LEU P 311 -27.64 37.79 -17.92
C LEU P 311 -27.48 39.06 -18.74
N GLY P 312 -26.41 39.77 -18.42
CA GLY P 312 -26.12 41.08 -18.99
C GLY P 312 -24.90 40.94 -19.86
N SER P 313 -24.10 42.01 -19.88
CA SER P 313 -22.72 41.95 -20.35
C SER P 313 -21.91 40.95 -19.52
N GLU P 314 -22.52 40.51 -18.42
CA GLU P 314 -21.95 39.47 -17.57
C GLU P 314 -22.70 38.15 -17.78
N SER P 315 -22.20 37.08 -17.17
CA SER P 315 -22.86 35.78 -17.27
C SER P 315 -22.67 34.93 -16.01
N ILE P 316 -23.69 34.16 -15.65
CA ILE P 316 -23.64 33.33 -14.46
C ILE P 316 -23.23 31.90 -14.79
N LEU P 317 -22.07 31.49 -14.29
CA LEU P 317 -21.56 30.15 -14.56
C LEU P 317 -21.76 29.20 -13.38
N HIS P 318 -22.44 28.08 -13.64
CA HIS P 318 -22.59 27.04 -12.64
C HIS P 318 -21.59 25.92 -12.95
N ALA P 319 -20.59 25.76 -12.10
CA ALA P 319 -19.60 24.71 -12.31
C ALA P 319 -19.62 23.68 -11.17
N THR P 320 -19.43 22.42 -11.53
CA THR P 320 -19.42 21.35 -10.54
C THR P 320 -18.07 20.74 -10.20
N VAL P 321 -17.71 20.86 -8.92
CA VAL P 321 -16.52 20.22 -8.38
C VAL P 321 -17.18 19.13 -7.56
N GLY P 322 -16.42 18.34 -6.81
CA GLY P 322 -16.91 17.24 -5.98
C GLY P 322 -18.41 16.94 -5.90
N ASP P 323 -18.89 16.60 -4.71
CA ASP P 323 -20.32 16.36 -4.54
C ASP P 323 -21.08 17.71 -4.56
N HIS P 324 -20.33 18.81 -4.49
CA HIS P 324 -20.92 20.15 -4.44
C HIS P 324 -20.59 21.01 -5.65
N SER P 325 -21.45 21.99 -5.93
CA SER P 325 -21.25 22.90 -7.05
C SER P 325 -21.01 24.33 -6.58
N LEU P 326 -20.11 25.03 -7.27
CA LEU P 326 -19.85 26.42 -6.95
C LEU P 326 -20.25 27.32 -8.12
N VAL P 327 -20.70 28.52 -7.78
CA VAL P 327 -21.19 29.47 -8.77
C VAL P 327 -20.21 30.61 -8.95
N VAL P 328 -19.80 30.85 -10.19
CA VAL P 328 -18.88 31.93 -10.47
C VAL P 328 -19.51 32.89 -11.47
N LYS P 329 -19.31 34.17 -11.23
CA LYS P 329 -19.81 35.22 -12.11
C LYS P 329 -18.70 35.63 -13.07
N VAL P 330 -18.87 35.31 -14.34
CA VAL P 330 -17.86 35.63 -15.33
C VAL P 330 -18.25 36.82 -16.19
N GLY P 331 -17.29 37.73 -16.36
CA GLY P 331 -17.44 38.83 -17.28
C GLY P 331 -17.35 38.60 -18.78
N GLY P 332 -18.45 38.88 -19.47
CA GLY P 332 -18.52 38.75 -20.92
C GLY P 332 -19.81 38.21 -21.52
N LEU P 333 -19.71 37.85 -22.80
CA LEU P 333 -20.73 37.08 -23.51
C LEU P 333 -20.15 35.94 -24.32
N ASN P 334 -19.13 35.23 -23.84
CA ASN P 334 -18.72 34.06 -24.61
C ASN P 334 -19.43 32.72 -24.47
N GLU P 335 -18.66 31.68 -24.83
CA GLU P 335 -19.17 30.32 -25.01
C GLU P 335 -18.71 29.31 -23.97
N VAL P 336 -19.65 28.67 -23.28
CA VAL P 336 -19.32 27.85 -22.13
C VAL P 336 -20.16 26.58 -22.28
N HIS P 337 -20.10 26.01 -23.49
CA HIS P 337 -20.74 24.74 -23.86
C HIS P 337 -20.77 23.64 -22.80
N PRO P 338 -21.84 23.62 -21.96
CA PRO P 338 -21.98 22.79 -20.77
C PRO P 338 -21.61 21.31 -20.97
N GLY P 339 -21.02 20.68 -19.95
CA GLY P 339 -20.64 19.29 -20.04
C GLY P 339 -19.16 18.98 -20.17
N ASP P 340 -18.38 19.96 -20.62
CA ASP P 340 -16.93 19.82 -20.70
C ASP P 340 -16.24 20.31 -19.42
N PRO P 341 -15.01 19.84 -19.16
CA PRO P 341 -14.31 20.33 -17.97
C PRO P 341 -13.86 21.77 -18.16
N VAL P 342 -13.58 22.45 -17.05
CA VAL P 342 -13.13 23.83 -17.09
C VAL P 342 -12.24 24.14 -15.89
N THR P 343 -11.34 25.09 -16.04
CA THR P 343 -10.47 25.50 -14.96
C THR P 343 -10.89 26.89 -14.51
N LEU P 344 -11.07 27.03 -13.20
CA LEU P 344 -11.46 28.30 -12.60
C LEU P 344 -10.29 28.82 -11.77
N HIS P 345 -10.12 30.13 -11.74
CA HIS P 345 -9.03 30.74 -10.97
C HIS P 345 -9.51 31.59 -9.80
N VAL P 346 -9.18 31.15 -8.59
CA VAL P 346 -9.64 31.84 -7.40
C VAL P 346 -8.70 32.97 -7.00
N ASP P 347 -9.27 34.12 -6.61
CA ASP P 347 -8.51 35.21 -6.03
C ASP P 347 -8.07 34.84 -4.62
N LEU P 348 -6.78 34.90 -4.33
CA LEU P 348 -6.28 34.40 -3.06
C LEU P 348 -6.56 35.33 -1.88
N THR P 349 -6.71 36.62 -2.13
CA THR P 349 -6.86 37.58 -1.05
C THR P 349 -8.29 37.60 -0.49
N ARG P 350 -9.27 37.26 -1.32
CA ARG P 350 -10.67 37.38 -0.94
C ARG P 350 -11.28 36.08 -0.42
N VAL P 351 -10.47 35.03 -0.28
CA VAL P 351 -10.97 33.77 0.24
C VAL P 351 -11.36 33.90 1.71
N HIS P 352 -12.33 33.10 2.13
CA HIS P 352 -12.79 33.12 3.52
C HIS P 352 -12.98 31.69 4.05
N LEU P 353 -12.58 31.47 5.29
CA LEU P 353 -12.68 30.15 5.91
C LEU P 353 -13.49 30.25 7.20
N PHE P 354 -14.35 29.26 7.42
CA PHE P 354 -15.16 29.20 8.63
C PHE P 354 -15.12 27.79 9.21
N ASP P 355 -14.97 27.69 10.53
CA ASP P 355 -14.98 26.40 11.21
C ASP P 355 -16.34 25.71 11.05
N ALA P 356 -16.32 24.39 11.10
CA ALA P 356 -17.52 23.60 10.89
C ALA P 356 -18.42 23.58 12.11
N GLN P 357 -17.84 23.56 13.30
CA GLN P 357 -18.64 23.56 14.51
C GLN P 357 -19.02 24.98 14.87
N SER P 358 -18.02 25.73 15.36
CA SER P 358 -18.13 27.16 15.57
C SER P 358 -18.22 27.93 14.24
N GLN P 359 -19.39 27.90 13.63
CA GLN P 359 -19.69 28.58 12.35
C GLN P 359 -19.06 29.96 12.05
N ALA P 360 -18.05 30.39 12.80
CA ALA P 360 -17.53 31.76 12.63
C ALA P 360 -16.22 31.90 11.85
N SER P 361 -15.85 33.16 11.62
CA SER P 361 -14.87 33.56 10.61
C SER P 361 -13.43 33.29 11.05
N ILE P 362 -12.93 32.08 10.83
CA ILE P 362 -11.54 31.77 11.14
C ILE P 362 -10.54 32.63 10.36
N TYR P 363 -10.50 32.45 9.05
CA TYR P 363 -9.60 33.21 8.18
C TYR P 363 -9.95 34.71 8.16
#